data_7E8H
#
_entry.id   7E8H
#
_cell.length_a   1.00
_cell.length_b   1.00
_cell.length_c   1.00
_cell.angle_alpha   90.00
_cell.angle_beta   90.00
_cell.angle_gamma   90.00
#
_symmetry.space_group_name_H-M   'P 1'
#
loop_
_entity.id
_entity.type
_entity.pdbx_description
1 polymer 'Dipeptidyl aminopeptidase-like protein 6'
2 polymer 'Dipeptidyl aminopeptidase-like protein 6'
3 polymer 'Kv channel-interacting protein 1'
4 polymer 'Potassium voltage-gated channel subfamily D member 2'
5 polymer 'Kv channel-interacting protein 1'
#
loop_
_entity_poly.entity_id
_entity_poly.type
_entity_poly.pdbx_seq_one_letter_code
_entity_poly.pdbx_strand_id
1 'polypeptide(L)'
;AKGIAIALLVILVICSLIVTSVILLTPAEDNSLSQKKKVTVEDLFSEDFKIHDPEAKWISDTEFIYREQKGTVRLWNVET
NTSTVLIEGKKIESLRAIRYEISPDREYALFSYNVEPIYQHSYTGYYVLSKIPHGDPQSLDPPEVSNAKLQYAGWGPKGQ
QLIFIFENNIYYCAHVGKQAIRVVSTGKEGVIYNGLSDWLYEEEILKTHIAHWWSPDGTRLAYAAINDSRVPIMELPTYT
GSIYPTVKPYHYPKAGSENPSISLHVIGLNGPTHDLEMMPPDDPRMREYYITMVKWATSTKVAVTWLNRAQNVSILTLCD
ATTGVCTKKHEDESEAWLHRQNEEPVFSKDGRKFFFIRAIPQGGRGKFYHITVSSSQPNSSNDNIQSITSGDWDVTKILA
YDEKGNKIYFLSTEDLPRRRQLYSANTVGNFNRQCLSCDLVENCTYFSASFSHSMDFFLLKCEGPGVPMVTVHNTTDKKK
MFDLETNEHVKKAINDRQMPKVEYRDIEIDDYNLPMQILKPATFTDTTHYPLLLVVDGTPGSQSVAEKFEVSWETVMVSS
HGAVVVKCDGRGSGFQGTKLLHEVRRRLGLLEEKDQMEAVRTMLKEQYIDRTRVAVFGKDYGGYLSTYILPAKGENQGQT
FTCGSALSPITDFKLYASAFSERYLGLHGLDNRAYEMTKVAHRVSALEEQQFLIIHPTADEKIHFQHTAELITQLIRGKA
NYSLQIYPDESHYFTSSSLKQHLYRSIINFFVECFRI
;
J,L
2 'polypeptide(L)'
;AAAAKGIAIALLVILVICSLIVTSVILLTPAEDNSLSQKKKVTVEDLFSEDFKIHDPEAKWISDTEFIYREQKGTVRLWN
VETNTSTVLIEGKKIESLRAIRYEISPDREYALFSYNVEPIYQHSYTGYYVLSKIPHGDPQSLDPPEVSNAKLQYAGWGP
KGQQLIFIFENNIYYCAHVGKQAIRVVSTGKEGVIYNGLSDWLYEEEILKTHIAHWWSPDGTRLAYAAINDSRVPIMELP
TYTGSIYPTVKPYHYPKAGSENPSISLHVIGLNGPTHDLEMMPPDDPRMREYYITMVKWATSTKVAVTWLNRAQNVSILT
LCDATTGVCTKKHEDESEAWLHRQNEEPVFSKDGRKFFFIRAIPQGGRGKFYHITVSSSQPNSSNDNIQSITSGDWDVTK
ILAYDEKGNKIYFLSTEDLPRRRQLYSANTVGNFNRQCLSCDLVENCTYFSASFSHSMDFFLLKCEGPGVPMVTVHNTTD
KKKMFDLETNEHVKKAINDRQMPKVEYRDIEIDDYNLPMQILKPATFTDTTHYPLLLVVDGTPGSQSVAEKFEVSWETVM
VSSHGAVVVKCDGRGSGFQGTKLLHEVRRRLGLLEEKDQMEAVRTMLKEQYIDRTRVAVFGKDYGGYLSTYILPAKGENQ
GQTFTCGSALSPITDFKLYASAFSERYLGLHGLDNRAYEMTKVAHRVSALEEQQFLIIHPTADEKIHFQHTAELITQLIR
GKANYSLQIYPDESHYFTSSSLKQHLYRSIINFFVECFRI
;
I,K
3 'polypeptide(L)'
;EGLEQLEAQTNFTKRELQVLYRGFKNECPSGVVNEDTFKQIYAQFFPHGDASTYAHYLFNAFDTTQTGSVKFEDFVTALS
ILLRGTVHEKLRWTFNLYDINKDGYINKEEMMDIVKAIYDMMGKYTYPVLKEDTPRQHVDVFFQKMDKNKDGIVTLDEFL
ESCQEDDNIMRSLQLFQNVM
;
F,H
4 'polypeptide(L)'
;AAGVAAWLPFARAAAIGWMPVASGPMPAPPRQERKRTQDALIVLNVSGTRFQTWQDTLERYPDTLLGSSERDFFYHPETQ
QYFFDRDPDIFRHILNFYRTGKLHYPRHECISAYDEELAFFGLIPEIIGDCCYEEYKDRRRENAERLQDDADTDTAGESA
LPTMTARQRVWRAFENPHTSTMALVFYYVTGFFIAVSVIANVVETVPCGSSPGHIKELPCGERYAVAFFCLDTACVMIFT
VEYLLRLAAAPSRYRFVRSVMSIIDVVAILPYYIGLVMTDNEDVSGAFVTLRVFRVFRIFKFSRHSQGLRILGYTLKSCA
SELGFLLFSLTMAIIIFATVMFYAEKGSSASKFTSIPAAFWYTIVTMTTLGYGDMVPKTIAGKIFGSICSLSGVLVIALP
VPVIVSNFSRIYHQNQRADKRRAQKKARLARIRAAKSGSANAYMQSKRSGLLSNQLQSSEDEQAFVSKSGSSFETQHHHL
LHCLEKTTNHEFVD
;
B,A,D,C
5 'polypeptide(L)'
;PEGLEQLEAQTNFTKRELQVLYRGFKNECPSGVVNEDTFKQIYAQFFPHGDASTYAHYLFNAFDTTQTGSVKFEDFVTAL
SILLRGTVHEKLRWTFNLYDINKDGYINKEEMMDIVKAIYDMMGKYTYPVLKEDTPRQHVDVFFQKMDKNKDGIVTLDEF
LESCQEDDNIMRSLQLFQNVM
;
E,G
#
# COMPACT_ATOMS: atom_id res chain seq x y z
N ALA A 1 -53.27 15.42 -11.56
CA ALA A 1 -51.86 15.40 -11.18
C ALA A 1 -51.70 15.30 -9.67
N LYS A 2 -52.02 16.39 -8.96
CA LYS A 2 -51.92 16.37 -7.51
C LYS A 2 -53.00 15.50 -6.89
N GLY A 3 -54.19 15.44 -7.50
CA GLY A 3 -55.17 14.45 -7.08
C GLY A 3 -54.68 13.04 -7.32
N ILE A 4 -53.96 12.83 -8.42
CA ILE A 4 -53.30 11.55 -8.64
C ILE A 4 -52.26 11.31 -7.55
N ALA A 5 -51.59 12.36 -7.10
CA ALA A 5 -50.66 12.23 -5.99
C ALA A 5 -51.38 11.82 -4.71
N ILE A 6 -52.59 12.33 -4.50
CA ILE A 6 -53.40 11.91 -3.36
C ILE A 6 -53.77 10.43 -3.51
N ALA A 7 -54.06 9.99 -4.73
CA ALA A 7 -54.31 8.58 -4.97
C ALA A 7 -53.08 7.74 -4.63
N LEU A 8 -51.89 8.20 -5.02
CA LEU A 8 -50.65 7.55 -4.58
C LEU A 8 -50.55 7.48 -3.07
N LEU A 9 -50.87 8.59 -2.39
CA LEU A 9 -50.79 8.59 -0.93
C LEU A 9 -51.72 7.56 -0.33
N VAL A 10 -52.95 7.46 -0.86
CA VAL A 10 -53.91 6.52 -0.33
C VAL A 10 -53.43 5.08 -0.56
N ILE A 11 -53.00 4.77 -1.78
CA ILE A 11 -52.60 3.39 -2.05
C ILE A 11 -51.35 3.03 -1.26
N LEU A 12 -50.42 3.97 -1.10
CA LEU A 12 -49.20 3.68 -0.36
C LEU A 12 -49.48 3.52 1.13
N VAL A 13 -50.39 4.32 1.68
CA VAL A 13 -50.70 4.14 3.10
C VAL A 13 -51.42 2.82 3.33
N ILE A 14 -52.29 2.41 2.39
CA ILE A 14 -52.95 1.11 2.51
C ILE A 14 -51.92 -0.01 2.49
N CYS A 15 -51.02 0.01 1.50
CA CYS A 15 -50.03 -1.06 1.38
C CYS A 15 -49.07 -1.05 2.57
N SER A 16 -48.67 0.14 3.02
CA SER A 16 -47.77 0.24 4.17
C SER A 16 -48.43 -0.31 5.42
N LEU A 17 -49.72 0.00 5.64
CA LEU A 17 -50.39 -0.51 6.82
C LEU A 17 -50.57 -2.02 6.75
N ILE A 18 -50.89 -2.55 5.57
CA ILE A 18 -51.08 -4.00 5.48
C ILE A 18 -49.75 -4.73 5.65
N VAL A 19 -48.65 -4.19 5.12
CA VAL A 19 -47.38 -4.86 5.31
C VAL A 19 -46.86 -4.66 6.74
N THR A 20 -47.22 -3.56 7.39
CA THR A 20 -46.89 -3.41 8.80
C THR A 20 -47.63 -4.44 9.64
N SER A 21 -48.90 -4.70 9.31
CA SER A 21 -49.63 -5.78 9.96
C SER A 21 -48.97 -7.12 9.69
N VAL A 22 -48.50 -7.32 8.46
CA VAL A 22 -47.82 -8.57 8.11
C VAL A 22 -46.57 -8.75 8.95
N ILE A 23 -45.75 -7.71 9.06
CA ILE A 23 -44.52 -7.80 9.85
C ILE A 23 -44.77 -7.79 11.35
N LEU A 24 -45.98 -7.41 11.77
CA LEU A 24 -46.35 -7.56 13.17
C LEU A 24 -46.85 -8.96 13.49
N LEU A 25 -47.48 -9.62 12.52
CA LEU A 25 -48.00 -10.97 12.76
C LEU A 25 -46.96 -12.06 12.52
N THR A 26 -46.03 -11.87 11.57
CA THR A 26 -45.05 -12.91 11.28
C THR A 26 -44.15 -13.27 12.46
N PRO A 27 -43.63 -12.32 13.28
CA PRO A 27 -42.71 -12.81 14.33
C PRO A 27 -43.47 -13.47 15.47
N ALA A 28 -43.81 -14.75 15.26
CA ALA A 28 -44.60 -15.48 16.24
C ALA A 28 -43.88 -15.58 17.57
N GLU A 29 -42.58 -15.86 17.55
CA GLU A 29 -41.81 -15.93 18.79
C GLU A 29 -41.62 -14.54 19.40
N ASP A 30 -40.91 -13.66 18.68
CA ASP A 30 -40.69 -12.27 19.11
C ASP A 30 -40.17 -12.19 20.56
N ASN A 31 -39.52 -13.25 21.02
CA ASN A 31 -39.06 -13.33 22.40
C ASN A 31 -37.84 -14.21 22.48
N SER A 32 -37.10 -14.08 23.57
CA SER A 32 -35.91 -14.88 23.81
C SER A 32 -35.64 -14.90 25.31
N LEU A 33 -34.78 -15.82 25.73
CA LEU A 33 -34.41 -15.99 27.13
C LEU A 33 -32.94 -15.64 27.31
N SER A 34 -32.66 -14.76 28.26
CA SER A 34 -31.31 -14.27 28.50
C SER A 34 -30.61 -15.17 29.52
N GLN A 35 -29.47 -14.71 30.03
CA GLN A 35 -28.67 -15.49 30.96
C GLN A 35 -29.36 -15.58 32.32
N LYS A 36 -28.91 -16.55 33.12
CA LYS A 36 -29.50 -16.81 34.43
C LYS A 36 -28.96 -15.83 35.46
N LYS A 37 -29.27 -16.09 36.74
CA LYS A 37 -28.90 -15.18 37.81
C LYS A 37 -27.53 -15.52 38.37
N LYS A 38 -26.72 -14.49 38.58
CA LYS A 38 -25.39 -14.65 39.16
C LYS A 38 -25.50 -14.77 40.69
N VAL A 39 -24.35 -14.86 41.35
CA VAL A 39 -24.29 -15.09 42.79
C VAL A 39 -23.83 -13.81 43.47
N THR A 40 -24.62 -13.33 44.44
CA THR A 40 -24.30 -12.14 45.22
C THR A 40 -24.30 -12.50 46.70
N VAL A 41 -24.01 -11.49 47.54
CA VAL A 41 -23.94 -11.72 48.98
C VAL A 41 -25.30 -12.16 49.52
N GLU A 42 -26.37 -11.51 49.06
CA GLU A 42 -27.71 -11.91 49.46
C GLU A 42 -27.97 -13.38 49.14
N ASP A 43 -27.49 -13.83 47.98
CA ASP A 43 -27.68 -15.24 47.61
C ASP A 43 -27.01 -16.18 48.61
N LEU A 44 -25.79 -15.87 49.03
CA LEU A 44 -25.15 -16.66 50.07
C LEU A 44 -25.96 -16.61 51.36
N PHE A 45 -26.44 -15.42 51.72
CA PHE A 45 -27.20 -15.27 52.95
C PHE A 45 -28.69 -15.46 52.76
N SER A 46 -29.12 -15.83 51.55
CA SER A 46 -30.50 -16.23 51.33
C SER A 46 -30.78 -17.57 51.98
N GLU A 47 -32.03 -17.76 52.43
CA GLU A 47 -32.41 -19.02 53.05
C GLU A 47 -32.24 -20.20 52.10
N ASP A 48 -32.39 -19.95 50.79
CA ASP A 48 -32.30 -21.03 49.82
C ASP A 48 -30.92 -21.66 49.78
N PHE A 49 -29.88 -20.90 50.10
CA PHE A 49 -28.52 -21.42 50.08
C PHE A 49 -28.14 -22.17 51.35
N LYS A 50 -29.02 -22.22 52.35
CA LYS A 50 -28.72 -22.95 53.57
C LYS A 50 -28.60 -24.44 53.28
N ILE A 51 -27.65 -25.08 53.95
CA ILE A 51 -27.36 -26.49 53.74
C ILE A 51 -28.17 -27.32 54.71
N HIS A 52 -28.79 -28.40 54.22
CA HIS A 52 -29.52 -29.31 55.06
C HIS A 52 -28.56 -30.25 55.79
N ASP A 53 -29.03 -30.80 56.90
CA ASP A 53 -28.23 -31.74 57.68
C ASP A 53 -29.13 -32.54 58.60
N PRO A 54 -29.10 -33.87 58.53
CA PRO A 54 -29.79 -34.67 59.57
C PRO A 54 -28.97 -34.84 60.83
N GLU A 55 -27.65 -34.69 60.75
CA GLU A 55 -26.71 -34.94 61.87
C GLU A 55 -27.14 -36.15 62.70
N ALA A 56 -27.43 -37.24 62.01
CA ALA A 56 -27.88 -38.46 62.67
C ALA A 56 -26.73 -39.17 63.36
N LYS A 57 -26.96 -39.60 64.59
CA LYS A 57 -26.02 -40.43 65.34
C LYS A 57 -26.74 -41.68 65.83
N TRP A 58 -25.97 -42.76 65.97
CA TRP A 58 -26.54 -44.06 66.30
C TRP A 58 -26.86 -44.18 67.78
N ILE A 59 -28.05 -44.69 68.07
CA ILE A 59 -28.35 -45.22 69.40
C ILE A 59 -28.05 -46.72 69.46
N SER A 60 -28.27 -47.43 68.35
CA SER A 60 -27.94 -48.84 68.23
C SER A 60 -27.63 -49.12 66.77
N ASP A 61 -27.37 -50.39 66.44
CA ASP A 61 -27.16 -50.76 65.05
C ASP A 61 -28.42 -50.57 64.23
N THR A 62 -29.59 -50.83 64.82
CA THR A 62 -30.84 -50.75 64.09
C THR A 62 -31.27 -49.32 63.83
N GLU A 63 -31.10 -48.43 64.80
CA GLU A 63 -31.66 -47.09 64.74
C GLU A 63 -30.60 -46.03 64.99
N PHE A 64 -30.78 -44.88 64.36
CA PHE A 64 -30.01 -43.67 64.65
C PHE A 64 -30.99 -42.56 65.00
N ILE A 65 -30.47 -41.49 65.60
CA ILE A 65 -31.36 -40.45 66.13
C ILE A 65 -32.10 -39.73 65.02
N TYR A 66 -31.46 -39.52 63.86
CA TYR A 66 -32.09 -38.86 62.71
C TYR A 66 -32.65 -37.49 63.11
N ARG A 67 -31.73 -36.61 63.46
CA ARG A 67 -32.09 -35.31 64.03
C ARG A 67 -32.76 -34.44 62.95
N GLU A 68 -33.04 -33.19 63.32
CA GLU A 68 -33.86 -32.31 62.48
C GLU A 68 -33.26 -32.10 61.10
N GLN A 69 -34.10 -32.24 60.07
CA GLN A 69 -33.80 -31.77 58.74
C GLN A 69 -34.45 -30.42 58.46
N LYS A 70 -35.77 -30.34 58.59
CA LYS A 70 -36.53 -29.13 58.35
C LYS A 70 -37.60 -28.95 59.42
N GLY A 71 -37.22 -29.19 60.68
CA GLY A 71 -38.19 -29.07 61.76
C GLY A 71 -38.20 -30.24 62.72
N THR A 72 -39.31 -30.98 62.75
CA THR A 72 -39.49 -32.07 63.70
C THR A 72 -38.38 -33.12 63.55
N VAL A 73 -38.24 -33.94 64.58
CA VAL A 73 -37.18 -34.95 64.66
C VAL A 73 -37.82 -36.31 64.84
N ARG A 74 -37.61 -37.18 63.85
CA ARG A 74 -38.03 -38.57 63.92
C ARG A 74 -36.83 -39.46 64.21
N LEU A 75 -37.11 -40.65 64.73
CA LEU A 75 -36.06 -41.61 65.11
C LEU A 75 -36.03 -42.71 64.06
N TRP A 76 -35.28 -42.49 62.99
CA TRP A 76 -35.23 -43.44 61.90
C TRP A 76 -34.52 -44.72 62.30
N ASN A 77 -35.06 -45.86 61.86
CA ASN A 77 -34.49 -47.18 62.12
C ASN A 77 -34.09 -47.80 60.79
N VAL A 78 -32.86 -48.35 60.75
CA VAL A 78 -32.32 -48.88 59.51
C VAL A 78 -33.09 -50.11 59.05
N GLU A 79 -33.55 -50.93 60.00
CA GLU A 79 -34.07 -52.27 59.68
C GLU A 79 -35.15 -52.22 58.61
N THR A 80 -36.30 -51.59 58.91
CA THR A 80 -37.28 -51.26 57.88
C THR A 80 -37.71 -49.81 58.07
N ASN A 81 -36.89 -48.88 57.58
CA ASN A 81 -37.22 -47.46 57.39
C ASN A 81 -38.18 -46.92 58.44
N THR A 82 -37.92 -47.18 59.71
CA THR A 82 -38.86 -46.88 60.79
C THR A 82 -38.41 -45.61 61.50
N SER A 83 -39.13 -44.51 61.23
CA SER A 83 -38.83 -43.21 61.84
C SER A 83 -39.76 -43.03 63.04
N THR A 84 -39.25 -43.32 64.25
CA THR A 84 -40.05 -43.21 65.45
C THR A 84 -40.24 -41.75 65.83
N VAL A 85 -41.44 -41.41 66.30
CA VAL A 85 -41.81 -40.04 66.63
C VAL A 85 -41.23 -39.69 68.00
N LEU A 86 -40.25 -38.79 68.02
CA LEU A 86 -39.64 -38.36 69.28
C LEU A 86 -39.77 -36.86 69.53
N ILE A 87 -39.44 -36.00 68.56
CA ILE A 87 -39.48 -34.56 68.76
C ILE A 87 -40.36 -33.95 67.68
N GLU A 88 -41.15 -32.96 68.06
CA GLU A 88 -42.05 -32.24 67.17
C GLU A 88 -41.73 -30.75 67.23
N GLY A 89 -42.62 -29.93 66.70
CA GLY A 89 -42.45 -28.49 66.68
C GLY A 89 -42.51 -27.84 68.05
N LYS A 90 -42.47 -28.64 69.10
CA LYS A 90 -42.46 -28.12 70.47
C LYS A 90 -41.19 -27.32 70.77
N LYS A 91 -40.13 -27.51 69.99
CA LYS A 91 -38.88 -26.79 70.21
C LYS A 91 -39.04 -25.28 70.10
N ILE A 92 -40.09 -24.81 69.42
CA ILE A 92 -40.28 -23.38 69.21
C ILE A 92 -40.58 -22.68 70.53
N GLU A 93 -41.38 -23.30 71.40
CA GLU A 93 -41.86 -22.62 72.60
C GLU A 93 -40.74 -22.30 73.59
N SER A 94 -39.61 -22.99 73.52
CA SER A 94 -38.52 -22.77 74.46
C SER A 94 -37.58 -21.67 74.00
N LEU A 95 -38.16 -20.52 73.63
CA LEU A 95 -37.40 -19.34 73.21
C LEU A 95 -36.39 -19.66 72.12
N ARG A 96 -36.76 -20.59 71.24
CA ARG A 96 -35.92 -21.02 70.12
C ARG A 96 -34.56 -21.50 70.61
N ALA A 97 -34.58 -22.57 71.39
CA ALA A 97 -33.34 -23.20 71.86
C ALA A 97 -32.54 -23.70 70.65
N ILE A 98 -31.36 -23.11 70.44
CA ILE A 98 -30.56 -23.44 69.27
C ILE A 98 -30.13 -24.90 69.32
N ARG A 99 -29.69 -25.37 70.47
CA ARG A 99 -29.19 -26.74 70.62
C ARG A 99 -30.09 -27.51 71.57
N TYR A 100 -30.25 -28.80 71.29
CA TYR A 100 -31.03 -29.69 72.13
C TYR A 100 -30.41 -31.08 72.10
N GLU A 101 -30.62 -31.82 73.18
CA GLU A 101 -30.07 -33.17 73.32
C GLU A 101 -31.12 -34.08 73.92
N ILE A 102 -30.86 -35.38 73.84
CA ILE A 102 -31.75 -36.41 74.34
C ILE A 102 -31.01 -37.20 75.42
N SER A 103 -31.70 -37.44 76.54
CA SER A 103 -31.10 -38.21 77.61
C SER A 103 -30.81 -39.64 77.15
N PRO A 104 -29.77 -40.27 77.69
CA PRO A 104 -29.41 -41.62 77.21
C PRO A 104 -30.50 -42.66 77.42
N ASP A 105 -31.44 -42.44 78.34
CA ASP A 105 -32.60 -43.31 78.45
C ASP A 105 -33.71 -42.94 77.47
N ARG A 106 -33.50 -41.89 76.67
CA ARG A 106 -34.51 -41.39 75.73
C ARG A 106 -35.82 -41.09 76.43
N GLU A 107 -35.74 -40.46 77.61
CA GLU A 107 -36.91 -40.07 78.37
C GLU A 107 -36.93 -38.60 78.76
N TYR A 108 -35.79 -37.92 78.66
CA TYR A 108 -35.71 -36.49 78.94
C TYR A 108 -34.98 -35.78 77.81
N ALA A 109 -35.51 -34.64 77.40
CA ALA A 109 -34.91 -33.80 76.36
C ALA A 109 -34.43 -32.50 76.98
N LEU A 110 -33.21 -32.10 76.64
CA LEU A 110 -32.60 -30.89 77.19
C LEU A 110 -32.55 -29.83 76.11
N PHE A 111 -33.11 -28.65 76.41
CA PHE A 111 -33.08 -27.49 75.53
C PHE A 111 -32.07 -26.49 76.07
N SER A 112 -31.30 -25.88 75.17
CA SER A 112 -30.35 -24.84 75.54
C SER A 112 -30.80 -23.55 74.89
N TYR A 113 -31.52 -22.72 75.66
CA TYR A 113 -32.07 -21.47 75.15
C TYR A 113 -31.36 -20.28 75.78
N ASN A 114 -31.47 -19.15 75.09
CA ASN A 114 -30.76 -17.92 75.45
C ASN A 114 -29.27 -18.18 75.58
N VAL A 115 -28.75 -18.99 74.66
CA VAL A 115 -27.34 -19.37 74.64
C VAL A 115 -26.60 -18.47 73.67
N GLU A 116 -25.55 -17.81 74.15
CA GLU A 116 -24.75 -16.95 73.31
C GLU A 116 -23.31 -17.43 73.29
N PRO A 117 -22.61 -17.30 72.16
CA PRO A 117 -21.22 -17.75 72.09
C PRO A 117 -20.25 -16.68 72.55
N ILE A 118 -19.45 -16.99 73.57
CA ILE A 118 -18.45 -16.06 74.05
C ILE A 118 -17.17 -16.26 73.24
N TYR A 119 -16.63 -17.48 73.29
CA TYR A 119 -15.45 -17.84 72.54
C TYR A 119 -15.88 -18.48 71.22
N GLN A 120 -14.96 -19.15 70.52
CA GLN A 120 -15.30 -19.82 69.27
C GLN A 120 -16.52 -20.73 69.44
N HIS A 121 -16.58 -21.47 70.54
CA HIS A 121 -17.76 -22.26 70.87
C HIS A 121 -17.89 -22.30 72.39
N SER A 122 -18.67 -21.38 72.93
CA SER A 122 -18.93 -21.29 74.36
C SER A 122 -20.44 -21.41 74.55
N TYR A 123 -20.91 -22.64 74.74
CA TYR A 123 -22.34 -22.93 74.81
C TYR A 123 -22.89 -22.60 76.20
N THR A 124 -22.81 -21.32 76.54
CA THR A 124 -23.29 -20.82 77.84
C THR A 124 -24.70 -20.24 77.67
N GLY A 125 -25.59 -20.65 78.55
CA GLY A 125 -26.98 -20.22 78.46
C GLY A 125 -27.83 -20.97 79.47
N TYR A 126 -29.14 -20.98 79.22
CA TYR A 126 -30.08 -21.62 80.11
C TYR A 126 -30.44 -23.01 79.59
N TYR A 127 -30.22 -24.02 80.43
CA TYR A 127 -30.56 -25.40 80.11
C TYR A 127 -31.83 -25.80 80.83
N VAL A 128 -32.83 -26.28 80.09
CA VAL A 128 -34.11 -26.67 80.64
C VAL A 128 -34.43 -28.09 80.20
N LEU A 129 -34.83 -28.93 81.16
CA LEU A 129 -35.20 -30.31 80.88
C LEU A 129 -36.70 -30.42 80.64
N SER A 130 -37.08 -31.43 79.86
CA SER A 130 -38.48 -31.65 79.53
C SER A 130 -38.71 -33.13 79.31
N LYS A 131 -39.97 -33.55 79.47
CA LYS A 131 -40.31 -34.95 79.28
C LYS A 131 -40.14 -35.35 77.81
N ILE A 132 -40.05 -36.67 77.59
CA ILE A 132 -39.77 -37.16 76.24
C ILE A 132 -40.87 -36.81 75.23
N PRO A 133 -42.19 -36.97 75.53
CA PRO A 133 -43.17 -36.75 74.47
C PRO A 133 -43.21 -35.30 74.01
N HIS A 134 -43.49 -34.39 74.93
CA HIS A 134 -43.51 -32.95 74.69
C HIS A 134 -43.84 -32.25 76.00
N GLY A 135 -43.50 -30.95 76.05
CA GLY A 135 -43.92 -30.11 77.15
C GLY A 135 -43.18 -30.35 78.46
N ASP A 136 -43.67 -29.68 79.49
CA ASP A 136 -43.16 -29.72 80.86
C ASP A 136 -41.68 -29.32 80.94
N PRO A 137 -41.35 -28.06 80.68
CA PRO A 137 -39.97 -27.61 80.90
C PRO A 137 -39.68 -27.39 82.37
N GLN A 138 -38.39 -27.50 82.71
CA GLN A 138 -37.94 -27.23 84.07
C GLN A 138 -36.52 -26.73 84.04
N SER A 139 -36.25 -25.67 84.80
CA SER A 139 -34.93 -25.05 84.79
C SER A 139 -33.92 -25.93 85.53
N LEU A 140 -32.78 -26.18 84.90
CA LEU A 140 -31.69 -26.92 85.52
C LEU A 140 -30.80 -25.93 86.27
N ASP A 141 -30.77 -26.05 87.59
CA ASP A 141 -30.09 -25.07 88.42
C ASP A 141 -29.29 -25.76 89.52
N PRO A 142 -28.18 -25.16 89.94
CA PRO A 142 -27.52 -25.60 91.17
C PRO A 142 -28.34 -25.21 92.39
N PRO A 143 -28.10 -25.82 93.55
CA PRO A 143 -28.95 -25.54 94.71
C PRO A 143 -28.89 -24.07 95.12
N GLU A 144 -30.03 -23.55 95.55
CA GLU A 144 -30.19 -22.17 96.02
C GLU A 144 -29.82 -21.15 94.95
N VAL A 145 -29.91 -21.52 93.68
CA VAL A 145 -29.62 -20.62 92.57
C VAL A 145 -30.83 -20.61 91.64
N SER A 146 -31.30 -19.42 91.29
CA SER A 146 -32.44 -19.26 90.39
C SER A 146 -31.97 -19.43 88.95
N ASN A 147 -32.83 -19.07 88.00
CA ASN A 147 -32.51 -19.17 86.58
C ASN A 147 -31.26 -18.35 86.24
N ALA A 148 -30.17 -19.04 85.89
CA ALA A 148 -28.92 -18.39 85.56
C ALA A 148 -28.23 -19.18 84.45
N LYS A 149 -27.40 -18.47 83.69
CA LYS A 149 -26.71 -19.10 82.56
C LYS A 149 -25.74 -20.16 83.06
N LEU A 150 -25.71 -21.30 82.38
CA LEU A 150 -24.80 -22.38 82.67
C LEU A 150 -23.87 -22.56 81.48
N GLN A 151 -22.56 -22.63 81.76
CA GLN A 151 -21.59 -22.68 80.68
C GLN A 151 -21.64 -24.00 79.91
N TYR A 152 -22.05 -25.09 80.58
CA TYR A 152 -22.21 -26.37 79.91
C TYR A 152 -23.04 -27.30 80.77
N ALA A 153 -23.78 -28.20 80.11
CA ALA A 153 -24.55 -29.23 80.81
C ALA A 153 -24.06 -30.63 80.49
N GLY A 154 -24.03 -31.03 79.22
CA GLY A 154 -23.59 -32.37 78.87
C GLY A 154 -24.63 -33.42 79.21
N TRP A 155 -24.30 -34.67 78.86
CA TRP A 155 -25.18 -35.80 79.12
C TRP A 155 -24.36 -37.05 79.35
N GLY A 156 -24.95 -38.01 80.06
CA GLY A 156 -24.29 -39.24 80.41
C GLY A 156 -24.50 -40.34 79.39
N PRO A 157 -23.90 -41.51 79.64
CA PRO A 157 -24.08 -42.65 78.71
C PRO A 157 -25.30 -43.50 79.02
N LYS A 158 -25.82 -43.43 80.25
CA LYS A 158 -26.91 -44.31 80.65
C LYS A 158 -27.95 -43.53 81.43
N GLY A 159 -29.18 -44.04 81.39
CA GLY A 159 -30.27 -43.50 82.21
C GLY A 159 -30.54 -42.05 81.93
N GLN A 160 -30.75 -41.28 83.00
CA GLN A 160 -30.95 -39.84 82.91
C GLN A 160 -29.89 -39.07 83.69
N GLN A 161 -28.75 -39.70 83.96
CA GLN A 161 -27.68 -39.03 84.68
C GLN A 161 -27.08 -37.92 83.83
N LEU A 162 -26.76 -36.80 84.47
CA LEU A 162 -26.28 -35.62 83.76
C LEU A 162 -25.47 -34.78 84.73
N ILE A 163 -24.79 -33.77 84.18
CA ILE A 163 -24.05 -32.80 84.96
C ILE A 163 -24.41 -31.40 84.44
N PHE A 164 -23.80 -30.40 85.07
CA PHE A 164 -23.88 -29.03 84.59
C PHE A 164 -22.80 -28.21 85.28
N ILE A 165 -22.26 -27.24 84.56
CA ILE A 165 -21.13 -26.45 85.02
C ILE A 165 -21.62 -25.02 85.28
N PHE A 166 -21.40 -24.56 86.51
CA PHE A 166 -21.74 -23.20 86.92
C PHE A 166 -20.57 -22.62 87.68
N GLU A 167 -20.06 -21.47 87.22
CA GLU A 167 -18.87 -20.85 87.77
C GLU A 167 -17.69 -21.83 87.75
N ASN A 168 -17.54 -22.51 86.62
CA ASN A 168 -16.46 -23.47 86.41
C ASN A 168 -16.47 -24.59 87.46
N ASN A 169 -17.66 -25.09 87.78
CA ASN A 169 -17.82 -26.13 88.78
C ASN A 169 -18.78 -27.20 88.27
N ILE A 170 -18.35 -28.45 88.33
CA ILE A 170 -19.16 -29.57 87.85
C ILE A 170 -20.11 -29.99 88.97
N TYR A 171 -21.41 -30.03 88.66
CA TYR A 171 -22.43 -30.53 89.56
C TYR A 171 -23.18 -31.64 88.86
N TYR A 172 -23.24 -32.81 89.48
CA TYR A 172 -23.75 -34.02 88.84
C TYR A 172 -24.99 -34.52 89.56
N CYS A 173 -25.92 -35.08 88.79
CA CYS A 173 -27.11 -35.75 89.32
C CYS A 173 -27.32 -37.03 88.53
N ALA A 174 -27.40 -38.16 89.23
CA ALA A 174 -27.68 -39.41 88.56
C ALA A 174 -29.10 -39.47 88.02
N HIS A 175 -29.98 -38.58 88.48
CA HIS A 175 -31.36 -38.56 88.05
C HIS A 175 -31.76 -37.12 87.78
N VAL A 176 -32.77 -36.96 86.92
CA VAL A 176 -33.29 -35.61 86.63
C VAL A 176 -33.94 -35.03 87.88
N GLY A 177 -34.72 -35.85 88.60
CA GLY A 177 -35.31 -35.40 89.86
C GLY A 177 -34.33 -35.36 91.01
N LYS A 178 -33.11 -35.86 90.81
CA LYS A 178 -32.09 -35.82 91.85
C LYS A 178 -31.72 -34.38 92.17
N GLN A 179 -31.57 -34.09 93.47
CA GLN A 179 -31.14 -32.76 93.89
C GLN A 179 -29.75 -32.46 93.35
N ALA A 180 -29.54 -31.21 92.96
CA ALA A 180 -28.23 -30.80 92.45
C ALA A 180 -27.17 -30.97 93.53
N ILE A 181 -26.05 -31.58 93.16
CA ILE A 181 -25.03 -32.00 94.11
C ILE A 181 -23.74 -31.26 93.82
N ARG A 182 -23.14 -30.67 94.85
CA ARG A 182 -21.84 -30.02 94.73
C ARG A 182 -20.74 -31.06 94.62
N VAL A 183 -20.69 -31.76 93.49
CA VAL A 183 -19.68 -32.80 93.30
C VAL A 183 -18.27 -32.20 93.35
N VAL A 184 -18.09 -31.07 92.66
CA VAL A 184 -16.86 -30.30 92.77
C VAL A 184 -17.19 -28.83 92.51
N SER A 185 -16.72 -27.95 93.39
CA SER A 185 -16.99 -26.52 93.28
C SER A 185 -15.72 -25.70 93.49
N THR A 186 -14.56 -26.27 93.16
CA THR A 186 -13.29 -25.60 93.37
C THR A 186 -12.90 -24.67 92.23
N GLY A 187 -13.67 -24.62 91.16
CA GLY A 187 -13.31 -23.80 90.02
C GLY A 187 -13.48 -22.32 90.29
N LYS A 188 -12.84 -21.52 89.44
CA LYS A 188 -12.86 -20.07 89.55
C LYS A 188 -13.14 -19.46 88.18
N GLU A 189 -13.64 -18.23 88.20
CA GLU A 189 -14.00 -17.52 86.98
C GLU A 189 -12.71 -17.12 86.24
N GLY A 190 -12.37 -17.87 85.20
CA GLY A 190 -11.21 -17.57 84.38
C GLY A 190 -9.87 -17.95 84.97
N VAL A 191 -9.86 -18.58 86.14
CA VAL A 191 -8.62 -18.99 86.79
C VAL A 191 -8.55 -20.51 86.95
N ILE A 192 -9.62 -21.13 87.46
CA ILE A 192 -9.68 -22.57 87.65
C ILE A 192 -10.83 -23.09 86.80
N TYR A 193 -10.50 -23.79 85.73
CA TYR A 193 -11.47 -24.40 84.84
C TYR A 193 -11.54 -25.90 85.11
N ASN A 194 -12.75 -26.41 85.36
CA ASN A 194 -12.97 -27.84 85.40
C ASN A 194 -14.25 -28.16 84.64
N GLY A 195 -14.15 -29.10 83.71
CA GLY A 195 -15.26 -29.45 82.85
C GLY A 195 -15.33 -28.68 81.55
N LEU A 196 -14.66 -27.53 81.47
CA LEU A 196 -14.61 -26.75 80.25
C LEU A 196 -13.19 -26.26 80.02
N SER A 197 -12.81 -26.16 78.75
CA SER A 197 -11.47 -25.72 78.38
C SER A 197 -11.31 -24.21 78.60
N ASP A 198 -10.06 -23.78 78.64
CA ASP A 198 -9.72 -22.36 78.69
C ASP A 198 -9.73 -21.80 77.26
N TRP A 199 -9.20 -20.59 77.08
CA TRP A 199 -9.05 -20.07 75.73
C TRP A 199 -8.10 -20.93 74.91
N LEU A 200 -6.95 -21.28 75.49
CA LEU A 200 -5.91 -21.98 74.74
C LEU A 200 -6.37 -23.36 74.30
N TYR A 201 -6.93 -24.14 75.22
CA TYR A 201 -7.39 -25.48 74.87
C TYR A 201 -8.55 -25.44 73.88
N GLU A 202 -9.50 -24.53 74.09
CA GLU A 202 -10.61 -24.40 73.14
C GLU A 202 -10.12 -23.94 71.77
N GLU A 203 -8.98 -23.24 71.73
CA GLU A 203 -8.49 -22.63 70.50
C GLU A 203 -7.32 -23.39 69.88
N GLU A 204 -6.28 -23.67 70.65
CA GLU A 204 -4.98 -24.04 70.09
C GLU A 204 -4.70 -25.53 70.10
N ILE A 205 -4.83 -26.19 71.24
CA ILE A 205 -4.33 -27.54 71.42
C ILE A 205 -5.44 -28.57 71.57
N LEU A 206 -6.44 -28.30 72.41
CA LEU A 206 -7.53 -29.25 72.59
C LEU A 206 -8.62 -29.07 71.55
N LYS A 207 -8.78 -27.85 71.02
CA LYS A 207 -9.68 -27.55 69.92
C LYS A 207 -11.15 -27.82 70.25
N THR A 208 -11.51 -27.91 71.53
CA THR A 208 -12.89 -28.14 71.91
C THR A 208 -13.12 -27.60 73.32
N HIS A 209 -14.30 -27.01 73.54
CA HIS A 209 -14.58 -26.40 74.84
C HIS A 209 -14.93 -27.44 75.90
N ILE A 210 -15.60 -28.53 75.53
CA ILE A 210 -15.97 -29.54 76.52
C ILE A 210 -14.71 -30.19 77.08
N ALA A 211 -14.71 -30.41 78.40
CA ALA A 211 -13.54 -30.99 79.06
C ALA A 211 -13.94 -32.05 80.08
N HIS A 212 -15.04 -32.75 79.85
CA HIS A 212 -15.43 -33.87 80.69
C HIS A 212 -15.68 -35.08 79.81
N TRP A 213 -15.17 -36.23 80.25
CA TRP A 213 -15.35 -37.49 79.54
C TRP A 213 -16.03 -38.49 80.48
N TRP A 214 -17.20 -38.97 80.08
CA TRP A 214 -17.94 -39.94 80.86
C TRP A 214 -17.30 -41.32 80.75
N SER A 215 -17.36 -42.08 81.83
CA SER A 215 -16.92 -43.46 81.79
C SER A 215 -17.89 -44.31 80.96
N PRO A 216 -17.41 -45.38 80.33
CA PRO A 216 -18.31 -46.24 79.55
C PRO A 216 -19.47 -46.78 80.35
N ASP A 217 -19.27 -47.09 81.63
CA ASP A 217 -20.37 -47.48 82.49
C ASP A 217 -21.10 -46.29 83.10
N GLY A 218 -20.66 -45.07 82.82
CA GLY A 218 -21.27 -43.89 83.40
C GLY A 218 -21.13 -43.83 84.90
N THR A 219 -20.00 -44.28 85.44
CA THR A 219 -19.75 -44.30 86.87
C THR A 219 -18.79 -43.21 87.34
N ARG A 220 -17.86 -42.78 86.48
CA ARG A 220 -16.91 -41.74 86.85
C ARG A 220 -16.70 -40.80 85.68
N LEU A 221 -16.26 -39.58 85.99
CA LEU A 221 -16.02 -38.52 85.03
C LEU A 221 -14.56 -38.13 85.07
N ALA A 222 -13.94 -38.02 83.90
CA ALA A 222 -12.56 -37.54 83.76
C ALA A 222 -12.59 -36.09 83.30
N TYR A 223 -12.04 -35.20 84.12
CA TYR A 223 -12.07 -33.77 83.82
C TYR A 223 -10.72 -33.14 84.14
N ALA A 224 -10.41 -32.06 83.44
CA ALA A 224 -9.13 -31.38 83.58
C ALA A 224 -9.30 -30.11 84.41
N ALA A 225 -8.47 -29.98 85.44
CA ALA A 225 -8.39 -28.75 86.23
C ALA A 225 -7.28 -27.89 85.65
N ILE A 226 -7.66 -26.73 85.12
CA ILE A 226 -6.73 -25.79 84.51
C ILE A 226 -6.60 -24.59 85.43
N ASN A 227 -5.39 -24.35 85.92
CA ASN A 227 -5.10 -23.23 86.80
C ASN A 227 -4.47 -22.10 85.99
N ASP A 228 -5.12 -20.93 86.03
CA ASP A 228 -4.67 -19.74 85.31
C ASP A 228 -4.07 -18.70 86.24
N SER A 229 -3.89 -19.01 87.53
CA SER A 229 -3.26 -18.07 88.45
C SER A 229 -1.82 -17.80 88.06
N ARG A 230 -1.22 -18.65 87.23
CA ARG A 230 0.14 -18.48 86.73
C ARG A 230 0.13 -18.12 85.24
N VAL A 231 -0.83 -17.28 84.84
CA VAL A 231 -0.95 -16.86 83.44
C VAL A 231 -1.03 -15.34 83.37
N PRO A 232 -0.27 -14.69 82.50
CA PRO A 232 -0.43 -13.26 82.30
C PRO A 232 -1.77 -12.95 81.66
N ILE A 233 -2.24 -11.72 81.88
CA ILE A 233 -3.61 -11.36 81.55
C ILE A 233 -3.61 -10.21 80.55
N MET A 234 -4.65 -10.17 79.71
CA MET A 234 -4.86 -9.10 78.75
C MET A 234 -6.18 -8.40 79.05
N GLU A 235 -6.15 -7.07 79.05
CA GLU A 235 -7.31 -6.25 79.30
C GLU A 235 -7.83 -5.73 77.96
N LEU A 236 -8.75 -6.47 77.37
CA LEU A 236 -9.33 -6.06 76.09
C LEU A 236 -10.06 -4.73 76.23
N PRO A 237 -9.78 -3.76 75.36
CA PRO A 237 -10.43 -2.45 75.46
C PRO A 237 -11.86 -2.47 74.97
N THR A 238 -12.76 -2.01 75.83
CA THR A 238 -14.18 -1.92 75.52
C THR A 238 -14.54 -0.47 75.23
N TYR A 239 -15.31 -0.26 74.17
CA TYR A 239 -15.61 1.08 73.69
C TYR A 239 -17.11 1.39 73.66
N THR A 240 -17.97 0.42 73.97
CA THR A 240 -19.40 0.57 73.75
C THR A 240 -20.24 0.19 74.97
N GLY A 241 -19.66 -0.44 75.99
CA GLY A 241 -20.45 -0.99 77.07
C GLY A 241 -21.32 0.04 77.76
N SER A 242 -20.78 1.22 78.02
CA SER A 242 -21.53 2.27 78.70
C SER A 242 -20.90 3.62 78.38
N ILE A 243 -21.41 4.67 79.01
CA ILE A 243 -20.77 5.99 78.92
C ILE A 243 -19.35 5.92 79.47
N TYR A 244 -19.10 4.96 80.38
CA TYR A 244 -17.79 4.71 80.94
C TYR A 244 -17.42 3.25 80.71
N PRO A 245 -17.01 2.89 79.49
CA PRO A 245 -16.63 1.51 79.21
C PRO A 245 -15.26 1.16 79.80
N THR A 246 -15.19 0.01 80.44
CA THR A 246 -13.97 -0.46 81.07
C THR A 246 -13.48 -1.74 80.40
N VAL A 247 -12.17 -1.95 80.46
CA VAL A 247 -11.57 -3.11 79.80
C VAL A 247 -12.09 -4.41 80.42
N LYS A 248 -12.00 -5.48 79.65
CA LYS A 248 -12.38 -6.81 80.10
C LYS A 248 -11.14 -7.68 80.23
N PRO A 249 -10.87 -8.23 81.41
CA PRO A 249 -9.64 -9.01 81.60
C PRO A 249 -9.84 -10.49 81.32
N TYR A 250 -8.87 -11.08 80.61
CA TYR A 250 -8.87 -12.52 80.40
C TYR A 250 -7.42 -12.99 80.24
N HIS A 251 -7.13 -14.16 80.80
CA HIS A 251 -5.76 -14.66 80.86
C HIS A 251 -5.34 -15.18 79.49
N TYR A 252 -4.47 -14.43 78.81
CA TYR A 252 -3.96 -14.82 77.49
C TYR A 252 -2.46 -15.05 77.59
N PRO A 253 -2.01 -16.30 77.65
CA PRO A 253 -0.56 -16.56 77.72
C PRO A 253 0.13 -16.33 76.38
N LYS A 254 0.94 -15.28 76.29
CA LYS A 254 1.63 -14.97 75.05
C LYS A 254 2.83 -15.91 74.88
N ALA A 255 3.62 -15.66 73.84
CA ALA A 255 4.81 -16.46 73.60
C ALA A 255 5.86 -16.17 74.66
N GLY A 256 6.41 -17.24 75.25
CA GLY A 256 7.38 -17.11 76.31
C GLY A 256 6.80 -16.82 77.68
N SER A 257 5.49 -16.75 77.80
CA SER A 257 4.86 -16.50 79.09
C SER A 257 4.69 -17.81 79.85
N GLU A 258 3.98 -17.73 80.98
CA GLU A 258 3.72 -18.90 81.82
C GLU A 258 2.35 -19.46 81.45
N ASN A 259 2.34 -20.68 80.89
CA ASN A 259 1.10 -21.31 80.48
C ASN A 259 0.30 -21.78 81.70
N PRO A 260 -1.01 -21.93 81.56
CA PRO A 260 -1.81 -22.48 82.66
C PRO A 260 -1.40 -23.90 82.99
N SER A 261 -1.49 -24.25 84.26
CA SER A 261 -1.08 -25.58 84.73
C SER A 261 -2.29 -26.52 84.70
N ILE A 262 -2.14 -27.64 84.01
CA ILE A 262 -3.23 -28.58 83.81
C ILE A 262 -2.98 -29.83 84.66
N SER A 263 -4.02 -30.28 85.36
CA SER A 263 -4.02 -31.56 86.04
C SER A 263 -5.26 -32.32 85.62
N LEU A 264 -5.22 -33.64 85.76
CA LEU A 264 -6.35 -34.49 85.41
C LEU A 264 -6.93 -35.11 86.67
N HIS A 265 -8.26 -35.23 86.69
CA HIS A 265 -8.95 -35.77 87.86
C HIS A 265 -10.08 -36.66 87.37
N VAL A 266 -10.47 -37.61 88.22
CA VAL A 266 -11.62 -38.47 87.96
C VAL A 266 -12.49 -38.47 89.21
N ILE A 267 -13.77 -38.14 89.05
CA ILE A 267 -14.72 -38.06 90.14
C ILE A 267 -15.76 -39.15 89.96
N GLY A 268 -16.00 -39.93 91.02
CA GLY A 268 -17.05 -40.92 90.98
C GLY A 268 -18.43 -40.30 90.97
N LEU A 269 -19.37 -40.99 90.34
CA LEU A 269 -20.75 -40.55 90.26
C LEU A 269 -21.63 -41.22 91.30
N ASN A 270 -21.08 -42.09 92.14
CA ASN A 270 -21.83 -42.75 93.19
C ASN A 270 -20.96 -42.86 94.43
N GLY A 271 -21.62 -42.96 95.59
CA GLY A 271 -20.92 -43.09 96.85
C GLY A 271 -20.39 -41.77 97.38
N THR A 273 -17.89 -40.71 95.68
CA THR A 273 -17.70 -39.66 94.70
C THR A 273 -16.41 -38.91 94.95
N HIS A 274 -15.54 -39.50 95.78
CA HIS A 274 -14.26 -38.86 96.07
C HIS A 274 -13.39 -38.82 94.82
N ASP A 275 -12.73 -37.69 94.61
CA ASP A 275 -11.89 -37.49 93.43
C ASP A 275 -10.58 -38.26 93.56
N LEU A 276 -10.04 -38.67 92.42
CA LEU A 276 -8.73 -39.31 92.37
C LEU A 276 -7.98 -38.76 91.15
N GLU A 277 -6.72 -38.37 91.37
CA GLU A 277 -5.90 -37.65 90.39
C GLU A 277 -4.69 -38.48 89.97
N MET A 278 -4.25 -38.28 88.73
CA MET A 278 -3.22 -39.07 88.09
C MET A 278 -1.87 -38.35 88.08
N MET A 279 -0.80 -39.11 88.24
CA MET A 279 0.55 -38.62 87.97
C MET A 279 0.85 -38.65 86.47
N PRO A 280 1.18 -37.53 85.86
CA PRO A 280 1.79 -37.57 84.53
C PRO A 280 3.21 -38.08 84.62
N PRO A 281 3.82 -38.45 83.49
CA PRO A 281 5.24 -38.82 83.51
C PRO A 281 6.11 -37.63 83.88
N ASP A 282 7.39 -37.91 84.12
CA ASP A 282 8.33 -36.90 84.61
C ASP A 282 9.64 -36.94 83.83
N ASP A 283 9.54 -36.97 82.50
CA ASP A 283 10.74 -36.87 81.69
C ASP A 283 11.40 -35.51 81.88
N PRO A 284 12.74 -35.45 81.79
CA PRO A 284 13.43 -34.19 82.05
C PRO A 284 13.05 -33.06 81.10
N ARG A 285 12.68 -33.38 79.86
CA ARG A 285 12.39 -32.37 78.85
C ARG A 285 10.89 -32.04 78.74
N MET A 286 10.09 -32.44 79.73
CA MET A 286 8.67 -32.08 79.76
C MET A 286 8.29 -31.51 81.12
N ARG A 287 9.10 -30.59 81.62
CA ARG A 287 8.78 -29.94 82.89
C ARG A 287 7.49 -29.14 82.81
N GLU A 288 7.15 -28.65 81.63
CA GLU A 288 5.86 -28.04 81.36
C GLU A 288 5.10 -28.93 80.38
N TYR A 289 3.84 -29.22 80.70
CA TYR A 289 3.10 -30.25 79.99
C TYR A 289 1.66 -29.83 79.78
N TYR A 290 1.00 -30.48 78.83
CA TYR A 290 -0.41 -30.29 78.57
C TYR A 290 -1.05 -31.64 78.22
N ILE A 291 -2.34 -31.73 78.48
CA ILE A 291 -3.12 -32.92 78.13
C ILE A 291 -3.71 -32.69 76.74
N THR A 292 -3.13 -33.34 75.73
CA THR A 292 -3.57 -33.13 74.36
C THR A 292 -4.57 -34.18 73.88
N MET A 293 -4.80 -35.24 74.65
CA MET A 293 -5.80 -36.22 74.30
C MET A 293 -6.13 -37.03 75.55
N VAL A 294 -7.40 -37.36 75.73
CA VAL A 294 -7.84 -38.19 76.84
C VAL A 294 -9.12 -38.91 76.44
N LYS A 295 -9.16 -40.21 76.75
CA LYS A 295 -10.34 -41.02 76.46
C LYS A 295 -10.31 -42.26 77.35
N TRP A 296 -11.48 -42.64 77.87
CA TRP A 296 -11.61 -43.83 78.70
C TRP A 296 -11.26 -45.08 77.90
N ALA A 297 -10.13 -45.72 78.23
CA ALA A 297 -9.81 -46.99 77.60
C ALA A 297 -10.85 -48.04 77.96
N THR A 298 -11.24 -48.11 79.23
CA THR A 298 -12.30 -48.99 79.70
C THR A 298 -13.18 -48.18 80.65
N SER A 299 -14.05 -48.87 81.38
CA SER A 299 -14.85 -48.22 82.40
C SER A 299 -14.05 -47.84 83.63
N THR A 300 -12.79 -48.26 83.72
CA THR A 300 -11.95 -47.98 84.88
C THR A 300 -10.60 -47.42 84.45
N LYS A 301 -10.20 -47.70 83.22
CA LYS A 301 -8.92 -47.27 82.67
C LYS A 301 -9.14 -46.20 81.62
N VAL A 302 -8.24 -45.21 81.58
CA VAL A 302 -8.34 -44.07 80.70
C VAL A 302 -6.99 -43.81 80.03
N ALA A 303 -7.01 -43.48 78.75
CA ALA A 303 -5.80 -43.17 77.99
C ALA A 303 -5.62 -41.65 77.94
N VAL A 304 -4.45 -41.19 78.36
CA VAL A 304 -4.13 -39.77 78.47
C VAL A 304 -2.84 -39.49 77.72
N THR A 305 -2.81 -38.35 77.01
CA THR A 305 -1.64 -37.94 76.24
C THR A 305 -1.04 -36.68 76.86
N TRP A 306 0.16 -36.81 77.41
CA TRP A 306 0.88 -35.71 78.04
C TRP A 306 1.97 -35.25 77.09
N LEU A 307 1.93 -33.98 76.69
CA LEU A 307 2.87 -33.44 75.73
C LEU A 307 3.63 -32.27 76.34
N ASN A 308 4.93 -32.22 76.09
CA ASN A 308 5.78 -31.17 76.64
C ASN A 308 5.43 -29.81 76.05
N ARG A 309 5.86 -28.75 76.74
CA ARG A 309 5.66 -27.41 76.22
C ARG A 309 6.46 -27.18 74.94
N ALA A 310 7.59 -27.88 74.79
CA ALA A 310 8.29 -27.87 73.51
C ALA A 310 7.47 -28.53 72.40
N GLN A 311 6.42 -29.27 72.77
CA GLN A 311 5.46 -29.83 71.81
C GLN A 311 6.13 -30.80 70.84
N ASN A 312 7.24 -31.40 71.29
CA ASN A 312 7.96 -32.38 70.50
C ASN A 312 8.20 -33.68 71.25
N VAL A 313 7.69 -33.82 72.47
CA VAL A 313 7.82 -35.05 73.26
C VAL A 313 6.46 -35.34 73.87
N SER A 314 5.82 -36.42 73.43
CA SER A 314 4.50 -36.80 73.88
C SER A 314 4.51 -38.22 74.42
N ILE A 315 3.69 -38.48 75.43
CA ILE A 315 3.57 -39.80 76.04
C ILE A 315 2.10 -40.17 76.15
N LEU A 316 1.76 -41.35 75.64
CA LEU A 316 0.44 -41.95 75.80
C LEU A 316 0.51 -42.93 76.97
N THR A 317 -0.36 -42.74 77.95
CA THR A 317 -0.33 -43.46 79.21
C THR A 317 -1.72 -43.97 79.56
N LEU A 318 -1.79 -45.21 80.04
CA LEU A 318 -3.03 -45.79 80.53
C LEU A 318 -3.04 -45.69 82.05
N CYS A 319 -4.09 -45.07 82.59
CA CYS A 319 -4.16 -44.80 84.02
C CYS A 319 -5.48 -45.32 84.59
N ASP A 320 -5.42 -45.74 85.85
CA ASP A 320 -6.61 -46.20 86.56
C ASP A 320 -7.40 -44.99 87.06
N ALA A 321 -8.69 -44.96 86.72
CA ALA A 321 -9.53 -43.83 87.14
C ALA A 321 -9.90 -43.94 88.62
N THR A 322 -10.13 -45.15 89.10
CA THR A 322 -10.52 -45.37 90.50
C THR A 322 -9.34 -45.43 91.45
N THR A 323 -8.11 -45.34 90.94
CA THR A 323 -6.93 -45.41 91.80
C THR A 323 -6.01 -44.22 91.55
N GLY A 324 -5.93 -43.77 90.30
CA GLY A 324 -5.03 -42.69 89.93
C GLY A 324 -3.65 -43.13 89.49
N VAL A 325 -3.34 -44.42 89.55
CA VAL A 325 -2.05 -44.92 89.12
C VAL A 325 -2.00 -44.96 87.60
N CYS A 326 -0.88 -44.50 87.03
CA CYS A 326 -0.70 -44.43 85.59
C CYS A 326 0.29 -45.49 85.14
N THR A 327 0.09 -46.01 83.93
CA THR A 327 0.98 -47.02 83.35
C THR A 327 1.41 -46.54 81.98
N LYS A 328 2.68 -46.15 81.86
CA LYS A 328 3.20 -45.63 80.60
C LYS A 328 3.10 -46.68 79.50
N LYS A 329 2.63 -46.25 78.33
CA LYS A 329 2.45 -47.15 77.20
C LYS A 329 3.32 -46.80 76.00
N HIS A 330 3.29 -45.55 75.54
CA HIS A 330 4.01 -45.20 74.33
C HIS A 330 4.58 -43.79 74.45
N GLU A 331 5.62 -43.53 73.67
CA GLU A 331 6.21 -42.20 73.59
C GLU A 331 6.51 -41.87 72.13
N ASP A 332 6.52 -40.57 71.83
CA ASP A 332 6.72 -40.09 70.47
C ASP A 332 7.49 -38.78 70.51
N GLU A 333 8.58 -38.70 69.74
CA GLU A 333 9.44 -37.53 69.74
C GLU A 333 9.82 -37.18 68.31
N SER A 334 10.01 -35.88 68.07
CA SER A 334 10.48 -35.38 66.79
C SER A 334 11.33 -34.13 67.04
N GLU A 335 12.18 -33.80 66.06
CA GLU A 335 13.09 -32.68 66.24
C GLU A 335 12.36 -31.33 66.17
N ALA A 336 11.31 -31.23 65.38
CA ALA A 336 10.58 -29.97 65.24
C ALA A 336 9.38 -29.93 66.18
N TRP A 337 8.41 -30.83 65.99
CA TRP A 337 7.24 -30.93 66.84
C TRP A 337 6.50 -32.20 66.43
N LEU A 338 5.37 -32.45 67.10
CA LEU A 338 4.52 -33.59 66.81
C LEU A 338 3.21 -33.11 66.20
N HIS A 339 2.58 -34.00 65.43
CA HIS A 339 1.38 -33.67 64.66
C HIS A 339 0.21 -34.54 65.09
N ARG A 340 -0.96 -33.92 65.20
CA ARG A 340 -2.20 -34.60 65.57
C ARG A 340 -2.09 -35.25 66.95
N GLN A 341 -1.89 -34.40 67.96
CA GLN A 341 -1.82 -34.86 69.34
C GLN A 341 -3.17 -35.19 69.93
N ASN A 342 -4.27 -34.88 69.24
CA ASN A 342 -5.61 -35.13 69.72
C ASN A 342 -6.15 -36.50 69.34
N GLU A 343 -5.34 -37.35 68.70
CA GLU A 343 -5.82 -38.63 68.20
C GLU A 343 -6.26 -39.54 69.35
N GLU A 344 -7.57 -39.73 69.47
CA GLU A 344 -8.11 -40.60 70.50
C GLU A 344 -7.79 -42.05 70.17
N PRO A 345 -7.57 -42.90 71.17
CA PRO A 345 -7.22 -44.29 70.89
C PRO A 345 -8.43 -45.10 70.46
N VAL A 346 -8.16 -46.15 69.70
CA VAL A 346 -9.20 -47.07 69.27
C VAL A 346 -9.01 -48.39 70.00
N PHE A 347 -9.67 -48.53 71.15
CA PHE A 347 -9.50 -49.70 71.99
C PHE A 347 -10.48 -50.79 71.56
N SER A 348 -10.57 -51.85 72.36
CA SER A 348 -11.45 -52.97 72.10
C SER A 348 -12.40 -53.14 73.28
N LYS A 349 -13.26 -54.16 73.19
CA LYS A 349 -14.22 -54.42 74.26
C LYS A 349 -13.53 -54.95 75.52
N ASP A 350 -12.42 -55.65 75.36
CA ASP A 350 -11.67 -56.19 76.48
C ASP A 350 -10.46 -55.33 76.85
N GLY A 351 -10.31 -54.18 76.23
CA GLY A 351 -9.14 -53.35 76.47
C GLY A 351 -7.84 -53.97 76.00
N ARG A 352 -7.88 -54.71 74.89
CA ARG A 352 -6.67 -55.31 74.32
C ARG A 352 -5.91 -54.28 73.49
N LYS A 353 -4.99 -54.76 72.67
CA LYS A 353 -4.27 -53.93 71.69
C LYS A 353 -5.16 -52.85 71.10
N PHE A 354 -4.67 -51.62 71.11
CA PHE A 354 -5.39 -50.47 70.59
C PHE A 354 -4.72 -49.98 69.31
N PHE A 355 -5.42 -49.07 68.63
CA PHE A 355 -4.98 -48.53 67.35
C PHE A 355 -4.50 -47.10 67.54
N PHE A 356 -3.40 -46.78 66.86
CA PHE A 356 -2.77 -45.47 66.93
C PHE A 356 -2.46 -45.01 65.52
N ILE A 357 -2.21 -43.71 65.35
CA ILE A 357 -1.81 -43.17 64.06
C ILE A 357 -0.41 -42.61 64.21
N ARG A 358 0.56 -43.30 63.61
CA ARG A 358 1.97 -42.92 63.71
C ARG A 358 2.49 -42.47 62.35
N ALA A 359 3.35 -41.46 62.37
CA ALA A 359 4.05 -41.00 61.18
C ALA A 359 5.27 -41.90 60.98
N ILE A 360 5.00 -43.09 60.47
CA ILE A 360 6.05 -44.09 60.25
C ILE A 360 6.93 -43.63 59.11
N PRO A 361 8.24 -43.93 59.12
CA PRO A 361 9.14 -43.33 58.11
C PRO A 361 8.71 -43.58 56.67
N GLN A 362 8.13 -44.74 56.38
CA GLN A 362 7.52 -45.04 55.09
C GLN A 362 8.49 -44.87 53.92
N GLY A 363 9.79 -44.88 54.19
CA GLY A 363 10.79 -44.72 53.15
C GLY A 363 10.72 -43.38 52.45
N GLY A 364 10.31 -43.37 51.18
CA GLY A 364 10.29 -42.16 50.40
C GLY A 364 9.17 -41.22 50.79
N ARG A 365 9.30 -39.97 50.32
CA ARG A 365 8.32 -38.91 50.57
C ARG A 365 8.12 -38.65 52.05
N GLY A 366 9.15 -38.91 52.86
CA GLY A 366 9.06 -38.67 54.29
C GLY A 366 8.12 -39.65 54.97
N LYS A 367 7.96 -39.44 56.27
CA LYS A 367 7.08 -40.28 57.06
C LYS A 367 5.61 -39.99 56.71
N PHE A 368 4.77 -41.00 56.91
CA PHE A 368 3.36 -40.94 56.57
C PHE A 368 2.52 -41.43 57.74
N TYR A 369 1.27 -40.96 57.79
CA TYR A 369 0.36 -41.26 58.89
C TYR A 369 -0.31 -42.60 58.61
N HIS A 370 0.05 -43.62 59.37
CA HIS A 370 -0.49 -44.96 59.17
C HIS A 370 -0.91 -45.54 60.52
N ILE A 371 -1.85 -46.48 60.46
CA ILE A 371 -2.39 -47.10 61.67
C ILE A 371 -1.38 -48.10 62.22
N THR A 372 -1.34 -48.19 63.54
CA THR A 372 -0.39 -49.02 64.26
C THR A 372 -1.10 -49.74 65.40
N VAL A 373 -0.73 -51.00 65.62
CA VAL A 373 -1.31 -51.82 66.68
C VAL A 373 -0.35 -51.81 67.87
N SER A 374 -0.87 -51.48 69.05
CA SER A 374 -0.11 -51.55 70.29
C SER A 374 -0.78 -52.57 71.20
N SER A 375 -0.03 -53.58 71.61
CA SER A 375 -0.59 -54.69 72.38
C SER A 375 -1.18 -54.20 73.71
N SER A 376 -1.99 -55.06 74.31
CA SER A 376 -2.72 -54.68 75.52
C SER A 376 -1.76 -54.28 76.64
N GLN A 377 -0.79 -55.13 76.95
CA GLN A 377 0.23 -54.85 77.95
C GLN A 377 1.59 -55.14 77.34
N PRO A 378 2.13 -54.20 76.57
CA PRO A 378 3.43 -54.43 75.92
C PRO A 378 4.54 -54.59 76.94
N ASN A 379 5.56 -55.35 76.55
CA ASN A 379 6.69 -55.62 77.44
C ASN A 379 7.46 -54.33 77.72
N SER A 380 8.15 -54.32 78.86
CA SER A 380 8.89 -53.12 79.27
C SER A 380 10.00 -52.80 78.29
N SER A 381 10.69 -53.83 77.78
CA SER A 381 11.81 -53.59 76.86
C SER A 381 11.32 -52.92 75.57
N ASN A 382 10.32 -53.51 74.92
CA ASN A 382 9.77 -52.97 73.69
C ASN A 382 8.29 -53.30 73.61
N ASP A 383 7.58 -52.53 72.79
CA ASP A 383 6.16 -52.72 72.58
C ASP A 383 5.93 -53.69 71.43
N ASN A 384 4.69 -53.77 70.95
CA ASN A 384 4.32 -54.58 69.80
C ASN A 384 3.93 -53.69 68.62
N ILE A 385 4.72 -52.63 68.41
CA ILE A 385 4.43 -51.68 67.34
C ILE A 385 4.43 -52.38 66.00
N GLN A 386 3.40 -52.12 65.21
CA GLN A 386 3.25 -52.76 63.89
C GLN A 386 2.27 -51.93 63.08
N SER A 387 2.70 -51.45 61.92
CA SER A 387 1.86 -50.64 61.05
C SER A 387 0.92 -51.53 60.24
N ILE A 388 -0.34 -51.13 60.14
CA ILE A 388 -1.33 -51.86 59.36
C ILE A 388 -1.34 -51.34 57.93
N THR A 389 -1.68 -50.08 57.78
CA THR A 389 -1.74 -49.47 56.46
C THR A 389 -0.35 -49.05 55.98
N SER A 390 -0.17 -49.02 54.68
CA SER A 390 1.12 -48.70 54.09
C SER A 390 0.91 -48.02 52.75
N GLY A 391 1.95 -47.32 52.30
CA GLY A 391 1.91 -46.60 51.03
C GLY A 391 2.03 -45.10 51.23
N ASP A 392 2.27 -44.43 50.11
CA ASP A 392 2.44 -42.97 50.10
C ASP A 392 1.07 -42.30 50.21
N TRP A 393 0.48 -42.43 51.40
CA TRP A 393 -0.81 -41.84 51.70
C TRP A 393 -0.99 -41.81 53.20
N ASP A 394 -2.02 -41.08 53.64
CA ASP A 394 -2.25 -40.84 55.06
C ASP A 394 -3.70 -41.11 55.42
N VAL A 395 -3.90 -41.58 56.65
CA VAL A 395 -5.22 -41.79 57.22
C VAL A 395 -5.59 -40.54 58.01
N THR A 396 -6.69 -39.88 57.63
CA THR A 396 -7.12 -38.69 58.34
C THR A 396 -7.48 -39.03 59.80
N LYS A 397 -8.31 -40.04 60.00
CA LYS A 397 -8.67 -40.51 61.33
C LYS A 397 -9.39 -41.84 61.19
N ILE A 398 -9.39 -42.62 62.26
CA ILE A 398 -9.97 -43.96 62.25
C ILE A 398 -11.45 -43.86 62.58
N LEU A 399 -12.29 -44.38 61.68
CA LEU A 399 -13.73 -44.37 61.94
C LEU A 399 -14.08 -45.30 63.09
N ALA A 400 -13.78 -46.59 62.95
CA ALA A 400 -14.18 -47.55 63.97
C ALA A 400 -13.38 -48.83 63.81
N TYR A 401 -13.53 -49.73 64.79
CA TYR A 401 -12.87 -51.03 64.77
C TYR A 401 -13.86 -52.11 65.15
N ASP A 402 -13.81 -53.24 64.43
CA ASP A 402 -14.72 -54.36 64.65
C ASP A 402 -14.01 -55.42 65.49
N GLU A 403 -14.45 -55.56 66.74
CA GLU A 403 -13.91 -56.61 67.61
C GLU A 403 -14.43 -57.99 67.24
N LYS A 404 -15.52 -58.07 66.48
CA LYS A 404 -16.07 -59.35 66.02
C LYS A 404 -15.47 -59.73 64.67
N GLY A 405 -14.14 -59.90 64.67
CA GLY A 405 -13.43 -60.22 63.46
C GLY A 405 -12.30 -59.25 63.17
N ASN A 406 -12.28 -58.69 61.96
CA ASN A 406 -11.23 -57.75 61.57
C ASN A 406 -11.79 -56.78 60.53
N LYS A 407 -12.17 -55.58 60.99
CA LYS A 407 -12.66 -54.54 60.10
C LYS A 407 -12.42 -53.20 60.78
N ILE A 408 -11.35 -52.50 60.38
CA ILE A 408 -11.05 -51.16 60.87
C ILE A 408 -11.38 -50.18 59.75
N TYR A 409 -12.34 -49.30 60.00
CA TYR A 409 -12.79 -48.32 59.03
C TYR A 409 -12.19 -46.96 59.33
N PHE A 410 -11.80 -46.26 58.28
CA PHE A 410 -11.16 -44.96 58.41
C PHE A 410 -11.30 -44.21 57.08
N LEU A 411 -11.10 -42.89 57.15
CA LEU A 411 -11.03 -42.05 55.97
C LEU A 411 -9.58 -41.75 55.64
N SER A 412 -9.26 -41.68 54.36
CA SER A 412 -7.87 -41.49 53.96
C SER A 412 -7.79 -40.74 52.63
N THR A 413 -6.60 -40.21 52.36
CA THR A 413 -6.29 -39.52 51.12
C THR A 413 -5.51 -40.41 50.16
N GLU A 414 -5.82 -41.71 50.15
CA GLU A 414 -5.10 -42.63 49.27
C GLU A 414 -5.32 -42.28 47.81
N ASP A 415 -6.55 -41.97 47.43
CA ASP A 415 -6.83 -41.55 46.06
C ASP A 415 -6.08 -40.26 45.71
N LEU A 416 -6.41 -39.19 46.42
CA LEU A 416 -5.75 -37.90 46.23
C LEU A 416 -5.70 -37.19 47.59
N PRO A 417 -4.73 -36.31 47.79
CA PRO A 417 -4.70 -35.55 49.06
C PRO A 417 -5.95 -34.71 49.28
N ARG A 418 -6.57 -34.22 48.21
CA ARG A 418 -7.78 -33.42 48.30
C ARG A 418 -9.05 -34.25 48.25
N ARG A 419 -8.93 -35.57 48.24
CA ARG A 419 -10.09 -36.46 48.25
C ARG A 419 -10.02 -37.37 49.47
N ARG A 420 -11.19 -37.68 50.02
CA ARG A 420 -11.30 -38.53 51.20
C ARG A 420 -12.12 -39.75 50.83
N GLN A 421 -11.52 -40.94 50.98
CA GLN A 421 -12.17 -42.19 50.67
C GLN A 421 -12.15 -43.11 51.89
N LEU A 422 -13.16 -43.96 52.00
CA LEU A 422 -13.30 -44.87 53.12
C LEU A 422 -12.54 -46.16 52.83
N TYR A 423 -11.66 -46.54 53.74
CA TYR A 423 -10.90 -47.78 53.65
C TYR A 423 -11.03 -48.57 54.94
N SER A 424 -11.17 -49.88 54.81
CA SER A 424 -11.30 -50.79 55.94
C SER A 424 -10.25 -51.88 55.82
N ALA A 425 -9.38 -51.96 56.82
CA ALA A 425 -8.30 -52.94 56.86
C ALA A 425 -8.61 -54.01 57.90
N ASN A 426 -7.71 -54.98 58.03
CA ASN A 426 -7.85 -56.09 58.96
C ASN A 426 -6.69 -56.08 59.96
N THR A 427 -7.01 -56.37 61.22
CA THR A 427 -5.99 -56.39 62.27
C THR A 427 -5.02 -57.55 62.11
N VAL A 428 -5.44 -58.65 61.49
CA VAL A 428 -4.58 -59.81 61.28
C VAL A 428 -3.55 -59.45 60.22
N GLY A 429 -2.49 -60.26 60.09
CA GLY A 429 -1.32 -59.88 59.32
C GLY A 429 -1.55 -59.66 57.84
N ASN A 430 -2.69 -60.10 57.30
CA ASN A 430 -2.95 -59.90 55.87
C ASN A 430 -3.05 -58.42 55.53
N PHE A 431 -3.74 -57.64 56.38
CA PHE A 431 -3.93 -56.21 56.18
C PHE A 431 -4.62 -55.93 54.84
N ASN A 432 -5.83 -56.45 54.72
CA ASN A 432 -6.64 -56.26 53.51
C ASN A 432 -7.44 -54.97 53.67
N ARG A 433 -6.91 -53.88 53.13
CA ARG A 433 -7.57 -52.58 53.20
C ARG A 433 -8.49 -52.44 51.98
N GLN A 434 -9.79 -52.38 52.23
CA GLN A 434 -10.79 -52.37 51.17
C GLN A 434 -11.48 -51.01 51.13
N CYS A 435 -11.64 -50.46 49.93
CA CYS A 435 -12.45 -49.26 49.74
C CYS A 435 -13.92 -49.68 49.61
N LEU A 436 -14.77 -49.18 50.50
CA LEU A 436 -16.17 -49.54 50.52
C LEU A 436 -17.07 -48.54 49.82
N SER A 437 -16.85 -47.24 50.03
CA SER A 437 -17.65 -46.24 49.35
C SER A 437 -17.12 -46.00 47.94
N CYS A 438 -15.84 -45.65 47.82
CA CYS A 438 -15.20 -45.38 46.53
C CYS A 438 -15.96 -44.32 45.75
N ASP A 439 -16.84 -44.75 44.85
CA ASP A 439 -17.61 -43.87 43.98
C ASP A 439 -19.07 -44.27 43.99
N LEU A 440 -19.64 -44.41 45.19
CA LEU A 440 -21.06 -44.75 45.31
C LEU A 440 -21.93 -43.75 44.57
N VAL A 441 -21.64 -42.46 44.72
CA VAL A 441 -22.30 -41.40 43.97
C VAL A 441 -21.22 -40.57 43.29
N GLU A 442 -21.48 -40.17 42.04
CA GLU A 442 -20.45 -39.49 41.26
C GLU A 442 -20.02 -38.18 41.91
N ASN A 443 -20.97 -37.39 42.39
CA ASN A 443 -20.67 -36.09 42.99
C ASN A 443 -20.26 -36.22 44.46
N CYS A 444 -19.30 -37.10 44.73
CA CYS A 444 -18.83 -37.34 46.09
C CYS A 444 -17.35 -37.71 46.03
N THR A 445 -16.48 -36.72 46.24
CA THR A 445 -15.06 -36.98 46.47
C THR A 445 -14.68 -36.91 47.94
N TYR A 446 -15.28 -35.98 48.69
CA TYR A 446 -15.16 -36.00 50.14
C TYR A 446 -16.13 -37.04 50.70
N PHE A 447 -15.75 -37.66 51.81
CA PHE A 447 -16.59 -38.67 52.44
C PHE A 447 -16.46 -38.57 53.95
N SER A 448 -17.51 -38.98 54.64
CA SER A 448 -17.51 -39.03 56.10
C SER A 448 -18.54 -40.08 56.53
N ALA A 449 -18.06 -41.19 57.08
CA ALA A 449 -18.94 -42.29 57.45
C ALA A 449 -18.95 -42.47 58.96
N SER A 450 -20.14 -42.48 59.54
CA SER A 450 -20.35 -42.74 60.96
C SER A 450 -21.01 -44.10 61.10
N PHE A 451 -20.31 -45.04 61.72
CA PHE A 451 -20.76 -46.42 61.77
C PHE A 451 -21.57 -46.70 63.04
N SER A 452 -22.43 -47.71 62.96
CA SER A 452 -23.36 -48.04 64.03
C SER A 452 -22.65 -48.81 65.14
N HIS A 453 -23.41 -49.15 66.18
CA HIS A 453 -22.85 -49.85 67.33
C HIS A 453 -22.38 -51.26 66.96
N SER A 454 -23.17 -51.98 66.18
CA SER A 454 -22.73 -53.26 65.63
C SER A 454 -22.10 -53.10 64.26
N MET A 455 -22.02 -51.87 63.75
CA MET A 455 -21.17 -51.50 62.62
C MET A 455 -21.70 -52.02 61.29
N ASP A 456 -22.77 -52.84 61.33
CA ASP A 456 -23.34 -53.36 60.10
C ASP A 456 -23.96 -52.28 59.23
N PHE A 457 -24.21 -51.10 59.79
CA PHE A 457 -24.78 -49.98 59.05
C PHE A 457 -24.00 -48.71 59.38
N PHE A 458 -24.04 -47.74 58.46
CA PHE A 458 -23.35 -46.48 58.67
C PHE A 458 -24.05 -45.39 57.88
N LEU A 459 -23.71 -44.15 58.23
CA LEU A 459 -24.24 -42.96 57.58
C LEU A 459 -23.11 -42.27 56.84
N LEU A 460 -23.30 -42.04 55.55
CA LEU A 460 -22.27 -41.47 54.67
C LEU A 460 -22.67 -40.07 54.27
N LYS A 461 -21.76 -39.12 54.47
CA LYS A 461 -21.94 -37.73 54.09
C LYS A 461 -20.89 -37.37 53.04
N CYS A 462 -21.34 -36.75 51.95
CA CYS A 462 -20.47 -36.45 50.81
C CYS A 462 -19.77 -35.11 50.97
N GLU A 463 -20.55 -34.03 51.09
CA GLU A 463 -20.02 -32.67 51.26
C GLU A 463 -19.10 -32.29 50.10
N GLY A 464 -19.70 -32.20 48.92
CA GLY A 464 -19.00 -31.75 47.74
C GLY A 464 -18.47 -32.87 46.88
N PRO A 465 -17.87 -32.52 45.72
CA PRO A 465 -17.67 -31.14 45.26
C PRO A 465 -18.94 -30.53 44.67
N GLY A 466 -20.02 -31.29 44.66
CA GLY A 466 -21.33 -30.81 44.29
C GLY A 466 -22.17 -30.47 45.50
N VAL A 467 -23.48 -30.66 45.38
CA VAL A 467 -24.36 -30.48 46.53
C VAL A 467 -24.01 -31.51 47.60
N PRO A 468 -23.90 -31.14 48.87
CA PRO A 468 -23.62 -32.13 49.91
C PRO A 468 -24.72 -33.18 49.98
N MET A 469 -24.34 -34.39 50.36
CA MET A 469 -25.23 -35.52 50.37
C MET A 469 -25.15 -36.26 51.70
N VAL A 470 -26.30 -36.73 52.18
CA VAL A 470 -26.37 -37.57 53.38
C VAL A 470 -27.18 -38.81 53.02
N THR A 471 -26.65 -39.98 53.35
CA THR A 471 -27.28 -41.23 52.94
C THR A 471 -27.00 -42.29 53.99
N VAL A 472 -27.84 -43.33 54.01
CA VAL A 472 -27.68 -44.47 54.90
C VAL A 472 -27.25 -45.66 54.07
N HIS A 473 -26.22 -46.37 54.53
CA HIS A 473 -25.67 -47.51 53.81
C HIS A 473 -25.40 -48.64 54.79
N ASN A 474 -25.20 -49.84 54.25
CA ASN A 474 -24.79 -51.00 55.01
C ASN A 474 -23.36 -51.37 54.66
N THR A 475 -22.54 -51.65 55.68
CA THR A 475 -21.13 -51.91 55.45
C THR A 475 -20.88 -53.18 54.63
N THR A 476 -21.82 -54.13 54.65
CA THR A 476 -21.59 -55.39 53.95
C THR A 476 -21.92 -55.26 52.47
N ASP A 477 -23.16 -54.91 52.15
CA ASP A 477 -23.58 -54.82 50.75
C ASP A 477 -23.19 -53.50 50.11
N LYS A 478 -22.84 -52.48 50.90
CA LYS A 478 -22.57 -51.13 50.38
C LYS A 478 -23.75 -50.65 49.53
N LYS A 479 -24.96 -50.88 50.03
CA LYS A 479 -26.18 -50.66 49.29
C LYS A 479 -26.94 -49.45 49.85
N LYS A 480 -27.41 -48.60 48.94
CA LYS A 480 -28.22 -47.44 49.31
C LYS A 480 -29.69 -47.86 49.23
N MET A 481 -30.26 -48.25 50.37
CA MET A 481 -31.68 -48.59 50.40
C MET A 481 -32.54 -47.34 50.30
N PHE A 482 -32.06 -46.21 50.82
CA PHE A 482 -32.76 -44.94 50.72
C PHE A 482 -31.76 -43.83 51.00
N ASP A 483 -32.18 -42.59 50.74
CA ASP A 483 -31.35 -41.42 50.96
C ASP A 483 -31.83 -40.68 52.21
N LEU A 484 -30.91 -40.41 53.13
CA LEU A 484 -31.27 -39.68 54.34
C LEU A 484 -31.57 -38.23 54.05
N GLU A 485 -30.72 -37.58 53.25
CA GLU A 485 -30.93 -36.18 52.92
C GLU A 485 -30.15 -35.85 51.65
N THR A 486 -30.83 -35.26 50.67
CA THR A 486 -30.20 -34.85 49.42
C THR A 486 -29.91 -33.37 49.35
N ASN A 487 -30.28 -32.61 50.38
CA ASN A 487 -30.10 -31.15 50.40
C ASN A 487 -30.80 -30.50 49.20
N GLU A 488 -32.12 -30.71 49.16
CA GLU A 488 -32.90 -30.31 47.98
C GLU A 488 -32.84 -28.81 47.75
N HIS A 489 -32.94 -28.02 48.84
CA HIS A 489 -32.84 -26.57 48.71
C HIS A 489 -31.49 -26.17 48.13
N VAL A 490 -30.42 -26.86 48.53
CA VAL A 490 -29.10 -26.56 47.99
C VAL A 490 -29.05 -26.83 46.50
N LYS A 491 -29.63 -27.95 46.06
CA LYS A 491 -29.66 -28.26 44.63
C LYS A 491 -30.46 -27.22 43.86
N LYS A 492 -31.63 -26.84 44.38
CA LYS A 492 -32.44 -25.87 43.66
C LYS A 492 -31.81 -24.48 43.65
N ALA A 493 -30.98 -24.18 44.66
CA ALA A 493 -30.28 -22.90 44.66
C ALA A 493 -29.11 -22.91 43.68
N ILE A 494 -28.34 -23.99 43.66
CA ILE A 494 -27.18 -24.06 42.77
C ILE A 494 -27.63 -24.13 41.31
N ASN A 495 -28.74 -24.81 41.03
CA ASN A 495 -29.24 -24.88 39.65
C ASN A 495 -29.65 -23.50 39.14
N ASP A 496 -30.27 -22.69 40.00
CA ASP A 496 -30.78 -21.38 39.59
C ASP A 496 -29.73 -20.29 39.62
N ARG A 497 -28.49 -20.60 40.01
CA ARG A 497 -27.43 -19.61 40.11
C ARG A 497 -26.23 -20.06 39.31
N GLN A 498 -25.41 -19.09 38.89
CA GLN A 498 -24.25 -19.38 38.07
C GLN A 498 -23.18 -20.06 38.88
N MET A 499 -23.17 -21.39 38.87
CA MET A 499 -22.14 -22.14 39.58
C MET A 499 -20.78 -21.88 38.93
N PRO A 500 -19.74 -21.63 39.71
CA PRO A 500 -18.41 -21.39 39.12
C PRO A 500 -17.73 -22.71 38.76
N LYS A 501 -17.04 -22.70 37.62
CA LYS A 501 -16.34 -23.90 37.17
C LYS A 501 -15.09 -24.11 38.00
N VAL A 502 -15.01 -25.26 38.66
CA VAL A 502 -13.88 -25.62 39.51
C VAL A 502 -12.89 -26.43 38.70
N GLU A 503 -11.61 -26.09 38.78
CA GLU A 503 -10.59 -26.91 38.15
C GLU A 503 -9.33 -26.84 38.98
N TYR A 504 -8.40 -27.76 38.71
CA TYR A 504 -7.19 -27.89 39.51
C TYR A 504 -5.97 -27.87 38.61
N ARG A 505 -4.92 -27.21 39.08
CA ARG A 505 -3.62 -27.18 38.39
C ARG A 505 -2.54 -27.24 39.48
N ASP A 506 -2.11 -28.45 39.81
CA ASP A 506 -1.16 -28.64 40.89
C ASP A 506 0.25 -28.24 40.43
N ILE A 507 1.04 -27.74 41.37
CA ILE A 507 2.40 -27.31 41.10
C ILE A 507 3.36 -28.25 41.80
N GLU A 508 4.61 -28.25 41.35
CA GLU A 508 5.66 -29.06 41.95
C GLU A 508 6.86 -28.17 42.25
N ILE A 509 7.31 -28.16 43.50
CA ILE A 509 8.48 -27.39 43.91
C ILE A 509 9.31 -28.25 44.87
N ASP A 510 10.62 -28.29 44.62
CA ASP A 510 11.54 -29.12 45.41
C ASP A 510 11.04 -30.55 45.38
N ASP A 511 10.80 -31.21 46.51
CA ASP A 511 10.25 -32.55 46.54
C ASP A 511 8.81 -32.58 47.00
N TYR A 512 8.10 -31.46 46.88
CA TYR A 512 6.72 -31.35 47.34
C TYR A 512 5.82 -30.93 46.17
N ASN A 513 4.73 -31.67 46.00
CA ASN A 513 3.68 -31.30 45.06
C ASN A 513 2.57 -30.60 45.83
N LEU A 514 2.29 -29.36 45.46
CA LEU A 514 1.27 -28.55 46.13
C LEU A 514 0.04 -28.46 45.26
N PRO A 515 -1.09 -29.01 45.69
CA PRO A 515 -2.32 -28.87 44.90
C PRO A 515 -2.78 -27.43 44.85
N MET A 516 -3.44 -27.08 43.74
CA MET A 516 -3.94 -25.74 43.53
C MET A 516 -5.30 -25.83 42.86
N GLN A 517 -6.22 -24.97 43.27
CA GLN A 517 -7.57 -24.89 42.71
C GLN A 517 -7.81 -23.49 42.16
N ILE A 518 -8.39 -23.44 40.97
CA ILE A 518 -8.69 -22.21 40.24
C ILE A 518 -10.13 -22.29 39.74
N LEU A 519 -10.81 -21.15 39.78
CA LEU A 519 -12.23 -21.07 39.48
C LEU A 519 -12.48 -20.21 38.26
N LYS A 520 -13.63 -20.43 37.63
CA LYS A 520 -14.08 -19.66 36.48
C LYS A 520 -15.53 -19.23 36.67
N PRO A 521 -15.93 -18.12 36.05
CA PRO A 521 -17.28 -17.58 36.29
C PRO A 521 -18.36 -18.26 35.46
N ALA A 522 -18.06 -19.43 34.92
CA ALA A 522 -18.94 -20.20 34.03
C ALA A 522 -19.21 -19.49 32.72
N THR A 523 -18.48 -18.41 32.41
CA THR A 523 -18.55 -17.70 31.15
C THR A 523 -17.14 -17.42 30.64
N PHE A 524 -16.25 -18.40 30.80
CA PHE A 524 -14.85 -18.19 30.47
C PHE A 524 -14.66 -18.03 28.97
N THR A 525 -13.85 -17.05 28.59
CA THR A 525 -13.48 -16.79 27.20
C THR A 525 -12.00 -16.42 27.17
N ASP A 526 -11.53 -16.01 25.99
CA ASP A 526 -10.17 -15.52 25.82
C ASP A 526 -10.10 -14.02 25.62
N THR A 527 -11.07 -13.42 24.93
CA THR A 527 -11.06 -11.98 24.70
C THR A 527 -11.22 -11.19 25.99
N THR A 528 -11.68 -11.82 27.07
CA THR A 528 -11.80 -11.17 28.36
C THR A 528 -10.56 -11.45 29.20
N HIS A 529 -10.10 -10.44 29.93
CA HIS A 529 -8.97 -10.58 30.84
C HIS A 529 -9.47 -10.87 32.25
N TYR A 530 -8.80 -11.80 32.92
CA TYR A 530 -9.24 -12.27 34.23
C TYR A 530 -8.26 -11.81 35.29
N PRO A 531 -8.59 -10.80 36.10
CA PRO A 531 -7.64 -10.35 37.13
C PRO A 531 -7.46 -11.40 38.22
N LEU A 532 -6.21 -11.75 38.47
CA LEU A 532 -5.89 -12.78 39.45
C LEU A 532 -6.05 -12.22 40.87
N LEU A 533 -6.58 -13.06 41.76
CA LEU A 533 -6.70 -12.72 43.17
C LEU A 533 -6.27 -13.94 43.97
N LEU A 534 -5.02 -13.95 44.41
CA LEU A 534 -4.52 -14.99 45.29
C LEU A 534 -5.27 -14.98 46.60
N VAL A 535 -5.56 -16.17 47.12
CA VAL A 535 -6.08 -16.35 48.47
C VAL A 535 -5.11 -17.25 49.22
N VAL A 536 -4.58 -16.75 50.33
CA VAL A 536 -3.59 -17.48 51.12
C VAL A 536 -4.11 -17.63 52.54
N ASP A 537 -4.05 -18.85 53.07
CA ASP A 537 -4.31 -19.10 54.48
C ASP A 537 -3.05 -19.58 55.19
N GLY A 538 -2.43 -20.66 54.70
CA GLY A 538 -1.14 -21.10 55.20
C GLY A 538 -1.13 -21.48 56.67
N THR A 539 -2.24 -22.00 57.18
CA THR A 539 -2.28 -22.40 58.58
C THR A 539 -1.43 -23.64 58.78
N PRO A 540 -0.42 -23.59 59.65
CA PRO A 540 0.40 -24.80 59.89
C PRO A 540 -0.45 -25.94 60.44
N GLY A 541 -0.15 -27.15 59.98
CA GLY A 541 -0.95 -28.29 60.37
C GLY A 541 -2.36 -28.28 59.82
N SER A 542 -2.59 -27.65 58.68
CA SER A 542 -3.92 -27.55 58.10
C SER A 542 -3.81 -27.64 56.58
N GLN A 543 -4.93 -28.01 55.96
CA GLN A 543 -5.03 -28.11 54.51
C GLN A 543 -5.95 -27.01 54.00
N SER A 544 -5.50 -26.28 52.97
CA SER A 544 -6.25 -25.15 52.44
C SER A 544 -6.87 -25.40 51.08
N VAL A 545 -6.38 -26.38 50.33
CA VAL A 545 -6.91 -26.70 49.00
C VAL A 545 -7.48 -28.10 49.04
N ALA A 546 -8.74 -28.23 48.66
CA ALA A 546 -9.41 -29.52 48.67
C ALA A 546 -10.61 -29.45 47.73
N GLU A 547 -11.28 -30.59 47.55
CA GLU A 547 -12.41 -30.71 46.65
C GLU A 547 -13.75 -30.58 47.35
N LYS A 548 -13.82 -29.76 48.41
CA LYS A 548 -15.07 -29.57 49.13
C LYS A 548 -15.93 -28.52 48.43
N PHE A 549 -17.22 -28.54 48.75
CA PHE A 549 -18.15 -27.56 48.24
C PHE A 549 -18.24 -26.39 49.21
N GLU A 550 -18.33 -25.18 48.65
CA GLU A 550 -18.35 -23.98 49.48
C GLU A 550 -19.18 -22.89 48.80
N VAL A 551 -19.66 -21.97 49.63
CA VAL A 551 -20.26 -20.71 49.16
C VAL A 551 -19.66 -19.60 50.00
N SER A 552 -18.90 -18.71 49.36
CA SER A 552 -18.12 -17.72 50.09
C SER A 552 -17.99 -16.46 49.24
N TRP A 553 -17.21 -15.50 49.73
CA TRP A 553 -17.02 -14.24 49.02
C TRP A 553 -16.35 -14.46 47.67
N GLU A 554 -15.43 -15.41 47.59
CA GLU A 554 -14.78 -15.71 46.32
C GLU A 554 -15.79 -16.13 45.27
N THR A 555 -16.75 -16.98 45.66
CA THR A 555 -17.81 -17.39 44.75
C THR A 555 -18.57 -16.18 44.22
N VAL A 556 -18.95 -15.27 45.12
CA VAL A 556 -19.75 -14.10 44.72
C VAL A 556 -18.97 -13.22 43.76
N MET A 557 -17.69 -12.96 44.07
CA MET A 557 -16.92 -12.05 43.24
C MET A 557 -16.57 -12.68 41.90
N VAL A 558 -16.30 -13.99 41.87
CA VAL A 558 -16.11 -14.68 40.59
C VAL A 558 -17.38 -14.60 39.75
N SER A 559 -18.53 -14.86 40.38
CA SER A 559 -19.80 -14.85 39.65
C SER A 559 -20.11 -13.45 39.12
N SER A 560 -19.82 -12.41 39.90
CA SER A 560 -20.27 -11.08 39.54
C SER A 560 -19.29 -10.39 38.59
N HIS A 561 -17.99 -10.65 38.72
CA HIS A 561 -17.00 -9.93 37.94
C HIS A 561 -15.95 -10.82 37.30
N GLY A 562 -15.98 -12.13 37.52
CA GLY A 562 -15.10 -13.03 36.80
C GLY A 562 -13.62 -12.81 37.02
N ALA A 563 -13.22 -12.60 38.28
CA ALA A 563 -11.81 -12.50 38.63
C ALA A 563 -11.37 -13.84 39.20
N VAL A 564 -10.36 -14.45 38.56
CA VAL A 564 -9.95 -15.81 38.92
C VAL A 564 -9.34 -15.81 40.31
N VAL A 565 -9.73 -16.80 41.12
CA VAL A 565 -9.24 -16.95 42.48
C VAL A 565 -8.37 -18.21 42.55
N VAL A 566 -7.15 -18.06 43.06
CA VAL A 566 -6.17 -19.14 43.10
C VAL A 566 -5.96 -19.53 44.56
N LYS A 567 -6.07 -20.82 44.85
CA LYS A 567 -5.73 -21.34 46.17
C LYS A 567 -4.67 -22.43 45.99
N CYS A 568 -3.55 -22.29 46.72
CA CYS A 568 -2.46 -23.24 46.63
C CYS A 568 -2.04 -23.65 48.04
N ASP A 569 -1.88 -24.96 48.25
CA ASP A 569 -1.41 -25.49 49.53
C ASP A 569 0.10 -25.27 49.61
N GLY A 570 0.47 -24.09 50.10
CA GLY A 570 1.87 -23.74 50.27
C GLY A 570 2.59 -24.65 51.24
N ARG A 571 3.90 -24.45 51.38
CA ARG A 571 4.68 -25.28 52.29
C ARG A 571 4.17 -25.13 53.72
N GLY A 572 4.05 -26.27 54.41
CA GLY A 572 3.44 -26.34 55.72
C GLY A 572 2.06 -26.97 55.73
N SER A 573 1.49 -27.25 54.57
CA SER A 573 0.17 -27.88 54.52
C SER A 573 0.25 -29.30 55.07
N GLY A 574 -0.82 -29.71 55.76
CA GLY A 574 -0.86 -31.01 56.39
C GLY A 574 -1.32 -32.12 55.46
N PHE A 575 -1.31 -33.34 56.00
CA PHE A 575 -1.77 -34.54 55.31
C PHE A 575 -0.98 -34.81 54.04
N GLN A 576 0.27 -34.35 53.99
CA GLN A 576 1.16 -34.62 52.85
C GLN A 576 2.56 -34.93 53.37
N GLY A 577 2.63 -35.75 54.41
CA GLY A 577 3.91 -36.12 54.97
C GLY A 577 4.43 -35.11 55.99
N THR A 578 4.99 -35.61 57.09
CA THR A 578 5.50 -34.73 58.13
C THR A 578 6.72 -33.94 57.67
N LYS A 579 7.35 -34.35 56.56
CA LYS A 579 8.49 -33.59 56.03
C LYS A 579 8.07 -32.18 55.65
N LEU A 580 6.96 -32.04 54.93
CA LEU A 580 6.45 -30.72 54.57
C LEU A 580 6.01 -29.96 55.80
N LEU A 581 5.50 -30.66 56.80
CA LEU A 581 5.08 -30.02 58.04
C LEU A 581 6.26 -29.39 58.77
N HIS A 582 7.35 -30.14 58.94
CA HIS A 582 8.50 -29.68 59.70
C HIS A 582 9.52 -28.92 58.85
N GLU A 583 9.30 -28.80 57.54
CA GLU A 583 10.20 -28.01 56.70
C GLU A 583 10.20 -26.55 57.13
N VAL A 584 9.06 -26.02 57.53
CA VAL A 584 8.92 -24.61 57.85
C VAL A 584 9.20 -24.35 59.33
N ARG A 585 9.75 -25.34 60.02
CA ARG A 585 10.10 -25.17 61.43
C ARG A 585 11.09 -24.02 61.58
N ARG A 586 10.71 -23.01 62.37
CA ARG A 586 11.45 -21.77 62.55
C ARG A 586 11.61 -20.98 61.25
N ARG A 587 10.93 -21.40 60.19
CA ARG A 587 11.04 -20.77 58.87
C ARG A 587 9.66 -20.27 58.41
N LEU A 588 8.88 -19.73 59.32
CA LEU A 588 7.53 -19.29 58.99
C LEU A 588 7.56 -18.04 58.12
N GLY A 589 6.56 -17.94 57.23
CA GLY A 589 6.43 -16.79 56.37
C GLY A 589 7.60 -16.58 55.43
N LEU A 590 8.30 -17.65 55.06
CA LEU A 590 9.47 -17.55 54.21
C LEU A 590 9.41 -18.47 53.00
N LEU A 591 8.85 -19.67 53.16
CA LEU A 591 8.84 -20.66 52.09
C LEU A 591 7.50 -20.75 51.37
N GLU A 592 6.39 -20.49 52.07
CA GLU A 592 5.09 -20.47 51.41
C GLU A 592 5.00 -19.34 50.40
N GLU A 593 5.64 -18.20 50.71
CA GLU A 593 5.59 -17.06 49.81
C GLU A 593 6.33 -17.35 48.50
N LYS A 594 7.41 -18.14 48.56
CA LYS A 594 8.08 -18.60 47.35
C LYS A 594 7.12 -19.40 46.48
N ASP A 595 6.44 -20.37 47.10
CA ASP A 595 5.47 -21.19 46.37
C ASP A 595 4.38 -20.33 45.77
N GLN A 596 3.93 -19.32 46.51
CA GLN A 596 2.85 -18.48 46.02
C GLN A 596 3.28 -17.64 44.83
N MET A 597 4.47 -17.03 44.87
CA MET A 597 4.85 -16.23 43.71
C MET A 597 5.13 -17.11 42.50
N GLU A 598 5.73 -18.30 42.69
CA GLU A 598 5.96 -19.15 41.53
C GLU A 598 4.64 -19.63 40.94
N ALA A 599 3.67 -19.97 41.79
CA ALA A 599 2.36 -20.39 41.28
C ALA A 599 1.66 -19.28 40.54
N VAL A 600 1.69 -18.05 41.09
CA VAL A 600 1.02 -16.96 40.40
C VAL A 600 1.78 -16.55 39.15
N ARG A 601 3.10 -16.76 39.11
CA ARG A 601 3.84 -16.54 37.86
C ARG A 601 3.40 -17.54 36.80
N THR A 602 3.24 -18.81 37.18
CA THR A 602 2.76 -19.82 36.23
C THR A 602 1.37 -19.47 35.73
N MET A 603 0.49 -19.02 36.63
CA MET A 603 -0.86 -18.63 36.22
C MET A 603 -0.87 -17.29 35.48
N LEU A 604 0.17 -16.48 35.64
CA LEU A 604 0.28 -15.16 35.02
C LEU A 604 0.90 -15.22 33.64
N LYS A 605 1.56 -16.33 33.30
CA LYS A 605 2.01 -16.51 31.93
C LYS A 605 0.85 -16.57 30.95
N GLU A 606 -0.37 -16.81 31.43
CA GLU A 606 -1.55 -16.77 30.57
C GLU A 606 -1.84 -15.33 30.15
N GLN A 607 -2.09 -15.14 28.85
CA GLN A 607 -2.35 -13.79 28.36
C GLN A 607 -3.65 -13.22 28.92
N TYR A 608 -4.66 -14.07 29.09
CA TYR A 608 -5.92 -13.61 29.66
C TYR A 608 -5.81 -13.26 31.15
N ILE A 609 -4.62 -13.38 31.73
CA ILE A 609 -4.35 -12.91 33.09
C ILE A 609 -3.45 -11.69 32.98
N ASP A 610 -3.92 -10.55 33.48
CA ASP A 610 -3.25 -9.30 33.25
C ASP A 610 -2.28 -8.95 34.38
N ARG A 611 -1.34 -8.07 34.07
CA ARG A 611 -0.35 -7.58 35.03
C ARG A 611 -0.86 -6.37 35.80
N THR A 612 -1.70 -5.54 35.18
CA THR A 612 -2.20 -4.33 35.83
C THR A 612 -3.05 -4.67 37.05
N ARG A 613 -3.90 -5.69 36.95
CA ARG A 613 -4.84 -6.05 38.00
C ARG A 613 -4.42 -7.38 38.62
N VAL A 614 -3.74 -7.31 39.76
CA VAL A 614 -3.35 -8.48 40.53
C VAL A 614 -3.60 -8.18 42.00
N ALA A 615 -4.24 -9.12 42.71
CA ALA A 615 -4.60 -8.92 44.11
C ALA A 615 -4.17 -10.12 44.95
N VAL A 616 -3.98 -9.86 46.23
CA VAL A 616 -3.70 -10.90 47.22
C VAL A 616 -4.60 -10.69 48.42
N PHE A 617 -5.06 -11.79 49.01
CA PHE A 617 -5.99 -11.73 50.12
C PHE A 617 -5.68 -12.86 51.09
N GLY A 618 -6.02 -12.64 52.35
CA GLY A 618 -5.84 -13.66 53.38
C GLY A 618 -6.41 -13.17 54.69
N LYS A 619 -6.63 -14.12 55.59
CA LYS A 619 -7.13 -13.82 56.93
C LYS A 619 -6.26 -14.54 57.95
N ASP A 620 -6.22 -13.97 59.16
CA ASP A 620 -5.41 -14.51 60.27
C ASP A 620 -3.96 -14.55 59.79
N TYR A 621 -3.24 -15.66 59.99
CA TYR A 621 -1.90 -15.80 59.43
C TYR A 621 -1.88 -15.61 57.92
N GLY A 622 -2.95 -16.05 57.25
CA GLY A 622 -3.05 -15.81 55.82
C GLY A 622 -3.07 -14.34 55.49
N GLY A 623 -3.65 -13.52 56.37
CA GLY A 623 -3.58 -12.09 56.19
C GLY A 623 -2.16 -11.57 56.21
N TYR A 624 -1.35 -12.04 57.17
CA TYR A 624 0.04 -11.62 57.22
C TYR A 624 0.79 -12.06 55.98
N LEU A 625 0.55 -13.29 55.53
CA LEU A 625 1.20 -13.73 54.29
C LEU A 625 0.78 -12.86 53.11
N SER A 626 -0.51 -12.55 53.01
CA SER A 626 -1.01 -11.65 51.97
C SER A 626 -0.25 -10.33 52.01
N THR A 627 -0.07 -9.76 53.20
CA THR A 627 0.76 -8.57 53.32
C THR A 627 2.19 -8.82 52.86
N TYR A 628 2.72 -10.01 53.16
CA TYR A 628 4.07 -10.39 52.82
C TYR A 628 4.25 -10.64 51.33
N ILE A 629 3.17 -10.64 50.55
CA ILE A 629 3.26 -10.86 49.11
C ILE A 629 2.99 -9.56 48.37
N LEU A 630 3.43 -8.43 48.94
CA LEU A 630 3.43 -7.15 48.25
C LEU A 630 4.87 -6.72 47.95
N PRO A 631 5.53 -7.38 46.98
CA PRO A 631 6.89 -6.99 46.64
C PRO A 631 6.95 -6.00 45.49
N ALA A 632 8.17 -5.62 45.11
CA ALA A 632 8.44 -4.93 43.85
C ALA A 632 9.33 -5.87 43.06
N LYS A 633 8.78 -6.47 42.00
CA LYS A 633 9.49 -7.49 41.24
C LYS A 633 10.61 -6.81 40.47
N GLY A 634 11.82 -6.88 41.02
CA GLY A 634 12.89 -6.03 40.51
C GLY A 634 12.57 -4.58 40.76
N GLU A 635 12.93 -3.73 39.81
CA GLU A 635 12.55 -2.32 39.84
C GLU A 635 11.81 -1.87 38.60
N ASN A 636 12.23 -2.33 37.42
CA ASN A 636 11.50 -2.01 36.20
C ASN A 636 10.13 -2.67 36.18
N GLN A 637 10.09 -3.97 36.48
CA GLN A 637 8.84 -4.73 36.47
C GLN A 637 8.15 -4.70 37.83
N GLY A 638 7.92 -3.50 38.35
CA GLY A 638 7.23 -3.36 39.62
C GLY A 638 5.75 -3.61 39.50
N GLN A 639 4.97 -3.10 40.45
CA GLN A 639 3.51 -3.29 40.46
C GLN A 639 3.15 -4.77 40.40
N THR A 640 3.81 -5.57 41.24
CA THR A 640 3.54 -7.00 41.28
C THR A 640 2.07 -7.26 41.60
N PHE A 641 1.46 -6.42 42.42
CA PHE A 641 0.04 -6.49 42.74
C PHE A 641 -0.58 -5.10 42.54
N THR A 642 -1.90 -5.04 42.66
CA THR A 642 -2.62 -3.78 42.51
C THR A 642 -3.35 -3.38 43.77
N CYS A 643 -4.11 -4.29 44.37
CA CYS A 643 -4.81 -4.05 45.63
C CYS A 643 -4.52 -5.20 46.58
N GLY A 644 -4.12 -4.88 47.80
CA GLY A 644 -3.82 -5.89 48.79
C GLY A 644 -4.65 -5.68 50.04
N SER A 645 -4.80 -6.77 50.80
CA SER A 645 -5.65 -6.74 51.97
C SER A 645 -5.23 -7.82 52.95
N ALA A 646 -5.75 -7.72 54.17
CA ALA A 646 -5.52 -8.70 55.22
C ALA A 646 -6.68 -8.61 56.20
N LEU A 647 -6.83 -9.64 57.02
CA LEU A 647 -7.90 -9.71 58.03
C LEU A 647 -7.28 -10.13 59.35
N SER A 648 -7.05 -9.16 60.23
CA SER A 648 -6.43 -9.39 61.53
C SER A 648 -5.14 -10.21 61.43
N PRO A 649 -4.13 -9.70 60.74
CA PRO A 649 -2.91 -10.48 60.52
C PRO A 649 -2.03 -10.54 61.76
N ILE A 650 -1.03 -11.41 61.70
CA ILE A 650 -0.02 -11.56 62.75
C ILE A 650 1.35 -11.37 62.13
N THR A 651 2.06 -10.33 62.56
CA THR A 651 3.36 -9.98 62.00
C THR A 651 4.52 -10.30 62.93
N ASP A 652 4.42 -9.91 64.20
CA ASP A 652 5.46 -10.18 65.19
C ASP A 652 4.92 -11.21 66.17
N PHE A 653 5.39 -12.45 66.06
CA PHE A 653 4.82 -13.56 66.80
C PHE A 653 5.09 -13.49 68.30
N LYS A 654 6.01 -12.64 68.75
CA LYS A 654 6.20 -12.50 70.20
C LYS A 654 4.95 -11.97 70.88
N LEU A 655 4.04 -11.35 70.12
CA LEU A 655 2.75 -10.93 70.62
C LEU A 655 1.65 -11.96 70.36
N TYR A 656 2.01 -13.24 70.29
CA TYR A 656 1.04 -14.32 70.12
C TYR A 656 1.21 -15.36 71.21
N ALA A 657 0.23 -16.26 71.28
CA ALA A 657 0.18 -17.27 72.33
C ALA A 657 1.37 -18.22 72.22
N SER A 658 1.79 -18.75 73.39
CA SER A 658 2.94 -19.63 73.43
C SER A 658 2.68 -20.93 72.67
N ALA A 659 1.50 -21.52 72.83
CA ALA A 659 1.23 -22.83 72.24
C ALA A 659 1.29 -22.81 70.73
N PHE A 660 1.11 -21.64 70.10
CA PHE A 660 1.24 -21.51 68.65
C PHE A 660 2.64 -21.06 68.23
N SER A 661 3.14 -19.97 68.82
CA SER A 661 4.44 -19.45 68.41
C SER A 661 5.57 -20.43 68.72
N GLU A 662 5.64 -20.89 69.98
CA GLU A 662 6.71 -21.80 70.38
C GLU A 662 6.63 -23.15 69.69
N ARG A 663 5.46 -23.51 69.16
CA ARG A 663 5.32 -24.80 68.48
C ARG A 663 6.23 -24.88 67.26
N TYR A 664 6.53 -23.75 66.64
CA TYR A 664 7.33 -23.73 65.43
C TYR A 664 8.60 -22.89 65.54
N LEU A 665 8.60 -21.83 66.35
CA LEU A 665 9.72 -20.90 66.42
C LEU A 665 10.54 -21.09 67.69
N GLY A 666 10.26 -22.13 68.47
CA GLY A 666 10.95 -22.35 69.72
C GLY A 666 10.36 -21.53 70.86
N LEU A 667 10.62 -21.99 72.08
CA LEU A 667 10.10 -21.33 73.26
C LEU A 667 10.71 -19.94 73.41
N HIS A 668 9.87 -18.93 73.60
CA HIS A 668 10.33 -17.56 73.74
C HIS A 668 10.78 -17.29 75.17
N GLY A 669 11.42 -16.14 75.36
CA GLY A 669 11.99 -15.77 76.63
C GLY A 669 13.48 -16.02 76.76
N LEU A 670 14.13 -16.47 75.69
CA LEU A 670 15.56 -16.76 75.73
C LEU A 670 16.26 -16.25 74.48
N ASP A 671 15.63 -15.34 73.74
CA ASP A 671 16.17 -14.81 72.49
C ASP A 671 16.45 -15.94 71.49
N ASN A 672 15.35 -16.59 71.08
CA ASN A 672 15.46 -17.72 70.15
C ASN A 672 16.03 -17.30 68.80
N ARG A 673 15.96 -16.01 68.45
CA ARG A 673 16.58 -15.46 67.25
C ARG A 673 15.86 -15.92 65.97
N ALA A 674 14.83 -16.76 66.13
CA ALA A 674 14.03 -17.18 64.98
C ALA A 674 12.80 -16.31 64.75
N TYR A 675 12.29 -15.66 65.80
CA TYR A 675 11.08 -14.86 65.66
C TYR A 675 11.33 -13.59 64.84
N GLU A 676 12.59 -13.18 64.70
CA GLU A 676 12.92 -11.82 64.31
C GLU A 676 12.99 -11.59 62.81
N MET A 677 12.93 -12.62 61.98
CA MET A 677 12.82 -12.42 60.54
C MET A 677 11.39 -12.60 60.03
N THR A 678 10.43 -12.74 60.92
CA THR A 678 9.05 -13.03 60.56
C THR A 678 8.20 -11.77 60.44
N LYS A 679 8.77 -10.59 60.61
CA LYS A 679 8.00 -9.36 60.53
C LYS A 679 7.98 -8.83 59.10
N VAL A 680 6.78 -8.41 58.67
CA VAL A 680 6.60 -7.85 57.33
C VAL A 680 7.07 -6.40 57.25
N ALA A 681 7.68 -5.88 58.32
CA ALA A 681 8.12 -4.48 58.33
C ALA A 681 9.06 -4.18 57.17
N HIS A 682 10.00 -5.10 56.90
CA HIS A 682 10.90 -4.90 55.78
C HIS A 682 10.21 -5.11 54.43
N ARG A 683 9.17 -5.93 54.39
CA ARG A 683 8.45 -6.23 53.16
C ARG A 683 7.36 -5.23 52.84
N VAL A 684 7.13 -4.24 53.71
CA VAL A 684 6.11 -3.23 53.47
C VAL A 684 6.80 -1.90 53.23
N SER A 685 8.08 -1.96 52.83
CA SER A 685 8.88 -0.75 52.74
C SER A 685 8.47 0.11 51.56
N ALA A 686 8.61 -0.39 50.34
CA ALA A 686 8.36 0.43 49.16
C ALA A 686 6.90 0.84 49.05
N LEU A 687 6.03 -0.12 48.72
CA LEU A 687 4.58 0.05 48.69
C LEU A 687 4.17 1.42 48.17
N GLU A 688 4.60 1.71 46.94
CA GLU A 688 4.47 3.05 46.38
C GLU A 688 3.01 3.50 46.34
N GLU A 689 2.19 2.85 45.51
CA GLU A 689 0.81 3.26 45.32
C GLU A 689 -0.20 2.12 45.35
N GLN A 690 0.25 0.86 45.34
CA GLN A 690 -0.68 -0.26 45.36
C GLN A 690 -1.53 -0.23 46.61
N GLN A 691 -2.83 -0.47 46.44
CA GLN A 691 -3.77 -0.39 47.55
C GLN A 691 -3.46 -1.44 48.61
N PHE A 692 -3.58 -1.04 49.87
CA PHE A 692 -3.31 -1.91 51.00
C PHE A 692 -4.39 -1.67 52.06
N LEU A 693 -5.00 -2.75 52.54
CA LEU A 693 -6.18 -2.65 53.38
C LEU A 693 -6.09 -3.65 54.54
N ILE A 694 -6.75 -3.32 55.64
CA ILE A 694 -6.78 -4.16 56.82
C ILE A 694 -8.20 -4.21 57.36
N ILE A 695 -8.63 -5.41 57.76
CA ILE A 695 -9.87 -5.59 58.52
C ILE A 695 -9.50 -6.26 59.85
N HIS A 696 -10.00 -5.70 60.94
CA HIS A 696 -9.68 -6.27 62.25
C HIS A 696 -10.72 -5.87 63.28
N PRO A 697 -11.43 -6.83 63.88
CA PRO A 697 -12.31 -6.50 65.01
C PRO A 697 -11.51 -6.09 66.22
N THR A 698 -12.11 -5.23 67.04
CA THR A 698 -11.40 -4.68 68.19
C THR A 698 -11.08 -5.76 69.22
N ALA A 699 -12.05 -6.64 69.50
CA ALA A 699 -11.91 -7.65 70.55
C ALA A 699 -11.52 -9.01 70.00
N ASP A 700 -10.68 -9.05 68.97
CA ASP A 700 -10.24 -10.31 68.37
C ASP A 700 -9.27 -10.99 69.34
N GLU A 701 -9.79 -11.94 70.13
CA GLU A 701 -8.94 -12.64 71.06
C GLU A 701 -8.03 -13.66 70.37
N LYS A 702 -8.35 -14.05 69.13
CA LYS A 702 -7.47 -14.93 68.39
C LYS A 702 -6.15 -14.23 68.05
N ILE A 703 -6.23 -13.14 67.30
CA ILE A 703 -5.08 -12.28 67.03
C ILE A 703 -5.43 -10.89 67.52
N HIS A 704 -4.69 -10.41 68.51
CA HIS A 704 -5.02 -9.14 69.15
C HIS A 704 -4.90 -7.98 68.17
N PHE A 705 -5.77 -6.98 68.36
CA PHE A 705 -5.71 -5.77 67.55
C PHE A 705 -4.39 -5.03 67.75
N GLN A 706 -3.68 -5.30 68.84
CA GLN A 706 -2.34 -4.75 69.03
C GLN A 706 -1.45 -5.05 67.84
N HIS A 707 -1.60 -6.24 67.24
CA HIS A 707 -0.84 -6.55 66.02
C HIS A 707 -1.10 -5.51 64.95
N THR A 708 -2.37 -5.27 64.64
CA THR A 708 -2.72 -4.32 63.58
C THR A 708 -2.23 -2.92 63.91
N ALA A 709 -2.37 -2.52 65.18
CA ALA A 709 -1.92 -1.18 65.57
C ALA A 709 -0.41 -1.04 65.41
N GLU A 710 0.35 -2.11 65.74
CA GLU A 710 1.79 -2.05 65.54
C GLU A 710 2.15 -2.01 64.06
N LEU A 711 1.39 -2.71 63.23
CA LEU A 711 1.56 -2.56 61.78
C LEU A 711 1.32 -1.12 61.35
N ILE A 712 0.29 -0.47 61.91
CA ILE A 712 0.02 0.91 61.57
C ILE A 712 1.17 1.81 62.00
N THR A 713 1.73 1.55 63.18
CA THR A 713 2.88 2.32 63.65
C THR A 713 4.06 2.17 62.69
N GLN A 714 4.34 0.93 62.28
CA GLN A 714 5.45 0.69 61.38
C GLN A 714 5.21 1.32 60.02
N LEU A 715 3.95 1.30 59.55
CA LEU A 715 3.61 1.96 58.30
C LEU A 715 3.81 3.46 58.39
N ILE A 716 3.44 4.05 59.54
CA ILE A 716 3.65 5.47 59.76
C ILE A 716 5.14 5.79 59.71
N ARG A 717 5.97 4.98 60.36
CA ARG A 717 7.41 5.16 60.24
C ARG A 717 7.88 4.94 58.80
N GLY A 718 7.16 4.13 58.03
CA GLY A 718 7.53 3.86 56.65
C GLY A 718 6.89 4.83 55.66
N LYS A 719 5.79 5.46 56.08
CA LYS A 719 5.10 6.47 55.26
C LYS A 719 4.63 5.88 53.93
N ALA A 720 3.71 4.92 54.03
CA ALA A 720 3.12 4.27 52.86
C ALA A 720 1.60 4.36 52.93
N ASN A 721 0.98 4.55 51.77
CA ASN A 721 -0.46 4.70 51.71
C ASN A 721 -1.16 3.39 52.07
N TYR A 722 -2.27 3.50 52.80
CA TYR A 722 -2.97 2.33 53.32
C TYR A 722 -4.42 2.70 53.60
N SER A 723 -5.16 1.72 54.12
CA SER A 723 -6.52 1.93 54.59
C SER A 723 -6.78 0.97 55.75
N LEU A 724 -7.93 1.13 56.40
CA LEU A 724 -8.21 0.35 57.59
C LEU A 724 -9.70 0.40 57.90
N GLN A 725 -10.17 -0.66 58.57
CA GLN A 725 -11.55 -0.73 59.04
C GLN A 725 -11.56 -1.34 60.44
N ILE A 726 -12.65 -1.10 61.18
CA ILE A 726 -12.77 -1.49 62.57
C ILE A 726 -14.12 -2.15 62.79
N TYR A 727 -14.14 -3.21 63.58
CA TYR A 727 -15.36 -3.76 64.17
C TYR A 727 -15.24 -3.63 65.68
N PRO A 728 -15.87 -2.62 66.28
CA PRO A 728 -15.60 -2.29 67.69
C PRO A 728 -16.29 -3.28 68.63
N ASP A 729 -15.48 -4.02 69.38
CA ASP A 729 -15.95 -4.90 70.46
C ASP A 729 -16.81 -6.05 69.93
N GLU A 730 -16.20 -6.86 69.06
CA GLU A 730 -16.76 -8.15 68.66
C GLU A 730 -15.65 -9.17 68.63
N SER A 731 -16.03 -10.45 68.76
CA SER A 731 -15.07 -11.53 68.77
C SER A 731 -14.51 -11.74 67.35
N HIS A 732 -13.68 -12.77 67.21
CA HIS A 732 -12.96 -12.98 65.96
C HIS A 732 -13.80 -13.66 64.89
N TYR A 733 -14.69 -14.57 65.29
CA TYR A 733 -15.30 -15.49 64.34
C TYR A 733 -16.63 -15.00 63.76
N PHE A 734 -17.07 -13.81 64.15
CA PHE A 734 -18.30 -13.22 63.61
C PHE A 734 -19.49 -14.16 63.81
N THR A 735 -19.83 -14.36 65.08
CA THR A 735 -20.92 -15.27 65.42
C THR A 735 -22.25 -14.81 64.83
N SER A 736 -22.49 -13.51 64.80
CA SER A 736 -23.69 -12.96 64.20
C SER A 736 -23.56 -12.95 62.68
N SER A 737 -24.60 -13.42 62.00
CA SER A 737 -24.58 -13.45 60.54
C SER A 737 -24.53 -12.06 59.94
N SER A 738 -25.12 -11.08 60.62
CA SER A 738 -25.14 -9.71 60.11
C SER A 738 -23.72 -9.15 60.00
N LEU A 739 -22.88 -9.41 60.99
CA LEU A 739 -21.49 -8.96 60.92
C LEU A 739 -20.77 -9.65 59.77
N LYS A 740 -21.04 -10.93 59.55
CA LYS A 740 -20.40 -11.66 58.46
C LYS A 740 -20.78 -11.07 57.10
N GLN A 741 -22.07 -10.77 56.91
CA GLN A 741 -22.49 -10.22 55.63
C GLN A 741 -21.98 -8.81 55.44
N HIS A 742 -21.87 -8.02 56.52
CA HIS A 742 -21.25 -6.71 56.39
C HIS A 742 -19.78 -6.83 56.02
N LEU A 743 -19.08 -7.82 56.59
CA LEU A 743 -17.69 -8.05 56.22
C LEU A 743 -17.57 -8.39 54.74
N TYR A 744 -18.45 -9.27 54.25
CA TYR A 744 -18.43 -9.63 52.84
C TYR A 744 -18.75 -8.44 51.96
N ARG A 745 -19.72 -7.62 52.37
CA ARG A 745 -20.05 -6.41 51.64
C ARG A 745 -18.84 -5.48 51.55
N SER A 746 -18.15 -5.27 52.66
CA SER A 746 -16.98 -4.41 52.65
C SER A 746 -15.88 -4.98 51.75
N ILE A 747 -15.66 -6.29 51.84
CA ILE A 747 -14.61 -6.92 51.04
C ILE A 747 -14.90 -6.74 49.55
N ILE A 748 -16.13 -7.04 49.13
CA ILE A 748 -16.45 -6.94 47.71
C ILE A 748 -16.46 -5.50 47.26
N ASN A 749 -16.94 -4.57 48.12
CA ASN A 749 -16.97 -3.17 47.76
C ASN A 749 -15.58 -2.61 47.57
N PHE A 750 -14.63 -3.05 48.40
CA PHE A 750 -13.24 -2.64 48.19
C PHE A 750 -12.67 -3.26 46.92
N PHE A 751 -12.88 -4.57 46.74
CA PHE A 751 -12.17 -5.29 45.68
C PHE A 751 -12.69 -4.92 44.30
N VAL A 752 -13.96 -4.49 44.19
CA VAL A 752 -14.47 -4.09 42.89
C VAL A 752 -13.75 -2.83 42.40
N GLU A 753 -13.47 -1.89 43.31
CA GLU A 753 -12.88 -0.61 42.91
C GLU A 753 -11.39 -0.74 42.60
N CYS A 754 -10.71 -1.77 43.09
CA CYS A 754 -9.28 -1.89 42.85
C CYS A 754 -8.95 -2.49 41.48
N PHE A 755 -9.95 -3.00 40.75
CA PHE A 755 -9.76 -3.55 39.42
C PHE A 755 -10.54 -2.85 38.32
N ARG A 756 -11.70 -2.27 38.62
CA ARG A 756 -12.55 -1.72 37.56
C ARG A 756 -11.82 -0.60 36.82
N ILE A 757 -11.86 -0.69 35.49
CA ILE A 757 -11.20 0.28 34.62
C ILE A 757 -11.73 0.14 33.21
N ALA B 1 -5.96 52.79 -19.74
CA ALA B 1 -4.63 52.35 -19.33
C ALA B 1 -4.08 53.26 -18.24
N ALA B 2 -3.66 54.46 -18.63
CA ALA B 2 -3.13 55.42 -17.66
C ALA B 2 -4.18 55.81 -16.63
N ALA B 3 -5.40 56.12 -17.10
CA ALA B 3 -6.50 56.40 -16.18
C ALA B 3 -6.87 55.15 -15.38
N ALA B 4 -6.86 53.98 -16.04
CA ALA B 4 -7.11 52.74 -15.33
C ALA B 4 -6.05 52.48 -14.28
N LYS B 5 -4.78 52.74 -14.60
CA LYS B 5 -3.72 52.59 -13.61
C LYS B 5 -3.90 53.57 -12.46
N GLY B 6 -4.31 54.80 -12.76
CA GLY B 6 -4.52 55.78 -11.70
C GLY B 6 -5.65 55.38 -10.76
N ILE B 7 -6.77 54.93 -11.32
CA ILE B 7 -7.88 54.52 -10.46
C ILE B 7 -7.52 53.24 -9.70
N ALA B 8 -6.72 52.36 -10.30
CA ALA B 8 -6.23 51.19 -9.60
C ALA B 8 -5.35 51.59 -8.41
N ILE B 9 -4.50 52.59 -8.60
CA ILE B 9 -3.67 53.08 -7.50
C ILE B 9 -4.55 53.71 -6.42
N ALA B 10 -5.61 54.41 -6.83
CA ALA B 10 -6.53 55.00 -5.86
C ALA B 10 -7.20 53.93 -5.00
N LEU B 11 -7.74 52.90 -5.64
CA LEU B 11 -8.34 51.80 -4.87
C LEU B 11 -7.30 51.05 -4.06
N LEU B 12 -6.06 50.99 -4.55
CA LEU B 12 -4.97 50.41 -3.77
C LEU B 12 -4.75 51.18 -2.47
N VAL B 13 -4.77 52.51 -2.56
CA VAL B 13 -4.60 53.32 -1.35
C VAL B 13 -5.79 53.13 -0.40
N ILE B 14 -7.01 53.10 -0.95
CA ILE B 14 -8.17 52.98 -0.08
C ILE B 14 -8.31 51.57 0.49
N LEU B 15 -7.63 50.58 -0.08
CA LEU B 15 -7.57 49.28 0.57
C LEU B 15 -6.40 49.17 1.55
N VAL B 16 -5.30 49.88 1.29
CA VAL B 16 -4.21 49.93 2.25
C VAL B 16 -4.66 50.58 3.54
N ILE B 17 -5.44 51.65 3.45
CA ILE B 17 -5.93 52.30 4.67
C ILE B 17 -6.86 51.36 5.44
N CYS B 18 -7.68 50.59 4.74
CA CYS B 18 -8.54 49.62 5.40
C CYS B 18 -7.73 48.51 6.05
N SER B 19 -6.66 48.07 5.38
CA SER B 19 -5.78 47.06 5.97
C SER B 19 -5.11 47.58 7.23
N LEU B 20 -4.69 48.85 7.21
CA LEU B 20 -4.12 49.45 8.42
C LEU B 20 -5.15 49.56 9.53
N ILE B 21 -6.40 49.84 9.17
CA ILE B 21 -7.48 49.83 10.14
C ILE B 21 -7.65 48.44 10.74
N VAL B 22 -7.54 47.41 9.91
CA VAL B 22 -7.65 46.04 10.39
C VAL B 22 -6.50 45.72 11.34
N THR B 23 -5.29 46.19 11.02
CA THR B 23 -4.16 46.00 11.92
C THR B 23 -4.39 46.70 13.26
N SER B 24 -4.96 47.91 13.21
CA SER B 24 -5.31 48.60 14.44
C SER B 24 -6.35 47.81 15.24
N VAL B 25 -7.29 47.18 14.54
CA VAL B 25 -8.31 46.38 15.20
C VAL B 25 -7.69 45.18 15.90
N ILE B 26 -6.80 44.48 15.20
CA ILE B 26 -6.19 43.28 15.79
C ILE B 26 -5.26 43.66 16.94
N LEU B 27 -4.63 44.83 16.87
CA LEU B 27 -3.85 45.31 18.00
C LEU B 27 -4.69 46.02 19.06
N LEU B 28 -5.99 46.16 18.83
CA LEU B 28 -6.86 46.79 19.83
C LEU B 28 -7.08 45.89 21.04
N THR B 29 -7.01 44.57 20.86
CA THR B 29 -7.14 43.61 21.96
C THR B 29 -5.98 42.64 21.90
N PRO B 30 -4.76 43.10 22.22
CA PRO B 30 -3.60 42.22 22.16
C PRO B 30 -3.28 41.57 23.50
N ALA B 31 -2.68 40.38 23.41
CA ALA B 31 -2.28 39.61 24.58
C ALA B 31 -0.91 39.01 24.37
N GLU B 32 0.04 39.81 23.86
CA GLU B 32 1.35 39.30 23.50
C GLU B 32 2.02 38.59 24.67
N ASP B 33 2.04 39.24 25.84
CA ASP B 33 2.63 38.67 27.05
C ASP B 33 1.61 38.70 28.16
N ASN B 34 1.47 37.57 28.86
CA ASN B 34 0.54 37.44 29.97
C ASN B 34 1.32 37.30 31.26
N SER B 35 0.99 38.12 32.25
CA SER B 35 1.68 38.07 33.52
C SER B 35 1.31 36.80 34.28
N LEU B 36 2.32 36.04 34.68
CA LEU B 36 2.09 34.79 35.39
C LEU B 36 3.34 34.47 36.22
N SER B 37 3.13 33.78 37.34
CA SER B 37 4.24 33.41 38.20
C SER B 37 5.22 32.49 37.47
N GLN B 38 4.71 31.43 36.85
CA GLN B 38 5.50 30.54 35.99
C GLN B 38 6.70 29.95 36.73
N LYS B 39 6.53 29.69 38.03
CA LYS B 39 7.60 29.12 38.82
C LYS B 39 7.02 28.01 39.70
N LYS B 40 7.84 27.52 40.63
CA LYS B 40 7.50 26.34 41.41
C LYS B 40 6.28 26.57 42.29
N LYS B 41 5.52 25.50 42.50
CA LYS B 41 4.32 25.53 43.32
C LYS B 41 4.68 25.31 44.79
N VAL B 42 3.66 25.14 45.63
CA VAL B 42 3.84 25.01 47.07
C VAL B 42 3.51 23.59 47.49
N THR B 43 4.46 22.93 48.13
CA THR B 43 4.28 21.55 48.61
C THR B 43 4.48 21.50 50.12
N VAL B 44 4.16 20.34 50.70
CA VAL B 44 4.28 20.18 52.14
C VAL B 44 5.75 20.23 52.57
N GLU B 45 6.67 19.82 51.69
CA GLU B 45 8.08 19.83 52.05
C GLU B 45 8.58 21.25 52.33
N ASP B 46 8.19 22.21 51.49
CA ASP B 46 8.57 23.59 51.75
C ASP B 46 7.81 24.17 52.94
N LEU B 47 6.63 23.65 53.25
CA LEU B 47 5.96 24.00 54.49
C LEU B 47 6.79 23.59 55.69
N PHE B 48 7.35 22.39 55.66
CA PHE B 48 8.22 21.91 56.73
C PHE B 48 9.67 22.34 56.56
N SER B 49 10.00 23.03 55.48
CA SER B 49 11.33 23.59 55.31
C SER B 49 11.49 24.83 56.19
N GLU B 50 12.74 25.14 56.53
CA GLU B 50 13.02 26.28 57.39
C GLU B 50 12.64 27.60 56.75
N ASP B 51 12.47 27.63 55.41
CA ASP B 51 12.17 28.88 54.74
C ASP B 51 10.85 29.46 55.20
N PHE B 52 9.83 28.61 55.40
CA PHE B 52 8.57 29.07 55.96
C PHE B 52 8.57 29.15 57.48
N LYS B 53 9.60 28.62 58.14
CA LYS B 53 9.66 28.66 59.60
C LYS B 53 9.81 30.10 60.07
N ILE B 54 9.10 30.45 61.14
CA ILE B 54 9.13 31.79 61.69
C ILE B 54 10.10 31.82 62.86
N HIS B 55 11.09 32.71 62.79
CA HIS B 55 12.01 32.93 63.90
C HIS B 55 11.54 34.06 64.81
N ASP B 56 10.31 33.94 65.29
CA ASP B 56 9.71 34.98 66.10
C ASP B 56 10.29 34.98 67.52
N PRO B 57 10.92 36.07 67.97
CA PRO B 57 11.40 36.09 69.36
C PRO B 57 10.28 36.26 70.37
N GLU B 58 9.34 37.16 70.11
CA GLU B 58 8.21 37.44 71.00
C GLU B 58 8.71 37.86 72.38
N ALA B 59 9.40 39.00 72.43
CA ALA B 59 9.96 39.50 73.66
C ALA B 59 8.87 40.09 74.55
N LYS B 60 9.26 40.41 75.79
CA LYS B 60 8.37 41.05 76.75
C LYS B 60 9.15 42.12 77.49
N TRP B 61 8.45 43.18 77.88
CA TRP B 61 9.06 44.35 78.51
C TRP B 61 9.53 43.98 79.92
N ILE B 62 10.84 43.78 80.07
CA ILE B 62 11.40 43.54 81.40
C ILE B 62 11.24 44.79 82.26
N SER B 63 11.57 45.95 81.70
CA SER B 63 11.41 47.23 82.36
C SER B 63 10.64 48.17 81.43
N ASP B 64 10.39 49.40 81.90
CA ASP B 64 9.72 50.37 81.08
C ASP B 64 10.59 50.91 79.95
N THR B 65 11.88 50.58 79.95
CA THR B 65 12.80 51.08 78.94
C THR B 65 13.32 50.02 77.98
N GLU B 66 13.21 48.74 78.32
CA GLU B 66 13.78 47.69 77.48
C GLU B 66 12.99 46.40 77.66
N PHE B 67 13.21 45.47 76.74
CA PHE B 67 12.57 44.16 76.76
C PHE B 67 13.63 43.07 76.75
N ILE B 68 13.18 41.82 76.89
CA ILE B 68 14.10 40.70 76.98
C ILE B 68 14.83 40.48 75.66
N TYR B 69 14.13 40.69 74.53
CA TYR B 69 14.68 40.48 73.19
C TYR B 69 15.14 39.03 73.02
N ARG B 70 14.14 38.14 73.00
CA ARG B 70 14.37 36.71 72.95
C ARG B 70 15.07 36.31 71.65
N GLU B 71 15.33 35.01 71.52
CA GLU B 71 16.15 34.50 70.42
C GLU B 71 15.58 34.88 69.07
N GLN B 72 16.46 35.36 68.18
CA GLN B 72 16.15 35.53 66.78
C GLN B 72 16.71 34.41 65.92
N LYS B 73 18.02 34.16 66.01
CA LYS B 73 18.67 33.07 65.30
C LYS B 73 19.69 32.40 66.20
N GLY B 74 19.38 32.25 67.49
CA GLY B 74 20.32 31.66 68.42
C GLY B 74 20.44 32.36 69.75
N THR B 75 21.63 32.89 70.04
CA THR B 75 21.94 33.40 71.38
C THR B 75 20.99 34.51 71.79
N VAL B 76 20.67 34.52 73.08
CA VAL B 76 19.71 35.47 73.65
C VAL B 76 20.42 36.77 73.97
N ARG B 77 20.04 37.84 73.28
CA ARG B 77 20.52 39.17 73.57
C ARG B 77 19.51 39.87 74.48
N LEU B 78 19.73 41.17 74.73
CA LEU B 78 18.80 41.95 75.54
C LEU B 78 18.80 43.36 74.99
N TRP B 79 17.81 43.66 74.14
CA TRP B 79 17.74 44.95 73.48
C TRP B 79 17.25 46.02 74.43
N ASN B 80 17.85 47.21 74.33
CA ASN B 80 17.42 48.38 75.09
C ASN B 80 16.92 49.43 74.11
N VAL B 81 15.68 49.89 74.34
CA VAL B 81 15.07 50.85 73.44
C VAL B 81 15.67 52.24 73.59
N GLU B 82 16.32 52.53 74.73
CA GLU B 82 16.84 53.87 75.00
C GLU B 82 17.78 54.34 73.89
N THR B 83 18.93 53.66 73.73
CA THR B 83 19.81 53.91 72.58
C THR B 83 20.24 52.57 71.95
N ASN B 84 19.35 52.01 71.13
CA ASN B 84 19.66 50.92 70.19
C ASN B 84 20.69 49.93 70.70
N THR B 85 20.54 49.48 71.95
CA THR B 85 21.54 48.66 72.61
C THR B 85 21.00 47.26 72.84
N SER B 86 21.75 46.26 72.37
CA SER B 86 21.37 44.85 72.51
C SER B 86 22.48 44.15 73.28
N THR B 87 22.36 44.13 74.60
CA THR B 87 23.34 43.45 75.44
C THR B 87 23.13 41.94 75.38
N VAL B 88 24.23 41.22 75.16
CA VAL B 88 24.19 39.76 75.06
C VAL B 88 24.20 39.18 76.46
N LEU B 89 23.22 38.34 76.77
CA LEU B 89 23.10 37.73 78.08
C LEU B 89 23.26 36.21 78.05
N ILE B 90 22.67 35.52 77.08
CA ILE B 90 22.81 34.08 76.95
C ILE B 90 23.48 33.79 75.61
N GLU B 91 24.44 32.87 75.61
CA GLU B 91 25.17 32.49 74.42
C GLU B 91 24.62 31.16 73.90
N GLY B 92 25.32 30.56 72.93
CA GLY B 92 24.94 29.26 72.43
C GLY B 92 25.13 28.13 73.43
N LYS B 93 25.48 28.49 74.67
CA LYS B 93 25.64 27.53 75.73
C LYS B 93 24.36 26.76 76.01
N LYS B 94 23.20 27.30 75.62
CA LYS B 94 21.95 26.57 75.76
C LYS B 94 21.93 25.29 74.93
N ILE B 95 22.76 25.22 73.88
CA ILE B 95 22.85 23.99 73.10
C ILE B 95 23.38 22.85 73.95
N GLU B 96 24.33 23.15 74.84
CA GLU B 96 24.90 22.13 75.71
C GLU B 96 24.04 21.84 76.93
N SER B 97 22.97 22.60 77.16
CA SER B 97 22.11 22.35 78.31
C SER B 97 21.11 21.24 78.00
N LEU B 98 21.61 20.11 77.50
CA LEU B 98 20.78 18.99 77.05
C LEU B 98 19.64 19.49 76.15
N ARG B 99 19.95 20.45 75.30
CA ARG B 99 19.00 21.07 74.38
C ARG B 99 17.78 21.59 75.15
N ALA B 100 18.05 22.53 76.06
CA ALA B 100 17.00 23.09 76.90
C ALA B 100 15.99 23.86 76.05
N ILE B 101 14.75 23.39 76.03
CA ILE B 101 13.75 23.98 75.16
C ILE B 101 13.36 25.38 75.63
N ARG B 102 13.08 25.55 76.92
CA ARG B 102 12.55 26.81 77.42
C ARG B 102 13.53 27.45 78.39
N TYR B 103 13.56 28.78 78.40
CA TYR B 103 14.37 29.53 79.35
C TYR B 103 13.57 30.72 79.87
N GLU B 104 13.87 31.10 81.11
CA GLU B 104 13.26 32.28 81.72
C GLU B 104 14.30 33.00 82.56
N ILE B 105 14.15 34.32 82.64
CA ILE B 105 15.10 35.19 83.32
C ILE B 105 14.47 35.68 84.62
N SER B 106 15.25 35.65 85.70
CA SER B 106 14.76 36.09 87.00
C SER B 106 14.51 37.60 86.98
N PRO B 107 13.63 38.10 87.86
CA PRO B 107 13.38 39.55 87.90
C PRO B 107 14.60 40.37 88.26
N ASP B 108 15.60 39.78 88.91
CA ASP B 108 16.86 40.47 89.17
C ASP B 108 17.88 40.25 88.06
N ARG B 109 17.46 39.63 86.96
CA ARG B 109 18.31 39.26 85.81
C ARG B 109 19.68 38.77 86.27
N GLU B 110 19.66 37.86 87.24
CA GLU B 110 20.89 37.28 87.77
C GLU B 110 20.93 35.75 87.70
N TYR B 111 19.78 35.08 87.61
CA TYR B 111 19.73 33.64 87.42
C TYR B 111 18.76 33.31 86.29
N ALA B 112 19.09 32.26 85.54
CA ALA B 112 18.29 31.82 84.41
C ALA B 112 17.82 30.39 84.65
N LEU B 113 16.51 30.17 84.49
CA LEU B 113 15.94 28.83 84.54
C LEU B 113 15.87 28.26 83.13
N PHE B 114 16.31 27.02 82.97
CA PHE B 114 16.27 26.33 81.69
C PHE B 114 15.56 24.99 81.89
N SER B 115 14.42 24.83 81.23
CA SER B 115 13.61 23.62 81.35
C SER B 115 13.63 22.85 80.05
N TYR B 116 13.75 21.53 80.15
CA TYR B 116 13.80 20.66 78.99
C TYR B 116 13.15 19.32 79.29
N ASN B 117 12.35 18.84 78.36
CA ASN B 117 11.64 17.57 78.49
C ASN B 117 11.47 16.97 77.10
N VAL B 118 10.57 16.01 76.98
CA VAL B 118 10.33 15.30 75.72
C VAL B 118 8.96 15.63 75.14
N GLU B 119 7.93 15.76 75.99
CA GLU B 119 6.59 15.95 75.46
C GLU B 119 5.63 16.44 76.54
N PRO B 120 4.69 17.34 76.20
CA PRO B 120 3.60 17.67 77.13
C PRO B 120 2.63 16.53 77.33
N ILE B 121 1.56 16.74 78.10
CA ILE B 121 0.59 15.71 78.40
C ILE B 121 -0.78 16.03 77.80
N TYR B 122 -1.43 17.10 78.25
CA TYR B 122 -2.76 17.40 77.76
C TYR B 122 -2.73 18.43 76.63
N GLN B 123 -2.31 19.66 76.95
CA GLN B 123 -2.06 20.69 75.94
C GLN B 123 -0.64 21.23 76.02
N HIS B 124 -0.21 21.66 77.20
CA HIS B 124 1.18 22.06 77.45
C HIS B 124 1.51 21.62 78.87
N SER B 125 2.04 20.41 79.01
CA SER B 125 2.60 19.95 80.28
C SER B 125 4.12 20.08 80.16
N TYR B 126 4.59 21.31 80.34
CA TYR B 126 6.00 21.65 80.20
C TYR B 126 6.79 21.22 81.44
N THR B 127 6.74 19.91 81.70
CA THR B 127 7.49 19.27 82.76
C THR B 127 8.94 19.09 82.34
N GLY B 128 9.67 18.25 83.07
CA GLY B 128 11.00 17.83 82.66
C GLY B 128 12.04 18.21 83.69
N TYR B 129 13.27 18.39 83.22
CA TYR B 129 14.39 18.79 84.07
C TYR B 129 14.55 20.31 84.02
N TYR B 130 14.68 20.92 85.19
CA TYR B 130 14.86 22.36 85.33
C TYR B 130 16.23 22.61 85.93
N VAL B 131 17.03 23.45 85.26
CA VAL B 131 18.40 23.72 85.67
C VAL B 131 18.57 25.23 85.82
N LEU B 132 19.21 25.64 86.91
CA LEU B 132 19.48 27.05 87.18
C LEU B 132 20.92 27.38 86.81
N SER B 133 21.11 28.49 86.11
CA SER B 133 22.44 28.91 85.68
C SER B 133 22.66 30.37 86.02
N LYS B 134 23.92 30.72 86.25
CA LYS B 134 24.28 32.11 86.49
C LYS B 134 24.03 32.95 85.25
N ILE B 135 23.75 34.24 85.47
CA ILE B 135 23.39 35.11 84.35
C ILE B 135 24.48 35.21 83.29
N PRO B 136 25.80 35.35 83.61
CA PRO B 136 26.78 35.40 82.52
C PRO B 136 26.87 34.06 81.81
N HIS B 137 27.22 33.02 82.56
CA HIS B 137 27.29 31.64 82.10
C HIS B 137 27.73 30.79 83.28
N GLY B 138 27.72 29.47 83.07
CA GLY B 138 28.36 28.54 83.99
C GLY B 138 27.45 28.06 85.11
N ASP B 139 27.94 27.02 85.80
CA ASP B 139 27.30 26.37 86.94
C ASP B 139 25.86 25.97 86.63
N PRO B 140 25.64 24.93 85.82
CA PRO B 140 24.29 24.40 85.67
C PRO B 140 23.97 23.37 86.74
N GLN B 141 22.99 23.66 87.60
CA GLN B 141 22.57 22.74 88.66
C GLN B 141 21.10 22.38 88.46
N SER B 142 20.80 21.10 88.55
CA SER B 142 19.43 20.62 88.38
C SER B 142 18.64 20.93 89.65
N LEU B 143 17.53 21.65 89.48
CA LEU B 143 16.68 22.02 90.62
C LEU B 143 15.98 20.76 91.13
N ASP B 144 16.42 20.26 92.27
CA ASP B 144 15.86 19.03 92.80
C ASP B 144 14.95 19.30 94.00
N PRO B 145 13.83 18.61 94.10
CA PRO B 145 12.96 18.75 95.27
C PRO B 145 13.62 18.18 96.50
N PRO B 146 13.13 18.51 97.70
CA PRO B 146 13.77 18.02 98.93
C PRO B 146 13.76 16.50 99.00
N GLU B 147 14.81 15.97 99.63
CA GLU B 147 15.08 14.54 99.78
C GLU B 147 14.90 13.78 98.47
N VAL B 148 15.14 14.46 97.35
CA VAL B 148 15.06 13.86 96.02
C VAL B 148 16.24 14.33 95.20
N SER B 149 16.85 13.40 94.46
CA SER B 149 17.96 13.72 93.57
C SER B 149 17.40 14.29 92.26
N ASN B 150 18.25 14.36 91.23
CA ASN B 150 17.84 14.87 89.93
C ASN B 150 16.65 14.08 89.39
N ALA B 151 15.50 14.74 89.27
CA ALA B 151 14.26 14.10 88.86
C ALA B 151 13.46 15.06 88.01
N LYS B 152 12.43 14.51 87.34
CA LYS B 152 11.56 15.33 86.51
C LYS B 152 10.84 16.38 87.35
N LEU B 153 10.66 17.57 86.79
CA LEU B 153 10.06 18.70 87.49
C LEU B 153 8.99 19.31 86.61
N GLN B 154 7.80 19.50 87.17
CA GLN B 154 6.66 19.94 86.36
C GLN B 154 6.79 21.39 85.90
N TYR B 155 7.15 22.29 86.81
CA TYR B 155 7.25 23.72 86.53
C TYR B 155 7.93 24.41 87.69
N ALA B 156 8.76 25.41 87.39
CA ALA B 156 9.38 26.21 88.44
C ALA B 156 8.94 27.67 88.40
N GLY B 157 9.18 28.39 87.31
CA GLY B 157 8.83 29.79 87.24
C GLY B 157 9.70 30.67 88.14
N TRP B 158 9.36 31.96 88.14
CA TRP B 158 10.13 32.96 88.85
C TRP B 158 9.21 33.81 89.72
N GLY B 159 9.80 34.43 90.74
CA GLY B 159 9.07 35.35 91.58
C GLY B 159 8.98 36.73 90.97
N PRO B 160 8.32 37.64 91.69
CA PRO B 160 8.19 39.01 91.20
C PRO B 160 9.37 39.91 91.53
N LYS B 161 10.35 39.42 92.29
CA LYS B 161 11.47 40.25 92.71
C LYS B 161 12.64 39.36 93.12
N GLY B 162 13.84 39.88 92.92
CA GLY B 162 15.04 39.15 93.30
C GLY B 162 15.19 37.85 92.51
N GLN B 163 15.67 36.82 93.21
CA GLN B 163 15.85 35.50 92.64
C GLN B 163 14.96 34.45 93.29
N GLN B 164 13.91 34.89 94.01
CA GLN B 164 12.99 33.94 94.61
C GLN B 164 12.16 33.23 93.55
N LEU B 165 11.80 31.98 93.83
CA LEU B 165 11.02 31.18 92.90
C LEU B 165 10.30 30.10 93.69
N ILE B 166 9.51 29.30 92.97
CA ILE B 166 8.94 28.07 93.47
C ILE B 166 9.17 26.98 92.42
N PHE B 167 8.70 25.78 92.73
CA PHE B 167 8.64 24.70 91.75
C PHE B 167 7.71 23.61 92.29
N ILE B 168 7.00 22.98 91.36
CA ILE B 168 5.95 22.02 91.71
C ILE B 168 6.39 20.62 91.30
N PHE B 169 6.38 19.71 92.26
CA PHE B 169 6.65 18.30 92.01
C PHE B 169 5.58 17.47 92.70
N GLU B 170 4.79 16.74 91.90
CA GLU B 170 3.70 15.91 92.40
C GLU B 170 2.72 16.73 93.24
N ASN B 171 2.30 17.87 92.68
CA ASN B 171 1.34 18.75 93.32
C ASN B 171 1.82 19.21 94.69
N ASN B 172 3.10 19.58 94.79
CA ASN B 172 3.68 20.05 96.05
C ASN B 172 4.53 21.28 95.74
N ILE B 173 4.05 22.44 96.17
CA ILE B 173 4.76 23.69 95.91
C ILE B 173 5.97 23.77 96.83
N TYR B 174 7.14 24.04 96.25
CA TYR B 174 8.40 24.13 96.99
C TYR B 174 9.00 25.50 96.70
N TYR B 175 9.16 26.32 97.73
CA TYR B 175 9.62 27.69 97.57
C TYR B 175 11.12 27.78 97.84
N CYS B 176 11.81 28.63 97.06
CA CYS B 176 13.24 28.87 97.21
C CYS B 176 13.49 30.35 96.99
N ALA B 177 13.66 31.10 98.07
CA ALA B 177 13.95 32.52 97.96
C ALA B 177 15.29 32.80 97.28
N HIS B 178 16.22 31.84 97.32
CA HIS B 178 17.55 32.02 96.78
C HIS B 178 17.93 30.77 96.00
N VAL B 179 19.08 30.84 95.31
CA VAL B 179 19.59 29.69 94.59
C VAL B 179 19.91 28.56 95.56
N GLY B 180 20.55 28.88 96.69
CA GLY B 180 20.87 27.92 97.71
C GLY B 180 19.78 27.70 98.73
N LYS B 181 18.68 28.44 98.65
CA LYS B 181 17.58 28.27 99.59
C LYS B 181 16.98 26.88 99.46
N GLN B 182 16.82 26.20 100.60
CA GLN B 182 16.23 24.88 100.60
C GLN B 182 14.75 24.95 100.24
N ALA B 183 14.31 24.01 99.42
CA ALA B 183 12.91 23.96 99.01
C ALA B 183 12.02 23.71 100.23
N ILE B 184 10.95 24.49 100.34
CA ILE B 184 10.05 24.45 101.49
C ILE B 184 8.76 23.77 101.05
N ARG B 185 8.36 22.73 101.78
CA ARG B 185 7.10 22.05 101.51
C ARG B 185 5.95 22.94 101.95
N VAL B 186 5.68 24.00 101.19
CA VAL B 186 4.67 24.97 101.58
C VAL B 186 3.29 24.32 101.57
N VAL B 187 2.95 23.64 100.48
CA VAL B 187 1.71 22.88 100.40
C VAL B 187 1.98 21.59 99.64
N SER B 188 1.44 20.47 100.15
CA SER B 188 1.63 19.18 99.53
C SER B 188 0.37 18.32 99.58
N THR B 189 -0.79 18.89 99.88
CA THR B 189 -2.02 18.11 99.95
C THR B 189 -2.44 17.56 98.59
N GLY B 190 -1.89 18.10 97.51
CA GLY B 190 -2.21 17.57 96.19
C GLY B 190 -1.68 16.16 96.00
N LYS B 191 -2.37 15.39 95.16
CA LYS B 191 -2.06 14.00 94.93
C LYS B 191 -2.03 13.71 93.43
N GLU B 192 -1.50 12.54 93.09
CA GLU B 192 -1.38 12.12 91.70
C GLU B 192 -2.76 11.88 91.12
N GLY B 193 -3.23 12.81 90.29
CA GLY B 193 -4.50 12.65 89.61
C GLY B 193 -5.72 12.74 90.48
N VAL B 194 -5.57 13.01 91.78
CA VAL B 194 -6.69 13.04 92.72
C VAL B 194 -6.93 14.46 93.24
N ILE B 195 -5.89 15.08 93.81
CA ILE B 195 -5.96 16.44 94.30
C ILE B 195 -4.82 17.23 93.65
N TYR B 196 -5.14 18.43 93.17
CA TYR B 196 -4.17 19.28 92.50
C TYR B 196 -4.08 20.63 93.21
N ASN B 197 -2.93 21.27 93.10
CA ASN B 197 -2.73 22.61 93.66
C ASN B 197 -1.55 23.27 92.96
N GLY B 198 -1.81 24.37 92.26
CA GLY B 198 -0.78 25.07 91.52
C GLY B 198 -0.71 24.74 90.05
N LEU B 199 -1.33 23.63 89.63
CA LEU B 199 -1.33 23.24 88.22
C LEU B 199 -2.76 22.88 87.80
N SER B 200 -2.94 22.72 86.50
CA SER B 200 -4.24 22.43 85.92
C SER B 200 -4.36 20.96 85.55
N ASP B 201 -5.56 20.42 85.76
CA ASP B 201 -5.88 19.06 85.31
C ASP B 201 -6.23 19.11 83.82
N TRP B 202 -6.80 18.03 83.29
CA TRP B 202 -7.28 18.06 81.91
C TRP B 202 -8.41 19.07 81.74
N LEU B 203 -9.35 19.09 82.69
CA LEU B 203 -10.55 19.90 82.53
C LEU B 203 -10.22 21.39 82.44
N TYR B 204 -9.43 21.88 83.39
CA TYR B 204 -9.09 23.30 83.39
C TYR B 204 -8.18 23.65 82.22
N GLU B 205 -7.13 22.87 82.00
CA GLU B 205 -6.18 23.17 80.94
C GLU B 205 -6.79 23.04 79.56
N GLU B 206 -7.92 22.36 79.41
CA GLU B 206 -8.52 22.13 78.11
C GLU B 206 -9.85 22.83 77.87
N GLU B 207 -10.53 23.29 78.92
CA GLU B 207 -11.88 23.80 78.76
C GLU B 207 -12.03 25.26 79.16
N ILE B 208 -11.53 25.67 80.33
CA ILE B 208 -11.76 27.00 80.87
C ILE B 208 -10.44 27.72 81.17
N LEU B 209 -9.56 27.08 81.96
CA LEU B 209 -8.30 27.73 82.30
C LEU B 209 -7.42 27.92 81.07
N LYS B 210 -7.30 26.90 80.23
CA LYS B 210 -6.46 26.88 79.04
C LYS B 210 -4.99 27.11 79.35
N THR B 211 -4.61 27.09 80.62
CA THR B 211 -3.22 27.28 81.03
C THR B 211 -2.83 26.18 82.00
N HIS B 212 -1.59 25.70 81.87
CA HIS B 212 -1.12 24.63 82.74
C HIS B 212 -0.90 25.13 84.16
N ILE B 213 -0.31 26.31 84.31
CA ILE B 213 -0.08 26.89 85.62
C ILE B 213 -1.41 27.36 86.19
N ALA B 214 -1.61 27.14 87.49
CA ALA B 214 -2.84 27.49 88.17
C ALA B 214 -2.58 28.23 89.47
N HIS B 215 -1.48 28.99 89.53
CA HIS B 215 -1.16 29.79 90.69
C HIS B 215 -0.62 31.14 90.25
N TRP B 216 -0.71 32.11 91.17
CA TRP B 216 -0.38 33.49 90.90
C TRP B 216 0.49 34.06 92.01
N TRP B 217 1.51 34.83 91.62
CA TRP B 217 2.38 35.51 92.57
C TRP B 217 1.79 36.84 92.99
N SER B 218 1.81 37.10 94.29
CA SER B 218 1.40 38.40 94.80
C SER B 218 2.44 39.46 94.44
N PRO B 219 2.02 40.72 94.26
CA PRO B 219 2.98 41.76 93.89
C PRO B 219 4.11 41.94 94.89
N ASP B 220 3.85 41.75 96.18
CA ASP B 220 4.90 41.90 97.18
C ASP B 220 5.92 40.76 97.15
N GLY B 221 5.65 39.70 96.40
CA GLY B 221 6.52 38.54 96.43
C GLY B 221 6.60 37.87 97.78
N THR B 222 5.48 37.83 98.51
CA THR B 222 5.45 37.28 99.85
C THR B 222 4.32 36.27 99.97
N ARG B 223 3.31 36.41 99.12
CA ARG B 223 2.15 35.52 99.12
C ARG B 223 1.99 34.88 97.75
N LEU B 224 1.37 33.70 97.74
CA LEU B 224 1.13 32.93 96.53
C LEU B 224 -0.27 32.37 96.57
N ALA B 225 -1.07 32.65 95.54
CA ALA B 225 -2.43 32.16 95.45
C ALA B 225 -2.46 30.90 94.59
N TYR B 226 -2.96 29.81 95.16
CA TYR B 226 -3.03 28.54 94.46
C TYR B 226 -4.44 27.96 94.57
N ALA B 227 -4.84 27.27 93.50
CA ALA B 227 -6.17 26.67 93.42
C ALA B 227 -6.08 25.17 93.70
N ALA B 228 -6.87 24.72 94.67
CA ALA B 228 -6.94 23.30 95.00
C ALA B 228 -8.11 22.68 94.27
N ILE B 229 -7.84 21.54 93.62
CA ILE B 229 -8.81 20.84 92.79
C ILE B 229 -9.00 19.44 93.37
N ASN B 230 -10.24 19.09 93.68
CA ASN B 230 -10.61 17.76 94.14
C ASN B 230 -11.15 16.99 92.93
N ASP B 231 -10.29 16.14 92.36
CA ASP B 231 -10.63 15.28 91.24
C ASP B 231 -10.97 13.86 91.69
N SER B 232 -11.03 13.60 93.00
CA SER B 232 -11.29 12.26 93.49
C SER B 232 -12.65 11.76 93.03
N ARG B 233 -13.67 12.61 93.08
CA ARG B 233 -15.00 12.22 92.64
C ARG B 233 -15.07 11.94 91.15
N VAL B 234 -14.17 12.50 90.36
CA VAL B 234 -14.27 12.42 88.90
C VAL B 234 -14.05 10.98 88.47
N PRO B 235 -14.93 10.41 87.63
CA PRO B 235 -14.66 9.07 87.08
C PRO B 235 -13.36 9.06 86.30
N ILE B 236 -12.61 7.98 86.45
CA ILE B 236 -11.29 7.83 85.83
C ILE B 236 -11.40 6.81 84.70
N MET B 237 -11.17 7.27 83.48
CA MET B 237 -11.19 6.41 82.30
C MET B 237 -9.79 6.18 81.74
N GLU B 238 -9.64 5.03 81.13
CA GLU B 238 -8.36 4.53 80.66
C GLU B 238 -8.32 4.52 79.14
N LEU B 239 -7.15 4.80 78.60
CA LEU B 239 -6.92 4.78 77.16
C LEU B 239 -6.10 3.54 76.81
N PRO B 240 -6.53 2.77 75.81
CA PRO B 240 -5.82 1.54 75.48
C PRO B 240 -4.43 1.81 74.93
N THR B 241 -3.53 0.86 75.20
CA THR B 241 -2.16 0.91 74.72
C THR B 241 -1.93 -0.27 73.80
N TYR B 242 -1.42 0.01 72.59
CA TYR B 242 -1.14 -1.05 71.62
C TYR B 242 0.33 -1.02 71.17
N THR B 243 1.19 -0.34 71.92
CA THR B 243 2.60 -0.26 71.55
C THR B 243 3.55 -0.47 72.73
N GLY B 244 3.05 -0.46 73.97
CA GLY B 244 3.90 -0.58 75.15
C GLY B 244 4.79 -1.80 75.20
N SER B 245 4.20 -2.99 75.32
CA SER B 245 4.96 -4.21 75.49
C SER B 245 4.12 -5.39 74.99
N ILE B 246 4.55 -6.60 75.37
CA ILE B 246 3.78 -7.79 75.04
C ILE B 246 2.45 -7.79 75.80
N TYR B 247 2.42 -7.19 76.98
CA TYR B 247 1.20 -7.02 77.77
C TYR B 247 1.09 -5.55 78.18
N PRO B 248 0.76 -4.66 77.24
CA PRO B 248 0.65 -3.25 77.57
C PRO B 248 -0.54 -2.99 78.49
N THR B 249 -0.43 -1.90 79.25
CA THR B 249 -1.48 -1.51 80.18
C THR B 249 -2.10 -0.19 79.73
N VAL B 250 -3.37 -0.02 80.11
CA VAL B 250 -4.09 1.20 79.75
C VAL B 250 -3.59 2.38 80.59
N LYS B 251 -3.93 3.58 80.15
CA LYS B 251 -3.53 4.80 80.85
C LYS B 251 -4.74 5.49 81.42
N PRO B 252 -4.94 5.49 82.74
CA PRO B 252 -6.14 6.12 83.30
C PRO B 252 -5.96 7.58 83.70
N TYR B 253 -6.97 8.39 83.45
CA TYR B 253 -7.01 9.77 83.93
C TYR B 253 -8.47 10.14 84.16
N HIS B 254 -8.68 11.13 85.03
CA HIS B 254 -10.03 11.54 85.40
C HIS B 254 -10.63 12.41 84.31
N TYR B 255 -11.85 12.09 83.89
CA TYR B 255 -12.51 12.76 82.77
C TYR B 255 -14.00 12.88 83.11
N PRO B 256 -14.46 14.06 83.52
CA PRO B 256 -15.88 14.24 83.86
C PRO B 256 -16.73 14.36 82.61
N LYS B 257 -17.52 13.32 82.33
CA LYS B 257 -18.37 13.31 81.16
C LYS B 257 -19.65 14.12 81.42
N ALA B 258 -20.40 14.34 80.34
CA ALA B 258 -21.66 15.06 80.45
C ALA B 258 -22.66 14.28 81.29
N GLY B 259 -23.40 14.99 82.14
CA GLY B 259 -24.34 14.38 83.03
C GLY B 259 -23.75 13.86 84.33
N SER B 260 -22.43 13.74 84.40
CA SER B 260 -21.77 13.36 85.64
C SER B 260 -21.45 14.62 86.45
N GLU B 261 -20.83 14.43 87.61
CA GLU B 261 -20.42 15.54 88.44
C GLU B 261 -19.12 16.14 87.94
N ASN B 262 -18.70 17.25 88.54
CA ASN B 262 -17.49 17.93 88.14
C ASN B 262 -16.57 18.15 89.33
N PRO B 263 -15.25 18.16 89.12
CA PRO B 263 -14.31 18.22 90.25
C PRO B 263 -14.51 19.47 91.10
N SER B 264 -14.31 19.32 92.40
CA SER B 264 -14.46 20.45 93.30
C SER B 264 -13.29 21.41 93.16
N ILE B 265 -13.55 22.69 93.41
CA ILE B 265 -12.54 23.73 93.25
C ILE B 265 -12.55 24.63 94.47
N SER B 266 -11.37 25.09 94.87
CA SER B 266 -11.23 26.05 95.97
C SER B 266 -9.97 26.86 95.74
N LEU B 267 -9.88 28.01 96.41
CA LEU B 267 -8.74 28.89 96.28
C LEU B 267 -8.13 29.17 97.64
N HIS B 268 -6.81 29.18 97.71
CA HIS B 268 -6.09 29.33 98.96
C HIS B 268 -4.85 30.19 98.74
N VAL B 269 -4.31 30.71 99.83
CA VAL B 269 -3.14 31.57 99.82
C VAL B 269 -2.10 30.98 100.77
N ILE B 270 -0.85 30.92 100.30
CA ILE B 270 0.27 30.46 101.10
C ILE B 270 1.30 31.58 101.19
N GLY B 271 2.14 31.50 102.22
CA GLY B 271 3.18 32.48 102.45
C GLY B 271 4.49 32.05 101.82
N LEU B 272 5.17 33.01 101.19
CA LEU B 272 6.46 32.77 100.56
C LEU B 272 7.63 33.02 101.51
N ASN B 273 7.40 32.96 102.82
CA ASN B 273 8.45 33.15 103.81
C ASN B 273 7.90 32.81 105.18
N GLY B 274 8.78 32.33 106.05
CA GLY B 274 8.45 32.09 107.43
C GLY B 274 7.35 31.07 107.64
N PRO B 275 6.25 31.50 108.26
CA PRO B 275 5.19 30.55 108.60
C PRO B 275 4.52 29.89 107.39
N THR B 276 4.59 30.52 106.21
CA THR B 276 3.91 30.01 105.02
C THR B 276 2.42 29.80 105.29
N HIS B 277 1.80 30.79 105.92
CA HIS B 277 0.42 30.66 106.38
C HIS B 277 -0.54 30.54 105.19
N ASP B 278 -1.51 29.64 105.32
CA ASP B 278 -2.48 29.36 104.27
C ASP B 278 -3.87 29.81 104.72
N LEU B 279 -4.60 30.44 103.80
CA LEU B 279 -5.95 30.90 104.06
C LEU B 279 -6.82 30.57 102.86
N GLU B 280 -7.95 29.90 103.09
CA GLU B 280 -8.89 29.60 102.04
C GLU B 280 -9.84 30.79 101.85
N MET B 281 -10.35 30.93 100.62
CA MET B 281 -11.34 31.96 100.31
C MET B 281 -12.69 31.31 100.06
N MET B 282 -13.69 31.74 100.82
CA MET B 282 -15.02 31.14 100.71
C MET B 282 -15.69 31.54 99.40
N PRO B 283 -16.24 30.59 98.66
CA PRO B 283 -17.01 30.92 97.46
C PRO B 283 -18.32 31.60 97.83
N PRO B 284 -18.89 32.40 96.93
CA PRO B 284 -20.25 32.90 97.17
C PRO B 284 -21.25 31.75 97.19
N ASP B 285 -22.32 31.94 97.94
CA ASP B 285 -23.29 30.88 98.17
C ASP B 285 -24.67 31.25 97.63
N ASP B 286 -24.73 31.75 96.40
CA ASP B 286 -26.00 32.09 95.79
C ASP B 286 -26.84 30.83 95.59
N PRO B 287 -28.17 30.96 95.59
CA PRO B 287 -29.02 29.77 95.45
C PRO B 287 -28.82 29.02 94.15
N ARG B 288 -28.31 29.67 93.11
CA ARG B 288 -28.04 29.03 91.83
C ARG B 288 -26.57 28.69 91.64
N MET B 289 -25.80 28.64 92.72
CA MET B 289 -24.37 28.35 92.68
C MET B 289 -24.04 27.18 93.59
N ARG B 290 -24.80 26.10 93.48
CA ARG B 290 -24.48 24.89 94.25
C ARG B 290 -23.10 24.35 93.88
N GLU B 291 -22.78 24.34 92.59
CA GLU B 291 -21.45 24.00 92.11
C GLU B 291 -20.86 25.19 91.37
N TYR B 292 -19.57 25.45 91.58
CA TYR B 292 -18.95 26.67 91.12
C TYR B 292 -17.62 26.38 90.43
N TYR B 293 -17.19 27.33 89.61
CA TYR B 293 -15.94 27.28 88.87
C TYR B 293 -15.18 28.57 89.11
N ILE B 294 -13.87 28.46 89.28
CA ILE B 294 -12.97 29.60 89.34
C ILE B 294 -12.23 29.65 88.00
N THR B 295 -12.59 30.61 87.15
CA THR B 295 -11.95 30.70 85.85
C THR B 295 -10.50 31.16 85.99
N MET B 296 -10.30 32.41 86.39
CA MET B 296 -8.98 32.89 86.77
C MET B 296 -9.15 33.84 87.95
N VAL B 297 -8.03 34.10 88.63
CA VAL B 297 -7.97 35.12 89.67
C VAL B 297 -6.74 35.97 89.41
N LYS B 298 -6.80 37.21 89.86
CA LYS B 298 -5.69 38.13 89.67
C LYS B 298 -5.45 38.92 90.95
N TRP B 299 -4.18 39.17 91.25
CA TRP B 299 -3.81 39.94 92.42
C TRP B 299 -4.11 41.41 92.16
N ALA B 300 -5.26 41.88 92.64
CA ALA B 300 -5.55 43.30 92.60
C ALA B 300 -4.53 44.09 93.40
N THR B 301 -4.20 43.58 94.60
CA THR B 301 -3.10 44.08 95.41
C THR B 301 -2.33 42.87 95.92
N SER B 302 -1.42 43.10 96.87
CA SER B 302 -0.74 42.00 97.52
C SER B 302 -1.59 41.34 98.60
N THR B 303 -2.75 41.91 98.92
CA THR B 303 -3.66 41.36 99.91
C THR B 303 -5.08 41.14 99.39
N LYS B 304 -5.43 41.70 98.25
CA LYS B 304 -6.75 41.55 97.66
C LYS B 304 -6.64 40.88 96.31
N VAL B 305 -7.54 39.94 96.03
CA VAL B 305 -7.53 39.16 94.81
C VAL B 305 -8.93 39.19 94.19
N ALA B 306 -8.97 39.43 92.88
CA ALA B 306 -10.20 39.40 92.11
C ALA B 306 -10.42 37.98 91.62
N VAL B 307 -11.60 37.42 91.93
CA VAL B 307 -11.95 36.04 91.63
C VAL B 307 -13.23 36.04 90.81
N THR B 308 -13.30 35.13 89.83
CA THR B 308 -14.50 34.94 89.03
C THR B 308 -15.13 33.61 89.41
N TRP B 309 -16.37 33.64 89.88
CA TRP B 309 -17.11 32.44 90.26
C TRP B 309 -18.25 32.25 89.27
N LEU B 310 -18.26 31.11 88.59
CA LEU B 310 -19.29 30.79 87.61
C LEU B 310 -20.06 29.55 88.05
N ASN B 311 -21.38 29.64 88.08
CA ASN B 311 -22.19 28.52 88.54
C ASN B 311 -22.03 27.33 87.59
N ARG B 312 -22.46 26.15 88.07
CA ARG B 312 -22.37 24.95 87.23
C ARG B 312 -23.26 25.09 86.00
N ALA B 313 -24.43 25.70 86.14
CA ALA B 313 -25.23 26.02 84.97
C ALA B 313 -24.56 27.05 84.08
N GLN B 314 -23.51 27.72 84.57
CA GLN B 314 -22.67 28.65 83.83
C GLN B 314 -23.43 29.88 83.36
N ASN B 315 -24.63 30.12 83.89
CA ASN B 315 -25.42 31.29 83.55
C ASN B 315 -25.39 32.36 84.63
N VAL B 316 -24.53 32.22 85.64
CA VAL B 316 -24.43 33.19 86.72
C VAL B 316 -22.95 33.32 87.08
N SER B 317 -22.38 34.52 86.88
CA SER B 317 -21.00 34.80 87.23
C SER B 317 -20.93 35.93 88.25
N ILE B 318 -19.90 35.88 89.09
CA ILE B 318 -19.71 36.86 90.15
C ILE B 318 -18.24 37.22 90.23
N LEU B 319 -17.94 38.51 90.19
CA LEU B 319 -16.61 39.04 90.47
C LEU B 319 -16.53 39.38 91.96
N THR B 320 -15.59 38.75 92.65
CA THR B 320 -15.47 38.85 94.10
C THR B 320 -14.08 39.33 94.47
N LEU B 321 -14.01 40.33 95.35
CA LEU B 321 -12.74 40.79 95.88
C LEU B 321 -12.52 40.12 97.23
N CYS B 322 -11.53 39.22 97.30
CA CYS B 322 -11.26 38.43 98.48
C CYS B 322 -9.96 38.86 99.12
N ASP B 323 -9.94 38.93 100.45
CA ASP B 323 -8.74 39.32 101.18
C ASP B 323 -7.80 38.13 101.28
N ALA B 324 -6.63 38.25 100.65
CA ALA B 324 -5.65 37.15 100.69
C ALA B 324 -5.17 36.90 102.11
N THR B 325 -4.93 37.97 102.88
CA THR B 325 -4.40 37.83 104.22
C THR B 325 -5.47 37.53 105.26
N THR B 326 -6.75 37.50 104.88
CA THR B 326 -7.82 37.25 105.84
C THR B 326 -8.73 36.12 105.38
N GLY B 327 -8.90 35.99 104.07
CA GLY B 327 -9.84 35.03 103.51
C GLY B 327 -11.24 35.55 103.31
N VAL B 328 -11.53 36.77 103.75
CA VAL B 328 -12.86 37.33 103.59
C VAL B 328 -13.08 37.71 102.13
N CYS B 329 -14.18 37.22 101.57
CA CYS B 329 -14.52 37.47 100.17
C CYS B 329 -15.64 38.49 100.09
N THR B 330 -15.43 39.53 99.28
CA THR B 330 -16.40 40.59 99.09
C THR B 330 -16.74 40.67 97.61
N LYS B 331 -18.01 40.48 97.27
CA LYS B 331 -18.44 40.54 95.88
C LYS B 331 -18.35 41.97 95.38
N LYS B 332 -17.69 42.16 94.23
CA LYS B 332 -17.59 43.47 93.61
C LYS B 332 -18.46 43.63 92.38
N HIS B 333 -18.95 42.54 91.80
CA HIS B 333 -19.81 42.62 90.63
C HIS B 333 -20.57 41.31 90.47
N GLU B 334 -21.75 41.40 89.87
CA GLU B 334 -22.55 40.22 89.57
C GLU B 334 -23.15 40.35 88.18
N ASP B 335 -23.15 39.25 87.43
CA ASP B 335 -23.72 39.20 86.10
C ASP B 335 -24.41 37.87 85.92
N GLU B 336 -25.42 37.83 85.05
CA GLU B 336 -26.14 36.60 84.80
C GLU B 336 -26.86 36.71 83.46
N SER B 337 -27.17 35.54 82.89
CA SER B 337 -27.86 35.46 81.61
C SER B 337 -28.77 34.24 81.63
N GLU B 338 -29.67 34.18 80.65
CA GLU B 338 -30.60 33.05 80.57
C GLU B 338 -29.85 31.75 80.30
N ALA B 339 -28.94 31.77 79.32
CA ALA B 339 -28.28 30.55 78.86
C ALA B 339 -26.93 30.33 79.53
N TRP B 340 -25.99 31.25 79.34
CA TRP B 340 -24.65 31.09 79.90
C TRP B 340 -23.95 32.44 79.94
N LEU B 341 -22.80 32.46 80.61
CA LEU B 341 -21.93 33.63 80.66
C LEU B 341 -20.74 33.37 79.75
N HIS B 342 -20.76 33.96 78.57
CA HIS B 342 -19.70 33.77 77.60
C HIS B 342 -18.49 34.63 77.94
N ARG B 343 -17.31 34.13 77.58
CA ARG B 343 -16.04 34.84 77.73
C ARG B 343 -15.79 35.21 79.20
N GLN B 344 -15.65 34.17 80.02
CA GLN B 344 -15.13 34.31 81.36
C GLN B 344 -13.61 34.31 81.40
N ASN B 345 -12.98 34.58 80.25
CA ASN B 345 -11.54 34.56 80.09
C ASN B 345 -10.95 35.96 80.02
N GLU B 346 -11.48 36.89 80.80
CA GLU B 346 -11.04 38.27 80.78
C GLU B 346 -10.58 38.70 82.17
N GLU B 347 -9.69 39.69 82.20
CA GLU B 347 -9.11 40.16 83.44
C GLU B 347 -9.37 41.65 83.64
N PRO B 348 -9.84 42.07 84.81
CA PRO B 348 -9.93 43.50 85.08
C PRO B 348 -8.54 44.13 85.15
N VAL B 349 -8.46 45.39 84.75
CA VAL B 349 -7.20 46.13 84.73
C VAL B 349 -7.13 46.92 86.03
N PHE B 350 -6.59 46.30 87.07
CA PHE B 350 -6.44 46.95 88.36
C PHE B 350 -5.17 47.78 88.40
N SER B 351 -5.27 48.98 88.97
CA SER B 351 -4.14 49.89 89.03
C SER B 351 -3.14 49.44 90.09
N LYS B 352 -2.01 50.16 90.15
CA LYS B 352 -0.98 49.84 91.12
C LYS B 352 -1.48 50.04 92.55
N ASP B 353 -2.25 51.10 92.79
CA ASP B 353 -2.80 51.39 94.10
C ASP B 353 -4.16 50.73 94.33
N GLY B 354 -4.63 49.93 93.39
CA GLY B 354 -5.95 49.34 93.50
C GLY B 354 -7.07 50.35 93.40
N ARG B 355 -6.93 51.33 92.53
CA ARG B 355 -7.97 52.33 92.30
C ARG B 355 -8.99 51.72 91.32
N LYS B 356 -9.87 52.54 90.75
CA LYS B 356 -10.90 52.04 89.85
C LYS B 356 -10.27 51.26 88.69
N PHE B 357 -10.78 50.07 88.46
CA PHE B 357 -10.24 49.14 87.47
C PHE B 357 -11.02 49.20 86.17
N PHE B 358 -10.50 48.50 85.17
CA PHE B 358 -11.05 48.47 83.82
C PHE B 358 -11.39 47.03 83.48
N PHE B 359 -12.66 46.67 83.61
CA PHE B 359 -13.14 45.34 83.24
C PHE B 359 -13.68 45.39 81.82
N ILE B 360 -14.19 44.27 81.34
CA ILE B 360 -14.90 44.20 80.06
C ILE B 360 -16.09 43.28 80.23
N ARG B 361 -17.24 43.70 79.68
CA ARG B 361 -18.46 42.93 79.84
C ARG B 361 -19.42 43.25 78.70
N ALA B 362 -20.56 42.57 78.69
CA ALA B 362 -21.54 42.70 77.62
C ALA B 362 -22.44 43.89 77.90
N ILE B 363 -22.38 44.89 77.02
CA ILE B 363 -23.28 46.04 77.08
C ILE B 363 -24.30 45.88 75.96
N PRO B 364 -25.54 46.39 76.11
CA PRO B 364 -26.58 46.06 75.14
C PRO B 364 -26.25 46.45 73.71
N GLN B 365 -25.48 47.52 73.50
CA GLN B 365 -24.99 47.91 72.17
C GLN B 365 -26.14 48.15 71.18
N GLY B 366 -27.32 48.48 71.70
CA GLY B 366 -28.45 48.72 70.83
C GLY B 366 -28.82 47.47 70.05
N GLY B 367 -28.82 47.59 68.72
CA GLY B 367 -29.14 46.49 67.85
C GLY B 367 -28.03 45.46 67.77
N ARG B 368 -28.30 44.40 67.01
CA ARG B 368 -27.37 43.29 66.79
C ARG B 368 -27.03 42.55 68.10
N GLY B 369 -27.86 42.71 69.13
CA GLY B 369 -27.58 42.10 70.41
C GLY B 369 -26.52 42.85 71.18
N LYS B 370 -26.22 42.34 72.38
CA LYS B 370 -25.22 42.95 73.24
C LYS B 370 -23.82 42.57 72.80
N PHE B 371 -22.91 43.54 72.88
CA PHE B 371 -21.53 43.36 72.46
C PHE B 371 -20.60 43.51 73.65
N TYR B 372 -19.44 42.86 73.57
CA TYR B 372 -18.46 42.88 74.65
C TYR B 372 -17.61 44.14 74.54
N HIS B 373 -17.76 45.04 75.51
CA HIS B 373 -17.05 46.31 75.49
C HIS B 373 -16.44 46.58 76.85
N ILE B 374 -15.43 47.46 76.85
CA ILE B 374 -14.73 47.82 78.08
C ILE B 374 -15.66 48.59 79.00
N THR B 375 -15.34 48.56 80.29
CA THR B 375 -16.13 49.24 81.32
C THR B 375 -15.17 49.65 82.43
N VAL B 376 -15.41 50.83 83.01
CA VAL B 376 -14.64 51.32 84.14
C VAL B 376 -15.48 51.18 85.40
N SER B 377 -14.92 50.54 86.42
CA SER B 377 -15.64 50.34 87.67
C SER B 377 -14.77 50.83 88.82
N SER B 378 -15.41 51.41 89.83
CA SER B 378 -14.68 51.96 90.96
C SER B 378 -13.96 50.86 91.73
N SER B 379 -12.96 51.27 92.53
CA SER B 379 -12.15 50.32 93.27
C SER B 379 -13.00 49.51 94.24
N GLN B 380 -13.87 50.18 94.99
CA GLN B 380 -14.79 49.53 95.93
C GLN B 380 -16.19 50.05 95.66
N PRO B 381 -16.86 49.50 94.65
CA PRO B 381 -18.20 49.98 94.30
C PRO B 381 -19.16 49.79 95.46
N ASN B 382 -20.02 50.79 95.66
CA ASN B 382 -21.04 50.72 96.70
C ASN B 382 -22.22 49.90 96.21
N SER B 383 -22.93 49.29 97.17
CA SER B 383 -24.09 48.49 96.84
C SER B 383 -25.27 49.31 96.34
N SER B 384 -25.21 50.64 96.45
CA SER B 384 -26.31 51.47 95.99
C SER B 384 -26.52 51.35 94.48
N ASN B 385 -25.43 51.40 93.72
CA ASN B 385 -25.52 51.31 92.26
C ASN B 385 -24.16 50.92 91.70
N ASP B 386 -24.17 50.52 90.43
CA ASP B 386 -22.96 50.15 89.73
C ASP B 386 -22.37 51.36 89.03
N ASN B 387 -21.04 51.37 88.91
CA ASN B 387 -20.30 52.47 88.30
C ASN B 387 -19.97 52.18 86.83
N ILE B 388 -20.81 51.42 86.13
CA ILE B 388 -20.49 50.99 84.78
C ILE B 388 -20.37 52.20 83.86
N GLN B 389 -19.32 52.20 83.04
CA GLN B 389 -19.07 53.28 82.08
C GLN B 389 -18.34 52.66 80.88
N SER B 390 -19.08 52.41 79.81
CA SER B 390 -18.50 51.81 78.61
C SER B 390 -17.54 52.80 77.95
N ILE B 391 -16.26 52.45 77.91
CA ILE B 391 -15.26 53.31 77.28
C ILE B 391 -15.57 53.49 75.80
N THR B 392 -15.86 52.39 75.12
CA THR B 392 -16.17 52.40 73.69
C THR B 392 -17.50 51.69 73.46
N SER B 393 -18.11 51.98 72.32
CA SER B 393 -19.38 51.37 71.95
C SER B 393 -19.48 51.33 70.43
N GLY B 394 -19.87 50.19 69.90
CA GLY B 394 -20.00 50.02 68.47
C GLY B 394 -20.28 48.58 68.12
N ASP B 395 -20.55 48.36 66.84
CA ASP B 395 -20.85 47.01 66.33
C ASP B 395 -19.56 46.20 66.18
N TRP B 396 -18.90 46.01 67.32
CA TRP B 396 -17.63 45.29 67.39
C TRP B 396 -17.34 44.98 68.85
N ASP B 397 -16.19 44.35 69.09
CA ASP B 397 -15.81 43.95 70.43
C ASP B 397 -14.34 44.24 70.67
N VAL B 398 -13.99 44.36 71.93
CA VAL B 398 -12.60 44.53 72.37
C VAL B 398 -12.08 43.15 72.75
N THR B 399 -11.20 42.60 71.91
CA THR B 399 -10.70 41.25 72.17
C THR B 399 -9.91 41.19 73.47
N LYS B 400 -9.07 42.19 73.72
CA LYS B 400 -8.32 42.27 74.96
C LYS B 400 -8.01 43.73 75.25
N ILE B 401 -7.77 44.02 76.53
CA ILE B 401 -7.39 45.36 76.98
C ILE B 401 -5.95 45.29 77.43
N LEU B 402 -5.08 46.06 76.76
CA LEU B 402 -3.65 45.96 77.04
C LEU B 402 -3.33 46.46 78.43
N ALA B 403 -3.54 47.76 78.68
CA ALA B 403 -3.12 48.32 79.96
C ALA B 403 -3.73 49.71 80.11
N TYR B 404 -3.50 50.32 81.27
CA TYR B 404 -3.91 51.67 81.56
C TYR B 404 -2.73 52.44 82.12
N ASP B 405 -2.49 53.64 81.60
CA ASP B 405 -1.44 54.52 82.09
C ASP B 405 -2.01 55.37 83.23
N GLU B 406 -1.49 55.15 84.43
CA GLU B 406 -1.91 55.97 85.57
C GLU B 406 -1.53 57.44 85.39
N LYS B 407 -0.55 57.72 84.54
CA LYS B 407 -0.10 59.09 84.29
C LYS B 407 -0.96 59.75 83.21
N GLY B 408 -2.26 59.79 83.47
CA GLY B 408 -3.21 60.43 82.57
C GLY B 408 -4.32 59.48 82.16
N ASN B 409 -4.87 59.73 80.97
CA ASN B 409 -6.01 58.98 80.44
C ASN B 409 -5.54 58.23 79.18
N LYS B 410 -5.02 57.02 79.37
CA LYS B 410 -4.50 56.23 78.25
C LYS B 410 -4.83 54.77 78.52
N ILE B 411 -5.92 54.29 77.94
CA ILE B 411 -6.31 52.88 78.00
C ILE B 411 -6.00 52.25 76.64
N TYR B 412 -5.09 51.29 76.63
CA TYR B 412 -4.67 50.60 75.42
C TYR B 412 -5.29 49.21 75.38
N PHE B 413 -5.79 48.84 74.20
CA PHE B 413 -6.51 47.58 74.03
C PHE B 413 -6.38 47.11 72.58
N LEU B 414 -6.67 45.83 72.36
CA LEU B 414 -6.79 45.25 71.04
C LEU B 414 -8.25 44.95 70.75
N SER B 415 -8.71 45.28 69.54
CA SER B 415 -10.12 45.12 69.23
C SER B 415 -10.30 44.84 67.75
N THR B 416 -11.49 44.33 67.43
CA THR B 416 -11.95 44.15 66.05
C THR B 416 -12.77 45.35 65.58
N GLU B 417 -12.45 46.55 66.09
CA GLU B 417 -13.25 47.73 65.79
C GLU B 417 -13.34 47.98 64.29
N ASP B 418 -12.25 47.75 63.56
CA ASP B 418 -12.29 47.91 62.11
C ASP B 418 -13.25 46.90 61.48
N LEU B 419 -13.11 45.63 61.81
CA LEU B 419 -13.93 44.56 61.25
C LEU B 419 -13.77 43.33 62.14
N PRO B 420 -14.79 42.48 62.24
CA PRO B 420 -14.65 41.27 63.07
C PRO B 420 -13.57 40.32 62.59
N ARG B 421 -13.14 40.42 61.33
CA ARG B 421 -12.13 39.53 60.78
C ARG B 421 -10.73 40.13 60.80
N ARG B 422 -10.54 41.27 61.46
CA ARG B 422 -9.22 41.87 61.61
C ARG B 422 -9.06 42.39 63.03
N ARG B 423 -7.83 42.35 63.52
CA ARG B 423 -7.51 42.76 64.89
C ARG B 423 -6.53 43.91 64.84
N GLN B 424 -6.87 45.02 65.50
CA GLN B 424 -6.04 46.21 65.51
C GLN B 424 -5.91 46.76 66.92
N LEU B 425 -4.84 47.51 67.14
CA LEU B 425 -4.55 48.14 68.43
C LEU B 425 -5.19 49.53 68.46
N TYR B 426 -5.93 49.81 69.53
CA TYR B 426 -6.54 51.10 69.73
C TYR B 426 -6.29 51.58 71.15
N SER B 427 -6.48 52.88 71.35
CA SER B 427 -6.36 53.48 72.67
C SER B 427 -7.45 54.54 72.83
N ALA B 428 -7.87 54.73 74.07
CA ALA B 428 -8.87 55.72 74.43
C ALA B 428 -8.45 56.42 75.71
N ASN B 429 -9.29 57.35 76.17
CA ASN B 429 -9.02 58.14 77.37
C ASN B 429 -10.04 57.80 78.44
N THR B 430 -9.56 57.53 79.66
CA THR B 430 -10.43 57.02 80.72
C THR B 430 -11.45 58.05 81.18
N VAL B 431 -11.13 59.34 81.09
CA VAL B 431 -12.05 60.38 81.53
C VAL B 431 -13.13 60.55 80.48
N GLY B 432 -14.16 61.34 80.80
CA GLY B 432 -15.41 61.35 80.07
C GLY B 432 -15.31 61.68 78.59
N ASN B 433 -14.18 62.22 78.12
CA ASN B 433 -14.07 62.55 76.70
C ASN B 433 -14.15 61.30 75.84
N PHE B 434 -13.49 60.22 76.26
CA PHE B 434 -13.51 58.94 75.54
C PHE B 434 -13.15 59.12 74.06
N ASN B 435 -11.99 59.74 73.82
CA ASN B 435 -11.51 59.97 72.46
C ASN B 435 -10.61 58.81 72.06
N ARG B 436 -11.13 57.93 71.19
CA ARG B 436 -10.34 56.82 70.69
C ARG B 436 -9.20 57.34 69.82
N GLN B 437 -8.01 56.78 70.02
CA GLN B 437 -6.80 57.23 69.34
C GLN B 437 -6.17 56.07 68.59
N CYS B 438 -5.78 56.33 67.34
CA CYS B 438 -5.01 55.36 66.59
C CYS B 438 -3.65 55.09 67.23
N LEU B 439 -3.21 53.84 67.12
CA LEU B 439 -1.79 53.52 67.20
C LEU B 439 -1.30 52.85 65.92
N SER B 440 -1.98 51.80 65.46
CA SER B 440 -1.72 51.28 64.12
C SER B 440 -2.80 51.69 63.13
N CYS B 441 -4.03 51.24 63.37
CA CYS B 441 -5.18 51.43 62.47
C CYS B 441 -4.75 51.36 61.01
N ASP B 442 -4.20 50.22 60.60
CA ASP B 442 -3.53 50.05 59.31
C ASP B 442 -2.28 50.93 59.22
N LEU B 443 -1.38 50.72 60.19
CA LEU B 443 -0.10 51.40 60.16
C LEU B 443 0.71 51.00 58.93
N VAL B 444 0.67 49.72 58.57
CA VAL B 444 1.30 49.21 57.36
C VAL B 444 0.22 48.49 56.56
N GLU B 445 0.20 48.74 55.25
CA GLU B 445 -0.85 48.18 54.40
C GLU B 445 -0.80 46.66 54.34
N ASN B 446 0.41 46.08 54.37
CA ASN B 446 0.54 44.63 54.20
C ASN B 446 -0.11 43.87 55.34
N CYS B 447 0.03 44.33 56.58
CA CYS B 447 -0.46 43.61 57.75
C CYS B 447 -1.66 44.33 58.35
N THR B 448 -2.73 43.57 58.58
CA THR B 448 -3.96 44.09 59.20
C THR B 448 -4.20 43.53 60.59
N TYR B 449 -3.83 42.28 60.84
CA TYR B 449 -3.83 41.76 62.20
C TYR B 449 -2.79 42.50 63.03
N PHE B 450 -3.07 42.64 64.32
CA PHE B 450 -2.18 43.39 65.20
C PHE B 450 -2.28 42.86 66.62
N SER B 451 -1.18 43.00 67.35
CA SER B 451 -1.16 42.78 68.78
C SER B 451 -0.01 43.60 69.35
N ALA B 452 -0.08 43.87 70.66
CA ALA B 452 0.93 44.73 71.26
C ALA B 452 1.06 44.43 72.74
N SER B 453 2.18 44.86 73.30
CA SER B 453 2.45 44.74 74.73
C SER B 453 3.23 45.96 75.17
N PHE B 454 2.71 46.69 76.15
CA PHE B 454 3.30 47.95 76.57
C PHE B 454 4.31 47.74 77.70
N SER B 455 5.09 48.79 77.96
CA SER B 455 6.15 48.76 78.96
C SER B 455 5.52 48.92 80.36
N HIS B 456 6.36 49.13 81.36
CA HIS B 456 5.85 49.28 82.73
C HIS B 456 5.02 50.55 82.87
N SER B 457 5.52 51.68 82.36
CA SER B 457 4.84 52.96 82.45
C SER B 457 4.35 53.43 81.08
N MET B 458 4.05 52.50 80.18
CA MET B 458 3.58 52.77 78.83
C MET B 458 4.59 53.58 78.01
N ASP B 459 5.86 53.58 78.43
CA ASP B 459 6.86 54.39 77.72
C ASP B 459 7.06 53.90 76.29
N PHE B 460 7.07 52.58 76.10
CA PHE B 460 7.21 51.98 74.78
C PHE B 460 6.31 50.76 74.72
N PHE B 461 6.18 50.19 73.52
CA PHE B 461 5.40 48.97 73.37
C PHE B 461 5.87 48.19 72.16
N LEU B 462 5.96 46.87 72.34
CA LEU B 462 6.18 45.96 71.22
C LEU B 462 4.89 45.75 70.46
N LEU B 463 5.00 45.60 69.14
CA LEU B 463 3.86 45.43 68.26
C LEU B 463 4.16 44.33 67.26
N LYS B 464 3.11 43.66 66.80
CA LYS B 464 3.24 42.52 65.89
C LYS B 464 2.06 42.51 64.93
N CYS B 465 2.36 42.23 63.66
CA CYS B 465 1.36 42.20 62.60
C CYS B 465 0.80 40.80 62.39
N GLU B 466 1.67 39.85 62.05
CA GLU B 466 1.34 38.43 61.90
C GLU B 466 0.10 38.19 61.03
N GLY B 467 -0.18 39.10 60.10
CA GLY B 467 -1.28 38.91 59.19
C GLY B 467 -1.82 40.18 58.56
N PRO B 468 -2.15 40.12 57.27
CA PRO B 468 -1.98 38.92 56.44
C PRO B 468 -0.56 38.77 55.89
N GLY B 469 0.36 39.59 56.40
CA GLY B 469 1.76 39.49 56.04
C GLY B 469 2.56 38.72 57.08
N VAL B 470 3.86 38.62 56.80
CA VAL B 470 4.77 37.93 57.72
C VAL B 470 4.74 38.64 59.06
N PRO B 471 4.85 37.93 60.20
CA PRO B 471 4.87 38.62 61.50
C PRO B 471 5.91 39.72 61.60
N MET B 472 5.44 40.96 61.72
CA MET B 472 6.30 42.14 61.84
C MET B 472 6.44 42.47 63.32
N VAL B 473 7.48 41.95 63.95
CA VAL B 473 7.78 42.27 65.34
C VAL B 473 8.59 43.56 65.35
N THR B 474 8.05 44.59 66.00
CA THR B 474 8.60 45.93 65.92
C THR B 474 8.42 46.60 67.28
N VAL B 475 9.22 47.62 67.53
CA VAL B 475 9.16 48.40 68.78
C VAL B 475 8.70 49.81 68.43
N HIS B 476 7.63 50.26 69.07
CA HIS B 476 7.09 51.59 68.88
C HIS B 476 6.98 52.28 70.23
N ASN B 477 6.58 53.55 70.21
CA ASN B 477 6.35 54.32 71.42
C ASN B 477 4.99 55.00 71.35
N THR B 478 4.37 55.17 72.53
CA THR B 478 3.02 55.71 72.57
C THR B 478 2.97 57.17 72.13
N THR B 479 4.08 57.90 72.29
CA THR B 479 4.08 59.32 71.98
C THR B 479 4.27 59.57 70.49
N ASP B 480 5.40 59.12 69.93
CA ASP B 480 5.65 59.34 68.51
C ASP B 480 4.81 58.42 67.63
N LYS B 481 4.49 57.22 68.13
CA LYS B 481 3.75 56.23 67.35
C LYS B 481 4.46 55.91 66.04
N LYS B 482 5.79 55.89 66.09
CA LYS B 482 6.63 55.65 64.92
C LYS B 482 7.70 54.62 65.27
N LYS B 483 7.98 53.73 64.33
CA LYS B 483 8.99 52.71 64.54
C LYS B 483 10.37 53.35 64.60
N MET B 484 11.12 53.03 65.66
CA MET B 484 12.52 53.45 65.72
C MET B 484 13.44 52.46 65.03
N PHE B 485 13.07 51.18 65.05
CA PHE B 485 13.86 50.13 64.42
C PHE B 485 13.00 48.88 64.31
N ASP B 486 13.49 47.91 63.56
CA ASP B 486 12.80 46.64 63.37
C ASP B 486 13.37 45.60 64.33
N LEU B 487 12.48 44.87 65.00
CA LEU B 487 12.91 43.82 65.91
C LEU B 487 13.10 42.50 65.18
N GLU B 488 12.12 42.12 64.36
CA GLU B 488 12.20 40.89 63.59
C GLU B 488 11.17 40.95 62.47
N THR B 489 11.57 40.51 61.28
CA THR B 489 10.73 40.56 60.10
C THR B 489 10.64 39.25 59.33
N ASN B 490 11.60 38.34 59.50
CA ASN B 490 11.61 37.05 58.81
C ASN B 490 11.50 37.24 57.29
N GLU B 491 12.45 38.01 56.75
CA GLU B 491 12.47 38.27 55.32
C GLU B 491 12.71 37.01 54.51
N HIS B 492 13.25 35.96 55.13
CA HIS B 492 13.36 34.67 54.43
C HIS B 492 11.98 34.14 54.07
N VAL B 493 11.02 34.28 54.98
CA VAL B 493 9.64 33.90 54.67
C VAL B 493 9.09 34.80 53.58
N LYS B 494 9.47 36.08 53.58
CA LYS B 494 9.03 37.00 52.53
C LYS B 494 9.48 36.52 51.15
N LYS B 495 10.77 36.25 51.00
CA LYS B 495 11.23 35.79 49.69
C LYS B 495 10.77 34.38 49.38
N ALA B 496 10.46 33.58 50.41
CA ALA B 496 9.89 32.25 50.16
C ALA B 496 8.49 32.35 49.57
N ILE B 497 7.62 33.16 50.18
CA ILE B 497 6.27 33.31 49.65
C ILE B 497 6.30 34.05 48.31
N ASN B 498 7.29 34.92 48.09
CA ASN B 498 7.47 35.52 46.78
C ASN B 498 8.13 34.57 45.78
N ASP B 499 8.68 33.45 46.23
CA ASP B 499 9.34 32.49 45.36
C ASP B 499 8.43 31.38 44.87
N ARG B 500 7.23 31.27 45.43
CA ARG B 500 6.24 30.30 44.98
C ARG B 500 4.90 30.99 44.77
N GLN B 501 3.99 30.27 44.12
CA GLN B 501 2.70 30.83 43.72
C GLN B 501 1.80 31.01 44.93
N MET B 502 1.93 32.13 45.62
CA MET B 502 1.13 32.40 46.80
C MET B 502 -0.34 32.52 46.39
N PRO B 503 -1.23 31.70 46.93
CA PRO B 503 -2.61 31.67 46.44
C PRO B 503 -3.32 33.01 46.62
N LYS B 504 -4.17 33.34 45.64
CA LYS B 504 -4.95 34.56 45.72
C LYS B 504 -5.97 34.45 46.85
N VAL B 505 -5.87 35.36 47.81
CA VAL B 505 -6.83 35.45 48.91
C VAL B 505 -7.89 36.46 48.54
N GLU B 506 -9.16 36.12 48.75
CA GLU B 506 -10.21 37.10 48.53
C GLU B 506 -11.36 36.78 49.49
N TYR B 507 -12.26 37.74 49.62
CA TYR B 507 -13.34 37.64 50.61
C TYR B 507 -14.66 38.03 49.97
N ARG B 508 -15.65 37.15 50.11
CA ARG B 508 -17.00 37.38 49.59
C ARG B 508 -17.96 37.10 50.75
N ASP B 509 -18.19 38.11 51.58
CA ASP B 509 -19.08 37.95 52.72
C ASP B 509 -20.52 37.78 52.24
N ILE B 510 -21.28 36.98 52.99
CA ILE B 510 -22.66 36.68 52.64
C ILE B 510 -23.58 37.32 53.66
N GLU B 511 -24.88 37.28 53.39
CA GLU B 511 -25.88 37.82 54.30
C GLU B 511 -26.97 36.78 54.53
N ILE B 512 -27.33 36.57 55.79
CA ILE B 512 -28.35 35.59 56.16
C ILE B 512 -29.09 36.11 57.38
N ASP B 513 -30.42 36.09 57.32
CA ASP B 513 -31.29 36.58 58.39
C ASP B 513 -30.95 38.05 58.61
N ASP B 514 -30.76 38.51 59.83
CA ASP B 514 -30.30 39.88 60.10
C ASP B 514 -28.80 39.93 60.39
N TYR B 515 -28.03 39.02 59.79
CA TYR B 515 -26.61 38.90 60.06
C TYR B 515 -25.81 38.99 58.76
N ASN B 516 -24.64 39.63 58.85
CA ASN B 516 -23.69 39.70 57.75
C ASN B 516 -22.58 38.68 58.03
N LEU B 517 -22.73 37.49 57.47
CA LEU B 517 -21.87 36.37 57.78
C LEU B 517 -20.54 36.51 57.04
N PRO B 518 -19.41 36.47 57.73
CA PRO B 518 -18.11 36.57 57.06
C PRO B 518 -17.81 35.32 56.25
N MET B 519 -16.84 35.46 55.34
CA MET B 519 -16.46 34.38 54.44
C MET B 519 -15.17 34.76 53.75
N GLN B 520 -14.30 33.76 53.55
CA GLN B 520 -13.08 33.94 52.79
C GLN B 520 -12.91 32.77 51.83
N ILE B 521 -12.30 33.04 50.68
CA ILE B 521 -12.16 32.10 49.59
C ILE B 521 -10.78 32.23 48.97
N LEU B 522 -10.24 31.10 48.51
CA LEU B 522 -8.89 31.05 47.97
C LEU B 522 -8.92 30.66 46.51
N LYS B 523 -7.89 31.10 45.78
CA LYS B 523 -7.65 30.78 44.39
C LYS B 523 -6.20 30.35 44.23
N PRO B 524 -5.88 29.54 43.21
CA PRO B 524 -4.54 28.96 43.12
C PRO B 524 -3.49 29.90 42.54
N ALA B 525 -3.79 31.20 42.48
CA ALA B 525 -2.94 32.27 41.97
C ALA B 525 -2.73 32.18 40.46
N THR B 526 -3.23 31.14 39.81
CA THR B 526 -3.29 31.05 38.35
C THR B 526 -4.73 30.93 37.89
N PHE B 527 -5.67 31.39 38.71
CA PHE B 527 -7.08 31.13 38.49
C PHE B 527 -7.60 31.85 37.26
N THR B 528 -8.54 31.20 36.56
CA THR B 528 -9.29 31.81 35.48
C THR B 528 -10.78 31.52 35.69
N ASP B 529 -11.61 32.47 35.29
CA ASP B 529 -13.04 32.35 35.56
C ASP B 529 -13.71 31.31 34.67
N THR B 530 -13.14 31.05 33.49
CA THR B 530 -13.75 30.07 32.59
C THR B 530 -13.49 28.65 33.07
N THR B 531 -12.26 28.35 33.49
CA THR B 531 -11.90 27.01 33.90
C THR B 531 -12.58 26.62 35.20
N HIS B 532 -12.91 25.34 35.32
CA HIS B 532 -13.59 24.82 36.50
C HIS B 532 -12.57 24.33 37.53
N TYR B 533 -12.93 24.49 38.80
CA TYR B 533 -12.06 24.08 39.89
C TYR B 533 -12.85 23.30 40.94
N PRO B 534 -12.28 22.23 41.47
CA PRO B 534 -12.96 21.49 42.54
C PRO B 534 -13.06 22.33 43.80
N LEU B 535 -14.12 22.09 44.57
CA LEU B 535 -14.40 22.85 45.78
C LEU B 535 -14.09 22.04 47.03
N LEU B 536 -13.45 22.69 48.00
CA LEU B 536 -13.26 22.14 49.33
C LEU B 536 -13.75 23.15 50.36
N LEU B 537 -14.45 22.65 51.36
CA LEU B 537 -14.90 23.45 52.49
C LEU B 537 -14.15 23.00 53.74
N VAL B 538 -13.75 23.97 54.56
CA VAL B 538 -13.13 23.71 55.85
C VAL B 538 -14.06 24.27 56.92
N VAL B 539 -14.51 23.42 57.83
CA VAL B 539 -15.52 23.79 58.81
C VAL B 539 -14.94 23.65 60.20
N ASP B 540 -15.08 24.69 61.01
CA ASP B 540 -14.70 24.66 62.42
C ASP B 540 -15.92 24.78 63.32
N GLY B 541 -16.71 25.83 63.16
CA GLY B 541 -17.96 26.01 63.88
C GLY B 541 -17.86 25.89 65.39
N THR B 542 -16.65 26.01 65.93
CA THR B 542 -16.47 25.90 67.36
C THR B 542 -17.16 27.06 68.06
N PRO B 543 -18.02 26.82 69.04
CA PRO B 543 -18.70 27.92 69.74
C PRO B 543 -17.70 28.82 70.44
N GLY B 544 -17.73 30.10 70.08
CA GLY B 544 -16.76 31.05 70.60
C GLY B 544 -15.49 31.17 69.79
N SER B 545 -15.49 30.73 68.54
CA SER B 545 -14.31 30.75 67.69
C SER B 545 -14.64 31.44 66.38
N GLN B 546 -13.59 31.81 65.65
CA GLN B 546 -13.73 32.48 64.36
C GLN B 546 -12.79 31.84 63.35
N SER B 547 -13.31 31.55 62.17
CA SER B 547 -12.51 30.99 61.08
C SER B 547 -12.11 32.02 60.03
N VAL B 548 -12.98 33.00 59.77
CA VAL B 548 -12.70 34.04 58.78
C VAL B 548 -11.98 35.16 59.52
N ALA B 549 -10.65 35.16 59.43
CA ALA B 549 -9.84 36.22 60.02
C ALA B 549 -8.69 36.53 59.07
N GLU B 550 -8.22 37.77 59.12
CA GLU B 550 -7.11 38.21 58.28
C GLU B 550 -5.79 38.10 59.05
N LYS B 551 -5.45 36.86 59.39
CA LYS B 551 -4.21 36.55 60.08
C LYS B 551 -3.40 35.60 59.20
N PHE B 552 -2.10 35.85 59.09
CA PHE B 552 -1.25 35.06 58.22
C PHE B 552 -1.07 33.66 58.76
N GLU B 553 -1.31 32.67 57.91
CA GLU B 553 -1.11 31.27 58.27
C GLU B 553 -1.03 30.45 56.99
N VAL B 554 -0.14 29.47 56.99
CA VAL B 554 0.05 28.56 55.87
C VAL B 554 -0.08 27.13 56.37
N SER B 555 -0.87 26.32 55.67
CA SER B 555 -1.15 24.97 56.10
C SER B 555 -1.52 24.14 54.87
N TRP B 556 -2.11 22.97 55.10
CA TRP B 556 -2.38 22.04 54.01
C TRP B 556 -3.29 22.66 52.96
N GLU B 557 -4.24 23.50 53.40
CA GLU B 557 -5.17 24.10 52.45
C GLU B 557 -4.42 24.85 51.35
N THR B 558 -3.48 25.72 51.73
CA THR B 558 -2.62 26.35 50.76
C THR B 558 -1.82 25.32 49.97
N VAL B 559 -1.47 24.20 50.61
CA VAL B 559 -0.62 23.20 49.95
C VAL B 559 -1.33 22.63 48.72
N MET B 560 -2.59 22.22 48.85
CA MET B 560 -3.22 21.71 47.64
C MET B 560 -3.86 22.80 46.81
N VAL B 561 -4.07 24.01 47.34
CA VAL B 561 -4.55 25.10 46.51
C VAL B 561 -3.49 25.50 45.49
N SER B 562 -2.25 25.70 45.96
CA SER B 562 -1.19 26.11 45.06
C SER B 562 -0.72 24.97 44.17
N SER B 563 -0.60 23.76 44.72
CA SER B 563 -0.04 22.63 43.99
C SER B 563 -1.11 21.87 43.20
N HIS B 564 -2.14 21.39 43.89
CA HIS B 564 -3.13 20.52 43.28
C HIS B 564 -4.33 21.27 42.71
N GLY B 565 -4.31 22.60 42.72
CA GLY B 565 -5.36 23.37 42.10
C GLY B 565 -6.72 23.23 42.75
N ALA B 566 -6.85 23.74 43.98
CA ALA B 566 -8.10 23.70 44.71
C ALA B 566 -8.50 25.12 45.11
N VAL B 567 -9.79 25.28 45.39
CA VAL B 567 -10.32 26.51 45.96
C VAL B 567 -10.96 26.15 47.29
N VAL B 568 -10.55 26.82 48.37
CA VAL B 568 -11.00 26.50 49.71
C VAL B 568 -11.83 27.66 50.25
N VAL B 569 -12.85 27.31 51.04
CA VAL B 569 -13.81 28.24 51.60
C VAL B 569 -13.72 28.15 53.12
N LYS B 570 -13.64 29.29 53.77
CA LYS B 570 -13.76 29.37 55.23
C LYS B 570 -14.93 30.28 55.57
N CYS B 571 -15.84 29.78 56.39
CA CYS B 571 -17.03 30.52 56.79
C CYS B 571 -17.15 30.51 58.30
N ASP B 572 -18.01 31.39 58.81
CA ASP B 572 -18.27 31.51 60.24
C ASP B 572 -19.78 31.68 60.39
N GLY B 573 -20.50 30.57 60.54
CA GLY B 573 -21.94 30.60 60.61
C GLY B 573 -22.49 31.11 61.92
N ARG B 574 -23.76 30.79 62.20
CA ARG B 574 -24.38 31.22 63.44
C ARG B 574 -23.62 30.65 64.64
N GLY B 575 -23.53 31.44 65.70
CA GLY B 575 -22.80 31.06 66.88
C GLY B 575 -21.31 31.36 66.84
N SER B 576 -20.82 31.95 65.76
CA SER B 576 -19.42 32.33 65.70
C SER B 576 -19.14 33.50 66.63
N GLY B 577 -17.96 33.51 67.23
CA GLY B 577 -17.60 34.55 68.17
C GLY B 577 -17.28 35.87 67.49
N PHE B 578 -17.17 36.90 68.33
CA PHE B 578 -16.80 38.26 67.92
C PHE B 578 -17.80 38.87 66.94
N GLN B 579 -19.02 38.35 66.88
CA GLN B 579 -20.05 38.91 66.02
C GLN B 579 -21.39 38.96 66.74
N GLY B 580 -21.37 39.28 68.02
CA GLY B 580 -22.61 39.47 68.76
C GLY B 580 -22.95 38.33 69.70
N THR B 581 -23.31 38.67 70.95
CA THR B 581 -23.77 37.67 71.90
C THR B 581 -25.09 37.06 71.46
N LYS B 582 -25.95 37.85 70.82
CA LYS B 582 -27.20 37.31 70.28
C LYS B 582 -26.94 36.25 69.23
N LEU B 583 -26.04 36.54 68.29
CA LEU B 583 -25.69 35.56 67.26
C LEU B 583 -25.05 34.33 67.88
N LEU B 584 -24.22 34.51 68.90
CA LEU B 584 -23.62 33.38 69.59
C LEU B 584 -24.68 32.51 70.26
N HIS B 585 -25.70 33.14 70.87
CA HIS B 585 -26.75 32.41 71.56
C HIS B 585 -27.85 31.91 70.63
N GLU B 586 -27.79 32.23 69.33
CA GLU B 586 -28.76 31.67 68.40
C GLU B 586 -28.72 30.15 68.40
N VAL B 587 -27.52 29.57 68.39
CA VAL B 587 -27.37 28.11 68.29
C VAL B 587 -27.63 27.40 69.61
N ARG B 588 -27.80 28.14 70.70
CA ARG B 588 -28.02 27.52 72.00
C ARG B 588 -29.24 26.61 71.97
N ARG B 589 -29.08 25.40 72.50
CA ARG B 589 -30.07 24.34 72.49
C ARG B 589 -30.49 23.94 71.08
N ARG B 590 -29.78 24.42 70.06
CA ARG B 590 -30.04 24.07 68.67
C ARG B 590 -28.70 23.80 67.99
N LEU B 591 -27.85 23.00 68.65
CA LEU B 591 -26.53 22.72 68.11
C LEU B 591 -26.63 21.89 66.84
N GLY B 592 -25.77 22.22 65.88
CA GLY B 592 -25.65 21.44 64.66
C GLY B 592 -26.69 21.69 63.61
N LEU B 593 -27.62 22.62 63.81
CA LEU B 593 -28.68 22.82 62.83
C LEU B 593 -28.60 24.16 62.13
N LEU B 594 -28.51 25.26 62.87
CA LEU B 594 -28.46 26.58 62.25
C LEU B 594 -27.19 26.75 61.43
N GLU B 595 -26.03 26.44 62.03
CA GLU B 595 -24.78 26.51 61.27
C GLU B 595 -24.77 25.55 60.10
N GLU B 596 -25.47 24.41 60.24
CA GLU B 596 -25.61 23.50 59.11
C GLU B 596 -26.23 24.22 57.92
N LYS B 597 -27.31 24.96 58.16
CA LYS B 597 -27.92 25.74 57.08
C LYS B 597 -27.01 26.87 56.61
N ASP B 598 -26.22 27.44 57.52
CA ASP B 598 -25.25 28.46 57.11
C ASP B 598 -24.27 27.90 56.08
N GLN B 599 -23.70 26.73 56.36
CA GLN B 599 -22.80 26.12 55.38
C GLN B 599 -23.54 25.59 54.17
N MET B 600 -24.82 25.22 54.31
CA MET B 600 -25.62 24.88 53.14
C MET B 600 -25.72 26.07 52.18
N GLU B 601 -26.02 27.24 52.72
CA GLU B 601 -26.09 28.43 51.88
C GLU B 601 -24.71 28.80 51.33
N ALA B 602 -23.66 28.58 52.11
CA ALA B 602 -22.31 28.82 51.61
C ALA B 602 -22.01 27.94 50.40
N VAL B 603 -22.34 26.65 50.50
CA VAL B 603 -22.12 25.73 49.39
C VAL B 603 -22.97 26.12 48.18
N ARG B 604 -24.23 26.50 48.42
CA ARG B 604 -25.09 26.90 47.31
C ARG B 604 -24.55 28.14 46.61
N THR B 605 -24.08 29.12 47.39
CA THR B 605 -23.52 30.33 46.78
C THR B 605 -22.24 30.02 46.02
N MET B 606 -21.40 29.12 46.55
CA MET B 606 -20.19 28.74 45.84
C MET B 606 -20.51 27.95 44.58
N LEU B 607 -21.67 27.28 44.55
CA LEU B 607 -22.09 26.58 43.35
C LEU B 607 -22.60 27.52 42.27
N LYS B 608 -22.92 28.77 42.64
CA LYS B 608 -23.34 29.76 41.65
C LYS B 608 -22.22 30.10 40.68
N GLU B 609 -20.96 29.88 41.08
CA GLU B 609 -19.83 30.25 40.24
C GLU B 609 -19.75 29.37 39.01
N GLN B 610 -19.36 29.97 37.88
CA GLN B 610 -19.09 29.24 36.66
C GLN B 610 -17.64 28.78 36.57
N TYR B 611 -16.80 29.16 37.52
CA TYR B 611 -15.42 28.69 37.58
C TYR B 611 -15.22 27.54 38.53
N ILE B 612 -16.29 27.05 39.15
CA ILE B 612 -16.22 26.03 40.18
C ILE B 612 -16.76 24.73 39.64
N ASP B 613 -16.29 23.62 40.20
CA ASP B 613 -16.79 22.30 39.84
C ASP B 613 -17.99 21.94 40.70
N ARG B 614 -18.73 20.93 40.25
CA ARG B 614 -19.81 20.34 41.03
C ARG B 614 -19.62 18.85 41.26
N THR B 615 -18.98 18.14 40.33
CA THR B 615 -18.73 16.71 40.50
C THR B 615 -17.58 16.44 41.46
N ARG B 616 -16.81 17.46 41.84
CA ARG B 616 -15.70 17.33 42.78
C ARG B 616 -15.89 18.35 43.89
N VAL B 617 -16.64 17.97 44.93
CA VAL B 617 -16.91 18.83 46.08
C VAL B 617 -16.61 18.03 47.34
N ALA B 618 -15.90 18.65 48.29
CA ALA B 618 -15.49 17.96 49.50
C ALA B 618 -15.60 18.89 50.70
N VAL B 619 -15.66 18.28 51.88
CA VAL B 619 -15.73 19.00 53.15
C VAL B 619 -14.81 18.33 54.15
N PHE B 620 -14.13 19.14 54.96
CA PHE B 620 -13.25 18.65 56.01
C PHE B 620 -13.48 19.45 57.27
N GLY B 621 -13.29 18.79 58.42
CA GLY B 621 -13.33 19.44 59.71
C GLY B 621 -12.46 18.68 60.68
N LYS B 622 -12.25 19.30 61.85
CA LYS B 622 -11.50 18.68 62.93
C LYS B 622 -12.13 19.08 64.26
N ASP B 623 -11.97 18.20 65.24
CA ASP B 623 -12.59 18.36 66.57
C ASP B 623 -14.09 18.53 66.36
N TYR B 624 -14.75 19.49 67.00
CA TYR B 624 -16.16 19.74 66.73
C TYR B 624 -16.40 20.03 65.25
N GLY B 625 -15.44 20.68 64.59
CA GLY B 625 -15.53 20.84 63.15
C GLY B 625 -15.56 19.51 62.42
N GLY B 626 -14.88 18.51 62.98
CA GLY B 626 -14.99 17.17 62.43
C GLY B 626 -16.41 16.63 62.52
N TYR B 627 -17.06 16.84 63.66
CA TYR B 627 -18.45 16.45 63.79
C TYR B 627 -19.34 17.16 62.77
N LEU B 628 -19.12 18.46 62.60
CA LEU B 628 -19.88 19.18 61.57
C LEU B 628 -19.63 18.54 60.21
N SER B 629 -18.36 18.41 59.83
CA SER B 629 -18.02 17.87 58.51
C SER B 629 -18.66 16.52 58.28
N THR B 630 -18.77 15.70 59.32
CA THR B 630 -19.56 14.48 59.21
C THR B 630 -21.02 14.81 58.97
N TYR B 631 -21.55 15.81 59.67
CA TYR B 631 -22.97 16.15 59.60
C TYR B 631 -23.31 16.89 58.30
N ILE B 632 -22.32 17.11 57.41
CA ILE B 632 -22.50 17.93 56.21
C ILE B 632 -22.38 17.04 54.97
N LEU B 633 -22.94 15.83 55.02
CA LEU B 633 -23.00 15.04 53.80
C LEU B 633 -24.43 14.91 53.29
N PRO B 634 -24.98 15.93 52.61
CA PRO B 634 -26.33 15.83 52.07
C PRO B 634 -26.37 15.39 50.62
N ALA B 635 -27.58 15.21 50.09
CA ALA B 635 -27.84 15.14 48.66
C ALA B 635 -28.79 16.28 48.34
N LYS B 636 -28.29 17.31 47.64
CA LYS B 636 -29.06 18.53 47.42
C LYS B 636 -30.34 18.22 46.66
N GLY B 637 -31.46 18.71 47.19
CA GLY B 637 -32.75 18.37 46.61
C GLY B 637 -32.96 16.87 46.57
N GLU B 638 -33.43 16.39 45.43
CA GLU B 638 -33.49 14.96 45.16
C GLU B 638 -32.98 14.58 43.77
N ASN B 639 -32.98 15.50 42.81
CA ASN B 639 -32.43 15.21 41.48
C ASN B 639 -30.97 15.64 41.38
N GLN B 640 -30.66 16.86 41.78
CA GLN B 640 -29.28 17.36 41.77
C GLN B 640 -28.59 17.09 43.11
N GLY B 641 -28.62 15.83 43.53
CA GLY B 641 -27.98 15.42 44.77
C GLY B 641 -26.48 15.31 44.64
N GLN B 642 -25.90 14.39 45.40
CA GLN B 642 -24.45 14.17 45.42
C GLN B 642 -23.72 15.47 45.74
N THR B 643 -24.08 16.05 46.89
CA THR B 643 -23.57 17.37 47.25
C THR B 643 -22.05 17.35 47.42
N PHE B 644 -21.51 16.30 48.03
CA PHE B 644 -20.08 16.18 48.26
C PHE B 644 -19.57 14.88 47.67
N THR B 645 -18.57 14.98 46.79
CA THR B 645 -17.98 13.79 46.20
C THR B 645 -17.26 12.95 47.23
N CYS B 646 -16.45 13.60 48.08
CA CYS B 646 -15.67 12.91 49.10
C CYS B 646 -15.75 13.68 50.40
N GLY B 647 -15.68 12.96 51.51
CA GLY B 647 -15.76 13.55 52.82
C GLY B 647 -14.64 13.07 53.71
N SER B 648 -14.39 13.84 54.78
CA SER B 648 -13.35 13.51 55.72
C SER B 648 -13.67 14.14 57.07
N ALA B 649 -13.02 13.62 58.11
CA ALA B 649 -13.19 14.13 59.46
C ALA B 649 -11.98 13.74 60.29
N LEU B 650 -11.83 14.40 61.43
CA LEU B 650 -10.72 14.14 62.33
C LEU B 650 -11.19 14.30 63.77
N SER B 651 -11.21 13.20 64.52
CA SER B 651 -11.60 13.20 65.92
C SER B 651 -12.94 13.90 66.16
N PRO B 652 -14.02 13.45 65.53
CA PRO B 652 -15.30 14.12 65.70
C PRO B 652 -15.89 13.88 67.08
N ILE B 653 -16.92 14.66 67.41
CA ILE B 653 -17.62 14.52 68.68
C ILE B 653 -19.05 14.07 68.40
N THR B 654 -19.25 12.75 68.33
CA THR B 654 -20.54 12.22 67.88
C THR B 654 -21.66 12.57 68.85
N ASP B 655 -21.54 12.14 70.09
CA ASP B 655 -22.51 12.46 71.14
C ASP B 655 -21.81 13.23 72.23
N PHE B 656 -22.35 14.40 72.57
CA PHE B 656 -21.73 15.24 73.58
C PHE B 656 -21.90 14.68 75.00
N LYS B 657 -22.79 13.71 75.20
CA LYS B 657 -22.76 12.96 76.46
C LYS B 657 -21.43 12.25 76.63
N LEU B 658 -20.83 11.81 75.52
CA LEU B 658 -19.52 11.16 75.52
C LEU B 658 -18.37 12.16 75.54
N TYR B 659 -18.66 13.41 75.90
CA TYR B 659 -17.68 14.48 75.96
C TYR B 659 -17.69 15.09 77.36
N ALA B 660 -16.81 16.07 77.57
CA ALA B 660 -16.69 16.72 78.87
C ALA B 660 -17.98 17.45 79.24
N SER B 661 -18.29 17.44 80.53
CA SER B 661 -19.51 18.08 81.00
C SER B 661 -19.46 19.59 80.83
N ALA B 662 -18.29 20.21 81.04
CA ALA B 662 -18.18 21.65 80.97
C ALA B 662 -18.56 22.21 79.60
N PHE B 663 -18.48 21.38 78.56
CA PHE B 663 -18.89 21.76 77.22
C PHE B 663 -20.37 21.47 76.98
N SER B 664 -20.79 20.24 77.27
CA SER B 664 -22.15 19.82 76.96
C SER B 664 -23.17 20.59 77.79
N GLU B 665 -22.92 20.72 79.10
CA GLU B 665 -23.82 21.49 79.95
C GLU B 665 -23.86 22.96 79.53
N ARG B 666 -22.70 23.51 79.14
CA ARG B 666 -22.64 24.90 78.74
C ARG B 666 -23.46 25.17 77.49
N TYR B 667 -23.36 24.27 76.50
CA TYR B 667 -23.95 24.56 75.20
C TYR B 667 -25.30 23.88 74.95
N LEU B 668 -25.73 22.98 75.84
CA LEU B 668 -27.03 22.34 75.68
C LEU B 668 -27.78 22.17 76.99
N GLY B 669 -27.26 22.66 78.11
CA GLY B 669 -27.86 22.41 79.40
C GLY B 669 -27.31 21.17 80.06
N LEU B 670 -27.44 21.11 81.39
CA LEU B 670 -26.88 20.01 82.16
C LEU B 670 -27.58 18.70 81.81
N HIS B 671 -26.79 17.65 81.60
CA HIS B 671 -27.31 16.32 81.35
C HIS B 671 -27.54 15.61 82.69
N GLY B 672 -27.83 14.32 82.65
CA GLY B 672 -28.23 13.60 83.84
C GLY B 672 -29.67 13.83 84.23
N LEU B 673 -30.44 14.54 83.40
CA LEU B 673 -31.83 14.86 83.70
C LEU B 673 -32.73 14.69 82.49
N ASP B 674 -32.27 13.98 81.46
CA ASP B 674 -32.98 13.84 80.20
C ASP B 674 -33.24 15.21 79.57
N ASN B 675 -32.12 15.84 79.19
CA ASN B 675 -32.14 17.21 78.70
C ASN B 675 -32.93 17.37 77.40
N ARG B 676 -33.21 16.26 76.70
CA ARG B 676 -33.95 16.29 75.44
C ARG B 676 -33.22 17.10 74.38
N ALA B 677 -31.90 17.17 74.47
CA ALA B 677 -31.09 17.89 73.50
C ALA B 677 -29.90 17.09 72.97
N TYR B 678 -29.46 16.05 73.67
CA TYR B 678 -28.35 15.22 73.22
C TYR B 678 -28.78 14.08 72.32
N GLU B 679 -30.08 13.91 72.08
CA GLU B 679 -30.53 12.82 71.23
C GLU B 679 -30.44 13.19 69.76
N MET B 680 -31.16 14.25 69.35
CA MET B 680 -31.14 14.66 67.95
C MET B 680 -29.78 15.21 67.52
N THR B 681 -28.94 15.62 68.47
CA THR B 681 -27.60 16.07 68.13
C THR B 681 -26.65 14.91 67.83
N LYS B 682 -27.11 13.67 67.97
CA LYS B 682 -26.31 12.53 67.52
C LYS B 682 -26.39 12.42 66.00
N VAL B 683 -25.23 12.39 65.35
CA VAL B 683 -25.18 12.36 63.89
C VAL B 683 -25.67 11.06 63.30
N ALA B 684 -25.88 10.03 64.14
CA ALA B 684 -26.37 8.75 63.65
C ALA B 684 -27.67 8.89 62.87
N HIS B 685 -28.50 9.87 63.24
CA HIS B 685 -29.73 10.11 62.51
C HIS B 685 -29.44 10.63 61.11
N ARG B 686 -28.48 11.56 60.99
CA ARG B 686 -28.20 12.24 59.75
C ARG B 686 -27.29 11.46 58.81
N VAL B 687 -26.62 10.42 59.31
CA VAL B 687 -25.71 9.65 58.46
C VAL B 687 -26.51 8.53 57.80
N SER B 688 -27.83 8.66 57.82
CA SER B 688 -28.69 7.64 57.22
C SER B 688 -28.40 7.49 55.73
N ALA B 689 -28.37 8.60 54.99
CA ALA B 689 -28.23 8.53 53.54
C ALA B 689 -26.90 7.94 53.12
N LEU B 690 -25.81 8.69 53.34
CA LEU B 690 -24.44 8.28 53.01
C LEU B 690 -24.38 7.45 51.73
N GLU B 691 -24.87 8.05 50.64
CA GLU B 691 -25.14 7.28 49.43
C GLU B 691 -23.84 6.84 48.76
N GLU B 692 -23.03 7.80 48.29
CA GLU B 692 -21.87 7.49 47.48
C GLU B 692 -20.60 8.23 47.88
N GLN B 693 -20.67 9.17 48.82
CA GLN B 693 -19.50 9.95 49.19
C GLN B 693 -18.44 9.08 49.84
N GLN B 694 -17.19 9.27 49.42
CA GLN B 694 -16.06 8.58 50.02
C GLN B 694 -15.70 9.27 51.33
N PHE B 695 -15.93 8.58 52.44
CA PHE B 695 -15.79 9.16 53.77
C PHE B 695 -14.56 8.58 54.45
N LEU B 696 -13.82 9.43 55.14
CA LEU B 696 -12.61 9.02 55.84
C LEU B 696 -12.61 9.61 57.25
N ILE B 697 -12.10 8.83 58.20
CA ILE B 697 -11.96 9.24 59.58
C ILE B 697 -10.49 9.18 59.95
N ILE B 698 -10.00 10.18 60.66
CA ILE B 698 -8.66 10.19 61.23
C ILE B 698 -8.80 10.27 62.74
N HIS B 699 -8.24 9.30 63.45
CA HIS B 699 -8.30 9.45 64.91
C HIS B 699 -7.14 8.74 65.59
N PRO B 700 -6.27 9.49 66.28
CA PRO B 700 -5.23 8.83 67.08
C PRO B 700 -5.83 8.00 68.21
N THR B 701 -5.14 6.92 68.56
CA THR B 701 -5.65 6.00 69.56
C THR B 701 -5.74 6.64 70.94
N ALA B 702 -4.72 7.38 71.34
CA ALA B 702 -4.61 7.89 72.71
C ALA B 702 -5.08 9.33 72.84
N ASP B 703 -6.11 9.72 72.08
CA ASP B 703 -6.66 11.06 72.21
C ASP B 703 -7.19 11.27 73.62
N GLU B 704 -6.89 12.43 74.19
CA GLU B 704 -7.33 12.81 75.52
C GLU B 704 -8.53 13.74 75.51
N LYS B 705 -8.52 14.73 74.62
CA LYS B 705 -9.62 15.69 74.56
C LYS B 705 -10.89 15.03 74.03
N ILE B 706 -10.78 14.25 72.96
CA ILE B 706 -11.93 13.68 72.26
C ILE B 706 -11.73 12.17 72.23
N HIS B 707 -12.32 11.47 73.20
CA HIS B 707 -12.03 10.06 73.39
C HIS B 707 -12.41 9.24 72.16
N PHE B 708 -11.66 8.15 71.95
CA PHE B 708 -11.89 7.26 70.83
C PHE B 708 -13.27 6.61 70.87
N GLN B 709 -13.94 6.63 72.03
CA GLN B 709 -15.30 6.11 72.12
C GLN B 709 -16.22 6.75 71.09
N HIS B 710 -16.03 8.05 70.81
CA HIS B 710 -16.84 8.70 69.78
C HIS B 710 -16.67 8.02 68.43
N THR B 711 -15.41 7.81 68.02
CA THR B 711 -15.16 7.16 66.74
C THR B 711 -15.69 5.74 66.73
N ALA B 712 -15.53 5.01 67.83
CA ALA B 712 -16.03 3.65 67.89
C ALA B 712 -17.55 3.61 67.73
N GLU B 713 -18.25 4.50 68.43
CA GLU B 713 -19.71 4.55 68.30
C GLU B 713 -20.12 4.92 66.88
N LEU B 714 -19.43 5.88 66.28
CA LEU B 714 -19.77 6.27 64.91
C LEU B 714 -19.51 5.12 63.94
N ILE B 715 -18.46 4.35 64.17
CA ILE B 715 -18.18 3.18 63.33
C ILE B 715 -19.27 2.14 63.50
N THR B 716 -19.75 1.94 64.73
CA THR B 716 -20.88 1.04 64.92
C THR B 716 -22.10 1.52 64.15
N GLN B 717 -22.33 2.83 64.15
CA GLN B 717 -23.42 3.39 63.35
C GLN B 717 -23.23 3.11 61.88
N LEU B 718 -22.00 3.28 61.37
CA LEU B 718 -21.73 3.00 59.97
C LEU B 718 -21.98 1.54 59.63
N ILE B 719 -21.56 0.63 60.53
CA ILE B 719 -21.83 -0.79 60.32
C ILE B 719 -23.32 -1.05 60.28
N ARG B 720 -24.07 -0.47 61.21
CA ARG B 720 -25.53 -0.63 61.19
C ARG B 720 -26.18 0.05 59.99
N GLY B 721 -25.45 0.93 59.31
CA GLY B 721 -25.99 1.61 58.13
C GLY B 721 -25.36 1.17 56.83
N LYS B 722 -24.39 0.25 56.91
CA LYS B 722 -23.68 -0.25 55.73
C LYS B 722 -23.06 0.88 54.92
N ALA B 723 -22.43 1.83 55.62
CA ALA B 723 -21.83 2.98 54.96
C ALA B 723 -20.44 2.64 54.44
N ASN B 724 -20.06 3.33 53.37
CA ASN B 724 -18.73 3.19 52.76
C ASN B 724 -17.81 4.23 53.36
N TYR B 725 -16.66 3.78 53.87
CA TYR B 725 -15.71 4.68 54.51
C TYR B 725 -14.34 4.00 54.57
N SER B 726 -13.37 4.74 55.12
CA SER B 726 -12.02 4.21 55.32
C SER B 726 -11.43 4.91 56.53
N LEU B 727 -11.20 4.15 57.61
CA LEU B 727 -10.67 4.70 58.86
C LEU B 727 -9.15 4.66 58.85
N GLN B 728 -8.55 5.63 59.54
CA GLN B 728 -7.12 5.65 59.80
C GLN B 728 -6.87 6.09 61.24
N ILE B 729 -5.85 5.50 61.84
CA ILE B 729 -5.61 5.59 63.28
C ILE B 729 -4.14 5.93 63.52
N TYR B 730 -3.89 6.60 64.64
CA TYR B 730 -2.53 6.84 65.11
C TYR B 730 -2.35 6.12 66.44
N PRO B 731 -1.55 5.05 66.48
CA PRO B 731 -1.50 4.22 67.69
C PRO B 731 -0.79 4.93 68.83
N ASP B 732 -1.53 5.12 69.93
CA ASP B 732 -0.99 5.68 71.17
C ASP B 732 -0.35 7.05 70.93
N GLU B 733 -1.18 7.98 70.47
CA GLU B 733 -0.74 9.33 70.16
C GLU B 733 -1.65 10.34 70.84
N SER B 734 -1.06 11.43 71.32
CA SER B 734 -1.82 12.49 71.97
C SER B 734 -2.68 13.23 70.94
N HIS B 735 -3.74 13.86 71.45
CA HIS B 735 -4.70 14.53 70.56
C HIS B 735 -4.08 15.75 69.89
N TYR B 736 -3.45 16.62 70.67
CA TYR B 736 -2.95 17.88 70.12
C TYR B 736 -1.76 17.68 69.19
N PHE B 737 -1.16 16.50 69.21
CA PHE B 737 -0.41 15.99 68.06
C PHE B 737 0.74 16.93 67.68
N THR B 738 1.70 17.04 68.59
CA THR B 738 2.75 18.04 68.50
C THR B 738 4.07 17.48 67.98
N SER B 739 4.03 16.54 67.04
CA SER B 739 5.23 16.00 66.42
C SER B 739 5.31 16.46 64.97
N SER B 740 6.49 16.97 64.58
CA SER B 740 6.63 17.56 63.25
C SER B 740 6.55 16.49 62.15
N SER B 741 7.31 15.40 62.28
CA SER B 741 7.31 14.38 61.24
C SER B 741 5.94 13.71 61.13
N LEU B 742 5.32 13.41 62.27
CA LEU B 742 3.96 12.88 62.25
C LEU B 742 3.00 13.88 61.63
N LYS B 743 3.22 15.18 61.87
CA LYS B 743 2.38 16.19 61.24
C LYS B 743 2.54 16.16 59.73
N GLN B 744 3.77 15.98 59.24
CA GLN B 744 4.00 15.84 57.81
C GLN B 744 3.26 14.62 57.27
N HIS B 745 3.31 13.51 57.99
CA HIS B 745 2.61 12.31 57.55
C HIS B 745 1.10 12.54 57.49
N LEU B 746 0.55 13.19 58.51
CA LEU B 746 -0.88 13.44 58.54
C LEU B 746 -1.31 14.35 57.40
N TYR B 747 -0.58 15.44 57.18
CA TYR B 747 -0.93 16.35 56.09
C TYR B 747 -0.77 15.67 54.74
N ARG B 748 0.26 14.84 54.59
CA ARG B 748 0.43 14.11 53.34
C ARG B 748 -0.74 13.15 53.10
N SER B 749 -1.19 12.47 54.15
CA SER B 749 -2.34 11.59 54.02
C SER B 749 -3.58 12.38 53.60
N ILE B 750 -3.81 13.53 54.25
CA ILE B 750 -4.98 14.34 53.91
C ILE B 750 -4.93 14.78 52.45
N ILE B 751 -3.78 15.30 52.02
CA ILE B 751 -3.69 15.82 50.66
C ILE B 751 -3.79 14.69 49.65
N ASN B 752 -3.22 13.52 49.96
CA ASN B 752 -3.31 12.39 49.05
C ASN B 752 -4.76 11.93 48.90
N PHE B 753 -5.48 11.81 50.02
CA PHE B 753 -6.88 11.42 49.93
C PHE B 753 -7.69 12.43 49.15
N PHE B 754 -7.48 13.72 49.41
CA PHE B 754 -8.30 14.74 48.76
C PHE B 754 -7.99 14.82 47.27
N VAL B 755 -6.71 14.69 46.89
CA VAL B 755 -6.38 14.71 45.47
C VAL B 755 -6.88 13.46 44.77
N GLU B 756 -6.86 12.30 45.46
CA GLU B 756 -7.40 11.09 44.86
C GLU B 756 -8.89 11.21 44.64
N CYS B 757 -9.62 11.78 45.59
CA CYS B 757 -11.05 12.00 45.40
C CYS B 757 -11.35 13.20 44.52
N PHE B 758 -10.34 13.99 44.15
CA PHE B 758 -10.50 15.06 43.18
C PHE B 758 -9.88 14.77 41.84
N ARG B 759 -9.02 13.75 41.73
CA ARG B 759 -8.49 13.38 40.43
C ARG B 759 -9.57 12.70 39.60
N ILE B 760 -9.57 12.99 38.30
CA ILE B 760 -10.58 12.45 37.39
C ILE B 760 -10.12 12.62 35.95
N GLU C 1 -53.20 10.16 -76.72
CA GLU C 1 -52.33 10.68 -77.78
C GLU C 1 -52.38 12.20 -77.84
N GLY C 2 -53.57 12.74 -78.07
CA GLY C 2 -53.78 14.16 -78.18
C GLY C 2 -53.65 14.70 -79.59
N LEU C 3 -53.04 13.94 -80.50
CA LEU C 3 -52.91 14.34 -81.89
C LEU C 3 -54.13 13.98 -82.71
N GLU C 4 -54.61 12.75 -82.58
CA GLU C 4 -55.83 12.31 -83.23
C GLU C 4 -57.00 12.15 -82.25
N GLN C 5 -56.76 12.36 -80.96
CA GLN C 5 -57.79 12.19 -79.96
C GLN C 5 -58.68 13.42 -79.84
N LEU C 6 -59.21 13.89 -80.97
CA LEU C 6 -60.08 15.07 -80.95
C LEU C 6 -61.53 14.68 -80.68
N GLU C 7 -62.02 13.67 -81.40
CA GLU C 7 -63.36 13.15 -81.18
C GLU C 7 -63.42 11.62 -81.19
N ALA C 8 -62.33 10.95 -81.59
CA ALA C 8 -62.37 9.51 -81.75
C ALA C 8 -62.66 8.80 -80.42
N GLN C 9 -62.01 9.24 -79.34
CA GLN C 9 -62.23 8.66 -78.02
C GLN C 9 -62.63 9.72 -76.99
N THR C 10 -63.15 10.85 -77.44
CA THR C 10 -63.61 11.90 -76.56
C THR C 10 -64.70 12.69 -77.26
N ASN C 11 -65.42 13.49 -76.47
CA ASN C 11 -66.54 14.29 -76.95
C ASN C 11 -66.38 15.74 -76.52
N PHE C 12 -65.15 16.24 -76.52
CA PHE C 12 -64.85 17.60 -76.08
C PHE C 12 -63.99 18.29 -77.13
N THR C 13 -63.96 19.62 -77.04
CA THR C 13 -63.13 20.41 -77.94
C THR C 13 -61.66 20.27 -77.55
N LYS C 14 -60.79 20.83 -78.41
CA LYS C 14 -59.36 20.79 -78.15
C LYS C 14 -59.01 21.55 -76.88
N ARG C 15 -59.63 22.73 -76.69
CA ARG C 15 -59.35 23.53 -75.51
C ARG C 15 -59.76 22.82 -74.23
N GLU C 16 -60.97 22.25 -74.23
CA GLU C 16 -61.45 21.52 -73.06
C GLU C 16 -60.57 20.31 -72.77
N LEU C 17 -60.19 19.57 -73.82
CA LEU C 17 -59.33 18.40 -73.61
C LEU C 17 -57.99 18.80 -73.02
N GLN C 18 -57.35 19.85 -73.57
CA GLN C 18 -56.03 20.23 -73.09
C GLN C 18 -56.09 20.79 -71.67
N VAL C 19 -57.14 21.56 -71.35
CA VAL C 19 -57.23 22.11 -70.00
C VAL C 19 -57.53 20.99 -69.00
N LEU C 20 -58.36 20.01 -69.37
CA LEU C 20 -58.62 18.89 -68.48
C LEU C 20 -57.37 18.08 -68.25
N TYR C 21 -56.59 17.84 -69.31
CA TYR C 21 -55.33 17.10 -69.16
C TYR C 21 -54.35 17.86 -68.28
N ARG C 22 -54.24 19.17 -68.46
CA ARG C 22 -53.31 19.95 -67.65
C ARG C 22 -53.73 19.95 -66.18
N GLY C 23 -55.03 20.09 -65.91
CA GLY C 23 -55.50 20.03 -64.53
C GLY C 23 -55.27 18.67 -63.91
N PHE C 24 -55.56 17.60 -64.65
CA PHE C 24 -55.35 16.26 -64.12
C PHE C 24 -53.88 16.00 -63.83
N LYS C 25 -52.99 16.44 -64.72
CA LYS C 25 -51.56 16.28 -64.47
C LYS C 25 -51.10 17.14 -63.31
N ASN C 26 -51.70 18.32 -63.12
CA ASN C 26 -51.38 19.13 -61.95
C ASN C 26 -51.75 18.40 -60.67
N GLU C 27 -52.92 17.74 -60.66
CA GLU C 27 -53.31 16.94 -59.51
C GLU C 27 -52.70 15.55 -59.51
N CYS C 28 -52.31 15.03 -60.68
CA CYS C 28 -51.68 13.71 -60.80
C CYS C 28 -50.48 13.83 -61.73
N PRO C 29 -49.33 14.26 -61.21
CA PRO C 29 -48.14 14.40 -62.08
C PRO C 29 -47.72 13.11 -62.76
N SER C 30 -47.92 11.96 -62.11
CA SER C 30 -47.56 10.69 -62.72
C SER C 30 -48.42 10.35 -63.93
N GLY C 31 -49.55 11.04 -64.11
CA GLY C 31 -50.44 10.74 -65.20
C GLY C 31 -51.42 9.62 -64.97
N VAL C 32 -51.38 8.99 -63.79
CA VAL C 32 -52.29 7.91 -63.44
C VAL C 32 -52.92 8.23 -62.10
N VAL C 33 -54.24 8.11 -62.02
CA VAL C 33 -54.99 8.43 -60.81
C VAL C 33 -55.37 7.13 -60.11
N ASN C 34 -55.39 7.16 -58.77
CA ASN C 34 -55.67 5.99 -57.96
C ASN C 34 -56.94 6.21 -57.13
N GLU C 35 -57.25 5.21 -56.31
CA GLU C 35 -58.47 5.25 -55.49
C GLU C 35 -58.39 6.36 -54.44
N ASP C 36 -57.24 6.51 -53.80
CA ASP C 36 -57.12 7.49 -52.72
C ASP C 36 -57.29 8.91 -53.24
N THR C 37 -56.85 9.17 -54.47
CA THR C 37 -57.07 10.48 -55.07
C THR C 37 -58.56 10.75 -55.26
N PHE C 38 -59.30 9.74 -55.71
CA PHE C 38 -60.76 9.86 -55.79
C PHE C 38 -61.35 10.15 -54.42
N LYS C 39 -60.89 9.41 -53.40
CA LYS C 39 -61.36 9.62 -52.03
C LYS C 39 -61.18 11.07 -51.61
N GLN C 40 -59.98 11.60 -51.79
CA GLN C 40 -59.68 12.92 -51.25
C GLN C 40 -60.29 14.04 -52.08
N ILE C 41 -60.42 13.88 -53.41
CA ILE C 41 -61.13 14.90 -54.18
C ILE C 41 -62.62 14.89 -53.84
N TYR C 42 -63.20 13.70 -53.63
CA TYR C 42 -64.61 13.63 -53.29
C TYR C 42 -64.88 14.17 -51.89
N ALA C 43 -63.92 14.02 -50.98
CA ALA C 43 -64.05 14.62 -49.67
C ALA C 43 -63.84 16.13 -49.71
N GLN C 44 -62.92 16.61 -50.56
CA GLN C 44 -62.67 18.04 -50.68
C GLN C 44 -63.87 18.76 -51.29
N PHE C 45 -64.51 18.14 -52.30
CA PHE C 45 -65.69 18.75 -52.91
C PHE C 45 -66.82 18.92 -51.91
N PHE C 46 -67.09 17.89 -51.11
CA PHE C 46 -68.20 17.89 -50.16
C PHE C 46 -67.63 17.78 -48.76
N PRO C 47 -67.35 18.90 -48.10
CA PRO C 47 -66.77 18.87 -46.75
C PRO C 47 -67.82 18.84 -45.65
N HIS C 48 -68.69 17.82 -45.68
CA HIS C 48 -69.72 17.70 -44.66
C HIS C 48 -69.97 16.27 -44.21
N GLY C 49 -69.07 15.33 -44.49
CA GLY C 49 -69.26 13.96 -44.05
C GLY C 49 -68.23 12.98 -44.55
N ASP C 50 -68.59 11.70 -44.62
CA ASP C 50 -67.70 10.63 -45.02
C ASP C 50 -68.01 10.23 -46.46
N ALA C 51 -66.96 10.11 -47.28
CA ALA C 51 -67.08 9.94 -48.72
C ALA C 51 -66.23 8.77 -49.22
N SER C 52 -66.35 7.62 -48.55
CA SER C 52 -65.46 6.51 -48.84
C SER C 52 -66.03 5.55 -49.88
N THR C 53 -67.17 4.92 -49.59
CA THR C 53 -67.62 3.80 -50.41
C THR C 53 -68.19 4.26 -51.75
N TYR C 54 -68.84 5.43 -51.80
CA TYR C 54 -69.32 5.92 -53.08
C TYR C 54 -68.16 6.23 -54.01
N ALA C 55 -67.10 6.85 -53.48
CA ALA C 55 -65.91 7.06 -54.29
C ALA C 55 -65.27 5.75 -54.72
N HIS C 56 -65.36 4.72 -53.86
CA HIS C 56 -64.83 3.41 -54.23
C HIS C 56 -65.59 2.84 -55.42
N TYR C 57 -66.92 2.92 -55.39
CA TYR C 57 -67.72 2.45 -56.52
C TYR C 57 -67.45 3.29 -57.77
N LEU C 58 -67.28 4.60 -57.61
CA LEU C 58 -66.98 5.47 -58.74
C LEU C 58 -65.66 5.07 -59.39
N PHE C 59 -64.63 4.81 -58.58
CA PHE C 59 -63.36 4.37 -59.12
C PHE C 59 -63.48 3.01 -59.78
N ASN C 60 -64.21 2.08 -59.15
CA ASN C 60 -64.41 0.77 -59.75
C ASN C 60 -65.07 0.87 -61.12
N ALA C 61 -66.02 1.80 -61.27
CA ALA C 61 -66.58 2.06 -62.59
C ALA C 61 -65.51 2.63 -63.52
N PHE C 62 -64.69 3.56 -63.01
CA PHE C 62 -63.61 4.10 -63.82
C PHE C 62 -62.49 3.09 -64.02
N ASP C 63 -62.25 2.21 -63.05
CA ASP C 63 -61.19 1.21 -63.15
C ASP C 63 -61.65 0.11 -64.10
N THR C 64 -61.50 0.39 -65.39
CA THR C 64 -61.85 -0.59 -66.41
C THR C 64 -60.87 -1.75 -66.40
N THR C 65 -61.39 -2.95 -66.69
CA THR C 65 -60.64 -4.20 -66.68
C THR C 65 -60.01 -4.49 -65.33
N GLN C 66 -60.43 -3.79 -64.27
CA GLN C 66 -59.90 -3.98 -62.93
C GLN C 66 -58.37 -3.84 -62.90
N THR C 67 -57.87 -2.83 -63.61
CA THR C 67 -56.43 -2.56 -63.60
C THR C 67 -55.97 -2.09 -62.23
N GLY C 68 -56.82 -1.35 -61.52
CA GLY C 68 -56.48 -0.79 -60.23
C GLY C 68 -56.14 0.69 -60.26
N SER C 69 -55.83 1.23 -61.44
CA SER C 69 -55.54 2.65 -61.58
C SER C 69 -55.72 3.01 -63.05
N VAL C 70 -56.71 3.86 -63.33
CA VAL C 70 -57.08 4.17 -64.71
C VAL C 70 -56.16 5.25 -65.26
N LYS C 71 -55.89 5.18 -66.56
CA LYS C 71 -55.06 6.17 -67.23
C LYS C 71 -55.94 7.34 -67.68
N PHE C 72 -55.37 8.26 -68.45
CA PHE C 72 -56.12 9.45 -68.86
C PHE C 72 -57.13 9.14 -69.97
N GLU C 73 -56.80 8.23 -70.89
CA GLU C 73 -57.67 8.03 -72.06
C GLU C 73 -59.05 7.52 -71.65
N ASP C 74 -59.09 6.45 -70.84
CA ASP C 74 -60.38 5.92 -70.41
C ASP C 74 -61.13 6.91 -69.53
N PHE C 75 -60.40 7.62 -68.67
CA PHE C 75 -61.02 8.60 -67.78
C PHE C 75 -61.71 9.70 -68.58
N VAL C 76 -61.00 10.28 -69.56
CA VAL C 76 -61.57 11.35 -70.35
C VAL C 76 -62.67 10.82 -71.27
N THR C 77 -62.55 9.57 -71.75
CA THR C 77 -63.62 9.00 -72.55
C THR C 77 -64.89 8.84 -71.74
N ALA C 78 -64.77 8.37 -70.49
CA ALA C 78 -65.94 8.26 -69.62
C ALA C 78 -66.53 9.63 -69.33
N LEU C 79 -65.69 10.62 -69.04
CA LEU C 79 -66.19 11.96 -68.78
C LEU C 79 -66.91 12.52 -70.01
N SER C 80 -66.38 12.23 -71.20
CA SER C 80 -67.00 12.73 -72.42
C SER C 80 -68.34 12.07 -72.69
N ILE C 81 -68.42 10.74 -72.54
CA ILE C 81 -69.66 10.04 -72.81
C ILE C 81 -70.69 10.22 -71.70
N LEU C 82 -70.27 10.74 -70.54
CA LEU C 82 -71.22 11.07 -69.49
C LEU C 82 -71.64 12.53 -69.49
N LEU C 83 -70.79 13.43 -69.97
CA LEU C 83 -71.10 14.86 -69.99
C LEU C 83 -71.55 15.36 -71.34
N ARG C 84 -71.12 14.72 -72.43
CA ARG C 84 -71.55 15.14 -73.76
C ARG C 84 -71.84 13.94 -74.66
N GLY C 85 -72.33 12.84 -74.08
CA GLY C 85 -72.62 11.63 -74.81
C GLY C 85 -74.11 11.46 -75.08
N THR C 86 -74.49 10.23 -75.39
CA THR C 86 -75.87 9.88 -75.67
C THR C 86 -76.53 9.26 -74.44
N VAL C 87 -77.86 9.22 -74.46
CA VAL C 87 -78.62 8.78 -73.30
C VAL C 87 -78.29 7.32 -72.96
N HIS C 88 -78.18 6.47 -73.98
CA HIS C 88 -77.86 5.06 -73.74
C HIS C 88 -76.49 4.92 -73.09
N GLU C 89 -75.56 5.80 -73.42
CA GLU C 89 -74.24 5.76 -72.79
C GLU C 89 -74.34 6.09 -71.30
N LYS C 90 -75.13 7.11 -70.94
CA LYS C 90 -75.32 7.42 -69.53
C LYS C 90 -75.99 6.27 -68.80
N LEU C 91 -76.99 5.64 -69.42
CA LEU C 91 -77.65 4.51 -68.77
C LEU C 91 -76.70 3.33 -68.61
N ARG C 92 -75.83 3.08 -69.60
CA ARG C 92 -74.82 2.04 -69.48
C ARG C 92 -73.86 2.34 -68.33
N TRP C 93 -73.44 3.61 -68.21
CA TRP C 93 -72.55 3.98 -67.12
C TRP C 93 -73.23 3.76 -65.76
N THR C 94 -74.49 4.15 -65.64
CA THR C 94 -75.22 3.94 -64.39
C THR C 94 -75.40 2.45 -64.11
N PHE C 95 -75.65 1.65 -65.16
CA PHE C 95 -75.75 0.21 -65.00
C PHE C 95 -74.47 -0.34 -64.40
N ASN C 96 -73.32 0.03 -64.97
CA ASN C 96 -72.05 -0.46 -64.46
C ASN C 96 -71.78 0.05 -63.04
N LEU C 97 -72.23 1.28 -62.76
CA LEU C 97 -72.05 1.84 -61.41
C LEU C 97 -72.84 1.03 -60.38
N TYR C 98 -74.09 0.70 -60.70
CA TYR C 98 -74.94 -0.02 -59.75
C TYR C 98 -74.72 -1.53 -59.78
N ASP C 99 -73.93 -2.04 -60.72
CA ASP C 99 -73.63 -3.47 -60.78
C ASP C 99 -72.23 -3.68 -60.22
N ILE C 100 -72.16 -3.79 -58.89
CA ILE C 100 -70.88 -3.94 -58.21
C ILE C 100 -70.21 -5.25 -58.64
N ASN C 101 -70.96 -6.35 -58.62
CA ASN C 101 -70.51 -7.62 -59.16
C ASN C 101 -71.00 -7.75 -60.61
N LYS C 102 -70.85 -8.94 -61.19
CA LYS C 102 -71.11 -9.16 -62.62
C LYS C 102 -72.30 -10.09 -62.86
N ASP C 103 -73.34 -9.99 -62.03
CA ASP C 103 -74.54 -10.80 -62.23
C ASP C 103 -75.52 -10.06 -63.13
N GLY C 104 -76.53 -10.79 -63.62
CA GLY C 104 -77.53 -10.21 -64.47
C GLY C 104 -78.64 -9.48 -63.74
N TYR C 105 -78.63 -9.55 -62.42
CA TYR C 105 -79.66 -8.93 -61.58
C TYR C 105 -79.02 -8.04 -60.53
N ILE C 106 -79.80 -7.07 -60.05
CA ILE C 106 -79.37 -6.16 -58.99
C ILE C 106 -80.20 -6.47 -57.76
N ASN C 107 -79.55 -6.91 -56.68
CA ASN C 107 -80.22 -7.45 -55.52
C ASN C 107 -80.33 -6.40 -54.40
N LYS C 108 -80.82 -6.85 -53.25
CA LYS C 108 -81.12 -5.95 -52.15
C LYS C 108 -79.86 -5.30 -51.57
N GLU C 109 -78.78 -6.08 -51.41
CA GLU C 109 -77.59 -5.56 -50.75
C GLU C 109 -76.90 -4.49 -51.58
N GLU C 110 -76.96 -4.59 -52.91
CA GLU C 110 -76.38 -3.55 -53.75
C GLU C 110 -77.09 -2.22 -53.52
N MET C 111 -78.42 -2.23 -53.50
CA MET C 111 -79.16 -1.01 -53.18
C MET C 111 -78.90 -0.56 -51.76
N MET C 112 -78.70 -1.50 -50.83
CA MET C 112 -78.38 -1.13 -49.45
C MET C 112 -77.10 -0.32 -49.41
N ASP C 113 -76.03 -0.83 -50.02
CA ASP C 113 -74.76 -0.10 -49.96
C ASP C 113 -74.83 1.20 -50.76
N ILE C 114 -75.56 1.22 -51.87
CA ILE C 114 -75.68 2.44 -52.66
C ILE C 114 -76.42 3.53 -51.88
N VAL C 115 -77.53 3.17 -51.25
CA VAL C 115 -78.29 4.15 -50.49
C VAL C 115 -77.53 4.59 -49.24
N LYS C 116 -76.73 3.68 -48.64
CA LYS C 116 -75.88 4.10 -47.53
C LYS C 116 -74.83 5.10 -47.99
N ALA C 117 -74.22 4.85 -49.15
CA ALA C 117 -73.24 5.79 -49.70
C ALA C 117 -73.88 7.12 -50.02
N ILE C 118 -75.15 7.12 -50.42
CA ILE C 118 -75.84 8.38 -50.71
C ILE C 118 -76.17 9.12 -49.42
N TYR C 119 -76.63 8.39 -48.40
CA TYR C 119 -77.21 9.02 -47.21
C TYR C 119 -76.19 9.32 -46.11
N ASP C 120 -74.99 8.75 -46.17
CA ASP C 120 -74.04 8.98 -45.08
C ASP C 120 -73.35 10.34 -45.18
N MET C 121 -73.42 11.01 -46.34
CA MET C 121 -72.62 12.22 -46.55
C MET C 121 -73.09 13.36 -45.66
N MET C 122 -74.41 13.55 -45.53
CA MET C 122 -74.90 14.70 -44.77
C MET C 122 -74.54 14.60 -43.29
N GLY C 123 -74.31 13.40 -42.79
CA GLY C 123 -73.87 13.23 -41.41
C GLY C 123 -74.97 13.46 -40.40
N LYS C 124 -74.63 14.12 -39.29
CA LYS C 124 -75.56 14.36 -38.19
C LYS C 124 -75.93 15.84 -38.07
N TYR C 125 -75.97 16.55 -39.19
CA TYR C 125 -76.29 17.98 -39.22
C TYR C 125 -77.31 18.28 -40.31
N THR C 126 -78.37 17.48 -40.36
CA THR C 126 -79.46 17.68 -41.30
C THR C 126 -80.76 17.93 -40.56
N TYR C 127 -81.63 18.74 -41.17
CA TYR C 127 -82.90 19.08 -40.54
C TYR C 127 -83.83 17.88 -40.36
N PRO C 128 -84.08 17.05 -41.38
CA PRO C 128 -85.01 15.92 -41.18
C PRO C 128 -84.51 14.87 -40.21
N VAL C 129 -83.21 14.87 -39.88
CA VAL C 129 -82.61 13.88 -39.00
C VAL C 129 -82.87 12.48 -39.55
N LEU C 130 -82.17 12.14 -40.64
CA LEU C 130 -82.37 10.86 -41.28
C LEU C 130 -81.93 9.72 -40.36
N LYS C 131 -82.61 8.59 -40.49
CA LYS C 131 -82.21 7.38 -39.77
C LYS C 131 -82.05 6.23 -40.75
N GLU C 132 -81.84 5.02 -40.25
CA GLU C 132 -81.73 3.85 -41.12
C GLU C 132 -83.04 3.53 -41.81
N ASP C 133 -84.16 4.09 -41.35
CA ASP C 133 -85.46 3.79 -41.94
C ASP C 133 -85.60 4.42 -43.32
N THR C 134 -85.19 5.68 -43.47
CA THR C 134 -85.35 6.37 -44.75
C THR C 134 -84.69 5.64 -45.91
N PRO C 135 -83.48 5.05 -45.79
CA PRO C 135 -83.02 4.17 -46.88
C PRO C 135 -83.96 3.01 -47.14
N ARG C 136 -84.64 2.49 -46.12
CA ARG C 136 -85.55 1.38 -46.34
C ARG C 136 -86.75 1.81 -47.16
N GLN C 137 -87.38 2.95 -46.81
CA GLN C 137 -88.46 3.43 -47.68
C GLN C 137 -87.96 3.76 -49.07
N HIS C 138 -86.76 4.32 -49.20
CA HIS C 138 -86.26 4.64 -50.53
C HIS C 138 -86.05 3.39 -51.38
N VAL C 139 -85.47 2.34 -50.79
CA VAL C 139 -85.26 1.10 -51.51
C VAL C 139 -86.60 0.45 -51.85
N ASP C 140 -87.57 0.54 -50.95
CA ASP C 140 -88.90 0.00 -51.26
C ASP C 140 -89.54 0.74 -52.43
N VAL C 141 -89.42 2.07 -52.45
CA VAL C 141 -89.97 2.86 -53.56
C VAL C 141 -89.27 2.49 -54.87
N PHE C 142 -87.95 2.36 -54.83
CA PHE C 142 -87.20 1.98 -56.03
C PHE C 142 -87.62 0.60 -56.52
N PHE C 143 -87.79 -0.35 -55.59
CA PHE C 143 -88.09 -1.72 -55.98
C PHE C 143 -89.51 -1.84 -56.53
N GLN C 144 -90.47 -1.13 -55.94
CA GLN C 144 -91.81 -1.11 -56.52
C GLN C 144 -91.82 -0.36 -57.86
N LYS C 145 -90.91 0.61 -58.02
CA LYS C 145 -90.69 1.18 -59.34
C LYS C 145 -90.07 0.15 -60.29
N MET C 146 -89.22 -0.73 -59.77
CA MET C 146 -88.67 -1.81 -60.56
C MET C 146 -89.73 -2.89 -60.78
N ASP C 147 -89.35 -3.93 -61.52
CA ASP C 147 -90.26 -5.04 -61.80
C ASP C 147 -90.55 -5.82 -60.53
N LYS C 148 -91.76 -6.41 -60.48
CA LYS C 148 -92.20 -7.12 -59.29
C LYS C 148 -91.36 -8.38 -59.05
N ASN C 149 -91.00 -9.10 -60.11
CA ASN C 149 -90.31 -10.37 -59.95
C ASN C 149 -88.89 -10.16 -59.43
N LYS C 150 -88.32 -11.23 -58.88
CA LYS C 150 -86.97 -11.20 -58.34
C LYS C 150 -85.92 -11.30 -59.45
N THR C 155 -84.75 -6.14 -63.40
CA THR C 155 -84.30 -6.28 -64.78
C THR C 155 -83.66 -4.98 -65.26
N LEU C 156 -82.50 -5.12 -65.92
CA LEU C 156 -81.82 -3.95 -66.45
C LEU C 156 -82.63 -3.28 -67.56
N ASP C 157 -83.30 -4.07 -68.39
CA ASP C 157 -84.18 -3.50 -69.41
C ASP C 157 -85.36 -2.77 -68.77
N GLU C 158 -85.93 -3.34 -67.70
CA GLU C 158 -87.03 -2.68 -67.00
C GLU C 158 -86.56 -1.37 -66.38
N PHE C 159 -85.37 -1.35 -65.79
CA PHE C 159 -84.83 -0.11 -65.25
C PHE C 159 -84.60 0.92 -66.34
N LEU C 160 -84.10 0.48 -67.50
CA LEU C 160 -83.91 1.39 -68.63
C LEU C 160 -85.24 2.01 -69.04
N GLU C 161 -86.27 1.16 -69.24
CA GLU C 161 -87.57 1.67 -69.64
C GLU C 161 -88.17 2.61 -68.60
N SER C 162 -88.02 2.29 -67.31
CA SER C 162 -88.51 3.17 -66.26
C SER C 162 -87.75 4.50 -66.27
N CYS C 163 -86.45 4.48 -66.54
CA CYS C 163 -85.70 5.71 -66.64
C CYS C 163 -86.20 6.57 -67.79
N GLN C 164 -86.46 5.96 -68.95
CA GLN C 164 -86.96 6.74 -70.08
C GLN C 164 -88.47 6.94 -70.06
N GLU C 165 -89.18 6.36 -69.10
CA GLU C 165 -90.62 6.59 -68.99
C GLU C 165 -90.96 7.76 -68.06
N ASP C 166 -90.00 8.32 -67.35
CA ASP C 166 -90.20 9.43 -66.44
C ASP C 166 -89.38 10.62 -66.90
N ASP C 167 -90.03 11.77 -67.07
CA ASP C 167 -89.34 12.96 -67.56
C ASP C 167 -88.55 13.68 -66.47
N ASN C 168 -88.81 13.40 -65.20
CA ASN C 168 -88.08 14.08 -64.13
C ASN C 168 -86.60 13.73 -64.15
N ILE C 169 -86.27 12.46 -64.41
CA ILE C 169 -84.88 12.06 -64.48
C ILE C 169 -84.25 12.49 -65.81
N MET C 170 -85.03 12.52 -66.90
CA MET C 170 -84.50 12.98 -68.17
C MET C 170 -84.14 14.46 -68.12
N ARG C 171 -84.98 15.28 -67.50
CA ARG C 171 -84.64 16.68 -67.29
C ARG C 171 -83.55 16.82 -66.23
N SER C 172 -83.31 15.79 -65.43
CA SER C 172 -82.19 15.73 -64.52
C SER C 172 -80.95 15.10 -65.15
N LEU C 173 -80.98 14.88 -66.46
CA LEU C 173 -79.83 14.38 -67.20
C LEU C 173 -79.14 15.47 -68.01
N GLN C 174 -79.89 16.43 -68.55
CA GLN C 174 -79.34 17.56 -69.28
C GLN C 174 -78.91 18.70 -68.37
N LEU C 175 -78.88 18.48 -67.05
CA LEU C 175 -78.41 19.50 -66.13
C LEU C 175 -76.96 19.87 -66.42
N PHE C 176 -76.14 18.89 -66.78
CA PHE C 176 -74.72 19.08 -67.00
C PHE C 176 -74.30 18.69 -68.40
N GLN C 177 -75.21 18.09 -69.18
CA GLN C 177 -74.93 17.85 -70.59
C GLN C 177 -74.67 19.16 -71.32
N ASN C 178 -75.37 20.23 -70.92
CA ASN C 178 -75.16 21.53 -71.53
C ASN C 178 -73.96 22.25 -70.92
N VAL C 179 -74.00 22.50 -69.61
CA VAL C 179 -72.95 23.27 -68.96
C VAL C 179 -71.72 22.41 -68.74
N MET C 180 -70.57 22.89 -69.19
CA MET C 180 -69.29 22.21 -69.05
C MET C 180 -69.35 20.76 -69.54
N ALA D 1 -26.30 5.58 -78.34
CA ALA D 1 -27.48 5.97 -77.56
C ALA D 1 -28.41 6.83 -78.38
N ALA D 2 -29.64 7.00 -77.89
CA ALA D 2 -30.65 7.78 -78.59
C ALA D 2 -30.40 9.29 -78.50
N GLY D 3 -29.50 9.73 -77.63
CA GLY D 3 -29.18 11.13 -77.47
C GLY D 3 -28.04 11.63 -78.33
N VAL D 4 -27.50 10.80 -79.22
CA VAL D 4 -26.37 11.18 -80.05
C VAL D 4 -26.83 11.13 -81.51
N ALA D 5 -28.10 11.50 -81.73
CA ALA D 5 -28.66 11.44 -83.08
C ALA D 5 -27.92 12.34 -84.05
N ALA D 6 -27.31 13.42 -83.56
CA ALA D 6 -26.59 14.33 -84.43
C ALA D 6 -25.37 13.67 -85.09
N TRP D 7 -24.87 12.59 -84.51
CA TRP D 7 -23.79 11.81 -85.10
C TRP D 7 -24.27 10.66 -85.97
N LEU D 8 -25.60 10.51 -86.11
CA LEU D 8 -26.13 9.43 -86.93
C LEU D 8 -25.67 9.49 -88.39
N PRO D 9 -25.69 10.65 -89.07
CA PRO D 9 -25.17 10.68 -90.45
C PRO D 9 -23.71 10.26 -90.55
N PHE D 10 -22.90 10.54 -89.53
CA PHE D 10 -21.51 10.10 -89.54
C PHE D 10 -21.41 8.59 -89.65
N ALA D 11 -22.26 7.87 -88.92
CA ALA D 11 -22.30 6.41 -89.04
C ALA D 11 -22.62 5.97 -90.45
N ARG D 12 -23.38 6.78 -91.19
CA ARG D 12 -23.62 6.52 -92.60
C ARG D 12 -22.28 6.43 -93.34
N ALA D 13 -21.39 7.38 -93.09
CA ALA D 13 -20.06 7.34 -93.69
C ALA D 13 -19.31 6.07 -93.31
N ALA D 14 -19.59 5.52 -92.12
CA ALA D 14 -18.95 4.28 -91.72
C ALA D 14 -19.25 3.14 -92.68
N ALA D 15 -20.35 3.22 -93.42
CA ALA D 15 -20.66 2.20 -94.41
C ALA D 15 -19.54 2.09 -95.45
N ILE D 16 -18.95 3.24 -95.82
CA ILE D 16 -17.85 3.25 -96.78
C ILE D 16 -16.70 2.39 -96.30
N GLY D 17 -16.55 2.20 -94.99
CA GLY D 17 -15.52 1.32 -94.48
C GLY D 17 -15.72 -0.13 -94.90
N TRP D 18 -16.97 -0.61 -94.86
CA TRP D 18 -17.29 -1.97 -95.25
C TRP D 18 -18.05 -2.05 -96.56
N MET D 19 -18.17 -0.92 -97.27
CA MET D 19 -18.93 -0.90 -98.52
C MET D 19 -18.37 -1.83 -99.59
N PRO D 20 -17.05 -1.87 -99.85
CA PRO D 20 -16.57 -2.86 -100.82
C PRO D 20 -16.88 -4.29 -100.43
N VAL D 21 -16.86 -4.59 -99.12
CA VAL D 21 -17.30 -5.91 -98.66
C VAL D 21 -18.81 -6.05 -98.74
N ALA D 22 -19.54 -4.94 -98.65
CA ALA D 22 -21.00 -5.00 -98.70
C ALA D 22 -21.49 -5.46 -100.06
N SER D 23 -22.48 -6.35 -100.05
CA SER D 23 -23.08 -6.86 -101.28
C SER D 23 -24.47 -7.38 -100.95
N GLY D 24 -25.50 -6.70 -101.47
CA GLY D 24 -26.86 -7.07 -101.20
C GLY D 24 -27.87 -6.17 -101.89
N PRO D 25 -29.15 -6.33 -101.54
CA PRO D 25 -30.20 -5.56 -102.23
C PRO D 25 -30.24 -4.09 -101.87
N MET D 26 -29.69 -3.69 -100.71
CA MET D 26 -29.63 -2.31 -100.22
C MET D 26 -30.96 -1.59 -100.40
N PRO D 27 -31.96 -1.91 -99.56
CA PRO D 27 -33.32 -1.36 -99.76
C PRO D 27 -33.38 0.16 -99.69
N ALA D 28 -32.21 0.83 -99.61
CA ALA D 28 -32.03 2.27 -99.72
C ALA D 28 -32.58 2.97 -98.49
N PRO D 29 -32.16 4.21 -98.21
CA PRO D 29 -32.68 4.94 -97.05
C PRO D 29 -34.19 5.05 -97.11
N PRO D 30 -34.86 4.90 -95.98
CA PRO D 30 -36.33 4.85 -95.98
C PRO D 30 -36.98 6.22 -96.06
N ARG D 31 -37.17 6.72 -97.27
CA ARG D 31 -37.83 8.00 -97.57
C ARG D 31 -37.38 9.10 -96.61
N GLN D 32 -36.09 9.41 -96.68
CA GLN D 32 -35.52 10.47 -95.86
C GLN D 32 -36.11 11.82 -96.26
N GLU D 33 -36.13 12.74 -95.29
CA GLU D 33 -36.70 14.07 -95.48
C GLU D 33 -35.68 15.14 -95.13
N ARG D 34 -36.02 16.38 -95.48
CA ARG D 34 -35.28 17.59 -95.12
C ARG D 34 -33.77 17.43 -95.30
N LYS D 35 -33.34 17.27 -96.56
CA LYS D 35 -31.92 17.10 -96.85
C LYS D 35 -31.07 18.16 -96.18
N ARG D 36 -31.47 19.42 -96.28
CA ARG D 36 -30.82 20.49 -95.54
C ARG D 36 -31.43 20.59 -94.14
N THR D 37 -30.61 21.01 -93.19
CA THR D 37 -31.05 21.06 -91.79
C THR D 37 -32.10 22.14 -91.61
N GLN D 38 -33.21 21.76 -90.98
CA GLN D 38 -34.30 22.68 -90.62
C GLN D 38 -34.58 22.56 -89.13
N ASP D 39 -33.53 22.56 -88.33
CA ASP D 39 -33.68 22.43 -86.89
C ASP D 39 -34.33 23.69 -86.32
N ALA D 40 -35.50 23.53 -85.72
CA ALA D 40 -36.27 24.63 -85.18
C ALA D 40 -35.96 24.79 -83.70
N LEU D 41 -35.65 26.02 -83.28
CA LEU D 41 -35.39 26.31 -81.88
C LEU D 41 -36.74 26.49 -81.19
N ILE D 42 -37.38 25.36 -80.91
CA ILE D 42 -38.72 25.38 -80.33
C ILE D 42 -38.65 26.01 -78.95
N VAL D 43 -39.65 26.83 -78.64
CA VAL D 43 -39.70 27.61 -77.42
C VAL D 43 -40.62 26.93 -76.41
N LEU D 44 -40.19 26.94 -75.15
CA LEU D 44 -40.93 26.32 -74.05
C LEU D 44 -40.96 27.34 -72.92
N ASN D 45 -42.09 28.04 -72.77
CA ASN D 45 -42.24 29.06 -71.74
C ASN D 45 -42.89 28.44 -70.51
N VAL D 46 -42.14 28.40 -69.41
CA VAL D 46 -42.62 27.74 -68.20
C VAL D 46 -42.95 28.74 -67.11
N SER D 47 -44.22 29.10 -66.99
CA SER D 47 -44.72 30.01 -65.97
C SER D 47 -43.89 31.30 -65.95
N GLY D 48 -43.72 31.89 -67.12
CA GLY D 48 -42.88 33.07 -67.24
C GLY D 48 -41.99 33.06 -68.46
N THR D 49 -40.67 33.11 -68.23
CA THR D 49 -39.72 33.19 -69.33
C THR D 49 -39.72 31.90 -70.15
N ARG D 50 -38.90 31.88 -71.19
CA ARG D 50 -38.90 30.81 -72.17
C ARG D 50 -37.51 30.18 -72.28
N PHE D 51 -37.49 28.93 -72.74
CA PHE D 51 -36.28 28.19 -73.01
C PHE D 51 -36.38 27.59 -74.39
N GLN D 52 -35.39 27.84 -75.24
CA GLN D 52 -35.40 27.34 -76.61
C GLN D 52 -34.48 26.15 -76.74
N THR D 53 -34.92 25.14 -77.49
CA THR D 53 -34.13 23.94 -77.68
C THR D 53 -34.41 23.38 -79.07
N TRP D 54 -33.44 22.63 -79.59
CA TRP D 54 -33.60 21.99 -80.88
C TRP D 54 -34.57 20.81 -80.76
N GLN D 55 -35.27 20.54 -81.86
CA GLN D 55 -36.29 19.49 -81.84
C GLN D 55 -35.67 18.12 -81.54
N ASP D 56 -34.53 17.81 -82.15
CA ASP D 56 -33.85 16.56 -81.86
C ASP D 56 -33.34 16.53 -80.42
N THR D 57 -33.01 17.70 -79.86
CA THR D 57 -32.56 17.76 -78.47
C THR D 57 -33.68 17.37 -77.52
N LEU D 58 -34.91 17.75 -77.83
CA LEU D 58 -36.05 17.37 -76.99
C LEU D 58 -36.57 15.98 -77.32
N GLU D 59 -36.33 15.48 -78.54
CA GLU D 59 -36.86 14.21 -79.00
C GLU D 59 -35.85 13.07 -78.91
N ARG D 60 -34.63 13.33 -78.43
CA ARG D 60 -33.67 12.24 -78.31
C ARG D 60 -34.02 11.27 -77.19
N TYR D 61 -34.96 11.60 -76.33
CA TYR D 61 -35.46 10.70 -75.29
C TYR D 61 -36.99 10.68 -75.36
N PRO D 62 -37.55 10.06 -76.40
CA PRO D 62 -39.02 10.02 -76.53
C PRO D 62 -39.72 9.24 -75.44
N ASP D 63 -39.00 8.38 -74.72
CA ASP D 63 -39.61 7.61 -73.64
C ASP D 63 -40.15 8.49 -72.53
N THR D 64 -39.67 9.73 -72.42
CA THR D 64 -40.12 10.65 -71.39
C THR D 64 -41.33 11.44 -71.90
N LEU D 65 -41.89 12.28 -71.01
CA LEU D 65 -43.09 13.03 -71.33
C LEU D 65 -42.83 14.02 -72.47
N LEU D 66 -41.67 14.68 -72.47
CA LEU D 66 -41.38 15.67 -73.49
C LEU D 66 -41.16 15.07 -74.87
N GLY D 67 -41.02 13.75 -74.97
CA GLY D 67 -40.97 13.11 -76.27
C GLY D 67 -42.36 12.89 -76.84
N SER D 68 -42.38 12.44 -78.10
CA SER D 68 -43.63 12.14 -78.81
C SER D 68 -44.55 13.35 -78.84
N SER D 69 -45.84 13.11 -79.10
CA SER D 69 -46.84 14.16 -79.14
C SER D 69 -47.47 14.42 -77.77
N GLU D 70 -46.99 13.75 -76.72
CA GLU D 70 -47.49 14.00 -75.37
C GLU D 70 -47.27 15.44 -74.96
N ARG D 71 -46.09 16.00 -75.29
CA ARG D 71 -45.79 17.40 -74.98
C ARG D 71 -46.84 18.34 -75.54
N ASP D 72 -47.47 17.98 -76.66
CA ASP D 72 -48.46 18.84 -77.29
C ASP D 72 -49.73 18.98 -76.45
N PHE D 73 -49.91 18.16 -75.41
CA PHE D 73 -50.97 18.43 -74.46
C PHE D 73 -50.78 19.78 -73.77
N PHE D 74 -49.54 20.16 -73.52
CA PHE D 74 -49.22 21.47 -72.96
C PHE D 74 -48.89 22.50 -74.02
N TYR D 75 -48.99 22.14 -75.30
CA TYR D 75 -48.76 23.09 -76.37
C TYR D 75 -49.82 24.19 -76.34
N HIS D 76 -49.38 25.42 -76.58
CA HIS D 76 -50.27 26.58 -76.57
C HIS D 76 -50.48 27.04 -78.00
N PRO D 77 -51.64 26.79 -78.61
CA PRO D 77 -51.78 27.06 -80.05
C PRO D 77 -51.87 28.53 -80.38
N GLU D 78 -52.62 29.32 -79.62
CA GLU D 78 -52.82 30.73 -79.95
C GLU D 78 -51.56 31.56 -79.79
N THR D 79 -50.53 31.04 -79.12
CA THR D 79 -49.29 31.76 -78.92
C THR D 79 -48.10 31.11 -79.60
N GLN D 80 -48.27 29.92 -80.19
CA GLN D 80 -47.21 29.22 -80.92
C GLN D 80 -46.01 28.95 -80.00
N GLN D 81 -46.28 28.22 -78.92
CA GLN D 81 -45.25 27.87 -77.95
C GLN D 81 -45.81 26.80 -77.01
N TYR D 82 -44.96 26.34 -76.11
CA TYR D 82 -45.30 25.31 -75.13
C TYR D 82 -45.31 25.94 -73.74
N PHE D 83 -46.47 26.38 -73.29
CA PHE D 83 -46.59 27.03 -71.98
C PHE D 83 -46.82 25.95 -70.93
N PHE D 84 -45.73 25.41 -70.40
CA PHE D 84 -45.82 24.50 -69.27
C PHE D 84 -46.07 25.28 -67.99
N ASP D 85 -46.85 24.71 -67.09
CA ASP D 85 -47.19 25.33 -65.81
C ASP D 85 -46.42 24.71 -64.65
N ARG D 86 -45.14 24.38 -64.86
CA ARG D 86 -44.29 23.78 -63.84
C ARG D 86 -43.26 24.80 -63.35
N ASP D 87 -42.43 24.37 -62.41
CA ASP D 87 -41.41 25.23 -61.85
C ASP D 87 -40.37 25.56 -62.92
N PRO D 88 -39.99 26.82 -63.08
CA PRO D 88 -39.11 27.22 -64.19
C PRO D 88 -37.61 27.06 -63.94
N ASP D 89 -37.19 26.48 -62.83
CA ASP D 89 -35.77 26.29 -62.57
C ASP D 89 -35.36 24.83 -62.54
N ILE D 90 -36.23 23.93 -62.05
CA ILE D 90 -35.97 22.51 -62.22
C ILE D 90 -36.03 22.13 -63.69
N PHE D 91 -36.91 22.79 -64.45
CA PHE D 91 -36.95 22.58 -65.89
C PHE D 91 -35.59 22.90 -66.51
N ARG D 92 -34.86 23.84 -65.93
CA ARG D 92 -33.50 24.13 -66.40
C ARG D 92 -32.60 22.91 -66.27
N HIS D 93 -32.68 22.23 -65.12
CA HIS D 93 -31.89 21.01 -64.94
C HIS D 93 -32.38 19.90 -65.87
N ILE D 94 -33.69 19.84 -66.12
CA ILE D 94 -34.21 18.85 -67.06
C ILE D 94 -33.67 19.10 -68.47
N LEU D 95 -33.62 20.38 -68.87
CA LEU D 95 -33.06 20.73 -70.17
C LEU D 95 -31.58 20.37 -70.25
N ASN D 96 -30.83 20.67 -69.19
CA ASN D 96 -29.41 20.31 -69.18
C ASN D 96 -29.23 18.80 -69.28
N PHE D 97 -30.07 18.03 -68.58
CA PHE D 97 -30.02 16.58 -68.69
C PHE D 97 -30.34 16.11 -70.11
N TYR D 98 -31.41 16.65 -70.69
CA TYR D 98 -31.77 16.28 -72.05
C TYR D 98 -30.63 16.54 -73.01
N ARG D 99 -29.95 17.67 -72.85
CA ARG D 99 -28.79 17.97 -73.68
C ARG D 99 -27.66 16.98 -73.43
N THR D 100 -27.40 16.65 -72.16
CA THR D 100 -26.26 15.79 -71.80
C THR D 100 -26.61 14.32 -71.76
N GLY D 101 -27.86 13.97 -71.44
CA GLY D 101 -28.20 12.61 -71.10
C GLY D 101 -27.94 12.25 -69.66
N LYS D 102 -27.44 13.20 -68.86
CA LYS D 102 -27.13 12.97 -67.45
C LYS D 102 -27.74 14.12 -66.65
N LEU D 103 -28.42 13.79 -65.56
CA LEU D 103 -29.07 14.79 -64.73
C LEU D 103 -28.28 15.03 -63.45
N HIS D 104 -28.07 16.29 -63.12
CA HIS D 104 -27.42 16.70 -61.88
C HIS D 104 -28.47 17.22 -60.92
N TYR D 105 -28.30 16.88 -59.64
CA TYR D 105 -29.20 17.38 -58.61
C TYR D 105 -28.52 18.54 -57.89
N PRO D 106 -28.97 19.78 -58.09
CA PRO D 106 -28.44 20.88 -57.27
C PRO D 106 -28.76 20.65 -55.81
N ARG D 107 -27.83 21.05 -54.94
CA ARG D 107 -27.96 20.72 -53.51
C ARG D 107 -29.06 21.51 -52.82
N HIS D 108 -29.24 22.77 -53.18
CA HIS D 108 -30.05 23.71 -52.39
C HIS D 108 -31.49 23.78 -52.85
N GLU D 109 -32.19 22.64 -52.95
CA GLU D 109 -33.60 22.64 -53.29
C GLU D 109 -34.32 21.57 -52.47
N CYS D 110 -35.60 21.81 -52.23
CA CYS D 110 -36.44 20.85 -51.53
C CYS D 110 -36.57 19.57 -52.35
N ILE D 111 -36.44 18.44 -51.66
CA ILE D 111 -36.50 17.16 -52.34
C ILE D 111 -37.92 16.86 -52.81
N SER D 112 -38.92 17.21 -52.00
CA SER D 112 -40.30 16.97 -52.41
C SER D 112 -40.61 17.67 -53.73
N ALA D 113 -40.25 18.95 -53.84
CA ALA D 113 -40.49 19.68 -55.08
C ALA D 113 -39.70 19.09 -56.24
N TYR D 114 -38.44 18.74 -56.00
CA TYR D 114 -37.61 18.17 -57.06
C TYR D 114 -38.19 16.86 -57.56
N ASP D 115 -38.64 16.00 -56.64
CA ASP D 115 -39.16 14.69 -57.02
C ASP D 115 -40.51 14.81 -57.72
N GLU D 116 -41.38 15.72 -57.26
CA GLU D 116 -42.64 15.87 -57.96
C GLU D 116 -42.46 16.53 -59.32
N GLU D 117 -41.46 17.40 -59.47
CA GLU D 117 -41.13 17.91 -60.80
C GLU D 117 -40.60 16.80 -61.69
N LEU D 118 -39.79 15.90 -61.13
CA LEU D 118 -39.31 14.74 -61.87
C LEU D 118 -40.48 13.86 -62.33
N ALA D 119 -41.44 13.61 -61.44
CA ALA D 119 -42.59 12.79 -61.78
C ALA D 119 -43.49 13.47 -62.80
N PHE D 120 -43.64 14.80 -62.71
CA PHE D 120 -44.49 15.53 -63.64
C PHE D 120 -43.96 15.41 -65.07
N PHE D 121 -42.64 15.44 -65.23
CA PHE D 121 -42.01 15.39 -66.54
C PHE D 121 -41.75 13.97 -67.01
N GLY D 122 -42.22 12.97 -66.27
CA GLY D 122 -42.05 11.58 -66.67
C GLY D 122 -40.62 11.07 -66.65
N LEU D 123 -39.84 11.46 -65.65
CA LEU D 123 -38.47 11.00 -65.53
C LEU D 123 -38.35 9.89 -64.50
N ILE D 124 -37.14 9.37 -64.35
CA ILE D 124 -36.85 8.35 -63.33
C ILE D 124 -35.77 8.90 -62.41
N PRO D 125 -35.88 8.69 -61.09
CA PRO D 125 -34.86 9.23 -60.17
C PRO D 125 -33.52 8.52 -60.25
N GLU D 126 -33.38 7.45 -61.03
CA GLU D 126 -32.18 6.64 -61.02
C GLU D 126 -31.14 7.08 -62.04
N ILE D 127 -31.39 8.16 -62.78
CA ILE D 127 -30.44 8.63 -63.78
C ILE D 127 -29.52 9.73 -63.27
N ILE D 128 -29.47 9.94 -61.95
CA ILE D 128 -28.62 10.98 -61.40
C ILE D 128 -27.17 10.52 -61.43
N GLY D 129 -26.27 11.42 -61.82
CA GLY D 129 -24.86 11.11 -61.81
C GLY D 129 -24.34 10.87 -60.40
N ASP D 130 -23.35 9.99 -60.29
CA ASP D 130 -22.83 9.58 -58.99
C ASP D 130 -22.33 10.76 -58.18
N CYS D 131 -21.86 11.82 -58.86
CA CYS D 131 -21.44 13.02 -58.16
C CYS D 131 -22.59 13.63 -57.36
N CYS D 132 -23.78 13.67 -57.95
CA CYS D 132 -24.97 14.18 -57.27
C CYS D 132 -25.85 13.08 -56.69
N TYR D 133 -25.67 11.84 -57.13
CA TYR D 133 -26.56 10.76 -56.70
C TYR D 133 -26.41 10.47 -55.21
N GLU D 134 -25.18 10.49 -54.69
CA GLU D 134 -24.98 10.24 -53.27
C GLU D 134 -25.70 11.30 -52.43
N GLU D 135 -25.59 12.58 -52.82
CA GLU D 135 -26.25 13.64 -52.07
C GLU D 135 -27.76 13.52 -52.15
N TYR D 136 -28.29 13.23 -53.35
CA TYR D 136 -29.73 13.02 -53.49
C TYR D 136 -30.19 11.84 -52.65
N LYS D 137 -29.36 10.80 -52.54
CA LYS D 137 -29.74 9.67 -51.72
C LYS D 137 -29.74 10.02 -50.23
N ASP D 138 -28.76 10.82 -49.79
CA ASP D 138 -28.79 11.30 -48.41
C ASP D 138 -30.07 12.08 -48.14
N ARG D 139 -30.42 12.98 -49.07
CA ARG D 139 -31.63 13.76 -48.90
C ARG D 139 -32.87 12.87 -48.93
N ARG D 140 -32.87 11.85 -49.80
CA ARG D 140 -33.97 10.91 -49.82
C ARG D 140 -34.14 10.23 -48.48
N ARG D 141 -33.05 9.74 -47.90
CA ARG D 141 -33.17 8.99 -46.65
C ARG D 141 -33.59 9.90 -45.50
N GLU D 142 -33.11 11.15 -45.47
CA GLU D 142 -33.53 12.02 -44.38
C GLU D 142 -35.00 12.40 -44.50
N ASN D 143 -35.46 12.75 -45.71
CA ASN D 143 -36.88 13.06 -45.83
C ASN D 143 -37.75 11.82 -45.67
N ALA D 144 -37.18 10.65 -45.98
CA ALA D 144 -37.93 9.40 -45.81
C ALA D 144 -38.15 9.09 -44.34
N GLU D 145 -37.10 9.22 -43.52
CA GLU D 145 -37.30 9.04 -42.09
C GLU D 145 -38.19 10.15 -41.52
N ARG D 146 -38.12 11.35 -42.10
CA ARG D 146 -39.00 12.43 -41.69
C ARG D 146 -40.46 12.07 -41.91
N LEU D 147 -40.80 11.62 -43.12
CA LEU D 147 -42.18 11.25 -43.43
C LEU D 147 -42.60 9.99 -42.68
N GLN D 148 -41.66 9.08 -42.41
CA GLN D 148 -41.96 7.94 -41.57
C GLN D 148 -42.39 8.39 -40.18
N ASP D 149 -41.63 9.31 -39.58
CA ASP D 149 -42.03 9.86 -38.29
C ASP D 149 -43.33 10.63 -38.38
N ASP D 150 -43.64 11.19 -39.56
CA ASP D 150 -44.88 11.96 -39.71
C ASP D 150 -46.11 11.09 -39.46
N ALA D 151 -46.02 9.79 -39.74
CA ALA D 151 -47.15 8.89 -39.62
C ALA D 151 -46.81 7.59 -38.87
N ASP D 152 -45.96 7.67 -37.85
CA ASP D 152 -45.64 6.48 -37.06
C ASP D 152 -46.85 5.92 -36.33
N THR D 153 -47.39 6.67 -35.38
CA THR D 153 -48.42 6.17 -34.49
C THR D 153 -49.51 7.21 -34.28
N ASP D 154 -50.70 6.72 -33.93
CA ASP D 154 -51.83 7.57 -33.59
C ASP D 154 -52.62 6.90 -32.49
N THR D 155 -53.13 7.70 -31.55
CA THR D 155 -53.84 7.19 -30.40
C THR D 155 -55.21 6.69 -30.85
N ALA D 156 -55.36 5.37 -30.93
CA ALA D 156 -56.61 4.76 -31.34
C ALA D 156 -56.77 3.37 -30.75
N ALA D 166 -63.40 -0.86 -24.02
CA ALA D 166 -63.19 -2.30 -24.00
C ALA D 166 -62.22 -2.70 -22.88
N ARG D 167 -62.09 -4.00 -22.64
CA ARG D 167 -61.12 -4.46 -21.65
C ARG D 167 -59.70 -4.27 -22.13
N GLN D 168 -59.46 -4.46 -23.43
CA GLN D 168 -58.16 -4.14 -24.03
C GLN D 168 -57.87 -2.65 -24.04
N ARG D 169 -58.91 -1.81 -23.93
CA ARG D 169 -58.72 -0.36 -24.04
C ARG D 169 -57.79 0.17 -22.96
N VAL D 170 -57.96 -0.30 -21.72
CA VAL D 170 -57.09 0.13 -20.64
C VAL D 170 -55.64 -0.21 -20.93
N TRP D 171 -55.40 -1.22 -21.79
CA TRP D 171 -54.05 -1.51 -22.25
C TRP D 171 -53.38 -0.26 -22.80
N ARG D 172 -54.08 0.45 -23.68
CA ARG D 172 -53.54 1.72 -24.18
C ARG D 172 -53.33 2.70 -23.04
N ALA D 173 -54.27 2.73 -22.09
CA ALA D 173 -54.06 3.50 -20.87
C ALA D 173 -52.90 2.93 -20.06
N PHE D 174 -52.77 1.61 -20.00
CA PHE D 174 -51.73 0.99 -19.19
C PHE D 174 -50.33 1.29 -19.75
N GLU D 175 -50.15 1.08 -21.05
CA GLU D 175 -48.87 1.33 -21.70
C GLU D 175 -48.65 2.80 -22.06
N ASN D 176 -49.65 3.64 -21.82
CA ASN D 176 -49.48 5.10 -21.84
C ASN D 176 -50.03 5.64 -20.54
N PRO D 177 -49.30 5.46 -19.43
CA PRO D 177 -49.87 5.80 -18.12
C PRO D 177 -50.23 7.26 -17.96
N HIS D 178 -49.65 8.16 -18.76
CA HIS D 178 -50.05 9.56 -18.71
C HIS D 178 -51.29 9.78 -19.57
N THR D 179 -52.29 8.94 -19.40
CA THR D 179 -53.60 9.09 -20.04
C THR D 179 -54.73 9.13 -19.02
N SER D 180 -54.73 8.19 -18.07
CA SER D 180 -55.77 8.10 -17.06
C SER D 180 -55.13 8.12 -15.67
N THR D 181 -55.92 8.57 -14.69
CA THR D 181 -55.41 8.66 -13.32
C THR D 181 -55.05 7.29 -12.77
N MET D 182 -55.88 6.28 -13.02
CA MET D 182 -55.63 4.95 -12.47
C MET D 182 -54.35 4.35 -13.04
N ALA D 183 -54.13 4.50 -14.34
CA ALA D 183 -52.90 3.99 -14.95
C ALA D 183 -51.68 4.68 -14.37
N LEU D 184 -51.75 6.00 -14.22
CA LEU D 184 -50.61 6.75 -13.69
C LEU D 184 -50.32 6.38 -12.24
N VAL D 185 -51.37 6.23 -11.42
CA VAL D 185 -51.14 5.87 -10.01
C VAL D 185 -50.57 4.46 -9.92
N PHE D 186 -51.06 3.52 -10.73
CA PHE D 186 -50.49 2.17 -10.70
C PHE D 186 -49.03 2.18 -11.15
N TYR D 187 -48.72 2.96 -12.19
CA TYR D 187 -47.35 3.07 -12.68
C TYR D 187 -46.43 3.61 -11.60
N TYR D 188 -46.82 4.74 -10.98
CA TYR D 188 -45.98 5.34 -9.94
C TYR D 188 -45.83 4.40 -8.75
N VAL D 189 -46.91 3.72 -8.35
CA VAL D 189 -46.83 2.90 -7.14
C VAL D 189 -46.03 1.63 -7.41
N THR D 190 -46.08 1.08 -8.62
CA THR D 190 -45.24 -0.09 -8.90
C THR D 190 -43.78 0.31 -9.02
N GLY D 191 -43.49 1.52 -9.51
CA GLY D 191 -42.13 2.02 -9.43
C GLY D 191 -41.66 2.17 -8.00
N PHE D 192 -42.54 2.70 -7.14
CA PHE D 192 -42.22 2.80 -5.71
C PHE D 192 -41.98 1.43 -5.11
N PHE D 193 -42.75 0.43 -5.55
CA PHE D 193 -42.55 -0.94 -5.06
C PHE D 193 -41.21 -1.51 -5.49
N ILE D 194 -40.83 -1.27 -6.74
CA ILE D 194 -39.50 -1.72 -7.19
C ILE D 194 -38.41 -1.06 -6.35
N ALA D 195 -38.55 0.25 -6.12
CA ALA D 195 -37.57 0.97 -5.33
C ALA D 195 -37.51 0.45 -3.90
N VAL D 196 -38.66 0.21 -3.29
CA VAL D 196 -38.68 -0.23 -1.91
C VAL D 196 -38.15 -1.66 -1.81
N SER D 197 -38.35 -2.48 -2.84
CA SER D 197 -37.81 -3.83 -2.81
C SER D 197 -36.28 -3.81 -2.91
N VAL D 198 -35.72 -2.98 -3.80
CA VAL D 198 -34.27 -2.93 -3.89
C VAL D 198 -33.68 -2.31 -2.63
N ILE D 199 -34.36 -1.31 -2.04
CA ILE D 199 -33.90 -0.75 -0.77
C ILE D 199 -33.98 -1.79 0.34
N ALA D 200 -35.01 -2.64 0.31
CA ALA D 200 -35.10 -3.72 1.28
C ALA D 200 -33.93 -4.68 1.13
N ASN D 201 -33.55 -4.99 -0.11
CA ASN D 201 -32.39 -5.86 -0.32
C ASN D 201 -31.12 -5.23 0.24
N VAL D 202 -30.88 -3.95 -0.08
CA VAL D 202 -29.62 -3.34 0.33
C VAL D 202 -29.57 -3.20 1.86
N VAL D 203 -30.68 -2.80 2.49
CA VAL D 203 -30.71 -2.73 3.95
C VAL D 203 -30.82 -4.10 4.60
N GLU D 204 -31.09 -5.14 3.83
CA GLU D 204 -30.89 -6.50 4.33
C GLU D 204 -29.41 -6.83 4.38
N THR D 205 -28.66 -6.41 3.37
CA THR D 205 -27.24 -6.71 3.32
C THR D 205 -26.43 -6.00 4.41
N VAL D 206 -26.94 -4.89 4.94
CA VAL D 206 -26.18 -4.13 5.96
C VAL D 206 -26.08 -4.98 7.23
N PRO D 207 -24.95 -4.94 7.96
CA PRO D 207 -24.84 -5.79 9.16
C PRO D 207 -25.87 -5.50 10.23
N CYS D 208 -26.30 -4.24 10.38
CA CYS D 208 -27.27 -3.91 11.42
C CYS D 208 -28.59 -4.64 11.24
N GLY D 209 -28.93 -5.04 10.02
CA GLY D 209 -30.21 -5.67 9.77
C GLY D 209 -30.19 -7.19 9.77
N SER D 210 -29.25 -7.80 9.04
CA SER D 210 -29.25 -9.24 8.84
C SER D 210 -27.86 -9.83 9.07
N SER D 211 -27.22 -9.44 10.16
CA SER D 211 -25.97 -10.04 10.58
C SER D 211 -26.00 -10.23 12.09
N PRO D 212 -25.21 -11.16 12.61
CA PRO D 212 -25.11 -11.30 14.07
C PRO D 212 -24.32 -10.16 14.71
N GLY D 213 -24.80 -8.93 14.54
CA GLY D 213 -24.13 -7.80 15.17
C GLY D 213 -24.10 -7.91 16.68
N HIS D 214 -25.20 -8.37 17.28
CA HIS D 214 -25.27 -8.65 18.72
C HIS D 214 -25.82 -10.06 18.88
N ILE D 215 -24.91 -11.04 18.98
CA ILE D 215 -25.31 -12.41 19.25
C ILE D 215 -26.00 -12.50 20.60
N LYS D 216 -25.59 -11.64 21.54
CA LYS D 216 -26.18 -11.65 22.87
C LYS D 216 -27.67 -11.33 22.83
N GLU D 217 -28.11 -10.56 21.84
CA GLU D 217 -29.53 -10.26 21.68
C GLU D 217 -30.00 -10.62 20.27
N ARG D 223 -31.60 -5.57 15.32
CA ARG D 223 -31.68 -7.02 15.51
C ARG D 223 -31.91 -7.74 14.19
N TYR D 224 -31.66 -9.04 14.18
CA TYR D 224 -31.85 -9.83 12.96
C TYR D 224 -33.33 -10.04 12.69
N ALA D 225 -33.91 -9.19 11.85
CA ALA D 225 -35.32 -9.29 11.48
C ALA D 225 -35.47 -10.22 10.29
N VAL D 226 -36.34 -11.22 10.42
CA VAL D 226 -36.65 -12.11 9.32
C VAL D 226 -37.89 -11.56 8.63
N ALA D 227 -38.35 -10.38 9.08
CA ALA D 227 -39.50 -9.73 8.45
C ALA D 227 -39.20 -9.35 7.00
N PHE D 228 -37.94 -9.07 6.69
CA PHE D 228 -37.58 -8.76 5.30
C PHE D 228 -37.92 -9.92 4.38
N PHE D 229 -37.93 -11.15 4.90
CA PHE D 229 -38.28 -12.31 4.08
C PHE D 229 -39.69 -12.19 3.53
N CYS D 230 -40.54 -11.38 4.16
CA CYS D 230 -41.85 -11.08 3.59
C CYS D 230 -41.81 -9.97 2.56
N LEU D 231 -41.00 -8.94 2.80
CA LEU D 231 -41.06 -7.72 1.99
C LEU D 231 -40.86 -8.01 0.51
N ASP D 232 -39.89 -8.87 0.19
CA ASP D 232 -39.70 -9.24 -1.21
C ASP D 232 -40.93 -9.95 -1.76
N THR D 233 -41.40 -10.99 -1.06
CA THR D 233 -42.43 -11.86 -1.61
C THR D 233 -43.66 -11.06 -2.03
N ALA D 234 -44.19 -10.26 -1.11
CA ALA D 234 -45.33 -9.41 -1.43
C ALA D 234 -45.03 -8.57 -2.67
N CYS D 235 -43.90 -7.86 -2.64
CA CYS D 235 -43.52 -7.05 -3.80
C CYS D 235 -43.51 -7.90 -5.06
N VAL D 236 -42.89 -9.09 -4.98
CA VAL D 236 -42.84 -9.96 -6.13
C VAL D 236 -44.24 -10.24 -6.63
N MET D 237 -45.13 -10.65 -5.72
CA MET D 237 -46.49 -10.95 -6.14
C MET D 237 -47.13 -9.73 -6.79
N ILE D 238 -46.90 -8.54 -6.20
CA ILE D 238 -47.45 -7.33 -6.79
C ILE D 238 -47.00 -7.22 -8.24
N PHE D 239 -45.69 -7.35 -8.47
CA PHE D 239 -45.20 -7.23 -9.84
C PHE D 239 -45.91 -8.22 -10.75
N THR D 240 -46.11 -9.45 -10.26
CA THR D 240 -46.73 -10.47 -11.09
C THR D 240 -48.02 -9.96 -11.72
N VAL D 241 -48.85 -9.27 -10.93
CA VAL D 241 -50.17 -8.93 -11.44
C VAL D 241 -50.06 -8.06 -12.69
N GLU D 242 -49.16 -7.07 -12.68
CA GLU D 242 -49.09 -6.23 -13.88
C GLU D 242 -48.55 -7.05 -15.04
N TYR D 243 -47.59 -7.93 -14.79
CA TYR D 243 -47.17 -8.88 -15.81
C TYR D 243 -48.36 -9.71 -16.26
N LEU D 244 -49.13 -10.25 -15.30
CA LEU D 244 -50.35 -10.96 -15.66
C LEU D 244 -51.32 -10.02 -16.38
N LEU D 245 -51.35 -8.75 -15.97
CA LEU D 245 -52.16 -7.77 -16.70
C LEU D 245 -51.74 -7.72 -18.16
N ARG D 246 -50.43 -7.69 -18.41
CA ARG D 246 -49.94 -7.69 -19.77
C ARG D 246 -50.14 -9.04 -20.45
N LEU D 247 -50.35 -10.10 -19.67
CA LEU D 247 -50.80 -11.36 -20.25
C LEU D 247 -52.28 -11.30 -20.61
N ALA D 248 -53.06 -10.50 -19.89
CA ALA D 248 -54.50 -10.43 -20.15
C ALA D 248 -54.79 -9.57 -21.37
N ALA D 249 -54.40 -8.31 -21.33
CA ALA D 249 -54.62 -7.39 -22.44
C ALA D 249 -53.47 -7.40 -23.44
N ALA D 250 -53.11 -8.58 -23.92
CA ALA D 250 -51.97 -8.72 -24.81
C ALA D 250 -52.46 -8.67 -26.26
N PRO D 251 -52.12 -7.63 -27.02
CA PRO D 251 -52.44 -7.66 -28.46
C PRO D 251 -51.74 -8.79 -29.18
N SER D 252 -50.55 -9.18 -28.73
CA SER D 252 -49.82 -10.32 -29.27
C SER D 252 -49.49 -11.26 -28.12
N ARG D 253 -49.89 -12.54 -28.26
CA ARG D 253 -49.67 -13.49 -27.19
C ARG D 253 -48.21 -13.91 -27.11
N TYR D 254 -47.57 -14.13 -28.26
CA TYR D 254 -46.19 -14.60 -28.29
C TYR D 254 -45.18 -13.50 -28.59
N ARG D 255 -45.54 -12.52 -29.41
CA ARG D 255 -44.61 -11.43 -29.71
C ARG D 255 -44.33 -10.59 -28.47
N PHE D 256 -45.32 -10.44 -27.59
CA PHE D 256 -45.09 -9.72 -26.35
C PHE D 256 -44.00 -10.39 -25.51
N VAL D 257 -44.05 -11.72 -25.39
CA VAL D 257 -43.01 -12.44 -24.68
C VAL D 257 -41.68 -12.30 -25.41
N ARG D 258 -41.70 -12.32 -26.74
CA ARG D 258 -40.49 -12.12 -27.52
C ARG D 258 -39.89 -10.73 -27.30
N SER D 259 -40.70 -9.76 -26.92
CA SER D 259 -40.17 -8.43 -26.61
C SER D 259 -39.21 -8.50 -25.43
N VAL D 260 -38.15 -7.70 -25.50
CA VAL D 260 -37.10 -7.74 -24.49
C VAL D 260 -37.65 -7.32 -23.13
N MET D 261 -38.58 -6.36 -23.11
CA MET D 261 -39.17 -5.92 -21.86
C MET D 261 -39.75 -7.10 -21.07
N SER D 262 -40.53 -7.94 -21.73
CA SER D 262 -41.13 -9.09 -21.05
C SER D 262 -40.06 -10.04 -20.56
N ILE D 263 -38.98 -10.22 -21.33
CA ILE D 263 -37.89 -11.09 -20.90
C ILE D 263 -37.28 -10.56 -19.61
N ILE D 264 -37.05 -9.25 -19.54
CA ILE D 264 -36.50 -8.65 -18.32
C ILE D 264 -37.46 -8.84 -17.15
N ASP D 265 -38.75 -8.63 -17.40
CA ASP D 265 -39.74 -8.77 -16.33
C ASP D 265 -39.76 -10.19 -15.77
N VAL D 266 -39.79 -11.19 -16.67
CA VAL D 266 -39.84 -12.57 -16.20
C VAL D 266 -38.53 -12.97 -15.53
N VAL D 267 -37.40 -12.44 -16.01
CA VAL D 267 -36.12 -12.73 -15.37
C VAL D 267 -36.09 -12.17 -13.96
N ALA D 268 -36.62 -10.96 -13.78
CA ALA D 268 -36.69 -10.38 -12.43
C ALA D 268 -37.67 -11.14 -11.55
N ILE D 269 -38.75 -11.65 -12.14
CA ILE D 269 -39.78 -12.34 -11.35
C ILE D 269 -39.28 -13.71 -10.88
N LEU D 270 -38.59 -14.44 -11.75
CA LEU D 270 -38.31 -15.85 -11.47
C LEU D 270 -37.53 -16.13 -10.18
N PRO D 271 -36.50 -15.37 -9.78
CA PRO D 271 -35.62 -15.87 -8.70
C PRO D 271 -36.33 -16.24 -7.42
N TYR D 272 -37.36 -15.49 -7.02
CA TYR D 272 -38.08 -15.84 -5.80
C TYR D 272 -38.73 -17.21 -5.90
N TYR D 273 -39.40 -17.48 -7.03
CA TYR D 273 -40.06 -18.77 -7.21
C TYR D 273 -39.07 -19.91 -7.37
N ILE D 274 -37.97 -19.68 -8.09
CA ILE D 274 -36.99 -20.74 -8.25
C ILE D 274 -36.31 -21.06 -6.92
N GLY D 275 -36.09 -20.03 -6.08
CA GLY D 275 -35.58 -20.29 -4.75
C GLY D 275 -36.58 -21.02 -3.87
N LEU D 276 -37.86 -20.69 -4.02
CA LEU D 276 -38.92 -21.44 -3.33
C LEU D 276 -38.85 -22.92 -3.69
N VAL D 277 -38.79 -23.21 -4.99
CA VAL D 277 -38.74 -24.60 -5.44
C VAL D 277 -37.47 -25.29 -4.94
N MET D 278 -36.33 -24.59 -5.02
CA MET D 278 -35.07 -25.18 -4.60
C MET D 278 -35.10 -25.53 -3.12
N THR D 279 -35.46 -24.58 -2.26
CA THR D 279 -35.54 -24.86 -0.83
C THR D 279 -36.65 -25.84 -0.51
N ASP D 280 -37.66 -25.98 -1.38
CA ASP D 280 -38.65 -27.03 -1.20
C ASP D 280 -38.06 -28.41 -1.47
N ASN D 281 -37.12 -28.51 -2.41
CA ASN D 281 -36.57 -29.80 -2.80
C ASN D 281 -35.12 -30.02 -2.39
N GLU D 282 -34.26 -28.99 -2.46
CA GLU D 282 -32.83 -29.18 -2.26
C GLU D 282 -32.27 -28.05 -1.40
N ASP D 283 -30.96 -28.08 -1.21
CA ASP D 283 -30.20 -26.99 -0.61
C ASP D 283 -28.93 -26.77 -1.42
N VAL D 284 -29.10 -26.67 -2.75
CA VAL D 284 -27.97 -26.65 -3.68
C VAL D 284 -26.99 -25.54 -3.29
N SER D 285 -25.75 -25.93 -3.05
CA SER D 285 -24.72 -24.97 -2.67
C SER D 285 -24.31 -24.12 -3.86
N GLY D 286 -24.18 -22.81 -3.62
CA GLY D 286 -23.81 -21.88 -4.65
C GLY D 286 -24.96 -21.33 -5.46
N ALA D 287 -26.18 -21.83 -5.24
CA ALA D 287 -27.36 -21.32 -5.93
C ALA D 287 -28.13 -20.31 -5.11
N PHE D 288 -28.11 -20.43 -3.78
CA PHE D 288 -28.75 -19.42 -2.94
C PHE D 288 -28.09 -18.06 -3.08
N VAL D 289 -26.75 -18.03 -3.12
CA VAL D 289 -26.05 -16.77 -3.37
C VAL D 289 -26.35 -16.28 -4.78
N THR D 290 -26.50 -17.21 -5.73
CA THR D 290 -26.93 -16.83 -7.07
C THR D 290 -28.34 -16.24 -7.04
N LEU D 291 -29.20 -16.79 -6.19
CA LEU D 291 -30.53 -16.22 -5.98
C LEU D 291 -30.43 -14.78 -5.49
N ARG D 292 -29.62 -14.55 -4.44
CA ARG D 292 -29.48 -13.19 -3.93
C ARG D 292 -28.94 -12.25 -5.01
N VAL D 293 -27.99 -12.73 -5.81
CA VAL D 293 -27.42 -11.91 -6.87
C VAL D 293 -28.50 -11.52 -7.88
N PHE D 294 -29.29 -12.50 -8.33
CA PHE D 294 -30.31 -12.22 -9.33
C PHE D 294 -31.51 -11.47 -8.76
N ARG D 295 -31.62 -11.36 -7.44
CA ARG D 295 -32.71 -10.57 -6.84
C ARG D 295 -32.65 -9.10 -7.24
N VAL D 296 -31.49 -8.63 -7.70
CA VAL D 296 -31.29 -7.20 -7.91
C VAL D 296 -31.88 -6.70 -9.23
N PHE D 297 -32.28 -7.60 -10.13
CA PHE D 297 -32.69 -7.15 -11.46
C PHE D 297 -34.01 -6.39 -11.48
N ARG D 298 -34.62 -6.10 -10.32
CA ARG D 298 -35.60 -5.02 -10.28
C ARG D 298 -34.97 -3.70 -10.72
N ILE D 299 -33.66 -3.56 -10.56
CA ILE D 299 -32.94 -2.44 -11.13
C ILE D 299 -33.18 -2.34 -12.63
N PHE D 300 -33.07 -3.47 -13.34
CA PHE D 300 -33.41 -3.48 -14.76
C PHE D 300 -34.92 -3.33 -14.98
N LYS D 301 -35.72 -3.88 -14.06
CA LYS D 301 -37.17 -3.70 -14.14
C LYS D 301 -37.56 -2.23 -14.08
N PHE D 302 -36.69 -1.37 -13.57
CA PHE D 302 -36.89 0.08 -13.61
C PHE D 302 -37.00 0.63 -15.03
N SER D 303 -36.92 -0.26 -16.03
CA SER D 303 -36.77 0.18 -17.42
C SER D 303 -37.87 1.15 -17.84
N ARG D 304 -39.13 0.82 -17.53
CA ARG D 304 -40.23 1.68 -17.97
C ARG D 304 -40.16 3.05 -17.31
N HIS D 305 -39.81 3.10 -16.03
CA HIS D 305 -39.74 4.40 -15.34
C HIS D 305 -38.59 5.25 -15.88
N SER D 306 -37.45 4.63 -16.17
CA SER D 306 -36.31 5.37 -16.72
C SER D 306 -36.60 5.70 -18.18
N GLN D 307 -36.84 6.98 -18.46
CA GLN D 307 -37.08 7.39 -19.83
C GLN D 307 -35.87 7.12 -20.71
N GLY D 308 -34.68 7.40 -20.20
CA GLY D 308 -33.47 7.25 -20.99
C GLY D 308 -32.87 5.86 -21.04
N LEU D 309 -33.38 4.91 -20.26
CA LEU D 309 -32.82 3.56 -20.32
C LEU D 309 -33.16 2.89 -21.65
N ARG D 310 -34.35 3.13 -22.18
CA ARG D 310 -34.68 2.65 -23.51
C ARG D 310 -33.75 3.27 -24.55
N ILE D 311 -33.46 4.57 -24.40
CA ILE D 311 -32.52 5.22 -25.30
C ILE D 311 -31.15 4.56 -25.21
N LEU D 312 -30.70 4.26 -24.00
CA LEU D 312 -29.40 3.61 -23.82
C LEU D 312 -29.39 2.24 -24.48
N GLY D 313 -30.45 1.45 -24.29
CA GLY D 313 -30.51 0.14 -24.89
C GLY D 313 -30.52 0.19 -26.41
N TYR D 314 -31.32 1.09 -26.98
CA TYR D 314 -31.35 1.24 -28.43
C TYR D 314 -30.01 1.72 -28.96
N THR D 315 -29.33 2.61 -28.22
CA THR D 315 -28.01 3.08 -28.63
C THR D 315 -27.01 1.93 -28.65
N LEU D 316 -27.00 1.12 -27.59
CA LEU D 316 -26.10 -0.02 -27.56
C LEU D 316 -26.41 -1.00 -28.70
N LYS D 317 -27.70 -1.23 -28.97
CA LYS D 317 -28.06 -2.12 -30.07
C LYS D 317 -27.58 -1.57 -31.40
N SER D 318 -27.70 -0.25 -31.60
CA SER D 318 -27.35 0.35 -32.88
C SER D 318 -25.86 0.16 -33.18
N CYS D 319 -25.00 0.46 -32.20
CA CYS D 319 -23.55 0.37 -32.39
C CYS D 319 -23.01 -0.99 -31.98
N ALA D 320 -23.59 -2.06 -32.53
CA ALA D 320 -23.17 -3.40 -32.15
C ALA D 320 -21.79 -3.74 -32.74
N SER D 321 -21.57 -3.41 -34.01
CA SER D 321 -20.30 -3.73 -34.65
C SER D 321 -19.14 -3.00 -33.98
N GLU D 322 -19.36 -1.74 -33.60
CA GLU D 322 -18.30 -0.97 -32.95
C GLU D 322 -17.92 -1.57 -31.61
N LEU D 323 -18.92 -1.95 -30.80
CA LEU D 323 -18.59 -2.55 -29.50
C LEU D 323 -17.96 -3.92 -29.67
N GLY D 324 -18.39 -4.69 -30.68
CA GLY D 324 -17.72 -5.96 -30.94
C GLY D 324 -16.26 -5.78 -31.33
N PHE D 325 -15.98 -4.79 -32.17
CA PHE D 325 -14.60 -4.50 -32.53
C PHE D 325 -13.79 -4.03 -31.32
N LEU D 326 -14.40 -3.21 -30.47
CA LEU D 326 -13.75 -2.85 -29.22
C LEU D 326 -13.39 -4.07 -28.40
N LEU D 327 -14.34 -4.99 -28.23
CA LEU D 327 -14.09 -6.21 -27.48
C LEU D 327 -12.91 -6.96 -28.06
N PHE D 328 -12.92 -7.18 -29.38
CA PHE D 328 -11.85 -7.94 -30.02
C PHE D 328 -10.50 -7.26 -29.83
N SER D 329 -10.45 -5.94 -30.07
CA SER D 329 -9.18 -5.22 -29.96
C SER D 329 -8.65 -5.22 -28.53
N LEU D 330 -9.52 -5.00 -27.54
CA LEU D 330 -9.07 -4.98 -26.16
C LEU D 330 -8.60 -6.36 -25.73
N THR D 331 -9.28 -7.43 -26.18
CA THR D 331 -8.79 -8.77 -25.85
C THR D 331 -7.41 -9.00 -26.46
N MET D 332 -7.21 -8.61 -27.72
CA MET D 332 -5.90 -8.81 -28.33
C MET D 332 -4.82 -8.05 -27.57
N ALA D 333 -5.10 -6.80 -27.22
CA ALA D 333 -4.12 -6.00 -26.48
C ALA D 333 -3.81 -6.62 -25.13
N ILE D 334 -4.85 -7.08 -24.42
CA ILE D 334 -4.64 -7.71 -23.12
C ILE D 334 -3.76 -8.94 -23.26
N ILE D 335 -4.04 -9.79 -24.25
CA ILE D 335 -3.24 -10.99 -24.45
C ILE D 335 -1.79 -10.62 -24.70
N ILE D 336 -1.54 -9.71 -25.64
CA ILE D 336 -0.18 -9.36 -26.01
C ILE D 336 0.58 -8.83 -24.80
N PHE D 337 -0.01 -7.85 -24.12
CA PHE D 337 0.71 -7.19 -23.04
C PHE D 337 0.89 -8.12 -21.84
N ALA D 338 -0.12 -8.93 -21.52
CA ALA D 338 0.03 -9.86 -20.40
C ALA D 338 1.13 -10.87 -20.67
N THR D 339 1.17 -11.42 -21.90
CA THR D 339 2.25 -12.34 -22.23
C THR D 339 3.61 -11.66 -22.12
N VAL D 340 3.73 -10.44 -22.66
CA VAL D 340 5.01 -9.75 -22.64
C VAL D 340 5.48 -9.52 -21.20
N MET D 341 4.59 -9.01 -20.34
CA MET D 341 5.01 -8.67 -19.00
C MET D 341 5.27 -9.90 -18.15
N PHE D 342 4.46 -10.95 -18.30
CA PHE D 342 4.75 -12.18 -17.55
C PHE D 342 6.10 -12.76 -17.98
N TYR D 343 6.36 -12.78 -19.28
CA TYR D 343 7.61 -13.36 -19.77
C TYR D 343 8.83 -12.53 -19.39
N ALA D 344 8.70 -11.20 -19.32
CA ALA D 344 9.81 -10.34 -18.97
C ALA D 344 9.86 -10.00 -17.47
N GLU D 345 8.95 -10.56 -16.68
CA GLU D 345 8.91 -10.27 -15.24
C GLU D 345 8.89 -11.50 -14.37
N LYS D 346 8.85 -12.70 -14.94
CA LYS D 346 8.74 -13.92 -14.15
C LYS D 346 9.96 -14.16 -13.27
N GLY D 347 11.09 -13.54 -13.60
CA GLY D 347 12.31 -13.71 -12.84
C GLY D 347 12.43 -12.85 -11.60
N SER D 348 11.43 -12.02 -11.31
CA SER D 348 11.49 -11.14 -10.15
C SER D 348 11.38 -11.93 -8.86
N SER D 349 11.80 -11.30 -7.76
CA SER D 349 11.80 -11.97 -6.46
C SER D 349 10.38 -12.33 -6.03
N ALA D 350 9.52 -11.33 -5.86
CA ALA D 350 8.13 -11.59 -5.48
C ALA D 350 7.41 -12.37 -6.57
N SER D 351 7.63 -12.00 -7.83
CA SER D 351 7.05 -12.69 -8.98
C SER D 351 5.54 -12.83 -8.86
N LYS D 352 4.88 -11.73 -8.50
CA LYS D 352 3.42 -11.72 -8.46
C LYS D 352 2.81 -12.01 -9.83
N PHE D 353 3.57 -11.79 -10.90
CA PHE D 353 3.21 -12.32 -12.23
C PHE D 353 3.51 -13.81 -12.25
N THR D 354 2.67 -14.57 -11.55
CA THR D 354 2.86 -16.01 -11.45
C THR D 354 2.32 -16.76 -12.65
N SER D 355 1.50 -16.12 -13.48
CA SER D 355 0.90 -16.78 -14.64
C SER D 355 0.38 -15.71 -15.58
N ILE D 356 -0.01 -16.15 -16.78
CA ILE D 356 -0.66 -15.24 -17.73
C ILE D 356 -1.95 -14.68 -17.15
N PRO D 357 -2.83 -15.46 -16.51
CA PRO D 357 -3.97 -14.84 -15.81
C PRO D 357 -3.55 -13.85 -14.74
N ALA D 358 -2.42 -14.08 -14.08
CA ALA D 358 -1.93 -13.10 -13.11
C ALA D 358 -1.59 -11.78 -13.79
N ALA D 359 -1.02 -11.83 -14.99
CA ALA D 359 -0.73 -10.61 -15.73
C ALA D 359 -1.97 -10.00 -16.36
N PHE D 360 -3.04 -10.81 -16.54
CA PHE D 360 -4.28 -10.28 -17.08
C PHE D 360 -4.82 -9.16 -16.20
N TRP D 361 -4.81 -9.36 -14.89
CA TRP D 361 -5.35 -8.36 -13.99
C TRP D 361 -4.55 -7.07 -14.03
N TYR D 362 -3.22 -7.18 -14.12
CA TYR D 362 -2.41 -5.95 -14.23
C TYR D 362 -2.67 -5.24 -15.55
N THR D 363 -2.72 -5.98 -16.65
CA THR D 363 -2.99 -5.33 -17.93
C THR D 363 -4.37 -4.69 -17.94
N ILE D 364 -5.34 -5.28 -17.25
CA ILE D 364 -6.68 -4.69 -17.29
C ILE D 364 -6.82 -3.53 -16.32
N VAL D 365 -6.05 -3.50 -15.23
CA VAL D 365 -6.06 -2.33 -14.37
C VAL D 365 -5.23 -1.20 -14.97
N THR D 366 -4.31 -1.50 -15.88
CA THR D 366 -3.59 -0.45 -16.57
C THR D 366 -4.22 -0.06 -17.91
N MET D 367 -5.22 -0.82 -18.38
CA MET D 367 -6.00 -0.38 -19.52
C MET D 367 -6.69 0.96 -19.25
N THR D 368 -7.42 1.05 -18.14
CA THR D 368 -8.34 2.15 -17.91
C THR D 368 -7.74 3.25 -17.03
N THR D 369 -6.40 3.37 -17.02
CA THR D 369 -5.72 4.32 -16.14
C THR D 369 -6.13 4.13 -14.68
N LEU D 370 -6.49 2.90 -14.31
CA LEU D 370 -7.08 2.69 -12.99
C LEU D 370 -6.02 2.76 -11.90
N GLY D 371 -5.13 1.78 -11.85
CA GLY D 371 -3.97 1.87 -10.99
C GLY D 371 -4.27 1.44 -9.58
N TYR D 372 -3.64 0.35 -9.11
CA TYR D 372 -3.81 -0.09 -7.73
C TYR D 372 -2.52 -0.14 -6.94
N GLY D 373 -1.35 -0.21 -7.59
CA GLY D 373 -0.09 -0.34 -6.90
C GLY D 373 0.15 -1.67 -6.24
N ASP D 374 -0.88 -2.51 -6.11
CA ASP D 374 -0.69 -3.84 -5.54
C ASP D 374 0.17 -4.71 -6.44
N MET D 375 0.08 -4.51 -7.76
CA MET D 375 0.77 -5.34 -8.74
C MET D 375 1.46 -4.39 -9.73
N VAL D 376 2.78 -4.25 -9.60
CA VAL D 376 3.55 -3.39 -10.47
C VAL D 376 4.80 -4.14 -10.94
N PRO D 377 5.34 -3.83 -12.11
CA PRO D 377 6.59 -4.47 -12.53
C PRO D 377 7.78 -3.95 -11.74
N LYS D 378 8.83 -4.77 -11.71
CA LYS D 378 10.05 -4.42 -10.98
C LYS D 378 11.31 -4.45 -11.82
N THR D 379 11.21 -4.77 -13.11
CA THR D 379 12.35 -4.76 -14.01
C THR D 379 12.25 -3.58 -14.98
N ILE D 380 13.39 -3.22 -15.55
CA ILE D 380 13.46 -2.03 -16.40
C ILE D 380 12.53 -2.18 -17.60
N ALA D 381 12.54 -3.35 -18.25
CA ALA D 381 11.61 -3.59 -19.34
C ALA D 381 10.18 -3.60 -18.87
N GLY D 382 9.94 -4.09 -17.64
CA GLY D 382 8.58 -4.17 -17.14
C GLY D 382 7.89 -2.81 -17.07
N LYS D 383 8.58 -1.81 -16.51
CA LYS D 383 7.96 -0.50 -16.36
C LYS D 383 7.65 0.13 -17.71
N ILE D 384 8.59 0.05 -18.66
CA ILE D 384 8.37 0.70 -19.95
C ILE D 384 7.27 -0.01 -20.74
N PHE D 385 7.26 -1.36 -20.70
CA PHE D 385 6.17 -2.07 -21.34
C PHE D 385 4.84 -1.78 -20.69
N GLY D 386 4.82 -1.60 -19.36
CA GLY D 386 3.58 -1.24 -18.69
C GLY D 386 3.08 0.14 -19.08
N SER D 387 4.00 1.10 -19.25
CA SER D 387 3.60 2.43 -19.66
C SER D 387 3.03 2.42 -21.08
N ILE D 388 3.72 1.73 -21.99
CA ILE D 388 3.22 1.60 -23.37
C ILE D 388 1.88 0.88 -23.36
N CYS D 389 1.74 -0.13 -22.49
CA CYS D 389 0.48 -0.84 -22.32
C CYS D 389 -0.63 0.11 -21.90
N SER D 390 -0.36 0.97 -20.92
CA SER D 390 -1.34 1.91 -20.45
C SER D 390 -1.79 2.85 -21.56
N LEU D 391 -0.83 3.40 -22.31
CA LEU D 391 -1.17 4.34 -23.38
C LEU D 391 -1.99 3.65 -24.46
N SER D 392 -1.60 2.44 -24.86
CA SER D 392 -2.34 1.71 -25.88
C SER D 392 -3.75 1.40 -25.40
N GLY D 393 -3.89 1.01 -24.13
CA GLY D 393 -5.22 0.78 -23.58
C GLY D 393 -6.07 2.03 -23.61
N VAL D 394 -5.47 3.18 -23.27
CA VAL D 394 -6.21 4.44 -23.31
C VAL D 394 -6.76 4.68 -24.70
N LEU D 395 -5.90 4.59 -25.72
CA LEU D 395 -6.36 4.87 -27.07
C LEU D 395 -7.42 3.87 -27.52
N VAL D 396 -7.22 2.59 -27.21
CA VAL D 396 -8.17 1.56 -27.64
C VAL D 396 -9.53 1.79 -27.00
N ILE D 397 -9.56 2.05 -25.69
CA ILE D 397 -10.86 2.25 -25.03
C ILE D 397 -11.50 3.55 -25.47
N ALA D 398 -10.70 4.56 -25.83
CA ALA D 398 -11.27 5.81 -26.27
C ALA D 398 -11.72 5.78 -27.73
N LEU D 399 -11.35 4.75 -28.48
CA LEU D 399 -11.78 4.67 -29.88
C LEU D 399 -13.30 4.68 -30.07
N PRO D 400 -14.11 3.85 -29.37
CA PRO D 400 -15.53 3.74 -29.73
C PRO D 400 -16.47 4.69 -28.99
N VAL D 401 -15.98 5.31 -27.91
CA VAL D 401 -16.84 6.21 -27.12
C VAL D 401 -17.41 7.36 -27.95
N PRO D 402 -16.67 7.98 -28.90
CA PRO D 402 -17.34 9.01 -29.72
C PRO D 402 -18.53 8.47 -30.50
N VAL D 403 -18.40 7.28 -31.07
CA VAL D 403 -19.53 6.68 -31.79
C VAL D 403 -20.68 6.42 -30.85
N ILE D 404 -20.39 5.87 -29.67
CA ILE D 404 -21.44 5.52 -28.71
C ILE D 404 -22.21 6.78 -28.31
N VAL D 405 -21.49 7.83 -27.92
CA VAL D 405 -22.15 9.04 -27.47
C VAL D 405 -22.84 9.76 -28.63
N SER D 406 -22.29 9.67 -29.84
CA SER D 406 -22.93 10.26 -30.99
C SER D 406 -24.28 9.61 -31.24
N ASN D 407 -24.34 8.28 -31.18
CA ASN D 407 -25.61 7.59 -31.34
C ASN D 407 -26.58 7.94 -30.22
N PHE D 408 -26.08 8.03 -28.99
CA PHE D 408 -26.96 8.36 -27.86
C PHE D 408 -27.58 9.74 -28.03
N SER D 409 -26.73 10.75 -28.28
CA SER D 409 -27.23 12.10 -28.47
C SER D 409 -28.15 12.18 -29.68
N ARG D 410 -27.81 11.47 -30.74
CA ARG D 410 -28.67 11.42 -31.93
C ARG D 410 -30.06 10.93 -31.56
N ILE D 411 -30.15 9.78 -30.88
CA ILE D 411 -31.45 9.21 -30.54
C ILE D 411 -32.21 10.14 -29.60
N TYR D 412 -31.50 10.81 -28.69
CA TYR D 412 -32.12 11.84 -27.86
C TYR D 412 -32.76 12.92 -28.73
N HIS D 413 -32.04 13.34 -29.77
CA HIS D 413 -32.55 14.37 -30.67
C HIS D 413 -33.77 13.88 -31.45
N GLN D 414 -33.74 12.65 -31.97
CA GLN D 414 -34.96 12.17 -32.63
C GLN D 414 -36.11 12.05 -31.64
N ASN D 415 -35.85 11.71 -30.39
CA ASN D 415 -36.93 11.69 -29.39
C ASN D 415 -37.59 13.06 -29.27
N GLN D 416 -36.79 14.08 -28.98
CA GLN D 416 -37.38 15.42 -28.80
C GLN D 416 -38.01 15.93 -30.09
N ARG D 417 -37.37 15.69 -31.23
CA ARG D 417 -37.91 16.16 -32.50
C ARG D 417 -39.18 15.42 -32.88
N ALA D 418 -39.29 14.14 -32.51
CA ALA D 418 -40.53 13.40 -32.72
C ALA D 418 -41.65 13.96 -31.86
N ASP D 419 -41.33 14.35 -30.62
CA ASP D 419 -42.34 15.02 -29.79
C ASP D 419 -42.83 16.31 -30.45
N LYS D 420 -41.88 17.12 -30.93
CA LYS D 420 -42.26 18.38 -31.60
C LYS D 420 -43.06 18.11 -32.87
N ARG D 421 -42.69 17.09 -33.62
CA ARG D 421 -43.39 16.74 -34.85
C ARG D 421 -44.81 16.25 -34.54
N ARG D 422 -44.98 15.51 -33.45
CA ARG D 422 -46.32 15.10 -33.04
C ARG D 422 -47.18 16.29 -32.68
N ALA D 423 -46.59 17.26 -31.97
CA ALA D 423 -47.32 18.50 -31.69
C ALA D 423 -47.70 19.21 -32.98
N GLN D 424 -46.79 19.23 -33.95
CA GLN D 424 -47.07 19.87 -35.24
C GLN D 424 -48.21 19.15 -35.97
N LYS D 425 -48.23 17.82 -35.92
CA LYS D 425 -49.31 17.08 -36.58
C LYS D 425 -50.65 17.32 -35.89
N LYS D 426 -50.64 17.47 -34.56
CA LYS D 426 -51.88 17.84 -33.86
C LYS D 426 -52.35 19.22 -34.30
N ALA D 427 -51.42 20.18 -34.42
CA ALA D 427 -51.79 21.50 -34.89
C ALA D 427 -52.35 21.45 -36.32
N ARG D 428 -51.77 20.60 -37.16
CA ARG D 428 -52.22 20.50 -38.55
C ARG D 428 -53.61 19.86 -38.64
N LEU D 429 -53.89 18.84 -37.83
CA LEU D 429 -55.24 18.28 -37.84
C LEU D 429 -56.25 19.28 -37.30
N ALA D 430 -55.85 20.08 -36.31
CA ALA D 430 -56.73 21.16 -35.85
C ALA D 430 -56.99 22.17 -36.96
N ARG D 431 -55.96 22.52 -37.73
CA ARG D 431 -56.15 23.41 -38.87
C ARG D 431 -57.09 22.81 -39.90
N ILE D 432 -56.95 21.51 -40.18
CA ILE D 432 -57.81 20.86 -41.16
C ILE D 432 -59.26 20.88 -40.71
N ARG D 433 -59.52 20.56 -39.43
CA ARG D 433 -60.89 20.59 -38.96
C ARG D 433 -61.44 22.01 -38.90
N ALA D 434 -60.59 23.00 -38.63
CA ALA D 434 -61.02 24.39 -38.70
C ALA D 434 -61.42 24.78 -40.12
N ALA D 435 -60.65 24.33 -41.11
CA ALA D 435 -61.01 24.58 -42.51
C ALA D 435 -62.32 23.90 -42.87
N LYS D 436 -62.53 22.67 -42.37
CA LYS D 436 -63.79 21.98 -42.60
C LYS D 436 -64.96 22.77 -42.01
N SER D 437 -64.79 23.27 -40.78
CA SER D 437 -65.85 24.08 -40.17
C SER D 437 -66.10 25.36 -40.96
N GLY D 438 -65.03 25.99 -41.46
CA GLY D 438 -65.20 27.17 -42.28
C GLY D 438 -65.98 26.89 -43.55
N SER D 439 -65.66 25.78 -44.22
CA SER D 439 -66.42 25.40 -45.42
C SER D 439 -67.87 25.12 -45.07
N ALA D 440 -68.12 24.45 -43.95
CA ALA D 440 -69.49 24.13 -43.55
C ALA D 440 -70.29 25.40 -43.29
N ASN D 441 -69.72 26.36 -42.55
CA ASN D 441 -70.47 27.57 -42.25
C ASN D 441 -70.61 28.46 -43.48
N ALA D 442 -69.64 28.41 -44.40
CA ALA D 442 -69.80 29.12 -45.68
C ALA D 442 -70.98 28.54 -46.47
N TYR D 443 -71.09 27.21 -46.52
CA TYR D 443 -72.25 26.60 -47.17
C TYR D 443 -73.54 26.99 -46.47
N MET D 444 -73.53 27.01 -45.14
CA MET D 444 -74.73 27.35 -44.40
C MET D 444 -75.17 28.79 -44.65
N GLN D 445 -74.21 29.73 -44.69
CA GLN D 445 -74.56 31.12 -44.95
C GLN D 445 -74.98 31.32 -46.40
N SER D 446 -74.42 30.53 -47.33
CA SER D 446 -74.91 30.56 -48.70
C SER D 446 -76.35 30.06 -48.79
N LYS D 447 -76.68 29.03 -48.00
CA LYS D 447 -78.06 28.58 -47.91
C LYS D 447 -78.95 29.68 -47.33
N ARG D 448 -78.46 30.39 -46.31
CA ARG D 448 -79.21 31.51 -45.76
C ARG D 448 -79.37 32.63 -46.79
N SER D 449 -78.31 32.93 -47.53
CA SER D 449 -78.34 34.00 -48.51
C SER D 449 -78.18 33.45 -49.93
N SER D 471 -67.70 34.03 -55.15
CA SER D 471 -66.90 33.62 -56.30
C SER D 471 -67.74 32.86 -57.32
N SER D 472 -67.17 32.60 -58.49
CA SER D 472 -67.86 31.80 -59.49
C SER D 472 -67.88 30.33 -59.10
N PHE D 473 -66.79 29.84 -58.50
CA PHE D 473 -66.70 28.42 -58.16
C PHE D 473 -67.72 28.04 -57.10
N GLU D 474 -67.91 28.89 -56.09
CA GLU D 474 -68.83 28.56 -55.01
C GLU D 474 -70.26 28.41 -55.52
N THR D 475 -70.60 29.08 -56.62
CA THR D 475 -71.93 28.92 -57.20
C THR D 475 -72.18 27.47 -57.58
N GLN D 476 -71.29 26.87 -58.36
CA GLN D 476 -71.47 25.48 -58.74
C GLN D 476 -71.22 24.54 -57.57
N HIS D 477 -70.36 24.92 -56.62
CA HIS D 477 -70.17 24.10 -55.43
C HIS D 477 -71.48 23.94 -54.67
N HIS D 478 -72.13 25.06 -54.36
CA HIS D 478 -73.43 25.01 -53.71
C HIS D 478 -74.52 24.44 -54.61
N HIS D 479 -74.35 24.52 -55.94
CA HIS D 479 -75.30 23.86 -56.83
C HIS D 479 -75.24 22.35 -56.67
N LEU D 480 -74.03 21.77 -56.64
CA LEU D 480 -73.90 20.35 -56.38
C LEU D 480 -74.37 19.99 -54.97
N LEU D 481 -74.12 20.87 -54.00
CA LEU D 481 -74.61 20.63 -52.65
C LEU D 481 -76.14 20.59 -52.61
N HIS D 482 -76.78 21.51 -53.32
CA HIS D 482 -78.24 21.52 -53.38
C HIS D 482 -78.78 20.35 -54.18
N CYS D 483 -78.05 19.90 -55.21
CA CYS D 483 -78.45 18.70 -55.93
C CYS D 483 -78.40 17.48 -55.01
N LEU D 484 -77.37 17.38 -54.17
CA LEU D 484 -77.33 16.31 -53.18
C LEU D 484 -78.48 16.44 -52.19
N GLU D 485 -78.80 17.67 -51.77
CA GLU D 485 -79.93 17.88 -50.86
C GLU D 485 -81.23 17.42 -51.51
N LYS D 486 -81.43 17.72 -52.78
CA LYS D 486 -82.62 17.27 -53.49
C LYS D 486 -82.66 15.75 -53.60
N THR D 487 -81.52 15.13 -53.95
CA THR D 487 -81.51 13.68 -54.14
C THR D 487 -81.63 12.92 -52.82
N THR D 488 -81.37 13.56 -51.69
CA THR D 488 -81.59 12.94 -50.39
C THR D 488 -82.75 13.54 -49.62
N ASN D 489 -83.39 14.59 -50.15
CA ASN D 489 -84.49 15.32 -49.51
C ASN D 489 -84.22 15.55 -48.03
N HIS D 490 -83.00 15.94 -47.68
CA HIS D 490 -82.60 16.19 -46.30
C HIS D 490 -81.88 17.54 -46.24
N GLU D 491 -82.58 18.56 -45.74
CA GLU D 491 -82.02 19.90 -45.66
C GLU D 491 -80.90 19.97 -44.63
N PHE D 492 -79.90 20.80 -44.92
CA PHE D 492 -78.72 20.93 -44.06
C PHE D 492 -78.90 22.10 -43.09
N VAL D 493 -78.63 21.85 -41.82
CA VAL D 493 -78.75 22.88 -40.79
C VAL D 493 -77.37 23.23 -40.26
N ASP D 494 -77.32 24.25 -39.40
CA ASP D 494 -76.07 24.75 -38.85
C ASP D 494 -75.38 23.69 -37.98
N PRO E 1 -62.21 48.43 -50.49
CA PRO E 1 -60.86 48.51 -51.04
C PRO E 1 -60.62 47.48 -52.15
N GLU E 2 -61.42 47.53 -53.20
CA GLU E 2 -61.30 46.60 -54.32
C GLU E 2 -60.47 47.13 -55.46
N GLY E 3 -60.08 48.41 -55.42
CA GLY E 3 -59.27 49.02 -56.45
C GLY E 3 -60.05 49.79 -57.50
N LEU E 4 -61.33 49.50 -57.66
CA LEU E 4 -62.17 50.22 -58.60
C LEU E 4 -63.41 50.80 -57.95
N GLU E 5 -64.01 50.09 -57.00
CA GLU E 5 -65.17 50.63 -56.28
C GLU E 5 -64.80 51.88 -55.50
N GLN E 6 -63.54 51.99 -55.08
CA GLN E 6 -63.06 53.20 -54.40
C GLN E 6 -62.45 54.17 -55.41
N LEU E 7 -63.28 54.55 -56.37
CA LEU E 7 -62.94 55.55 -57.39
C LEU E 7 -63.09 56.93 -56.76
N GLU E 8 -63.13 57.99 -57.57
CA GLU E 8 -63.35 59.34 -57.05
C GLU E 8 -64.52 59.40 -56.08
N ALA E 9 -65.47 58.47 -56.19
CA ALA E 9 -66.55 58.38 -55.22
C ALA E 9 -66.02 57.89 -53.87
N GLN E 10 -66.42 58.57 -52.81
CA GLN E 10 -66.10 58.33 -51.39
C GLN E 10 -64.60 58.43 -51.12
N THR E 11 -63.80 58.58 -52.17
CA THR E 11 -62.36 58.80 -52.05
C THR E 11 -61.97 59.68 -53.25
N ASN E 12 -61.83 60.98 -53.02
CA ASN E 12 -61.67 61.90 -54.13
C ASN E 12 -60.29 61.77 -54.77
N PHE E 13 -60.05 60.61 -55.38
CA PHE E 13 -58.79 60.30 -56.05
C PHE E 13 -59.09 59.39 -57.23
N THR E 14 -58.44 59.65 -58.36
CA THR E 14 -58.60 58.79 -59.51
C THR E 14 -57.94 57.42 -59.25
N LYS E 15 -58.36 56.42 -60.02
CA LYS E 15 -57.88 55.06 -59.79
C LYS E 15 -56.39 54.95 -60.09
N ARG E 16 -55.86 55.72 -61.04
CA ARG E 16 -54.44 55.68 -61.31
C ARG E 16 -53.63 56.21 -60.13
N GLU E 17 -54.08 57.31 -59.53
CA GLU E 17 -53.43 57.81 -58.33
C GLU E 17 -53.71 56.92 -57.13
N LEU E 18 -54.89 56.30 -57.10
CA LEU E 18 -55.22 55.36 -56.03
C LEU E 18 -54.26 54.18 -56.03
N GLN E 19 -53.86 53.72 -57.22
CA GLN E 19 -52.89 52.63 -57.30
C GLN E 19 -51.58 53.02 -56.65
N VAL E 20 -51.09 54.24 -56.93
CA VAL E 20 -49.84 54.71 -56.33
C VAL E 20 -49.99 54.84 -54.81
N LEU E 21 -51.12 55.38 -54.37
CA LEU E 21 -51.34 55.54 -52.93
C LEU E 21 -51.36 54.21 -52.22
N TYR E 22 -52.08 53.22 -52.78
CA TYR E 22 -52.13 51.91 -52.16
C TYR E 22 -50.77 51.23 -52.18
N ARG E 23 -50.01 51.40 -53.27
CA ARG E 23 -48.69 50.80 -53.35
C ARG E 23 -47.75 51.38 -52.29
N GLY E 24 -47.77 52.70 -52.13
CA GLY E 24 -46.97 53.32 -51.07
C GLY E 24 -47.44 52.94 -49.69
N PHE E 25 -48.74 52.75 -49.52
CA PHE E 25 -49.28 52.29 -48.24
C PHE E 25 -48.81 50.88 -47.90
N LYS E 26 -48.87 49.97 -48.87
CA LYS E 26 -48.54 48.58 -48.63
C LYS E 26 -47.03 48.36 -48.52
N ASN E 27 -46.22 49.14 -49.24
CA ASN E 27 -44.79 48.94 -49.20
C ASN E 27 -44.22 49.13 -47.80
N GLU E 28 -44.84 49.99 -46.99
CA GLU E 28 -44.39 50.20 -45.62
C GLU E 28 -45.16 49.35 -44.61
N CYS E 29 -46.42 49.03 -44.89
CA CYS E 29 -47.25 48.19 -44.03
C CYS E 29 -47.91 47.13 -44.90
N PRO E 30 -47.17 46.06 -45.23
CA PRO E 30 -47.75 45.02 -46.11
C PRO E 30 -48.94 44.30 -45.52
N SER E 31 -49.13 44.33 -44.20
CA SER E 31 -50.27 43.65 -43.58
C SER E 31 -51.60 44.25 -44.00
N GLY E 32 -51.60 45.49 -44.52
CA GLY E 32 -52.82 46.15 -44.91
C GLY E 32 -53.55 46.86 -43.79
N VAL E 33 -53.09 46.73 -42.55
CA VAL E 33 -53.68 47.39 -41.40
C VAL E 33 -52.53 48.04 -40.63
N VAL E 34 -52.52 49.37 -40.57
CA VAL E 34 -51.40 50.10 -39.99
C VAL E 34 -51.58 50.17 -38.48
N ASN E 35 -50.51 49.84 -37.75
CA ASN E 35 -50.49 49.90 -36.30
C ASN E 35 -50.07 51.30 -35.83
N GLU E 36 -50.30 51.56 -34.54
CA GLU E 36 -50.00 52.87 -33.99
C GLU E 36 -48.52 53.22 -34.11
N ASP E 37 -47.65 52.32 -33.64
CA ASP E 37 -46.22 52.61 -33.61
C ASP E 37 -45.66 52.78 -35.02
N THR E 38 -46.20 52.02 -35.98
CA THR E 38 -45.83 52.22 -37.38
C THR E 38 -46.16 53.64 -37.82
N PHE E 39 -47.34 54.13 -37.44
CA PHE E 39 -47.71 55.50 -37.77
C PHE E 39 -46.79 56.51 -37.11
N LYS E 40 -46.43 56.26 -35.84
CA LYS E 40 -45.51 57.16 -35.14
C LYS E 40 -44.18 57.25 -35.89
N GLN E 41 -43.61 56.10 -36.25
CA GLN E 41 -42.33 56.09 -36.94
C GLN E 41 -42.43 56.74 -38.32
N ILE E 42 -43.50 56.45 -39.06
CA ILE E 42 -43.61 56.96 -40.42
C ILE E 42 -43.96 58.45 -40.43
N TYR E 43 -44.47 58.98 -39.31
CA TYR E 43 -44.73 60.41 -39.22
C TYR E 43 -43.54 61.20 -38.69
N ALA E 44 -42.80 60.64 -37.72
CA ALA E 44 -41.67 61.34 -37.12
C ALA E 44 -40.38 61.19 -37.93
N GLN E 45 -40.37 60.34 -38.95
CA GLN E 45 -39.14 60.12 -39.71
C GLN E 45 -38.80 61.32 -40.60
N PHE E 46 -39.81 61.99 -41.14
CA PHE E 46 -39.57 63.12 -42.03
C PHE E 46 -39.04 64.36 -41.29
N PHE E 47 -39.06 64.34 -39.96
CA PHE E 47 -38.54 65.45 -39.16
C PHE E 47 -37.35 64.98 -38.34
N PRO E 48 -36.12 65.30 -38.75
CA PRO E 48 -34.96 65.00 -37.90
C PRO E 48 -34.89 65.85 -36.63
N HIS E 49 -35.89 66.68 -36.39
CA HIS E 49 -35.98 67.51 -35.20
C HIS E 49 -36.74 66.73 -34.12
N GLY E 50 -37.19 67.42 -33.07
CA GLY E 50 -37.84 66.80 -31.93
C GLY E 50 -38.94 65.80 -32.22
N ASP E 51 -39.29 65.00 -31.21
CA ASP E 51 -40.16 63.85 -31.40
C ASP E 51 -41.57 64.26 -31.82
N ALA E 52 -42.30 63.31 -32.39
CA ALA E 52 -43.66 63.51 -32.87
C ALA E 52 -44.59 62.39 -32.40
N SER E 53 -44.30 61.80 -31.24
CA SER E 53 -45.05 60.63 -30.80
C SER E 53 -46.48 60.99 -30.41
N THR E 54 -46.67 62.04 -29.61
CA THR E 54 -47.99 62.35 -29.06
C THR E 54 -48.92 62.93 -30.12
N TYR E 55 -48.41 63.81 -30.99
CA TYR E 55 -49.23 64.36 -32.05
C TYR E 55 -49.68 63.26 -33.00
N ALA E 56 -48.77 62.37 -33.40
CA ALA E 56 -49.15 61.22 -34.21
C ALA E 56 -50.11 60.31 -33.46
N HIS E 57 -49.99 60.23 -32.13
CA HIS E 57 -50.92 59.43 -31.34
C HIS E 57 -52.34 59.97 -31.46
N TYR E 58 -52.50 61.28 -31.26
CA TYR E 58 -53.81 61.90 -31.44
C TYR E 58 -54.31 61.74 -32.87
N LEU E 59 -53.40 61.85 -33.85
CA LEU E 59 -53.78 61.63 -35.24
C LEU E 59 -54.34 60.23 -35.44
N PHE E 60 -53.71 59.23 -34.80
CA PHE E 60 -54.19 57.85 -34.96
C PHE E 60 -55.52 57.63 -34.25
N ASN E 61 -55.66 58.15 -33.02
CA ASN E 61 -56.95 58.02 -32.34
C ASN E 61 -58.07 58.67 -33.14
N ALA E 62 -57.78 59.80 -33.80
CA ALA E 62 -58.77 60.35 -34.73
C ALA E 62 -59.00 59.40 -35.90
N PHE E 63 -57.93 58.81 -36.43
CA PHE E 63 -58.05 57.87 -37.55
C PHE E 63 -58.76 56.60 -37.12
N ASP E 64 -58.47 56.10 -35.93
CA ASP E 64 -58.93 54.80 -35.47
C ASP E 64 -60.33 54.93 -34.87
N THR E 65 -61.35 54.67 -35.68
CA THR E 65 -62.71 54.67 -35.18
C THR E 65 -63.04 53.30 -34.56
N THR E 66 -64.02 53.31 -33.66
CA THR E 66 -64.51 52.13 -32.94
C THR E 66 -63.43 51.44 -32.12
N GLN E 67 -62.26 52.07 -31.96
CA GLN E 67 -61.16 51.55 -31.16
C GLN E 67 -60.77 50.15 -31.63
N THR E 68 -60.33 50.08 -32.89
CA THR E 68 -59.85 48.82 -33.45
C THR E 68 -58.44 48.48 -32.99
N GLY E 69 -57.65 49.47 -32.61
CA GLY E 69 -56.25 49.27 -32.31
C GLY E 69 -55.33 49.35 -33.50
N SER E 70 -55.88 49.48 -34.71
CA SER E 70 -55.11 49.61 -35.94
C SER E 70 -56.08 49.95 -37.06
N VAL E 71 -55.58 50.72 -38.03
CA VAL E 71 -56.40 51.25 -39.12
C VAL E 71 -56.10 50.48 -40.39
N LYS E 72 -57.16 50.08 -41.10
CA LYS E 72 -57.01 49.38 -42.37
C LYS E 72 -56.94 50.39 -43.51
N PHE E 73 -57.00 49.91 -44.75
CA PHE E 73 -56.81 50.78 -45.90
C PHE E 73 -58.01 51.65 -46.20
N GLU E 74 -59.23 51.16 -45.99
CA GLU E 74 -60.41 51.90 -46.40
C GLU E 74 -60.57 53.20 -45.62
N ASP E 75 -60.51 53.11 -44.29
CA ASP E 75 -60.63 54.32 -43.47
C ASP E 75 -59.45 55.26 -43.70
N PHE E 76 -58.25 54.70 -43.87
CA PHE E 76 -57.07 55.51 -44.16
C PHE E 76 -57.25 56.32 -45.43
N VAL E 77 -57.65 55.66 -46.52
CA VAL E 77 -57.78 56.36 -47.79
C VAL E 77 -58.94 57.34 -47.75
N THR E 78 -60.02 57.00 -47.04
CA THR E 78 -61.14 57.93 -46.93
C THR E 78 -60.72 59.20 -46.19
N ALA E 79 -60.07 59.04 -45.05
CA ALA E 79 -59.63 60.21 -44.27
C ALA E 79 -58.59 61.02 -45.03
N LEU E 80 -57.66 60.36 -45.71
CA LEU E 80 -56.67 61.09 -46.50
C LEU E 80 -57.31 61.87 -47.63
N SER E 81 -58.27 61.25 -48.33
CA SER E 81 -58.96 61.94 -49.41
C SER E 81 -59.72 63.15 -48.89
N ILE E 82 -60.42 63.00 -47.77
CA ILE E 82 -61.16 64.13 -47.20
C ILE E 82 -60.20 65.24 -46.76
N LEU E 83 -59.08 64.87 -46.15
CA LEU E 83 -58.15 65.87 -45.65
C LEU E 83 -57.44 66.61 -46.78
N LEU E 84 -57.14 65.92 -47.89
CA LEU E 84 -56.40 66.54 -48.97
C LEU E 84 -57.31 67.26 -49.97
N ARG E 85 -58.27 66.55 -50.56
CA ARG E 85 -59.13 67.09 -51.60
C ARG E 85 -60.59 67.16 -51.14
N GLY E 86 -60.81 67.59 -49.91
CA GLY E 86 -62.15 67.66 -49.36
C GLY E 86 -62.85 68.96 -49.68
N THR E 87 -64.01 69.13 -49.04
CA THR E 87 -64.84 70.31 -49.23
C THR E 87 -64.46 71.37 -48.19
N VAL E 88 -64.49 72.64 -48.61
CA VAL E 88 -64.05 73.73 -47.75
C VAL E 88 -64.83 73.74 -46.44
N HIS E 89 -66.15 73.58 -46.52
CA HIS E 89 -66.97 73.56 -45.32
C HIS E 89 -66.84 72.23 -44.58
N GLU E 90 -66.75 71.12 -45.33
CA GLU E 90 -66.78 69.79 -44.73
C GLU E 90 -65.48 69.42 -44.03
N LYS E 91 -64.34 70.01 -44.44
CA LYS E 91 -63.05 69.58 -43.93
C LYS E 91 -62.93 69.80 -42.42
N LEU E 92 -63.45 70.92 -41.92
CA LEU E 92 -63.20 71.30 -40.53
C LEU E 92 -63.94 70.44 -39.52
N ARG E 93 -64.87 69.59 -39.94
CA ARG E 93 -65.48 68.65 -39.00
C ARG E 93 -64.45 67.70 -38.42
N TRP E 94 -63.62 67.11 -39.28
CA TRP E 94 -62.53 66.27 -38.80
C TRP E 94 -61.46 67.08 -38.09
N THR E 95 -61.30 68.36 -38.42
CA THR E 95 -60.38 69.20 -37.65
C THR E 95 -60.86 69.38 -36.21
N PHE E 96 -62.16 69.64 -36.03
CA PHE E 96 -62.73 69.69 -34.70
C PHE E 96 -62.59 68.34 -33.99
N ASN E 97 -62.81 67.25 -34.72
CA ASN E 97 -62.61 65.93 -34.14
C ASN E 97 -61.16 65.75 -33.66
N LEU E 98 -60.21 66.27 -34.43
CA LEU E 98 -58.82 66.30 -33.98
C LEU E 98 -58.68 67.09 -32.69
N TYR E 99 -59.33 68.25 -32.62
CA TYR E 99 -59.27 69.08 -31.42
C TYR E 99 -60.25 68.65 -30.34
N ASP E 100 -61.11 67.68 -30.61
CA ASP E 100 -62.04 67.14 -29.61
C ASP E 100 -61.46 65.83 -29.09
N ILE E 101 -60.99 65.84 -27.85
CA ILE E 101 -60.42 64.66 -27.23
C ILE E 101 -61.32 64.04 -26.17
N ASN E 102 -62.23 64.81 -25.57
CA ASN E 102 -63.10 64.33 -24.51
C ASN E 102 -64.36 63.65 -25.03
N LYS E 103 -64.33 63.15 -26.26
CA LYS E 103 -65.43 62.41 -26.89
C LYS E 103 -66.60 63.33 -27.22
N ASP E 104 -67.30 63.83 -26.20
CA ASP E 104 -68.44 64.70 -26.45
C ASP E 104 -67.99 66.02 -27.06
N GLY E 105 -68.87 66.60 -27.86
CA GLY E 105 -68.55 67.82 -28.60
C GLY E 105 -68.54 69.05 -27.72
N TYR E 106 -67.58 69.13 -26.80
CA TYR E 106 -67.45 70.27 -25.90
C TYR E 106 -65.98 70.56 -25.67
N ILE E 107 -65.67 71.82 -25.41
CA ILE E 107 -64.33 72.27 -25.09
C ILE E 107 -64.37 72.99 -23.75
N ASN E 108 -63.50 72.57 -22.83
CA ASN E 108 -63.36 73.20 -21.52
C ASN E 108 -61.93 73.67 -21.30
N LYS E 109 -61.33 74.24 -22.35
CA LYS E 109 -60.04 74.92 -22.31
C LYS E 109 -58.87 73.97 -22.00
N GLU E 110 -59.03 72.66 -22.24
CA GLU E 110 -57.99 71.71 -21.91
C GLU E 110 -57.69 70.67 -22.98
N GLU E 111 -58.51 70.55 -24.02
CA GLU E 111 -58.27 69.57 -25.07
C GLU E 111 -57.33 70.06 -26.16
N MET E 112 -56.82 71.29 -26.06
CA MET E 112 -55.94 71.86 -27.06
C MET E 112 -54.54 72.15 -26.55
N MET E 113 -54.36 72.41 -25.25
CA MET E 113 -53.04 72.70 -24.71
C MET E 113 -52.06 71.56 -24.96
N ASP E 114 -52.53 70.32 -24.75
CA ASP E 114 -51.68 69.17 -25.04
C ASP E 114 -51.32 69.10 -26.51
N ILE E 115 -52.29 69.38 -27.38
CA ILE E 115 -52.03 69.38 -28.82
C ILE E 115 -51.02 70.46 -29.17
N VAL E 116 -51.17 71.65 -28.58
CA VAL E 116 -50.24 72.75 -28.87
C VAL E 116 -48.83 72.41 -28.42
N LYS E 117 -48.68 71.85 -27.21
CA LYS E 117 -47.34 71.50 -26.75
C LYS E 117 -46.75 70.35 -27.55
N ALA E 118 -47.57 69.40 -28.00
CA ALA E 118 -47.07 68.34 -28.87
C ALA E 118 -46.59 68.90 -30.21
N ILE E 119 -47.33 69.87 -30.76
CA ILE E 119 -46.91 70.50 -32.01
C ILE E 119 -45.62 71.27 -31.81
N TYR E 120 -45.52 72.01 -30.70
CA TYR E 120 -44.38 72.89 -30.48
C TYR E 120 -43.14 72.17 -29.99
N ASP E 121 -43.26 70.91 -29.55
CA ASP E 121 -42.08 70.11 -29.29
C ASP E 121 -41.35 69.71 -30.57
N MET E 122 -41.93 69.95 -31.74
CA MET E 122 -41.32 69.58 -33.01
C MET E 122 -40.07 70.39 -33.31
N MET E 123 -39.93 71.59 -32.76
CA MET E 123 -38.93 72.54 -33.18
C MET E 123 -37.53 72.22 -32.67
N GLY E 124 -37.38 71.21 -31.79
CA GLY E 124 -36.05 70.89 -31.30
C GLY E 124 -35.53 71.91 -30.31
N LYS E 125 -34.21 71.93 -30.15
CA LYS E 125 -33.56 72.80 -29.16
C LYS E 125 -32.67 73.86 -29.78
N TYR E 126 -32.62 73.96 -31.11
CA TYR E 126 -31.84 75.00 -31.80
C TYR E 126 -32.74 76.00 -32.49
N THR E 127 -33.89 76.29 -31.89
CA THR E 127 -34.88 77.18 -32.48
C THR E 127 -34.41 78.63 -32.40
N TYR E 128 -34.66 79.40 -33.47
CA TYR E 128 -34.19 80.79 -33.54
C TYR E 128 -34.79 81.63 -32.42
N PRO E 129 -36.14 81.67 -32.23
CA PRO E 129 -36.66 82.22 -30.97
C PRO E 129 -36.84 81.12 -29.94
N VAL E 130 -36.27 81.33 -28.74
CA VAL E 130 -36.30 80.29 -27.73
C VAL E 130 -37.72 80.09 -27.23
N LEU E 131 -38.18 78.84 -27.21
CA LEU E 131 -39.51 78.50 -26.72
C LEU E 131 -39.48 78.59 -25.20
N LYS E 132 -39.90 79.74 -24.66
CA LYS E 132 -39.98 79.90 -23.22
C LYS E 132 -41.07 78.98 -22.66
N GLU E 133 -40.91 78.66 -21.37
CA GLU E 133 -41.85 77.74 -20.73
C GLU E 133 -43.28 78.27 -20.72
N ASP E 134 -43.46 79.59 -20.79
CA ASP E 134 -44.80 80.16 -20.87
C ASP E 134 -45.31 80.35 -22.29
N THR E 135 -44.42 80.23 -23.28
CA THR E 135 -44.86 80.35 -24.68
C THR E 135 -45.91 79.31 -25.10
N PRO E 136 -45.85 78.04 -24.68
CA PRO E 136 -46.95 77.13 -25.08
C PRO E 136 -48.31 77.60 -24.59
N ARG E 137 -48.45 77.87 -23.29
CA ARG E 137 -49.72 78.38 -22.79
C ARG E 137 -50.03 79.76 -23.34
N GLN E 138 -49.00 80.53 -23.71
CA GLN E 138 -49.22 81.82 -24.34
C GLN E 138 -49.93 81.67 -25.69
N HIS E 139 -49.43 80.76 -26.54
CA HIS E 139 -50.10 80.56 -27.81
C HIS E 139 -51.41 79.79 -27.62
N VAL E 140 -51.54 79.05 -26.51
CA VAL E 140 -52.83 78.46 -26.17
C VAL E 140 -53.87 79.56 -25.94
N ASP E 141 -53.49 80.60 -25.19
CA ASP E 141 -54.38 81.74 -25.03
C ASP E 141 -54.61 82.46 -26.36
N VAL E 142 -53.57 82.51 -27.20
CA VAL E 142 -53.72 83.13 -28.52
C VAL E 142 -54.79 82.42 -29.34
N PHE E 143 -54.77 81.08 -29.32
CA PHE E 143 -55.80 80.31 -29.99
C PHE E 143 -57.16 80.44 -29.28
N PHE E 144 -57.15 80.61 -27.96
CA PHE E 144 -58.38 80.88 -27.23
C PHE E 144 -59.03 82.18 -27.68
N GLN E 145 -58.22 83.14 -28.13
CA GLN E 145 -58.75 84.44 -28.55
C GLN E 145 -59.84 84.29 -29.60
N LYS E 146 -59.58 83.47 -30.63
CA LYS E 146 -60.60 83.24 -31.65
C LYS E 146 -61.70 82.29 -31.19
N MET E 147 -61.44 81.48 -30.17
CA MET E 147 -62.45 80.59 -29.64
C MET E 147 -63.50 81.38 -28.85
N ASP E 148 -64.71 80.83 -28.77
CA ASP E 148 -65.81 81.54 -28.15
C ASP E 148 -65.51 81.84 -26.68
N LYS E 149 -65.73 83.10 -26.29
CA LYS E 149 -65.57 83.46 -24.88
C LYS E 149 -66.73 82.96 -24.04
N ASN E 150 -67.95 83.07 -24.57
CA ASN E 150 -69.11 82.56 -23.87
C ASN E 150 -69.13 81.04 -23.88
N LYS E 151 -69.70 80.45 -22.83
CA LYS E 151 -69.74 79.00 -22.69
C LYS E 151 -71.14 78.47 -22.97
N THR E 156 -65.90 76.07 -29.09
CA THR E 156 -66.99 75.14 -29.41
C THR E 156 -67.00 74.89 -30.92
N LEU E 157 -67.58 73.77 -31.34
CA LEU E 157 -67.56 73.39 -32.75
C LEU E 157 -68.30 74.41 -33.62
N ASP E 158 -69.46 74.87 -33.16
CA ASP E 158 -70.26 75.78 -33.98
C ASP E 158 -69.60 77.13 -34.14
N GLU E 159 -69.11 77.71 -33.03
CA GLU E 159 -68.46 79.01 -33.11
C GLU E 159 -67.18 78.93 -33.93
N PHE E 160 -66.40 77.87 -33.76
CA PHE E 160 -65.19 77.71 -34.56
C PHE E 160 -65.53 77.59 -36.04
N LEU E 161 -66.58 76.82 -36.36
CA LEU E 161 -66.97 76.65 -37.76
C LEU E 161 -67.45 77.98 -38.36
N GLU E 162 -68.21 78.76 -37.61
CA GLU E 162 -68.73 80.02 -38.14
C GLU E 162 -67.72 81.16 -38.06
N SER E 163 -66.61 80.99 -37.35
CA SER E 163 -65.57 82.01 -37.28
C SER E 163 -64.34 81.67 -38.11
N CYS E 164 -64.24 80.44 -38.62
CA CYS E 164 -63.09 80.09 -39.46
C CYS E 164 -63.07 80.92 -40.74
N GLN E 165 -64.22 81.07 -41.39
CA GLN E 165 -64.29 81.89 -42.61
C GLN E 165 -64.10 83.37 -42.32
N GLU E 166 -64.29 83.79 -41.07
CA GLU E 166 -64.02 85.18 -40.71
C GLU E 166 -62.54 85.51 -40.86
N ASP E 167 -61.67 84.56 -40.53
CA ASP E 167 -60.24 84.70 -40.69
C ASP E 167 -59.84 84.14 -42.05
N ASP E 168 -59.39 85.02 -42.95
CA ASP E 168 -59.05 84.61 -44.30
C ASP E 168 -57.82 83.71 -44.35
N ASN E 169 -56.98 83.74 -43.31
CA ASN E 169 -55.76 82.94 -43.31
C ASN E 169 -56.08 81.45 -43.43
N ILE E 170 -57.07 80.98 -42.68
CA ILE E 170 -57.42 79.55 -42.71
C ILE E 170 -57.95 79.17 -44.08
N MET E 171 -58.88 79.98 -44.62
CA MET E 171 -59.48 79.66 -45.91
C MET E 171 -58.44 79.62 -47.02
N ARG E 172 -57.52 80.60 -47.03
CA ARG E 172 -56.46 80.57 -48.02
C ARG E 172 -55.42 79.49 -47.73
N SER E 173 -55.39 78.97 -46.50
CA SER E 173 -54.52 77.84 -46.21
C SER E 173 -55.09 76.52 -46.71
N LEU E 174 -56.42 76.38 -46.73
CA LEU E 174 -57.01 75.15 -47.28
C LEU E 174 -56.57 74.91 -48.72
N GLN E 175 -56.55 75.95 -49.55
CA GLN E 175 -56.18 75.82 -50.95
C GLN E 175 -54.70 75.56 -51.15
N LEU E 176 -53.90 75.58 -50.08
CA LEU E 176 -52.49 75.21 -50.21
C LEU E 176 -52.34 73.78 -50.69
N PHE E 177 -53.13 72.86 -50.14
CA PHE E 177 -53.11 71.46 -50.53
C PHE E 177 -54.43 70.98 -51.12
N GLN E 178 -55.48 71.81 -51.11
CA GLN E 178 -56.75 71.42 -51.71
C GLN E 178 -56.59 71.19 -53.21
N ASN E 179 -55.86 72.08 -53.89
CA ASN E 179 -55.69 71.94 -55.34
C ASN E 179 -54.47 71.11 -55.69
N VAL E 180 -53.40 71.23 -54.90
CA VAL E 180 -52.17 70.49 -55.19
C VAL E 180 -52.39 69.00 -54.92
N MET E 181 -51.97 68.18 -55.87
CA MET E 181 -52.09 66.72 -55.77
C MET E 181 -53.55 66.29 -55.59
N ALA F 1 -62.98 23.62 -50.29
CA ALA F 1 -62.36 24.79 -50.92
C ALA F 1 -62.29 24.60 -52.43
N ALA F 2 -61.54 25.49 -53.10
CA ALA F 2 -61.38 25.45 -54.54
C ALA F 2 -60.03 24.91 -54.97
N GLY F 3 -59.29 24.25 -54.07
CA GLY F 3 -57.94 23.82 -54.37
C GLY F 3 -57.83 22.88 -55.56
N VAL F 4 -58.91 22.21 -55.92
CA VAL F 4 -58.94 21.32 -57.07
C VAL F 4 -60.01 21.79 -58.05
N ALA F 5 -60.19 23.12 -58.13
CA ALA F 5 -61.24 23.71 -58.98
C ALA F 5 -61.15 23.31 -60.44
N ALA F 6 -60.03 22.71 -60.87
CA ALA F 6 -59.90 22.21 -62.23
C ALA F 6 -60.56 20.86 -62.41
N TRP F 7 -61.21 20.32 -61.37
CA TRP F 7 -61.86 19.02 -61.41
C TRP F 7 -63.37 19.12 -61.24
N LEU F 8 -63.94 20.31 -61.41
CA LEU F 8 -65.39 20.45 -61.32
C LEU F 8 -66.17 19.62 -62.33
N PRO F 9 -65.79 19.56 -63.62
CA PRO F 9 -66.58 18.72 -64.55
C PRO F 9 -66.67 17.27 -64.12
N PHE F 10 -65.58 16.71 -63.57
CA PHE F 10 -65.61 15.33 -63.11
C PHE F 10 -66.65 15.15 -62.01
N ALA F 11 -66.70 16.10 -61.07
CA ALA F 11 -67.73 16.06 -60.03
C ALA F 11 -69.12 16.03 -60.63
N ARG F 12 -69.31 16.68 -61.79
CA ARG F 12 -70.61 16.62 -62.45
C ARG F 12 -70.97 15.20 -62.82
N ALA F 13 -69.98 14.42 -63.28
CA ALA F 13 -70.19 13.00 -63.51
C ALA F 13 -70.65 12.30 -62.24
N ALA F 14 -70.11 12.72 -61.09
CA ALA F 14 -70.56 12.17 -59.81
C ALA F 14 -72.05 12.39 -59.62
N ALA F 15 -72.55 13.57 -60.04
CA ALA F 15 -73.97 13.84 -59.94
C ALA F 15 -74.78 12.82 -60.74
N ILE F 16 -74.24 12.41 -61.88
CA ILE F 16 -74.89 11.40 -62.71
C ILE F 16 -75.16 10.10 -61.96
N GLY F 17 -74.42 9.86 -60.88
CA GLY F 17 -74.68 8.68 -60.08
C GLY F 17 -76.08 8.66 -59.47
N TRP F 18 -76.61 9.83 -59.09
CA TRP F 18 -77.74 9.87 -58.19
C TRP F 18 -78.99 10.54 -58.78
N MET F 19 -79.29 10.35 -60.07
CA MET F 19 -80.61 10.80 -60.53
C MET F 19 -81.73 9.83 -60.18
N PRO F 20 -81.58 8.52 -60.41
CA PRO F 20 -82.69 7.61 -60.07
C PRO F 20 -83.03 7.57 -58.59
N VAL F 21 -82.11 7.99 -57.71
CA VAL F 21 -82.39 8.06 -56.28
C VAL F 21 -82.83 9.46 -55.84
N ALA F 22 -83.08 10.35 -56.79
CA ALA F 22 -83.38 11.75 -56.48
C ALA F 22 -84.88 12.00 -56.36
N SER F 23 -85.23 12.95 -55.49
CA SER F 23 -86.62 13.39 -55.33
C SER F 23 -86.59 14.87 -54.96
N GLY F 24 -86.74 15.74 -55.96
CA GLY F 24 -86.72 17.16 -55.74
C GLY F 24 -87.23 17.97 -56.91
N PRO F 25 -87.44 19.28 -56.69
CA PRO F 25 -87.93 20.15 -57.77
C PRO F 25 -86.88 20.48 -58.82
N MET F 26 -85.61 20.11 -58.60
CA MET F 26 -84.53 20.33 -59.54
C MET F 26 -84.42 21.81 -59.91
N PRO F 27 -83.86 22.64 -59.02
CA PRO F 27 -83.80 24.09 -59.30
C PRO F 27 -82.86 24.47 -60.44
N ALA F 28 -82.25 23.48 -61.11
CA ALA F 28 -81.41 23.66 -62.29
C ALA F 28 -80.10 24.36 -61.95
N PRO F 29 -79.11 24.35 -62.85
CA PRO F 29 -77.87 25.07 -62.57
C PRO F 29 -78.11 26.55 -62.41
N PRO F 30 -77.33 27.22 -61.57
CA PRO F 30 -77.57 28.65 -61.30
C PRO F 30 -76.99 29.58 -62.35
N ARG F 31 -76.60 29.02 -63.50
CA ARG F 31 -76.11 29.79 -64.65
C ARG F 31 -74.76 30.45 -64.39
N GLN F 32 -74.04 30.77 -65.45
CA GLN F 32 -72.69 31.32 -65.36
C GLN F 32 -72.38 32.07 -66.65
N GLU F 33 -71.27 32.82 -66.62
CA GLU F 33 -70.86 33.58 -67.79
C GLU F 33 -70.43 32.66 -68.93
N ARG F 34 -69.57 31.69 -68.63
CA ARG F 34 -69.10 30.75 -69.64
C ARG F 34 -68.86 29.39 -69.00
N LYS F 35 -69.27 28.34 -69.69
CA LYS F 35 -69.18 26.97 -69.20
C LYS F 35 -67.90 26.29 -69.63
N ARG F 36 -66.77 26.97 -69.44
CA ARG F 36 -65.46 26.48 -69.87
C ARG F 36 -64.39 27.14 -69.02
N THR F 37 -63.14 26.97 -69.44
CA THR F 37 -61.99 27.62 -68.83
C THR F 37 -61.24 28.43 -69.87
N GLN F 38 -61.99 29.18 -70.69
CA GLN F 38 -61.41 29.99 -71.75
C GLN F 38 -60.59 31.16 -71.20
N ASP F 39 -60.60 31.38 -69.89
CA ASP F 39 -59.79 32.44 -69.28
C ASP F 39 -58.33 32.21 -69.61
N ALA F 40 -57.77 33.08 -70.46
CA ALA F 40 -56.41 32.89 -70.95
C ALA F 40 -55.40 33.13 -69.84
N LEU F 41 -54.19 32.60 -70.05
CA LEU F 41 -53.11 32.82 -69.12
C LEU F 41 -52.83 34.31 -68.99
N ILE F 42 -52.60 34.77 -67.77
CA ILE F 42 -52.31 36.17 -67.51
C ILE F 42 -50.81 36.33 -67.35
N VAL F 43 -50.26 37.38 -67.98
CA VAL F 43 -48.87 37.73 -67.80
C VAL F 43 -48.78 38.75 -66.68
N LEU F 44 -47.97 38.44 -65.66
CA LEU F 44 -47.78 39.32 -64.53
C LEU F 44 -46.29 39.55 -64.34
N ASN F 45 -45.90 40.81 -64.19
CA ASN F 45 -44.50 41.19 -64.10
C ASN F 45 -44.12 41.45 -62.65
N VAL F 46 -42.98 40.89 -62.23
CA VAL F 46 -42.43 41.11 -60.91
C VAL F 46 -41.02 41.67 -61.08
N SER F 47 -40.89 42.99 -60.96
CA SER F 47 -39.61 43.69 -61.11
C SER F 47 -38.95 43.36 -62.44
N GLY F 48 -39.68 43.61 -63.52
CA GLY F 48 -39.16 43.44 -64.86
C GLY F 48 -39.10 42.02 -65.37
N THR F 49 -39.53 41.05 -64.57
CA THR F 49 -39.58 39.65 -64.99
C THR F 49 -41.05 39.23 -65.01
N ARG F 50 -41.50 38.76 -66.17
CA ARG F 50 -42.90 38.41 -66.36
C ARG F 50 -43.10 36.93 -66.07
N PHE F 51 -44.10 36.63 -65.24
CA PHE F 51 -44.44 35.26 -64.84
C PHE F 51 -45.83 34.97 -65.37
N GLN F 52 -45.91 34.50 -66.61
CA GLN F 52 -47.19 34.13 -67.20
C GLN F 52 -47.79 32.94 -66.47
N THR F 53 -49.10 32.97 -66.25
CA THR F 53 -49.76 31.91 -65.53
C THR F 53 -51.27 32.02 -65.75
N TRP F 54 -51.97 30.93 -65.47
CA TRP F 54 -53.41 30.87 -65.70
C TRP F 54 -54.16 31.57 -64.58
N GLN F 55 -55.21 32.30 -64.96
CA GLN F 55 -55.98 33.09 -64.00
C GLN F 55 -56.72 32.20 -63.00
N ASP F 56 -57.30 31.10 -63.48
CA ASP F 56 -58.03 30.20 -62.60
C ASP F 56 -57.16 29.69 -61.47
N THR F 57 -55.86 29.50 -61.72
CA THR F 57 -54.95 29.15 -60.65
C THR F 57 -54.89 30.25 -59.59
N LEU F 58 -54.95 31.51 -60.01
CA LEU F 58 -54.91 32.62 -59.06
C LEU F 58 -56.19 32.69 -58.23
N GLU F 59 -57.35 32.57 -58.87
CA GLU F 59 -58.58 32.58 -58.08
C GLU F 59 -58.91 31.22 -57.47
N ARG F 60 -58.01 30.24 -57.60
CA ARG F 60 -58.17 28.99 -56.89
C ARG F 60 -58.15 29.18 -55.38
N TYR F 61 -57.42 30.19 -54.89
CA TYR F 61 -57.36 30.53 -53.47
C TYR F 61 -57.58 32.02 -53.31
N PRO F 62 -58.82 32.49 -53.44
CA PRO F 62 -59.07 33.94 -53.35
C PRO F 62 -58.79 34.54 -51.98
N ASP F 63 -58.73 33.72 -50.92
CA ASP F 63 -58.62 34.25 -49.57
C ASP F 63 -57.33 35.03 -49.35
N THR F 64 -56.29 34.76 -50.12
CA THR F 64 -55.03 35.48 -50.00
C THR F 64 -55.11 36.82 -50.73
N LEU F 65 -54.04 37.60 -50.64
CA LEU F 65 -54.01 38.91 -51.30
C LEU F 65 -54.10 38.76 -52.82
N LEU F 66 -53.41 37.77 -53.38
CA LEU F 66 -53.40 37.61 -54.83
C LEU F 66 -54.79 37.26 -55.36
N GLY F 67 -55.62 36.63 -54.55
CA GLY F 67 -56.98 36.35 -54.92
C GLY F 67 -57.86 37.58 -54.77
N SER F 68 -59.16 37.36 -54.98
CA SER F 68 -60.18 38.42 -54.89
C SER F 68 -59.83 39.49 -55.93
N SER F 69 -60.05 40.77 -55.63
CA SER F 69 -59.75 41.86 -56.56
C SER F 69 -58.78 42.88 -55.98
N GLU F 70 -58.18 42.60 -54.83
CA GLU F 70 -57.22 43.50 -54.22
C GLU F 70 -55.86 43.49 -54.92
N ARG F 71 -55.74 42.73 -56.01
CA ARG F 71 -54.54 42.73 -56.84
C ARG F 71 -54.57 43.82 -57.91
N ASP F 72 -55.71 44.47 -58.12
CA ASP F 72 -55.88 45.38 -59.25
C ASP F 72 -55.20 46.72 -59.04
N PHE F 73 -54.82 47.05 -57.81
CA PHE F 73 -53.97 48.23 -57.60
C PHE F 73 -52.64 48.06 -58.31
N PHE F 74 -52.07 46.86 -58.27
CA PHE F 74 -50.80 46.59 -58.93
C PHE F 74 -50.95 46.31 -60.41
N TYR F 75 -52.18 46.20 -60.91
CA TYR F 75 -52.39 46.03 -62.34
C TYR F 75 -51.97 47.29 -63.08
N HIS F 76 -51.48 47.11 -64.30
CA HIS F 76 -50.92 48.20 -65.10
C HIS F 76 -51.64 48.17 -66.44
N PRO F 77 -52.88 48.68 -66.48
CA PRO F 77 -53.74 48.43 -67.64
C PRO F 77 -53.23 49.00 -68.96
N GLU F 78 -52.51 50.12 -68.93
CA GLU F 78 -52.08 50.74 -70.18
C GLU F 78 -51.10 49.87 -70.97
N THR F 79 -50.64 48.75 -70.42
CA THR F 79 -50.10 47.67 -71.23
C THR F 79 -50.79 46.34 -70.93
N GLN F 80 -51.80 46.34 -70.05
CA GLN F 80 -52.66 45.19 -69.82
C GLN F 80 -51.89 44.00 -69.25
N GLN F 81 -51.35 44.19 -68.05
CA GLN F 81 -50.69 43.11 -67.31
C GLN F 81 -50.45 43.56 -65.87
N TYR F 82 -50.61 42.63 -64.94
CA TYR F 82 -50.29 42.89 -63.54
C TYR F 82 -48.79 43.13 -63.39
N PHE F 83 -48.43 44.17 -62.64
CA PHE F 83 -47.03 44.44 -62.33
C PHE F 83 -46.82 44.41 -60.83
N PHE F 84 -45.70 43.84 -60.41
CA PHE F 84 -45.29 43.84 -59.01
C PHE F 84 -43.81 44.16 -58.95
N ASP F 85 -43.35 44.59 -57.77
CA ASP F 85 -41.96 44.99 -57.58
C ASP F 85 -41.31 44.18 -56.46
N ARG F 86 -41.74 42.94 -56.28
CA ARG F 86 -41.20 42.10 -55.22
C ARG F 86 -40.01 41.29 -55.74
N ASP F 87 -39.49 40.43 -54.89
CA ASP F 87 -38.35 39.60 -55.25
C ASP F 87 -38.83 38.47 -56.16
N PRO F 88 -38.31 38.36 -57.39
CA PRO F 88 -38.86 37.36 -58.33
C PRO F 88 -38.74 35.92 -57.84
N ASP F 89 -37.55 35.49 -57.43
CA ASP F 89 -37.36 34.09 -57.06
C ASP F 89 -38.11 33.74 -55.79
N ILE F 90 -38.23 34.68 -54.84
CA ILE F 90 -39.05 34.43 -53.66
C ILE F 90 -40.51 34.25 -54.06
N PHE F 91 -41.04 35.16 -54.89
CA PHE F 91 -42.41 35.05 -55.36
C PHE F 91 -42.61 33.79 -56.19
N ARG F 92 -41.53 33.25 -56.75
CA ARG F 92 -41.63 32.00 -57.50
C ARG F 92 -42.12 30.87 -56.60
N HIS F 93 -41.74 30.90 -55.33
CA HIS F 93 -42.22 29.88 -54.39
C HIS F 93 -43.72 30.02 -54.14
N ILE F 94 -44.21 31.25 -54.02
CA ILE F 94 -45.66 31.46 -53.89
C ILE F 94 -46.38 31.02 -55.15
N LEU F 95 -45.76 31.25 -56.32
CA LEU F 95 -46.32 30.79 -57.57
C LEU F 95 -46.42 29.26 -57.59
N ASN F 96 -45.38 28.58 -57.12
CA ASN F 96 -45.41 27.13 -57.02
C ASN F 96 -46.48 26.67 -56.03
N PHE F 97 -46.65 27.43 -54.94
CA PHE F 97 -47.73 27.15 -54.00
C PHE F 97 -49.09 27.21 -54.70
N TYR F 98 -49.34 28.28 -55.44
CA TYR F 98 -50.61 28.42 -56.13
C TYR F 98 -50.81 27.30 -57.15
N ARG F 99 -49.73 26.93 -57.85
CA ARG F 99 -49.82 25.83 -58.80
C ARG F 99 -50.15 24.52 -58.11
N THR F 100 -49.52 24.25 -56.96
CA THR F 100 -49.67 22.96 -56.29
C THR F 100 -50.64 23.03 -55.11
N GLY F 101 -50.37 23.91 -54.14
CA GLY F 101 -51.20 23.99 -52.96
C GLY F 101 -50.42 23.89 -51.67
N LYS F 102 -49.10 23.75 -51.78
CA LYS F 102 -48.25 23.64 -50.60
C LYS F 102 -46.94 24.39 -50.88
N LEU F 103 -46.43 25.04 -49.84
CA LEU F 103 -45.32 25.97 -50.00
C LEU F 103 -44.03 25.38 -49.44
N HIS F 104 -42.91 25.81 -50.01
CA HIS F 104 -41.58 25.36 -49.63
C HIS F 104 -40.72 26.57 -49.25
N TYR F 105 -39.67 26.30 -48.47
CA TYR F 105 -38.75 27.33 -48.02
C TYR F 105 -37.33 26.95 -48.42
N PRO F 106 -36.67 27.73 -49.26
CA PRO F 106 -35.25 27.49 -49.54
C PRO F 106 -34.39 27.77 -48.31
N ARG F 107 -33.43 26.88 -48.09
CA ARG F 107 -32.52 26.95 -46.95
C ARG F 107 -31.26 27.75 -47.25
N HIS F 108 -31.31 28.70 -48.19
CA HIS F 108 -30.17 29.52 -48.54
C HIS F 108 -30.54 31.01 -48.60
N GLU F 109 -31.68 31.39 -48.03
CA GLU F 109 -32.17 32.75 -48.11
C GLU F 109 -32.53 33.24 -46.72
N CYS F 110 -32.40 34.55 -46.51
CA CYS F 110 -32.66 35.12 -45.19
C CYS F 110 -34.09 34.84 -44.74
N ILE F 111 -34.23 34.32 -43.52
CA ILE F 111 -35.55 33.98 -43.00
C ILE F 111 -36.39 35.24 -42.79
N SER F 112 -35.75 36.34 -42.41
CA SER F 112 -36.51 37.57 -42.14
C SER F 112 -37.17 38.10 -43.41
N ALA F 113 -36.39 38.23 -44.48
CA ALA F 113 -36.94 38.71 -45.75
C ALA F 113 -38.03 37.76 -46.25
N TYR F 114 -37.80 36.46 -46.10
CA TYR F 114 -38.85 35.48 -46.37
C TYR F 114 -40.10 35.80 -45.56
N ASP F 115 -39.92 36.28 -44.32
CA ASP F 115 -41.07 36.55 -43.46
C ASP F 115 -41.88 37.76 -43.95
N GLU F 116 -41.21 38.88 -44.28
CA GLU F 116 -42.04 40.00 -44.70
C GLU F 116 -42.59 39.79 -46.11
N GLU F 117 -41.89 39.04 -46.97
CA GLU F 117 -42.48 38.73 -48.26
C GLU F 117 -43.62 37.74 -48.11
N LEU F 118 -43.56 36.86 -47.11
CA LEU F 118 -44.68 35.99 -46.79
C LEU F 118 -45.89 36.79 -46.33
N ALA F 119 -45.69 37.71 -45.39
CA ALA F 119 -46.80 38.51 -44.88
C ALA F 119 -47.33 39.46 -45.94
N PHE F 120 -46.48 39.89 -46.87
CA PHE F 120 -46.90 40.85 -47.88
C PHE F 120 -47.97 40.25 -48.79
N PHE F 121 -47.78 39.02 -49.25
CA PHE F 121 -48.69 38.42 -50.20
C PHE F 121 -49.95 37.85 -49.54
N GLY F 122 -50.19 38.19 -48.27
CA GLY F 122 -51.41 37.81 -47.58
C GLY F 122 -51.61 36.31 -47.42
N LEU F 123 -50.57 35.60 -47.00
CA LEU F 123 -50.63 34.16 -46.83
C LEU F 123 -50.09 33.76 -45.47
N ILE F 124 -50.66 32.69 -44.93
CA ILE F 124 -50.34 32.24 -43.56
C ILE F 124 -48.92 31.69 -43.52
N PRO F 125 -48.14 31.96 -42.47
CA PRO F 125 -46.77 31.43 -42.42
C PRO F 125 -46.68 29.91 -42.44
N GLU F 126 -47.66 29.20 -41.88
CA GLU F 126 -47.58 27.76 -41.73
C GLU F 126 -48.29 27.00 -42.84
N ILE F 127 -48.29 27.55 -44.06
CA ILE F 127 -48.87 26.84 -45.20
C ILE F 127 -47.80 25.94 -45.82
N ILE F 128 -46.65 25.85 -45.17
CA ILE F 128 -45.59 24.96 -45.65
C ILE F 128 -46.04 23.52 -45.47
N GLY F 129 -45.92 22.74 -46.53
CA GLY F 129 -46.37 21.35 -46.51
C GLY F 129 -45.37 20.41 -45.87
N ASP F 130 -44.93 20.77 -44.66
CA ASP F 130 -44.18 19.95 -43.69
C ASP F 130 -43.00 19.22 -44.31
N CYS F 131 -42.54 19.67 -45.48
CA CYS F 131 -41.31 19.17 -46.08
C CYS F 131 -40.15 20.14 -45.88
N CYS F 132 -40.43 21.44 -45.87
CA CYS F 132 -39.46 22.46 -45.49
C CYS F 132 -39.80 23.11 -44.16
N TYR F 133 -40.86 22.66 -43.50
CA TYR F 133 -41.32 23.31 -42.28
C TYR F 133 -40.28 23.24 -41.18
N GLU F 134 -39.58 22.11 -41.05
CA GLU F 134 -38.67 21.94 -39.93
C GLU F 134 -37.51 22.94 -39.98
N GLU F 135 -36.82 23.03 -41.12
CA GLU F 135 -35.72 23.98 -41.20
C GLU F 135 -36.22 25.42 -41.25
N TYR F 136 -37.41 25.64 -41.83
CA TYR F 136 -38.03 26.95 -41.78
C TYR F 136 -38.20 27.41 -40.34
N LYS F 137 -38.76 26.53 -39.50
CA LYS F 137 -39.03 26.89 -38.11
C LYS F 137 -37.72 27.02 -37.33
N ASP F 138 -36.73 26.19 -37.63
CA ASP F 138 -35.44 26.32 -36.95
C ASP F 138 -34.79 27.66 -37.26
N ARG F 139 -34.79 28.06 -38.54
CA ARG F 139 -34.23 29.36 -38.90
C ARG F 139 -35.05 30.50 -38.30
N ARG F 140 -36.38 30.35 -38.28
CA ARG F 140 -37.24 31.36 -37.68
C ARG F 140 -36.92 31.53 -36.20
N ARG F 141 -36.77 30.43 -35.47
CA ARG F 141 -36.42 30.50 -34.05
C ARG F 141 -35.04 31.11 -33.85
N GLU F 142 -34.08 30.73 -34.70
CA GLU F 142 -32.72 31.27 -34.57
C GLU F 142 -32.72 32.79 -34.73
N ASN F 143 -33.35 33.29 -35.80
CA ASN F 143 -33.35 34.73 -35.99
C ASN F 143 -34.29 35.43 -35.02
N ALA F 144 -35.30 34.74 -34.50
CA ALA F 144 -36.15 35.33 -33.47
C ALA F 144 -35.37 35.57 -32.19
N GLU F 145 -34.60 34.59 -31.74
CA GLU F 145 -33.76 34.81 -30.57
C GLU F 145 -32.63 35.78 -30.89
N ARG F 146 -32.19 35.84 -32.15
CA ARG F 146 -31.21 36.84 -32.54
C ARG F 146 -31.75 38.26 -32.35
N LEU F 147 -32.97 38.51 -32.82
CA LEU F 147 -33.58 39.83 -32.61
C LEU F 147 -33.93 40.07 -31.15
N GLN F 148 -34.24 39.01 -30.40
CA GLN F 148 -34.47 39.16 -28.96
C GLN F 148 -33.19 39.61 -28.27
N ASP F 149 -32.05 39.04 -28.66
CA ASP F 149 -30.77 39.54 -28.17
C ASP F 149 -30.54 40.97 -28.60
N ASP F 150 -30.92 41.31 -29.83
CA ASP F 150 -30.86 42.69 -30.30
C ASP F 150 -31.69 43.62 -29.45
N ALA F 151 -32.75 43.12 -28.82
CA ALA F 151 -33.71 43.93 -28.06
C ALA F 151 -33.47 43.83 -26.55
N ASP F 152 -32.21 43.75 -26.12
CA ASP F 152 -31.92 43.71 -24.69
C ASP F 152 -32.24 45.04 -24.01
N THR F 153 -32.23 46.13 -24.78
CA THR F 153 -32.59 47.49 -24.35
C THR F 153 -32.14 47.80 -22.93
N ASP F 154 -30.83 47.70 -22.71
CA ASP F 154 -30.26 48.09 -21.43
C ASP F 154 -30.26 49.60 -21.27
N THR F 155 -30.61 50.07 -20.09
CA THR F 155 -30.70 51.49 -19.80
C THR F 155 -29.43 51.96 -19.08
N ALA F 156 -29.43 53.21 -18.66
CA ALA F 156 -28.29 53.79 -17.95
C ALA F 156 -28.74 54.58 -16.73
N ALA F 166 -33.50 59.57 -7.76
CA ALA F 166 -32.09 59.88 -7.96
C ALA F 166 -31.23 58.63 -7.85
N ARG F 167 -31.50 57.82 -6.83
CA ARG F 167 -30.74 56.59 -6.60
C ARG F 167 -30.96 55.55 -7.69
N GLN F 168 -32.00 55.70 -8.52
CA GLN F 168 -32.30 54.70 -9.54
C GLN F 168 -31.15 54.54 -10.52
N ARG F 169 -30.60 55.65 -11.00
CA ARG F 169 -29.42 55.58 -11.87
C ARG F 169 -28.15 55.30 -11.08
N VAL F 170 -28.10 55.70 -9.82
CA VAL F 170 -26.90 55.50 -9.01
C VAL F 170 -26.64 54.02 -8.78
N TRP F 171 -27.68 53.26 -8.43
CA TRP F 171 -27.46 51.85 -8.16
C TRP F 171 -27.22 51.08 -9.45
N ARG F 172 -27.76 51.57 -10.58
CA ARG F 172 -27.41 50.99 -11.88
C ARG F 172 -25.95 51.22 -12.20
N ALA F 173 -25.45 52.43 -11.95
CA ALA F 173 -24.03 52.71 -12.15
C ALA F 173 -23.18 51.81 -11.26
N PHE F 174 -23.64 51.55 -10.04
CA PHE F 174 -22.98 50.56 -9.19
C PHE F 174 -23.03 49.17 -9.84
N GLU F 175 -24.18 48.82 -10.43
CA GLU F 175 -24.31 47.54 -11.13
C GLU F 175 -23.45 47.49 -12.38
N ASN F 176 -23.17 48.64 -12.99
CA ASN F 176 -22.31 48.70 -14.17
C ASN F 176 -20.93 48.18 -13.82
N PRO F 177 -20.41 47.18 -14.53
CA PRO F 177 -19.07 46.67 -14.20
C PRO F 177 -17.96 47.70 -14.28
N HIS F 178 -18.07 48.67 -15.20
CA HIS F 178 -16.97 49.62 -15.43
C HIS F 178 -17.55 51.02 -15.61
N THR F 179 -17.44 51.83 -14.56
CA THR F 179 -17.71 53.26 -14.63
C THR F 179 -16.43 54.06 -14.38
N SER F 180 -15.30 53.50 -14.83
CA SER F 180 -13.99 54.09 -14.63
C SER F 180 -13.67 54.29 -13.15
N THR F 181 -13.94 55.49 -12.63
CA THR F 181 -13.52 55.82 -11.28
C THR F 181 -14.26 55.00 -10.22
N MET F 182 -15.59 54.87 -10.37
CA MET F 182 -16.41 54.35 -9.28
C MET F 182 -16.50 52.82 -9.28
N ALA F 183 -16.95 52.23 -10.39
CA ALA F 183 -17.25 50.81 -10.41
C ALA F 183 -15.99 49.96 -10.22
N LEU F 184 -14.87 50.38 -10.82
CA LEU F 184 -13.63 49.63 -10.66
C LEU F 184 -13.25 49.54 -9.19
N VAL F 185 -13.30 50.66 -8.48
CA VAL F 185 -13.04 50.66 -7.05
C VAL F 185 -14.04 49.76 -6.33
N PHE F 186 -15.32 49.95 -6.63
CA PHE F 186 -16.40 49.25 -5.92
C PHE F 186 -16.26 47.75 -6.03
N TYR F 187 -15.79 47.25 -7.18
CA TYR F 187 -15.68 45.81 -7.38
C TYR F 187 -14.33 45.27 -6.95
N TYR F 188 -13.24 46.00 -7.20
CA TYR F 188 -11.92 45.53 -6.80
C TYR F 188 -11.80 45.43 -5.28
N VAL F 189 -12.33 46.42 -4.55
CA VAL F 189 -12.21 46.37 -3.10
C VAL F 189 -13.02 45.22 -2.52
N THR F 190 -14.20 44.96 -3.09
CA THR F 190 -15.02 43.84 -2.64
C THR F 190 -14.34 42.51 -2.95
N GLY F 191 -13.72 42.41 -4.13
CA GLY F 191 -12.96 41.20 -4.45
C GLY F 191 -11.80 41.00 -3.49
N PHE F 192 -11.12 42.07 -3.11
CA PHE F 192 -10.06 41.96 -2.13
C PHE F 192 -10.59 41.48 -0.79
N PHE F 193 -11.75 42.01 -0.37
CA PHE F 193 -12.36 41.56 0.88
C PHE F 193 -12.68 40.07 0.84
N ILE F 194 -13.31 39.62 -0.25
CA ILE F 194 -13.69 38.20 -0.30
C ILE F 194 -12.46 37.32 -0.37
N ALA F 195 -11.41 37.75 -1.08
CA ALA F 195 -10.19 36.97 -1.17
C ALA F 195 -9.51 36.85 0.19
N VAL F 196 -9.37 37.97 0.90
CA VAL F 196 -8.72 37.91 2.20
C VAL F 196 -9.56 37.10 3.19
N SER F 197 -10.90 37.19 3.08
CA SER F 197 -11.75 36.40 3.94
C SER F 197 -11.55 34.90 3.72
N VAL F 198 -11.58 34.47 2.46
CA VAL F 198 -11.46 33.05 2.19
C VAL F 198 -10.07 32.54 2.55
N ILE F 199 -9.02 33.32 2.24
CA ILE F 199 -7.69 32.86 2.58
C ILE F 199 -7.49 32.83 4.10
N ALA F 200 -8.11 33.77 4.83
CA ALA F 200 -8.04 33.71 6.29
C ALA F 200 -8.75 32.49 6.84
N ASN F 201 -9.92 32.17 6.29
CA ASN F 201 -10.62 30.95 6.71
C ASN F 201 -9.79 29.72 6.41
N VAL F 202 -9.02 29.73 5.31
CA VAL F 202 -8.15 28.60 5.01
C VAL F 202 -7.00 28.52 6.03
N VAL F 203 -6.28 29.63 6.23
CA VAL F 203 -5.03 29.59 6.99
C VAL F 203 -5.23 29.40 8.48
N GLU F 204 -6.46 29.51 8.98
CA GLU F 204 -6.67 29.27 10.40
C GLU F 204 -6.51 27.80 10.78
N THR F 205 -6.18 26.93 9.82
CA THR F 205 -6.02 25.51 10.06
C THR F 205 -4.57 25.07 10.18
N VAL F 206 -3.66 25.70 9.44
CA VAL F 206 -2.24 25.30 9.45
C VAL F 206 -1.71 25.38 10.87
N PRO F 207 -0.91 24.39 11.34
CA PRO F 207 -0.45 24.39 12.74
C PRO F 207 0.19 25.68 13.20
N CYS F 208 1.17 26.17 12.44
CA CYS F 208 1.87 27.39 12.84
C CYS F 208 0.99 28.63 12.72
N GLY F 209 -0.08 28.57 11.93
CA GLY F 209 -0.92 29.74 11.73
C GLY F 209 -1.79 30.09 12.93
N SER F 210 -2.83 29.30 13.19
CA SER F 210 -3.67 29.51 14.36
C SER F 210 -4.21 28.15 14.82
N SER F 211 -3.48 27.52 15.74
CA SER F 211 -3.85 26.26 16.37
C SER F 211 -2.76 25.91 17.37
N PRO F 212 -3.00 24.97 18.30
CA PRO F 212 -1.93 24.48 19.17
C PRO F 212 -1.01 23.48 18.49
N GLY F 213 -0.58 23.80 17.26
CA GLY F 213 0.34 22.94 16.53
C GLY F 213 1.79 23.20 16.83
N HIS F 214 2.13 24.39 17.35
CA HIS F 214 3.50 24.70 17.73
C HIS F 214 3.55 25.42 19.08
N ILE F 215 2.43 25.48 19.79
CA ILE F 215 2.35 26.15 21.09
C ILE F 215 2.39 25.18 22.25
N LYS F 216 2.40 23.87 21.96
CA LYS F 216 2.52 22.88 23.03
C LYS F 216 3.84 23.06 23.78
N GLU F 217 4.92 23.36 23.06
CA GLU F 217 6.20 23.63 23.72
C GLU F 217 6.13 24.89 24.57
N LEU F 218 5.51 25.95 24.05
CA LEU F 218 5.42 27.20 24.78
C LEU F 218 3.96 27.59 25.03
N ARG F 223 2.27 33.16 15.02
CA ARG F 223 1.98 32.58 16.33
C ARG F 223 0.49 32.32 16.46
N TYR F 224 0.11 31.51 17.45
CA TYR F 224 -1.30 31.18 17.65
C TYR F 224 -2.02 32.34 18.32
N ALA F 225 -2.17 33.44 17.60
CA ALA F 225 -2.94 34.58 18.06
C ALA F 225 -4.34 34.47 17.48
N VAL F 226 -5.34 34.40 18.35
CA VAL F 226 -6.73 34.26 17.90
C VAL F 226 -7.24 35.68 17.65
N ALA F 227 -6.91 36.19 16.47
CA ALA F 227 -7.36 37.49 16.02
C ALA F 227 -7.98 37.43 14.62
N PHE F 228 -7.77 36.35 13.87
CA PHE F 228 -8.44 36.19 12.59
C PHE F 228 -9.95 36.13 12.76
N PHE F 229 -10.43 35.82 13.97
CA PHE F 229 -11.86 35.95 14.27
C PHE F 229 -12.32 37.39 14.06
N CYS F 230 -11.51 38.35 14.48
CA CYS F 230 -11.84 39.76 14.26
C CYS F 230 -11.86 40.08 12.77
N LEU F 231 -10.94 39.51 12.00
CA LEU F 231 -10.96 39.69 10.56
C LEU F 231 -12.24 39.14 9.95
N ASP F 232 -12.66 37.96 10.41
CA ASP F 232 -13.92 37.37 9.94
C ASP F 232 -15.09 38.28 10.27
N THR F 233 -15.12 38.82 11.49
CA THR F 233 -16.19 39.73 11.88
C THR F 233 -16.21 40.96 10.98
N ALA F 234 -15.05 41.55 10.71
CA ALA F 234 -14.98 42.73 9.88
C ALA F 234 -15.45 42.42 8.46
N CYS F 235 -15.04 41.29 7.91
CA CYS F 235 -15.40 40.99 6.53
C CYS F 235 -16.88 40.61 6.40
N VAL F 236 -17.44 39.93 7.40
CA VAL F 236 -18.88 39.66 7.33
C VAL F 236 -19.66 40.95 7.54
N MET F 237 -19.11 41.91 8.30
CA MET F 237 -19.70 43.24 8.37
C MET F 237 -19.73 43.90 7.00
N ILE F 238 -18.61 43.82 6.27
CA ILE F 238 -18.57 44.35 4.91
C ILE F 238 -19.61 43.65 4.05
N PHE F 239 -19.72 42.33 4.19
CA PHE F 239 -20.69 41.57 3.40
C PHE F 239 -22.11 42.04 3.67
N THR F 240 -22.47 42.21 4.95
CA THR F 240 -23.85 42.57 5.26
C THR F 240 -24.15 44.02 4.90
N VAL F 241 -23.18 44.94 5.04
CA VAL F 241 -23.45 46.31 4.61
C VAL F 241 -23.58 46.38 3.09
N GLU F 242 -22.79 45.59 2.36
CA GLU F 242 -22.93 45.55 0.92
C GLU F 242 -24.27 44.92 0.52
N TYR F 243 -24.72 43.92 1.27
CA TYR F 243 -26.03 43.33 1.00
C TYR F 243 -27.14 44.34 1.24
N LEU F 244 -27.02 45.15 2.29
CA LEU F 244 -27.99 46.21 2.51
C LEU F 244 -27.97 47.24 1.37
N LEU F 245 -26.77 47.56 0.88
CA LEU F 245 -26.68 48.46 -0.28
C LEU F 245 -27.36 47.85 -1.50
N ARG F 246 -27.18 46.54 -1.71
CA ARG F 246 -27.83 45.86 -2.82
C ARG F 246 -29.35 45.87 -2.65
N LEU F 247 -29.83 45.67 -1.41
CA LEU F 247 -31.26 45.75 -1.16
C LEU F 247 -31.80 47.13 -1.48
N ALA F 248 -31.06 48.18 -1.10
CA ALA F 248 -31.42 49.53 -1.51
C ALA F 248 -31.37 49.69 -3.02
N ALA F 249 -30.52 48.91 -3.70
CA ALA F 249 -30.44 48.94 -5.15
C ALA F 249 -31.62 48.24 -5.80
N ALA F 250 -32.14 47.19 -5.17
CA ALA F 250 -33.18 46.38 -5.78
C ALA F 250 -34.50 47.15 -5.83
N PRO F 251 -35.09 47.35 -7.01
CA PRO F 251 -36.42 47.99 -7.05
C PRO F 251 -37.49 47.21 -6.31
N SER F 252 -37.40 45.87 -6.31
CA SER F 252 -38.34 45.02 -5.59
C SER F 252 -37.56 44.29 -4.50
N ARG F 253 -37.77 44.70 -3.25
CA ARG F 253 -36.97 44.16 -2.14
C ARG F 253 -37.14 42.65 -2.03
N TYR F 254 -38.36 42.20 -1.72
CA TYR F 254 -38.59 40.79 -1.49
C TYR F 254 -38.35 39.96 -2.74
N ARG F 255 -38.77 40.47 -3.90
CA ARG F 255 -38.60 39.71 -5.14
C ARG F 255 -37.13 39.51 -5.49
N PHE F 256 -36.32 40.55 -5.33
CA PHE F 256 -34.89 40.41 -5.61
C PHE F 256 -34.13 39.76 -4.46
N VAL F 257 -34.76 39.58 -3.30
CA VAL F 257 -34.16 38.72 -2.27
C VAL F 257 -34.04 37.29 -2.81
N ARG F 258 -35.01 36.85 -3.61
CA ARG F 258 -35.00 35.51 -4.19
C ARG F 258 -33.94 35.34 -5.26
N SER F 259 -33.09 36.35 -5.51
CA SER F 259 -32.03 36.21 -6.51
C SER F 259 -31.00 35.19 -6.06
N VAL F 260 -30.36 34.55 -7.04
CA VAL F 260 -29.35 33.53 -6.75
C VAL F 260 -28.16 34.16 -6.02
N MET F 261 -27.69 35.30 -6.53
CA MET F 261 -26.61 35.99 -5.84
C MET F 261 -27.05 36.45 -4.46
N SER F 262 -28.31 36.86 -4.33
CA SER F 262 -28.84 37.27 -3.03
C SER F 262 -28.86 36.10 -2.05
N ILE F 263 -29.28 34.91 -2.51
CA ILE F 263 -29.29 33.77 -1.60
C ILE F 263 -27.86 33.35 -1.26
N ILE F 264 -26.92 33.50 -2.19
CA ILE F 264 -25.52 33.25 -1.86
C ILE F 264 -25.06 34.20 -0.76
N ASP F 265 -25.39 35.48 -0.89
CA ASP F 265 -25.00 36.45 0.13
C ASP F 265 -25.61 36.11 1.48
N VAL F 266 -26.90 35.77 1.51
CA VAL F 266 -27.53 35.52 2.80
C VAL F 266 -26.99 34.25 3.44
N VAL F 267 -26.76 33.19 2.65
CA VAL F 267 -26.21 31.97 3.21
C VAL F 267 -24.72 32.08 3.51
N ALA F 268 -24.06 33.12 3.02
CA ALA F 268 -22.69 33.40 3.41
C ALA F 268 -22.59 34.27 4.65
N ILE F 269 -23.59 35.10 4.93
CA ILE F 269 -23.53 36.00 6.08
C ILE F 269 -24.25 35.42 7.30
N LEU F 270 -25.23 34.54 7.08
CA LEU F 270 -25.99 34.02 8.21
C LEU F 270 -25.22 33.06 9.12
N PRO F 271 -24.25 32.26 8.62
CA PRO F 271 -23.52 31.39 9.56
C PRO F 271 -22.84 32.15 10.68
N TYR F 272 -22.30 33.33 10.39
CA TYR F 272 -21.65 34.14 11.43
C TYR F 272 -22.64 34.53 12.52
N TYR F 273 -23.80 35.08 12.13
CA TYR F 273 -24.80 35.50 13.10
C TYR F 273 -25.33 34.31 13.90
N ILE F 274 -25.64 33.20 13.23
CA ILE F 274 -26.21 32.08 13.95
C ILE F 274 -25.17 31.44 14.88
N GLY F 275 -23.90 31.43 14.49
CA GLY F 275 -22.87 30.93 15.38
C GLY F 275 -22.70 31.81 16.61
N LEU F 276 -22.69 33.14 16.42
CA LEU F 276 -22.58 34.02 17.58
C LEU F 276 -23.81 33.92 18.47
N VAL F 277 -24.98 33.65 17.88
CA VAL F 277 -26.17 33.40 18.70
C VAL F 277 -26.02 32.09 19.46
N MET F 278 -25.38 31.09 18.84
CA MET F 278 -25.12 29.84 19.53
C MET F 278 -24.13 30.02 20.68
N THR F 279 -23.23 31.00 20.58
CA THR F 279 -22.20 31.19 21.60
C THR F 279 -22.82 31.34 22.99
N ASP F 280 -23.85 32.17 23.12
CA ASP F 280 -24.58 32.32 24.37
C ASP F 280 -25.83 31.44 24.45
N ASN F 281 -26.07 30.60 23.45
CA ASN F 281 -27.16 29.65 23.49
C ASN F 281 -26.72 28.38 24.22
N GLU F 282 -27.67 27.48 24.46
CA GLU F 282 -27.33 26.17 25.00
C GLU F 282 -26.60 25.34 23.95
N ASP F 283 -25.45 24.78 24.34
CA ASP F 283 -24.57 24.14 23.38
C ASP F 283 -25.02 22.71 23.09
N VAL F 284 -24.84 22.30 21.84
CA VAL F 284 -25.15 20.94 21.38
C VAL F 284 -23.91 20.37 20.73
N SER F 285 -23.58 19.12 21.04
CA SER F 285 -22.38 18.49 20.52
C SER F 285 -22.45 18.35 19.00
N GLY F 286 -21.29 18.55 18.35
CA GLY F 286 -21.18 18.40 16.92
C GLY F 286 -21.98 19.41 16.11
N ALA F 287 -21.90 20.68 16.49
CA ALA F 287 -22.65 21.72 15.77
C ALA F 287 -21.74 22.85 15.31
N PHE F 288 -20.65 23.10 16.04
CA PHE F 288 -19.72 24.16 15.64
C PHE F 288 -18.97 23.78 14.37
N VAL F 289 -18.66 22.49 14.20
CA VAL F 289 -17.93 22.06 13.00
C VAL F 289 -18.74 22.34 11.74
N THR F 290 -20.06 22.18 11.82
CA THR F 290 -20.89 22.43 10.64
C THR F 290 -20.85 23.91 10.24
N LEU F 291 -20.90 24.81 11.22
CA LEU F 291 -20.81 26.24 10.91
C LEU F 291 -19.42 26.59 10.38
N ARG F 292 -18.38 25.99 10.95
CA ARG F 292 -17.04 26.24 10.45
C ARG F 292 -16.88 25.73 9.03
N VAL F 293 -17.61 24.67 8.68
CA VAL F 293 -17.69 24.21 7.29
C VAL F 293 -18.38 25.27 6.43
N PHE F 294 -19.53 25.77 6.90
CA PHE F 294 -20.27 26.77 6.15
C PHE F 294 -19.48 28.05 5.96
N ARG F 295 -18.47 28.29 6.79
CA ARG F 295 -17.64 29.48 6.65
C ARG F 295 -17.06 29.63 5.25
N VAL F 296 -16.74 28.51 4.57
CA VAL F 296 -16.04 28.57 3.29
C VAL F 296 -16.92 28.98 2.13
N PHE F 297 -18.23 29.14 2.34
CA PHE F 297 -19.13 29.50 1.26
C PHE F 297 -18.85 30.88 0.68
N ARG F 298 -18.05 31.70 1.36
CA ARG F 298 -17.71 33.02 0.86
C ARG F 298 -16.99 32.97 -0.48
N ILE F 299 -16.39 31.83 -0.83
CA ILE F 299 -15.77 31.68 -2.14
C ILE F 299 -16.79 31.83 -3.26
N PHE F 300 -18.05 31.53 -3.00
CA PHE F 300 -19.09 31.67 -4.01
C PHE F 300 -19.36 33.12 -4.39
N LYS F 301 -18.84 34.08 -3.63
CA LYS F 301 -19.10 35.49 -3.92
C LYS F 301 -18.43 35.97 -5.20
N PHE F 302 -17.49 35.20 -5.74
CA PHE F 302 -16.87 35.62 -7.01
C PHE F 302 -17.80 35.52 -8.20
N SER F 303 -19.09 35.22 -8.00
CA SER F 303 -20.03 35.25 -9.11
C SER F 303 -20.08 36.62 -9.76
N ARG F 304 -20.13 37.68 -8.94
CA ARG F 304 -20.04 39.04 -9.48
C ARG F 304 -18.67 39.33 -10.06
N HIS F 305 -17.65 38.55 -9.70
CA HIS F 305 -16.30 38.78 -10.21
C HIS F 305 -16.07 37.99 -11.50
N SER F 306 -16.43 36.71 -11.51
CA SER F 306 -16.17 35.83 -12.64
C SER F 306 -17.45 35.61 -13.43
N GLN F 307 -17.40 35.91 -14.73
CA GLN F 307 -18.52 35.59 -15.61
C GLN F 307 -18.61 34.10 -15.87
N GLY F 308 -17.49 33.38 -15.85
CA GLY F 308 -17.51 31.95 -16.12
C GLY F 308 -18.33 31.16 -15.12
N LEU F 309 -18.35 31.60 -13.85
CA LEU F 309 -19.20 30.94 -12.87
C LEU F 309 -20.67 31.08 -13.23
N ARG F 310 -21.09 32.27 -13.67
CA ARG F 310 -22.46 32.45 -14.12
C ARG F 310 -22.73 31.59 -15.35
N ILE F 311 -21.77 31.51 -16.26
CA ILE F 311 -21.94 30.66 -17.45
C ILE F 311 -22.15 29.21 -17.04
N LEU F 312 -21.33 28.71 -16.12
CA LEU F 312 -21.44 27.32 -15.69
C LEU F 312 -22.76 27.06 -14.98
N GLY F 313 -23.17 27.98 -14.09
CA GLY F 313 -24.43 27.81 -13.40
C GLY F 313 -25.62 27.81 -14.36
N TYR F 314 -25.62 28.74 -15.32
CA TYR F 314 -26.70 28.80 -16.29
C TYR F 314 -26.69 27.58 -17.20
N THR F 315 -25.50 27.05 -17.52
CA THR F 315 -25.43 25.81 -18.29
C THR F 315 -26.04 24.66 -17.53
N LEU F 316 -25.69 24.52 -16.25
CA LEU F 316 -26.27 23.45 -15.44
C LEU F 316 -27.78 23.59 -15.33
N LYS F 317 -28.27 24.82 -15.15
CA LYS F 317 -29.71 25.04 -15.17
C LYS F 317 -30.32 24.73 -16.53
N SER F 318 -29.56 24.86 -17.61
CA SER F 318 -30.07 24.55 -18.94
C SER F 318 -30.06 23.04 -19.18
N CYS F 319 -28.89 22.42 -19.15
CA CYS F 319 -28.78 20.97 -19.31
C CYS F 319 -28.84 20.30 -17.94
N ALA F 320 -30.07 20.09 -17.47
CA ALA F 320 -30.31 19.48 -16.17
C ALA F 320 -30.91 18.09 -16.27
N SER F 321 -31.79 17.85 -17.24
CA SER F 321 -32.46 16.56 -17.35
C SER F 321 -31.46 15.44 -17.63
N GLU F 322 -30.51 15.68 -18.55
CA GLU F 322 -29.53 14.65 -18.86
C GLU F 322 -28.59 14.41 -17.68
N LEU F 323 -28.35 15.44 -16.85
CA LEU F 323 -27.59 15.22 -15.63
C LEU F 323 -28.37 14.35 -14.66
N GLY F 324 -29.69 14.56 -14.59
CA GLY F 324 -30.52 13.66 -13.79
C GLY F 324 -30.45 12.24 -14.28
N PHE F 325 -30.49 12.04 -15.60
CA PHE F 325 -30.34 10.69 -16.13
C PHE F 325 -28.96 10.12 -15.82
N LEU F 326 -27.92 10.96 -15.86
CA LEU F 326 -26.59 10.53 -15.47
C LEU F 326 -26.57 10.03 -14.03
N LEU F 327 -27.09 10.82 -13.10
CA LEU F 327 -27.06 10.41 -11.70
C LEU F 327 -27.88 9.15 -11.49
N PHE F 328 -29.03 9.05 -12.16
CA PHE F 328 -29.88 7.89 -12.00
C PHE F 328 -29.18 6.64 -12.56
N SER F 329 -28.56 6.76 -13.74
CA SER F 329 -27.84 5.64 -14.33
C SER F 329 -26.67 5.20 -13.47
N LEU F 330 -25.90 6.16 -12.93
CA LEU F 330 -24.79 5.78 -12.07
C LEU F 330 -25.29 5.17 -10.77
N THR F 331 -26.48 5.55 -10.31
CA THR F 331 -27.03 4.88 -9.14
C THR F 331 -27.34 3.41 -9.45
N MET F 332 -27.96 3.14 -10.61
CA MET F 332 -28.13 1.72 -10.97
C MET F 332 -26.78 1.02 -11.03
N ALA F 333 -25.78 1.67 -11.62
CA ALA F 333 -24.48 1.03 -11.76
C ALA F 333 -23.86 0.71 -10.40
N ILE F 334 -23.88 1.69 -9.49
CA ILE F 334 -23.28 1.46 -8.17
C ILE F 334 -24.03 0.34 -7.45
N ILE F 335 -25.36 0.33 -7.52
CA ILE F 335 -26.12 -0.70 -6.80
C ILE F 335 -25.79 -2.08 -7.36
N ILE F 336 -25.87 -2.24 -8.69
CA ILE F 336 -25.65 -3.55 -9.30
C ILE F 336 -24.25 -4.04 -8.99
N PHE F 337 -23.24 -3.20 -9.23
CA PHE F 337 -21.88 -3.67 -9.11
C PHE F 337 -21.47 -3.84 -7.65
N ALA F 338 -21.97 -3.00 -6.74
CA ALA F 338 -21.72 -3.24 -5.32
C ALA F 338 -22.30 -4.56 -4.88
N THR F 339 -23.53 -4.88 -5.32
CA THR F 339 -24.13 -6.16 -4.97
C THR F 339 -23.29 -7.32 -5.51
N VAL F 340 -22.88 -7.24 -6.77
CA VAL F 340 -22.19 -8.37 -7.36
C VAL F 340 -20.80 -8.55 -6.75
N MET F 341 -20.13 -7.44 -6.40
CA MET F 341 -18.86 -7.54 -5.68
C MET F 341 -19.06 -8.13 -4.29
N PHE F 342 -20.06 -7.64 -3.56
CA PHE F 342 -20.26 -8.06 -2.18
C PHE F 342 -20.58 -9.55 -2.10
N TYR F 343 -21.44 -10.04 -3.00
CA TYR F 343 -21.71 -11.47 -3.04
C TYR F 343 -20.62 -12.26 -3.76
N ALA F 344 -19.76 -11.60 -4.52
CA ALA F 344 -18.67 -12.30 -5.19
C ALA F 344 -17.53 -12.63 -4.23
N GLU F 345 -17.27 -11.74 -3.27
CA GLU F 345 -16.15 -11.92 -2.34
C GLU F 345 -16.59 -11.62 -0.92
N LYS F 346 -17.77 -12.11 -0.53
CA LYS F 346 -18.14 -12.05 0.88
C LYS F 346 -17.24 -12.95 1.72
N GLY F 347 -17.08 -14.21 1.30
CA GLY F 347 -16.25 -15.14 2.03
C GLY F 347 -14.88 -15.30 1.40
N SER F 348 -13.87 -14.69 2.00
CA SER F 348 -12.50 -14.80 1.52
C SER F 348 -11.56 -14.53 2.69
N SER F 349 -10.28 -14.39 2.39
CA SER F 349 -9.29 -14.15 3.45
C SER F 349 -9.47 -12.77 4.07
N ALA F 350 -9.36 -11.73 3.25
CA ALA F 350 -9.45 -10.37 3.77
C ALA F 350 -10.89 -10.00 4.14
N SER F 351 -11.85 -10.41 3.31
CA SER F 351 -13.25 -10.08 3.49
C SER F 351 -13.44 -8.56 3.59
N LYS F 352 -12.81 -7.84 2.66
CA LYS F 352 -12.86 -6.39 2.68
C LYS F 352 -14.28 -5.89 2.43
N PHE F 353 -15.02 -6.55 1.54
CA PHE F 353 -16.41 -6.18 1.28
C PHE F 353 -17.29 -6.60 2.45
N THR F 354 -17.19 -5.87 3.56
CA THR F 354 -17.96 -6.21 4.75
C THR F 354 -19.46 -6.07 4.49
N SER F 355 -19.85 -5.03 3.75
CA SER F 355 -21.27 -4.77 3.52
C SER F 355 -21.44 -4.06 2.19
N ILE F 356 -22.70 -3.93 1.77
CA ILE F 356 -22.99 -3.18 0.54
C ILE F 356 -22.53 -1.72 0.65
N PRO F 357 -22.75 -1.00 1.75
CA PRO F 357 -22.12 0.33 1.86
C PRO F 357 -20.61 0.27 1.73
N ALA F 358 -19.97 -0.80 2.22
CA ALA F 358 -18.54 -0.95 1.99
C ALA F 358 -18.24 -1.17 0.52
N ALA F 359 -19.03 -1.99 -0.18
CA ALA F 359 -18.83 -2.20 -1.61
C ALA F 359 -19.10 -0.94 -2.42
N PHE F 360 -19.86 0.00 -1.85
CA PHE F 360 -20.09 1.28 -2.51
C PHE F 360 -18.78 1.98 -2.78
N TRP F 361 -17.89 2.00 -1.79
CA TRP F 361 -16.60 2.67 -1.98
C TRP F 361 -15.77 1.98 -3.05
N TYR F 362 -15.72 0.64 -3.03
CA TYR F 362 -14.93 -0.05 -4.04
C TYR F 362 -15.46 0.19 -5.44
N THR F 363 -16.79 0.18 -5.61
CA THR F 363 -17.30 0.40 -6.95
C THR F 363 -17.11 1.86 -7.37
N ILE F 364 -17.33 2.82 -6.46
CA ILE F 364 -17.23 4.22 -6.83
C ILE F 364 -15.79 4.61 -7.13
N VAL F 365 -14.80 3.96 -6.51
CA VAL F 365 -13.41 4.24 -6.88
C VAL F 365 -13.02 3.58 -8.19
N THR F 366 -13.94 2.87 -8.86
CA THR F 366 -13.62 2.24 -10.12
C THR F 366 -14.55 2.61 -11.27
N MET F 367 -15.72 3.21 -11.02
CA MET F 367 -16.43 3.79 -12.16
C MET F 367 -15.65 4.95 -12.75
N THR F 368 -15.08 5.80 -11.89
CA THR F 368 -14.32 6.96 -12.33
C THR F 368 -12.88 6.59 -12.70
N THR F 369 -12.55 5.30 -12.72
CA THR F 369 -11.18 4.84 -12.98
C THR F 369 -10.19 5.51 -12.04
N LEU F 370 -10.60 5.66 -10.78
CA LEU F 370 -9.77 6.38 -9.82
C LEU F 370 -8.56 5.55 -9.40
N GLY F 371 -8.80 4.45 -8.70
CA GLY F 371 -7.76 3.48 -8.45
C GLY F 371 -6.94 3.77 -7.20
N TYR F 372 -7.12 2.95 -6.17
CA TYR F 372 -6.34 3.09 -4.94
C TYR F 372 -5.50 1.88 -4.61
N GLY F 373 -6.02 0.67 -4.81
CA GLY F 373 -5.41 -0.50 -4.24
C GLY F 373 -5.70 -0.69 -2.76
N ASP F 374 -6.58 0.14 -2.19
CA ASP F 374 -6.96 -0.01 -0.80
C ASP F 374 -7.68 -1.34 -0.56
N MET F 375 -8.55 -1.72 -1.50
CA MET F 375 -9.29 -2.97 -1.38
C MET F 375 -9.68 -3.42 -2.78
N VAL F 376 -9.29 -4.66 -3.13
CA VAL F 376 -9.31 -5.12 -4.51
C VAL F 376 -9.95 -6.50 -4.55
N PRO F 377 -10.48 -6.90 -5.71
CA PRO F 377 -11.05 -8.24 -5.82
C PRO F 377 -10.00 -9.33 -5.71
N LYS F 378 -10.42 -10.49 -5.20
CA LYS F 378 -9.55 -11.64 -5.05
C LYS F 378 -10.06 -12.89 -5.76
N THR F 379 -11.37 -13.02 -5.97
CA THR F 379 -11.91 -14.12 -6.75
C THR F 379 -11.84 -13.80 -8.24
N ILE F 380 -11.70 -14.85 -9.06
CA ILE F 380 -11.54 -14.65 -10.50
C ILE F 380 -12.73 -13.92 -11.08
N ALA F 381 -13.94 -14.37 -10.73
CA ALA F 381 -15.14 -13.65 -11.11
C ALA F 381 -15.13 -12.24 -10.54
N GLY F 382 -14.57 -12.07 -9.33
CA GLY F 382 -14.46 -10.74 -8.77
C GLY F 382 -13.63 -9.82 -9.64
N LYS F 383 -12.46 -10.29 -10.08
CA LYS F 383 -11.61 -9.46 -10.95
C LYS F 383 -12.30 -9.17 -12.27
N ILE F 384 -12.90 -10.20 -12.88
CA ILE F 384 -13.53 -10.02 -14.18
C ILE F 384 -14.65 -8.99 -14.10
N PHE F 385 -15.52 -9.15 -13.11
CA PHE F 385 -16.67 -8.24 -12.99
C PHE F 385 -16.25 -6.86 -12.51
N GLY F 386 -15.14 -6.76 -11.78
CA GLY F 386 -14.61 -5.45 -11.43
C GLY F 386 -14.09 -4.71 -12.65
N SER F 387 -13.40 -5.42 -13.55
CA SER F 387 -12.97 -4.80 -14.80
C SER F 387 -14.17 -4.36 -15.63
N ILE F 388 -15.20 -5.22 -15.70
CA ILE F 388 -16.43 -4.85 -16.40
C ILE F 388 -17.05 -3.62 -15.76
N CYS F 389 -17.02 -3.55 -14.42
CA CYS F 389 -17.53 -2.38 -13.71
C CYS F 389 -16.77 -1.12 -14.09
N SER F 390 -15.43 -1.22 -14.15
CA SER F 390 -14.64 -0.06 -14.52
C SER F 390 -14.99 0.43 -15.92
N LEU F 391 -15.10 -0.50 -16.87
CA LEU F 391 -15.44 -0.11 -18.24
C LEU F 391 -16.84 0.50 -18.32
N SER F 392 -17.81 -0.13 -17.67
CA SER F 392 -19.17 0.40 -17.69
C SER F 392 -19.23 1.78 -17.05
N GLY F 393 -18.49 1.98 -15.96
CA GLY F 393 -18.49 3.26 -15.29
C GLY F 393 -17.85 4.36 -16.11
N VAL F 394 -16.75 4.04 -16.80
CA VAL F 394 -16.14 5.07 -17.65
C VAL F 394 -17.08 5.42 -18.79
N LEU F 395 -17.79 4.43 -19.33
CA LEU F 395 -18.80 4.72 -20.36
C LEU F 395 -19.90 5.61 -19.80
N VAL F 396 -20.39 5.30 -18.61
CA VAL F 396 -21.49 6.06 -18.01
C VAL F 396 -21.07 7.51 -17.77
N ILE F 397 -19.90 7.70 -17.16
CA ILE F 397 -19.46 9.06 -16.85
C ILE F 397 -19.15 9.83 -18.12
N ALA F 398 -18.62 9.17 -19.14
CA ALA F 398 -18.35 9.85 -20.40
C ALA F 398 -19.60 10.09 -21.23
N LEU F 399 -20.73 9.46 -20.88
CA LEU F 399 -21.94 9.62 -21.69
C LEU F 399 -22.41 11.07 -21.79
N PRO F 400 -22.57 11.84 -20.72
CA PRO F 400 -23.10 13.20 -20.84
C PRO F 400 -22.07 14.33 -20.85
N VAL F 401 -20.78 14.03 -20.71
CA VAL F 401 -19.77 15.10 -20.74
C VAL F 401 -19.82 15.91 -22.03
N PRO F 402 -19.83 15.32 -23.22
CA PRO F 402 -19.82 16.14 -24.44
C PRO F 402 -21.02 17.07 -24.57
N VAL F 403 -22.22 16.65 -24.17
CA VAL F 403 -23.35 17.56 -24.26
C VAL F 403 -23.19 18.72 -23.28
N ILE F 404 -22.60 18.45 -22.11
CA ILE F 404 -22.32 19.51 -21.14
C ILE F 404 -21.36 20.52 -21.74
N VAL F 405 -20.25 20.05 -22.31
CA VAL F 405 -19.26 20.98 -22.84
C VAL F 405 -19.80 21.71 -24.06
N SER F 406 -20.63 21.04 -24.87
CA SER F 406 -21.24 21.70 -26.00
C SER F 406 -22.18 22.81 -25.56
N ASN F 407 -23.01 22.55 -24.54
CA ASN F 407 -23.88 23.60 -24.01
C ASN F 407 -23.07 24.76 -23.44
N PHE F 408 -21.99 24.44 -22.72
CA PHE F 408 -21.16 25.49 -22.15
C PHE F 408 -20.56 26.37 -23.23
N SER F 409 -19.98 25.76 -24.26
CA SER F 409 -19.40 26.53 -25.37
C SER F 409 -20.48 27.32 -26.10
N ARG F 410 -21.66 26.73 -26.29
CA ARG F 410 -22.76 27.42 -26.95
C ARG F 410 -23.14 28.67 -26.20
N ILE F 411 -23.32 28.57 -24.89
CA ILE F 411 -23.70 29.74 -24.10
C ILE F 411 -22.57 30.77 -24.09
N TYR F 412 -21.33 30.31 -24.01
CA TYR F 412 -20.18 31.21 -24.04
C TYR F 412 -20.17 32.04 -25.32
N HIS F 413 -20.28 31.38 -26.47
CA HIS F 413 -20.30 32.11 -27.73
C HIS F 413 -21.57 32.94 -27.88
N GLN F 414 -22.68 32.50 -27.30
CA GLN F 414 -23.90 33.29 -27.32
C GLN F 414 -23.68 34.64 -26.65
N ASN F 415 -23.15 34.63 -25.43
CA ASN F 415 -22.90 35.89 -24.74
C ASN F 415 -21.83 36.72 -25.45
N GLN F 416 -20.81 36.05 -26.00
CA GLN F 416 -19.77 36.79 -26.73
C GLN F 416 -20.37 37.55 -27.91
N ARG F 417 -21.14 36.87 -28.75
CA ARG F 417 -21.74 37.55 -29.89
C ARG F 417 -22.83 38.52 -29.47
N ALA F 418 -23.48 38.31 -28.33
CA ALA F 418 -24.42 39.30 -27.82
C ALA F 418 -23.70 40.61 -27.49
N ASP F 419 -22.55 40.51 -26.83
CA ASP F 419 -21.77 41.72 -26.56
C ASP F 419 -21.30 42.38 -27.85
N LYS F 420 -20.85 41.56 -28.81
CA LYS F 420 -20.39 42.10 -30.09
C LYS F 420 -21.52 42.84 -30.80
N ARG F 421 -22.72 42.25 -30.83
CA ARG F 421 -23.84 42.88 -31.53
C ARG F 421 -24.36 44.09 -30.76
N ARG F 422 -24.20 44.12 -29.44
CA ARG F 422 -24.55 45.34 -28.71
C ARG F 422 -23.62 46.48 -29.08
N ALA F 423 -22.32 46.19 -29.18
CA ALA F 423 -21.39 47.21 -29.67
C ALA F 423 -21.76 47.66 -31.08
N GLN F 424 -22.09 46.69 -31.94
CA GLN F 424 -22.46 47.02 -33.32
C GLN F 424 -23.72 47.88 -33.39
N LYS F 425 -24.71 47.59 -32.53
CA LYS F 425 -25.93 48.38 -32.56
C LYS F 425 -25.71 49.78 -31.99
N LYS F 426 -24.80 49.93 -31.02
CA LYS F 426 -24.42 51.28 -30.61
C LYS F 426 -23.75 52.03 -31.75
N ALA F 427 -22.90 51.34 -32.52
CA ALA F 427 -22.26 51.98 -33.67
C ALA F 427 -23.28 52.42 -34.70
N ARG F 428 -24.26 51.56 -35.01
CA ARG F 428 -25.25 51.93 -36.01
C ARG F 428 -26.19 53.02 -35.50
N LEU F 429 -26.45 53.06 -34.19
CA LEU F 429 -27.22 54.17 -33.62
C LEU F 429 -26.46 55.48 -33.77
N ALA F 430 -25.14 55.44 -33.55
CA ALA F 430 -24.33 56.64 -33.79
C ALA F 430 -24.40 57.05 -35.26
N ARG F 431 -24.37 56.09 -36.18
CA ARG F 431 -24.50 56.40 -37.59
C ARG F 431 -25.85 57.03 -37.91
N ILE F 432 -26.92 56.51 -37.30
CA ILE F 432 -28.25 57.07 -37.51
C ILE F 432 -28.32 58.50 -36.99
N ARG F 433 -27.73 58.76 -35.83
CA ARG F 433 -27.70 60.13 -35.32
C ARG F 433 -26.91 61.05 -36.25
N ALA F 434 -25.80 60.55 -36.81
CA ALA F 434 -25.05 61.34 -37.77
C ALA F 434 -25.88 61.64 -39.01
N ALA F 435 -26.66 60.67 -39.48
CA ALA F 435 -27.54 60.90 -40.62
C ALA F 435 -28.61 61.94 -40.30
N LYS F 436 -29.15 61.90 -39.07
CA LYS F 436 -30.13 62.90 -38.65
C LYS F 436 -29.51 64.30 -38.63
N SER F 437 -28.29 64.41 -38.11
CA SER F 437 -27.59 65.70 -38.13
C SER F 437 -27.34 66.17 -39.56
N GLY F 438 -26.99 65.24 -40.46
CA GLY F 438 -26.80 65.59 -41.84
C GLY F 438 -28.07 66.10 -42.50
N SER F 439 -29.20 65.47 -42.19
CA SER F 439 -30.49 65.94 -42.71
C SER F 439 -30.81 67.33 -42.19
N ALA F 440 -30.55 67.57 -40.90
CA ALA F 440 -30.78 68.90 -40.33
C ALA F 440 -29.91 69.95 -41.02
N ASN F 441 -28.64 69.61 -41.26
CA ASN F 441 -27.74 70.55 -41.93
C ASN F 441 -28.16 70.79 -43.37
N ALA F 442 -28.67 69.74 -44.04
CA ALA F 442 -29.16 69.91 -45.41
C ALA F 442 -30.35 70.84 -45.45
N TYR F 443 -31.27 70.71 -44.49
CA TYR F 443 -32.39 71.65 -44.43
C TYR F 443 -31.92 73.06 -44.12
N MET F 444 -30.93 73.20 -43.24
CA MET F 444 -30.38 74.52 -42.95
C MET F 444 -29.78 75.15 -44.21
N GLN F 445 -29.03 74.37 -44.99
CA GLN F 445 -28.47 74.87 -46.24
C GLN F 445 -29.56 75.26 -47.22
N SER F 446 -30.62 74.45 -47.32
CA SER F 446 -31.74 74.78 -48.19
C SER F 446 -32.41 76.08 -47.76
N LYS F 447 -32.56 76.27 -46.44
CA LYS F 447 -33.17 77.50 -45.93
C LYS F 447 -32.31 78.72 -46.25
N ARG F 448 -30.99 78.60 -46.08
CA ARG F 448 -30.13 79.75 -46.37
C ARG F 448 -30.19 80.13 -47.84
N SER F 449 -30.17 79.15 -48.74
CA SER F 449 -30.23 79.41 -50.17
C SER F 449 -31.01 78.32 -50.89
N SER F 471 -35.35 64.13 -58.00
CA SER F 471 -34.77 65.00 -56.99
C SER F 471 -35.76 66.09 -56.57
N SER F 472 -37.05 65.77 -56.67
CA SER F 472 -38.09 66.73 -56.30
C SER F 472 -38.63 66.50 -54.90
N PHE F 473 -38.33 65.36 -54.28
CA PHE F 473 -38.82 65.08 -52.94
C PHE F 473 -38.25 66.06 -51.93
N GLU F 474 -36.97 66.41 -52.05
CA GLU F 474 -36.34 67.29 -51.07
C GLU F 474 -36.93 68.69 -51.12
N THR F 475 -37.31 69.17 -52.31
CA THR F 475 -37.92 70.49 -52.41
C THR F 475 -39.27 70.52 -51.69
N GLN F 476 -40.10 69.50 -51.91
CA GLN F 476 -41.38 69.42 -51.21
C GLN F 476 -41.18 69.29 -49.70
N HIS F 477 -40.18 68.52 -49.29
CA HIS F 477 -39.89 68.39 -47.87
C HIS F 477 -39.46 69.72 -47.27
N HIS F 478 -38.64 70.48 -47.97
CA HIS F 478 -38.23 71.80 -47.50
C HIS F 478 -39.43 72.73 -47.39
N HIS F 479 -40.31 72.70 -48.38
CA HIS F 479 -41.52 73.53 -48.32
C HIS F 479 -42.39 73.13 -47.13
N LEU F 480 -42.54 71.82 -46.89
CA LEU F 480 -43.35 71.36 -45.77
C LEU F 480 -42.75 71.80 -44.44
N LEU F 481 -41.44 71.69 -44.28
CA LEU F 481 -40.84 72.11 -43.02
C LEU F 481 -40.88 73.63 -42.88
N HIS F 482 -40.85 74.36 -43.99
CA HIS F 482 -41.11 75.80 -43.93
C HIS F 482 -42.51 76.07 -43.43
N CYS F 483 -43.49 75.27 -43.87
CA CYS F 483 -44.85 75.42 -43.36
C CYS F 483 -44.93 75.10 -41.86
N LEU F 484 -44.18 74.09 -41.42
CA LEU F 484 -44.09 73.81 -39.98
C LEU F 484 -43.50 74.99 -39.21
N GLU F 485 -42.47 75.63 -39.77
CA GLU F 485 -41.95 76.84 -39.13
C GLU F 485 -42.99 77.95 -39.11
N LYS F 486 -43.74 78.10 -40.20
CA LYS F 486 -44.72 79.17 -40.30
C LYS F 486 -45.84 79.00 -39.28
N THR F 487 -46.33 77.77 -39.12
CA THR F 487 -47.43 77.54 -38.19
C THR F 487 -47.01 77.71 -36.73
N THR F 488 -45.70 77.72 -36.45
CA THR F 488 -45.20 77.94 -35.10
C THR F 488 -44.40 79.23 -34.97
N ASN F 489 -44.41 80.07 -36.00
CA ASN F 489 -43.69 81.35 -36.07
C ASN F 489 -42.30 81.27 -35.46
N HIS F 490 -41.58 80.18 -35.73
CA HIS F 490 -40.26 79.92 -35.17
C HIS F 490 -39.34 79.40 -36.26
N GLU F 491 -38.05 79.72 -36.15
CA GLU F 491 -37.04 79.29 -37.11
C GLU F 491 -35.93 78.55 -36.40
N PHE F 492 -34.99 78.02 -37.17
CA PHE F 492 -33.88 77.24 -36.65
C PHE F 492 -32.54 77.91 -36.97
N VAL F 493 -31.61 77.84 -36.03
CA VAL F 493 -30.28 78.42 -36.16
C VAL F 493 -29.26 77.35 -35.81
N ASP F 494 -28.12 77.36 -36.50
CA ASP F 494 -27.02 76.45 -36.25
C ASP F 494 -26.62 76.42 -34.77
N ALA G 1 20.99 17.20 -49.72
CA ALA G 1 20.34 16.45 -48.66
C ALA G 1 21.29 15.43 -48.05
N LYS G 2 21.59 14.36 -48.81
CA LYS G 2 22.51 13.35 -48.32
C LYS G 2 23.94 13.87 -48.29
N GLY G 3 24.31 14.75 -49.22
CA GLY G 3 25.58 15.45 -49.09
C GLY G 3 25.61 16.34 -47.86
N ILE G 4 24.48 16.96 -47.54
CA ILE G 4 24.38 17.69 -46.29
C ILE G 4 24.52 16.73 -45.11
N ALA G 5 24.02 15.50 -45.25
CA ALA G 5 24.21 14.50 -44.21
C ALA G 5 25.69 14.14 -44.07
N ILE G 6 26.42 14.11 -45.17
CA ILE G 6 27.87 13.89 -45.11
C ILE G 6 28.54 15.06 -44.39
N ALA G 7 28.05 16.29 -44.63
CA ALA G 7 28.56 17.44 -43.90
C ALA G 7 28.30 17.30 -42.40
N LEU G 8 27.11 16.83 -42.04
CA LEU G 8 26.84 16.51 -40.62
C LEU G 8 27.82 15.48 -40.09
N LEU G 9 28.08 14.43 -40.87
CA LEU G 9 29.01 13.41 -40.40
C LEU G 9 30.40 13.99 -40.16
N VAL G 10 30.86 14.85 -41.07
CA VAL G 10 32.18 15.44 -40.93
C VAL G 10 32.24 16.34 -39.69
N ILE G 11 31.24 17.21 -39.52
CA ILE G 11 31.30 18.14 -38.39
C ILE G 11 31.15 17.38 -37.08
N LEU G 12 30.32 16.32 -37.05
CA LEU G 12 30.14 15.58 -35.82
C LEU G 12 31.38 14.77 -35.48
N VAL G 13 32.07 14.21 -36.49
CA VAL G 13 33.28 13.47 -36.17
C VAL G 13 34.37 14.41 -35.69
N ILE G 14 34.45 15.61 -36.27
CA ILE G 14 35.42 16.60 -35.79
C ILE G 14 35.14 16.97 -34.34
N CYS G 15 33.89 17.30 -34.02
CA CYS G 15 33.56 17.71 -32.66
C CYS G 15 33.74 16.55 -31.69
N SER G 16 33.35 15.34 -32.10
CA SER G 16 33.51 14.17 -31.23
C SER G 16 34.98 13.90 -30.95
N LEU G 17 35.85 14.02 -31.97
CA LEU G 17 37.26 13.77 -31.75
C LEU G 17 37.87 14.85 -30.85
N ILE G 18 37.47 16.11 -31.04
CA ILE G 18 38.06 17.17 -30.21
C ILE G 18 37.58 17.04 -28.76
N VAL G 19 36.32 16.65 -28.54
CA VAL G 19 35.86 16.49 -27.17
C VAL G 19 36.42 15.21 -26.55
N THR G 20 36.70 14.19 -27.37
CA THR G 20 37.39 13.01 -26.86
C THR G 20 38.80 13.37 -26.41
N SER G 21 39.48 14.22 -27.18
CA SER G 21 40.78 14.70 -26.76
C SER G 21 40.66 15.52 -25.47
N VAL G 22 39.60 16.32 -25.36
CA VAL G 22 39.37 17.11 -24.15
C VAL G 22 39.20 16.20 -22.94
N ILE G 23 38.37 15.17 -23.07
CA ILE G 23 38.14 14.24 -21.95
C ILE G 23 39.31 13.31 -21.72
N LEU G 24 40.24 13.22 -22.67
CA LEU G 24 41.48 12.48 -22.42
C LEU G 24 42.51 13.33 -21.71
N LEU G 25 42.51 14.65 -21.96
CA LEU G 25 43.49 15.53 -21.32
C LEU G 25 43.04 16.01 -19.95
N THR G 26 41.74 16.20 -19.72
CA THR G 26 41.28 16.71 -18.43
C THR G 26 41.62 15.81 -17.24
N PRO G 27 41.50 14.47 -17.31
CA PRO G 27 41.80 13.73 -16.05
C PRO G 27 43.29 13.65 -15.80
N ALA G 28 43.84 14.72 -15.21
CA ALA G 28 45.27 14.81 -14.97
C ALA G 28 45.74 13.70 -14.05
N GLU G 29 44.98 13.43 -12.98
CA GLU G 29 45.36 12.35 -12.07
C GLU G 29 45.14 10.98 -12.72
N ASP G 30 43.89 10.64 -13.04
CA ASP G 30 43.53 9.40 -13.71
C ASP G 30 44.14 8.17 -13.01
N ASN G 31 44.42 8.30 -11.72
CA ASN G 31 45.09 7.25 -10.97
C ASN G 31 44.66 7.32 -9.52
N SER G 32 44.88 6.22 -8.81
CA SER G 32 44.57 6.14 -7.39
C SER G 32 45.41 5.03 -6.77
N LEU G 33 45.47 5.03 -5.44
CA LEU G 33 46.23 4.04 -4.68
C LEU G 33 45.28 3.17 -3.88
N SER G 34 45.43 1.86 -4.02
CA SER G 34 44.54 0.90 -3.38
C SER G 34 45.10 0.52 -2.00
N GLN G 35 44.54 -0.53 -1.40
CA GLN G 35 44.94 -0.95 -0.07
C GLN G 35 46.33 -1.57 -0.09
N LYS G 36 46.93 -1.67 1.09
CA LYS G 36 48.28 -2.18 1.24
C LYS G 36 48.29 -3.70 1.23
N LYS G 37 49.44 -4.30 1.55
CA LYS G 37 49.60 -5.74 1.49
C LYS G 37 49.22 -6.40 2.81
N LYS G 38 48.46 -7.49 2.71
CA LYS G 38 48.06 -8.25 3.87
C LYS G 38 49.20 -9.18 4.31
N VAL G 39 48.94 -9.99 5.33
CA VAL G 39 49.96 -10.85 5.94
C VAL G 39 49.66 -12.30 5.56
N THR G 40 50.65 -12.97 4.98
CA THR G 40 50.55 -14.37 4.60
C THR G 40 51.68 -15.16 5.27
N VAL G 41 51.69 -16.47 5.01
CA VAL G 41 52.70 -17.34 5.62
C VAL G 41 54.09 -16.95 5.15
N GLU G 42 54.24 -16.65 3.86
CA GLU G 42 55.53 -16.19 3.34
C GLU G 42 56.00 -14.95 4.07
N ASP G 43 55.08 -14.04 4.38
CA ASP G 43 55.45 -12.82 5.11
C ASP G 43 56.04 -13.14 6.48
N LEU G 44 55.41 -14.07 7.21
CA LEU G 44 55.99 -14.51 8.48
C LEU G 44 57.36 -15.13 8.26
N PHE G 45 57.50 -15.95 7.23
CA PHE G 45 58.76 -16.62 6.95
C PHE G 45 59.66 -15.83 6.03
N SER G 46 59.25 -14.62 5.65
CA SER G 46 60.13 -13.72 4.92
C SER G 46 61.24 -13.21 5.84
N GLU G 47 62.41 -12.94 5.25
CA GLU G 47 63.53 -12.43 6.02
C GLU G 47 63.20 -11.09 6.67
N ASP G 48 62.32 -10.30 6.04
CA ASP G 48 62.00 -8.98 6.57
C ASP G 48 61.31 -9.04 7.92
N PHE G 49 60.59 -10.13 8.19
CA PHE G 49 59.88 -10.27 9.46
C PHE G 49 60.76 -10.79 10.58
N LYS G 50 62.02 -11.12 10.30
CA LYS G 50 62.92 -11.60 11.34
C LYS G 50 63.17 -10.50 12.36
N ILE G 51 63.24 -10.89 13.63
CA ILE G 51 63.42 -9.95 14.73
C ILE G 51 64.90 -9.80 15.02
N HIS G 52 65.35 -8.55 15.20
CA HIS G 52 66.72 -8.27 15.56
C HIS G 52 66.93 -8.52 17.05
N ASP G 53 68.18 -8.76 17.43
CA ASP G 53 68.52 -8.98 18.83
C ASP G 53 70.02 -8.78 19.03
N PRO G 54 70.43 -7.90 19.93
CA PRO G 54 71.86 -7.85 20.30
C PRO G 54 72.25 -8.89 21.33
N GLU G 55 71.29 -9.41 22.10
CA GLU G 55 71.52 -10.35 23.21
C GLU G 55 72.80 -9.99 23.98
N ALA G 56 72.91 -8.72 24.33
CA ALA G 56 74.09 -8.23 25.05
C ALA G 56 74.06 -8.66 26.50
N LYS G 57 75.20 -9.14 26.99
CA LYS G 57 75.40 -9.46 28.40
C LYS G 57 76.65 -8.75 28.90
N TRP G 58 76.62 -8.43 30.20
CA TRP G 58 77.68 -7.62 30.80
C TRP G 58 78.93 -8.44 31.08
N ILE G 59 80.08 -7.89 30.70
CA ILE G 59 81.36 -8.35 31.24
C ILE G 59 81.74 -7.54 32.48
N SER G 60 81.39 -6.26 32.51
CA SER G 60 81.61 -5.39 33.65
C SER G 60 80.52 -4.33 33.64
N ASP G 61 80.59 -3.39 34.59
CA ASP G 61 79.64 -2.28 34.59
C ASP G 61 79.84 -1.38 33.38
N THR G 62 81.09 -1.21 32.94
CA THR G 62 81.37 -0.31 31.84
C THR G 62 80.96 -0.89 30.49
N GLU G 63 81.18 -2.18 30.28
CA GLU G 63 81.01 -2.79 28.97
C GLU G 63 80.12 -4.01 29.04
N PHE G 64 79.40 -4.26 27.95
CA PHE G 64 78.67 -5.50 27.72
C PHE G 64 79.13 -6.09 26.40
N ILE G 65 78.82 -7.37 26.20
CA ILE G 65 79.38 -8.08 25.04
C ILE G 65 78.85 -7.51 23.73
N TYR G 66 77.58 -7.08 23.69
CA TYR G 66 76.97 -6.49 22.49
C TYR G 66 77.11 -7.43 21.29
N ARG G 67 76.43 -8.56 21.41
CA ARG G 67 76.58 -9.65 20.44
C ARG G 67 75.98 -9.23 19.10
N GLU G 68 75.96 -10.17 18.16
CA GLU G 68 75.61 -9.87 16.76
C GLU G 68 74.21 -9.28 16.64
N GLN G 69 74.11 -8.20 15.87
CA GLN G 69 72.84 -7.68 15.39
C GLN G 69 72.59 -8.13 13.95
N LYS G 70 73.50 -7.78 13.04
CA LYS G 70 73.39 -8.12 11.63
C LYS G 70 74.74 -8.58 11.09
N GLY G 71 75.43 -9.43 11.85
CA GLY G 71 76.74 -9.89 11.43
C GLY G 71 77.82 -9.79 12.49
N THR G 72 78.81 -8.94 12.26
CA THR G 72 79.96 -8.84 13.15
C THR G 72 79.53 -8.46 14.56
N VAL G 73 80.42 -8.69 15.52
CA VAL G 73 80.16 -8.49 16.94
C VAL G 73 81.18 -7.51 17.49
N ARG G 74 80.69 -6.35 17.94
CA ARG G 74 81.51 -5.37 18.63
C ARG G 74 81.26 -5.43 20.12
N LEU G 75 82.21 -4.93 20.90
CA LEU G 75 82.14 -4.95 22.36
C LEU G 75 81.81 -3.54 22.84
N TRP G 76 80.52 -3.23 22.90
CA TRP G 76 80.09 -1.89 23.27
C TRP G 76 80.37 -1.61 24.74
N ASN G 77 80.82 -0.39 25.02
CA ASN G 77 81.11 0.07 26.38
C ASN G 77 80.17 1.23 26.70
N VAL G 78 79.56 1.17 27.89
CA VAL G 78 78.55 2.16 28.27
C VAL G 78 79.19 3.54 28.46
N GLU G 79 80.42 3.57 28.98
CA GLU G 79 81.01 4.83 29.45
C GLU G 79 80.97 5.91 28.39
N THR G 80 81.69 5.72 27.27
CA THR G 80 81.51 6.57 26.09
C THR G 80 81.39 5.67 24.86
N ASN G 81 80.20 5.11 24.65
CA ASN G 81 79.78 4.46 23.41
C ASN G 81 80.91 3.74 22.68
N THR G 82 81.69 2.95 23.39
CA THR G 82 82.92 2.36 22.86
C THR G 82 82.65 0.90 22.49
N SER G 83 82.54 0.64 21.18
CA SER G 83 82.30 -0.70 20.67
C SER G 83 83.64 -1.31 20.25
N THR G 84 84.22 -2.12 21.14
CA THR G 84 85.50 -2.73 20.86
C THR G 84 85.37 -3.86 19.83
N VAL G 85 86.34 -3.95 18.93
CA VAL G 85 86.30 -4.92 17.84
C VAL G 85 86.73 -6.29 18.37
N LEU G 86 85.79 -7.23 18.43
CA LEU G 86 86.08 -8.58 18.91
C LEU G 86 85.80 -9.66 17.87
N ILE G 87 84.63 -9.66 17.23
CA ILE G 87 84.27 -10.70 16.28
C ILE G 87 83.89 -10.04 14.96
N GLU G 88 84.30 -10.65 13.86
CA GLU G 88 84.02 -10.17 12.51
C GLU G 88 83.32 -11.29 11.72
N GLY G 89 83.25 -11.11 10.42
CA GLY G 89 82.59 -12.08 9.54
C GLY G 89 83.33 -13.41 9.44
N LYS G 90 84.30 -13.64 10.31
CA LYS G 90 85.02 -14.90 10.35
C LYS G 90 84.13 -16.07 10.75
N LYS G 91 82.98 -15.80 11.37
CA LYS G 91 82.07 -16.85 11.79
C LYS G 91 81.56 -17.69 10.62
N ILE G 92 81.61 -17.14 9.40
CA ILE G 92 81.07 -17.85 8.24
C ILE G 92 81.90 -19.09 7.93
N GLU G 93 83.23 -19.00 8.06
CA GLU G 93 84.10 -20.07 7.61
C GLU G 93 83.94 -21.36 8.42
N SER G 94 83.40 -21.27 9.64
CA SER G 94 83.26 -22.45 10.49
C SER G 94 81.95 -23.17 10.24
N LEU G 95 81.66 -23.44 8.96
CA LEU G 95 80.47 -24.18 8.55
C LEU G 95 79.19 -23.60 9.14
N ARG G 96 79.17 -22.27 9.28
CA ARG G 96 78.04 -21.53 9.82
C ARG G 96 77.66 -22.05 11.21
N ALA G 97 78.58 -21.89 12.15
CA ALA G 97 78.32 -22.25 13.54
C ALA G 97 77.17 -21.40 14.09
N ILE G 98 76.06 -22.06 14.42
CA ILE G 98 74.87 -21.34 14.86
C ILE G 98 75.15 -20.60 16.16
N ARG G 99 75.81 -21.24 17.10
CA ARG G 99 76.09 -20.65 18.41
C ARG G 99 77.59 -20.48 18.59
N TYR G 100 77.96 -19.41 19.29
CA TYR G 100 79.35 -19.14 19.60
C TYR G 100 79.42 -18.45 20.97
N GLU G 101 80.56 -18.64 21.63
CA GLU G 101 80.79 -18.09 22.95
C GLU G 101 82.20 -17.53 23.04
N ILE G 102 82.44 -16.74 24.09
CA ILE G 102 83.72 -16.10 24.33
C ILE G 102 84.25 -16.60 25.67
N SER G 103 85.54 -16.97 25.68
CA SER G 103 86.16 -17.42 26.91
C SER G 103 86.17 -16.30 27.95
N PRO G 104 86.09 -16.64 29.24
CA PRO G 104 86.02 -15.59 30.27
C PRO G 104 87.24 -14.68 30.30
N ASP G 105 88.38 -15.11 29.77
CA ASP G 105 89.52 -14.21 29.61
C ASP G 105 89.44 -13.38 28.34
N ARG G 106 88.39 -13.58 27.53
CA ARG G 106 88.22 -12.90 26.25
C ARG G 106 89.45 -13.08 25.35
N GLU G 107 89.95 -14.32 25.32
CA GLU G 107 91.09 -14.66 24.47
C GLU G 107 90.83 -15.86 23.57
N TYR G 108 89.78 -16.65 23.84
CA TYR G 108 89.40 -17.77 23.00
C TYR G 108 87.92 -17.71 22.70
N ALA G 109 87.57 -17.98 21.44
CA ALA G 109 86.18 -18.01 20.98
C ALA G 109 85.82 -19.43 20.59
N LEU G 110 84.67 -19.90 21.05
CA LEU G 110 84.20 -21.26 20.79
C LEU G 110 83.06 -21.22 19.79
N PHE G 111 83.21 -21.97 18.70
CA PHE G 111 82.18 -22.13 17.67
C PHE G 111 81.53 -23.49 17.83
N SER G 112 80.21 -23.54 17.68
CA SER G 112 79.47 -24.80 17.72
C SER G 112 78.86 -25.01 16.35
N TYR G 113 79.54 -25.81 15.52
CA TYR G 113 79.10 -26.06 14.15
C TYR G 113 78.64 -27.50 13.99
N ASN G 114 77.85 -27.72 12.94
CA ASN G 114 77.19 -29.01 12.69
C ASN G 114 76.40 -29.45 13.92
N VAL G 115 75.74 -28.50 14.56
CA VAL G 115 74.96 -28.75 15.76
C VAL G 115 73.50 -28.93 15.38
N GLU G 116 72.92 -30.05 15.77
CA GLU G 116 71.52 -30.32 15.49
C GLU G 116 70.75 -30.51 16.78
N PRO G 117 69.49 -30.07 16.84
CA PRO G 117 68.71 -30.24 18.07
C PRO G 117 68.01 -31.58 18.13
N ILE G 118 68.29 -32.37 19.16
CA ILE G 118 67.64 -33.65 19.35
C ILE G 118 66.34 -33.43 20.11
N TYR G 119 66.47 -32.89 21.32
CA TYR G 119 65.32 -32.56 22.16
C TYR G 119 64.94 -31.10 21.93
N GLN G 120 64.12 -30.53 22.81
CA GLN G 120 63.74 -29.12 22.69
C GLN G 120 64.96 -28.22 22.54
N HIS G 121 66.01 -28.48 23.30
CA HIS G 121 67.28 -27.78 23.14
C HIS G 121 68.40 -28.74 23.51
N SER G 122 68.94 -29.42 22.50
CA SER G 122 70.04 -30.36 22.67
C SER G 122 71.19 -29.87 21.79
N TYR G 123 72.06 -29.04 22.36
CA TYR G 123 73.13 -28.40 21.61
C TYR G 123 74.30 -29.36 21.41
N THR G 124 74.02 -30.44 20.68
CA THR G 124 75.03 -31.46 20.38
C THR G 124 75.61 -31.22 18.99
N GLY G 125 76.93 -31.23 18.91
CA GLY G 125 77.61 -30.94 17.66
C GLY G 125 79.11 -30.85 17.88
N TYR G 126 79.79 -30.20 16.93
CA TYR G 126 81.24 -30.06 16.98
C TYR G 126 81.61 -28.70 17.55
N TYR G 127 82.40 -28.70 18.62
CA TYR G 127 82.89 -27.48 19.25
C TYR G 127 84.34 -27.27 18.86
N VAL G 128 84.65 -26.09 18.31
CA VAL G 128 86.00 -25.76 17.86
C VAL G 128 86.42 -24.44 18.49
N LEU G 129 87.62 -24.42 19.06
CA LEU G 129 88.17 -23.22 19.67
C LEU G 129 89.01 -22.44 18.67
N SER G 130 89.09 -21.13 18.88
CA SER G 130 89.85 -20.26 18.00
C SER G 130 90.39 -19.08 18.79
N LYS G 131 91.45 -18.48 18.27
CA LYS G 131 92.05 -17.33 18.94
C LYS G 131 91.09 -16.13 18.92
N ILE G 132 91.35 -15.18 19.81
CA ILE G 132 90.44 -14.04 19.96
C ILE G 132 90.34 -13.19 18.70
N PRO G 133 91.45 -12.81 17.99
CA PRO G 133 91.29 -11.88 16.88
C PRO G 133 90.48 -12.47 15.74
N HIS G 134 90.95 -13.59 15.18
CA HIS G 134 90.30 -14.33 14.12
C HIS G 134 91.13 -15.55 13.80
N GLY G 135 90.49 -16.52 13.15
CA GLY G 135 91.19 -17.67 12.60
C GLY G 135 91.69 -18.67 13.64
N ASP G 136 92.46 -19.62 13.14
CA ASP G 136 93.07 -20.71 13.90
C ASP G 136 92.03 -21.56 14.65
N PRO G 137 91.18 -22.30 13.94
CA PRO G 137 90.28 -23.23 14.62
C PRO G 137 91.00 -24.48 15.08
N GLN G 138 90.45 -25.10 16.12
CA GLN G 138 90.98 -26.36 16.63
C GLN G 138 89.86 -27.18 17.24
N SER G 139 89.82 -28.47 16.91
CA SER G 139 88.74 -29.33 17.38
C SER G 139 88.91 -29.64 18.86
N LEU G 140 87.83 -29.46 19.62
CA LEU G 140 87.81 -29.80 21.04
C LEU G 140 87.39 -31.26 21.17
N ASP G 141 88.31 -32.10 21.64
CA ASP G 141 88.08 -33.53 21.67
C ASP G 141 88.55 -34.13 22.99
N PRO G 142 87.91 -35.20 23.45
CA PRO G 142 88.47 -35.99 24.54
C PRO G 142 89.68 -36.78 24.07
N PRO G 143 90.53 -37.26 24.97
CA PRO G 143 91.75 -37.93 24.53
C PRO G 143 91.47 -39.17 23.69
N GLU G 144 92.31 -39.38 22.68
CA GLU G 144 92.23 -40.53 21.77
C GLU G 144 90.91 -40.59 21.01
N VAL G 145 90.24 -39.44 20.86
CA VAL G 145 88.98 -39.36 20.12
C VAL G 145 89.14 -38.30 19.03
N SER G 146 88.76 -38.65 17.81
CA SER G 146 88.84 -37.73 16.68
C SER G 146 87.62 -36.81 16.71
N ASN G 147 87.40 -36.08 15.61
CA ASN G 147 86.27 -35.16 15.50
C ASN G 147 84.95 -35.90 15.69
N ALA G 148 84.26 -35.62 16.79
CA ALA G 148 82.99 -36.26 17.11
C ALA G 148 82.09 -35.25 17.78
N LYS G 149 80.78 -35.48 17.66
CA LYS G 149 79.81 -34.55 18.23
C LYS G 149 79.89 -34.57 19.75
N LEU G 150 79.83 -33.38 20.35
CA LEU G 150 79.83 -33.22 21.79
C LEU G 150 78.49 -32.63 22.21
N GLN G 151 77.85 -33.25 23.22
CA GLN G 151 76.51 -32.83 23.61
C GLN G 151 76.51 -31.44 24.26
N TYR G 152 77.61 -31.06 24.91
CA TYR G 152 77.72 -29.73 25.48
C TYR G 152 79.18 -29.43 25.80
N ALA G 153 79.53 -28.14 25.72
CA ALA G 153 80.87 -27.68 26.10
C ALA G 153 80.83 -26.74 27.30
N GLY G 154 80.10 -25.64 27.24
CA GLY G 154 80.07 -24.70 28.35
C GLY G 154 81.34 -23.89 28.46
N TRP G 155 81.35 -22.98 29.44
CA TRP G 155 82.49 -22.11 29.68
C TRP G 155 82.57 -21.78 31.16
N GLY G 156 83.78 -21.44 31.62
CA GLY G 156 84.02 -21.13 33.00
C GLY G 156 83.87 -19.65 33.32
N PRO G 157 84.07 -19.29 34.59
CA PRO G 157 83.96 -17.87 34.99
C PRO G 157 85.27 -17.10 34.84
N LYS G 158 86.40 -17.80 34.78
CA LYS G 158 87.69 -17.12 34.76
C LYS G 158 88.61 -17.78 33.74
N GLY G 159 89.56 -16.98 33.25
CA GLY G 159 90.63 -17.49 32.38
C GLY G 159 90.09 -18.13 31.12
N GLN G 160 90.67 -19.27 30.76
CA GLN G 160 90.22 -20.05 29.62
C GLN G 160 89.78 -21.46 30.03
N GLN G 161 89.47 -21.66 31.30
CA GLN G 161 89.02 -22.96 31.77
C GLN G 161 87.66 -23.30 31.18
N LEU G 162 87.48 -24.57 30.81
CA LEU G 162 86.27 -25.01 30.13
C LEU G 162 86.10 -26.49 30.38
N ILE G 163 84.93 -27.00 29.99
CA ILE G 163 84.63 -28.42 30.05
C ILE G 163 84.01 -28.83 28.71
N PHE G 164 83.68 -30.11 28.61
CA PHE G 164 82.92 -30.64 27.48
C PHE G 164 82.39 -32.01 27.85
N ILE G 165 81.21 -32.33 27.35
CA ILE G 165 80.50 -33.55 27.70
C ILE G 165 80.48 -34.46 26.48
N PHE G 166 81.00 -35.68 26.66
CA PHE G 166 81.02 -36.70 25.61
C PHE G 166 80.56 -38.01 26.22
N GLU G 167 79.51 -38.60 25.65
CA GLU G 167 78.89 -39.80 26.19
C GLU G 167 78.48 -39.60 27.64
N ASN G 168 77.86 -38.44 27.89
CA ASN G 168 77.36 -38.08 29.22
C ASN G 168 78.48 -38.08 30.27
N ASN G 169 79.64 -37.54 29.89
CA ASN G 169 80.79 -37.51 30.78
C ASN G 169 81.45 -36.14 30.71
N ILE G 170 81.67 -35.54 31.88
CA ILE G 170 82.27 -34.21 31.96
C ILE G 170 83.79 -34.35 31.92
N TYR G 171 84.43 -33.65 30.98
CA TYR G 171 85.88 -33.59 30.89
C TYR G 171 86.29 -32.12 30.94
N TYR G 172 87.16 -31.78 31.87
CA TYR G 172 87.49 -30.40 32.17
C TYR G 172 88.97 -30.12 31.88
N CYS G 173 89.24 -28.90 31.43
CA CYS G 173 90.60 -28.42 31.23
C CYS G 173 90.67 -26.98 31.73
N ALA G 174 91.59 -26.71 32.65
CA ALA G 174 91.78 -25.36 33.12
C ALA G 174 92.35 -24.44 32.05
N HIS G 175 92.90 -25.01 30.98
CA HIS G 175 93.49 -24.23 29.91
C HIS G 175 93.06 -24.81 28.58
N VAL G 176 93.06 -23.97 27.55
CA VAL G 176 92.73 -24.44 26.20
C VAL G 176 93.78 -25.43 25.72
N GLY G 177 95.06 -25.12 25.95
CA GLY G 177 96.12 -26.05 25.60
C GLY G 177 96.26 -27.21 26.56
N LYS G 178 95.51 -27.20 27.67
CA LYS G 178 95.54 -28.30 28.62
C LYS G 178 95.01 -29.57 27.98
N GLN G 179 95.68 -30.69 28.25
CA GLN G 179 95.21 -31.98 27.75
C GLN G 179 93.85 -32.31 28.33
N ALA G 180 92.99 -32.91 27.51
CA ALA G 180 91.66 -33.30 27.97
C ALA G 180 91.77 -34.31 29.10
N ILE G 181 91.02 -34.07 30.17
CA ILE G 181 91.15 -34.82 31.42
C ILE G 181 89.85 -35.55 31.70
N ARG G 182 89.95 -36.85 31.99
CA ARG G 182 88.80 -37.64 32.39
C ARG G 182 88.39 -37.30 33.82
N VAL G 183 87.84 -36.10 34.01
CA VAL G 183 87.44 -35.67 35.35
C VAL G 183 86.35 -36.59 35.90
N VAL G 184 85.36 -36.92 35.06
CA VAL G 184 84.37 -37.92 35.40
C VAL G 184 83.88 -38.56 34.09
N SER G 185 83.85 -39.89 34.06
CA SER G 185 83.43 -40.62 32.88
C SER G 185 82.47 -41.75 33.23
N THR G 186 81.70 -41.58 34.30
CA THR G 186 80.78 -42.61 34.77
C THR G 186 79.43 -42.56 34.08
N GLY G 187 79.18 -41.58 33.22
CA GLY G 187 77.89 -41.46 32.58
C GLY G 187 77.65 -42.52 31.53
N LYS G 188 76.38 -42.69 31.19
CA LYS G 188 75.95 -43.67 30.21
C LYS G 188 74.98 -43.02 29.22
N GLU G 189 74.87 -43.65 28.04
CA GLU G 189 74.02 -43.14 26.98
C GLU G 189 72.55 -43.35 27.37
N GLY G 190 71.90 -42.29 27.82
CA GLY G 190 70.49 -42.34 28.16
C GLY G 190 70.17 -42.98 29.49
N VAL G 191 71.17 -43.38 30.26
CA VAL G 191 70.96 -44.00 31.56
C VAL G 191 71.57 -43.17 32.69
N ILE G 192 72.82 -42.75 32.53
CA ILE G 192 73.51 -41.94 33.52
C ILE G 192 73.86 -40.61 32.87
N TYR G 193 73.18 -39.55 33.27
CA TYR G 193 73.42 -38.20 32.78
C TYR G 193 74.18 -37.40 33.83
N ASN G 194 75.32 -36.82 33.43
CA ASN G 194 76.00 -35.86 34.27
C ASN G 194 76.43 -34.68 33.41
N GLY G 195 76.07 -33.47 33.85
CA GLY G 195 76.34 -32.27 33.10
C GLY G 195 75.23 -31.84 32.17
N LEU G 196 74.33 -32.76 31.81
CA LEU G 196 73.19 -32.45 30.97
C LEU G 196 71.95 -33.12 31.53
N SER G 197 70.81 -32.45 31.36
CA SER G 197 69.54 -32.97 31.85
C SER G 197 69.04 -34.12 31.00
N ASP G 198 68.11 -34.88 31.56
CA ASP G 198 67.41 -35.93 30.83
C ASP G 198 66.25 -35.32 30.05
N TRP G 199 65.35 -36.15 29.53
CA TRP G 199 64.16 -35.61 28.89
C TRP G 199 63.30 -34.85 29.89
N LEU G 200 63.08 -35.44 31.07
CA LEU G 200 62.15 -34.86 32.04
C LEU G 200 62.65 -33.51 32.55
N TYR G 201 63.91 -33.44 32.95
CA TYR G 201 64.45 -32.18 33.47
C TYR G 201 64.51 -31.12 32.37
N GLU G 202 64.94 -31.50 31.17
CA GLU G 202 64.97 -30.54 30.07
C GLU G 202 63.56 -30.07 29.69
N GLU G 203 62.55 -30.89 29.98
CA GLU G 203 61.18 -30.62 29.54
C GLU G 203 60.29 -30.14 30.68
N GLU G 204 60.24 -30.86 31.79
CA GLU G 204 59.16 -30.71 32.75
C GLU G 204 59.51 -29.86 33.96
N ILE G 205 60.62 -30.16 34.65
CA ILE G 205 60.89 -29.62 35.97
C ILE G 205 62.08 -28.66 35.95
N LEU G 206 63.19 -29.05 35.33
CA LEU G 206 64.36 -28.17 35.30
C LEU G 206 64.29 -27.18 34.15
N LYS G 207 63.60 -27.54 33.06
CA LYS G 207 63.33 -26.67 31.93
C LYS G 207 64.60 -26.20 31.21
N THR G 208 65.72 -26.88 31.40
CA THR G 208 66.95 -26.49 30.73
C THR G 208 67.85 -27.72 30.60
N HIS G 209 68.56 -27.82 29.46
CA HIS G 209 69.40 -28.99 29.23
C HIS G 209 70.71 -28.93 30.00
N ILE G 210 71.29 -27.75 30.19
CA ILE G 210 72.55 -27.64 30.90
C ILE G 210 72.35 -28.07 32.36
N ALA G 211 73.32 -28.82 32.88
CA ALA G 211 73.23 -29.32 34.25
C ALA G 211 74.55 -29.20 34.99
N HIS G 212 75.35 -28.20 34.66
CA HIS G 212 76.57 -27.92 35.40
C HIS G 212 76.58 -26.46 35.81
N TRP G 213 76.96 -26.20 37.05
CA TRP G 213 77.05 -24.86 37.60
C TRP G 213 78.48 -24.62 38.08
N TRP G 214 79.14 -23.63 37.50
CA TRP G 214 80.49 -23.27 37.89
C TRP G 214 80.50 -22.53 39.23
N SER G 215 81.54 -22.77 40.02
CA SER G 215 81.72 -22.02 41.24
C SER G 215 82.09 -20.57 40.93
N PRO G 216 81.74 -19.63 41.81
CA PRO G 216 82.10 -18.23 41.56
C PRO G 216 83.59 -18.01 41.38
N ASP G 217 84.44 -18.76 42.09
CA ASP G 217 85.87 -18.71 41.86
C ASP G 217 86.32 -19.61 40.72
N GLY G 218 85.41 -20.36 40.11
CA GLY G 218 85.77 -21.29 39.05
C GLY G 218 86.67 -22.40 39.52
N THR G 219 86.46 -22.89 40.74
CA THR G 219 87.28 -23.94 41.33
C THR G 219 86.58 -25.30 41.36
N ARG G 220 85.25 -25.32 41.46
CA ARG G 220 84.51 -26.58 41.50
C ARG G 220 83.25 -26.46 40.67
N LEU G 221 82.75 -27.60 40.22
CA LEU G 221 81.56 -27.70 39.40
C LEU G 221 80.50 -28.51 40.12
N ALA G 222 79.27 -27.99 40.13
CA ALA G 222 78.13 -28.70 40.69
C ALA G 222 77.30 -29.31 39.56
N TYR G 223 77.18 -30.63 39.54
CA TYR G 223 76.49 -31.32 38.47
C TYR G 223 75.61 -32.43 39.05
N ALA G 224 74.54 -32.75 38.33
CA ALA G 224 73.57 -33.74 38.76
C ALA G 224 73.78 -35.05 38.02
N ALA G 225 73.90 -36.14 38.78
CA ALA G 225 73.94 -37.48 38.21
C ALA G 225 72.52 -38.04 38.21
N ILE G 226 71.99 -38.28 37.02
CA ILE G 226 70.64 -38.79 36.83
C ILE G 226 70.75 -40.23 36.36
N ASN G 227 70.22 -41.16 37.14
CA ASN G 227 70.22 -42.58 36.83
C ASN G 227 68.86 -42.97 36.26
N ASP G 228 68.89 -43.51 35.03
CA ASP G 228 67.69 -43.94 34.32
C ASP G 228 67.55 -45.45 34.28
N SER G 229 68.42 -46.20 34.97
CA SER G 229 68.29 -47.64 35.02
C SER G 229 67.00 -48.08 35.69
N ARG G 230 66.37 -47.17 36.44
CA ARG G 230 65.09 -47.43 37.11
C ARG G 230 63.96 -46.65 36.43
N VAL G 231 64.00 -46.56 35.10
CA VAL G 231 62.99 -45.83 34.34
C VAL G 231 62.45 -46.73 33.23
N PRO G 232 61.13 -46.82 33.06
CA PRO G 232 60.59 -47.53 31.91
C PRO G 232 60.91 -46.81 30.62
N ILE G 233 60.92 -47.58 29.53
CA ILE G 233 61.45 -47.08 28.26
C ILE G 233 60.36 -47.14 27.20
N MET G 234 60.45 -46.22 26.24
CA MET G 234 59.56 -46.16 25.09
C MET G 234 60.36 -46.35 23.81
N GLU G 235 59.86 -47.20 22.92
CA GLU G 235 60.48 -47.49 21.63
C GLU G 235 59.72 -46.71 20.56
N LEU G 236 60.19 -45.51 20.27
CA LEU G 236 59.55 -44.68 19.25
C LEU G 236 59.63 -45.38 17.89
N PRO G 237 58.52 -45.49 17.18
CA PRO G 237 58.53 -46.16 15.87
C PRO G 237 59.13 -45.30 14.78
N THR G 238 60.12 -45.86 14.10
CA THR G 238 60.80 -45.19 12.99
C THR G 238 60.32 -45.79 11.68
N TYR G 239 60.02 -44.92 10.72
CA TYR G 239 59.41 -45.34 9.46
C TYR G 239 60.25 -44.98 8.23
N THR G 240 61.36 -44.27 8.40
CA THR G 240 62.08 -43.70 7.27
C THR G 240 63.58 -43.99 7.30
N GLY G 241 64.11 -44.49 8.42
CA GLY G 241 65.56 -44.59 8.56
C GLY G 241 66.21 -45.41 7.47
N SER G 242 65.62 -46.53 7.10
CA SER G 242 66.18 -47.39 6.07
C SER G 242 65.07 -48.25 5.48
N ILE G 243 65.45 -49.17 4.59
CA ILE G 243 64.50 -50.18 4.12
C ILE G 243 63.99 -51.02 5.27
N TYR G 244 64.77 -51.12 6.35
CA TYR G 244 64.40 -51.82 7.56
C TYR G 244 64.53 -50.86 8.74
N PRO G 245 63.57 -49.95 8.91
CA PRO G 245 63.64 -49.01 10.04
C PRO G 245 63.28 -49.68 11.36
N THR G 246 64.08 -49.42 12.38
CA THR G 246 63.89 -49.99 13.70
C THR G 246 63.58 -48.89 14.71
N VAL G 247 62.85 -49.26 15.76
CA VAL G 247 62.44 -48.29 16.77
C VAL G 247 63.66 -47.70 17.48
N LYS G 248 63.46 -46.52 18.06
CA LYS G 248 64.49 -45.85 18.83
C LYS G 248 64.10 -45.82 20.29
N PRO G 249 64.91 -46.38 21.19
CA PRO G 249 64.52 -46.45 22.61
C PRO G 249 64.99 -45.25 23.40
N TYR G 250 64.11 -44.74 24.25
CA TYR G 250 64.48 -43.67 25.18
C TYR G 250 63.61 -43.79 26.43
N HIS G 251 64.22 -43.53 27.58
CA HIS G 251 63.55 -43.75 28.87
C HIS G 251 62.55 -42.63 29.12
N TYR G 252 61.26 -42.96 29.01
CA TYR G 252 60.18 -41.99 29.24
C TYR G 252 59.36 -42.45 30.44
N PRO G 253 59.56 -41.86 31.61
CA PRO G 253 58.77 -42.27 32.79
C PRO G 253 57.34 -41.74 32.72
N LYS G 254 56.38 -42.64 32.52
CA LYS G 254 54.98 -42.25 32.43
C LYS G 254 54.43 -41.96 33.84
N ALA G 255 53.13 -41.69 33.91
CA ALA G 255 52.49 -41.44 35.19
C ALA G 255 52.43 -42.73 35.99
N GLY G 256 52.85 -42.64 37.27
CA GLY G 256 52.89 -43.80 38.13
C GLY G 256 54.09 -44.71 37.93
N SER G 257 54.99 -44.37 37.02
CA SER G 257 56.18 -45.17 36.79
C SER G 257 57.28 -44.81 37.78
N GLU G 258 58.46 -45.37 37.57
CA GLU G 258 59.62 -45.10 38.43
C GLU G 258 60.46 -44.00 37.78
N ASN G 259 60.52 -42.85 38.44
CA ASN G 259 61.27 -41.72 37.92
C ASN G 259 62.77 -41.96 38.05
N PRO G 260 63.58 -41.29 37.23
CA PRO G 260 65.04 -41.41 37.37
C PRO G 260 65.50 -40.88 38.72
N SER G 261 66.55 -41.49 39.25
CA SER G 261 67.08 -41.11 40.56
C SER G 261 68.17 -40.07 40.38
N ILE G 262 68.01 -38.93 41.05
CA ILE G 262 68.93 -37.79 40.90
C ILE G 262 69.78 -37.68 42.16
N SER G 263 71.08 -37.50 41.96
CA SER G 263 72.00 -37.14 43.03
C SER G 263 72.79 -35.92 42.59
N LEU G 264 73.33 -35.20 43.56
CA LEU G 264 74.13 -34.00 43.28
C LEU G 264 75.59 -34.26 43.66
N HIS G 265 76.49 -33.74 42.85
CA HIS G 265 77.92 -33.92 43.08
C HIS G 265 78.64 -32.62 42.79
N VAL G 266 79.80 -32.45 43.41
CA VAL G 266 80.68 -31.32 43.15
C VAL G 266 82.09 -31.85 42.92
N ILE G 267 82.68 -31.50 41.78
CA ILE G 267 84.00 -31.95 41.39
C ILE G 267 84.94 -30.76 41.38
N GLY G 268 86.09 -30.90 42.05
CA GLY G 268 87.10 -29.87 42.01
C GLY G 268 87.75 -29.76 40.65
N LEU G 269 88.18 -28.54 40.32
CA LEU G 269 88.87 -28.28 39.06
C LEU G 269 90.37 -28.24 39.21
N ASN G 270 90.90 -28.48 40.41
CA ASN G 270 92.33 -28.49 40.65
C ASN G 270 92.65 -29.58 41.66
N GLY G 271 93.89 -30.06 41.61
CA GLY G 271 94.33 -31.10 42.53
C GLY G 271 93.88 -32.49 42.14
N THR G 273 90.75 -32.91 42.63
CA THR G 273 89.57 -32.97 41.75
C THR G 273 88.64 -34.09 42.18
N HIS G 274 88.85 -34.59 43.41
CA HIS G 274 88.00 -35.65 43.91
C HIS G 274 86.58 -35.14 44.12
N ASP G 275 85.61 -35.95 43.74
CA ASP G 275 84.19 -35.58 43.84
C ASP G 275 83.71 -35.65 45.29
N LEU G 276 82.75 -34.80 45.61
CA LEU G 276 82.09 -34.83 46.91
C LEU G 276 80.59 -34.62 46.70
N GLU G 277 79.79 -35.48 47.34
CA GLU G 277 78.35 -35.55 47.14
C GLU G 277 77.57 -35.17 48.40
N MET G 278 76.38 -34.62 48.21
CA MET G 278 75.57 -34.04 49.27
C MET G 278 74.44 -34.98 49.68
N MET G 279 74.13 -34.99 50.97
CA MET G 279 72.90 -35.60 51.47
C MET G 279 71.71 -34.67 51.27
N PRO G 280 70.67 -35.08 50.56
CA PRO G 280 69.39 -34.37 50.62
C PRO G 280 68.72 -34.61 51.96
N PRO G 281 67.70 -33.82 52.30
CA PRO G 281 66.93 -34.11 53.52
C PRO G 281 66.19 -35.44 53.40
N ASP G 282 65.63 -35.88 54.52
CA ASP G 282 65.00 -37.20 54.61
C ASP G 282 63.64 -37.11 55.29
N ASP G 283 62.82 -36.15 54.87
CA ASP G 283 61.46 -36.09 55.38
C ASP G 283 60.68 -37.33 54.96
N PRO G 284 59.73 -37.78 55.79
CA PRO G 284 59.01 -39.02 55.47
C PRO G 284 58.21 -38.94 54.18
N ARG G 285 57.73 -37.76 53.80
CA ARG G 285 56.87 -37.62 52.63
C ARG G 285 57.64 -37.21 51.37
N MET G 286 58.97 -37.35 51.37
CA MET G 286 59.77 -37.08 50.18
C MET G 286 60.73 -38.24 49.92
N ARG G 287 60.21 -39.47 49.97
CA ARG G 287 61.04 -40.62 49.68
C ARG G 287 61.53 -40.62 48.24
N GLU G 288 60.77 -39.99 47.33
CA GLU G 288 61.21 -39.74 45.98
C GLU G 288 61.36 -38.23 45.79
N TYR G 289 62.49 -37.81 45.23
CA TYR G 289 62.85 -36.40 45.24
C TYR G 289 63.51 -36.02 43.91
N TYR G 290 63.51 -34.71 43.66
CA TYR G 290 64.18 -34.15 42.49
C TYR G 290 64.84 -32.83 42.89
N ILE G 291 65.89 -32.47 42.15
CA ILE G 291 66.57 -31.20 42.34
C ILE G 291 65.94 -30.19 41.39
N THR G 292 65.11 -29.30 41.94
CA THR G 292 64.39 -28.34 41.11
C THR G 292 65.09 -26.98 41.02
N MET G 293 66.13 -26.75 41.81
CA MET G 293 66.91 -25.52 41.70
C MET G 293 68.25 -25.75 42.39
N VAL G 294 69.31 -25.19 41.80
CA VAL G 294 70.63 -25.27 42.38
C VAL G 294 71.45 -24.08 41.90
N LYS G 295 72.15 -23.45 42.84
CA LYS G 295 73.02 -22.31 42.51
C LYS G 295 74.03 -22.14 43.63
N TRP G 296 75.28 -21.84 43.25
CA TRP G 296 76.35 -21.59 44.20
C TRP G 296 76.03 -20.38 45.06
N ALA G 297 75.75 -20.61 46.35
CA ALA G 297 75.59 -19.47 47.27
C ALA G 297 76.88 -18.67 47.38
N THR G 298 78.00 -19.36 47.52
CA THR G 298 79.33 -18.74 47.54
C THR G 298 80.24 -19.59 46.67
N SER G 299 81.54 -19.33 46.76
CA SER G 299 82.52 -20.15 46.06
C SER G 299 82.69 -21.53 46.68
N THR G 300 82.08 -21.77 47.84
CA THR G 300 82.23 -23.04 48.54
C THR G 300 80.87 -23.59 48.96
N LYS G 301 79.88 -22.71 49.07
CA LYS G 301 78.54 -23.08 49.48
C LYS G 301 77.57 -22.97 48.31
N VAL G 302 76.62 -23.89 48.24
CA VAL G 302 75.67 -23.98 47.14
C VAL G 302 74.26 -24.17 47.69
N ALA G 303 73.29 -23.50 47.09
CA ALA G 303 71.89 -23.62 47.47
C ALA G 303 71.19 -24.61 46.55
N VAL G 304 70.56 -25.61 47.15
CA VAL G 304 69.91 -26.70 46.42
C VAL G 304 68.47 -26.84 46.88
N THR G 305 67.57 -27.09 45.94
CA THR G 305 66.15 -27.25 46.23
C THR G 305 65.73 -28.68 45.95
N TRP G 306 65.37 -29.41 47.00
CA TRP G 306 64.94 -30.80 46.91
C TRP G 306 63.43 -30.83 47.06
N LEU G 307 62.74 -31.36 46.06
CA LEU G 307 61.28 -31.38 46.06
C LEU G 307 60.78 -32.81 45.94
N ASN G 308 59.75 -33.15 46.72
CA ASN G 308 59.21 -34.50 46.72
C ASN G 308 58.54 -34.83 45.40
N ARG G 309 58.35 -36.13 45.16
CA ARG G 309 57.65 -36.57 43.96
C ARG G 309 56.19 -36.12 43.99
N ALA G 310 55.61 -35.98 45.18
CA ALA G 310 54.28 -35.36 45.29
C ALA G 310 54.31 -33.90 44.87
N GLN G 311 55.49 -33.30 44.77
CA GLN G 311 55.67 -31.94 44.24
C GLN G 311 54.93 -30.91 45.08
N ASN G 312 54.73 -31.23 46.36
CA ASN G 312 54.08 -30.32 47.30
C ASN G 312 54.91 -30.09 48.56
N VAL G 313 56.11 -30.66 48.65
CA VAL G 313 57.00 -30.45 49.80
C VAL G 313 58.40 -30.20 49.25
N SER G 314 58.90 -28.98 49.44
CA SER G 314 60.19 -28.58 48.92
C SER G 314 61.06 -28.04 50.05
N ILE G 315 62.36 -28.27 49.95
CA ILE G 315 63.32 -27.79 50.95
C ILE G 315 64.48 -27.11 50.24
N LEU G 316 64.78 -25.88 50.67
CA LEU G 316 65.95 -25.14 50.24
C LEU G 316 67.05 -25.33 51.28
N THR G 317 68.20 -25.82 50.84
CA THR G 317 69.29 -26.23 51.71
C THR G 317 70.61 -25.64 51.22
N LEU G 318 71.42 -25.15 52.15
CA LEU G 318 72.76 -24.67 51.85
C LEU G 318 73.76 -25.76 52.20
N CYS G 319 74.58 -26.16 51.23
CA CYS G 319 75.48 -27.28 51.39
C CYS G 319 76.91 -26.86 51.02
N ASP G 320 77.87 -27.48 51.70
CA ASP G 320 79.28 -27.24 51.41
C ASP G 320 79.70 -28.06 50.20
N ALA G 321 80.29 -27.39 49.21
CA ALA G 321 80.70 -28.10 47.99
C ALA G 321 81.98 -28.90 48.23
N THR G 322 82.89 -28.38 49.04
CA THR G 322 84.16 -29.05 49.31
C THR G 322 84.07 -30.08 50.42
N THR G 323 82.90 -30.24 51.04
CA THR G 323 82.74 -31.20 52.13
C THR G 323 81.55 -32.12 51.87
N GLY G 324 80.50 -31.59 51.27
CA GLY G 324 79.28 -32.34 51.03
C GLY G 324 78.25 -32.26 52.14
N VAL G 325 78.56 -31.58 53.24
CA VAL G 325 77.61 -31.44 54.34
C VAL G 325 76.56 -30.40 53.97
N CYS G 326 75.30 -30.70 54.25
CA CYS G 326 74.18 -29.82 53.92
C CYS G 326 73.62 -29.20 55.18
N THR G 327 73.12 -27.97 55.06
CA THR G 327 72.52 -27.25 56.19
C THR G 327 71.14 -26.78 55.77
N LYS G 328 70.10 -27.40 56.32
CA LYS G 328 68.73 -27.06 55.96
C LYS G 328 68.43 -25.60 56.31
N LYS G 329 67.79 -24.91 55.37
CA LYS G 329 67.47 -23.50 55.54
C LYS G 329 65.97 -23.22 55.55
N HIS G 330 65.24 -23.70 54.54
CA HIS G 330 63.82 -23.34 54.44
C HIS G 330 63.03 -24.54 53.91
N GLU G 331 61.74 -24.54 54.22
CA GLU G 331 60.82 -25.55 53.69
C GLU G 331 59.53 -24.87 53.25
N ASP G 332 58.86 -25.50 52.28
CA ASP G 332 57.64 -24.95 51.71
C ASP G 332 56.70 -26.09 51.35
N GLU G 333 55.45 -26.00 51.82
CA GLU G 333 54.47 -27.05 51.60
C GLU G 333 53.13 -26.44 51.22
N SER G 334 52.38 -27.17 50.39
CA SER G 334 51.04 -26.80 49.99
C SER G 334 50.21 -28.05 49.80
N GLU G 335 48.88 -27.91 49.86
CA GLU G 335 48.02 -29.07 49.76
C GLU G 335 47.95 -29.62 48.34
N ALA G 336 48.06 -28.76 47.33
CA ALA G 336 47.99 -29.21 45.94
C ALA G 336 49.38 -29.45 45.37
N TRP G 337 50.19 -28.40 45.28
CA TRP G 337 51.56 -28.50 44.79
C TRP G 337 52.22 -27.14 45.04
N LEU G 338 53.48 -27.03 44.65
CA LEU G 338 54.25 -25.80 44.76
C LEU G 338 54.51 -25.21 43.38
N HIS G 339 54.71 -23.90 43.34
CA HIS G 339 54.85 -23.15 42.09
C HIS G 339 56.21 -22.47 42.02
N ARG G 340 56.81 -22.52 40.83
CA ARG G 340 58.11 -21.90 40.57
C ARG G 340 59.20 -22.47 41.48
N GLN G 341 59.45 -23.76 41.31
CA GLN G 341 60.50 -24.44 42.07
C GLN G 341 61.89 -24.15 41.54
N ASN G 342 62.01 -23.48 40.39
CA ASN G 342 63.30 -23.16 39.80
C ASN G 342 63.88 -21.83 40.26
N GLU G 343 63.23 -21.15 41.21
CA GLU G 343 63.66 -19.82 41.61
C GLU G 343 65.05 -19.87 42.26
N GLU G 344 66.05 -19.36 41.53
CA GLU G 344 67.40 -19.32 42.06
C GLU G 344 67.49 -18.28 43.17
N PRO G 345 68.33 -18.50 44.18
CA PRO G 345 68.41 -17.55 45.29
C PRO G 345 69.20 -16.31 44.90
N VAL G 346 68.88 -15.21 45.59
CA VAL G 346 69.59 -13.97 45.39
C VAL G 346 70.44 -13.69 46.63
N PHE G 347 71.69 -14.15 46.60
CA PHE G 347 72.56 -14.03 47.75
C PHE G 347 73.29 -12.70 47.71
N SER G 348 74.28 -12.53 48.59
CA SER G 348 75.08 -11.32 48.69
C SER G 348 76.55 -11.68 48.50
N LYS G 349 77.40 -10.66 48.59
CA LYS G 349 78.84 -10.88 48.42
C LYS G 349 79.43 -11.65 49.60
N ASP G 350 78.86 -11.49 50.78
CA ASP G 350 79.33 -12.18 51.98
C ASP G 350 78.49 -13.41 52.31
N GLY G 351 77.56 -13.78 51.45
CA GLY G 351 76.67 -14.89 51.75
C GLY G 351 75.74 -14.64 52.91
N ARG G 352 75.28 -13.40 53.07
CA ARG G 352 74.34 -13.07 54.13
C ARG G 352 72.92 -13.43 53.72
N LYS G 353 71.94 -12.89 54.43
CA LYS G 353 70.52 -13.01 54.08
C LYS G 353 70.31 -12.98 52.57
N PHE G 354 69.55 -13.95 52.07
CA PHE G 354 69.25 -14.06 50.65
C PHE G 354 67.78 -13.75 50.40
N PHE G 355 67.45 -13.61 49.13
CA PHE G 355 66.11 -13.25 48.69
C PHE G 355 65.40 -14.45 48.10
N PHE G 356 64.12 -14.59 48.42
CA PHE G 356 63.30 -15.70 47.98
C PHE G 356 61.98 -15.14 47.48
N ILE G 357 61.24 -15.94 46.72
CA ILE G 357 59.92 -15.55 46.24
C ILE G 357 58.91 -16.51 46.86
N ARG G 358 58.13 -16.01 47.81
CA ARG G 358 57.15 -16.82 48.53
C ARG G 358 55.74 -16.37 48.19
N ALA G 359 54.84 -17.34 48.09
CA ALA G 359 53.41 -17.06 47.91
C ALA G 359 52.81 -16.80 49.29
N ILE G 360 53.07 -15.59 49.79
CA ILE G 360 52.61 -15.19 51.11
C ILE G 360 51.10 -15.02 51.07
N PRO G 361 50.37 -15.30 52.17
CA PRO G 361 48.90 -15.32 52.08
C PRO G 361 48.29 -14.03 51.55
N GLN G 362 48.89 -12.88 51.87
CA GLN G 362 48.52 -11.59 51.29
C GLN G 362 47.05 -11.24 51.50
N GLY G 363 46.39 -11.89 52.47
CA GLY G 363 44.99 -11.64 52.74
C GLY G 363 44.07 -12.00 51.58
N GLY G 364 43.48 -10.99 50.95
CA GLY G 364 42.53 -11.22 49.89
C GLY G 364 43.18 -11.68 48.59
N ARG G 365 42.33 -12.21 47.70
CA ARG G 365 42.74 -12.70 46.39
C ARG G 365 43.78 -13.80 46.49
N GLY G 366 43.76 -14.56 47.59
CA GLY G 366 44.69 -15.65 47.77
C GLY G 366 46.11 -15.15 47.99
N LYS G 367 47.02 -16.12 48.11
CA LYS G 367 48.44 -15.80 48.31
C LYS G 367 49.03 -15.22 47.03
N PHE G 368 50.07 -14.41 47.20
CA PHE G 368 50.73 -13.71 46.11
C PHE G 368 52.23 -13.89 46.21
N TYR G 369 52.91 -13.80 45.06
CA TYR G 369 54.34 -14.02 44.96
C TYR G 369 55.07 -12.73 45.34
N HIS G 370 55.72 -12.73 46.50
CA HIS G 370 56.41 -11.55 46.98
C HIS G 370 57.79 -11.94 47.48
N ILE G 371 58.70 -10.97 47.47
CA ILE G 371 60.08 -11.21 47.87
C ILE G 371 60.17 -11.31 49.38
N THR G 372 61.07 -12.16 49.85
CA THR G 372 61.23 -12.47 51.26
C THR G 372 62.72 -12.53 51.58
N VAL G 373 63.09 -12.02 52.76
CA VAL G 373 64.46 -12.01 53.23
C VAL G 373 64.65 -13.17 54.20
N SER G 374 65.66 -14.00 53.95
CA SER G 374 66.03 -15.07 54.87
C SER G 374 67.44 -14.80 55.37
N SER G 375 67.60 -14.71 56.69
CA SER G 375 68.88 -14.32 57.27
C SER G 375 69.98 -15.33 56.91
N SER G 376 71.22 -14.90 57.12
CA SER G 376 72.37 -15.71 56.72
C SER G 376 72.36 -17.07 57.40
N GLN G 377 72.25 -17.09 58.73
CA GLN G 377 72.17 -18.31 59.51
C GLN G 377 70.99 -18.20 60.45
N PRO G 378 69.78 -18.47 59.96
CA PRO G 378 68.59 -18.34 60.80
C PRO G 378 68.62 -19.34 61.95
N ASN G 379 67.98 -18.95 63.05
CA ASN G 379 67.94 -19.80 64.24
C ASN G 379 67.17 -21.09 63.96
N SER G 380 67.49 -22.12 64.75
CA SER G 380 66.86 -23.42 64.54
C SER G 380 65.37 -23.36 64.80
N SER G 381 64.95 -22.60 65.82
CA SER G 381 63.53 -22.52 66.15
C SER G 381 62.73 -21.91 65.00
N ASN G 382 63.15 -20.74 64.54
CA ASN G 382 62.47 -20.03 63.46
C ASN G 382 63.49 -19.23 62.66
N ASP G 383 63.11 -18.91 61.43
CA ASP G 383 63.96 -18.14 60.54
C ASP G 383 63.68 -16.65 60.73
N ASN G 384 64.19 -15.83 59.81
CA ASN G 384 63.94 -14.40 59.79
C ASN G 384 63.07 -14.02 58.59
N ILE G 385 62.04 -14.83 58.34
CA ILE G 385 61.17 -14.61 57.19
C ILE G 385 60.50 -13.25 57.29
N GLN G 386 60.54 -12.50 56.19
CA GLN G 386 59.99 -11.15 56.15
C GLN G 386 59.77 -10.76 54.70
N SER G 387 58.53 -10.43 54.34
CA SER G 387 58.22 -10.05 52.98
C SER G 387 58.58 -8.59 52.73
N ILE G 388 59.18 -8.33 51.57
CA ILE G 388 59.55 -6.98 51.18
C ILE G 388 58.41 -6.33 50.42
N THR G 389 58.07 -6.91 49.28
CA THR G 389 57.00 -6.37 48.45
C THR G 389 55.64 -6.82 48.97
N SER G 390 54.63 -6.01 48.71
CA SER G 390 53.28 -6.28 49.20
C SER G 390 52.27 -5.72 48.21
N GLY G 391 51.04 -6.23 48.31
CA GLY G 391 49.96 -5.81 47.44
C GLY G 391 49.48 -6.95 46.55
N ASP G 392 48.32 -6.69 45.93
CA ASP G 392 47.68 -7.68 45.06
C ASP G 392 48.40 -7.70 43.70
N TRP G 393 49.62 -8.20 43.73
CA TRP G 393 50.45 -8.32 42.54
C TRP G 393 51.57 -9.31 42.82
N ASP G 394 52.27 -9.69 41.76
CA ASP G 394 53.28 -10.74 41.83
C ASP G 394 54.56 -10.29 41.14
N VAL G 395 55.69 -10.76 41.68
CA VAL G 395 57.00 -10.54 41.08
C VAL G 395 57.32 -11.74 40.21
N THR G 396 57.54 -11.50 38.91
CA THR G 396 57.87 -12.59 38.00
C THR G 396 59.20 -13.24 38.40
N LYS G 397 60.24 -12.44 38.58
CA LYS G 397 61.54 -12.92 39.04
C LYS G 397 62.38 -11.71 39.42
N ILE G 398 63.38 -11.95 40.26
CA ILE G 398 64.23 -10.88 40.77
C ILE G 398 65.37 -10.63 39.80
N LEU G 399 65.50 -9.39 39.34
CA LEU G 399 66.60 -9.05 38.43
C LEU G 399 67.93 -9.12 39.14
N ALA G 400 68.11 -8.32 40.19
CA ALA G 400 69.40 -8.26 40.87
C ALA G 400 69.23 -7.61 42.24
N TYR G 401 70.31 -7.66 43.02
CA TYR G 401 70.35 -7.05 44.35
C TYR G 401 71.64 -6.26 44.52
N ASP G 402 71.52 -5.08 45.12
CA ASP G 402 72.65 -4.18 45.34
C ASP G 402 73.14 -4.35 46.77
N GLU G 403 74.32 -4.94 46.93
CA GLU G 403 74.94 -5.06 48.25
C GLU G 403 75.52 -3.74 48.73
N LYS G 404 75.74 -2.78 47.84
CA LYS G 404 76.24 -1.45 48.22
C LYS G 404 75.08 -0.51 48.50
N GLY G 405 74.29 -0.88 49.51
CA GLY G 405 73.12 -0.10 49.87
C GLY G 405 71.85 -0.92 49.89
N ASN G 406 70.82 -0.47 49.18
CA ASN G 406 69.54 -1.18 49.14
C ASN G 406 68.85 -0.89 47.80
N LYS G 407 68.98 -1.83 46.86
CA LYS G 407 68.31 -1.70 45.57
C LYS G 407 68.14 -3.11 45.01
N ILE G 408 66.93 -3.66 45.14
CA ILE G 408 66.59 -4.96 44.57
C ILE G 408 65.69 -4.70 43.36
N TYR G 409 66.16 -5.10 42.18
CA TYR G 409 65.44 -4.89 40.94
C TYR G 409 64.77 -6.17 40.50
N PHE G 410 63.56 -6.05 39.99
CA PHE G 410 62.77 -7.19 39.57
C PHE G 410 61.70 -6.72 38.58
N LEU G 411 61.15 -7.67 37.85
CA LEU G 411 59.99 -7.42 36.99
C LEU G 411 58.73 -7.92 37.67
N SER G 412 57.63 -7.20 37.48
CA SER G 412 56.40 -7.55 38.17
C SER G 412 55.19 -7.14 37.34
N THR G 413 54.05 -7.73 37.70
CA THR G 413 52.76 -7.43 37.09
C THR G 413 51.93 -6.49 37.96
N GLU G 414 52.59 -5.55 38.64
CA GLU G 414 51.86 -4.63 39.50
C GLU G 414 50.89 -3.77 38.71
N ASP G 415 51.31 -3.27 37.55
CA ASP G 415 50.42 -2.49 36.70
C ASP G 415 49.24 -3.35 36.22
N LEU G 416 49.54 -4.40 35.47
CA LEU G 416 48.54 -5.33 34.98
C LEU G 416 49.16 -6.72 34.91
N PRO G 417 48.35 -7.77 35.02
CA PRO G 417 48.91 -9.13 34.88
C PRO G 417 49.57 -9.37 33.53
N ARG G 418 49.07 -8.73 32.48
CA ARG G 418 49.62 -8.86 31.14
C ARG G 418 50.71 -7.85 30.83
N ARG G 419 51.10 -7.03 31.81
CA ARG G 419 52.17 -6.06 31.64
C ARG G 419 53.27 -6.34 32.64
N ARG G 420 54.51 -6.10 32.22
CA ARG G 420 55.69 -6.32 33.06
C ARG G 420 56.40 -4.99 33.24
N GLN G 421 56.54 -4.56 34.49
CA GLN G 421 57.21 -3.31 34.82
C GLN G 421 58.34 -3.57 35.81
N LEU G 422 59.37 -2.74 35.73
CA LEU G 422 60.55 -2.87 36.58
C LEU G 422 60.32 -2.12 37.88
N TYR G 423 60.51 -2.83 39.00
CA TYR G 423 60.40 -2.24 40.33
C TYR G 423 61.64 -2.58 41.14
N SER G 424 62.12 -1.59 41.91
CA SER G 424 63.29 -1.74 42.76
C SER G 424 62.92 -1.35 44.18
N ALA G 425 63.06 -2.29 45.10
CA ALA G 425 62.75 -2.08 46.51
C ALA G 425 64.04 -2.00 47.33
N ASN G 426 63.89 -1.79 48.62
CA ASN G 426 65.01 -1.68 49.54
C ASN G 426 64.93 -2.77 50.60
N THR G 427 66.09 -3.33 50.94
CA THR G 427 66.15 -4.40 51.95
C THR G 427 65.83 -3.90 53.35
N VAL G 428 66.08 -2.62 53.64
CA VAL G 428 65.80 -2.06 54.95
C VAL G 428 64.29 -1.93 55.10
N GLY G 429 63.81 -1.71 56.33
CA GLY G 429 62.40 -1.85 56.65
C GLY G 429 61.47 -0.90 55.92
N ASN G 430 62.01 0.16 55.30
CA ASN G 430 61.13 1.10 54.59
C ASN G 430 60.44 0.43 53.41
N PHE G 431 61.17 -0.40 52.66
CA PHE G 431 60.65 -1.11 51.50
C PHE G 431 60.08 -0.13 50.46
N ASN G 432 60.97 0.72 49.97
CA ASN G 432 60.61 1.72 48.95
C ASN G 432 60.77 1.08 47.57
N ARG G 433 59.68 0.57 47.04
CA ARG G 433 59.68 -0.08 45.72
C ARG G 433 59.39 0.99 44.67
N GLN G 434 60.38 1.26 43.81
CA GLN G 434 60.31 2.33 42.84
C GLN G 434 60.25 1.74 41.43
N CYS G 435 59.34 2.27 40.61
CA CYS G 435 59.30 1.93 39.19
C CYS G 435 60.31 2.81 38.46
N LEU G 436 61.27 2.18 37.79
CA LEU G 436 62.32 2.90 37.09
C LEU G 436 62.05 3.07 35.61
N SER G 437 61.60 2.02 34.93
CA SER G 437 61.29 2.13 33.52
C SER G 437 59.92 2.75 33.31
N CYS G 438 58.89 2.15 33.91
CA CYS G 438 57.51 2.63 33.79
C CYS G 438 57.09 2.75 32.34
N ASP G 439 57.20 3.96 31.78
CA ASP G 439 56.80 4.27 30.41
C ASP G 439 57.89 5.04 29.70
N LEU G 440 59.12 4.53 29.75
CA LEU G 440 60.23 5.16 29.07
C LEU G 440 59.93 5.34 27.58
N VAL G 441 59.39 4.32 26.94
CA VAL G 441 58.92 4.40 25.56
C VAL G 441 57.47 3.94 25.53
N GLU G 442 56.65 4.62 24.73
CA GLU G 442 55.22 4.36 24.74
C GLU G 442 54.90 2.92 24.32
N ASN G 443 55.57 2.44 23.27
CA ASN G 443 55.30 1.09 22.76
C ASN G 443 56.08 0.03 23.54
N CYS G 444 55.96 0.06 24.86
CA CYS G 444 56.65 -0.89 25.73
C CYS G 444 55.80 -1.14 26.96
N THR G 445 55.03 -2.23 26.94
CA THR G 445 54.35 -2.73 28.14
C THR G 445 55.08 -3.92 28.76
N TYR G 446 55.64 -4.80 27.93
CA TYR G 446 56.54 -5.83 28.43
C TYR G 446 57.91 -5.20 28.65
N PHE G 447 58.65 -5.69 29.64
CA PHE G 447 59.97 -5.18 29.93
C PHE G 447 60.88 -6.32 30.37
N SER G 448 62.18 -6.15 30.14
CA SER G 448 63.17 -7.12 30.59
C SER G 448 64.50 -6.37 30.73
N ALA G 449 64.97 -6.21 31.96
CA ALA G 449 66.17 -5.44 32.24
C ALA G 449 67.27 -6.36 32.77
N SER G 450 68.43 -6.31 32.13
CA SER G 450 69.61 -7.04 32.57
C SER G 450 70.63 -6.04 33.09
N PHE G 451 70.93 -6.11 34.38
CA PHE G 451 71.75 -5.10 35.04
C PHE G 451 73.23 -5.51 35.03
N SER G 452 74.09 -4.50 35.13
CA SER G 452 75.53 -4.68 35.02
C SER G 452 76.10 -5.20 36.34
N HIS G 453 77.42 -5.42 36.35
CA HIS G 453 78.09 -5.96 37.53
C HIS G 453 78.03 -4.99 38.70
N SER G 454 78.28 -3.70 38.44
CA SER G 454 78.08 -2.68 39.46
C SER G 454 76.69 -2.07 39.39
N MET G 455 75.85 -2.53 38.46
CA MET G 455 74.42 -2.30 38.46
C MET G 455 74.05 -0.87 38.08
N ASP G 456 75.05 -0.01 37.92
CA ASP G 456 74.77 1.38 37.56
C ASP G 456 74.20 1.51 36.15
N PHE G 457 74.31 0.46 35.34
CA PHE G 457 73.78 0.46 33.98
C PHE G 457 73.04 -0.85 33.73
N PHE G 458 72.10 -0.83 32.79
CA PHE G 458 71.35 -2.02 32.46
C PHE G 458 70.88 -1.94 31.01
N LEU G 459 70.45 -3.08 30.50
CA LEU G 459 69.92 -3.21 29.14
C LEU G 459 68.44 -3.54 29.23
N LEU G 460 67.61 -2.74 28.58
CA LEU G 460 66.16 -2.87 28.64
C LEU G 460 65.63 -3.35 27.30
N LYS G 461 64.84 -4.41 27.33
CA LYS G 461 64.20 -4.98 26.15
C LYS G 461 62.69 -4.87 26.32
N CYS G 462 62.02 -4.36 25.28
CA CYS G 462 60.58 -4.09 25.34
C CYS G 462 59.76 -5.30 24.94
N GLU G 463 59.95 -5.80 23.72
CA GLU G 463 59.24 -6.96 23.20
C GLU G 463 57.73 -6.75 23.24
N GLY G 464 57.29 -5.78 22.43
CA GLY G 464 55.88 -5.52 22.27
C GLY G 464 55.35 -4.40 23.15
N PRO G 465 54.06 -4.05 22.99
CA PRO G 465 53.12 -4.69 22.05
C PRO G 465 53.32 -4.22 20.61
N GLY G 466 54.29 -3.34 20.40
CA GLY G 466 54.71 -2.92 19.09
C GLY G 466 55.95 -3.66 18.63
N VAL G 467 56.78 -2.99 17.84
CA VAL G 467 58.05 -3.58 17.44
C VAL G 467 58.92 -3.77 18.68
N PRO G 468 59.58 -4.91 18.86
CA PRO G 468 60.45 -5.09 20.02
C PRO G 468 61.59 -4.08 20.01
N MET G 469 62.03 -3.70 21.20
CA MET G 469 63.02 -2.66 21.37
C MET G 469 64.13 -3.13 22.31
N VAL G 470 65.36 -2.75 21.99
CA VAL G 470 66.52 -3.00 22.85
C VAL G 470 67.25 -1.69 23.04
N THR G 471 67.55 -1.35 24.30
CA THR G 471 68.12 -0.05 24.61
C THR G 471 69.04 -0.19 25.82
N VAL G 472 69.96 0.75 25.96
CA VAL G 472 70.88 0.82 27.09
C VAL G 472 70.46 2.00 27.97
N HIS G 473 70.37 1.76 29.28
CA HIS G 473 69.93 2.78 30.23
C HIS G 473 70.82 2.73 31.45
N ASN G 474 70.76 3.80 32.25
CA ASN G 474 71.43 3.87 33.54
C ASN G 474 70.40 3.83 34.66
N THR G 475 70.67 3.02 35.69
CA THR G 475 69.69 2.84 36.75
C THR G 475 69.44 4.11 37.55
N THR G 476 70.40 5.04 37.58
CA THR G 476 70.23 6.24 38.39
C THR G 476 69.39 7.29 37.67
N ASP G 477 69.85 7.73 36.50
CA ASP G 477 69.15 8.77 35.76
C ASP G 477 67.99 8.23 34.93
N LYS G 478 67.93 6.92 34.70
CA LYS G 478 66.93 6.32 33.81
C LYS G 478 66.94 7.00 32.45
N LYS G 479 68.14 7.26 31.94
CA LYS G 479 68.36 8.06 30.75
C LYS G 479 68.77 7.17 29.58
N LYS G 480 68.16 7.43 28.42
CA LYS G 480 68.52 6.73 27.19
C LYS G 480 69.56 7.57 26.46
N MET G 481 70.84 7.25 26.66
CA MET G 481 71.89 7.95 25.95
C MET G 481 71.93 7.53 24.48
N PHE G 482 71.57 6.29 24.18
CA PHE G 482 71.49 5.80 22.81
C PHE G 482 70.64 4.54 22.82
N ASP G 483 70.28 4.08 21.61
CA ASP G 483 69.48 2.88 21.43
C ASP G 483 70.37 1.73 20.95
N LEU G 484 70.30 0.60 21.65
CA LEU G 484 71.09 -0.55 21.25
C LEU G 484 70.55 -1.18 19.98
N GLU G 485 69.24 -1.35 19.88
CA GLU G 485 68.65 -1.94 18.69
C GLU G 485 67.17 -1.56 18.63
N THR G 486 66.73 -1.03 17.50
CA THR G 486 65.34 -0.66 17.29
C THR G 486 64.57 -1.67 16.46
N ASN G 487 65.23 -2.73 15.98
CA ASN G 487 64.60 -3.72 15.11
C ASN G 487 64.02 -3.07 13.86
N GLU G 488 64.91 -2.43 13.10
CA GLU G 488 64.48 -1.60 11.97
C GLU G 488 63.75 -2.42 10.92
N HIS G 489 64.26 -3.63 10.62
CA HIS G 489 63.59 -4.50 9.67
C HIS G 489 62.18 -4.85 10.14
N VAL G 490 62.01 -5.07 11.44
CA VAL G 490 60.69 -5.36 11.98
C VAL G 490 59.75 -4.19 11.78
N LYS G 491 60.23 -2.96 12.03
CA LYS G 491 59.40 -1.79 11.82
C LYS G 491 59.01 -1.63 10.35
N LYS G 492 59.98 -1.82 9.44
CA LYS G 492 59.68 -1.65 8.03
C LYS G 492 58.75 -2.76 7.52
N ALA G 493 58.80 -3.93 8.14
CA ALA G 493 57.88 -5.00 7.75
C ALA G 493 56.48 -4.74 8.27
N ILE G 494 56.35 -4.31 9.53
CA ILE G 494 55.03 -4.08 10.10
C ILE G 494 54.36 -2.88 9.44
N ASN G 495 55.13 -1.86 9.07
CA ASN G 495 54.54 -0.70 8.39
C ASN G 495 53.97 -1.07 7.03
N ASP G 496 54.65 -1.95 6.31
CA ASP G 496 54.24 -2.33 4.95
C ASP G 496 53.19 -3.42 4.92
N ARG G 497 52.77 -3.93 6.08
CA ARG G 497 51.79 -5.01 6.15
C ARG G 497 50.64 -4.61 7.04
N GLN G 498 49.49 -5.24 6.82
CA GLN G 498 48.28 -4.92 7.56
C GLN G 498 48.39 -5.42 8.99
N MET G 499 48.85 -4.56 9.90
CA MET G 499 48.94 -4.95 11.30
C MET G 499 47.53 -5.16 11.85
N PRO G 500 47.29 -6.22 12.61
CA PRO G 500 45.96 -6.44 13.17
C PRO G 500 45.75 -5.60 14.43
N LYS G 501 44.53 -5.08 14.57
CA LYS G 501 44.21 -4.25 15.73
C LYS G 501 44.03 -5.14 16.95
N VAL G 502 44.85 -4.89 17.98
CA VAL G 502 44.82 -5.65 19.23
C VAL G 502 43.93 -4.92 20.22
N GLU G 503 43.03 -5.66 20.87
CA GLU G 503 42.24 -5.07 21.94
C GLU G 503 41.95 -6.14 22.98
N TYR G 504 41.52 -5.70 24.16
CA TYR G 504 41.32 -6.60 25.28
C TYR G 504 39.92 -6.43 25.85
N ARG G 505 39.32 -7.56 26.24
CA ARG G 505 38.01 -7.58 26.90
C ARG G 505 38.06 -8.67 27.97
N ASP G 506 38.46 -8.27 29.18
CA ASP G 506 38.63 -9.23 30.26
C ASP G 506 37.27 -9.68 30.81
N ILE G 507 37.22 -10.93 31.26
CA ILE G 507 36.00 -11.50 31.81
C ILE G 507 36.20 -11.72 33.30
N GLU G 508 35.09 -11.87 34.02
CA GLU G 508 35.11 -12.15 35.45
C GLU G 508 34.21 -13.34 35.73
N ILE G 509 34.77 -14.36 36.38
CA ILE G 509 34.01 -15.55 36.76
C ILE G 509 34.43 -15.95 38.18
N ASP G 510 33.44 -16.23 39.02
CA ASP G 510 33.67 -16.58 40.43
C ASP G 510 34.49 -15.45 41.06
N ASP G 511 35.64 -15.73 41.67
CA ASP G 511 36.50 -14.69 42.22
C ASP G 511 37.76 -14.46 41.39
N TYR G 512 37.73 -14.85 40.12
CA TYR G 512 38.88 -14.74 39.24
C TYR G 512 38.53 -13.88 38.02
N ASN G 513 39.38 -12.90 37.75
CA ASN G 513 39.29 -12.12 36.51
C ASN G 513 40.28 -12.70 35.50
N LEU G 514 39.76 -13.12 34.36
CA LEU G 514 40.58 -13.74 33.32
C LEU G 514 40.75 -12.76 32.18
N PRO G 515 41.96 -12.30 31.91
CA PRO G 515 42.18 -11.40 30.76
C PRO G 515 41.93 -12.12 29.45
N MET G 516 41.47 -11.35 28.46
CA MET G 516 41.17 -11.88 27.14
C MET G 516 41.62 -10.87 26.10
N GLN G 517 42.19 -11.38 25.01
CA GLN G 517 42.65 -10.56 23.89
C GLN G 517 41.93 -10.99 22.62
N ILE G 518 41.48 -10.00 21.86
CA ILE G 518 40.74 -10.18 20.61
C ILE G 518 41.35 -9.27 19.55
N LEU G 519 41.42 -9.78 18.32
CA LEU G 519 42.10 -9.11 17.23
C LEU G 519 41.13 -8.74 16.13
N LYS G 520 41.53 -7.76 15.33
CA LYS G 520 40.76 -7.30 14.18
C LYS G 520 41.67 -7.18 12.96
N PRO G 521 41.11 -7.34 11.75
CA PRO G 521 41.94 -7.34 10.54
C PRO G 521 42.33 -5.97 10.03
N ALA G 522 42.19 -4.95 10.89
CA ALA G 522 42.43 -3.54 10.57
C ALA G 522 41.46 -3.00 9.53
N THR G 523 40.41 -3.74 9.21
CA THR G 523 39.33 -3.31 8.32
C THR G 523 37.99 -3.64 8.94
N PHE G 524 37.87 -3.45 10.25
CA PHE G 524 36.67 -3.86 10.96
C PHE G 524 35.48 -3.01 10.56
N THR G 525 34.35 -3.67 10.33
CA THR G 525 33.08 -3.01 10.01
C THR G 525 31.97 -3.76 10.75
N ASP G 526 30.73 -3.39 10.45
CA ASP G 526 29.56 -4.08 10.99
C ASP G 526 28.84 -4.93 9.95
N THR G 527 28.78 -4.47 8.70
CA THR G 527 28.12 -5.23 7.65
C THR G 527 28.80 -6.57 7.37
N THR G 528 30.04 -6.74 7.80
CA THR G 528 30.76 -7.99 7.64
C THR G 528 30.63 -8.83 8.90
N HIS G 529 30.47 -10.14 8.72
CA HIS G 529 30.40 -11.08 9.84
C HIS G 529 31.77 -11.67 10.10
N TYR G 530 32.13 -11.78 11.38
CA TYR G 530 33.47 -12.21 11.77
C TYR G 530 33.38 -13.59 12.42
N PRO G 531 33.78 -14.66 11.73
CA PRO G 531 33.70 -15.99 12.34
C PRO G 531 34.70 -16.13 13.48
N LEU G 532 34.19 -16.52 14.65
CA LEU G 532 35.02 -16.66 15.84
C LEU G 532 35.87 -17.92 15.76
N LEU G 533 37.12 -17.80 16.21
CA LEU G 533 38.03 -18.93 16.30
C LEU G 533 38.73 -18.86 17.65
N LEU G 534 38.22 -19.61 18.62
CA LEU G 534 38.86 -19.72 19.92
C LEU G 534 40.24 -20.35 19.77
N VAL G 535 41.20 -19.84 20.54
CA VAL G 535 42.51 -20.46 20.69
C VAL G 535 42.71 -20.75 22.16
N VAL G 536 42.94 -22.01 22.50
CA VAL G 536 43.10 -22.44 23.89
C VAL G 536 44.44 -23.13 24.04
N ASP G 537 45.20 -22.74 25.06
CA ASP G 537 46.41 -23.45 25.45
C ASP G 537 46.25 -24.07 26.83
N GLY G 538 45.91 -23.28 27.84
CA GLY G 538 45.58 -23.81 29.15
C GLY G 538 46.69 -24.56 29.83
N THR G 539 47.94 -24.18 29.59
CA THR G 539 49.05 -24.87 30.23
C THR G 539 49.09 -24.52 31.70
N PRO G 540 49.01 -25.51 32.60
CA PRO G 540 49.07 -25.20 34.04
C PRO G 540 50.40 -24.54 34.40
N GLY G 541 50.34 -23.57 35.29
CA GLY G 541 51.52 -22.81 35.64
C GLY G 541 52.06 -21.94 34.54
N SER G 542 51.21 -21.49 33.63
CA SER G 542 51.64 -20.67 32.50
C SER G 542 50.58 -19.62 32.20
N GLN G 543 51.01 -18.55 31.52
CA GLN G 543 50.13 -17.47 31.11
C GLN G 543 49.99 -17.49 29.60
N SER G 544 48.74 -17.42 29.12
CA SER G 544 48.46 -17.51 27.70
C SER G 544 48.04 -16.19 27.06
N VAL G 545 47.56 -15.23 27.85
CA VAL G 545 47.12 -13.93 27.34
C VAL G 545 48.01 -12.86 27.92
N ALA G 546 48.62 -12.07 27.05
CA ALA G 546 49.52 -11.01 27.48
C ALA G 546 49.63 -9.99 26.36
N GLU G 547 50.36 -8.90 26.63
CA GLU G 547 50.51 -7.80 25.70
C GLU G 547 51.80 -7.89 24.90
N LYS G 548 52.27 -9.09 24.60
CA LYS G 548 53.49 -9.26 23.83
C LYS G 548 53.20 -9.15 22.33
N PHE G 549 54.25 -8.88 21.57
CA PHE G 549 54.16 -8.83 20.12
C PHE G 549 54.45 -10.21 19.54
N GLU G 550 53.70 -10.56 18.49
CA GLU G 550 53.84 -11.88 17.89
C GLU G 550 53.52 -11.81 16.41
N VAL G 551 54.06 -12.79 15.68
CA VAL G 551 53.68 -13.06 14.29
C VAL G 551 53.46 -14.56 14.17
N SER G 552 52.22 -14.96 13.89
CA SER G 552 51.85 -16.37 13.95
C SER G 552 50.75 -16.63 12.94
N TRP G 553 50.22 -17.86 12.95
CA TRP G 553 49.17 -18.25 12.02
C TRP G 553 47.92 -17.42 12.24
N GLU G 554 47.60 -17.10 13.49
CA GLU G 554 46.43 -16.28 13.78
C GLU G 554 46.53 -14.92 13.09
N THR G 555 47.72 -14.31 13.12
CA THR G 555 47.93 -13.05 12.43
C THR G 555 47.63 -13.19 10.94
N VAL G 556 48.16 -14.25 10.32
CA VAL G 556 47.98 -14.43 8.88
C VAL G 556 46.51 -14.61 8.53
N MET G 557 45.81 -15.45 9.30
CA MET G 557 44.42 -15.74 8.97
C MET G 557 43.51 -14.55 9.25
N VAL G 558 43.79 -13.79 10.33
CA VAL G 558 43.05 -12.55 10.56
C VAL G 558 43.28 -11.57 9.42
N SER G 559 44.54 -11.42 8.99
CA SER G 559 44.85 -10.47 7.92
C SER G 559 44.20 -10.88 6.61
N SER G 560 44.17 -12.19 6.32
CA SER G 560 43.73 -12.63 5.00
C SER G 560 42.21 -12.77 4.92
N HIS G 561 41.55 -13.16 6.02
CA HIS G 561 40.14 -13.44 5.98
C HIS G 561 39.34 -12.82 7.11
N GLY G 562 39.98 -12.12 8.05
CA GLY G 562 39.25 -11.38 9.05
C GLY G 562 38.37 -12.20 9.97
N ALA G 563 38.88 -13.34 10.44
CA ALA G 563 38.17 -14.14 11.42
C ALA G 563 38.76 -13.83 12.80
N VAL G 564 37.90 -13.37 13.71
CA VAL G 564 38.36 -12.91 15.01
C VAL G 564 38.90 -14.07 15.82
N VAL G 565 40.06 -13.85 16.47
CA VAL G 565 40.72 -14.86 17.28
C VAL G 565 40.66 -14.42 18.75
N VAL G 566 40.16 -15.29 19.61
CA VAL G 566 39.94 -15.00 21.02
C VAL G 566 40.93 -15.81 21.84
N LYS G 567 41.67 -15.14 22.71
CA LYS G 567 42.52 -15.83 23.69
C LYS G 567 42.11 -15.41 25.09
N CYS G 568 41.84 -16.38 25.95
CA CYS G 568 41.41 -16.12 27.32
C CYS G 568 42.23 -16.97 28.28
N ASP G 569 42.75 -16.33 29.33
CA ASP G 569 43.49 -17.04 30.38
C ASP G 569 42.50 -17.78 31.27
N GLY G 570 42.17 -19.00 30.84
CA GLY G 570 41.25 -19.84 31.60
C GLY G 570 41.77 -20.18 32.98
N ARG G 571 40.95 -20.89 33.76
CA ARG G 571 41.36 -21.25 35.12
C ARG G 571 42.61 -22.13 35.08
N GLY G 572 43.55 -21.83 35.97
CA GLY G 572 44.85 -22.47 35.97
C GLY G 572 45.98 -21.58 35.47
N SER G 573 45.67 -20.41 34.94
CA SER G 573 46.70 -19.49 34.48
C SER G 573 47.54 -18.99 35.65
N GLY G 574 48.84 -18.81 35.40
CA GLY G 574 49.76 -18.40 36.44
C GLY G 574 49.83 -16.90 36.62
N PHE G 575 50.62 -16.50 37.62
CA PHE G 575 50.88 -15.09 37.93
C PHE G 575 49.61 -14.33 38.29
N GLN G 576 48.61 -15.04 38.80
CA GLN G 576 47.37 -14.42 39.26
C GLN G 576 46.92 -15.08 40.57
N GLY G 577 47.87 -15.28 41.47
CA GLY G 577 47.56 -15.89 42.75
C GLY G 577 47.56 -17.41 42.69
N THR G 578 48.11 -18.05 43.72
CA THR G 578 48.17 -19.50 43.76
C THR G 578 46.79 -20.13 43.91
N LYS G 579 45.78 -19.34 44.31
CA LYS G 579 44.42 -19.87 44.41
C LYS G 579 43.93 -20.36 43.06
N LEU G 580 44.10 -19.56 42.01
CA LEU G 580 43.71 -19.97 40.67
C LEU G 580 44.55 -21.14 40.19
N LEU G 581 45.82 -21.19 40.61
CA LEU G 581 46.69 -22.30 40.24
C LEU G 581 46.18 -23.62 40.81
N HIS G 582 45.87 -23.64 42.10
CA HIS G 582 45.48 -24.87 42.78
C HIS G 582 43.98 -25.14 42.71
N GLU G 583 43.20 -24.24 42.12
CA GLU G 583 41.77 -24.50 41.95
C GLU G 583 41.52 -25.72 41.07
N VAL G 584 42.35 -25.92 40.05
CA VAL G 584 42.14 -26.99 39.09
C VAL G 584 42.87 -28.26 39.51
N ARG G 585 43.33 -28.30 40.76
CA ARG G 585 44.00 -29.49 41.27
C ARG G 585 43.05 -30.68 41.20
N ARG G 586 43.46 -31.73 40.48
CA ARG G 586 42.66 -32.91 40.18
C ARG G 586 41.40 -32.59 39.38
N ARG G 587 41.26 -31.35 38.91
CA ARG G 587 40.09 -30.89 38.17
C ARG G 587 40.48 -30.40 36.79
N LEU G 588 41.40 -31.09 36.14
CA LEU G 588 41.89 -30.66 34.84
C LEU G 588 40.84 -30.87 33.76
N GLY G 589 40.85 -29.96 32.77
CA GLY G 589 39.93 -30.06 31.65
C GLY G 589 38.47 -29.98 32.03
N LEU G 590 38.16 -29.30 33.13
CA LEU G 590 36.79 -29.20 33.62
C LEU G 590 36.35 -27.76 33.87
N LEU G 591 37.25 -26.90 34.35
CA LEU G 591 36.90 -25.54 34.72
C LEU G 591 37.30 -24.51 33.67
N GLU G 592 38.39 -24.76 32.94
CA GLU G 592 38.78 -23.85 31.87
C GLU G 592 37.75 -23.86 30.75
N GLU G 593 37.13 -25.02 30.49
CA GLU G 593 36.14 -25.12 29.43
C GLU G 593 34.89 -24.30 29.75
N LYS G 594 34.52 -24.24 31.03
CA LYS G 594 33.44 -23.35 31.46
C LYS G 594 33.75 -21.90 31.12
N ASP G 595 34.96 -21.46 31.49
CA ASP G 595 35.39 -20.10 31.20
C ASP G 595 35.38 -19.84 29.70
N GLN G 596 35.80 -20.84 28.92
CA GLN G 596 35.86 -20.65 27.48
C GLN G 596 34.48 -20.52 26.86
N MET G 597 33.52 -21.37 27.27
CA MET G 597 32.21 -21.22 26.65
C MET G 597 31.53 -19.94 27.11
N GLU G 598 31.70 -19.53 28.37
CA GLU G 598 31.07 -18.27 28.77
C GLU G 598 31.70 -17.08 28.04
N ALA G 599 33.01 -17.10 27.86
CA ALA G 599 33.67 -16.02 27.12
C ALA G 599 33.23 -15.97 25.67
N VAL G 600 33.13 -17.13 25.02
CA VAL G 600 32.70 -17.12 23.63
C VAL G 600 31.22 -16.80 23.51
N ARG G 601 30.42 -17.11 24.53
CA ARG G 601 29.03 -16.67 24.54
C ARG G 601 28.95 -15.14 24.62
N THR G 602 29.76 -14.54 25.48
CA THR G 602 29.79 -13.08 25.58
C THR G 602 30.23 -12.46 24.26
N MET G 603 31.25 -13.04 23.61
CA MET G 603 31.69 -12.53 22.32
C MET G 603 30.72 -12.87 21.19
N LEU G 604 29.87 -13.88 21.38
CA LEU G 604 28.91 -14.33 20.39
C LEU G 604 27.59 -13.57 20.46
N LYS G 605 27.34 -12.88 21.57
CA LYS G 605 26.18 -11.98 21.61
C LYS G 605 26.30 -10.85 20.59
N GLU G 606 27.50 -10.60 20.07
CA GLU G 606 27.67 -9.61 19.00
C GLU G 606 27.06 -10.15 17.71
N GLN G 607 26.26 -9.31 17.05
CA GLN G 607 25.59 -9.76 15.82
C GLN G 607 26.60 -10.01 14.71
N TYR G 608 27.67 -9.22 14.65
CA TYR G 608 28.71 -9.44 13.64
C TYR G 608 29.51 -10.71 13.89
N ILE G 609 29.19 -11.47 14.94
CA ILE G 609 29.78 -12.78 15.18
C ILE G 609 28.68 -13.81 14.91
N ASP G 610 28.93 -14.70 13.97
CA ASP G 610 27.87 -15.60 13.50
C ASP G 610 27.90 -16.93 14.24
N ARG G 611 26.75 -17.62 14.19
CA ARG G 611 26.61 -18.94 14.79
C ARG G 611 27.01 -20.05 13.83
N THR G 612 26.83 -19.85 12.52
CA THR G 612 27.16 -20.89 11.55
C THR G 612 28.65 -21.20 11.55
N ARG G 613 29.49 -20.18 11.64
CA ARG G 613 30.94 -20.33 11.55
C ARG G 613 31.57 -20.05 12.92
N VAL G 614 31.87 -21.12 13.65
CA VAL G 614 32.56 -21.03 14.93
C VAL G 614 33.61 -22.15 14.97
N ALA G 615 34.83 -21.80 15.38
CA ALA G 615 35.94 -22.75 15.40
C ALA G 615 36.67 -22.71 16.74
N VAL G 616 37.32 -23.83 17.06
CA VAL G 616 38.17 -23.94 18.23
C VAL G 616 39.49 -24.57 17.81
N PHE G 617 40.58 -24.10 18.42
CA PHE G 617 41.91 -24.56 18.06
C PHE G 617 42.77 -24.62 19.32
N GLY G 618 43.76 -25.50 19.29
CA GLY G 618 44.70 -25.61 20.39
C GLY G 618 45.78 -26.61 20.05
N LYS G 619 46.87 -26.54 20.81
CA LYS G 619 47.98 -27.46 20.64
C LYS G 619 48.37 -28.02 22.00
N ASP G 620 48.96 -29.22 21.98
CA ASP G 620 49.38 -29.92 23.21
C ASP G 620 48.13 -30.09 24.08
N TYR G 621 48.20 -29.77 25.38
CA TYR G 621 47.01 -29.79 26.22
C TYR G 621 45.92 -28.89 25.68
N GLY G 622 46.31 -27.77 25.07
CA GLY G 622 45.32 -26.91 24.44
C GLY G 622 44.59 -27.61 23.32
N GLY G 623 45.26 -28.52 22.62
CA GLY G 623 44.58 -29.34 21.64
C GLY G 623 43.49 -30.20 22.25
N TYR G 624 43.78 -30.84 23.39
CA TYR G 624 42.77 -31.64 24.06
C TYR G 624 41.61 -30.78 24.52
N LEU G 625 41.90 -29.61 25.07
CA LEU G 625 40.81 -28.71 25.45
C LEU G 625 39.97 -28.31 24.25
N SER G 626 40.63 -27.97 23.13
CA SER G 626 39.91 -27.67 21.89
C SER G 626 38.98 -28.81 21.51
N THR G 627 39.46 -30.04 21.58
CA THR G 627 38.58 -31.19 21.36
C THR G 627 37.44 -31.22 22.37
N TYR G 628 37.73 -30.86 23.62
CA TYR G 628 36.76 -30.87 24.70
C TYR G 628 35.72 -29.76 24.57
N ILE G 629 35.90 -28.85 23.62
CA ILE G 629 34.95 -27.75 23.43
C ILE G 629 34.16 -27.98 22.15
N LEU G 630 33.85 -29.24 21.84
CA LEU G 630 32.92 -29.59 20.77
C LEU G 630 31.64 -30.17 21.36
N PRO G 631 30.80 -29.33 21.99
CA PRO G 631 29.55 -29.84 22.55
C PRO G 631 28.38 -29.70 21.59
N ALA G 632 27.21 -30.12 22.04
CA ALA G 632 25.93 -29.80 21.40
C ALA G 632 25.15 -28.98 22.42
N LYS G 633 25.02 -27.69 22.16
CA LYS G 633 24.40 -26.77 23.12
C LYS G 633 22.92 -27.09 23.19
N GLY G 634 22.54 -27.85 24.22
CA GLY G 634 21.20 -28.42 24.22
C GLY G 634 21.05 -29.40 23.08
N GLU G 635 19.87 -29.42 22.47
CA GLU G 635 19.64 -30.21 21.27
C GLU G 635 19.11 -29.38 20.11
N ASN G 636 18.21 -28.43 20.38
CA ASN G 636 17.74 -27.54 19.32
C ASN G 636 18.85 -26.62 18.85
N GLN G 637 19.55 -25.98 19.79
CA GLN G 637 20.62 -25.04 19.45
C GLN G 637 21.97 -25.74 19.35
N GLY G 638 22.04 -26.77 18.53
CA GLY G 638 23.29 -27.49 18.32
C GLY G 638 24.25 -26.71 17.46
N GLN G 639 25.21 -27.40 16.85
CA GLN G 639 26.23 -26.77 16.00
C GLN G 639 26.96 -25.65 16.75
N THR G 640 27.38 -25.96 17.98
CA THR G 640 28.10 -24.97 18.78
C THR G 640 29.35 -24.49 18.05
N PHE G 641 29.99 -25.37 17.30
CA PHE G 641 31.15 -25.03 16.48
C PHE G 641 30.92 -25.56 15.06
N THR G 642 31.82 -25.21 14.16
CA THR G 642 31.74 -25.65 12.77
C THR G 642 32.92 -26.50 12.36
N CYS G 643 34.14 -26.06 12.64
CA CYS G 643 35.35 -26.82 12.36
C CYS G 643 36.22 -26.83 13.60
N GLY G 644 36.67 -28.02 14.00
CA GLY G 644 37.51 -28.16 15.17
C GLY G 644 38.82 -28.84 14.82
N SER G 645 39.81 -28.62 15.67
CA SER G 645 41.15 -29.12 15.41
C SER G 645 41.92 -29.26 16.71
N ALA G 646 43.04 -29.97 16.64
CA ALA G 646 43.96 -30.14 17.75
C ALA G 646 45.33 -30.44 17.18
N LEU G 647 46.35 -30.31 18.02
CA LEU G 647 47.74 -30.56 17.62
C LEU G 647 48.38 -31.41 18.70
N SER G 648 48.48 -32.71 18.44
CA SER G 648 49.06 -33.68 19.37
C SER G 648 48.44 -33.56 20.78
N PRO G 649 47.15 -33.77 20.92
CA PRO G 649 46.49 -33.55 22.22
C PRO G 649 46.78 -34.68 23.19
N ILE G 650 46.41 -34.45 24.45
CA ILE G 650 46.52 -35.43 25.53
C ILE G 650 45.15 -35.62 26.15
N THR G 651 44.61 -36.83 26.04
CA THR G 651 43.27 -37.13 26.52
C THR G 651 43.26 -37.98 27.78
N ASP G 652 44.04 -39.06 27.81
CA ASP G 652 44.14 -39.94 28.98
C ASP G 652 45.52 -39.76 29.58
N PHE G 653 45.59 -39.06 30.72
CA PHE G 653 46.85 -38.66 31.30
C PHE G 653 47.67 -39.82 31.86
N LYS G 654 47.08 -41.00 32.03
CA LYS G 654 47.87 -42.16 32.47
C LYS G 654 48.96 -42.50 31.45
N LEU G 655 48.80 -42.05 30.21
CA LEU G 655 49.83 -42.19 29.18
C LEU G 655 50.73 -40.97 29.07
N TYR G 656 50.91 -40.23 30.17
CA TYR G 656 51.80 -39.08 30.20
C TYR G 656 52.80 -39.22 31.33
N ALA G 657 53.81 -38.34 31.31
CA ALA G 657 54.91 -38.40 32.26
C ALA G 657 54.41 -38.16 33.67
N SER G 658 55.11 -38.76 34.65
CA SER G 658 54.72 -38.64 36.04
C SER G 658 54.84 -37.20 36.53
N ALA G 659 55.93 -36.52 36.18
CA ALA G 659 56.17 -35.18 36.73
C ALA G 659 55.10 -34.18 36.33
N PHE G 660 54.37 -34.43 35.24
CA PHE G 660 53.26 -33.58 34.83
C PHE G 660 51.92 -34.08 35.35
N SER G 661 51.60 -35.35 35.11
CA SER G 661 50.30 -35.87 35.52
C SER G 661 50.14 -35.86 37.03
N GLU G 662 51.10 -36.45 37.75
CA GLU G 662 51.01 -36.53 39.20
C GLU G 662 51.09 -35.18 39.87
N ARG G 663 51.61 -34.16 39.19
CA ARG G 663 51.71 -32.83 39.77
C ARG G 663 50.32 -32.27 40.10
N TYR G 664 49.31 -32.67 39.36
CA TYR G 664 47.96 -32.15 39.55
C TYR G 664 46.92 -33.21 39.87
N LEU G 665 47.08 -34.44 39.36
CA LEU G 665 46.08 -35.48 39.51
C LEU G 665 46.47 -36.53 40.55
N GLY G 666 47.55 -36.29 41.29
CA GLY G 666 48.03 -37.25 42.26
C GLY G 666 48.89 -38.34 41.62
N LEU G 667 49.70 -38.97 42.45
CA LEU G 667 50.60 -40.02 41.97
C LEU G 667 49.81 -41.22 41.49
N HIS G 668 50.12 -41.69 40.29
CA HIS G 668 49.42 -42.82 39.70
C HIS G 668 50.00 -44.13 40.22
N GLY G 669 49.31 -45.22 39.92
CA GLY G 669 49.66 -46.53 40.41
C GLY G 669 48.88 -47.00 41.62
N LEU G 670 47.90 -46.21 42.07
CA LEU G 670 47.12 -46.57 43.25
C LEU G 670 45.63 -46.29 43.03
N ASP G 671 45.21 -46.14 41.77
CA ASP G 671 43.82 -45.82 41.42
C ASP G 671 43.38 -44.52 42.09
N ASN G 672 44.04 -43.43 41.68
CA ASN G 672 43.75 -42.12 42.25
C ASN G 672 42.32 -41.66 41.99
N ARG G 673 41.67 -42.22 40.96
CA ARG G 673 40.26 -41.98 40.66
C ARG G 673 40.03 -40.57 40.13
N ALA G 674 41.09 -39.76 40.05
CA ALA G 674 40.99 -38.42 39.48
C ALA G 674 41.31 -38.38 37.98
N TYR G 675 42.12 -39.32 37.49
CA TYR G 675 42.52 -39.30 36.09
C TYR G 675 41.35 -39.64 35.17
N GLU G 676 40.29 -40.25 35.70
CA GLU G 676 39.33 -40.98 34.88
C GLU G 676 38.19 -40.13 34.35
N MET G 677 38.03 -38.88 34.78
CA MET G 677 37.06 -37.98 34.16
C MET G 677 37.70 -37.01 33.18
N THR G 678 38.98 -37.18 32.88
CA THR G 678 39.72 -36.26 32.04
C THR G 678 39.74 -36.67 30.57
N LYS G 679 39.06 -37.74 30.20
CA LYS G 679 39.06 -38.20 28.82
C LYS G 679 37.92 -37.56 28.03
N VAL G 680 38.25 -37.09 26.82
CA VAL G 680 37.26 -36.47 25.94
C VAL G 680 36.38 -37.51 25.25
N ALA G 681 36.53 -38.79 25.60
CA ALA G 681 35.75 -39.85 24.95
C ALA G 681 34.25 -39.58 25.05
N HIS G 682 33.80 -39.16 26.23
CA HIS G 682 32.38 -38.85 26.40
C HIS G 682 32.00 -37.55 25.69
N ARG G 683 32.94 -36.62 25.54
CA ARG G 683 32.67 -35.33 24.92
C ARG G 683 32.80 -35.35 23.40
N VAL G 684 33.17 -36.49 22.82
CA VAL G 684 33.32 -36.61 21.37
C VAL G 684 32.23 -37.54 20.86
N SER G 685 31.16 -37.69 21.66
CA SER G 685 30.14 -38.69 21.35
C SER G 685 29.30 -38.29 20.14
N ALA G 686 28.57 -37.18 20.25
CA ALA G 686 27.63 -36.81 19.19
C ALA G 686 28.36 -36.46 17.89
N LEU G 687 29.04 -35.32 17.86
CA LEU G 687 29.90 -34.88 16.76
C LEU G 687 29.32 -35.26 15.40
N GLU G 688 28.10 -34.75 15.15
CA GLU G 688 27.33 -35.19 13.99
C GLU G 688 28.08 -34.92 12.69
N GLU G 689 28.28 -33.65 12.35
CA GLU G 689 28.90 -33.28 11.08
C GLU G 689 29.97 -32.21 11.18
N GLN G 690 30.13 -31.56 12.34
CA GLN G 690 31.14 -30.53 12.49
C GLN G 690 32.53 -31.10 12.24
N GLN G 691 33.34 -30.36 11.48
CA GLN G 691 34.67 -30.84 11.09
C GLN G 691 35.56 -31.00 12.32
N PHE G 692 36.34 -32.07 12.32
CA PHE G 692 37.24 -32.38 13.42
C PHE G 692 38.56 -32.86 12.83
N LEU G 693 39.67 -32.29 13.29
CA LEU G 693 40.97 -32.50 12.66
C LEU G 693 42.04 -32.69 13.73
N ILE G 694 43.09 -33.41 13.37
CA ILE G 694 44.22 -33.67 14.26
C ILE G 694 45.52 -33.49 13.48
N ILE G 695 46.49 -32.85 14.12
CA ILE G 695 47.86 -32.81 13.62
C ILE G 695 48.77 -33.42 14.69
N HIS G 696 49.63 -34.35 14.28
CA HIS G 696 50.50 -34.99 15.26
C HIS G 696 51.73 -35.57 14.58
N PRO G 697 52.93 -35.11 14.92
CA PRO G 697 54.15 -35.78 14.42
C PRO G 697 54.30 -37.15 15.03
N THR G 698 54.93 -38.04 14.26
CA THR G 698 55.06 -39.43 14.69
C THR G 698 55.93 -39.56 15.93
N ALA G 699 57.06 -38.85 15.96
CA ALA G 699 58.04 -38.98 17.03
C ALA G 699 57.91 -37.87 18.07
N ASP G 700 56.68 -37.44 18.38
CA ASP G 700 56.45 -36.39 19.36
C ASP G 700 56.72 -36.96 20.75
N GLU G 701 57.93 -36.71 21.27
CA GLU G 701 58.27 -37.21 22.59
C GLU G 701 57.58 -36.42 23.70
N LYS G 702 57.09 -35.21 23.39
CA LYS G 702 56.33 -34.46 24.39
C LYS G 702 55.01 -35.14 24.71
N ILE G 703 54.16 -35.29 23.70
CA ILE G 703 52.93 -36.07 23.81
C ILE G 703 52.98 -37.16 22.76
N HIS G 704 53.00 -38.42 23.21
CA HIS G 704 53.20 -39.54 22.31
C HIS G 704 52.04 -39.67 21.32
N PHE G 705 52.37 -40.10 20.11
CA PHE G 705 51.35 -40.35 19.09
C PHE G 705 50.36 -41.43 19.54
N GLN G 706 50.75 -42.25 20.51
CA GLN G 706 49.81 -43.22 21.09
C GLN G 706 48.53 -42.53 21.56
N HIS G 707 48.65 -41.31 22.10
CA HIS G 707 47.46 -40.55 22.48
C HIS G 707 46.53 -40.39 21.30
N THR G 708 47.05 -39.88 20.18
CA THR G 708 46.22 -39.63 19.00
C THR G 708 45.63 -40.93 18.47
N ALA G 709 46.43 -42.00 18.46
CA ALA G 709 45.92 -43.28 17.97
C ALA G 709 44.79 -43.80 18.85
N GLU G 710 44.90 -43.62 20.17
CA GLU G 710 43.83 -44.04 21.05
C GLU G 710 42.57 -43.19 20.85
N LEU G 711 42.75 -41.89 20.59
CA LEU G 711 41.62 -41.07 20.19
C LEU G 711 40.96 -41.61 18.92
N ILE G 712 41.77 -42.03 17.94
CA ILE G 712 41.22 -42.58 16.72
C ILE G 712 40.44 -43.86 17.01
N THR G 713 40.97 -44.70 17.89
CA THR G 713 40.27 -45.93 18.27
C THR G 713 38.93 -45.60 18.90
N GLN G 714 38.91 -44.63 19.83
CA GLN G 714 37.67 -44.26 20.49
C GLN G 714 36.68 -43.65 19.50
N LEU G 715 37.18 -42.86 18.54
CA LEU G 715 36.31 -42.31 17.51
C LEU G 715 35.72 -43.40 16.64
N ILE G 716 36.52 -44.42 16.32
CA ILE G 716 36.01 -45.56 15.55
C ILE G 716 34.90 -46.26 16.32
N ARG G 717 35.11 -46.48 17.62
CA ARG G 717 34.03 -47.03 18.43
C ARG G 717 32.83 -46.09 18.49
N GLY G 718 33.07 -44.79 18.35
CA GLY G 718 32.00 -43.80 18.39
C GLY G 718 31.40 -43.51 17.02
N LYS G 719 32.15 -43.81 15.97
CA LYS G 719 31.69 -43.65 14.59
C LYS G 719 31.30 -42.19 14.29
N ALA G 720 32.31 -41.32 14.35
CA ALA G 720 32.13 -39.90 14.07
C ALA G 720 33.12 -39.46 13.00
N ASN G 721 32.68 -38.56 12.12
CA ASN G 721 33.51 -38.09 11.04
C ASN G 721 34.68 -37.26 11.56
N TYR G 722 35.84 -37.42 10.94
CA TYR G 722 37.06 -36.79 11.41
C TYR G 722 38.06 -36.69 10.26
N SER G 723 39.24 -36.16 10.57
CA SER G 723 40.36 -36.12 9.64
C SER G 723 41.65 -36.21 10.45
N LEU G 724 42.77 -36.34 9.75
CA LEU G 724 44.04 -36.56 10.43
C LEU G 724 45.19 -36.27 9.48
N GLN G 725 46.33 -35.87 10.07
CA GLN G 725 47.56 -35.66 9.31
C GLN G 725 48.73 -36.22 10.13
N ILE G 726 49.84 -36.48 9.43
CA ILE G 726 51.00 -37.13 10.01
C ILE G 726 52.26 -36.38 9.60
N TYR G 727 53.19 -36.24 10.54
CA TYR G 727 54.57 -35.85 10.26
C TYR G 727 55.46 -37.01 10.67
N PRO G 728 55.91 -37.84 9.73
CA PRO G 728 56.57 -39.11 10.08
C PRO G 728 58.00 -38.87 10.55
N ASP G 729 58.25 -39.20 11.82
CA ASP G 729 59.60 -39.20 12.40
C ASP G 729 60.21 -37.80 12.46
N GLU G 730 59.53 -36.91 13.17
CA GLU G 730 60.07 -35.62 13.56
C GLU G 730 59.70 -35.34 15.01
N SER G 731 60.50 -34.49 15.65
CA SER G 731 60.27 -34.15 17.05
C SER G 731 59.03 -33.24 17.17
N HIS G 732 58.77 -32.79 18.39
CA HIS G 732 57.53 -32.07 18.67
C HIS G 732 57.60 -30.61 18.26
N TYR G 733 58.77 -29.97 18.40
CA TYR G 733 58.85 -28.52 18.35
C TYR G 733 59.14 -27.96 16.96
N PHE G 734 59.26 -28.82 15.95
CA PHE G 734 59.48 -28.39 14.56
C PHE G 734 60.72 -27.50 14.46
N THR G 735 61.87 -28.11 14.73
CA THR G 735 63.13 -27.38 14.70
C THR G 735 63.41 -26.79 13.33
N SER G 736 63.09 -27.51 12.27
CA SER G 736 63.26 -27.02 10.92
C SER G 736 62.14 -26.04 10.58
N SER G 737 62.53 -24.90 10.00
CA SER G 737 61.54 -23.89 9.62
C SER G 737 60.60 -24.39 8.53
N SER G 738 61.09 -25.27 7.66
CA SER G 738 60.26 -25.78 6.57
C SER G 738 59.07 -26.57 7.12
N LEU G 739 59.29 -27.39 8.14
CA LEU G 739 58.19 -28.12 8.75
C LEU G 739 57.19 -27.16 9.39
N LYS G 740 57.68 -26.09 10.01
CA LYS G 740 56.80 -25.12 10.64
C LYS G 740 55.91 -24.43 9.59
N GLN G 741 56.51 -24.03 8.47
CA GLN G 741 55.71 -23.35 7.45
C GLN G 741 54.75 -24.31 6.77
N HIS G 742 55.13 -25.59 6.62
CA HIS G 742 54.17 -26.56 6.11
C HIS G 742 53.01 -26.75 7.08
N LEU G 743 53.30 -26.76 8.38
CA LEU G 743 52.24 -26.86 9.37
C LEU G 743 51.29 -25.67 9.27
N TYR G 744 51.84 -24.47 9.13
CA TYR G 744 51.00 -23.29 9.00
C TYR G 744 50.18 -23.33 7.72
N ARG G 745 50.79 -23.78 6.63
CA ARG G 745 50.07 -23.94 5.37
C ARG G 745 48.91 -24.90 5.53
N SER G 746 49.13 -26.04 6.17
CA SER G 746 48.06 -27.00 6.36
C SER G 746 46.95 -26.42 7.24
N ILE G 747 47.34 -25.73 8.31
CA ILE G 747 46.35 -25.15 9.22
C ILE G 747 45.47 -24.15 8.48
N ILE G 748 46.08 -23.23 7.74
CA ILE G 748 45.31 -22.20 7.06
C ILE G 748 44.48 -22.83 5.94
N ASN G 749 45.03 -23.82 5.23
CA ASN G 749 44.31 -24.46 4.15
C ASN G 749 43.09 -25.19 4.66
N PHE G 750 43.19 -25.81 5.83
CA PHE G 750 42.00 -26.43 6.42
C PHE G 750 41.01 -25.37 6.88
N PHE G 751 41.49 -24.34 7.58
CA PHE G 751 40.58 -23.42 8.24
C PHE G 751 39.85 -22.52 7.25
N VAL G 752 40.44 -22.26 6.08
CA VAL G 752 39.74 -21.45 5.09
C VAL G 752 38.50 -22.18 4.58
N GLU G 753 38.59 -23.50 4.38
CA GLU G 753 37.48 -24.25 3.80
C GLU G 753 36.36 -24.50 4.80
N CYS G 754 36.62 -24.42 6.11
CA CYS G 754 35.58 -24.68 7.09
C CYS G 754 34.66 -23.49 7.33
N PHE G 755 35.00 -22.31 6.80
CA PHE G 755 34.17 -21.12 6.93
C PHE G 755 33.68 -20.54 5.61
N ARG G 756 34.43 -20.70 4.52
CA ARG G 756 34.06 -20.03 3.27
C ARG G 756 32.69 -20.47 2.79
N ILE G 757 31.85 -19.51 2.45
CA ILE G 757 30.49 -19.77 1.99
C ILE G 757 29.92 -18.52 1.33
N ALA H 1 -28.45 -18.02 -45.59
CA ALA H 1 -28.87 -18.50 -44.27
C ALA H 1 -28.82 -20.02 -44.21
N ALA H 2 -29.78 -20.67 -44.86
CA ALA H 2 -29.81 -22.13 -44.88
C ALA H 2 -28.58 -22.70 -45.57
N ALA H 3 -28.22 -22.14 -46.74
CA ALA H 3 -27.00 -22.56 -47.40
C ALA H 3 -25.77 -22.17 -46.58
N ALA H 4 -25.80 -20.98 -45.96
CA ALA H 4 -24.71 -20.58 -45.08
C ALA H 4 -24.59 -21.51 -43.90
N LYS H 5 -25.72 -21.91 -43.31
CA LYS H 5 -25.68 -22.88 -42.21
C LYS H 5 -25.14 -24.22 -42.67
N GLY H 6 -25.52 -24.65 -43.88
CA GLY H 6 -25.03 -25.92 -44.39
C GLY H 6 -23.52 -25.91 -44.61
N ILE H 7 -23.01 -24.84 -45.22
CA ILE H 7 -21.57 -24.76 -45.44
C ILE H 7 -20.83 -24.59 -44.12
N ALA H 8 -21.45 -23.92 -43.15
CA ALA H 8 -20.86 -23.82 -41.82
C ALA H 8 -20.76 -25.20 -41.16
N ILE H 9 -21.80 -26.02 -41.33
CA ILE H 9 -21.76 -27.38 -40.80
C ILE H 9 -20.70 -28.20 -41.51
N ALA H 10 -20.54 -27.98 -42.83
CA ALA H 10 -19.50 -28.69 -43.58
C ALA H 10 -18.12 -28.36 -43.05
N LEU H 11 -17.83 -27.06 -42.89
CA LEU H 11 -16.52 -26.68 -42.33
C LEU H 11 -16.38 -27.12 -40.89
N LEU H 12 -17.49 -27.20 -40.15
CA LEU H 12 -17.44 -27.74 -38.80
C LEU H 12 -16.98 -29.21 -38.82
N VAL H 13 -17.52 -30.00 -39.76
CA VAL H 13 -17.10 -31.39 -39.86
C VAL H 13 -15.63 -31.48 -40.26
N ILE H 14 -15.20 -30.66 -41.22
CA ILE H 14 -13.82 -30.76 -41.67
C ILE H 14 -12.84 -30.20 -40.64
N LEU H 15 -13.31 -29.42 -39.67
CA LEU H 15 -12.44 -29.06 -38.56
C LEU H 15 -12.50 -30.07 -37.42
N VAL H 16 -13.63 -30.74 -37.24
CA VAL H 16 -13.71 -31.82 -36.26
C VAL H 16 -12.78 -32.96 -36.65
N ILE H 17 -12.72 -33.30 -37.93
CA ILE H 17 -11.81 -34.36 -38.36
C ILE H 17 -10.36 -33.96 -38.13
N CYS H 18 -10.03 -32.69 -38.35
CA CYS H 18 -8.68 -32.22 -38.09
C CYS H 18 -8.36 -32.24 -36.60
N SER H 19 -9.34 -31.90 -35.77
CA SER H 19 -9.15 -31.97 -34.32
C SER H 19 -8.92 -33.41 -33.87
N LEU H 20 -9.66 -34.35 -34.46
CA LEU H 20 -9.43 -35.76 -34.14
C LEU H 20 -8.05 -36.22 -34.60
N ILE H 21 -7.60 -35.70 -35.74
CA ILE H 21 -6.23 -35.97 -36.19
C ILE H 21 -5.22 -35.43 -35.19
N VAL H 22 -5.47 -34.25 -34.64
CA VAL H 22 -4.59 -33.66 -33.64
C VAL H 22 -4.58 -34.52 -32.37
N THR H 23 -5.74 -35.04 -31.98
CA THR H 23 -5.80 -35.94 -30.83
C THR H 23 -5.01 -37.21 -31.09
N SER H 24 -5.10 -37.75 -32.31
CA SER H 24 -4.29 -38.90 -32.67
C SER H 24 -2.80 -38.57 -32.61
N VAL H 25 -2.44 -37.35 -33.01
CA VAL H 25 -1.04 -36.92 -32.97
C VAL H 25 -0.55 -36.86 -31.53
N ILE H 26 -1.35 -36.26 -30.64
CA ILE H 26 -0.90 -36.11 -29.25
C ILE H 26 -0.86 -37.47 -28.56
N LEU H 27 -1.73 -38.40 -28.96
CA LEU H 27 -1.65 -39.76 -28.44
C LEU H 27 -0.65 -40.62 -29.19
N LEU H 28 -0.01 -40.09 -30.23
CA LEU H 28 0.99 -40.86 -30.96
C LEU H 28 2.27 -41.03 -30.16
N THR H 29 2.58 -40.10 -29.26
CA THR H 29 3.76 -40.19 -28.39
C THR H 29 3.31 -39.95 -26.96
N PRO H 30 2.59 -40.89 -26.37
CA PRO H 30 2.11 -40.71 -24.99
C PRO H 30 3.04 -41.33 -23.96
N ALA H 31 3.02 -40.73 -22.77
CA ALA H 31 3.83 -41.18 -21.64
C ALA H 31 3.01 -41.14 -20.36
N GLU H 32 1.78 -41.64 -20.41
CA GLU H 32 0.87 -41.55 -19.27
C GLU H 32 1.49 -42.13 -18.01
N ASP H 33 2.02 -43.35 -18.12
CA ASP H 33 2.66 -44.03 -16.99
C ASP H 33 4.07 -44.44 -17.39
N ASN H 34 5.04 -44.14 -16.52
CA ASN H 34 6.43 -44.48 -16.75
C ASN H 34 6.85 -45.56 -15.75
N SER H 35 7.44 -46.63 -16.26
CA SER H 35 7.87 -47.72 -15.40
C SER H 35 9.08 -47.29 -14.57
N LEU H 36 8.97 -47.44 -13.26
CA LEU H 36 10.04 -47.05 -12.35
C LEU H 36 9.91 -47.86 -11.06
N SER H 37 11.05 -48.11 -10.42
CA SER H 37 11.05 -48.86 -9.17
C SER H 37 10.25 -48.13 -8.09
N GLN H 38 10.54 -46.85 -7.89
CA GLN H 38 9.77 -45.97 -6.99
C GLN H 38 9.71 -46.54 -5.57
N LYS H 39 10.79 -47.19 -5.14
CA LYS H 39 10.84 -47.75 -3.81
C LYS H 39 12.21 -47.44 -3.20
N LYS H 40 12.49 -48.06 -2.05
CA LYS H 40 13.65 -47.72 -1.25
C LYS H 40 14.95 -48.03 -1.98
N LYS H 41 15.97 -47.22 -1.71
CA LYS H 41 17.28 -47.36 -2.30
C LYS H 41 18.12 -48.35 -1.50
N VAL H 42 19.40 -48.46 -1.83
CA VAL H 42 20.31 -49.43 -1.23
C VAL H 42 21.31 -48.68 -0.36
N THR H 43 21.38 -49.04 0.92
CA THR H 43 22.31 -48.42 1.87
C THR H 43 23.21 -49.49 2.46
N VAL H 44 24.23 -49.04 3.20
CA VAL H 44 25.18 -49.95 3.80
C VAL H 44 24.51 -50.81 4.87
N GLU H 45 23.47 -50.28 5.52
CA GLU H 45 22.80 -51.04 6.58
C GLU H 45 22.16 -52.31 6.02
N ASP H 46 21.49 -52.21 4.87
CA ASP H 46 20.93 -53.40 4.25
C ASP H 46 22.01 -54.31 3.69
N LEU H 47 23.17 -53.76 3.33
CA LEU H 47 24.31 -54.60 2.99
C LEU H 47 24.74 -55.46 4.17
N PHE H 48 24.78 -54.86 5.36
CA PHE H 48 25.12 -55.60 6.57
C PHE H 48 23.92 -56.28 7.20
N SER H 49 22.73 -56.10 6.66
CA SER H 49 21.57 -56.82 7.12
C SER H 49 21.60 -58.27 6.63
N GLU H 50 20.92 -59.15 7.36
CA GLU H 50 20.90 -60.56 7.02
C GLU H 50 20.24 -60.83 5.68
N ASP H 51 19.44 -59.87 5.17
CA ASP H 51 18.73 -60.10 3.92
C ASP H 51 19.68 -60.31 2.76
N PHE H 52 20.78 -59.55 2.71
CA PHE H 52 21.81 -59.76 1.71
C PHE H 52 22.80 -60.85 2.08
N LYS H 53 22.77 -61.33 3.32
CA LYS H 53 23.70 -62.37 3.74
C LYS H 53 23.40 -63.67 3.00
N ILE H 54 24.46 -64.36 2.58
CA ILE H 54 24.33 -65.61 1.84
C ILE H 54 24.49 -66.77 2.81
N HIS H 55 23.49 -67.64 2.85
CA HIS H 55 23.55 -68.87 3.63
C HIS H 55 24.07 -70.04 2.80
N ASP H 56 25.23 -69.86 2.19
CA ASP H 56 25.79 -70.87 1.29
C ASP H 56 26.38 -72.03 2.09
N PRO H 57 25.88 -73.26 1.90
CA PRO H 57 26.51 -74.39 2.60
C PRO H 57 27.84 -74.79 2.01
N GLU H 58 27.96 -74.84 0.68
CA GLU H 58 29.18 -75.23 -0.02
C GLU H 58 29.65 -76.62 0.42
N ALA H 59 28.82 -77.62 0.13
CA ALA H 59 29.11 -78.99 0.51
C ALA H 59 30.20 -79.57 -0.38
N LYS H 60 30.68 -80.76 0.01
CA LYS H 60 31.66 -81.50 -0.75
C LYS H 60 31.27 -82.98 -0.74
N TRP H 61 31.61 -83.66 -1.84
CA TRP H 61 31.22 -85.06 -2.04
C TRP H 61 32.00 -85.95 -1.07
N ILE H 62 31.34 -86.39 -0.01
CA ILE H 62 31.95 -87.35 0.90
C ILE H 62 32.18 -88.68 0.19
N SER H 63 31.18 -89.15 -0.54
CA SER H 63 31.26 -90.37 -1.34
C SER H 63 30.80 -90.04 -2.76
N ASP H 64 30.83 -91.06 -3.63
CA ASP H 64 30.36 -90.88 -4.98
C ASP H 64 28.85 -90.76 -5.07
N THR H 65 28.13 -91.01 -3.98
CA THR H 65 26.68 -90.98 -3.98
C THR H 65 26.08 -89.83 -3.18
N GLU H 66 26.84 -89.20 -2.29
CA GLU H 66 26.28 -88.18 -1.42
C GLU H 66 27.38 -87.20 -1.03
N PHE H 67 26.95 -86.05 -0.50
CA PHE H 67 27.84 -85.00 -0.04
C PHE H 67 27.55 -84.68 1.42
N ILE H 68 28.38 -83.81 2.01
CA ILE H 68 28.24 -83.50 3.42
C ILE H 68 26.97 -82.71 3.69
N TYR H 69 26.58 -81.83 2.76
CA TYR H 69 25.40 -80.98 2.90
C TYR H 69 25.50 -80.10 4.15
N ARG H 70 26.46 -79.16 4.07
CA ARG H 70 26.79 -78.30 5.19
C ARG H 70 25.60 -77.41 5.57
N GLU H 71 25.81 -76.58 6.60
CA GLU H 71 24.73 -75.81 7.19
C GLU H 71 24.05 -74.92 6.16
N GLN H 72 22.71 -74.94 6.18
CA GLN H 72 21.90 -73.98 5.46
C GLN H 72 21.36 -72.89 6.36
N LYS H 73 20.67 -73.26 7.44
CA LYS H 73 20.16 -72.31 8.42
C LYS H 73 20.35 -72.87 9.83
N GLY H 74 21.48 -73.54 10.08
CA GLY H 74 21.71 -74.13 11.37
C GLY H 74 22.28 -75.53 11.35
N THR H 75 21.53 -76.50 11.87
CA THR H 75 22.04 -77.84 12.11
C THR H 75 22.53 -78.49 10.83
N VAL H 76 23.60 -79.26 10.97
CA VAL H 76 24.27 -79.91 9.84
C VAL H 76 23.55 -81.21 9.52
N ARG H 77 22.95 -81.28 8.34
CA ARG H 77 22.36 -82.50 7.84
C ARG H 77 23.38 -83.21 6.93
N LEU H 78 22.94 -84.27 6.26
CA LEU H 78 23.80 -85.00 5.34
C LEU H 78 22.93 -85.52 4.21
N TRP H 79 22.88 -84.77 3.11
CA TRP H 79 22.01 -85.12 1.99
C TRP H 79 22.59 -86.28 1.20
N ASN H 80 21.71 -87.18 0.77
CA ASN H 80 22.08 -88.30 -0.11
C ASN H 80 21.37 -88.11 -1.45
N VAL H 81 22.15 -88.12 -2.52
CA VAL H 81 21.59 -87.90 -3.85
C VAL H 81 20.80 -89.10 -4.35
N GLU H 82 21.05 -90.29 -3.79
CA GLU H 82 20.41 -91.51 -4.27
C GLU H 82 18.90 -91.40 -4.27
N THR H 83 18.29 -91.27 -3.08
CA THR H 83 16.86 -90.96 -2.97
C THR H 83 16.64 -89.84 -1.95
N ASN H 84 16.85 -88.60 -2.40
CA ASN H 84 16.41 -87.37 -1.71
C ASN H 84 16.45 -87.46 -0.20
N THR H 85 17.55 -87.98 0.36
CA THR H 85 17.64 -88.26 1.78
C THR H 85 18.65 -87.33 2.44
N SER H 86 18.22 -86.64 3.49
CA SER H 86 19.06 -85.70 4.24
C SER H 86 19.12 -86.17 5.68
N THR H 87 20.09 -87.03 5.99
CA THR H 87 20.27 -87.51 7.35
C THR H 87 20.90 -86.44 8.22
N VAL H 88 20.31 -86.22 9.39
CA VAL H 88 20.79 -85.21 10.33
C VAL H 88 21.94 -85.80 11.13
N LEU H 89 23.08 -85.12 11.12
CA LEU H 89 24.26 -85.58 11.83
C LEU H 89 24.68 -84.66 12.96
N ILE H 90 24.66 -83.34 12.76
CA ILE H 90 24.99 -82.38 13.81
C ILE H 90 23.76 -81.53 14.08
N GLU H 91 23.48 -81.29 15.35
CA GLU H 91 22.34 -80.49 15.78
C GLU H 91 22.82 -79.10 16.16
N GLY H 92 21.93 -78.31 16.77
CA GLY H 92 22.30 -77.00 17.26
C GLY H 92 23.26 -77.03 18.44
N LYS H 93 23.73 -78.25 18.78
CA LYS H 93 24.70 -78.40 19.84
C LYS H 93 25.99 -77.64 19.58
N LYS H 94 26.28 -77.30 18.32
CA LYS H 94 27.45 -76.48 18.02
C LYS H 94 27.36 -75.10 18.64
N ILE H 95 26.14 -74.63 18.95
CA ILE H 95 25.99 -73.36 19.62
C ILE H 95 26.63 -73.39 21.00
N GLU H 96 26.52 -74.53 21.70
CA GLU H 96 27.10 -74.68 23.02
C GLU H 96 28.58 -75.02 22.98
N SER H 97 29.16 -75.28 21.81
CA SER H 97 30.58 -75.59 21.72
C SER H 97 31.41 -74.32 21.71
N LEU H 98 31.15 -73.43 22.67
CA LEU H 98 31.79 -72.11 22.76
C LEU H 98 31.74 -71.41 21.39
N ARG H 99 30.61 -71.55 20.71
CA ARG H 99 30.39 -70.98 19.38
C ARG H 99 31.51 -71.40 18.42
N ALA H 100 31.61 -72.71 18.22
CA ALA H 100 32.66 -73.26 17.36
C ALA H 100 32.45 -72.82 15.92
N ILE H 101 33.41 -72.06 15.40
CA ILE H 101 33.27 -71.47 14.07
C ILE H 101 33.31 -72.56 13.00
N ARG H 102 34.31 -73.44 13.05
CA ARG H 102 34.54 -74.39 11.97
C ARG H 102 34.33 -75.81 12.47
N TYR H 103 33.84 -76.68 11.59
CA TYR H 103 33.68 -78.09 11.89
C TYR H 103 34.12 -78.92 10.68
N GLU H 104 34.64 -80.11 10.97
CA GLU H 104 35.02 -81.06 9.93
C GLU H 104 34.65 -82.46 10.38
N ILE H 105 34.33 -83.31 9.40
CA ILE H 105 33.86 -84.67 9.64
C ILE H 105 34.97 -85.64 9.24
N SER H 106 35.21 -86.64 10.10
CA SER H 106 36.24 -87.63 9.83
C SER H 106 35.84 -88.49 8.63
N PRO H 107 36.83 -89.09 7.94
CA PRO H 107 36.50 -89.95 6.79
C PRO H 107 35.65 -91.16 7.16
N ASP H 108 35.67 -91.59 8.42
CA ASP H 108 34.78 -92.66 8.88
C ASP H 108 33.45 -92.12 9.39
N ARG H 109 33.20 -90.82 9.23
CA ARG H 109 32.02 -90.12 9.73
C ARG H 109 31.61 -90.61 11.12
N GLU H 110 32.61 -90.68 12.00
CA GLU H 110 32.38 -91.11 13.38
C GLU H 110 32.87 -90.11 14.42
N TYR H 111 33.78 -89.20 14.08
CA TYR H 111 34.20 -88.14 14.98
C TYR H 111 34.19 -86.81 14.23
N ALA H 112 33.84 -85.75 14.95
CA ALA H 112 33.76 -84.41 14.39
C ALA H 112 34.73 -83.50 15.12
N LEU H 113 35.55 -82.78 14.35
CA LEU H 113 36.43 -81.75 14.89
C LEU H 113 35.73 -80.40 14.83
N PHE H 114 35.79 -79.66 15.93
CA PHE H 114 35.19 -78.33 16.01
C PHE H 114 36.26 -77.37 16.50
N SER H 115 36.61 -76.40 15.66
CA SER H 115 37.65 -75.43 15.97
C SER H 115 37.03 -74.05 16.14
N TYR H 116 37.51 -73.32 17.15
CA TYR H 116 37.00 -72.00 17.45
C TYR H 116 38.10 -71.11 18.02
N ASN H 117 38.16 -69.88 17.54
CA ASN H 117 39.16 -68.91 17.97
C ASN H 117 38.55 -67.52 17.87
N VAL H 118 39.40 -66.49 17.88
CA VAL H 118 38.96 -65.11 17.84
C VAL H 118 39.33 -64.42 16.53
N GLU H 119 40.52 -64.72 15.98
CA GLU H 119 40.95 -64.00 14.80
C GLU H 119 42.13 -64.70 14.12
N PRO H 120 42.18 -64.71 12.78
CA PRO H 120 43.39 -65.16 12.09
C PRO H 120 44.56 -64.21 12.26
N ILE H 121 45.69 -64.49 11.62
CA ILE H 121 46.90 -63.69 11.75
C ILE H 121 47.25 -62.99 10.43
N TYR H 122 47.60 -63.76 9.39
CA TYR H 122 48.01 -63.13 8.15
C TYR H 122 46.86 -63.03 7.15
N GLN H 123 46.36 -64.17 6.69
CA GLN H 123 45.16 -64.24 5.86
C GLN H 123 44.10 -65.13 6.48
N HIS H 124 44.46 -66.37 6.81
CA HIS H 124 43.59 -67.30 7.54
C HIS H 124 44.50 -68.11 8.47
N SER H 125 44.68 -67.62 9.70
CA SER H 125 45.34 -68.40 10.74
C SER H 125 44.23 -68.94 11.64
N TYR H 126 43.61 -70.02 11.17
CA TYR H 126 42.49 -70.65 11.85
C TYR H 126 42.97 -71.51 13.03
N THR H 127 43.64 -70.83 13.96
CA THR H 127 44.12 -71.42 15.19
C THR H 127 42.96 -71.53 16.18
N GLY H 128 43.27 -71.75 17.46
CA GLY H 128 42.30 -71.69 18.52
C GLY H 128 42.19 -73.01 19.26
N TYR H 129 41.01 -73.25 19.83
CA TYR H 129 40.72 -74.48 20.55
C TYR H 129 40.05 -75.46 19.61
N TYR H 130 40.52 -76.71 19.61
CA TYR H 130 39.99 -77.78 18.79
C TYR H 130 39.41 -78.85 19.72
N VAL H 131 38.15 -79.20 19.49
CA VAL H 131 37.44 -80.15 20.35
C VAL H 131 36.89 -81.28 19.47
N LEU H 132 37.07 -82.51 19.94
CA LEU H 132 36.57 -83.69 19.23
C LEU H 132 35.28 -84.16 19.88
N SER H 133 34.28 -84.47 19.05
CA SER H 133 32.98 -84.91 19.54
C SER H 133 32.55 -86.16 18.79
N LYS H 134 31.76 -86.99 19.46
CA LYS H 134 31.19 -88.17 18.83
C LYS H 134 30.21 -87.77 17.74
N ILE H 135 30.08 -88.64 16.73
CA ILE H 135 29.24 -88.30 15.58
C ILE H 135 27.79 -88.03 15.95
N PRO H 136 27.11 -88.82 16.82
CA PRO H 136 25.72 -88.45 17.15
C PRO H 136 25.66 -87.14 17.93
N HIS H 137 26.32 -87.12 19.08
CA HIS H 137 26.46 -85.95 19.94
C HIS H 137 27.28 -86.37 21.15
N GLY H 138 27.61 -85.39 21.99
CA GLY H 138 28.16 -85.65 23.31
C GLY H 138 29.67 -85.78 23.34
N ASP H 139 30.19 -85.77 24.57
CA ASP H 139 31.61 -85.90 24.90
C ASP H 139 32.48 -84.92 24.12
N PRO H 140 32.44 -83.63 24.45
CA PRO H 140 33.40 -82.71 23.86
C PRO H 140 34.70 -82.66 24.65
N GLN H 141 35.81 -83.08 24.03
CA GLN H 141 37.12 -83.07 24.67
C GLN H 141 38.07 -82.18 23.87
N SER H 142 38.78 -81.31 24.57
CA SER H 142 39.73 -80.40 23.92
C SER H 142 40.98 -81.17 23.54
N LEU H 143 41.32 -81.13 22.25
CA LEU H 143 42.50 -81.83 21.75
C LEU H 143 43.75 -81.12 22.27
N ASP H 144 44.42 -81.74 23.23
CA ASP H 144 45.58 -81.11 23.84
C ASP H 144 46.86 -81.78 23.39
N PRO H 145 47.92 -81.00 23.12
CA PRO H 145 49.21 -81.58 22.77
C PRO H 145 49.83 -82.30 23.95
N PRO H 146 50.83 -83.15 23.73
CA PRO H 146 51.43 -83.91 24.84
C PRO H 146 52.02 -82.98 25.89
N GLU H 147 51.97 -83.45 27.14
CA GLU H 147 52.41 -82.73 28.34
C GLU H 147 51.91 -81.29 28.37
N VAL H 148 50.75 -81.05 27.75
CA VAL H 148 50.13 -79.73 27.73
C VAL H 148 48.64 -79.89 27.98
N SER H 149 48.08 -79.02 28.81
CA SER H 149 46.66 -79.00 29.10
C SER H 149 45.93 -78.28 27.97
N ASN H 150 44.66 -77.93 28.20
CA ASN H 150 43.86 -77.22 27.21
C ASN H 150 44.54 -75.92 26.79
N ALA H 151 44.97 -75.85 25.53
CA ALA H 151 45.72 -74.71 25.02
C ALA H 151 45.31 -74.45 23.58
N LYS H 152 45.73 -73.28 23.07
CA LYS H 152 45.44 -72.92 21.69
C LYS H 152 46.09 -73.90 20.73
N LEU H 153 45.40 -74.22 19.64
CA LEU H 153 45.85 -75.20 18.66
C LEU H 153 45.72 -74.60 17.28
N GLN H 154 46.80 -74.69 16.49
CA GLN H 154 46.84 -74.00 15.20
C GLN H 154 45.92 -74.65 14.17
N TYR H 155 45.98 -75.98 14.05
CA TYR H 155 45.21 -76.73 13.07
C TYR H 155 45.31 -78.21 13.38
N ALA H 156 44.21 -78.94 13.18
CA ALA H 156 44.23 -80.39 13.34
C ALA H 156 43.96 -81.14 12.04
N GLY H 157 42.82 -80.94 11.40
CA GLY H 157 42.49 -81.66 10.19
C GLY H 157 42.22 -83.13 10.43
N TRP H 158 41.97 -83.84 9.33
CA TRP H 158 41.60 -85.24 9.36
C TRP H 158 42.48 -86.04 8.40
N GLY H 159 42.56 -87.34 8.67
CA GLY H 159 43.27 -88.24 7.79
C GLY H 159 42.41 -88.66 6.61
N PRO H 160 43.00 -89.50 5.75
CA PRO H 160 42.26 -90.00 4.58
C PRO H 160 41.40 -91.22 4.86
N LYS H 161 41.46 -91.78 6.07
CA LYS H 161 40.72 -92.99 6.38
C LYS H 161 40.56 -93.12 7.89
N GLY H 162 39.47 -93.75 8.29
CA GLY H 162 39.21 -93.98 9.71
C GLY H 162 39.05 -92.67 10.47
N GLN H 163 39.58 -92.67 11.70
CA GLN H 163 39.56 -91.49 12.56
C GLN H 163 40.96 -90.95 12.85
N GLN H 164 41.95 -91.34 12.05
CA GLN H 164 43.30 -90.82 12.25
C GLN H 164 43.36 -89.35 11.87
N LEU H 165 44.23 -88.61 12.56
CA LEU H 165 44.40 -87.19 12.31
C LEU H 165 45.78 -86.77 12.79
N ILE H 166 46.10 -85.49 12.60
CA ILE H 166 47.24 -84.84 13.20
C ILE H 166 46.78 -83.52 13.80
N PHE H 167 47.72 -82.80 14.39
CA PHE H 167 47.49 -81.42 14.80
C PHE H 167 48.84 -80.76 15.07
N ILE H 168 48.91 -79.46 14.76
CA ILE H 168 50.16 -78.71 14.80
C ILE H 168 50.10 -77.71 15.94
N PHE H 169 51.08 -77.77 16.83
CA PHE H 169 51.25 -76.80 17.91
C PHE H 169 52.70 -76.36 17.94
N GLU H 170 52.93 -75.07 17.68
CA GLU H 170 54.26 -74.49 17.65
C GLU H 170 55.16 -75.23 16.67
N ASN H 171 54.65 -75.43 15.45
CA ASN H 171 55.39 -76.08 14.37
C ASN H 171 55.85 -77.47 14.77
N ASN H 172 54.96 -78.23 15.41
CA ASN H 172 55.26 -79.60 15.84
C ASN H 172 54.06 -80.48 15.49
N ILE H 173 54.24 -81.34 14.49
CA ILE H 173 53.15 -82.22 14.04
C ILE H 173 52.97 -83.33 15.07
N TYR H 174 51.72 -83.53 15.51
CA TYR H 174 51.38 -84.54 16.50
C TYR H 174 50.30 -85.43 15.90
N TYR H 175 50.60 -86.71 15.74
CA TYR H 175 49.71 -87.64 15.07
C TYR H 175 48.88 -88.41 16.09
N CYS H 176 47.62 -88.68 15.76
CA CYS H 176 46.72 -89.45 16.61
C CYS H 176 45.86 -90.33 15.70
N ALA H 177 46.21 -91.61 15.61
CA ALA H 177 45.44 -92.55 14.81
C ALA H 177 44.02 -92.74 15.33
N HIS H 178 43.79 -92.49 16.62
CA HIS H 178 42.51 -92.71 17.24
C HIS H 178 42.18 -91.52 18.13
N VAL H 179 40.95 -91.51 18.66
CA VAL H 179 40.56 -90.46 19.59
C VAL H 179 41.41 -90.52 20.86
N GLY H 180 41.64 -91.73 21.38
CA GLY H 180 42.47 -91.93 22.54
C GLY H 180 43.94 -92.10 22.25
N LYS H 181 44.33 -92.11 20.97
CA LYS H 181 45.73 -92.25 20.61
C LYS H 181 46.53 -91.06 21.12
N GLN H 182 47.64 -91.35 21.79
CA GLN H 182 48.51 -90.30 22.30
C GLN H 182 49.19 -89.56 21.14
N ALA H 183 49.26 -88.24 21.26
CA ALA H 183 49.90 -87.43 20.24
C ALA H 183 51.39 -87.78 20.15
N ILE H 184 51.87 -87.97 18.93
CA ILE H 184 53.24 -88.40 18.66
C ILE H 184 54.02 -87.21 18.14
N ARG H 185 55.14 -86.90 18.79
CA ARG H 185 56.01 -85.83 18.32
C ARG H 185 56.74 -86.29 17.06
N VAL H 186 56.02 -86.35 15.95
CA VAL H 186 56.59 -86.87 14.71
C VAL H 186 57.70 -85.95 14.21
N VAL H 187 57.43 -84.65 14.14
CA VAL H 187 58.45 -83.67 13.81
C VAL H 187 58.22 -82.42 14.65
N SER H 188 59.31 -81.88 15.19
CA SER H 188 59.24 -80.68 16.03
C SER H 188 60.40 -79.72 15.78
N THR H 189 61.13 -79.87 14.69
CA THR H 189 62.26 -78.98 14.42
C THR H 189 61.81 -77.56 14.11
N GLY H 190 60.53 -77.36 13.82
CA GLY H 190 60.04 -76.01 13.60
C GLY H 190 60.08 -75.17 14.86
N LYS H 191 60.23 -73.86 14.68
CA LYS H 191 60.37 -72.92 15.78
C LYS H 191 59.45 -71.73 15.57
N GLU H 192 59.29 -70.94 16.64
CA GLU H 192 58.43 -69.77 16.61
C GLU H 192 59.01 -68.72 15.68
N GLY H 193 58.43 -68.59 14.48
CA GLY H 193 58.84 -67.57 13.55
C GLY H 193 60.18 -67.78 12.91
N VAL H 194 60.86 -68.88 13.19
CA VAL H 194 62.21 -69.15 12.68
C VAL H 194 62.20 -70.32 11.70
N ILE H 195 61.70 -71.47 12.14
CA ILE H 195 61.58 -72.65 11.30
C ILE H 195 60.12 -73.12 11.34
N TYR H 196 59.58 -73.44 10.18
CA TYR H 196 58.19 -73.88 10.07
C TYR H 196 58.13 -75.25 9.41
N ASN H 197 57.08 -76.00 9.72
CA ASN H 197 56.85 -77.30 9.09
C ASN H 197 55.38 -77.67 9.24
N GLY H 198 54.68 -77.80 8.12
CA GLY H 198 53.27 -78.12 8.13
C GLY H 198 52.36 -76.92 7.99
N LEU H 199 52.86 -75.71 8.21
CA LEU H 199 52.05 -74.49 8.08
C LEU H 199 52.82 -73.47 7.24
N SER H 200 52.12 -72.42 6.86
CA SER H 200 52.67 -71.37 6.02
C SER H 200 53.03 -70.14 6.84
N ASP H 201 54.14 -69.50 6.45
CA ASP H 201 54.51 -68.22 7.04
C ASP H 201 53.72 -67.11 6.34
N TRP H 202 54.12 -65.86 6.55
CA TRP H 202 53.49 -64.76 5.82
C TRP H 202 53.74 -64.89 4.32
N LEU H 203 54.98 -65.20 3.94
CA LEU H 203 55.36 -65.18 2.53
C LEU H 203 54.55 -66.18 1.72
N TYR H 204 54.49 -67.44 2.18
CA TYR H 204 53.77 -68.46 1.44
C TYR H 204 52.27 -68.20 1.48
N GLU H 205 51.72 -67.94 2.67
CA GLU H 205 50.29 -67.74 2.81
C GLU H 205 49.79 -66.50 2.09
N GLU H 206 50.68 -65.57 1.75
CA GLU H 206 50.25 -64.32 1.14
C GLU H 206 50.70 -64.13 -0.31
N GLU H 207 51.69 -64.89 -0.79
CA GLU H 207 52.27 -64.62 -2.10
C GLU H 207 52.12 -65.76 -3.07
N ILE H 208 52.43 -66.99 -2.68
CA ILE H 208 52.46 -68.13 -3.59
C ILE H 208 51.56 -69.27 -3.11
N LEU H 209 51.75 -69.72 -1.86
CA LEU H 209 50.94 -70.82 -1.36
C LEU H 209 49.47 -70.42 -1.23
N LYS H 210 49.19 -69.23 -0.70
CA LYS H 210 47.85 -68.71 -0.45
C LYS H 210 47.04 -69.61 0.48
N THR H 211 47.65 -70.59 1.10
CA THR H 211 46.97 -71.49 2.02
C THR H 211 47.77 -71.60 3.32
N HIS H 212 47.05 -71.64 4.44
CA HIS H 212 47.72 -71.73 5.73
C HIS H 212 48.35 -73.09 5.94
N ILE H 213 47.65 -74.15 5.57
CA ILE H 213 48.18 -75.50 5.70
C ILE H 213 49.26 -75.72 4.64
N ALA H 214 50.34 -76.38 5.03
CA ALA H 214 51.47 -76.63 4.14
C ALA H 214 51.91 -78.08 4.18
N HIS H 215 50.97 -79.00 4.42
CA HIS H 215 51.26 -80.42 4.42
C HIS H 215 50.13 -81.17 3.74
N TRP H 216 50.45 -82.39 3.28
CA TRP H 216 49.57 -83.20 2.48
C TRP H 216 49.55 -84.63 3.00
N TRP H 217 48.35 -85.22 3.04
CA TRP H 217 48.19 -86.61 3.44
C TRP H 217 48.37 -87.53 2.25
N SER H 218 49.15 -88.60 2.45
CA SER H 218 49.28 -89.62 1.44
C SER H 218 47.99 -90.43 1.31
N PRO H 219 47.69 -90.95 0.12
CA PRO H 219 46.45 -91.71 -0.05
C PRO H 219 46.33 -92.91 0.88
N ASP H 220 47.44 -93.58 1.19
CA ASP H 220 47.39 -94.73 2.07
C ASP H 220 47.12 -94.36 3.53
N GLY H 221 47.16 -93.07 3.86
CA GLY H 221 47.03 -92.66 5.25
C GLY H 221 48.14 -93.18 6.14
N THR H 222 49.36 -93.26 5.62
CA THR H 222 50.49 -93.81 6.35
C THR H 222 51.66 -92.84 6.31
N ARG H 223 51.69 -91.99 5.29
CA ARG H 223 52.75 -91.00 5.12
C ARG H 223 52.17 -89.60 5.06
N LEU H 224 52.99 -88.63 5.43
CA LEU H 224 52.59 -87.22 5.47
C LEU H 224 53.73 -86.38 4.91
N ALA H 225 53.44 -85.58 3.89
CA ALA H 225 54.44 -84.72 3.28
C ALA H 225 54.33 -83.32 3.88
N TYR H 226 55.43 -82.83 4.45
CA TYR H 226 55.46 -81.51 5.07
C TYR H 226 56.64 -80.71 4.55
N ALA H 227 56.43 -79.40 4.45
CA ALA H 227 57.44 -78.49 3.94
C ALA H 227 58.11 -77.76 5.10
N ALA H 228 59.45 -77.85 5.15
CA ALA H 228 60.22 -77.15 6.16
C ALA H 228 60.71 -75.82 5.59
N ILE H 229 60.51 -74.76 6.36
CA ILE H 229 60.82 -73.40 5.96
C ILE H 229 61.83 -72.84 6.94
N ASN H 230 62.97 -72.37 6.43
CA ASN H 230 64.00 -71.71 7.22
C ASN H 230 63.81 -70.20 7.04
N ASP H 231 63.17 -69.58 8.04
CA ASP H 231 62.95 -68.15 8.08
C ASP H 231 63.98 -67.42 8.95
N SER H 232 64.99 -68.13 9.44
CA SER H 232 65.97 -67.52 10.33
C SER H 232 66.72 -66.40 9.62
N ARG H 233 67.10 -66.61 8.37
CA ARG H 233 67.81 -65.58 7.61
C ARG H 233 66.95 -64.36 7.34
N VAL H 234 65.63 -64.50 7.34
CA VAL H 234 64.75 -63.42 6.91
C VAL H 234 64.82 -62.28 7.93
N PRO H 235 65.02 -61.04 7.48
CA PRO H 235 64.97 -59.91 8.43
C PRO H 235 63.60 -59.83 9.09
N ILE H 236 63.61 -59.51 10.38
CA ILE H 236 62.39 -59.47 11.19
C ILE H 236 62.08 -58.01 11.50
N MET H 237 60.93 -57.55 11.00
CA MET H 237 60.46 -56.19 11.23
C MET H 237 59.26 -56.17 12.17
N GLU H 238 59.17 -55.07 12.90
CA GLU H 238 58.21 -54.90 13.97
C GLU H 238 57.15 -53.87 13.57
N LEU H 239 55.94 -54.10 14.02
CA LEU H 239 54.83 -53.19 13.79
C LEU H 239 54.51 -52.46 15.08
N PRO H 240 54.39 -51.14 15.03
CA PRO H 240 54.15 -50.37 16.27
C PRO H 240 52.79 -50.67 16.86
N THR H 241 52.73 -50.57 18.19
CA THR H 241 51.50 -50.77 18.95
C THR H 241 51.15 -49.47 19.65
N TYR H 242 49.91 -49.01 19.46
CA TYR H 242 49.45 -47.77 20.10
C TYR H 242 48.20 -48.00 20.94
N THR H 243 47.90 -49.26 21.27
CA THR H 243 46.71 -49.57 22.07
C THR H 243 46.98 -50.58 23.18
N GLY H 244 48.12 -51.25 23.19
CA GLY H 244 48.42 -52.29 24.18
C GLY H 244 48.32 -51.86 25.63
N SER H 245 49.21 -50.98 26.07
CA SER H 245 49.27 -50.59 27.46
C SER H 245 49.90 -49.20 27.56
N ILE H 246 50.31 -48.84 28.79
CA ILE H 246 51.01 -47.58 28.99
C ILE H 246 52.37 -47.62 28.30
N TYR H 247 52.98 -48.80 28.20
CA TYR H 247 54.24 -49.00 27.48
C TYR H 247 54.06 -50.18 26.52
N PRO H 248 53.31 -49.98 25.43
CA PRO H 248 53.10 -51.08 24.49
C PRO H 248 54.40 -51.44 23.76
N THR H 249 54.45 -52.69 23.31
CA THR H 249 55.62 -53.20 22.60
C THR H 249 55.25 -53.50 21.15
N VAL H 250 56.25 -53.42 20.28
CA VAL H 250 56.03 -53.70 18.86
C VAL H 250 55.86 -55.19 18.63
N LYS H 251 55.34 -55.53 17.46
CA LYS H 251 55.12 -56.93 17.10
C LYS H 251 56.04 -57.33 15.97
N PRO H 252 57.05 -58.15 16.20
CA PRO H 252 57.98 -58.51 15.12
C PRO H 252 57.61 -59.78 14.37
N TYR H 253 57.80 -59.76 13.05
CA TYR H 253 57.66 -60.95 12.22
C TYR H 253 58.62 -60.82 11.05
N HIS H 254 58.99 -61.97 10.48
CA HIS H 254 59.96 -62.00 9.39
C HIS H 254 59.29 -61.59 8.08
N TYR H 255 59.92 -60.66 7.36
CA TYR H 255 59.35 -60.10 6.14
C TYR H 255 60.49 -59.86 5.15
N PRO H 256 60.64 -60.72 4.15
CA PRO H 256 61.72 -60.56 3.17
C PRO H 256 61.38 -59.48 2.16
N LYS H 257 62.07 -58.34 2.26
CA LYS H 257 61.84 -57.23 1.35
C LYS H 257 62.54 -57.46 0.02
N ALA H 258 62.23 -56.60 -0.94
CA ALA H 258 62.85 -56.69 -2.25
C ALA H 258 64.34 -56.40 -2.15
N GLY H 259 65.13 -57.17 -2.91
CA GLY H 259 66.57 -57.04 -2.87
C GLY H 259 67.25 -57.81 -1.75
N SER H 260 66.49 -58.26 -0.75
CA SER H 260 67.03 -59.11 0.29
C SER H 260 66.91 -60.57 -0.12
N GLU H 261 67.37 -61.46 0.75
CA GLU H 261 67.28 -62.89 0.50
C GLU H 261 65.88 -63.39 0.84
N ASN H 262 65.62 -64.66 0.53
CA ASN H 262 64.32 -65.25 0.76
C ASN H 262 64.45 -66.53 1.57
N PRO H 263 63.46 -66.87 2.40
CA PRO H 263 63.59 -68.02 3.31
C PRO H 263 63.84 -69.32 2.56
N SER H 264 64.65 -70.19 3.16
CA SER H 264 64.95 -71.47 2.54
C SER H 264 63.75 -72.40 2.64
N ILE H 265 63.62 -73.30 1.67
CA ILE H 265 62.49 -74.21 1.59
C ILE H 265 63.00 -75.62 1.32
N SER H 266 62.34 -76.61 1.91
CA SER H 266 62.65 -78.01 1.66
C SER H 266 61.39 -78.83 1.89
N LEU H 267 61.38 -80.05 1.36
CA LEU H 267 60.24 -80.93 1.49
C LEU H 267 60.66 -82.25 2.09
N HIS H 268 59.86 -82.79 3.00
CA HIS H 268 60.18 -84.00 3.73
C HIS H 268 58.92 -84.83 3.92
N VAL H 269 59.13 -86.10 4.24
CA VAL H 269 58.05 -87.06 4.44
C VAL H 269 58.24 -87.71 5.81
N ILE H 270 57.14 -87.80 6.56
CA ILE H 270 57.11 -88.46 7.86
C ILE H 270 56.11 -89.60 7.82
N GLY H 271 56.30 -90.55 8.72
CA GLY H 271 55.43 -91.71 8.83
C GLY H 271 54.32 -91.47 9.83
N LEU H 272 53.10 -91.90 9.45
CA LEU H 272 51.94 -91.78 10.31
C LEU H 272 51.74 -93.01 11.20
N ASN H 273 52.79 -93.78 11.44
CA ASN H 273 52.71 -94.95 12.31
C ASN H 273 54.11 -95.48 12.55
N GLY H 274 54.30 -96.08 13.72
CA GLY H 274 55.53 -96.75 14.05
C GLY H 274 56.75 -95.85 14.06
N PRO H 275 57.73 -96.15 13.20
CA PRO H 275 58.99 -95.40 13.23
C PRO H 275 58.83 -93.92 12.88
N THR H 276 57.77 -93.53 12.17
CA THR H 276 57.59 -92.15 11.72
C THR H 276 58.80 -91.66 10.94
N HIS H 277 59.27 -92.51 10.02
CA HIS H 277 60.52 -92.24 9.31
C HIS H 277 60.37 -91.01 8.41
N ASP H 278 61.41 -90.17 8.41
CA ASP H 278 61.43 -88.93 7.65
C ASP H 278 62.46 -89.03 6.53
N LEU H 279 62.09 -88.54 5.35
CA LEU H 279 62.97 -88.52 4.19
C LEU H 279 62.84 -87.17 3.49
N GLU H 280 63.96 -86.50 3.26
CA GLU H 280 63.97 -85.25 2.52
C GLU H 280 64.02 -85.55 1.02
N MET H 281 63.47 -84.63 0.23
CA MET H 281 63.52 -84.70 -1.22
C MET H 281 64.46 -83.63 -1.76
N MET H 282 65.48 -84.05 -2.51
CA MET H 282 66.47 -83.13 -3.04
C MET H 282 65.87 -82.25 -4.13
N PRO H 283 66.07 -80.94 -4.06
CA PRO H 283 65.63 -80.06 -5.14
C PRO H 283 66.49 -80.27 -6.39
N PRO H 284 65.96 -79.96 -7.57
CA PRO H 284 66.81 -79.95 -8.76
C PRO H 284 67.88 -78.88 -8.65
N ASP H 285 69.01 -79.13 -9.29
CA ASP H 285 70.18 -78.25 -9.15
C ASP H 285 70.57 -77.63 -10.49
N ASP H 286 69.60 -77.09 -11.21
CA ASP H 286 69.88 -76.43 -12.48
C ASP H 286 70.74 -75.20 -12.23
N PRO H 287 71.55 -74.80 -13.22
CA PRO H 287 72.43 -73.64 -13.03
C PRO H 287 71.69 -72.34 -12.75
N ARG H 288 70.43 -72.24 -13.14
CA ARG H 288 69.62 -71.05 -12.89
C ARG H 288 68.67 -71.23 -11.72
N MET H 289 68.92 -72.22 -10.85
CA MET H 289 68.07 -72.52 -9.70
C MET H 289 68.89 -72.52 -8.42
N ARG H 290 69.70 -71.47 -8.23
CA ARG H 290 70.45 -71.34 -6.98
C ARG H 290 69.50 -71.25 -5.78
N GLU H 291 68.43 -70.48 -5.92
CA GLU H 291 67.37 -70.40 -4.92
C GLU H 291 66.06 -70.87 -5.54
N TYR H 292 65.29 -71.64 -4.79
CA TYR H 292 64.13 -72.33 -5.34
C TYR H 292 62.92 -72.16 -4.44
N TYR H 293 61.74 -72.35 -5.03
CA TYR H 293 60.46 -72.26 -4.35
C TYR H 293 59.66 -73.52 -4.66
N ILE H 294 58.99 -74.04 -3.64
CA ILE H 294 58.03 -75.13 -3.79
C ILE H 294 56.64 -74.51 -3.70
N THR H 295 55.96 -74.41 -4.85
CA THR H 295 54.65 -73.79 -4.87
C THR H 295 53.62 -74.69 -4.19
N MET H 296 53.36 -75.86 -4.77
CA MET H 296 52.57 -76.89 -4.10
C MET H 296 53.13 -78.25 -4.50
N VAL H 297 52.75 -79.27 -3.73
CA VAL H 297 53.05 -80.65 -4.08
C VAL H 297 51.76 -81.46 -3.91
N LYS H 298 51.66 -82.54 -4.69
CA LYS H 298 50.49 -83.40 -4.61
C LYS H 298 50.93 -84.86 -4.61
N TRP H 299 50.20 -85.68 -3.86
CA TRP H 299 50.47 -87.11 -3.80
C TRP H 299 49.97 -87.75 -5.08
N ALA H 300 50.87 -87.97 -6.04
CA ALA H 300 50.52 -88.74 -7.23
C ALA H 300 50.12 -90.16 -6.84
N THR H 301 50.90 -90.77 -5.94
CA THR H 301 50.55 -92.04 -5.32
C THR H 301 50.84 -91.89 -3.82
N SER H 302 50.81 -93.01 -3.10
CA SER H 302 51.21 -93.00 -1.70
C SER H 302 52.73 -93.01 -1.52
N THR H 303 53.48 -93.18 -2.60
CA THR H 303 54.94 -93.18 -2.56
C THR H 303 55.58 -92.17 -3.51
N LYS H 304 54.83 -91.62 -4.46
CA LYS H 304 55.34 -90.65 -5.42
C LYS H 304 54.59 -89.34 -5.26
N VAL H 305 55.34 -88.23 -5.30
CA VAL H 305 54.78 -86.90 -5.11
C VAL H 305 55.24 -86.00 -6.25
N ALA H 306 54.30 -85.24 -6.81
CA ALA H 306 54.58 -84.26 -7.83
C ALA H 306 54.91 -82.93 -7.15
N VAL H 307 56.07 -82.37 -7.48
CA VAL H 307 56.60 -81.16 -6.86
C VAL H 307 56.86 -80.14 -7.95
N THR H 308 56.59 -78.87 -7.66
CA THR H 308 56.89 -77.77 -8.57
C THR H 308 58.02 -76.95 -7.97
N TRP H 309 59.13 -76.85 -8.70
CA TRP H 309 60.30 -76.08 -8.28
C TRP H 309 60.43 -74.88 -9.18
N LEU H 310 60.39 -73.68 -8.60
CA LEU H 310 60.51 -72.44 -9.36
C LEU H 310 61.74 -71.67 -8.91
N ASN H 311 62.58 -71.28 -9.86
CA ASN H 311 63.81 -70.58 -9.51
C ASN H 311 63.50 -69.24 -8.86
N ARG H 312 64.52 -68.66 -8.21
CA ARG H 312 64.34 -67.36 -7.58
C ARG H 312 64.02 -66.28 -8.61
N ALA H 313 64.65 -66.35 -9.77
CA ALA H 313 64.27 -65.46 -10.86
C ALA H 313 62.86 -65.76 -11.37
N GLN H 314 62.28 -66.89 -10.97
CA GLN H 314 60.90 -67.28 -11.25
C GLN H 314 60.63 -67.47 -12.74
N ASN H 315 61.67 -67.56 -13.56
CA ASN H 315 61.54 -67.78 -14.98
C ASN H 315 61.86 -69.22 -15.39
N VAL H 316 62.04 -70.12 -14.43
CA VAL H 316 62.35 -71.51 -14.72
C VAL H 316 61.60 -72.38 -13.71
N SER H 317 60.67 -73.20 -14.20
CA SER H 317 59.91 -74.12 -13.36
C SER H 317 60.14 -75.55 -13.80
N ILE H 318 60.07 -76.47 -12.84
CA ILE H 318 60.31 -77.89 -13.07
C ILE H 318 59.28 -78.69 -12.30
N LEU H 319 58.60 -79.60 -12.99
CA LEU H 319 57.75 -80.60 -12.38
C LEU H 319 58.57 -81.86 -12.13
N THR H 320 58.67 -82.27 -10.88
CA THR H 320 59.53 -83.37 -10.46
C THR H 320 58.71 -84.43 -9.75
N LEU H 321 58.89 -85.69 -10.14
CA LEU H 321 58.27 -86.81 -9.43
C LEU H 321 59.28 -87.37 -8.44
N CYS H 322 59.01 -87.20 -7.15
CA CYS H 322 59.93 -87.60 -6.09
C CYS H 322 59.36 -88.79 -5.33
N ASP H 323 60.22 -89.74 -4.99
CA ASP H 323 59.81 -90.91 -4.25
C ASP H 323 59.68 -90.56 -2.77
N ALA H 324 58.46 -90.63 -2.24
CA ALA H 324 58.26 -90.31 -0.82
C ALA H 324 58.99 -91.29 0.08
N THR H 325 58.98 -92.58 -0.27
CA THR H 325 59.59 -93.61 0.56
C THR H 325 61.09 -93.73 0.33
N THR H 326 61.67 -93.00 -0.61
CA THR H 326 63.09 -93.11 -0.90
C THR H 326 63.78 -91.75 -0.87
N GLY H 327 63.05 -90.70 -1.27
CA GLY H 327 63.62 -89.38 -1.40
C GLY H 327 64.20 -89.07 -2.76
N VAL H 328 64.24 -90.04 -3.67
CA VAL H 328 64.80 -89.82 -4.99
C VAL H 328 63.82 -88.98 -5.81
N CYS H 329 64.32 -87.89 -6.37
CA CYS H 329 63.50 -86.97 -7.17
C CYS H 329 63.80 -87.16 -8.64
N THR H 330 62.75 -87.35 -9.44
CA THR H 330 62.87 -87.55 -10.87
C THR H 330 62.05 -86.47 -11.57
N LYS H 331 62.72 -85.66 -12.39
CA LYS H 331 62.03 -84.60 -13.12
C LYS H 331 61.11 -85.20 -14.17
N LYS H 332 59.85 -84.77 -14.18
CA LYS H 332 58.90 -85.22 -15.18
C LYS H 332 58.58 -84.16 -16.22
N HIS H 333 58.90 -82.90 -15.97
CA HIS H 333 58.63 -81.84 -16.94
C HIS H 333 59.48 -80.63 -16.61
N GLU H 334 59.80 -79.85 -17.63
CA GLU H 334 60.54 -78.61 -17.45
C GLU H 334 59.95 -77.53 -18.33
N ASP H 335 59.83 -76.32 -17.78
CA ASP H 335 59.32 -75.18 -18.52
C ASP H 335 60.13 -73.95 -18.12
N GLU H 336 60.20 -72.98 -19.03
CA GLU H 336 60.93 -71.76 -18.74
C GLU H 336 60.45 -70.66 -19.68
N SER H 337 60.69 -69.42 -19.25
CA SER H 337 60.30 -68.24 -20.02
C SER H 337 61.34 -67.15 -19.80
N GLU H 338 61.28 -66.12 -20.65
CA GLU H 338 62.23 -65.02 -20.52
C GLU H 338 62.02 -64.27 -19.20
N ALA H 339 60.78 -63.94 -18.88
CA ALA H 339 60.48 -63.09 -17.73
C ALA H 339 60.13 -63.90 -16.47
N TRP H 340 59.07 -64.68 -16.53
CA TRP H 340 58.65 -65.45 -15.35
C TRP H 340 57.74 -66.58 -15.80
N LEU H 341 57.44 -67.47 -14.84
CA LEU H 341 56.49 -68.56 -15.04
C LEU H 341 55.20 -68.21 -14.32
N HIS H 342 54.21 -67.76 -15.07
CA HIS H 342 52.94 -67.36 -14.49
C HIS H 342 52.09 -68.58 -14.16
N ARG H 343 51.25 -68.42 -13.13
CA ARG H 343 50.28 -69.44 -12.71
C ARG H 343 50.97 -70.76 -12.38
N GLN H 344 51.82 -70.70 -11.34
CA GLN H 344 52.33 -71.90 -10.70
C GLN H 344 51.36 -72.45 -9.66
N ASN H 345 50.09 -72.06 -9.76
CA ASN H 345 49.05 -72.45 -8.82
C ASN H 345 48.11 -73.51 -9.41
N GLU H 346 48.67 -74.47 -10.14
CA GLU H 346 47.88 -75.51 -10.78
C GLU H 346 48.38 -76.89 -10.36
N GLU H 347 47.47 -77.87 -10.41
CA GLU H 347 47.76 -79.25 -10.03
C GLU H 347 47.54 -80.19 -11.20
N PRO H 348 48.47 -81.09 -11.47
CA PRO H 348 48.19 -82.17 -12.44
C PRO H 348 47.12 -83.09 -11.91
N VAL H 349 46.34 -83.66 -12.82
CA VAL H 349 45.26 -84.58 -12.48
C VAL H 349 45.81 -86.00 -12.61
N PHE H 350 46.38 -86.50 -11.53
CA PHE H 350 46.93 -87.85 -11.50
C PHE H 350 45.82 -88.86 -11.20
N SER H 351 45.85 -89.98 -11.92
CA SER H 351 44.84 -91.01 -11.77
C SER H 351 45.07 -91.81 -10.49
N LYS H 352 44.13 -92.71 -10.20
CA LYS H 352 44.23 -93.54 -9.01
C LYS H 352 45.45 -94.47 -9.08
N ASP H 353 45.71 -95.02 -10.25
CA ASP H 353 46.85 -95.91 -10.46
C ASP H 353 48.11 -95.17 -10.86
N GLY H 354 48.08 -93.84 -10.89
CA GLY H 354 49.22 -93.07 -11.36
C GLY H 354 49.51 -93.24 -12.83
N ARG H 355 48.48 -93.32 -13.65
CA ARG H 355 48.63 -93.42 -15.10
C ARG H 355 48.85 -92.00 -15.64
N LYS H 356 48.74 -91.82 -16.96
CA LYS H 356 48.97 -90.51 -17.56
C LYS H 356 48.06 -89.46 -16.94
N PHE H 357 48.67 -88.35 -16.53
CA PHE H 357 47.98 -87.29 -15.81
C PHE H 357 47.59 -86.16 -16.75
N PHE H 358 46.83 -85.21 -16.20
CA PHE H 358 46.28 -84.07 -16.93
C PHE H 358 46.79 -82.80 -16.27
N PHE H 359 47.83 -82.21 -16.84
CA PHE H 359 48.36 -80.95 -16.38
C PHE H 359 47.73 -79.80 -17.17
N ILE H 360 48.15 -78.58 -16.87
CA ILE H 360 47.76 -77.41 -17.67
C ILE H 360 48.97 -76.51 -17.81
N ARG H 361 49.19 -75.99 -19.02
CA ARG H 361 50.36 -75.17 -19.27
C ARG H 361 50.09 -74.25 -20.46
N ALA H 362 51.07 -73.40 -20.77
CA ALA H 362 50.93 -72.40 -21.82
C ALA H 362 51.27 -73.04 -23.17
N ILE H 363 50.28 -73.09 -24.05
CA ILE H 363 50.49 -73.53 -25.43
C ILE H 363 50.44 -72.30 -26.32
N PRO H 364 51.16 -72.29 -27.46
CA PRO H 364 51.30 -71.04 -28.21
C PRO H 364 49.98 -70.43 -28.66
N GLN H 365 48.95 -71.25 -28.93
CA GLN H 365 47.60 -70.76 -29.23
C GLN H 365 47.59 -69.83 -30.45
N GLY H 366 48.58 -69.97 -31.33
CA GLY H 366 48.64 -69.13 -32.51
C GLY H 366 48.80 -67.66 -32.12
N GLY H 367 47.86 -66.83 -32.57
CA GLY H 367 47.88 -65.42 -32.28
C GLY H 367 47.48 -65.11 -30.85
N ARG H 368 47.51 -63.82 -30.53
CA ARG H 368 47.17 -63.29 -29.20
C ARG H 368 48.10 -63.84 -28.11
N GLY H 369 49.27 -64.35 -28.48
CA GLY H 369 50.18 -64.93 -27.52
C GLY H 369 49.74 -66.32 -27.09
N LYS H 370 50.55 -66.91 -26.21
CA LYS H 370 50.26 -68.25 -25.71
C LYS H 370 49.19 -68.21 -24.63
N PHE H 371 48.31 -69.21 -24.65
CA PHE H 371 47.20 -69.31 -23.71
C PHE H 371 47.36 -70.55 -22.85
N TYR H 372 46.78 -70.50 -21.65
CA TYR H 372 46.87 -71.60 -20.69
C TYR H 372 45.80 -72.63 -21.02
N HIS H 373 46.23 -73.81 -21.46
CA HIS H 373 45.30 -74.86 -21.85
C HIS H 373 45.73 -76.18 -21.23
N ILE H 374 44.77 -77.11 -21.16
CA ILE H 374 45.01 -78.42 -20.59
C ILE H 374 45.96 -79.21 -21.48
N THR H 375 46.64 -80.19 -20.89
CA THR H 375 47.59 -81.03 -21.59
C THR H 375 47.58 -82.40 -20.91
N VAL H 376 47.71 -83.45 -21.71
CA VAL H 376 47.78 -84.82 -21.20
C VAL H 376 49.22 -85.28 -21.32
N SER H 377 49.78 -85.78 -20.22
CA SER H 377 51.17 -86.24 -20.22
C SER H 377 51.22 -87.65 -19.65
N SER H 378 52.09 -88.48 -20.19
CA SER H 378 52.19 -89.87 -19.75
C SER H 378 52.64 -89.95 -18.30
N SER H 379 52.39 -91.11 -17.68
CA SER H 379 52.71 -91.30 -16.28
C SER H 379 54.20 -91.14 -16.02
N GLN H 380 55.02 -91.77 -16.86
CA GLN H 380 56.48 -91.67 -16.77
C GLN H 380 57.02 -91.31 -18.14
N PRO H 381 56.96 -90.03 -18.50
CA PRO H 381 57.42 -89.61 -19.84
C PRO H 381 58.90 -89.94 -20.03
N ASN H 382 59.23 -90.41 -21.24
CA ASN H 382 60.60 -90.70 -21.58
C ASN H 382 61.34 -89.42 -21.96
N SER H 383 62.66 -89.44 -21.75
CA SER H 383 63.48 -88.28 -22.08
C SER H 383 63.60 -88.04 -23.58
N SER H 384 63.15 -88.99 -24.41
CA SER H 384 63.25 -88.81 -25.85
C SER H 384 62.41 -87.62 -26.33
N ASN H 385 61.18 -87.53 -25.84
CA ASN H 385 60.29 -86.44 -26.26
C ASN H 385 59.18 -86.30 -25.23
N ASP H 386 58.47 -85.17 -25.32
CA ASP H 386 57.35 -84.90 -24.45
C ASP H 386 56.06 -85.41 -25.07
N ASN H 387 55.11 -85.80 -24.21
CA ASN H 387 53.83 -86.35 -24.64
C ASN H 387 52.73 -85.30 -24.64
N ILE H 388 53.08 -84.02 -24.88
CA ILE H 388 52.11 -82.94 -24.76
C ILE H 388 50.97 -83.13 -25.76
N GLN H 389 49.74 -82.94 -25.27
CA GLN H 389 48.55 -83.07 -26.11
C GLN H 389 47.49 -82.12 -25.54
N SER H 390 47.33 -80.97 -26.16
CA SER H 390 46.37 -79.98 -25.70
C SER H 390 44.95 -80.50 -25.92
N ILE H 391 44.23 -80.70 -24.82
CA ILE H 391 42.85 -81.18 -24.91
C ILE H 391 41.98 -80.18 -25.66
N THR H 392 42.10 -78.91 -25.30
CA THR H 392 41.34 -77.83 -25.92
C THR H 392 42.29 -76.74 -26.39
N SER H 393 41.81 -75.94 -27.33
CA SER H 393 42.59 -74.82 -27.87
C SER H 393 41.66 -73.74 -28.35
N GLY H 394 41.95 -72.51 -27.97
CA GLY H 394 41.13 -71.37 -28.34
C GLY H 394 41.59 -70.12 -27.65
N ASP H 395 40.98 -69.01 -28.04
CA ASP H 395 41.32 -67.70 -27.47
C ASP H 395 40.68 -67.54 -26.09
N TRP H 396 41.08 -68.43 -25.20
CA TRP H 396 40.58 -68.48 -23.83
C TRP H 396 41.48 -69.39 -23.01
N ASP H 397 41.13 -69.56 -21.74
CA ASP H 397 41.94 -70.35 -20.82
C ASP H 397 41.05 -71.23 -19.97
N VAL H 398 41.63 -72.30 -19.45
CA VAL H 398 40.97 -73.20 -18.51
C VAL H 398 41.39 -72.76 -17.11
N THR H 399 40.45 -72.16 -16.37
CA THR H 399 40.78 -71.65 -15.04
C THR H 399 41.18 -72.79 -14.11
N LYS H 400 40.45 -73.90 -14.15
CA LYS H 400 40.76 -75.06 -13.35
C LYS H 400 40.24 -76.30 -14.06
N ILE H 401 40.85 -77.44 -13.74
CA ILE H 401 40.43 -78.74 -14.27
C ILE H 401 39.82 -79.52 -13.12
N LEU H 402 38.54 -79.86 -13.25
CA LEU H 402 37.84 -80.51 -12.13
C LEU H 402 38.39 -81.89 -11.86
N ALA H 403 38.23 -82.81 -12.82
CA ALA H 403 38.62 -84.20 -12.56
C ALA H 403 38.62 -84.97 -13.88
N TYR H 404 39.03 -86.23 -13.81
CA TYR H 404 39.01 -87.15 -14.93
C TYR H 404 38.35 -88.44 -14.50
N ASP H 405 37.41 -88.93 -15.30
CA ASP H 405 36.75 -90.20 -15.06
C ASP H 405 37.57 -91.31 -15.70
N GLU H 406 38.13 -92.19 -14.87
CA GLU H 406 38.88 -93.33 -15.38
C GLU H 406 37.99 -94.27 -16.18
N LYS H 407 36.67 -94.23 -15.95
CA LYS H 407 35.73 -95.09 -16.65
C LYS H 407 35.31 -94.46 -17.98
N GLY H 408 36.31 -94.20 -18.82
CA GLY H 408 36.09 -93.66 -20.15
C GLY H 408 36.87 -92.37 -20.36
N ASN H 409 36.34 -91.52 -21.24
CA ASN H 409 36.97 -90.27 -21.65
C ASN H 409 36.09 -89.10 -21.17
N LYS H 410 36.32 -88.66 -19.95
CA LYS H 410 35.52 -87.58 -19.37
C LYS H 410 36.43 -86.70 -18.52
N ILE H 411 36.92 -85.61 -19.09
CA ILE H 411 37.72 -84.62 -18.38
C ILE H 411 36.83 -83.40 -18.13
N TYR H 412 36.58 -83.11 -16.85
CA TYR H 412 35.73 -81.99 -16.44
C TYR H 412 36.61 -80.86 -15.92
N PHE H 413 36.27 -79.63 -16.34
CA PHE H 413 37.07 -78.46 -16.01
C PHE H 413 36.17 -77.23 -16.02
N LEU H 414 36.68 -76.16 -15.41
CA LEU H 414 36.06 -74.83 -15.45
C LEU H 414 36.92 -73.92 -16.32
N SER H 415 36.28 -73.14 -17.19
CA SER H 415 37.04 -72.32 -18.12
C SER H 415 36.26 -71.07 -18.47
N THR H 416 36.99 -70.10 -19.02
CA THR H 416 36.42 -68.88 -19.59
C THR H 416 36.20 -69.03 -21.09
N GLU H 417 35.91 -70.25 -21.55
CA GLU H 417 35.79 -70.52 -22.98
C GLU H 417 34.75 -69.62 -23.64
N ASP H 418 33.64 -69.37 -22.95
CA ASP H 418 32.63 -68.46 -23.49
C ASP H 418 33.19 -67.05 -23.63
N LEU H 419 33.77 -66.51 -22.57
CA LEU H 419 34.31 -65.15 -22.55
C LEU H 419 35.25 -65.04 -21.36
N PRO H 420 36.28 -64.19 -21.44
CA PRO H 420 37.19 -64.04 -20.29
C PRO H 420 36.50 -63.50 -19.04
N ARG H 421 35.34 -62.86 -19.18
CA ARG H 421 34.64 -62.28 -18.05
C ARG H 421 33.54 -63.18 -17.50
N ARG H 422 33.45 -64.42 -17.97
CA ARG H 422 32.49 -65.38 -17.44
C ARG H 422 33.16 -66.73 -17.29
N ARG H 423 32.72 -67.49 -16.29
CA ARG H 423 33.28 -68.80 -15.97
C ARG H 423 32.20 -69.85 -16.11
N GLN H 424 32.47 -70.88 -16.91
CA GLN H 424 31.51 -71.95 -17.16
C GLN H 424 32.18 -73.31 -17.05
N LEU H 425 31.36 -74.31 -16.77
CA LEU H 425 31.82 -75.70 -16.65
C LEU H 425 31.76 -76.38 -18.01
N TYR H 426 32.85 -77.02 -18.41
CA TYR H 426 32.92 -77.76 -19.65
C TYR H 426 33.55 -79.12 -19.41
N SER H 427 33.34 -80.02 -20.36
CA SER H 427 33.94 -81.35 -20.32
C SER H 427 34.36 -81.74 -21.73
N ALA H 428 35.41 -82.56 -21.80
CA ALA H 428 35.93 -83.07 -23.05
C ALA H 428 36.27 -84.54 -22.88
N ASN H 429 36.80 -85.14 -23.95
CA ASN H 429 37.15 -86.56 -23.96
C ASN H 429 38.65 -86.71 -24.12
N THR H 430 39.26 -87.54 -23.27
CA THR H 430 40.72 -87.63 -23.21
C THR H 430 41.32 -88.23 -24.48
N VAL H 431 40.58 -89.11 -25.17
CA VAL H 431 41.10 -89.74 -26.37
C VAL H 431 41.03 -88.74 -27.52
N GLY H 432 41.62 -89.10 -28.66
CA GLY H 432 41.93 -88.15 -29.72
C GLY H 432 40.75 -87.39 -30.29
N ASN H 433 39.51 -87.82 -30.03
CA ASN H 433 38.36 -87.10 -30.58
C ASN H 433 38.28 -85.69 -30.02
N PHE H 434 38.53 -85.52 -28.72
CA PHE H 434 38.52 -84.21 -28.07
C PHE H 434 37.22 -83.45 -28.35
N ASN H 435 36.09 -84.09 -28.06
CA ASN H 435 34.78 -83.49 -28.28
C ASN H 435 34.36 -82.78 -26.99
N ARG H 436 34.41 -81.46 -26.99
CA ARG H 436 33.96 -80.69 -25.84
C ARG H 436 32.46 -80.84 -25.67
N GLN H 437 32.02 -81.06 -24.43
CA GLN H 437 30.62 -81.31 -24.11
C GLN H 437 30.13 -80.28 -23.11
N CYS H 438 28.94 -79.73 -23.37
CA CYS H 438 28.28 -78.88 -22.40
C CYS H 438 27.94 -79.63 -21.12
N LEU H 439 28.03 -78.92 -20.00
CA LEU H 439 27.29 -79.27 -18.80
C LEU H 439 26.35 -78.15 -18.38
N SER H 440 26.85 -76.93 -18.25
CA SER H 440 25.96 -75.78 -18.09
C SER H 440 25.84 -74.98 -19.38
N CYS H 441 26.96 -74.41 -19.84
CA CYS H 441 27.03 -73.50 -20.99
C CYS H 441 25.78 -72.63 -21.07
N ASP H 442 25.57 -71.81 -20.03
CA ASP H 442 24.33 -71.06 -19.83
C ASP H 442 23.14 -72.01 -19.61
N LEU H 443 23.29 -72.86 -18.59
CA LEU H 443 22.20 -73.74 -18.20
C LEU H 443 20.99 -72.94 -17.72
N VAL H 444 21.24 -71.86 -16.98
CA VAL H 444 20.21 -70.93 -16.55
C VAL H 444 20.61 -69.54 -17.01
N GLU H 445 19.65 -68.80 -17.56
CA GLU H 445 19.96 -67.49 -18.12
C GLU H 445 20.43 -66.49 -17.07
N ASN H 446 19.88 -66.58 -15.85
CA ASN H 446 20.20 -65.59 -14.82
C ASN H 446 21.67 -65.65 -14.42
N CYS H 447 22.24 -66.84 -14.30
CA CYS H 447 23.61 -67.01 -13.81
C CYS H 447 24.53 -67.44 -14.93
N THR H 448 25.65 -66.73 -15.08
CA THR H 448 26.67 -67.04 -16.09
C THR H 448 27.96 -67.55 -15.48
N TYR H 449 28.35 -67.05 -14.30
CA TYR H 449 29.45 -67.65 -13.56
C TYR H 449 29.07 -69.06 -13.13
N PHE H 450 30.07 -69.93 -13.06
CA PHE H 450 29.82 -71.32 -12.72
C PHE H 450 31.04 -71.92 -12.02
N SER H 451 30.77 -72.91 -11.17
CA SER H 451 31.80 -73.75 -10.60
C SER H 451 31.15 -75.07 -10.23
N ALA H 452 31.98 -76.11 -10.09
CA ALA H 452 31.43 -77.43 -9.83
C ALA H 452 32.45 -78.29 -9.12
N SER H 453 31.96 -79.36 -8.50
CA SER H 453 32.79 -80.35 -7.83
C SER H 453 32.14 -81.71 -8.01
N PHE H 454 32.87 -82.65 -8.59
CA PHE H 454 32.32 -83.96 -8.93
C PHE H 454 32.52 -84.95 -7.79
N SER H 455 31.81 -86.08 -7.90
CA SER H 455 31.82 -87.12 -6.89
C SER H 455 33.10 -87.95 -7.03
N HIS H 456 33.17 -89.07 -6.33
CA HIS H 456 34.36 -89.92 -6.38
C HIS H 456 34.54 -90.52 -7.77
N SER H 457 33.46 -91.07 -8.34
CA SER H 457 33.52 -91.70 -9.66
C SER H 457 32.73 -90.91 -10.69
N MET H 458 32.65 -89.59 -10.51
CA MET H 458 31.94 -88.67 -11.40
C MET H 458 30.45 -88.98 -11.49
N ASP H 459 29.91 -89.74 -10.52
CA ASP H 459 28.50 -90.12 -10.59
C ASP H 459 27.58 -88.91 -10.53
N PHE H 460 27.91 -87.94 -9.67
CA PHE H 460 27.15 -86.71 -9.55
C PHE H 460 28.14 -85.56 -9.34
N PHE H 461 27.60 -84.33 -9.37
CA PHE H 461 28.45 -83.17 -9.11
C PHE H 461 27.61 -82.02 -8.60
N LEU H 462 28.15 -81.33 -7.59
CA LEU H 462 27.58 -80.08 -7.14
C LEU H 462 27.97 -78.95 -8.07
N LEU H 463 27.06 -78.01 -8.27
CA LEU H 463 27.26 -76.88 -9.17
C LEU H 463 26.78 -75.60 -8.50
N LYS H 464 27.40 -74.48 -8.88
CA LYS H 464 27.11 -73.19 -8.27
C LYS H 464 27.23 -72.10 -9.33
N CYS H 465 26.28 -71.16 -9.29
CA CYS H 465 26.22 -70.07 -10.25
C CYS H 465 26.93 -68.83 -9.73
N GLU H 466 26.49 -68.30 -8.59
CA GLU H 466 27.11 -67.18 -7.88
C GLU H 466 27.41 -65.99 -8.81
N GLY H 467 26.64 -65.83 -9.88
CA GLY H 467 26.80 -64.69 -10.74
C GLY H 467 26.26 -64.88 -12.15
N PRO H 468 25.62 -63.84 -12.70
CA PRO H 468 25.39 -62.57 -12.00
C PRO H 468 24.16 -62.62 -11.10
N GLY H 469 23.61 -63.81 -10.88
CA GLY H 469 22.50 -64.01 -9.98
C GLY H 469 22.97 -64.51 -8.62
N VAL H 470 21.98 -64.73 -7.75
CA VAL H 470 22.26 -65.24 -6.41
C VAL H 470 22.93 -66.60 -6.54
N PRO H 471 23.88 -66.97 -5.66
CA PRO H 471 24.50 -68.29 -5.75
C PRO H 471 23.49 -69.44 -5.77
N MET H 472 23.43 -70.14 -6.90
CA MET H 472 22.54 -71.28 -7.09
C MET H 472 23.33 -72.56 -6.81
N VAL H 473 23.27 -73.02 -5.56
CA VAL H 473 23.90 -74.28 -5.19
C VAL H 473 22.93 -75.40 -5.52
N THR H 474 23.34 -76.31 -6.41
CA THR H 474 22.45 -77.30 -6.97
C THR H 474 23.24 -78.59 -7.16
N VAL H 475 22.53 -79.72 -7.26
CA VAL H 475 23.13 -81.03 -7.47
C VAL H 475 22.68 -81.53 -8.84
N HIS H 476 23.65 -81.87 -9.69
CA HIS H 476 23.38 -82.39 -11.02
C HIS H 476 24.12 -83.71 -11.19
N ASN H 477 23.91 -84.36 -12.33
CA ASN H 477 24.59 -85.60 -12.67
C ASN H 477 25.19 -85.49 -14.07
N THR H 478 26.32 -86.18 -14.27
CA THR H 478 27.02 -86.07 -15.54
C THR H 478 26.23 -86.68 -16.69
N THR H 479 25.37 -87.65 -16.40
CA THR H 479 24.65 -88.35 -17.45
C THR H 479 23.42 -87.55 -17.91
N ASP H 480 22.48 -87.30 -17.00
CA ASP H 480 21.28 -86.56 -17.38
C ASP H 480 21.56 -85.07 -17.57
N LYS H 481 22.53 -84.53 -16.83
CA LYS H 481 22.84 -83.10 -16.87
C LYS H 481 21.61 -82.26 -16.54
N LYS H 482 20.80 -82.76 -15.61
CA LYS H 482 19.56 -82.11 -15.21
C LYS H 482 19.47 -82.08 -13.69
N LYS H 483 18.97 -80.97 -13.16
CA LYS H 483 18.83 -80.82 -11.72
C LYS H 483 17.75 -81.77 -11.21
N MET H 484 18.10 -82.56 -10.19
CA MET H 484 17.09 -83.38 -9.52
C MET H 484 16.39 -82.60 -8.41
N PHE H 485 17.09 -81.67 -7.78
CA PHE H 485 16.54 -80.85 -6.71
C PHE H 485 17.48 -79.67 -6.48
N ASP H 486 17.00 -78.71 -5.69
CA ASP H 486 17.77 -77.53 -5.34
C ASP H 486 18.43 -77.72 -3.98
N LEU H 487 19.71 -77.39 -3.89
CA LEU H 487 20.42 -77.51 -2.63
C LEU H 487 20.29 -76.23 -1.80
N GLU H 488 20.50 -75.08 -2.44
CA GLU H 488 20.37 -73.80 -1.76
C GLU H 488 20.26 -72.71 -2.81
N THR H 489 19.35 -71.76 -2.57
CA THR H 489 19.08 -70.68 -3.51
C THR H 489 19.08 -69.29 -2.89
N ASN H 490 18.91 -69.17 -1.57
CA ASN H 490 18.90 -67.88 -0.89
C ASN H 490 17.88 -66.93 -1.51
N GLU H 491 16.63 -67.39 -1.55
CA GLU H 491 15.55 -66.58 -2.11
C GLU H 491 15.30 -65.32 -1.32
N HIS H 492 15.75 -65.26 -0.07
CA HIS H 492 15.67 -64.01 0.69
C HIS H 492 16.50 -62.93 0.02
N VAL H 493 17.69 -63.29 -0.47
CA VAL H 493 18.51 -62.34 -1.23
C VAL H 493 17.80 -61.97 -2.52
N LYS H 494 17.10 -62.93 -3.14
CA LYS H 494 16.36 -62.63 -4.36
C LYS H 494 15.31 -61.55 -4.12
N LYS H 495 14.46 -61.74 -3.10
CA LYS H 495 13.44 -60.73 -2.85
C LYS H 495 14.04 -59.45 -2.28
N ALA H 496 15.23 -59.52 -1.66
CA ALA H 496 15.90 -58.31 -1.21
C ALA H 496 16.36 -57.46 -2.38
N ILE H 497 17.05 -58.09 -3.35
CA ILE H 497 17.50 -57.34 -4.52
C ILE H 497 16.32 -56.90 -5.38
N ASN H 498 15.21 -57.66 -5.36
CA ASN H 498 14.00 -57.21 -6.02
C ASN H 498 13.24 -56.17 -5.21
N ASP H 499 13.60 -55.95 -3.95
CA ASP H 499 12.92 -54.99 -3.09
C ASP H 499 13.59 -53.62 -3.09
N ARG H 500 14.77 -53.50 -3.66
CA ARG H 500 15.45 -52.22 -3.80
C ARG H 500 15.93 -52.04 -5.23
N GLN H 501 16.33 -50.81 -5.54
CA GLN H 501 16.69 -50.43 -6.90
C GLN H 501 18.04 -51.04 -7.29
N MET H 502 18.01 -52.27 -7.77
CA MET H 502 19.22 -52.97 -8.17
C MET H 502 19.84 -52.24 -9.36
N PRO H 503 21.08 -51.76 -9.24
CA PRO H 503 21.65 -50.92 -10.30
C PRO H 503 21.75 -51.63 -11.64
N LYS H 504 21.51 -50.87 -12.71
CA LYS H 504 21.63 -51.42 -14.05
C LYS H 504 23.09 -51.76 -14.35
N VAL H 505 23.35 -53.03 -14.62
CA VAL H 505 24.68 -53.49 -15.02
C VAL H 505 24.75 -53.49 -16.53
N GLU H 506 25.83 -52.97 -17.10
CA GLU H 506 26.01 -53.05 -18.54
C GLU H 506 27.51 -53.10 -18.83
N TYR H 507 27.84 -53.48 -20.05
CA TYR H 507 29.23 -53.71 -20.43
C TYR H 507 29.50 -53.03 -21.77
N ARG H 508 30.56 -52.22 -21.80
CA ARG H 508 31.00 -51.53 -23.02
C ARG H 508 32.50 -51.80 -23.15
N ASP H 509 32.85 -52.92 -23.76
CA ASP H 509 34.24 -53.27 -23.93
C ASP H 509 34.92 -52.32 -24.91
N ILE H 510 36.19 -52.05 -24.68
CA ILE H 510 36.96 -51.12 -25.50
C ILE H 510 38.01 -51.91 -26.27
N GLU H 511 38.68 -51.22 -27.20
CA GLU H 511 39.74 -51.83 -27.98
C GLU H 511 40.97 -50.93 -27.95
N ILE H 512 42.14 -51.53 -27.70
CA ILE H 512 43.39 -50.79 -27.60
C ILE H 512 44.50 -51.69 -28.11
N ASP H 513 45.33 -51.15 -29.01
CA ASP H 513 46.44 -51.89 -29.64
C ASP H 513 45.83 -53.09 -30.35
N ASP H 514 46.37 -54.29 -30.19
CA ASP H 514 45.77 -55.51 -30.74
C ASP H 514 44.98 -56.27 -29.68
N TYR H 515 44.40 -55.57 -28.71
CA TYR H 515 43.71 -56.18 -27.59
C TYR H 515 42.29 -55.64 -27.48
N ASN H 516 41.36 -56.52 -27.10
CA ASN H 516 39.97 -56.17 -26.81
C ASN H 516 39.82 -56.10 -25.29
N LEU H 517 39.97 -54.91 -24.74
CA LEU H 517 40.02 -54.72 -23.31
C LEU H 517 38.62 -54.78 -22.72
N PRO H 518 38.37 -55.63 -21.72
CA PRO H 518 37.05 -55.70 -21.11
C PRO H 518 36.75 -54.46 -20.29
N MET H 519 35.47 -54.28 -19.98
CA MET H 519 35.00 -53.11 -19.24
C MET H 519 33.57 -53.35 -18.82
N GLN H 520 33.23 -52.89 -17.61
CA GLN H 520 31.86 -52.93 -17.12
C GLN H 520 31.53 -51.58 -16.48
N ILE H 521 30.26 -51.19 -16.58
CA ILE H 521 29.78 -49.90 -16.14
C ILE H 521 28.42 -50.06 -15.48
N LEU H 522 28.17 -49.22 -14.47
CA LEU H 522 26.96 -49.30 -13.68
C LEU H 522 26.12 -48.04 -13.84
N LYS H 523 24.82 -48.20 -13.65
CA LYS H 523 23.83 -47.13 -13.66
C LYS H 523 22.95 -47.27 -12.44
N PRO H 524 22.34 -46.18 -11.96
CA PRO H 524 21.62 -46.22 -10.68
C PRO H 524 20.22 -46.81 -10.78
N ALA H 525 19.91 -47.48 -11.89
CA ALA H 525 18.63 -48.12 -12.19
C ALA H 525 17.51 -47.12 -12.41
N THR H 526 17.76 -45.83 -12.22
CA THR H 526 16.85 -44.75 -12.61
C THR H 526 17.51 -43.84 -13.63
N PHE H 527 18.50 -44.36 -14.34
CA PHE H 527 19.36 -43.54 -15.18
C PHE H 527 18.61 -42.97 -16.37
N THR H 528 18.97 -41.74 -16.75
CA THR H 528 18.51 -41.12 -17.98
C THR H 528 19.71 -40.55 -18.72
N ASP H 529 19.64 -40.58 -20.05
CA ASP H 529 20.78 -40.18 -20.86
C ASP H 529 20.98 -38.67 -20.85
N THR H 530 19.92 -37.89 -20.63
CA THR H 530 20.06 -36.45 -20.62
C THR H 530 20.73 -35.96 -19.33
N THR H 531 20.32 -36.51 -18.19
CA THR H 531 20.84 -36.05 -16.91
C THR H 531 22.31 -36.45 -16.74
N HIS H 532 23.06 -35.59 -16.06
CA HIS H 532 24.47 -35.82 -15.83
C HIS H 532 24.69 -36.57 -14.52
N TYR H 533 25.73 -37.42 -14.51
CA TYR H 533 26.04 -38.21 -13.34
C TYR H 533 27.54 -38.15 -13.05
N PRO H 534 27.92 -38.03 -11.78
CA PRO H 534 29.35 -38.05 -11.43
C PRO H 534 29.96 -39.41 -11.72
N LEU H 535 31.25 -39.40 -12.05
CA LEU H 535 31.97 -40.61 -12.42
C LEU H 535 32.90 -41.05 -11.31
N LEU H 536 32.91 -42.36 -11.05
CA LEU H 536 33.88 -42.98 -10.17
C LEU H 536 34.53 -44.15 -10.89
N LEU H 537 35.85 -44.27 -10.75
CA LEU H 537 36.61 -45.39 -11.28
C LEU H 537 37.13 -46.22 -10.11
N VAL H 538 37.07 -47.55 -10.28
CA VAL H 538 37.65 -48.47 -9.31
C VAL H 538 38.76 -49.23 -10.02
N VAL H 539 39.97 -49.14 -9.49
CA VAL H 539 41.15 -49.69 -10.15
C VAL H 539 41.76 -50.75 -9.27
N ASP H 540 42.02 -51.92 -9.85
CA ASP H 540 42.75 -53.00 -9.17
C ASP H 540 44.10 -53.25 -9.83
N GLY H 541 44.12 -53.53 -11.13
CA GLY H 541 45.35 -53.68 -11.88
C GLY H 541 46.34 -54.67 -11.31
N THR H 542 45.89 -55.55 -10.42
CA THR H 542 46.78 -56.53 -9.83
C THR H 542 47.27 -57.49 -10.89
N PRO H 543 48.58 -57.70 -11.02
CA PRO H 543 49.09 -58.63 -12.04
C PRO H 543 48.59 -60.04 -11.78
N GLY H 544 47.91 -60.60 -12.77
CA GLY H 544 47.29 -61.91 -12.63
C GLY H 544 45.90 -61.89 -12.08
N SER H 545 45.21 -60.75 -12.13
CA SER H 545 43.87 -60.61 -11.58
C SER H 545 42.94 -60.04 -12.65
N GLN H 546 41.64 -60.16 -12.40
CA GLN H 546 40.63 -59.65 -13.31
C GLN H 546 39.56 -58.90 -12.52
N SER H 547 39.20 -57.72 -13.00
CA SER H 547 38.16 -56.91 -12.40
C SER H 547 36.82 -56.99 -13.12
N VAL H 548 36.85 -57.13 -14.45
CA VAL H 548 35.63 -57.21 -15.25
C VAL H 548 35.27 -58.70 -15.32
N ALA H 549 34.35 -59.10 -14.45
CA ALA H 549 33.84 -60.47 -14.45
C ALA H 549 32.35 -60.43 -14.16
N GLU H 550 31.63 -61.44 -14.68
CA GLU H 550 30.19 -61.54 -14.46
C GLU H 550 29.90 -62.46 -13.28
N LYS H 551 30.35 -62.03 -12.11
CA LYS H 551 30.13 -62.74 -10.86
C LYS H 551 29.36 -61.83 -9.91
N PHE H 552 28.36 -62.39 -9.24
CA PHE H 552 27.50 -61.59 -8.38
C PHE H 552 28.26 -61.13 -7.15
N GLU H 553 28.19 -59.84 -6.87
CA GLU H 553 28.81 -59.27 -5.68
C GLU H 553 28.19 -57.90 -5.42
N VAL H 554 27.97 -57.59 -4.15
CA VAL H 554 27.41 -56.31 -3.72
C VAL H 554 28.36 -55.70 -2.69
N SER H 555 28.69 -54.43 -2.88
CA SER H 555 29.64 -53.75 -2.02
C SER H 555 29.34 -52.26 -2.06
N TRP H 556 30.30 -51.45 -1.58
CA TRP H 556 30.07 -50.02 -1.44
C TRP H 556 29.72 -49.38 -2.77
N GLU H 557 30.33 -49.86 -3.86
CA GLU H 557 30.07 -49.27 -5.17
C GLU H 557 28.58 -49.27 -5.48
N THR H 558 27.92 -50.41 -5.34
CA THR H 558 26.48 -50.47 -5.45
C THR H 558 25.81 -49.56 -4.44
N VAL H 559 26.41 -49.41 -3.25
CA VAL H 559 25.78 -48.63 -2.19
C VAL H 559 25.61 -47.17 -2.62
N MET H 560 26.66 -46.54 -3.16
CA MET H 560 26.43 -45.16 -3.58
C MET H 560 25.90 -45.06 -4.99
N VAL H 561 25.95 -46.12 -5.80
CA VAL H 561 25.30 -46.07 -7.10
C VAL H 561 23.79 -46.02 -6.94
N SER H 562 23.24 -46.90 -6.11
CA SER H 562 21.80 -46.94 -5.93
C SER H 562 21.30 -45.78 -5.07
N SER H 563 22.04 -45.42 -4.03
CA SER H 563 21.59 -44.40 -3.08
C SER H 563 22.01 -43.00 -3.51
N HIS H 564 23.31 -42.79 -3.69
CA HIS H 564 23.85 -41.47 -3.93
C HIS H 564 23.98 -41.13 -5.41
N GLY H 565 23.49 -41.99 -6.30
CA GLY H 565 23.47 -41.68 -7.71
C GLY H 565 24.84 -41.55 -8.35
N ALA H 566 25.57 -42.65 -8.43
CA ALA H 566 26.88 -42.68 -9.05
C ALA H 566 26.90 -43.71 -10.17
N VAL H 567 27.86 -43.54 -11.08
CA VAL H 567 28.15 -44.53 -12.12
C VAL H 567 29.60 -44.98 -11.93
N VAL H 568 29.81 -46.28 -11.80
CA VAL H 568 31.12 -46.83 -11.51
C VAL H 568 31.60 -47.64 -12.71
N VAL H 569 32.92 -47.59 -12.93
CA VAL H 569 33.59 -48.22 -14.06
C VAL H 569 34.58 -49.23 -13.51
N LYS H 570 34.56 -50.44 -14.05
CA LYS H 570 35.59 -51.44 -13.78
C LYS H 570 36.25 -51.82 -15.09
N CYS H 571 37.57 -51.74 -15.13
CA CYS H 571 38.34 -52.06 -16.33
C CYS H 571 39.43 -53.04 -15.98
N ASP H 572 40.01 -53.65 -17.02
CA ASP H 572 41.12 -54.59 -16.87
C ASP H 572 42.13 -54.26 -17.97
N GLY H 573 43.09 -53.40 -17.65
CA GLY H 573 44.05 -52.95 -18.62
C GLY H 573 45.11 -53.97 -18.98
N ARG H 574 46.23 -53.50 -19.53
CA ARG H 574 47.32 -54.39 -19.89
C ARG H 574 47.84 -55.12 -18.66
N GLY H 575 48.22 -56.39 -18.84
CA GLY H 575 48.68 -57.21 -17.75
C GLY H 575 47.58 -57.91 -16.97
N SER H 576 46.32 -57.72 -17.34
CA SER H 576 45.24 -58.43 -16.67
C SER H 576 45.28 -59.91 -17.02
N GLY H 577 44.91 -60.74 -16.06
CA GLY H 577 44.94 -62.18 -16.25
C GLY H 577 43.80 -62.67 -17.14
N PHE H 578 43.93 -63.94 -17.53
CA PHE H 578 42.93 -64.66 -18.33
C PHE H 578 42.69 -64.02 -19.69
N GLN H 579 43.62 -63.21 -20.18
CA GLN H 579 43.50 -62.61 -21.49
C GLN H 579 44.83 -62.65 -22.23
N GLY H 580 45.58 -63.73 -22.08
CA GLY H 580 46.80 -63.92 -22.83
C GLY H 580 48.07 -63.72 -22.03
N THR H 581 49.02 -64.66 -22.15
CA THR H 581 50.31 -64.49 -21.50
C THR H 581 51.09 -63.33 -22.10
N LYS H 582 50.93 -63.09 -23.40
CA LYS H 582 51.57 -61.94 -24.03
C LYS H 582 51.07 -60.63 -23.43
N LEU H 583 49.75 -60.49 -23.28
CA LEU H 583 49.18 -59.30 -22.67
C LEU H 583 49.63 -59.16 -21.22
N LEU H 584 49.71 -60.27 -20.50
CA LEU H 584 50.20 -60.24 -19.13
C LEU H 584 51.64 -59.76 -19.06
N HIS H 585 52.48 -60.20 -20.00
CA HIS H 585 53.89 -59.84 -20.02
C HIS H 585 54.16 -58.50 -20.68
N GLU H 586 53.13 -57.84 -21.22
CA GLU H 586 53.32 -56.49 -21.76
C GLU H 586 53.85 -55.54 -20.70
N VAL H 587 53.28 -55.59 -19.50
CA VAL H 587 53.63 -54.65 -18.43
C VAL H 587 54.94 -55.00 -17.75
N ARG H 588 55.53 -56.16 -18.06
CA ARG H 588 56.77 -56.57 -17.42
C ARG H 588 57.86 -55.53 -17.63
N ARG H 589 58.55 -55.18 -16.55
CA ARG H 589 59.56 -54.14 -16.50
C ARG H 589 59.02 -52.78 -16.90
N ARG H 590 57.71 -52.65 -17.04
CA ARG H 590 57.06 -51.38 -17.36
C ARG H 590 55.83 -51.22 -16.47
N LEU H 591 56.02 -51.47 -15.17
CA LEU H 591 54.91 -51.40 -14.24
C LEU H 591 54.41 -49.97 -14.09
N GLY H 592 53.09 -49.83 -14.01
CA GLY H 592 52.47 -48.55 -13.74
C GLY H 592 52.34 -47.61 -14.91
N LEU H 593 52.74 -48.00 -16.11
CA LEU H 593 52.70 -47.09 -17.24
C LEU H 593 51.69 -47.50 -18.30
N LEU H 594 51.74 -48.73 -18.78
CA LEU H 594 50.81 -49.16 -19.82
C LEU H 594 49.37 -49.17 -19.31
N GLU H 595 49.14 -49.79 -18.14
CA GLU H 595 47.80 -49.78 -17.57
C GLU H 595 47.35 -48.37 -17.23
N GLU H 596 48.31 -47.48 -16.89
CA GLU H 596 47.95 -46.08 -16.68
C GLU H 596 47.29 -45.51 -17.92
N LYS H 597 47.88 -45.75 -19.10
CA LYS H 597 47.27 -45.30 -20.34
C LYS H 597 45.96 -46.02 -20.62
N ASP H 598 45.86 -47.29 -20.23
CA ASP H 598 44.60 -48.01 -20.38
C ASP H 598 43.47 -47.30 -19.63
N GLN H 599 43.72 -46.95 -18.37
CA GLN H 599 42.69 -46.22 -17.62
C GLN H 599 42.54 -44.79 -18.10
N MET H 600 43.59 -44.19 -18.67
CA MET H 600 43.44 -42.89 -19.31
C MET H 600 42.43 -42.96 -20.45
N GLU H 601 42.57 -43.96 -21.31
CA GLU H 601 41.61 -44.12 -22.40
C GLU H 601 40.23 -44.48 -21.89
N ALA H 602 40.16 -45.25 -20.80
CA ALA H 602 38.86 -45.54 -20.20
C ALA H 602 38.17 -44.26 -19.73
N VAL H 603 38.91 -43.39 -19.04
CA VAL H 603 38.35 -42.13 -18.58
C VAL H 603 37.94 -41.26 -19.77
N ARG H 604 38.78 -41.20 -20.80
CA ARG H 604 38.44 -40.39 -21.97
C ARG H 604 37.17 -40.90 -22.64
N THR H 605 37.04 -42.22 -22.78
CA THR H 605 35.84 -42.78 -23.39
C THR H 605 34.61 -42.52 -22.53
N MET H 606 34.75 -42.61 -21.21
CA MET H 606 33.62 -42.31 -20.33
C MET H 606 33.27 -40.84 -20.36
N LEU H 607 34.23 -39.98 -20.69
CA LEU H 607 33.94 -38.56 -20.83
C LEU H 607 33.21 -38.25 -22.14
N LYS H 608 33.21 -39.18 -23.09
CA LYS H 608 32.45 -38.99 -24.33
C LYS H 608 30.96 -38.94 -24.08
N GLU H 609 30.50 -39.51 -22.97
CA GLU H 609 29.07 -39.59 -22.69
C GLU H 609 28.50 -38.22 -22.38
N GLN H 610 27.28 -37.98 -22.85
CA GLN H 610 26.54 -36.78 -22.51
C GLN H 610 25.71 -36.93 -21.24
N TYR H 611 25.67 -38.13 -20.67
CA TYR H 611 24.99 -38.37 -19.40
C TYR H 611 25.93 -38.35 -18.21
N ILE H 612 27.21 -38.08 -18.43
CA ILE H 612 28.22 -38.17 -17.39
C ILE H 612 28.67 -36.76 -17.03
N ASP H 613 29.14 -36.61 -15.80
CA ASP H 613 29.70 -35.35 -15.33
C ASP H 613 31.19 -35.27 -15.65
N ARG H 614 31.72 -34.05 -15.59
CA ARG H 614 33.15 -33.82 -15.70
C ARG H 614 33.73 -33.10 -14.49
N THR H 615 32.94 -32.24 -13.83
CA THR H 615 33.40 -31.54 -12.64
C THR H 615 33.41 -32.43 -11.41
N ARG H 616 32.81 -33.62 -11.49
CA ARG H 616 32.77 -34.57 -10.38
C ARG H 616 33.27 -35.92 -10.89
N VAL H 617 34.59 -36.11 -10.84
CA VAL H 617 35.23 -37.34 -11.29
C VAL H 617 36.18 -37.81 -10.19
N ALA H 618 36.14 -39.10 -9.86
CA ALA H 618 36.94 -39.64 -8.77
C ALA H 618 37.49 -41.01 -9.14
N VAL H 619 38.54 -41.41 -8.43
CA VAL H 619 39.18 -42.70 -8.62
C VAL H 619 39.50 -43.29 -7.26
N PHE H 620 39.33 -44.60 -7.12
CA PHE H 620 39.64 -45.32 -5.90
C PHE H 620 40.36 -46.61 -6.25
N GLY H 621 41.24 -47.04 -5.34
CA GLY H 621 41.91 -48.32 -5.45
C GLY H 621 42.27 -48.82 -4.07
N LYS H 622 42.70 -50.08 -4.02
CA LYS H 622 43.17 -50.69 -2.79
C LYS H 622 44.33 -51.62 -3.11
N ASP H 623 45.22 -51.79 -2.13
CA ASP H 623 46.45 -52.58 -2.29
C ASP H 623 47.21 -52.00 -3.47
N TYR H 624 47.72 -52.82 -4.40
CA TYR H 624 48.36 -52.28 -5.59
C TYR H 624 47.42 -51.37 -6.37
N GLY H 625 46.12 -51.68 -6.35
CA GLY H 625 45.15 -50.77 -6.92
C GLY H 625 45.15 -49.41 -6.24
N GLY H 626 45.44 -49.40 -4.94
CA GLY H 626 45.63 -48.13 -4.26
C GLY H 626 46.80 -47.34 -4.82
N TYR H 627 47.91 -48.02 -5.09
CA TYR H 627 49.04 -47.36 -5.72
C TYR H 627 48.66 -46.80 -7.09
N LEU H 628 47.94 -47.59 -7.88
CA LEU H 628 47.48 -47.07 -9.17
C LEU H 628 46.63 -45.83 -8.96
N SER H 629 45.60 -45.93 -8.11
CA SER H 629 44.68 -44.82 -7.89
C SER H 629 45.43 -43.57 -7.46
N THR H 630 46.50 -43.72 -6.68
CA THR H 630 47.37 -42.58 -6.41
C THR H 630 48.03 -42.10 -7.69
N TYR H 631 48.48 -43.03 -8.54
CA TYR H 631 49.22 -42.68 -9.74
C TYR H 631 48.30 -42.14 -10.84
N ILE H 632 46.99 -42.04 -10.58
CA ILE H 632 46.00 -41.68 -11.59
C ILE H 632 45.40 -40.31 -11.26
N LEU H 633 46.23 -39.37 -10.80
CA LEU H 633 45.73 -38.01 -10.64
C LEU H 633 46.36 -37.06 -11.66
N PRO H 634 45.89 -37.06 -12.92
CA PRO H 634 46.43 -36.14 -13.92
C PRO H 634 45.63 -34.86 -14.05
N ALA H 635 46.12 -33.95 -14.89
CA ALA H 635 45.34 -32.83 -15.42
C ALA H 635 45.34 -33.00 -16.93
N LYS H 636 44.17 -33.35 -17.49
CA LYS H 636 44.08 -33.70 -18.91
C LYS H 636 44.50 -32.53 -19.78
N GLY H 637 45.41 -32.80 -20.71
CA GLY H 637 45.97 -31.73 -21.52
C GLY H 637 46.61 -30.67 -20.65
N GLU H 638 46.32 -29.41 -20.96
CA GLU H 638 46.69 -28.30 -20.10
C GLU H 638 45.56 -27.29 -19.88
N ASN H 639 44.58 -27.22 -20.78
CA ASN H 639 43.44 -26.33 -20.59
C ASN H 639 42.27 -27.06 -19.92
N GLN H 640 41.90 -28.22 -20.43
CA GLN H 640 40.83 -29.02 -19.85
C GLN H 640 41.38 -30.02 -18.82
N GLY H 641 42.13 -29.49 -17.86
CA GLY H 641 42.71 -30.31 -16.80
C GLY H 641 41.69 -30.69 -15.76
N GLN H 642 42.17 -30.82 -14.52
CA GLN H 642 41.32 -31.23 -13.39
C GLN H 642 40.60 -32.53 -13.69
N THR H 643 41.40 -33.56 -14.01
CA THR H 643 40.84 -34.82 -14.46
C THR H 643 39.98 -35.47 -13.38
N PHE H 644 40.43 -35.42 -12.12
CA PHE H 644 39.70 -36.01 -11.01
C PHE H 644 39.45 -34.96 -9.94
N THR H 645 38.17 -34.79 -9.59
CA THR H 645 37.81 -33.83 -8.54
C THR H 645 38.35 -34.27 -7.19
N CYS H 646 38.17 -35.54 -6.85
CA CYS H 646 38.60 -36.08 -5.57
C CYS H 646 39.25 -37.43 -5.78
N GLY H 647 40.23 -37.75 -4.93
CA GLY H 647 40.94 -39.00 -5.02
C GLY H 647 40.99 -39.70 -3.68
N SER H 648 41.28 -41.00 -3.74
CA SER H 648 41.36 -41.82 -2.54
C SER H 648 42.25 -43.02 -2.81
N ALA H 649 42.72 -43.64 -1.73
CA ALA H 649 43.56 -44.82 -1.81
C ALA H 649 43.48 -45.57 -0.49
N LEU H 650 43.92 -46.82 -0.52
CA LEU H 650 43.90 -47.67 0.67
C LEU H 650 45.11 -48.59 0.64
N SER H 651 46.02 -48.39 1.59
CA SER H 651 47.23 -49.20 1.72
C SER H 651 48.00 -49.33 0.41
N PRO H 652 48.43 -48.23 -0.19
CA PRO H 652 49.14 -48.32 -1.48
C PRO H 652 50.53 -48.88 -1.31
N ILE H 653 51.14 -49.24 -2.45
CA ILE H 653 52.50 -49.76 -2.47
C ILE H 653 53.39 -48.77 -3.20
N THR H 654 53.95 -47.81 -2.46
CA THR H 654 54.66 -46.70 -3.09
C THR H 654 55.91 -47.18 -3.82
N ASP H 655 56.83 -47.80 -3.09
CA ASP H 655 58.05 -48.36 -3.67
C ASP H 655 58.05 -49.86 -3.42
N PHE H 656 58.22 -50.64 -4.48
CA PHE H 656 58.19 -52.09 -4.35
C PHE H 656 59.46 -52.64 -3.69
N LYS H 657 60.51 -51.84 -3.57
CA LYS H 657 61.62 -52.23 -2.68
C LYS H 657 61.13 -52.37 -1.25
N LEU H 658 60.16 -51.55 -0.86
CA LEU H 658 59.54 -51.61 0.46
C LEU H 658 58.47 -52.67 0.57
N TYR H 659 58.43 -53.61 -0.38
CA TYR H 659 57.46 -54.69 -0.43
C TYR H 659 58.20 -56.03 -0.47
N ALA H 660 57.41 -57.10 -0.48
CA ALA H 660 57.98 -58.45 -0.47
C ALA H 660 58.80 -58.70 -1.74
N SER H 661 59.87 -59.47 -1.58
CA SER H 661 60.76 -59.76 -2.70
C SER H 661 60.06 -60.62 -3.75
N ALA H 662 59.23 -61.58 -3.32
CA ALA H 662 58.59 -62.50 -4.26
C ALA H 662 57.71 -61.77 -5.27
N PHE H 663 57.25 -60.57 -4.95
CA PHE H 663 56.47 -59.74 -5.86
C PHE H 663 57.37 -58.86 -6.73
N SER H 664 58.28 -58.13 -6.09
CA SER H 664 59.10 -57.16 -6.81
C SER H 664 60.04 -57.85 -7.78
N GLU H 665 60.71 -58.92 -7.34
CA GLU H 665 61.59 -59.66 -8.24
C GLU H 665 60.81 -60.30 -9.38
N ARG H 666 59.60 -60.80 -9.08
CA ARG H 666 58.79 -61.44 -10.11
C ARG H 666 58.38 -60.45 -11.19
N TYR H 667 57.97 -59.25 -10.80
CA TYR H 667 57.37 -58.33 -11.75
C TYR H 667 58.32 -57.24 -12.27
N LEU H 668 59.51 -57.12 -11.70
CA LEU H 668 60.47 -56.14 -12.19
C LEU H 668 61.91 -56.65 -12.20
N GLY H 669 62.15 -57.91 -11.88
CA GLY H 669 63.50 -58.43 -11.75
C GLY H 669 64.03 -58.28 -10.34
N LEU H 670 65.04 -59.10 -10.02
CA LEU H 670 65.59 -59.13 -8.68
C LEU H 670 66.27 -57.81 -8.34
N HIS H 671 66.00 -57.28 -7.16
CA HIS H 671 66.65 -56.07 -6.67
C HIS H 671 67.95 -56.45 -5.97
N GLY H 672 68.57 -55.49 -5.29
CA GLY H 672 69.90 -55.70 -4.74
C GLY H 672 71.01 -55.60 -5.75
N LEU H 673 70.69 -55.21 -6.99
CA LEU H 673 71.67 -55.12 -8.06
C LEU H 673 71.50 -53.86 -8.90
N ASP H 674 70.76 -52.87 -8.39
CA ASP H 674 70.41 -51.66 -9.13
C ASP H 674 69.66 -52.02 -10.42
N ASN H 675 68.46 -52.56 -10.20
CA ASN H 675 67.65 -53.10 -11.28
C ASN H 675 67.22 -52.02 -12.29
N ARG H 676 67.33 -50.75 -11.93
CA ARG H 676 66.94 -49.63 -12.79
C ARG H 676 65.47 -49.69 -13.16
N ALA H 677 64.65 -50.28 -12.29
CA ALA H 677 63.22 -50.36 -12.50
C ALA H 677 62.38 -49.92 -11.30
N TYR H 678 62.95 -49.88 -10.10
CA TYR H 678 62.23 -49.46 -8.92
C TYR H 678 62.30 -47.96 -8.67
N GLU H 679 63.04 -47.22 -9.50
CA GLU H 679 63.15 -45.78 -9.31
C GLU H 679 61.97 -45.05 -9.92
N MET H 680 61.77 -45.18 -11.23
CA MET H 680 60.66 -44.50 -11.90
C MET H 680 59.30 -45.05 -11.47
N THR H 681 59.25 -46.25 -10.91
CA THR H 681 57.99 -46.79 -10.41
C THR H 681 57.60 -46.19 -9.07
N LYS H 682 58.43 -45.33 -8.49
CA LYS H 682 58.03 -44.57 -7.30
C LYS H 682 57.10 -43.44 -7.71
N VAL H 683 55.91 -43.40 -7.09
CA VAL H 683 54.91 -42.40 -7.45
C VAL H 683 55.31 -40.99 -7.06
N ALA H 684 56.36 -40.83 -6.26
CA ALA H 684 56.81 -39.51 -5.85
C ALA H 684 57.08 -38.60 -7.05
N HIS H 685 57.51 -39.18 -8.17
CA HIS H 685 57.72 -38.39 -9.37
C HIS H 685 56.40 -37.88 -9.92
N ARG H 686 55.37 -38.73 -9.94
CA ARG H 686 54.11 -38.42 -10.57
C ARG H 686 53.17 -37.61 -9.68
N VAL H 687 53.44 -37.52 -8.38
CA VAL H 687 52.56 -36.78 -7.48
C VAL H 687 53.03 -35.34 -7.45
N SER H 688 53.86 -34.95 -8.42
CA SER H 688 54.37 -33.59 -8.47
C SER H 688 53.23 -32.58 -8.60
N ALA H 689 52.32 -32.79 -9.54
CA ALA H 689 51.27 -31.82 -9.81
C ALA H 689 50.34 -31.63 -8.62
N LEU H 690 49.52 -32.64 -8.33
CA LEU H 690 48.56 -32.65 -7.22
C LEU H 690 47.95 -31.27 -6.98
N GLU H 691 47.32 -30.73 -8.02
CA GLU H 691 46.95 -29.32 -8.02
C GLU H 691 45.82 -29.05 -7.03
N GLU H 692 44.64 -29.63 -7.27
CA GLU H 692 43.45 -29.30 -6.51
C GLU H 692 42.64 -30.50 -6.05
N GLN H 693 42.98 -31.71 -6.47
CA GLN H 693 42.20 -32.89 -6.11
C GLN H 693 42.26 -33.16 -4.61
N GLN H 694 41.11 -33.44 -4.02
CA GLN H 694 41.03 -33.81 -2.62
C GLN H 694 41.43 -35.28 -2.47
N PHE H 695 42.58 -35.51 -1.85
CA PHE H 695 43.18 -36.83 -1.77
C PHE H 695 43.06 -37.37 -0.36
N LEU H 696 42.73 -38.66 -0.25
CA LEU H 696 42.58 -39.30 1.05
C LEU H 696 43.31 -40.63 1.05
N ILE H 697 43.90 -40.97 2.19
CA ILE H 697 44.60 -42.23 2.39
C ILE H 697 43.93 -42.96 3.53
N ILE H 698 43.73 -44.27 3.38
CA ILE H 698 43.25 -45.14 4.44
C ILE H 698 44.33 -46.17 4.71
N HIS H 699 44.80 -46.24 5.95
CA HIS H 699 45.76 -47.31 6.22
C HIS H 699 45.73 -47.74 7.68
N PRO H 700 45.37 -49.00 7.95
CA PRO H 700 45.48 -49.50 9.33
C PRO H 700 46.92 -49.53 9.80
N THR H 701 47.10 -49.32 11.11
CA THR H 701 48.44 -49.23 11.67
C THR H 701 49.20 -50.56 11.56
N ALA H 702 48.54 -51.67 11.86
CA ALA H 702 49.21 -52.96 11.97
C ALA H 702 49.09 -53.79 10.70
N ASP H 703 49.10 -53.16 9.53
CA ASP H 703 49.06 -53.91 8.28
C ASP H 703 50.28 -54.81 8.17
N GLU H 704 50.05 -56.05 7.75
CA GLU H 704 51.09 -57.03 7.57
C GLU H 704 51.52 -57.19 6.12
N LYS H 705 50.57 -57.22 5.20
CA LYS H 705 50.89 -57.40 3.79
C LYS H 705 51.58 -56.16 3.23
N ILE H 706 51.06 -54.97 3.54
CA ILE H 706 51.55 -53.72 2.95
C ILE H 706 51.94 -52.81 4.12
N HIS H 707 53.22 -52.81 4.46
CA HIS H 707 53.67 -52.14 5.67
C HIS H 707 53.39 -50.64 5.63
N PHE H 708 53.15 -50.08 6.82
CA PHE H 708 52.86 -48.66 6.96
C PHE H 708 54.01 -47.78 6.47
N GLN H 709 55.22 -48.34 6.34
CA GLN H 709 56.34 -47.59 5.80
C GLN H 709 56.01 -46.97 4.46
N HIS H 710 55.23 -47.66 3.62
CA HIS H 710 54.83 -47.09 2.34
C HIS H 710 54.05 -45.79 2.54
N THR H 711 53.04 -45.83 3.41
CA THR H 711 52.24 -44.64 3.67
C THR H 711 53.08 -43.53 4.27
N ALA H 712 53.99 -43.88 5.19
CA ALA H 712 54.84 -42.87 5.80
C ALA H 712 55.73 -42.19 4.76
N GLU H 713 56.33 -42.98 3.86
CA GLU H 713 57.16 -42.40 2.82
C GLU H 713 56.34 -41.52 1.88
N LEU H 714 55.14 -41.97 1.53
CA LEU H 714 54.30 -41.16 0.65
C LEU H 714 53.89 -39.87 1.33
N ILE H 715 53.64 -39.91 2.64
CA ILE H 715 53.32 -38.69 3.38
C ILE H 715 54.51 -37.75 3.41
N THR H 716 55.72 -38.29 3.57
CA THR H 716 56.90 -37.44 3.47
C THR H 716 56.99 -36.78 2.10
N GLN H 717 56.67 -37.54 1.05
CA GLN H 717 56.65 -36.95 -0.29
C GLN H 717 55.62 -35.84 -0.39
N LEU H 718 54.43 -36.04 0.18
CA LEU H 718 53.40 -35.00 0.16
C LEU H 718 53.86 -33.76 0.90
N ILE H 719 54.53 -33.94 2.05
CA ILE H 719 55.07 -32.80 2.79
C ILE H 719 56.10 -32.06 1.93
N ARG H 720 56.99 -32.80 1.29
CA ARG H 720 57.98 -32.17 0.41
C ARG H 720 57.35 -31.54 -0.82
N GLY H 721 56.11 -31.90 -1.13
CA GLY H 721 55.42 -31.33 -2.28
C GLY H 721 54.28 -30.40 -1.92
N LYS H 722 54.04 -30.20 -0.63
CA LYS H 722 52.97 -29.34 -0.13
C LYS H 722 51.61 -29.74 -0.71
N ALA H 723 51.35 -31.04 -0.74
CA ALA H 723 50.10 -31.54 -1.30
C ALA H 723 48.97 -31.47 -0.29
N ASN H 724 47.75 -31.31 -0.79
CA ASN H 724 46.55 -31.28 0.03
C ASN H 724 45.99 -32.70 0.12
N TYR H 725 45.73 -33.16 1.34
CA TYR H 725 45.23 -34.52 1.54
C TYR H 725 44.64 -34.61 2.94
N SER H 726 44.11 -35.80 3.25
CA SER H 726 43.57 -36.09 4.58
C SER H 726 43.76 -37.59 4.84
N LEU H 727 44.60 -37.91 5.83
CA LEU H 727 44.90 -39.29 6.16
C LEU H 727 43.93 -39.82 7.21
N GLN H 728 43.66 -41.13 7.15
CA GLN H 728 42.91 -41.83 8.18
C GLN H 728 43.58 -43.18 8.45
N ILE H 729 43.53 -43.58 9.71
CA ILE H 729 44.31 -44.71 10.21
C ILE H 729 43.41 -45.62 11.03
N TYR H 730 43.77 -46.90 11.07
CA TYR H 730 43.12 -47.86 11.96
C TYR H 730 44.16 -48.37 12.94
N PRO H 731 44.06 -48.01 14.21
CA PRO H 731 45.14 -48.31 15.16
C PRO H 731 45.20 -49.80 15.47
N ASP H 732 46.34 -50.41 15.16
CA ASP H 732 46.63 -51.81 15.49
C ASP H 732 45.57 -52.75 14.91
N GLU H 733 45.46 -52.72 13.59
CA GLU H 733 44.48 -53.53 12.88
C GLU H 733 45.17 -54.31 11.77
N SER H 734 44.71 -55.55 11.56
CA SER H 734 45.26 -56.39 10.51
C SER H 734 44.86 -55.86 9.13
N HIS H 735 45.66 -56.22 8.13
CA HIS H 735 45.43 -55.69 6.78
C HIS H 735 44.14 -56.23 6.17
N TYR H 736 43.95 -57.55 6.22
CA TYR H 736 42.81 -58.15 5.54
C TYR H 736 41.49 -57.82 6.23
N PHE H 737 41.53 -57.30 7.45
CA PHE H 737 40.46 -56.46 7.97
C PHE H 737 39.12 -57.21 8.00
N THR H 738 39.08 -58.25 8.83
CA THR H 738 37.98 -59.20 8.83
C THR H 738 36.98 -58.97 9.95
N SER H 739 36.71 -57.72 10.30
CA SER H 739 35.71 -57.37 11.31
C SER H 739 34.52 -56.71 10.64
N SER H 740 33.32 -57.19 10.98
CA SER H 740 32.11 -56.71 10.30
C SER H 740 31.81 -55.26 10.66
N SER H 741 31.79 -54.92 11.96
CA SER H 741 31.46 -53.56 12.36
C SER H 741 32.50 -52.56 11.86
N LEU H 742 33.78 -52.93 11.97
CA LEU H 742 34.84 -52.09 11.41
C LEU H 742 34.68 -51.96 9.90
N LYS H 743 34.24 -53.03 9.22
CA LYS H 743 33.98 -52.94 7.80
C LYS H 743 32.87 -51.94 7.50
N GLN H 744 31.82 -51.94 8.32
CA GLN H 744 30.76 -50.95 8.16
C GLN H 744 31.30 -49.54 8.34
N HIS H 745 32.15 -49.35 9.34
CA HIS H 745 32.74 -48.03 9.56
C HIS H 745 33.59 -47.60 8.37
N LEU H 746 34.40 -48.51 7.85
CA LEU H 746 35.26 -48.18 6.70
C LEU H 746 34.44 -47.82 5.48
N TYR H 747 33.42 -48.63 5.17
CA TYR H 747 32.59 -48.34 4.00
C TYR H 747 31.81 -47.04 4.19
N ARG H 748 31.35 -46.78 5.42
CA ARG H 748 30.66 -45.52 5.67
C ARG H 748 31.59 -44.33 5.48
N SER H 749 32.84 -44.45 5.93
CA SER H 749 33.81 -43.38 5.72
C SER H 749 34.04 -43.16 4.23
N ILE H 750 34.21 -44.25 3.47
CA ILE H 750 34.45 -44.11 2.03
C ILE H 750 33.27 -43.42 1.35
N ILE H 751 32.05 -43.87 1.65
CA ILE H 751 30.89 -43.30 0.97
C ILE H 751 30.68 -41.86 1.39
N ASN H 752 30.94 -41.53 2.66
CA ASN H 752 30.79 -40.16 3.12
C ASN H 752 31.78 -39.24 2.41
N PHE H 753 33.05 -39.66 2.32
CA PHE H 753 34.04 -38.85 1.62
C PHE H 753 33.67 -38.68 0.16
N PHE H 754 33.24 -39.76 -0.50
CA PHE H 754 32.96 -39.66 -1.93
C PHE H 754 31.72 -38.81 -2.20
N VAL H 755 30.70 -38.92 -1.35
CA VAL H 755 29.52 -38.10 -1.54
C VAL H 755 29.81 -36.64 -1.22
N GLU H 756 30.68 -36.37 -0.23
CA GLU H 756 31.06 -35.00 0.07
C GLU H 756 31.83 -34.39 -1.09
N CYS H 757 32.74 -35.15 -1.69
CA CYS H 757 33.46 -34.64 -2.87
C CYS H 757 32.62 -34.71 -4.14
N PHE H 758 31.44 -35.31 -4.09
CA PHE H 758 30.50 -35.28 -5.21
C PHE H 758 29.30 -34.39 -4.96
N ARG H 759 29.03 -33.99 -3.72
CA ARG H 759 27.95 -33.04 -3.48
C ARG H 759 28.33 -31.66 -3.98
N ILE H 760 27.36 -30.96 -4.54
CA ILE H 760 27.59 -29.63 -5.11
C ILE H 760 26.25 -28.92 -5.32
N GLU I 1 -21.15 64.97 -64.43
CA GLU I 1 -22.61 65.05 -64.49
C GLU I 1 -23.16 64.14 -65.58
N GLY I 2 -22.75 64.38 -66.81
CA GLY I 2 -23.20 63.63 -67.96
C GLY I 2 -24.43 64.20 -68.63
N LEU I 3 -25.16 65.09 -67.96
CA LEU I 3 -26.33 65.73 -68.54
C LEU I 3 -25.96 66.96 -69.35
N GLU I 4 -25.13 67.83 -68.79
CA GLU I 4 -24.62 68.99 -69.50
C GLU I 4 -23.15 68.84 -69.91
N GLN I 5 -22.50 67.74 -69.52
CA GLN I 5 -21.10 67.53 -69.83
C GLN I 5 -20.90 66.99 -71.23
N LEU I 6 -21.49 67.65 -72.23
CA LEU I 6 -21.34 67.21 -73.61
C LEU I 6 -20.08 67.79 -74.25
N GLU I 7 -19.88 69.10 -74.09
CA GLU I 7 -18.68 69.76 -74.58
C GLU I 7 -18.11 70.76 -73.58
N ALA I 8 -18.83 71.06 -72.51
CA ALA I 8 -18.40 72.11 -71.58
C ALA I 8 -17.06 71.76 -70.93
N GLN I 9 -16.91 70.50 -70.49
CA GLN I 9 -15.67 70.06 -69.86
C GLN I 9 -15.09 68.82 -70.56
N THR I 10 -15.47 68.60 -71.82
CA THR I 10 -14.95 67.49 -72.60
C THR I 10 -15.00 67.85 -74.08
N ASN I 11 -14.30 67.07 -74.88
CA ASN I 11 -14.19 67.29 -76.32
C ASN I 11 -14.52 66.02 -77.08
N PHE I 12 -15.50 65.25 -76.58
CA PHE I 12 -15.88 63.98 -77.18
C PHE I 12 -17.39 63.95 -77.37
N THR I 13 -17.83 63.03 -78.22
CA THR I 13 -19.25 62.84 -78.46
C THR I 13 -19.89 62.14 -77.26
N LYS I 14 -21.23 62.06 -77.30
CA LYS I 14 -21.96 61.38 -76.24
C LYS I 14 -21.60 59.90 -76.17
N ARG I 15 -21.50 59.25 -77.33
CA ARG I 15 -21.17 57.83 -77.36
C ARG I 15 -19.79 57.57 -76.79
N GLU I 16 -18.80 58.36 -77.21
CA GLU I 16 -17.45 58.21 -76.71
C GLU I 16 -17.38 58.46 -75.21
N LEU I 17 -18.07 59.51 -74.74
CA LEU I 17 -18.06 59.80 -73.31
C LEU I 17 -18.67 58.66 -72.51
N GLN I 18 -19.83 58.15 -72.95
CA GLN I 18 -20.49 57.10 -72.19
C GLN I 18 -19.69 55.80 -72.21
N VAL I 19 -19.08 55.46 -73.35
CA VAL I 19 -18.30 54.23 -73.41
C VAL I 19 -17.04 54.36 -72.56
N LEU I 20 -16.40 55.54 -72.56
CA LEU I 20 -15.22 55.73 -71.73
C LEU I 20 -15.59 55.65 -70.26
N TYR I 21 -16.72 56.24 -69.87
CA TYR I 21 -17.16 56.15 -68.48
C TYR I 21 -17.47 54.72 -68.08
N ARG I 22 -18.14 53.97 -68.95
CA ARG I 22 -18.47 52.59 -68.63
C ARG I 22 -17.21 51.74 -68.50
N GLY I 23 -16.24 51.93 -69.40
CA GLY I 23 -14.98 51.20 -69.28
C GLY I 23 -14.22 51.54 -68.03
N PHE I 24 -14.15 52.84 -67.70
CA PHE I 24 -13.45 53.27 -66.49
C PHE I 24 -14.11 52.70 -65.25
N LYS I 25 -15.44 52.71 -65.19
CA LYS I 25 -16.13 52.13 -64.05
C LYS I 25 -15.96 50.62 -63.99
N ASN I 26 -15.87 49.96 -65.15
CA ASN I 26 -15.57 48.53 -65.16
C ASN I 26 -14.21 48.26 -64.55
N GLU I 27 -13.21 49.09 -64.89
CA GLU I 27 -11.90 48.96 -64.28
C GLU I 27 -11.79 49.62 -62.92
N CYS I 28 -12.65 50.61 -62.63
CA CYS I 28 -12.66 51.31 -61.34
C CYS I 28 -14.11 51.44 -60.87
N PRO I 29 -14.65 50.39 -60.25
CA PRO I 29 -16.05 50.47 -59.79
C PRO I 29 -16.32 51.60 -58.81
N SER I 30 -15.34 51.96 -57.98
CA SER I 30 -15.53 53.05 -57.04
C SER I 30 -15.67 54.41 -57.73
N GLY I 31 -15.30 54.50 -59.01
CA GLY I 31 -15.36 55.75 -59.73
C GLY I 31 -14.17 56.66 -59.55
N VAL I 32 -13.18 56.24 -58.77
CA VAL I 32 -11.97 57.02 -58.54
C VAL I 32 -10.77 56.13 -58.81
N VAL I 33 -9.82 56.62 -59.60
CA VAL I 33 -8.63 55.86 -59.98
C VAL I 33 -7.45 56.35 -59.15
N ASN I 34 -6.54 55.43 -58.81
CA ASN I 34 -5.39 55.72 -57.97
C ASN I 34 -4.09 55.47 -58.74
N GLU I 35 -2.98 55.66 -58.04
CA GLU I 35 -1.66 55.50 -58.67
C GLU I 35 -1.39 54.07 -59.07
N ASP I 36 -1.76 53.11 -58.21
CA ASP I 36 -1.46 51.71 -58.49
C ASP I 36 -2.21 51.22 -59.73
N THR I 37 -3.43 51.74 -59.95
CA THR I 37 -4.16 51.39 -61.17
C THR I 37 -3.42 51.88 -62.41
N PHE I 38 -2.89 53.10 -62.35
CA PHE I 38 -2.04 53.60 -63.44
C PHE I 38 -0.84 52.69 -63.65
N LYS I 39 -0.18 52.30 -62.55
CA LYS I 39 0.97 51.41 -62.62
C LYS I 39 0.62 50.13 -63.37
N GLN I 40 -0.47 49.48 -62.96
CA GLN I 40 -0.78 48.16 -63.51
C GLN I 40 -1.34 48.24 -64.92
N ILE I 41 -2.10 49.29 -65.28
CA ILE I 41 -2.52 49.43 -66.67
C ILE I 41 -1.33 49.73 -67.57
N TYR I 42 -0.39 50.56 -67.09
CA TYR I 42 0.77 50.88 -67.91
C TYR I 42 1.70 49.68 -68.06
N ALA I 43 1.75 48.81 -67.05
CA ALA I 43 2.50 47.57 -67.18
C ALA I 43 1.79 46.57 -68.08
N GLN I 44 0.46 46.51 -68.03
CA GLN I 44 -0.30 45.59 -68.87
C GLN I 44 -0.19 45.99 -70.34
N PHE I 45 -0.24 47.29 -70.63
CA PHE I 45 -0.11 47.75 -72.02
C PHE I 45 1.23 47.36 -72.62
N PHE I 46 2.32 47.57 -71.87
CA PHE I 46 3.67 47.32 -72.35
C PHE I 46 4.29 46.23 -71.50
N PRO I 47 4.15 44.96 -71.89
CA PRO I 47 4.70 43.85 -71.09
C PRO I 47 6.13 43.50 -71.47
N HIS I 48 7.03 44.48 -71.37
CA HIS I 48 8.43 44.24 -71.70
C HIS I 48 9.41 44.93 -70.77
N GLY I 49 8.97 45.40 -69.60
CA GLY I 49 9.89 46.03 -68.67
C GLY I 49 9.23 46.63 -67.44
N ASP I 50 9.89 47.63 -66.83
CA ASP I 50 9.42 48.26 -65.61
C ASP I 50 8.80 49.61 -65.95
N ALA I 51 7.61 49.87 -65.40
CA ALA I 51 6.77 51.00 -65.77
C ALA I 51 6.31 51.77 -64.54
N SER I 52 7.26 52.09 -63.65
CA SER I 52 6.88 52.69 -62.37
C SER I 52 6.89 54.21 -62.39
N THR I 53 8.05 54.81 -62.65
CA THR I 53 8.19 56.25 -62.42
C THR I 53 7.49 57.09 -63.49
N TYR I 54 7.45 56.61 -64.74
CA TYR I 54 6.72 57.34 -65.77
C TYR I 54 5.23 57.36 -65.46
N ALA I 55 4.68 56.23 -65.01
CA ALA I 55 3.29 56.21 -64.58
C ALA I 55 3.07 57.10 -63.38
N HIS I 56 4.07 57.21 -62.49
CA HIS I 56 3.95 58.11 -61.35
C HIS I 56 3.85 59.56 -61.80
N TYR I 57 4.69 59.96 -62.75
CA TYR I 57 4.61 61.32 -63.28
C TYR I 57 3.30 61.54 -64.03
N LEU I 58 2.82 60.54 -64.76
CA LEU I 58 1.55 60.66 -65.46
C LEU I 58 0.41 60.87 -64.49
N PHE I 59 0.39 60.11 -63.39
CA PHE I 59 -0.65 60.30 -62.38
C PHE I 59 -0.53 61.67 -61.72
N ASN I 60 0.71 62.09 -61.41
CA ASN I 60 0.91 63.41 -60.81
C ASN I 60 0.38 64.51 -61.72
N ALA I 61 0.56 64.37 -63.03
CA ALA I 61 -0.08 65.30 -63.96
C ALA I 61 -1.60 65.19 -63.89
N PHE I 62 -2.12 63.95 -63.82
CA PHE I 62 -3.55 63.77 -63.69
C PHE I 62 -4.05 64.15 -62.30
N ASP I 63 -3.23 63.97 -61.27
CA ASP I 63 -3.62 64.29 -59.89
C ASP I 63 -3.57 65.80 -59.72
N THR I 64 -4.64 66.45 -60.18
CA THR I 64 -4.75 67.90 -60.04
C THR I 64 -4.96 68.28 -58.57
N THR I 65 -4.39 69.42 -58.19
CA THR I 65 -4.41 69.95 -56.83
C THR I 65 -3.81 68.98 -55.82
N GLN I 66 -3.07 67.97 -56.29
CA GLN I 66 -2.44 66.97 -55.42
C GLN I 66 -3.46 66.32 -54.47
N THR I 67 -4.62 65.98 -55.03
CA THR I 67 -5.64 65.29 -54.24
C THR I 67 -5.18 63.88 -53.86
N GLY I 68 -4.42 63.23 -54.75
CA GLY I 68 -3.97 61.87 -54.54
C GLY I 68 -4.74 60.83 -55.32
N SER I 69 -5.93 61.18 -55.81
CA SER I 69 -6.73 60.27 -56.63
C SER I 69 -7.72 61.12 -57.41
N VAL I 70 -7.58 61.11 -58.73
CA VAL I 70 -8.39 61.98 -59.58
C VAL I 70 -9.74 61.34 -59.85
N LYS I 71 -10.77 62.18 -59.99
CA LYS I 71 -12.11 61.71 -60.29
C LYS I 71 -12.27 61.59 -61.81
N PHE I 72 -13.49 61.32 -62.27
CA PHE I 72 -13.69 61.12 -63.71
C PHE I 72 -13.69 62.43 -64.49
N GLU I 73 -14.19 63.52 -63.91
CA GLU I 73 -14.35 64.75 -64.67
C GLU I 73 -13.01 65.30 -65.14
N ASP I 74 -12.05 65.44 -64.22
CA ASP I 74 -10.74 65.95 -64.60
C ASP I 74 -10.02 64.98 -65.54
N PHE I 75 -10.16 63.68 -65.29
CA PHE I 75 -9.51 62.68 -66.13
C PHE I 75 -10.01 62.77 -67.57
N VAL I 76 -11.34 62.82 -67.76
CA VAL I 76 -11.89 62.88 -69.10
C VAL I 76 -11.60 64.24 -69.73
N THR I 77 -11.55 65.31 -68.94
CA THR I 77 -11.20 66.61 -69.49
C THR I 77 -9.77 66.62 -70.02
N ALA I 78 -8.84 66.02 -69.26
CA ALA I 78 -7.46 65.92 -69.73
C ALA I 78 -7.38 65.06 -70.98
N LEU I 79 -8.08 63.92 -71.01
CA LEU I 79 -8.06 63.08 -72.19
C LEU I 79 -8.63 63.81 -73.40
N SER I 80 -9.67 64.62 -73.18
CA SER I 80 -10.28 65.36 -74.28
C SER I 80 -9.35 66.44 -74.82
N ILE I 81 -8.73 67.23 -73.91
CA ILE I 81 -7.86 68.30 -74.36
C ILE I 81 -6.51 67.79 -74.86
N LEU I 82 -6.18 66.52 -74.61
CA LEU I 82 -4.98 65.93 -75.18
C LEU I 82 -5.23 65.16 -76.46
N LEU I 83 -6.43 64.60 -76.64
CA LEU I 83 -6.76 63.81 -77.82
C LEU I 83 -7.56 64.57 -78.85
N ARG I 84 -8.34 65.58 -78.43
CA ARG I 84 -9.11 66.38 -79.37
C ARG I 84 -9.10 67.86 -79.01
N GLY I 85 -8.00 68.33 -78.42
CA GLY I 85 -7.87 69.72 -78.01
C GLY I 85 -7.04 70.53 -78.97
N THR I 86 -6.55 71.66 -78.47
CA THR I 86 -5.73 72.58 -79.24
C THR I 86 -4.26 72.37 -78.92
N VAL I 87 -3.39 72.88 -79.80
CA VAL I 87 -1.96 72.65 -79.68
C VAL I 87 -1.42 73.23 -78.37
N HIS I 88 -1.87 74.43 -78.00
CA HIS I 88 -1.41 75.04 -76.76
C HIS I 88 -1.80 74.20 -75.55
N GLU I 89 -2.96 73.53 -75.61
CA GLU I 89 -3.35 72.65 -74.53
C GLU I 89 -2.41 71.46 -74.39
N LYS I 90 -2.02 70.85 -75.52
CA LYS I 90 -1.05 69.76 -75.46
C LYS I 90 0.28 70.23 -74.93
N LEU I 91 0.74 71.41 -75.35
CA LEU I 91 2.00 71.93 -74.84
C LEU I 91 1.92 72.24 -73.35
N ARG I 92 0.78 72.76 -72.87
CA ARG I 92 0.59 72.97 -71.45
C ARG I 92 0.64 71.65 -70.67
N TRP I 93 -0.01 70.61 -71.22
CA TRP I 93 0.03 69.31 -70.57
C TRP I 93 1.45 68.77 -70.50
N THR I 94 2.21 68.88 -71.59
CA THR I 94 3.61 68.43 -71.57
C THR I 94 4.44 69.25 -70.60
N PHE I 95 4.18 70.56 -70.53
CA PHE I 95 4.87 71.42 -69.57
C PHE I 95 4.65 70.90 -68.15
N ASN I 96 3.39 70.64 -67.79
CA ASN I 96 3.09 70.14 -66.46
C ASN I 96 3.69 68.75 -66.23
N LEU I 97 3.73 67.93 -67.29
CA LEU I 97 4.33 66.60 -67.17
C LEU I 97 5.82 66.69 -66.86
N TYR I 98 6.53 67.57 -67.56
CA TYR I 98 7.97 67.69 -67.39
C TYR I 98 8.36 68.59 -66.21
N ASP I 99 7.40 69.27 -65.59
CA ASP I 99 7.67 70.12 -64.44
C ASP I 99 7.23 69.37 -63.19
N ILE I 100 8.12 68.50 -62.70
CA ILE I 100 7.81 67.68 -61.53
C ILE I 100 7.56 68.56 -60.31
N ASN I 101 8.45 69.52 -60.07
CA ASN I 101 8.25 70.54 -59.05
C ASN I 101 7.63 71.78 -59.69
N LYS I 102 7.58 72.88 -58.94
CA LYS I 102 6.85 74.09 -59.37
C LYS I 102 7.79 75.28 -59.60
N ASP I 103 8.98 75.02 -60.14
CA ASP I 103 9.91 76.10 -60.46
C ASP I 103 9.68 76.60 -61.88
N GLY I 104 10.26 77.76 -62.19
CA GLY I 104 10.11 78.33 -63.51
C GLY I 104 11.06 77.77 -64.55
N TYR I 105 11.98 76.91 -64.13
CA TYR I 105 12.99 76.31 -65.00
C TYR I 105 12.96 74.79 -64.88
N ILE I 106 13.44 74.13 -65.94
CA ILE I 106 13.55 72.68 -65.97
C ILE I 106 15.03 72.32 -65.98
N ASN I 107 15.49 71.64 -64.93
CA ASN I 107 16.90 71.43 -64.69
C ASN I 107 17.35 70.04 -65.17
N LYS I 108 18.60 69.72 -64.86
CA LYS I 108 19.22 68.50 -65.37
C LYS I 108 18.57 67.24 -64.80
N GLU I 109 18.26 67.24 -63.50
CA GLU I 109 17.75 66.03 -62.86
C GLU I 109 16.36 65.67 -63.36
N GLU I 110 15.53 66.66 -63.71
CA GLU I 110 14.22 66.37 -64.26
C GLU I 110 14.35 65.61 -65.58
N MET I 111 15.23 66.08 -66.47
CA MET I 111 15.48 65.36 -67.70
C MET I 111 16.11 64.00 -67.44
N MET I 112 16.95 63.90 -66.40
CA MET I 112 17.54 62.61 -66.05
C MET I 112 16.46 61.60 -65.73
N ASP I 113 15.53 61.96 -64.83
CA ASP I 113 14.49 61.00 -64.45
C ASP I 113 13.53 60.74 -65.61
N ILE I 114 13.25 61.75 -66.43
CA ILE I 114 12.35 61.55 -67.57
C ILE I 114 12.97 60.59 -68.59
N VAL I 115 14.24 60.79 -68.91
CA VAL I 115 14.89 59.91 -69.89
C VAL I 115 15.08 58.52 -69.31
N LYS I 116 15.30 58.39 -68.00
CA LYS I 116 15.35 57.07 -67.39
C LYS I 116 14.00 56.37 -67.49
N ALA I 117 12.91 57.10 -67.23
CA ALA I 117 11.57 56.53 -67.37
C ALA I 117 11.29 56.12 -68.80
N ILE I 118 11.84 56.85 -69.77
CA ILE I 118 11.64 56.50 -71.18
C ILE I 118 12.45 55.26 -71.54
N TYR I 119 13.70 55.20 -71.07
CA TYR I 119 14.65 54.19 -71.55
C TYR I 119 14.63 52.89 -70.76
N ASP I 120 14.03 52.85 -69.58
CA ASP I 120 14.06 51.63 -68.79
C ASP I 120 13.05 50.58 -69.28
N MET I 121 12.08 50.98 -70.10
CA MET I 121 10.99 50.06 -70.45
C MET I 121 11.48 48.90 -71.29
N MET I 122 12.35 49.16 -72.28
CA MET I 122 12.77 48.09 -73.18
C MET I 122 13.57 47.01 -72.45
N GLY I 123 14.20 47.35 -71.34
CA GLY I 123 14.91 46.36 -70.54
C GLY I 123 16.22 45.92 -71.15
N LYS I 124 16.51 44.62 -71.06
CA LYS I 124 17.76 44.05 -71.54
C LYS I 124 17.55 43.16 -72.77
N TYR I 125 16.56 43.49 -73.60
CA TYR I 125 16.23 42.71 -74.79
C TYR I 125 16.05 43.63 -75.99
N THR I 126 17.00 44.55 -76.19
CA THR I 126 16.98 45.46 -77.32
C THR I 126 18.23 45.26 -78.15
N TYR I 127 18.09 45.47 -79.47
CA TYR I 127 19.22 45.28 -80.38
C TYR I 127 20.36 46.26 -80.13
N PRO I 128 20.13 47.58 -80.02
CA PRO I 128 21.28 48.49 -79.83
C PRO I 128 21.98 48.32 -78.49
N VAL I 129 21.37 47.62 -77.53
CA VAL I 129 21.93 47.44 -76.20
C VAL I 129 22.22 48.80 -75.58
N LEU I 130 21.17 49.51 -75.18
CA LEU I 130 21.32 50.83 -74.62
C LEU I 130 22.07 50.76 -73.29
N LYS I 131 22.82 51.83 -73.01
CA LYS I 131 23.49 51.96 -71.72
C LYS I 131 23.14 53.31 -71.10
N GLU I 132 23.78 53.66 -69.99
CA GLU I 132 23.53 54.95 -69.36
C GLU I 132 24.03 56.10 -70.22
N ASP I 133 24.86 55.83 -71.23
CA ASP I 133 25.40 56.90 -72.07
C ASP I 133 24.34 57.49 -72.98
N THR I 134 23.53 56.64 -73.60
CA THR I 134 22.51 57.13 -74.55
C THR I 134 21.56 58.15 -73.93
N PRO I 135 21.09 58.01 -72.68
CA PRO I 135 20.36 59.14 -72.07
C PRO I 135 21.20 60.40 -71.99
N ARG I 136 22.52 60.27 -71.80
CA ARG I 136 23.37 61.47 -71.72
C ARG I 136 23.43 62.19 -73.06
N GLN I 137 23.66 61.45 -74.16
CA GLN I 137 23.60 62.12 -75.46
C GLN I 137 22.22 62.68 -75.75
N HIS I 138 21.16 61.97 -75.35
CA HIS I 138 19.82 62.50 -75.61
C HIS I 138 19.56 63.80 -74.85
N VAL I 139 19.96 63.86 -73.58
CA VAL I 139 19.78 65.07 -72.79
C VAL I 139 20.65 66.19 -73.35
N ASP I 140 21.85 65.87 -73.82
CA ASP I 140 22.69 66.90 -74.43
C ASP I 140 22.05 67.46 -75.70
N VAL I 141 21.48 66.58 -76.53
CA VAL I 141 20.81 67.03 -77.74
C VAL I 141 19.60 67.90 -77.40
N PHE I 142 18.83 67.49 -76.40
CA PHE I 142 17.68 68.29 -75.98
C PHE I 142 18.10 69.65 -75.45
N PHE I 143 19.18 69.68 -74.67
CA PHE I 143 19.61 70.93 -74.04
C PHE I 143 20.19 71.89 -75.07
N GLN I 144 20.96 71.37 -76.04
CA GLN I 144 21.41 72.24 -77.12
C GLN I 144 20.25 72.68 -78.01
N LYS I 145 19.21 71.85 -78.10
CA LYS I 145 17.97 72.31 -78.71
C LYS I 145 17.30 73.38 -77.87
N MET I 146 17.42 73.28 -76.54
CA MET I 146 16.92 74.32 -75.66
C MET I 146 17.84 75.54 -75.69
N ASP I 147 17.47 76.57 -74.94
CA ASP I 147 18.27 77.78 -74.88
C ASP I 147 19.60 77.53 -74.18
N LYS I 148 20.61 78.30 -74.58
CA LYS I 148 21.96 78.10 -74.06
C LYS I 148 22.04 78.43 -72.57
N ASN I 149 21.34 79.49 -72.13
CA ASN I 149 21.46 79.94 -70.76
C ASN I 149 20.82 78.94 -69.79
N LYS I 150 21.21 79.04 -68.53
CA LYS I 150 20.69 78.17 -67.48
C LYS I 150 19.32 78.62 -67.02
N THR I 155 14.03 77.61 -70.86
CA THR I 155 12.86 78.47 -70.85
C THR I 155 11.65 77.75 -71.43
N LEU I 156 10.51 77.86 -70.75
CA LEU I 156 9.29 77.23 -71.23
C LEU I 156 8.84 77.85 -72.56
N ASP I 157 8.99 79.16 -72.69
CA ASP I 157 8.66 79.80 -73.97
C ASP I 157 9.59 79.34 -75.08
N GLU I 158 10.88 79.18 -74.77
CA GLU I 158 11.83 78.67 -75.76
C GLU I 158 11.47 77.25 -76.17
N PHE I 159 11.10 76.40 -75.22
CA PHE I 159 10.67 75.05 -75.55
C PHE I 159 9.42 75.06 -76.39
N LEU I 160 8.47 75.94 -76.08
CA LEU I 160 7.26 76.08 -76.90
C LEU I 160 7.62 76.44 -78.33
N GLU I 161 8.45 77.48 -78.51
CA GLU I 161 8.83 77.90 -79.84
C GLU I 161 9.58 76.80 -80.60
N SER I 162 10.47 76.08 -79.92
CA SER I 162 11.17 74.97 -80.55
C SER I 162 10.22 73.86 -80.95
N CYS I 163 9.20 73.59 -80.13
CA CYS I 163 8.20 72.61 -80.49
C CYS I 163 7.44 73.02 -81.75
N GLN I 164 7.04 74.29 -81.84
CA GLN I 164 6.32 74.74 -83.02
C GLN I 164 7.24 75.15 -84.17
N GLU I 165 8.56 75.11 -83.98
CA GLU I 165 9.47 75.41 -85.08
C GLU I 165 9.90 74.17 -85.84
N ASP I 166 9.54 72.97 -85.37
CA ASP I 166 9.90 71.72 -86.01
C ASP I 166 8.63 70.98 -86.40
N ASP I 167 8.53 70.60 -87.67
CA ASP I 167 7.33 69.92 -88.16
C ASP I 167 7.28 68.44 -87.80
N ASN I 168 8.41 67.84 -87.43
CA ASN I 168 8.42 66.42 -87.10
C ASN I 168 7.58 66.12 -85.87
N ILE I 169 7.65 67.00 -84.85
CA ILE I 169 6.84 66.80 -83.66
C ILE I 169 5.39 67.20 -83.91
N MET I 170 5.15 68.20 -84.75
CA MET I 170 3.79 68.59 -85.07
C MET I 170 3.05 67.48 -85.82
N ARG I 171 3.72 66.84 -86.78
CA ARG I 171 3.14 65.68 -87.44
C ARG I 171 3.10 64.48 -86.51
N SER I 172 3.85 64.51 -85.42
CA SER I 172 3.77 63.51 -84.36
C SER I 172 2.78 63.90 -83.27
N LEU I 173 1.98 64.95 -83.51
CA LEU I 173 0.92 65.35 -82.61
C LEU I 173 -0.46 64.97 -83.11
N GLN I 174 -0.68 64.99 -84.41
CA GLN I 174 -1.94 64.58 -85.02
C GLN I 174 -2.01 63.07 -85.25
N LEU I 175 -1.06 62.30 -84.71
CA LEU I 175 -1.11 60.85 -84.83
C LEU I 175 -2.37 60.29 -84.19
N PHE I 176 -2.79 60.87 -83.06
CA PHE I 176 -3.91 60.39 -82.30
C PHE I 176 -4.99 61.45 -82.15
N GLN I 177 -4.72 62.68 -82.57
CA GLN I 177 -5.77 63.70 -82.62
C GLN I 177 -6.90 63.27 -83.53
N ASN I 178 -6.56 62.57 -84.62
CA ASN I 178 -7.57 62.08 -85.55
C ASN I 178 -8.20 60.77 -85.05
N VAL I 179 -7.38 59.74 -84.89
CA VAL I 179 -7.89 58.42 -84.52
C VAL I 179 -8.22 58.38 -83.04
N MET I 180 -9.44 57.96 -82.72
CA MET I 180 -9.93 57.85 -81.35
C MET I 180 -9.70 59.13 -80.54
N ALA J 1 -37.93 59.33 -43.61
CA ALA J 1 -36.78 58.97 -44.44
C ALA J 1 -37.05 59.32 -45.89
N ALA J 2 -35.99 59.32 -46.70
CA ALA J 2 -36.09 59.66 -48.11
C ALA J 2 -36.73 58.55 -48.94
N GLY J 3 -36.87 57.34 -48.40
CA GLY J 3 -37.49 56.23 -49.09
C GLY J 3 -38.98 56.09 -48.90
N VAL J 4 -39.63 57.03 -48.22
CA VAL J 4 -41.06 56.95 -47.95
C VAL J 4 -41.72 58.14 -48.64
N ALA J 5 -41.19 58.52 -49.81
CA ALA J 5 -41.71 59.68 -50.53
C ALA J 5 -43.17 59.50 -50.91
N ALA J 6 -43.63 58.26 -51.10
CA ALA J 6 -45.00 58.01 -51.48
C ALA J 6 -45.98 58.45 -50.40
N TRP J 7 -45.53 58.57 -49.16
CA TRP J 7 -46.35 59.07 -48.06
C TRP J 7 -46.21 60.56 -47.85
N LEU J 8 -45.40 61.24 -48.68
CA LEU J 8 -45.22 62.68 -48.53
C LEU J 8 -46.53 63.47 -48.68
N PRO J 9 -47.39 63.20 -49.67
CA PRO J 9 -48.66 63.93 -49.73
C PRO J 9 -49.52 63.75 -48.48
N PHE J 10 -49.46 62.58 -47.84
CA PHE J 10 -50.21 62.38 -46.62
C PHE J 10 -49.80 63.37 -45.54
N ALA J 11 -48.49 63.64 -45.41
CA ALA J 11 -48.03 64.65 -44.48
C ALA J 11 -48.62 66.01 -44.79
N ARG J 12 -48.91 66.28 -46.07
CA ARG J 12 -49.63 67.49 -46.45
C ARG J 12 -50.94 67.58 -45.69
N ALA J 13 -51.70 66.47 -45.66
CA ALA J 13 -52.94 66.43 -44.92
C ALA J 13 -52.72 66.72 -43.43
N ALA J 14 -51.54 66.36 -42.91
CA ALA J 14 -51.23 66.65 -41.51
C ALA J 14 -51.28 68.13 -41.21
N ALA J 15 -51.10 68.98 -42.23
CA ALA J 15 -51.22 70.42 -42.02
C ALA J 15 -52.59 70.79 -41.49
N ILE J 16 -53.63 70.09 -41.97
CA ILE J 16 -54.99 70.35 -41.50
C ILE J 16 -55.10 70.15 -40.00
N GLY J 17 -54.24 69.32 -39.41
CA GLY J 17 -54.24 69.17 -37.97
C GLY J 17 -53.89 70.46 -37.25
N TRP J 18 -52.91 71.19 -37.77
CA TRP J 18 -52.48 72.46 -37.19
C TRP J 18 -52.85 73.66 -38.06
N MET J 19 -53.67 73.45 -39.10
CA MET J 19 -54.02 74.55 -39.99
C MET J 19 -54.77 75.68 -39.28
N PRO J 20 -55.79 75.42 -38.44
CA PRO J 20 -56.33 76.53 -37.64
C PRO J 20 -55.31 77.18 -36.74
N VAL J 21 -54.34 76.39 -36.24
CA VAL J 21 -53.22 76.97 -35.52
C VAL J 21 -52.28 77.73 -36.44
N ALA J 22 -52.19 77.32 -37.71
CA ALA J 22 -51.29 77.98 -38.65
C ALA J 22 -51.75 79.40 -38.96
N SER J 23 -50.78 80.31 -39.02
CA SER J 23 -51.04 81.70 -39.39
C SER J 23 -49.73 82.30 -39.89
N GLY J 24 -49.67 82.60 -41.18
CA GLY J 24 -48.47 83.15 -41.78
C GLY J 24 -48.61 83.43 -43.26
N PRO J 25 -47.49 83.74 -43.92
CA PRO J 25 -47.55 84.12 -45.34
C PRO J 25 -47.81 82.95 -46.27
N MET J 26 -47.51 81.71 -45.86
CA MET J 26 -47.72 80.48 -46.62
C MET J 26 -47.24 80.62 -48.07
N PRO J 27 -45.92 80.61 -48.29
CA PRO J 27 -45.37 80.88 -49.63
C PRO J 27 -45.84 79.89 -50.69
N ALA J 28 -46.77 78.99 -50.34
CA ALA J 28 -47.48 78.08 -51.23
C ALA J 28 -46.54 76.98 -51.74
N PRO J 29 -47.08 75.86 -52.22
CA PRO J 29 -46.22 74.79 -52.74
C PRO J 29 -45.33 75.31 -53.85
N PRO J 30 -44.07 74.87 -53.88
CA PRO J 30 -43.11 75.43 -54.84
C PRO J 30 -43.23 74.84 -56.23
N ARG J 31 -44.12 75.42 -57.05
CA ARG J 31 -44.35 75.04 -58.45
C ARG J 31 -44.39 73.53 -58.63
N GLN J 32 -45.38 72.91 -57.98
CA GLN J 32 -45.57 71.48 -58.09
C GLN J 32 -45.94 71.10 -59.53
N GLU J 33 -45.61 69.86 -59.89
CA GLU J 33 -45.85 69.36 -61.24
C GLU J 33 -46.66 68.06 -61.18
N ARG J 34 -47.11 67.63 -62.36
CA ARG J 34 -47.78 66.35 -62.58
C ARG J 34 -48.82 66.04 -61.50
N LYS J 35 -49.89 66.83 -61.47
CA LYS J 35 -50.95 66.64 -60.46
C LYS J 35 -51.42 65.20 -60.42
N ARG J 36 -51.68 64.61 -61.58
CA ARG J 36 -51.98 63.19 -61.67
C ARG J 36 -50.69 62.39 -61.75
N THR J 37 -50.72 61.18 -61.22
CA THR J 37 -49.51 60.35 -61.15
C THR J 37 -49.10 59.92 -62.55
N GLN J 38 -47.82 60.13 -62.86
CA GLN J 38 -47.21 59.69 -64.12
C GLN J 38 -45.98 58.85 -63.81
N ASP J 39 -46.11 57.92 -62.87
CA ASP J 39 -45.00 57.07 -62.49
C ASP J 39 -44.65 56.12 -63.62
N ALA J 40 -43.43 56.24 -64.13
CA ALA J 40 -42.96 55.44 -65.26
C ALA J 40 -42.22 54.22 -64.74
N LEU J 41 -42.59 53.04 -65.24
CA LEU J 41 -41.91 51.80 -64.87
C LEU J 41 -40.64 51.70 -65.71
N ILE J 42 -39.63 52.47 -65.30
CA ILE J 42 -38.39 52.54 -66.05
C ILE J 42 -37.72 51.17 -66.04
N VAL J 43 -37.16 50.80 -67.20
CA VAL J 43 -36.59 49.47 -67.42
C VAL J 43 -35.07 49.55 -67.29
N LEU J 44 -34.50 48.54 -66.65
CA LEU J 44 -33.06 48.45 -66.41
C LEU J 44 -32.64 47.04 -66.82
N ASN J 45 -32.07 46.90 -68.01
CA ASN J 45 -31.64 45.60 -68.52
C ASN J 45 -30.17 45.38 -68.19
N VAL J 46 -29.89 44.39 -67.35
CA VAL J 46 -28.53 44.16 -66.88
C VAL J 46 -27.94 42.89 -67.48
N SER J 47 -27.17 43.05 -68.55
CA SER J 47 -26.49 41.95 -69.22
C SER J 47 -27.47 40.81 -69.53
N GLY J 48 -28.59 41.18 -70.15
CA GLY J 48 -29.63 40.21 -70.42
C GLY J 48 -31.03 40.72 -70.16
N THR J 49 -31.73 40.07 -69.23
CA THR J 49 -33.12 40.42 -68.96
C THR J 49 -33.21 41.80 -68.31
N ARG J 50 -34.44 42.22 -68.04
CA ARG J 50 -34.71 43.58 -67.58
C ARG J 50 -35.45 43.56 -66.24
N PHE J 51 -35.33 44.66 -65.51
CA PHE J 51 -36.03 44.87 -64.27
C PHE J 51 -36.68 46.24 -64.31
N GLN J 52 -37.98 46.30 -64.05
CA GLN J 52 -38.72 47.56 -64.10
C GLN J 52 -38.97 48.07 -62.70
N THR J 53 -38.82 49.38 -62.53
CA THR J 53 -39.04 49.99 -61.23
C THR J 53 -39.59 51.40 -61.42
N TRP J 54 -40.30 51.89 -60.40
CA TRP J 54 -40.84 53.24 -60.44
C TRP J 54 -39.71 54.25 -60.25
N GLN J 55 -39.90 55.43 -60.85
CA GLN J 55 -38.85 56.45 -60.81
C GLN J 55 -38.55 56.89 -59.39
N ASP J 56 -39.59 57.10 -58.58
CA ASP J 56 -39.38 57.44 -57.18
C ASP J 56 -38.73 56.30 -56.41
N THR J 57 -38.99 55.05 -56.82
CA THR J 57 -38.36 53.91 -56.18
C THR J 57 -36.86 53.91 -56.39
N LEU J 58 -36.41 54.32 -57.57
CA LEU J 58 -34.97 54.41 -57.85
C LEU J 58 -34.37 55.70 -57.34
N GLU J 59 -35.16 56.76 -57.18
CA GLU J 59 -34.68 58.07 -56.80
C GLU J 59 -34.86 58.37 -55.32
N ARG J 60 -35.40 57.45 -54.54
CA ARG J 60 -35.55 57.71 -53.11
C ARG J 60 -34.22 57.70 -52.37
N TYR J 61 -33.15 57.23 -52.99
CA TYR J 61 -31.81 57.28 -52.42
C TYR J 61 -30.87 57.89 -53.46
N PRO J 62 -30.98 59.20 -53.70
CA PRO J 62 -30.11 59.83 -54.71
C PRO J 62 -28.64 59.84 -54.34
N ASP J 63 -28.31 59.63 -53.06
CA ASP J 63 -26.91 59.61 -52.65
C ASP J 63 -26.12 58.48 -53.31
N THR J 64 -26.81 57.45 -53.79
CA THR J 64 -26.15 56.32 -54.44
C THR J 64 -26.00 56.60 -55.93
N LEU J 65 -25.34 55.66 -56.63
CA LEU J 65 -25.06 55.84 -58.05
C LEU J 65 -26.35 55.89 -58.86
N LEU J 66 -27.33 55.05 -58.53
CA LEU J 66 -28.57 55.01 -59.30
C LEU J 66 -29.41 56.26 -59.14
N GLY J 67 -29.10 57.11 -58.16
CA GLY J 67 -29.78 58.39 -58.06
C GLY J 67 -29.20 59.42 -59.01
N SER J 68 -29.86 60.58 -59.07
CA SER J 68 -29.44 61.69 -59.91
C SER J 68 -29.30 61.27 -61.37
N SER J 69 -28.56 62.08 -62.14
CA SER J 69 -28.31 61.79 -63.55
C SER J 69 -27.08 60.91 -63.76
N GLU J 70 -26.44 60.45 -62.68
CA GLU J 70 -25.29 59.56 -62.81
C GLU J 70 -25.68 58.27 -63.53
N ARG J 71 -26.86 57.73 -63.21
CA ARG J 71 -27.35 56.51 -63.88
C ARG J 71 -27.38 56.67 -65.38
N ASP J 72 -27.62 57.89 -65.88
CA ASP J 72 -27.70 58.13 -67.31
C ASP J 72 -26.37 57.92 -68.03
N PHE J 73 -25.26 57.80 -67.29
CA PHE J 73 -24.02 57.36 -67.92
C PHE J 73 -24.18 55.96 -68.53
N PHE J 74 -24.95 55.10 -67.88
CA PHE J 74 -25.23 53.77 -68.40
C PHE J 74 -26.54 53.72 -69.18
N TYR J 75 -27.20 54.86 -69.36
CA TYR J 75 -28.42 54.90 -70.16
C TYR J 75 -28.11 54.56 -71.61
N HIS J 76 -28.99 53.78 -72.22
CA HIS J 76 -28.82 53.36 -73.61
C HIS J 76 -29.83 54.11 -74.46
N PRO J 77 -29.39 55.11 -75.25
CA PRO J 77 -30.39 55.97 -75.93
C PRO J 77 -31.08 55.29 -77.09
N GLU J 78 -30.36 54.53 -77.92
CA GLU J 78 -30.96 53.94 -79.11
C GLU J 78 -31.96 52.84 -78.78
N THR J 79 -31.99 52.35 -77.54
CA THR J 79 -32.91 51.30 -77.14
C THR J 79 -33.91 51.76 -76.08
N GLN J 80 -33.77 52.98 -75.56
CA GLN J 80 -34.69 53.55 -74.57
C GLN J 80 -34.74 52.65 -73.32
N GLN J 81 -33.58 52.49 -72.69
CA GLN J 81 -33.46 51.67 -71.50
C GLN J 81 -32.08 51.92 -70.87
N TYR J 82 -31.86 51.29 -69.73
CA TYR J 82 -30.61 51.40 -68.98
C TYR J 82 -29.91 50.05 -69.03
N PHE J 83 -29.00 49.88 -70.00
CA PHE J 83 -28.27 48.62 -70.14
C PHE J 83 -27.03 48.67 -69.27
N PHE J 84 -27.18 48.26 -68.01
CA PHE J 84 -26.03 48.11 -67.13
C PHE J 84 -25.29 46.82 -67.49
N ASP J 85 -23.97 46.85 -67.35
CA ASP J 85 -23.11 45.71 -67.65
C ASP J 85 -22.60 45.04 -66.38
N ARG J 86 -23.44 44.93 -65.35
CA ARG J 86 -23.09 44.31 -64.08
C ARG J 86 -23.79 42.96 -63.94
N ASP J 87 -23.53 42.29 -62.82
CA ASP J 87 -24.13 40.99 -62.57
C ASP J 87 -25.64 41.14 -62.39
N PRO J 88 -26.44 40.30 -63.04
CA PRO J 88 -27.90 40.49 -63.03
C PRO J 88 -28.64 39.89 -61.84
N ASP J 89 -27.94 39.35 -60.84
CA ASP J 89 -28.62 38.79 -59.68
C ASP J 89 -28.34 39.55 -58.40
N ILE J 90 -27.14 40.08 -58.23
CA ILE J 90 -26.89 41.02 -57.15
C ILE J 90 -27.72 42.29 -57.34
N PHE J 91 -27.89 42.71 -58.60
CA PHE J 91 -28.77 43.83 -58.88
C PHE J 91 -30.18 43.57 -58.36
N ARG J 92 -30.60 42.30 -58.35
CA ARG J 92 -31.89 41.96 -57.76
C ARG J 92 -31.94 42.32 -56.28
N HIS J 93 -30.88 42.00 -55.55
CA HIS J 93 -30.83 42.37 -54.13
C HIS J 93 -30.75 43.88 -53.97
N ILE J 94 -30.04 44.57 -54.87
CA ILE J 94 -29.99 46.03 -54.82
C ILE J 94 -31.38 46.63 -55.02
N LEU J 95 -32.14 46.07 -55.97
CA LEU J 95 -33.50 46.54 -56.20
C LEU J 95 -34.38 46.29 -54.98
N ASN J 96 -34.26 45.10 -54.38
CA ASN J 96 -35.04 44.82 -53.17
C ASN J 96 -34.68 45.78 -52.05
N PHE J 97 -33.39 46.10 -51.90
CA PHE J 97 -32.97 47.08 -50.90
C PHE J 97 -33.56 48.45 -51.21
N TYR J 98 -33.45 48.89 -52.45
CA TYR J 98 -34.01 50.19 -52.83
C TYR J 98 -35.48 50.27 -52.50
N ARG J 99 -36.22 49.19 -52.77
CA ARG J 99 -37.63 49.15 -52.42
C ARG J 99 -37.84 49.21 -50.91
N THR J 100 -37.03 48.46 -50.16
CA THR J 100 -37.21 48.35 -48.71
C THR J 100 -36.43 49.39 -47.92
N GLY J 101 -35.29 49.84 -48.43
CA GLY J 101 -34.35 50.60 -47.65
C GLY J 101 -33.41 49.75 -46.82
N LYS J 102 -33.52 48.42 -46.90
CA LYS J 102 -32.70 47.49 -46.14
C LYS J 102 -32.18 46.43 -47.11
N LEU J 103 -30.89 46.15 -47.04
CA LEU J 103 -30.27 45.16 -47.93
C LEU J 103 -29.99 43.87 -47.19
N HIS J 104 -30.37 42.76 -47.82
CA HIS J 104 -30.10 41.42 -47.31
C HIS J 104 -28.95 40.82 -48.10
N TYR J 105 -28.08 40.10 -47.39
CA TYR J 105 -26.99 39.39 -48.06
C TYR J 105 -27.34 37.93 -48.19
N PRO J 106 -27.65 37.43 -49.39
CA PRO J 106 -27.83 35.98 -49.55
C PRO J 106 -26.54 35.25 -49.21
N ARG J 107 -26.70 34.06 -48.60
CA ARG J 107 -25.54 33.35 -48.06
C ARG J 107 -24.65 32.77 -49.15
N HIS J 108 -25.23 32.27 -50.23
CA HIS J 108 -24.52 31.43 -51.20
C HIS J 108 -23.92 32.22 -52.35
N GLU J 109 -23.13 33.26 -52.07
CA GLU J 109 -22.45 34.00 -53.12
C GLU J 109 -21.05 34.38 -52.64
N CYS J 110 -20.14 34.51 -53.61
CA CYS J 110 -18.79 34.96 -53.32
C CYS J 110 -18.80 36.38 -52.76
N ILE J 111 -18.01 36.58 -51.71
CA ILE J 111 -17.96 37.89 -51.07
C ILE J 111 -17.27 38.91 -51.96
N SER J 112 -16.20 38.49 -52.64
CA SER J 112 -15.50 39.42 -53.53
C SER J 112 -16.44 39.98 -54.58
N ALA J 113 -17.21 39.11 -55.24
CA ALA J 113 -18.16 39.58 -56.25
C ALA J 113 -19.23 40.46 -55.64
N TYR J 114 -19.76 40.07 -54.49
CA TYR J 114 -20.80 40.86 -53.84
C TYR J 114 -20.30 42.25 -53.47
N ASP J 115 -19.08 42.32 -52.93
CA ASP J 115 -18.53 43.60 -52.50
C ASP J 115 -18.17 44.49 -53.69
N GLU J 116 -17.63 43.91 -54.76
CA GLU J 116 -17.34 44.75 -55.92
C GLU J 116 -18.61 45.19 -56.63
N GLU J 117 -19.67 44.38 -56.59
CA GLU J 117 -20.97 44.84 -57.08
C GLU J 117 -21.50 45.97 -56.22
N LEU J 118 -21.33 45.86 -54.90
CA LEU J 118 -21.72 46.94 -54.00
C LEU J 118 -20.96 48.23 -54.32
N ALA J 119 -19.65 48.12 -54.54
CA ALA J 119 -18.85 49.30 -54.85
C ALA J 119 -19.20 49.88 -56.22
N PHE J 120 -19.52 49.02 -57.19
CA PHE J 120 -19.86 49.50 -58.53
C PHE J 120 -21.13 50.36 -58.50
N PHE J 121 -22.10 49.98 -57.67
CA PHE J 121 -23.37 50.67 -57.57
C PHE J 121 -23.34 51.81 -56.56
N GLY J 122 -22.18 52.11 -55.99
CA GLY J 122 -22.06 53.20 -55.05
C GLY J 122 -22.78 53.00 -53.74
N LEU J 123 -22.75 51.80 -53.18
CA LEU J 123 -23.39 51.51 -51.91
C LEU J 123 -22.36 51.48 -50.78
N ILE J 124 -22.86 51.27 -49.57
CA ILE J 124 -22.00 51.12 -48.39
C ILE J 124 -22.27 49.75 -47.78
N PRO J 125 -21.23 49.02 -47.34
CA PRO J 125 -21.46 47.69 -46.75
C PRO J 125 -22.13 47.71 -45.39
N GLU J 126 -22.35 48.88 -44.79
CA GLU J 126 -22.83 48.95 -43.42
C GLU J 126 -24.35 48.99 -43.31
N ILE J 127 -25.08 48.90 -44.43
CA ILE J 127 -26.54 48.94 -44.38
C ILE J 127 -27.17 47.56 -44.36
N ILE J 128 -26.39 46.51 -44.11
CA ILE J 128 -26.94 45.16 -44.09
C ILE J 128 -27.74 44.96 -42.80
N GLY J 129 -28.90 44.33 -42.92
CA GLY J 129 -29.69 44.01 -41.75
C GLY J 129 -28.99 43.02 -40.85
N ASP J 130 -29.24 43.16 -39.55
CA ASP J 130 -28.53 42.34 -38.55
C ASP J 130 -28.75 40.85 -38.78
N CYS J 131 -29.89 40.47 -39.38
CA CYS J 131 -30.12 39.08 -39.72
C CYS J 131 -29.06 38.56 -40.69
N CYS J 132 -28.70 39.37 -41.68
CA CYS J 132 -27.66 39.00 -42.64
C CYS J 132 -26.30 39.62 -42.32
N TYR J 133 -26.26 40.66 -41.48
CA TYR J 133 -25.02 41.36 -41.22
C TYR J 133 -24.01 40.47 -40.51
N GLU J 134 -24.46 39.67 -39.55
CA GLU J 134 -23.54 38.78 -38.84
C GLU J 134 -22.89 37.79 -39.81
N GLU J 135 -23.68 37.21 -40.71
CA GLU J 135 -23.13 36.26 -41.67
C GLU J 135 -22.17 36.93 -42.64
N TYR J 136 -22.53 38.12 -43.13
CA TYR J 136 -21.62 38.87 -44.00
C TYR J 136 -20.33 39.21 -43.28
N LYS J 137 -20.41 39.51 -41.98
CA LYS J 137 -19.21 39.81 -41.23
C LYS J 137 -18.34 38.57 -41.05
N ASP J 138 -18.96 37.40 -40.80
CA ASP J 138 -18.18 36.17 -40.76
C ASP J 138 -17.45 35.94 -42.08
N ARG J 139 -18.18 36.13 -43.19
CA ARG J 139 -17.56 35.95 -44.49
C ARG J 139 -16.47 36.99 -44.73
N ARG J 140 -16.69 38.22 -44.28
CA ARG J 140 -15.66 39.24 -44.39
C ARG J 140 -14.39 38.82 -43.67
N ARG J 141 -14.54 38.34 -42.43
CA ARG J 141 -13.34 38.01 -41.65
C ARG J 141 -12.61 36.80 -42.23
N GLU J 142 -13.36 35.81 -42.75
CA GLU J 142 -12.67 34.65 -43.32
C GLU J 142 -11.94 35.03 -44.60
N ASN J 143 -12.58 35.79 -45.49
CA ASN J 143 -11.85 36.19 -46.70
C ASN J 143 -10.75 37.19 -46.39
N ALA J 144 -10.89 37.95 -45.30
CA ALA J 144 -9.86 38.89 -44.90
C ALA J 144 -8.61 38.16 -44.43
N GLU J 145 -8.78 37.15 -43.58
CA GLU J 145 -7.61 36.35 -43.19
C GLU J 145 -7.06 35.57 -44.38
N ARG J 146 -7.93 35.17 -45.32
CA ARG J 146 -7.47 34.53 -46.54
C ARG J 146 -6.54 35.44 -47.34
N LEU J 147 -6.98 36.67 -47.60
CA LEU J 147 -6.17 37.61 -48.36
C LEU J 147 -4.94 38.05 -47.58
N GLN J 148 -5.03 38.11 -46.25
CA GLN J 148 -3.87 38.37 -45.44
C GLN J 148 -2.81 37.30 -45.64
N ASP J 149 -3.23 36.02 -45.59
CA ASP J 149 -2.30 34.93 -45.87
C ASP J 149 -1.80 34.97 -47.30
N ASP J 150 -2.59 35.53 -48.22
CA ASP J 150 -2.17 35.59 -49.62
C ASP J 150 -0.90 36.42 -49.79
N ALA J 151 -0.68 37.40 -48.92
CA ALA J 151 0.45 38.30 -49.04
C ALA J 151 1.20 38.50 -47.72
N ASP J 152 1.32 37.44 -46.90
CA ASP J 152 2.07 37.55 -45.65
C ASP J 152 3.55 37.85 -45.89
N THR J 153 4.27 36.91 -46.49
CA THR J 153 5.71 36.99 -46.59
C THR J 153 6.18 36.58 -47.98
N ASP J 154 7.35 37.08 -48.35
CA ASP J 154 8.00 36.71 -49.60
C ASP J 154 9.50 36.67 -49.36
N THR J 155 10.17 35.70 -49.99
CA THR J 155 11.60 35.50 -49.80
C THR J 155 12.36 36.62 -50.51
N ALA J 156 12.87 37.57 -49.74
CA ALA J 156 13.63 38.69 -50.28
C ALA J 156 14.62 39.23 -49.27
N ALA J 166 24.95 39.71 -48.96
CA ALA J 166 25.35 40.53 -47.83
C ALA J 166 25.62 39.68 -46.59
N ARG J 167 26.17 40.30 -45.56
CA ARG J 167 26.38 39.56 -44.31
C ARG J 167 25.06 39.26 -43.61
N GLN J 168 24.11 40.19 -43.69
CA GLN J 168 22.76 39.92 -43.19
C GLN J 168 22.02 38.88 -44.02
N ARG J 169 22.47 38.64 -45.26
CA ARG J 169 21.74 37.72 -46.15
C ARG J 169 21.69 36.31 -45.59
N VAL J 170 22.80 35.83 -45.03
CA VAL J 170 22.82 34.50 -44.44
C VAL J 170 21.81 34.40 -43.30
N TRP J 171 21.44 35.53 -42.70
CA TRP J 171 20.36 35.56 -41.72
C TRP J 171 19.11 34.90 -42.27
N ARG J 172 18.70 35.29 -43.47
CA ARG J 172 17.56 34.63 -44.11
C ARG J 172 17.85 33.15 -44.32
N ALA J 173 19.08 32.82 -44.71
CA ALA J 173 19.50 31.43 -44.75
C ALA J 173 19.50 30.82 -43.35
N PHE J 174 19.94 31.58 -42.34
CA PHE J 174 20.03 31.04 -40.99
C PHE J 174 18.66 30.74 -40.41
N GLU J 175 17.72 31.69 -40.51
CA GLU J 175 16.38 31.51 -40.00
C GLU J 175 15.46 30.74 -40.95
N ASN J 176 15.96 30.40 -42.13
CA ASN J 176 15.31 29.43 -43.02
C ASN J 176 16.36 28.39 -43.40
N PRO J 177 16.69 27.49 -42.47
CA PRO J 177 17.82 26.58 -42.71
C PRO J 177 17.64 25.67 -43.91
N HIS J 178 16.40 25.44 -44.36
CA HIS J 178 16.19 24.65 -45.57
C HIS J 178 16.33 25.54 -46.81
N THR J 179 17.39 26.33 -46.85
CA THR J 179 17.75 27.14 -48.01
C THR J 179 19.15 26.82 -48.52
N SER J 180 20.13 26.77 -47.61
CA SER J 180 21.52 26.51 -47.97
C SER J 180 22.04 25.32 -47.16
N THR J 181 23.04 24.65 -47.72
CA THR J 181 23.61 23.48 -47.06
C THR J 181 24.24 23.84 -45.72
N MET J 182 24.97 24.95 -45.67
CA MET J 182 25.66 25.34 -44.43
C MET J 182 24.66 25.65 -43.32
N ALA J 183 23.59 26.36 -43.64
CA ALA J 183 22.57 26.66 -42.63
C ALA J 183 21.92 25.39 -42.12
N LEU J 184 21.60 24.47 -43.02
CA LEU J 184 20.95 23.22 -42.61
C LEU J 184 21.88 22.36 -41.76
N VAL J 185 23.16 22.28 -42.13
CA VAL J 185 24.09 21.47 -41.34
C VAL J 185 24.29 22.09 -39.96
N PHE J 186 24.40 23.42 -39.89
CA PHE J 186 24.54 24.06 -38.57
C PHE J 186 23.30 23.83 -37.72
N TYR J 187 22.11 23.94 -38.33
CA TYR J 187 20.85 23.71 -37.63
C TYR J 187 20.80 22.29 -37.07
N TYR J 188 21.06 21.29 -37.92
CA TYR J 188 21.01 19.90 -37.47
C TYR J 188 22.05 19.63 -36.39
N VAL J 189 23.26 20.18 -36.55
CA VAL J 189 24.32 19.85 -35.60
C VAL J 189 24.08 20.55 -34.26
N THR J 190 23.49 21.75 -34.26
CA THR J 190 23.18 22.38 -32.98
C THR J 190 22.01 21.68 -32.30
N GLY J 191 21.06 21.15 -33.06
CA GLY J 191 20.05 20.28 -32.46
C GLY J 191 20.67 19.04 -31.85
N PHE J 192 21.63 18.43 -32.56
CA PHE J 192 22.35 17.28 -32.02
C PHE J 192 23.10 17.66 -30.75
N PHE J 193 23.65 18.87 -30.71
CA PHE J 193 24.35 19.33 -29.50
C PHE J 193 23.40 19.52 -28.33
N ILE J 194 22.22 20.08 -28.59
CA ILE J 194 21.22 20.19 -27.51
C ILE J 194 20.85 18.81 -26.99
N ALA J 195 20.62 17.87 -27.91
CA ALA J 195 20.26 16.52 -27.52
C ALA J 195 21.38 15.85 -26.72
N VAL J 196 22.62 16.00 -27.17
CA VAL J 196 23.73 15.36 -26.49
C VAL J 196 23.97 16.00 -25.12
N SER J 197 23.69 17.30 -24.99
CA SER J 197 23.84 17.94 -23.70
C SER J 197 22.79 17.45 -22.70
N VAL J 198 21.53 17.33 -23.15
CA VAL J 198 20.51 16.82 -22.23
C VAL J 198 20.76 15.35 -21.90
N ILE J 199 21.24 14.57 -22.87
CA ILE J 199 21.60 13.18 -22.59
C ILE J 199 22.78 13.12 -21.62
N ALA J 200 23.72 14.05 -21.75
CA ALA J 200 24.82 14.11 -20.79
C ALA J 200 24.31 14.40 -19.39
N ASN J 201 23.34 15.31 -19.27
CA ASN J 201 22.76 15.59 -17.96
C ASN J 201 22.10 14.34 -17.37
N VAL J 202 21.26 13.67 -18.17
CA VAL J 202 20.51 12.54 -17.62
C VAL J 202 21.46 11.40 -17.25
N VAL J 203 22.46 11.11 -18.09
CA VAL J 203 23.44 10.08 -17.76
C VAL J 203 24.44 10.54 -16.72
N GLU J 204 24.47 11.83 -16.40
CA GLU J 204 25.16 12.28 -15.20
C GLU J 204 24.36 11.92 -13.95
N THR J 205 23.04 12.08 -14.02
CA THR J 205 22.20 11.80 -12.87
C THR J 205 22.16 10.31 -12.51
N VAL J 206 22.46 9.42 -13.46
CA VAL J 206 22.38 7.98 -13.17
C VAL J 206 23.48 7.61 -12.17
N PRO J 207 23.23 6.69 -11.24
CA PRO J 207 24.26 6.36 -10.24
C PRO J 207 25.55 5.82 -10.84
N CYS J 208 25.48 5.07 -11.94
CA CYS J 208 26.69 4.49 -12.52
C CYS J 208 27.69 5.57 -12.97
N GLY J 209 27.22 6.76 -13.27
CA GLY J 209 28.11 7.80 -13.77
C GLY J 209 28.63 8.77 -12.72
N SER J 210 27.76 9.30 -11.88
CA SER J 210 28.14 10.37 -10.95
C SER J 210 27.61 10.09 -9.54
N SER J 211 27.79 8.86 -9.07
CA SER J 211 27.48 8.51 -7.70
C SER J 211 28.59 7.61 -7.17
N PRO J 212 28.77 7.56 -5.85
CA PRO J 212 29.75 6.62 -5.28
C PRO J 212 29.25 5.18 -5.34
N GLY J 213 29.01 4.68 -6.55
CA GLY J 213 28.59 3.29 -6.70
C GLY J 213 29.63 2.32 -6.17
N HIS J 214 30.91 2.60 -6.44
CA HIS J 214 32.03 1.82 -5.89
C HIS J 214 32.99 2.81 -5.25
N ILE J 215 32.82 3.04 -3.94
CA ILE J 215 33.75 3.87 -3.20
C ILE J 215 35.15 3.25 -3.23
N LYS J 216 35.21 1.92 -3.27
CA LYS J 216 36.50 1.23 -3.29
C LYS J 216 37.31 1.59 -4.52
N GLU J 217 36.66 1.93 -5.62
CA GLU J 217 37.35 2.36 -6.84
C GLU J 217 36.83 3.72 -7.30
N ARG J 223 32.70 4.46 -13.22
CA ARG J 223 33.41 5.27 -12.23
C ARG J 223 32.92 6.72 -12.26
N TYR J 224 33.23 7.47 -11.21
CA TYR J 224 32.81 8.87 -11.15
C TYR J 224 33.65 9.71 -12.08
N ALA J 225 33.15 9.95 -13.29
CA ALA J 225 33.85 10.77 -14.27
C ALA J 225 33.48 12.23 -14.07
N VAL J 226 34.48 13.09 -13.94
CA VAL J 226 34.26 14.53 -13.86
C VAL J 226 34.39 15.09 -15.27
N ALA J 227 34.58 14.20 -16.25
CA ALA J 227 34.66 14.62 -17.64
C ALA J 227 33.35 15.27 -18.11
N PHE J 228 32.22 14.84 -17.54
CA PHE J 228 30.94 15.47 -17.89
C PHE J 228 30.96 16.96 -17.60
N PHE J 229 31.75 17.39 -16.61
CA PHE J 229 31.85 18.80 -16.30
C PHE J 229 32.34 19.62 -17.49
N CYS J 230 33.02 18.98 -18.43
CA CYS J 230 33.38 19.64 -19.68
C CYS J 230 32.25 19.62 -20.70
N LEU J 231 31.52 18.51 -20.79
CA LEU J 231 30.58 18.30 -21.89
C LEU J 231 29.55 19.43 -21.97
N ASP J 232 29.02 19.85 -20.82
CA ASP J 232 28.09 20.97 -20.83
C ASP J 232 28.76 22.24 -21.34
N THR J 233 29.91 22.59 -20.74
CA THR J 233 30.51 23.90 -21.00
C THR J 233 30.74 24.11 -22.50
N ALA J 234 31.42 23.16 -23.14
CA ALA J 234 31.63 23.26 -24.58
C ALA J 234 30.30 23.46 -25.30
N CYS J 235 29.33 22.58 -25.02
CA CYS J 235 28.03 22.72 -25.64
C CYS J 235 27.47 24.11 -25.40
N VAL J 236 27.55 24.58 -24.16
CA VAL J 236 27.04 25.92 -23.85
C VAL J 236 27.71 26.94 -24.74
N MET J 237 29.05 26.90 -24.80
CA MET J 237 29.76 27.86 -25.64
C MET J 237 29.29 27.76 -27.09
N ILE J 238 29.11 26.52 -27.57
CA ILE J 238 28.63 26.35 -28.94
C ILE J 238 27.32 27.11 -29.12
N PHE J 239 26.37 26.88 -28.21
CA PHE J 239 25.09 27.56 -28.34
C PHE J 239 25.28 29.06 -28.40
N THR J 240 26.19 29.58 -27.57
CA THR J 240 26.39 31.02 -27.52
C THR J 240 26.62 31.59 -28.91
N VAL J 241 27.43 30.91 -29.73
CA VAL J 241 27.82 31.51 -31.00
C VAL J 241 26.59 31.78 -31.86
N GLU J 242 25.66 30.81 -31.93
CA GLU J 242 24.51 31.07 -32.79
C GLU J 242 23.67 32.19 -32.20
N TYR J 243 23.54 32.23 -30.87
CA TYR J 243 22.92 33.39 -30.23
C TYR J 243 23.68 34.65 -30.59
N LEU J 244 25.02 34.62 -30.48
CA LEU J 244 25.82 35.75 -30.93
C LEU J 244 25.62 36.00 -32.41
N LEU J 245 25.46 34.92 -33.19
CA LEU J 245 25.14 35.08 -34.61
C LEU J 245 23.86 35.89 -34.76
N ARG J 246 22.84 35.57 -33.97
CA ARG J 246 21.60 36.33 -34.03
C ARG J 246 21.76 37.72 -33.43
N LEU J 247 22.80 37.94 -32.63
CA LEU J 247 23.16 39.30 -32.25
C LEU J 247 23.84 40.04 -33.38
N ALA J 248 24.56 39.32 -34.25
CA ALA J 248 25.27 39.97 -35.34
C ALA J 248 24.32 40.36 -36.47
N ALA J 249 23.64 39.38 -37.05
CA ALA J 249 22.71 39.63 -38.15
C ALA J 249 21.30 39.91 -37.64
N ALA J 250 21.17 40.86 -36.72
CA ALA J 250 19.88 41.15 -36.12
C ALA J 250 19.20 42.28 -36.88
N PRO J 251 18.09 42.02 -37.58
CA PRO J 251 17.33 43.13 -38.18
C PRO J 251 16.81 44.10 -37.14
N SER J 252 16.48 43.61 -35.94
CA SER J 252 16.05 44.44 -34.82
C SER J 252 16.96 44.14 -33.63
N ARG J 253 17.58 45.19 -33.08
CA ARG J 253 18.51 44.99 -31.97
C ARG J 253 17.77 44.67 -30.68
N TYR J 254 16.66 45.37 -30.43
CA TYR J 254 15.92 45.19 -29.18
C TYR J 254 14.68 44.33 -29.33
N ARG J 255 14.00 44.40 -30.48
CA ARG J 255 12.81 43.57 -30.68
C ARG J 255 13.16 42.09 -30.71
N PHE J 256 14.34 41.75 -31.23
CA PHE J 256 14.77 40.36 -31.22
C PHE J 256 14.87 39.83 -29.79
N VAL J 257 15.46 40.61 -28.89
CA VAL J 257 15.52 40.21 -27.49
C VAL J 257 14.13 40.13 -26.89
N ARG J 258 13.25 41.07 -27.27
CA ARG J 258 11.88 41.04 -26.81
C ARG J 258 11.14 39.79 -27.29
N SER J 259 11.57 39.20 -28.39
CA SER J 259 10.96 37.96 -28.85
C SER J 259 11.16 36.85 -27.82
N VAL J 260 10.14 36.00 -27.68
CA VAL J 260 10.16 34.96 -26.66
C VAL J 260 11.28 33.96 -26.93
N MET J 261 11.55 33.68 -28.21
CA MET J 261 12.62 32.75 -28.55
C MET J 261 13.95 33.17 -27.92
N SER J 262 14.31 34.44 -28.06
CA SER J 262 15.56 34.93 -27.48
C SER J 262 15.56 34.82 -25.98
N ILE J 263 14.40 35.06 -25.35
CA ILE J 263 14.30 34.93 -23.89
C ILE J 263 14.58 33.49 -23.49
N ILE J 264 14.01 32.53 -24.19
CA ILE J 264 14.27 31.12 -23.89
C ILE J 264 15.74 30.79 -24.08
N ASP J 265 16.33 31.29 -25.17
CA ASP J 265 17.74 31.00 -25.43
C ASP J 265 18.65 31.54 -24.33
N VAL J 266 18.42 32.79 -23.91
CA VAL J 266 19.26 33.37 -22.88
C VAL J 266 19.01 32.69 -21.53
N VAL J 267 17.77 32.28 -21.26
CA VAL J 267 17.48 31.57 -20.02
C VAL J 267 18.21 30.23 -19.99
N ALA J 268 18.24 29.53 -21.12
CA ALA J 268 18.98 28.27 -21.18
C ALA J 268 20.48 28.50 -21.08
N ILE J 269 20.97 29.62 -21.62
CA ILE J 269 22.41 29.90 -21.62
C ILE J 269 22.90 30.26 -20.22
N LEU J 270 22.13 31.08 -19.50
CA LEU J 270 22.64 31.68 -18.27
C LEU J 270 23.11 30.70 -17.19
N PRO J 271 22.45 29.57 -16.91
CA PRO J 271 22.79 28.83 -15.67
C PRO J 271 24.25 28.47 -15.53
N TYR J 272 24.91 28.08 -16.62
CA TYR J 272 26.32 27.72 -16.53
C TYR J 272 27.16 28.91 -16.05
N TYR J 273 26.93 30.09 -16.64
CA TYR J 273 27.70 31.26 -16.28
C TYR J 273 27.35 31.74 -14.86
N ILE J 274 26.08 31.69 -14.48
CA ILE J 274 25.72 32.12 -13.14
C ILE J 274 26.30 31.18 -12.09
N GLY J 275 26.35 29.88 -12.40
CA GLY J 275 27.01 28.94 -11.51
C GLY J 275 28.51 29.19 -11.44
N LEU J 276 29.12 29.53 -12.58
CA LEU J 276 30.54 29.91 -12.58
C LEU J 276 30.78 31.07 -11.63
N VAL J 277 29.97 32.13 -11.75
CA VAL J 277 30.14 33.30 -10.90
C VAL J 277 29.90 32.93 -9.44
N MET J 278 28.86 32.14 -9.16
CA MET J 278 28.55 31.77 -7.79
C MET J 278 29.69 31.00 -7.15
N THR J 279 30.16 29.94 -7.81
CA THR J 279 31.27 29.18 -7.26
C THR J 279 32.57 29.98 -7.26
N ASP J 280 32.67 31.02 -8.08
CA ASP J 280 33.81 31.92 -7.99
C ASP J 280 33.75 32.77 -6.73
N ASN J 281 32.54 33.14 -6.29
CA ASN J 281 32.39 34.03 -5.14
C ASN J 281 31.80 33.36 -3.90
N GLU J 282 30.84 32.45 -4.04
CA GLU J 282 30.12 31.92 -2.89
C GLU J 282 29.93 30.42 -3.05
N ASP J 283 29.22 29.83 -2.08
CA ASP J 283 28.75 28.46 -2.14
C ASP J 283 27.30 28.42 -1.67
N VAL J 284 26.48 29.32 -2.22
CA VAL J 284 25.12 29.53 -1.73
C VAL J 284 24.35 28.21 -1.72
N SER J 285 23.86 27.84 -0.55
CA SER J 285 23.10 26.61 -0.40
C SER J 285 21.73 26.72 -1.05
N GLY J 286 21.34 25.68 -1.78
CA GLY J 286 20.07 25.66 -2.45
C GLY J 286 20.07 26.28 -3.84
N ALA J 287 21.18 26.88 -4.25
CA ALA J 287 21.29 27.45 -5.59
C ALA J 287 21.98 26.53 -6.57
N PHE J 288 22.90 25.68 -6.10
CA PHE J 288 23.52 24.70 -6.99
C PHE J 288 22.51 23.70 -7.51
N VAL J 289 21.62 23.22 -6.63
CA VAL J 289 20.54 22.35 -7.09
C VAL J 289 19.60 23.11 -8.03
N THR J 290 19.38 24.39 -7.76
CA THR J 290 18.63 25.22 -8.69
C THR J 290 19.35 25.32 -10.03
N LEU J 291 20.68 25.41 -9.99
CA LEU J 291 21.47 25.38 -11.23
C LEU J 291 21.21 24.09 -12.01
N ARG J 292 21.31 22.94 -11.33
CA ARG J 292 21.08 21.67 -12.01
C ARG J 292 19.67 21.62 -12.58
N VAL J 293 18.69 22.12 -11.84
CA VAL J 293 17.31 22.13 -12.32
C VAL J 293 17.19 22.96 -13.60
N PHE J 294 17.75 24.16 -13.59
CA PHE J 294 17.63 25.04 -14.75
C PHE J 294 18.52 24.60 -15.91
N ARG J 295 19.44 23.67 -15.69
CA ARG J 295 20.26 23.15 -16.79
C ARG J 295 19.43 22.47 -17.87
N VAL J 296 18.20 22.05 -17.54
CA VAL J 296 17.41 21.22 -18.44
C VAL J 296 16.72 22.02 -19.54
N PHE J 297 16.70 23.34 -19.46
CA PHE J 297 15.90 24.12 -20.41
C PHE J 297 16.48 24.12 -21.83
N ARG J 298 17.54 23.36 -22.11
CA ARG J 298 17.81 23.00 -23.50
C ARG J 298 16.63 22.23 -24.10
N ILE J 299 15.84 21.57 -23.26
CA ILE J 299 14.59 20.98 -23.70
C ILE J 299 13.70 22.02 -24.35
N PHE J 300 13.56 23.18 -23.71
CA PHE J 300 12.82 24.28 -24.33
C PHE J 300 13.59 24.88 -25.50
N LYS J 301 14.92 24.89 -25.42
CA LYS J 301 15.74 25.35 -26.54
C LYS J 301 15.50 24.52 -27.79
N PHE J 302 14.98 23.31 -27.65
CA PHE J 302 14.56 22.48 -28.78
C PHE J 302 13.47 23.15 -29.63
N SER J 303 13.07 24.36 -29.26
CA SER J 303 11.87 24.98 -29.85
C SER J 303 11.95 25.04 -31.37
N ARG J 304 13.09 25.50 -31.90
CA ARG J 304 13.19 25.64 -33.36
C ARG J 304 13.10 24.30 -34.06
N HIS J 305 13.72 23.25 -33.50
CA HIS J 305 13.68 21.94 -34.14
C HIS J 305 12.27 21.35 -34.10
N SER J 306 11.55 21.53 -32.99
CA SER J 306 10.19 21.03 -32.87
C SER J 306 9.27 21.92 -33.70
N GLN J 307 8.77 21.38 -34.82
CA GLN J 307 7.86 22.14 -35.65
C GLN J 307 6.58 22.48 -34.90
N GLY J 308 6.06 21.52 -34.13
CA GLY J 308 4.80 21.72 -33.44
C GLY J 308 4.88 22.43 -32.11
N LEU J 309 6.08 22.68 -31.58
CA LEU J 309 6.16 23.39 -30.30
C LEU J 309 5.72 24.84 -30.44
N ARG J 310 6.05 25.47 -31.57
CA ARG J 310 5.53 26.80 -31.83
C ARG J 310 4.01 26.78 -31.92
N ILE J 311 3.45 25.75 -32.56
CA ILE J 311 2.01 25.61 -32.63
C ILE J 311 1.42 25.48 -31.23
N LEU J 312 2.05 24.68 -30.38
CA LEU J 312 1.58 24.51 -29.01
C LEU J 312 1.62 25.83 -28.25
N GLY J 313 2.71 26.58 -28.38
CA GLY J 313 2.81 27.85 -27.69
C GLY J 313 1.77 28.86 -28.16
N TYR J 314 1.58 28.96 -29.48
CA TYR J 314 0.57 29.86 -30.00
C TYR J 314 -0.83 29.44 -29.58
N THR J 315 -1.08 28.12 -29.52
CA THR J 315 -2.38 27.64 -29.06
C THR J 315 -2.63 28.02 -27.61
N LEU J 316 -1.63 27.80 -26.75
CA LEU J 316 -1.78 28.19 -25.36
C LEU J 316 -1.99 29.70 -25.22
N LYS J 317 -1.26 30.49 -26.00
CA LYS J 317 -1.45 31.93 -25.97
C LYS J 317 -2.86 32.33 -26.39
N SER J 318 -3.39 31.66 -27.42
CA SER J 318 -4.70 32.03 -27.95
C SER J 318 -5.79 31.82 -26.90
N CYS J 319 -5.79 30.65 -26.25
CA CYS J 319 -6.82 30.32 -25.27
C CYS J 319 -6.40 30.71 -23.86
N ALA J 320 -6.01 31.98 -23.67
CA ALA J 320 -5.56 32.42 -22.37
C ALA J 320 -6.70 32.55 -21.37
N SER J 321 -7.83 33.12 -21.81
CA SER J 321 -8.97 33.30 -20.91
C SER J 321 -9.51 31.96 -20.44
N GLU J 322 -9.58 30.98 -21.34
CA GLU J 322 -10.10 29.67 -20.96
C GLU J 322 -9.22 29.00 -19.92
N LEU J 323 -7.91 29.04 -20.10
CA LEU J 323 -7.01 28.43 -19.11
C LEU J 323 -7.04 29.19 -17.79
N GLY J 324 -7.17 30.52 -17.84
CA GLY J 324 -7.32 31.27 -16.60
C GLY J 324 -8.59 30.88 -15.85
N PHE J 325 -9.70 30.73 -16.57
CA PHE J 325 -10.93 30.30 -15.94
C PHE J 325 -10.81 28.89 -15.37
N LEU J 326 -10.13 28.00 -16.10
CA LEU J 326 -9.84 26.68 -15.56
C LEU J 326 -9.07 26.78 -14.25
N LEU J 327 -8.02 27.59 -14.22
CA LEU J 327 -7.24 27.76 -13.01
C LEU J 327 -8.12 28.22 -11.86
N PHE J 328 -8.93 29.25 -12.09
CA PHE J 328 -9.78 29.79 -11.03
C PHE J 328 -10.76 28.74 -10.53
N SER J 329 -11.43 28.04 -11.46
CA SER J 329 -12.43 27.06 -11.07
C SER J 329 -11.80 25.89 -10.31
N LEU J 330 -10.66 25.39 -10.77
CA LEU J 330 -10.02 24.27 -10.08
C LEU J 330 -9.54 24.69 -8.70
N THR J 331 -9.02 25.91 -8.57
CA THR J 331 -8.63 26.38 -7.23
C THR J 331 -9.84 26.45 -6.31
N MET J 332 -10.97 26.98 -6.79
CA MET J 332 -12.16 27.06 -5.94
C MET J 332 -12.61 25.67 -5.52
N ALA J 333 -12.64 24.72 -6.46
CA ALA J 333 -13.06 23.37 -6.14
C ALA J 333 -12.13 22.73 -5.12
N ILE J 334 -10.82 22.91 -5.32
CA ILE J 334 -9.84 22.35 -4.38
C ILE J 334 -10.07 22.91 -2.99
N ILE J 335 -10.25 24.23 -2.88
CA ILE J 335 -10.47 24.84 -1.57
C ILE J 335 -11.70 24.25 -0.91
N ILE J 336 -12.82 24.23 -1.64
CA ILE J 336 -14.08 23.77 -1.05
C ILE J 336 -13.95 22.33 -0.57
N PHE J 337 -13.45 21.45 -1.44
CA PHE J 337 -13.42 20.04 -1.10
C PHE J 337 -12.40 19.75 0.00
N ALA J 338 -11.24 20.41 -0.04
CA ALA J 338 -10.25 20.19 1.00
C ALA J 338 -10.77 20.62 2.36
N THR J 339 -11.43 21.78 2.42
CA THR J 339 -12.02 22.21 3.68
C THR J 339 -13.07 21.22 4.16
N VAL J 340 -13.95 20.77 3.26
CA VAL J 340 -15.01 19.85 3.66
C VAL J 340 -14.42 18.56 4.22
N MET J 341 -13.45 17.97 3.52
CA MET J 341 -12.94 16.68 3.95
C MET J 341 -12.08 16.79 5.20
N PHE J 342 -11.29 17.86 5.33
CA PHE J 342 -10.54 18.02 6.57
C PHE J 342 -11.48 18.20 7.75
N TYR J 343 -12.53 19.00 7.58
CA TYR J 343 -13.45 19.26 8.68
C TYR J 343 -14.27 18.02 9.04
N ALA J 344 -14.62 17.19 8.07
CA ALA J 344 -15.41 16.00 8.34
C ALA J 344 -14.55 14.75 8.56
N GLU J 345 -13.23 14.89 8.55
CA GLU J 345 -12.35 13.73 8.73
C GLU J 345 -11.30 13.93 9.81
N LYS J 346 -11.22 15.11 10.43
CA LYS J 346 -10.18 15.38 11.41
C LYS J 346 -10.29 14.49 12.65
N GLY J 347 -11.46 13.92 12.90
CA GLY J 347 -11.68 13.06 14.04
C GLY J 347 -11.23 11.63 13.89
N SER J 348 -10.68 11.27 12.73
CA SER J 348 -10.25 9.89 12.49
C SER J 348 -9.02 9.55 13.33
N SER J 349 -8.78 8.25 13.49
CA SER J 349 -7.66 7.78 14.30
C SER J 349 -6.33 8.24 13.72
N ALA J 350 -6.02 7.79 12.50
CA ALA J 350 -4.78 8.20 11.86
C ALA J 350 -4.77 9.70 11.60
N SER J 351 -5.89 10.24 11.13
CA SER J 351 -6.05 11.68 10.89
C SER J 351 -4.94 12.22 10.00
N LYS J 352 -4.67 11.51 8.90
CA LYS J 352 -3.70 12.01 7.92
C LYS J 352 -4.13 13.34 7.32
N PHE J 353 -5.43 13.66 7.39
CA PHE J 353 -5.90 15.04 7.13
C PHE J 353 -5.57 15.89 8.34
N THR J 354 -4.28 16.19 8.49
CA THR J 354 -3.82 16.98 9.63
C THR J 354 -4.01 18.48 9.44
N SER J 355 -4.27 18.92 8.21
CA SER J 355 -4.44 20.35 7.93
C SER J 355 -5.12 20.50 6.59
N ILE J 356 -5.52 21.74 6.29
CA ILE J 356 -6.06 22.03 4.95
C ILE J 356 -5.04 21.75 3.86
N PRO J 357 -3.76 22.12 3.99
CA PRO J 357 -2.78 21.67 2.99
C PRO J 357 -2.69 20.15 2.90
N ALA J 358 -2.88 19.43 4.00
CA ALA J 358 -2.90 17.98 3.94
C ALA J 358 -4.05 17.48 3.08
N ALA J 359 -5.21 18.12 3.16
CA ALA J 359 -6.34 17.75 2.32
C ALA J 359 -6.18 18.24 0.89
N PHE J 360 -5.33 19.26 0.67
CA PHE J 360 -5.07 19.74 -0.68
C PHE J 360 -4.54 18.62 -1.57
N TRP J 361 -3.58 17.84 -1.05
CA TRP J 361 -2.99 16.78 -1.84
C TRP J 361 -4.00 15.71 -2.20
N TYR J 362 -4.88 15.36 -1.25
CA TYR J 362 -5.91 14.36 -1.57
C TYR J 362 -6.89 14.90 -2.60
N THR J 363 -7.33 16.14 -2.44
CA THR J 363 -8.26 16.70 -3.43
C THR J 363 -7.61 16.79 -4.80
N ILE J 364 -6.30 17.04 -4.86
CA ILE J 364 -5.68 17.18 -6.17
C ILE J 364 -5.36 15.83 -6.79
N VAL J 365 -5.13 14.79 -5.98
CA VAL J 365 -4.96 13.46 -6.55
C VAL J 365 -6.31 12.85 -6.93
N THR J 366 -7.40 13.33 -6.35
CA THR J 366 -8.72 12.88 -6.78
C THR J 366 -9.35 13.77 -7.84
N MET J 367 -8.75 14.93 -8.13
CA MET J 367 -9.17 15.71 -9.29
C MET J 367 -9.03 14.92 -10.58
N THR J 368 -7.85 14.37 -10.83
CA THR J 368 -7.49 13.84 -12.13
C THR J 368 -7.68 12.33 -12.23
N THR J 369 -8.57 11.76 -11.41
CA THR J 369 -8.76 10.31 -11.35
C THR J 369 -7.44 9.58 -11.09
N LEU J 370 -6.52 10.25 -10.39
CA LEU J 370 -5.17 9.69 -10.27
C LEU J 370 -5.14 8.52 -9.30
N GLY J 371 -5.34 8.80 -8.02
CA GLY J 371 -5.54 7.73 -7.05
C GLY J 371 -4.23 7.15 -6.56
N TYR J 372 -3.93 7.30 -5.26
CA TYR J 372 -2.73 6.70 -4.69
C TYR J 372 -3.02 5.73 -3.55
N GLY J 373 -4.18 5.79 -2.91
CA GLY J 373 -4.48 4.96 -1.77
C GLY J 373 -3.70 5.27 -0.52
N ASP J 374 -2.65 6.08 -0.60
CA ASP J 374 -1.92 6.47 0.60
C ASP J 374 -2.76 7.33 1.51
N MET J 375 -3.66 8.13 0.94
CA MET J 375 -4.48 9.08 1.70
C MET J 375 -5.93 8.90 1.24
N VAL J 376 -6.74 8.26 2.07
CA VAL J 376 -8.14 8.02 1.76
C VAL J 376 -8.99 8.38 2.98
N PRO J 377 -10.24 8.78 2.81
CA PRO J 377 -11.10 9.03 3.97
C PRO J 377 -11.52 7.73 4.64
N LYS J 378 -11.88 7.85 5.92
CA LYS J 378 -12.30 6.70 6.71
C LYS J 378 -13.67 6.84 7.34
N THR J 379 -14.36 7.96 7.13
CA THR J 379 -15.71 8.15 7.64
C THR J 379 -16.72 8.09 6.49
N ILE J 380 -17.97 7.85 6.86
CA ILE J 380 -19.02 7.65 5.86
C ILE J 380 -19.17 8.89 4.99
N ALA J 381 -19.20 10.07 5.62
CA ALA J 381 -19.26 11.30 4.85
C ALA J 381 -18.00 11.51 4.02
N GLY J 382 -16.84 11.07 4.53
CA GLY J 382 -15.60 11.26 3.81
C GLY J 382 -15.60 10.60 2.44
N LYS J 383 -16.02 9.33 2.38
CA LYS J 383 -16.00 8.62 1.11
C LYS J 383 -16.93 9.25 0.09
N ILE J 384 -18.15 9.61 0.51
CA ILE J 384 -19.11 10.15 -0.44
C ILE J 384 -18.68 11.54 -0.92
N PHE J 385 -18.16 12.38 0.00
CA PHE J 385 -17.64 13.66 -0.43
C PHE J 385 -16.44 13.50 -1.35
N GLY J 386 -15.60 12.49 -1.10
CA GLY J 386 -14.48 12.25 -1.99
C GLY J 386 -14.91 11.81 -3.38
N SER J 387 -15.96 10.99 -3.47
CA SER J 387 -16.46 10.57 -4.76
C SER J 387 -17.05 11.75 -5.54
N ILE J 388 -17.86 12.56 -4.85
CA ILE J 388 -18.42 13.76 -5.49
C ILE J 388 -17.29 14.70 -5.90
N CYS J 389 -16.26 14.79 -5.07
CA CYS J 389 -15.07 15.59 -5.39
C CYS J 389 -14.41 15.09 -6.66
N SER J 390 -14.24 13.78 -6.79
CA SER J 390 -13.62 13.20 -7.97
C SER J 390 -14.43 13.53 -9.22
N LEU J 391 -15.75 13.35 -9.16
CA LEU J 391 -16.58 13.61 -10.33
C LEU J 391 -16.54 15.08 -10.72
N SER J 392 -16.62 15.97 -9.74
CA SER J 392 -16.57 17.41 -10.03
C SER J 392 -15.23 17.78 -10.63
N GLY J 393 -14.14 17.22 -10.11
CA GLY J 393 -12.84 17.47 -10.69
C GLY J 393 -12.76 16.99 -12.12
N VAL J 394 -13.32 15.82 -12.41
CA VAL J 394 -13.33 15.31 -13.78
C VAL J 394 -14.00 16.29 -14.71
N LEU J 395 -15.21 16.74 -14.35
CA LEU J 395 -15.93 17.65 -15.23
C LEU J 395 -15.19 18.97 -15.39
N VAL J 396 -14.64 19.50 -14.30
CA VAL J 396 -13.95 20.79 -14.35
C VAL J 396 -12.73 20.70 -15.26
N ILE J 397 -11.91 19.66 -15.08
CA ILE J 397 -10.71 19.54 -15.90
C ILE J 397 -11.06 19.25 -17.35
N ALA J 398 -12.18 18.55 -17.60
CA ALA J 398 -12.56 18.27 -18.96
C ALA J 398 -13.24 19.44 -19.66
N LEU J 399 -13.62 20.48 -18.91
CA LEU J 399 -14.26 21.64 -19.55
C LEU J 399 -13.40 22.31 -20.63
N PRO J 400 -12.12 22.65 -20.41
CA PRO J 400 -11.40 23.47 -21.40
C PRO J 400 -10.64 22.70 -22.47
N VAL J 401 -10.45 21.39 -22.26
CA VAL J 401 -9.69 20.59 -23.24
C VAL J 401 -10.29 20.63 -24.63
N PRO J 402 -11.63 20.62 -24.83
CA PRO J 402 -12.12 20.77 -26.21
C PRO J 402 -11.68 22.06 -26.87
N VAL J 403 -11.72 23.17 -26.13
CA VAL J 403 -11.27 24.45 -26.68
C VAL J 403 -9.79 24.39 -27.02
N ILE J 404 -8.99 23.83 -26.12
CA ILE J 404 -7.55 23.77 -26.32
C ILE J 404 -7.23 22.97 -27.59
N VAL J 405 -7.82 21.78 -27.70
CA VAL J 405 -7.51 20.94 -28.85
C VAL J 405 -8.11 21.52 -30.12
N SER J 406 -9.25 22.20 -30.03
CA SER J 406 -9.83 22.84 -31.20
C SER J 406 -8.89 23.91 -31.74
N ASN J 407 -8.34 24.74 -30.85
CA ASN J 407 -7.37 25.75 -31.28
C ASN J 407 -6.12 25.11 -31.86
N PHE J 408 -5.64 24.02 -31.24
CA PHE J 408 -4.43 23.37 -31.74
C PHE J 408 -4.65 22.83 -33.15
N SER J 409 -5.72 22.05 -33.33
CA SER J 409 -6.02 21.49 -34.65
C SER J 409 -6.27 22.60 -35.66
N ARG J 410 -6.95 23.66 -35.24
CA ARG J 410 -7.18 24.81 -36.12
C ARG J 410 -5.85 25.35 -36.63
N ILE J 411 -4.93 25.66 -35.72
CA ILE J 411 -3.65 26.26 -36.11
C ILE J 411 -2.86 25.30 -36.99
N TYR J 412 -2.94 24.00 -36.71
CA TYR J 412 -2.35 23.01 -37.60
C TYR J 412 -2.92 23.13 -39.01
N HIS J 413 -4.23 23.32 -39.10
CA HIS J 413 -4.88 23.47 -40.40
C HIS J 413 -4.45 24.75 -41.11
N GLN J 414 -4.38 25.87 -40.40
CA GLN J 414 -3.86 27.06 -41.08
C GLN J 414 -2.41 26.88 -41.50
N ASN J 415 -1.61 26.14 -40.74
CA ASN J 415 -0.24 25.87 -41.17
C ASN J 415 -0.22 25.15 -42.51
N GLN J 416 -0.91 24.01 -42.59
CA GLN J 416 -0.89 23.25 -43.85
C GLN J 416 -1.53 24.04 -44.99
N ARG J 417 -2.63 24.73 -44.71
CA ARG J 417 -3.31 25.49 -45.75
C ARG J 417 -2.49 26.68 -46.21
N ALA J 418 -1.70 27.28 -45.31
CA ALA J 418 -0.79 28.34 -45.71
C ALA J 418 0.32 27.79 -46.61
N ASP J 419 0.82 26.60 -46.30
CA ASP J 419 1.78 25.97 -47.21
C ASP J 419 1.19 25.77 -48.59
N LYS J 420 -0.03 25.23 -48.65
CA LYS J 420 -0.69 25.03 -49.95
C LYS J 420 -0.93 26.35 -50.67
N ARG J 421 -1.32 27.39 -49.93
CA ARG J 421 -1.57 28.70 -50.51
C ARG J 421 -0.27 29.31 -51.05
N ARG J 422 0.84 29.10 -50.35
CA ARG J 422 2.12 29.56 -50.86
C ARG J 422 2.50 28.86 -52.15
N ALA J 423 2.25 27.54 -52.22
CA ALA J 423 2.46 26.83 -53.47
C ALA J 423 1.58 27.40 -54.58
N GLN J 424 0.33 27.71 -54.26
CA GLN J 424 -0.59 28.29 -55.24
C GLN J 424 -0.09 29.65 -55.73
N LYS J 425 0.43 30.48 -54.82
CA LYS J 425 0.95 31.79 -55.23
C LYS J 425 2.20 31.64 -56.10
N LYS J 426 3.03 30.64 -55.82
CA LYS J 426 4.17 30.37 -56.71
C LYS J 426 3.68 29.96 -58.10
N ALA J 427 2.66 29.10 -58.16
CA ALA J 427 2.10 28.71 -59.44
C ALA J 427 1.52 29.92 -60.18
N ARG J 428 0.88 30.83 -59.45
CA ARG J 428 0.27 31.99 -60.08
C ARG J 428 1.33 32.97 -60.61
N LEU J 429 2.42 33.16 -59.87
CA LEU J 429 3.49 34.01 -60.40
C LEU J 429 4.15 33.36 -61.62
N ALA J 430 4.27 32.04 -61.61
CA ALA J 430 4.76 31.35 -62.81
C ALA J 430 3.82 31.57 -63.99
N ARG J 431 2.51 31.50 -63.74
CA ARG J 431 1.54 31.77 -64.80
C ARG J 431 1.67 33.20 -65.32
N ILE J 432 1.86 34.16 -64.42
CA ILE J 432 1.98 35.56 -64.83
C ILE J 432 3.22 35.76 -65.70
N ARG J 433 4.35 35.18 -65.29
CA ARG J 433 5.55 35.33 -66.11
C ARG J 433 5.44 34.59 -67.43
N ALA J 434 4.71 33.46 -67.46
CA ALA J 434 4.44 32.78 -68.72
C ALA J 434 3.60 33.65 -69.65
N ALA J 435 2.60 34.33 -69.10
CA ALA J 435 1.80 35.25 -69.91
C ALA J 435 2.65 36.41 -70.42
N LYS J 436 3.55 36.92 -69.59
CA LYS J 436 4.46 37.97 -70.04
C LYS J 436 5.33 37.49 -71.20
N SER J 437 5.87 36.27 -71.08
CA SER J 437 6.67 35.72 -72.18
C SER J 437 5.84 35.53 -73.44
N GLY J 438 4.59 35.09 -73.29
CA GLY J 438 3.72 34.96 -74.43
C GLY J 438 3.46 36.28 -75.13
N SER J 439 3.20 37.33 -74.35
CA SER J 439 3.03 38.66 -74.94
C SER J 439 4.30 39.13 -75.63
N ALA J 440 5.45 38.88 -75.02
CA ALA J 440 6.72 39.30 -75.62
C ALA J 440 6.96 38.60 -76.95
N ASN J 441 6.73 37.28 -77.01
CA ASN J 441 7.00 36.58 -78.26
C ASN J 441 5.93 36.89 -79.31
N ALA J 442 4.71 37.21 -78.88
CA ALA J 442 3.70 37.69 -79.83
C ALA J 442 4.13 39.02 -80.45
N TYR J 443 4.64 39.94 -79.63
CA TYR J 443 5.17 41.19 -80.18
C TYR J 443 6.33 40.93 -81.12
N MET J 444 7.21 40.00 -80.75
CA MET J 444 8.38 39.72 -81.59
C MET J 444 7.96 39.12 -82.94
N GLN J 445 6.98 38.21 -82.94
CA GLN J 445 6.53 37.63 -84.20
C GLN J 445 5.76 38.64 -85.03
N SER J 446 5.05 39.57 -84.37
CA SER J 446 4.42 40.67 -85.11
C SER J 446 5.48 41.55 -85.77
N LYS J 447 6.59 41.80 -85.06
CA LYS J 447 7.70 42.52 -85.67
C LYS J 447 8.27 41.74 -86.85
N ARG J 448 8.39 40.42 -86.72
CA ARG J 448 8.84 39.59 -87.83
C ARG J 448 7.85 39.64 -89.00
N SER J 449 6.56 39.58 -88.69
CA SER J 449 5.53 39.58 -89.72
C SER J 449 4.67 40.84 -89.63
N SER J 471 -5.82 40.26 -84.43
CA SER J 471 -6.97 41.02 -83.93
C SER J 471 -6.84 42.50 -84.26
N SER J 472 -7.90 43.25 -84.04
CA SER J 472 -7.84 44.70 -84.24
C SER J 472 -7.04 45.38 -83.13
N PHE J 473 -7.17 44.90 -81.89
CA PHE J 473 -6.49 45.53 -80.77
C PHE J 473 -4.97 45.41 -80.90
N GLU J 474 -4.47 44.26 -81.33
CA GLU J 474 -3.03 44.06 -81.42
C GLU J 474 -2.40 45.01 -82.43
N THR J 475 -3.17 45.46 -83.42
CA THR J 475 -2.64 46.44 -84.38
C THR J 475 -2.21 47.71 -83.66
N GLN J 476 -3.10 48.30 -82.87
CA GLN J 476 -2.74 49.52 -82.15
C GLN J 476 -1.76 49.23 -81.01
N HIS J 477 -1.83 48.03 -80.43
CA HIS J 477 -0.85 47.67 -79.40
C HIS J 477 0.57 47.72 -79.96
N HIS J 478 0.79 47.03 -81.08
CA HIS J 478 2.09 47.09 -81.74
C HIS J 478 2.38 48.46 -82.34
N HIS J 479 1.35 49.25 -82.65
CA HIS J 479 1.60 50.62 -83.09
C HIS J 479 2.20 51.45 -81.97
N LEU J 480 1.66 51.35 -80.77
CA LEU J 480 2.26 52.04 -79.63
C LEU J 480 3.65 51.49 -79.31
N LEU J 481 3.82 50.17 -79.46
CA LEU J 481 5.14 49.58 -79.25
C LEU J 481 6.16 50.13 -80.24
N HIS J 482 5.77 50.24 -81.51
CA HIS J 482 6.67 50.82 -82.51
C HIS J 482 6.89 52.30 -82.29
N CYS J 483 5.89 53.02 -81.79
CA CYS J 483 6.09 54.42 -81.44
C CYS J 483 7.12 54.56 -80.32
N LEU J 484 7.06 53.68 -79.32
CA LEU J 484 8.09 53.67 -78.28
C LEU J 484 9.45 53.33 -78.87
N GLU J 485 9.49 52.37 -79.80
CA GLU J 485 10.76 52.02 -80.46
C GLU J 485 11.33 53.22 -81.21
N LYS J 486 10.48 53.97 -81.90
CA LYS J 486 10.94 55.17 -82.60
C LYS J 486 11.44 56.22 -81.61
N THR J 487 10.69 56.45 -80.52
CA THR J 487 11.07 57.50 -79.58
C THR J 487 12.31 57.13 -78.78
N THR J 488 12.68 55.84 -78.73
CA THR J 488 13.92 55.44 -78.08
C THR J 488 14.97 54.95 -79.06
N ASN J 489 14.65 54.87 -80.35
CA ASN J 489 15.53 54.36 -81.41
C ASN J 489 16.28 53.11 -80.97
N HIS J 490 15.58 52.19 -80.31
CA HIS J 490 16.17 50.94 -79.83
C HIS J 490 15.26 49.78 -80.24
N GLU J 491 15.67 49.05 -81.27
CA GLU J 491 14.89 47.93 -81.78
C GLU J 491 14.84 46.79 -80.78
N PHE J 492 13.70 46.09 -80.75
CA PHE J 492 13.47 45.00 -79.81
C PHE J 492 13.82 43.67 -80.46
N VAL J 493 14.60 42.85 -79.75
CA VAL J 493 15.00 41.54 -80.24
C VAL J 493 14.35 40.46 -79.39
N ASP J 494 14.52 39.21 -79.81
CA ASP J 494 13.91 38.06 -79.15
C ASP J 494 14.43 37.90 -77.73
N PRO K 1 -11.39 25.94 -89.23
CA PRO K 1 -12.65 25.78 -88.52
C PRO K 1 -13.19 27.11 -87.97
N GLU K 2 -13.40 28.08 -88.85
CA GLU K 2 -13.89 29.40 -88.45
C GLU K 2 -15.40 29.53 -88.57
N GLY K 3 -16.08 28.55 -89.17
CA GLY K 3 -17.51 28.58 -89.33
C GLY K 3 -18.00 29.08 -90.67
N LEU K 4 -17.18 29.84 -91.38
CA LEU K 4 -17.53 30.32 -92.71
C LEU K 4 -16.50 29.95 -93.76
N GLU K 5 -15.22 29.97 -93.42
CA GLU K 5 -14.18 29.55 -94.36
C GLU K 5 -14.34 28.09 -94.74
N GLN K 6 -14.91 27.28 -93.85
CA GLN K 6 -15.19 25.88 -94.16
C GLN K 6 -16.61 25.73 -94.69
N LEU K 7 -16.87 26.44 -95.79
CA LEU K 7 -18.13 26.37 -96.52
C LEU K 7 -18.11 25.12 -97.39
N GLU K 8 -19.00 25.02 -98.37
CA GLU K 8 -19.00 23.88 -99.29
C GLU K 8 -17.61 23.60 -99.84
N ALA K 9 -16.74 24.61 -99.88
CA ALA K 9 -15.34 24.39 -100.28
C ALA K 9 -14.61 23.59 -99.20
N GLN K 10 -13.88 22.57 -99.64
CA GLN K 10 -13.04 21.65 -98.87
C GLN K 10 -13.86 20.86 -97.84
N THR K 11 -15.14 21.20 -97.70
CA THR K 11 -16.07 20.45 -96.85
C THR K 11 -17.44 20.57 -97.52
N ASN K 12 -17.85 19.53 -98.25
CA ASN K 12 -19.03 19.64 -99.09
C ASN K 12 -20.30 19.67 -98.24
N PHE K 13 -20.45 20.74 -97.46
CA PHE K 13 -21.60 20.95 -96.59
C PHE K 13 -21.88 22.44 -96.50
N THR K 14 -23.16 22.81 -96.55
CA THR K 14 -23.52 24.20 -96.40
C THR K 14 -23.28 24.65 -94.95
N LYS K 15 -23.17 25.97 -94.77
CA LYS K 15 -22.84 26.50 -93.45
C LYS K 15 -23.96 26.24 -92.44
N ARG K 16 -25.21 26.22 -92.89
CA ARG K 16 -26.30 25.91 -91.97
C ARG K 16 -26.21 24.48 -91.46
N GLU K 17 -25.92 23.53 -92.34
CA GLU K 17 -25.71 22.16 -91.91
C GLU K 17 -24.39 22.01 -91.16
N LEU K 18 -23.39 22.81 -91.52
CA LEU K 18 -22.13 22.79 -90.80
C LEU K 18 -22.32 23.20 -89.34
N GLN K 19 -23.21 24.16 -89.10
CA GLN K 19 -23.49 24.56 -87.72
C GLN K 19 -24.04 23.39 -86.92
N VAL K 20 -24.99 22.64 -87.50
CA VAL K 20 -25.55 21.48 -86.81
C VAL K 20 -24.48 20.42 -86.57
N LEU K 21 -23.65 20.17 -87.58
CA LEU K 21 -22.60 19.17 -87.43
C LEU K 21 -21.62 19.55 -86.33
N TYR K 22 -21.18 20.81 -86.31
CA TYR K 22 -20.26 21.25 -85.27
C TYR K 22 -20.91 21.20 -83.89
N ARG K 23 -22.20 21.56 -83.81
CA ARG K 23 -22.89 21.52 -82.53
C ARG K 23 -22.97 20.09 -82.00
N GLY K 24 -23.33 19.15 -82.86
CA GLY K 24 -23.36 17.75 -82.44
C GLY K 24 -21.98 17.22 -82.11
N PHE K 25 -20.96 17.69 -82.81
CA PHE K 25 -19.58 17.30 -82.51
C PHE K 25 -19.16 17.80 -81.13
N LYS K 26 -19.44 19.06 -80.83
CA LYS K 26 -19.00 19.66 -79.58
C LYS K 26 -19.81 19.19 -78.38
N ASN K 27 -21.09 18.89 -78.58
CA ASN K 27 -21.93 18.47 -77.46
C ASN K 27 -21.42 17.19 -76.81
N GLU K 28 -20.78 16.33 -77.58
CA GLU K 28 -20.22 15.09 -77.04
C GLU K 28 -18.74 15.22 -76.70
N CYS K 29 -18.00 16.07 -77.41
CA CYS K 29 -16.58 16.32 -77.15
C CYS K 29 -16.36 17.82 -77.11
N PRO K 30 -16.68 18.47 -75.98
CA PRO K 30 -16.53 19.93 -75.91
C PRO K 30 -15.10 20.41 -76.06
N SER K 31 -14.10 19.56 -75.83
CA SER K 31 -12.70 19.98 -75.97
C SER K 31 -12.34 20.36 -77.39
N GLY K 32 -13.14 19.93 -78.38
CA GLY K 32 -12.85 20.21 -79.77
C GLY K 32 -11.88 19.26 -80.42
N VAL K 33 -11.29 18.33 -79.68
CA VAL K 33 -10.37 17.33 -80.20
C VAL K 33 -10.83 15.99 -79.66
N VAL K 34 -11.28 15.10 -80.55
CA VAL K 34 -11.86 13.83 -80.12
C VAL K 34 -10.75 12.82 -79.86
N ASN K 35 -10.84 12.15 -78.71
CA ASN K 35 -9.89 11.11 -78.32
C ASN K 35 -10.34 9.76 -78.88
N GLU K 36 -9.42 8.79 -78.84
CA GLU K 36 -9.71 7.47 -79.39
C GLU K 36 -10.87 6.80 -78.65
N ASP K 37 -10.79 6.73 -77.32
CA ASP K 37 -11.80 6.02 -76.54
C ASP K 37 -13.17 6.68 -76.69
N THR K 38 -13.20 8.00 -76.80
CA THR K 38 -14.45 8.69 -77.07
C THR K 38 -15.04 8.21 -78.39
N PHE K 39 -14.21 8.07 -79.42
CA PHE K 39 -14.69 7.55 -80.70
C PHE K 39 -15.19 6.13 -80.57
N LYS K 40 -14.49 5.29 -79.80
CA LYS K 40 -14.93 3.92 -79.58
C LYS K 40 -16.32 3.89 -78.97
N GLN K 41 -16.52 4.66 -77.90
CA GLN K 41 -17.82 4.67 -77.23
C GLN K 41 -18.90 5.24 -78.13
N ILE K 42 -18.61 6.32 -78.86
CA ILE K 42 -19.63 6.95 -79.67
C ILE K 42 -19.96 6.14 -80.91
N TYR K 43 -19.07 5.23 -81.32
CA TYR K 43 -19.35 4.35 -82.44
C TYR K 43 -20.04 3.05 -82.01
N ALA K 44 -19.67 2.49 -80.88
CA ALA K 44 -20.24 1.22 -80.42
C ALA K 44 -21.56 1.41 -79.67
N GLN K 45 -21.96 2.64 -79.36
CA GLN K 45 -23.19 2.85 -78.59
C GLN K 45 -24.43 2.56 -79.44
N PHE K 46 -24.39 2.88 -80.73
CA PHE K 46 -25.55 2.68 -81.59
C PHE K 46 -25.82 1.20 -81.87
N PHE K 47 -24.91 0.31 -81.50
CA PHE K 47 -25.11 -1.13 -81.67
C PHE K 47 -25.15 -1.82 -80.32
N PRO K 48 -26.33 -2.20 -79.82
CA PRO K 48 -26.40 -3.00 -78.59
C PRO K 48 -25.90 -4.42 -78.77
N HIS K 49 -25.38 -4.76 -79.95
CA HIS K 49 -24.82 -6.07 -80.24
C HIS K 49 -23.33 -6.04 -79.91
N GLY K 50 -22.58 -7.04 -80.39
CA GLY K 50 -21.17 -7.19 -80.08
C GLY K 50 -20.29 -5.96 -80.24
N ASP K 51 -19.10 -6.00 -79.65
CA ASP K 51 -18.26 -4.83 -79.50
C ASP K 51 -17.78 -4.30 -80.85
N ALA K 52 -17.34 -3.03 -80.84
CA ALA K 52 -16.85 -2.36 -82.03
C ALA K 52 -15.53 -1.63 -81.75
N SER K 53 -14.73 -2.16 -80.83
CA SER K 53 -13.52 -1.46 -80.40
C SER K 53 -12.48 -1.43 -81.51
N THR K 54 -12.20 -2.57 -82.13
CA THR K 54 -11.10 -2.65 -83.08
C THR K 54 -11.43 -1.94 -84.39
N TYR K 55 -12.65 -2.10 -84.89
CA TYR K 55 -13.04 -1.43 -86.12
C TYR K 55 -12.99 0.09 -85.95
N ALA K 56 -13.51 0.59 -84.82
CA ALA K 56 -13.39 2.01 -84.52
C ALA K 56 -11.93 2.42 -84.34
N HIS K 57 -11.09 1.52 -83.83
CA HIS K 57 -9.67 1.83 -83.69
C HIS K 57 -9.03 2.07 -85.05
N TYR K 58 -9.26 1.17 -86.00
CA TYR K 58 -8.74 1.37 -87.35
C TYR K 58 -9.34 2.61 -88.00
N LEU K 59 -10.63 2.87 -87.74
CA LEU K 59 -11.26 4.08 -88.27
C LEU K 59 -10.56 5.32 -87.75
N PHE K 60 -10.21 5.34 -86.47
CA PHE K 60 -9.51 6.48 -85.89
C PHE K 60 -8.09 6.59 -86.44
N ASN K 61 -7.38 5.46 -86.56
CA ASN K 61 -6.03 5.51 -87.11
C ASN K 61 -6.03 6.06 -88.53
N ALA K 62 -7.05 5.72 -89.32
CA ALA K 62 -7.21 6.38 -90.61
C ALA K 62 -7.52 7.86 -90.45
N PHE K 63 -8.37 8.20 -89.48
CA PHE K 63 -8.71 9.60 -89.23
C PHE K 63 -7.51 10.38 -88.71
N ASP K 64 -6.71 9.77 -87.84
CA ASP K 64 -5.64 10.47 -87.14
C ASP K 64 -4.39 10.46 -88.00
N THR K 65 -4.18 11.55 -88.75
CA THR K 65 -2.96 11.71 -89.52
C THR K 65 -1.84 12.27 -88.63
N THR K 66 -0.60 12.01 -89.05
CA THR K 66 0.62 12.45 -88.37
C THR K 66 0.72 11.93 -86.94
N GLN K 67 -0.14 11.00 -86.54
CA GLN K 67 -0.13 10.39 -85.21
C GLN K 67 -0.21 11.46 -84.12
N THR K 68 -1.30 12.22 -84.14
CA THR K 68 -1.54 13.23 -83.11
C THR K 68 -2.02 12.62 -81.80
N GLY K 69 -2.63 11.45 -81.83
CA GLY K 69 -3.26 10.86 -80.67
C GLY K 69 -4.68 11.29 -80.43
N SER K 70 -5.19 12.23 -81.23
CA SER K 70 -6.56 12.72 -81.15
C SER K 70 -6.82 13.61 -82.34
N VAL K 71 -8.07 13.60 -82.82
CA VAL K 71 -8.46 14.29 -84.04
C VAL K 71 -9.24 15.55 -83.66
N LYS K 72 -8.89 16.67 -84.30
CA LYS K 72 -9.60 17.93 -84.08
C LYS K 72 -10.77 18.03 -85.06
N PHE K 73 -11.40 19.21 -85.11
CA PHE K 73 -12.61 19.36 -85.90
C PHE K 73 -12.35 19.46 -87.39
N GLU K 74 -11.25 20.06 -87.81
CA GLU K 74 -11.03 20.30 -89.24
C GLU K 74 -10.87 18.99 -90.01
N ASP K 75 -9.98 18.11 -89.53
CA ASP K 75 -9.78 16.83 -90.20
C ASP K 75 -11.04 15.97 -90.11
N PHE K 76 -11.73 16.01 -88.97
CA PHE K 76 -12.96 15.27 -88.81
C PHE K 76 -14.00 15.68 -89.85
N VAL K 77 -14.23 16.99 -89.97
CA VAL K 77 -15.26 17.46 -90.89
C VAL K 77 -14.84 17.22 -92.33
N THR K 78 -13.55 17.35 -92.64
CA THR K 78 -13.08 17.08 -93.99
C THR K 78 -13.32 15.62 -94.37
N ALA K 79 -12.91 14.70 -93.49
CA ALA K 79 -13.08 13.27 -93.77
C ALA K 79 -14.55 12.91 -93.85
N LEU K 80 -15.38 13.45 -92.95
CA LEU K 80 -16.81 13.16 -93.00
C LEU K 80 -17.44 13.67 -94.28
N SER K 81 -17.07 14.88 -94.71
CA SER K 81 -17.60 15.43 -95.95
C SER K 81 -17.19 14.58 -97.14
N ILE K 82 -15.94 14.16 -97.19
CA ILE K 82 -15.48 13.32 -98.30
C ILE K 82 -16.20 11.97 -98.29
N LEU K 83 -16.37 11.39 -97.11
CA LEU K 83 -17.00 10.07 -97.02
C LEU K 83 -18.49 10.12 -97.36
N LEU K 84 -19.18 11.21 -97.01
CA LEU K 84 -20.61 11.28 -97.24
C LEU K 84 -20.95 11.83 -98.63
N ARG K 85 -20.48 13.03 -98.95
CA ARG K 85 -20.82 13.71 -100.19
C ARG K 85 -19.60 13.87 -101.10
N GLY K 86 -18.78 12.83 -101.20
CA GLY K 86 -17.57 12.90 -101.99
C GLY K 86 -17.80 12.55 -103.44
N THR K 87 -16.69 12.42 -104.16
CA THR K 87 -16.70 12.09 -105.58
C THR K 87 -16.62 10.57 -105.75
N VAL K 88 -17.35 10.06 -106.75
CA VAL K 88 -17.44 8.62 -106.96
C VAL K 88 -16.06 8.00 -107.12
N HIS K 89 -15.21 8.63 -107.93
CA HIS K 89 -13.86 8.12 -108.12
C HIS K 89 -12.96 8.41 -106.93
N GLU K 90 -13.13 9.60 -106.32
CA GLU K 90 -12.23 10.05 -105.27
C GLU K 90 -12.46 9.34 -103.94
N LYS K 91 -13.69 8.84 -103.69
CA LYS K 91 -14.01 8.29 -102.38
C LYS K 91 -13.15 7.09 -102.02
N LEU K 92 -12.87 6.22 -103.00
CA LEU K 92 -12.24 4.94 -102.70
C LEU K 92 -10.77 5.06 -102.32
N ARG K 93 -10.15 6.23 -102.49
CA ARG K 93 -8.78 6.41 -102.00
C ARG K 93 -8.72 6.24 -100.49
N TRP K 94 -9.62 6.91 -99.77
CA TRP K 94 -9.70 6.72 -98.33
C TRP K 94 -10.20 5.33 -97.95
N THR K 95 -10.99 4.69 -98.82
CA THR K 95 -11.36 3.30 -98.56
C THR K 95 -10.14 2.39 -98.59
N PHE K 96 -9.28 2.56 -99.60
CA PHE K 96 -8.03 1.81 -99.64
C PHE K 96 -7.16 2.14 -98.43
N ASN K 97 -7.12 3.42 -98.04
CA ASN K 97 -6.38 3.79 -96.84
C ASN K 97 -6.93 3.06 -95.60
N LEU K 98 -8.24 2.89 -95.53
CA LEU K 98 -8.86 2.08 -94.48
C LEU K 98 -8.36 0.64 -94.57
N TYR K 99 -8.30 0.09 -95.79
CA TYR K 99 -7.84 -1.27 -95.97
C TYR K 99 -6.32 -1.38 -96.04
N ASP K 100 -5.60 -0.27 -96.03
CA ASP K 100 -4.13 -0.26 -96.01
C ASP K 100 -3.68 0.01 -94.58
N ILE K 101 -3.13 -1.02 -93.93
CA ILE K 101 -2.66 -0.90 -92.55
C ILE K 101 -1.15 -0.90 -92.45
N ASN K 102 -0.44 -1.47 -93.41
CA ASN K 102 1.02 -1.58 -93.37
C ASN K 102 1.72 -0.33 -93.90
N LYS K 103 1.04 0.82 -93.88
CA LYS K 103 1.60 2.11 -94.30
C LYS K 103 1.81 2.16 -95.81
N ASP K 104 2.76 1.40 -96.33
CA ASP K 104 3.02 1.42 -97.77
C ASP K 104 1.84 0.84 -98.54
N GLY K 105 1.65 1.33 -99.75
CA GLY K 105 0.52 0.93 -100.57
C GLY K 105 0.66 -0.45 -101.17
N TYR K 106 0.63 -1.47 -100.31
CA TYR K 106 0.75 -2.86 -100.74
C TYR K 106 -0.16 -3.73 -99.88
N ILE K 107 -0.63 -4.83 -100.47
CA ILE K 107 -1.45 -5.81 -99.77
C ILE K 107 -0.78 -7.17 -99.90
N ASN K 108 -0.57 -7.84 -98.77
CA ASN K 108 -0.01 -9.18 -98.73
C ASN K 108 -0.95 -10.15 -98.02
N LYS K 109 -2.25 -10.00 -98.29
CA LYS K 109 -3.29 -10.92 -97.86
C LYS K 109 -3.48 -10.95 -96.35
N GLU K 110 -3.04 -9.91 -95.63
CA GLU K 110 -3.14 -9.91 -94.17
C GLU K 110 -3.68 -8.62 -93.58
N GLU K 111 -3.78 -7.53 -94.34
CA GLU K 111 -4.32 -6.28 -93.80
C GLU K 111 -5.85 -6.24 -93.85
N MET K 112 -6.48 -7.28 -94.37
CA MET K 112 -7.92 -7.30 -94.59
C MET K 112 -8.64 -8.34 -93.76
N MET K 113 -7.96 -9.42 -93.34
CA MET K 113 -8.60 -10.42 -92.48
C MET K 113 -9.03 -9.84 -91.14
N ASP K 114 -8.15 -9.04 -90.51
CA ASP K 114 -8.48 -8.46 -89.22
C ASP K 114 -9.68 -7.52 -89.31
N ILE K 115 -9.74 -6.74 -90.39
CA ILE K 115 -10.88 -5.85 -90.59
C ILE K 115 -12.17 -6.64 -90.71
N VAL K 116 -12.13 -7.75 -91.44
CA VAL K 116 -13.32 -8.58 -91.62
C VAL K 116 -13.75 -9.19 -90.29
N LYS K 117 -12.81 -9.70 -89.50
CA LYS K 117 -13.20 -10.30 -88.23
C LYS K 117 -13.74 -9.24 -87.27
N ALA K 118 -13.18 -8.03 -87.29
CA ALA K 118 -13.72 -6.95 -86.48
C ALA K 118 -15.14 -6.58 -86.91
N ILE K 119 -15.38 -6.54 -88.23
CA ILE K 119 -16.72 -6.24 -88.72
C ILE K 119 -17.70 -7.33 -88.32
N TYR K 120 -17.29 -8.60 -88.45
CA TYR K 120 -18.19 -9.71 -88.22
C TYR K 120 -18.39 -10.02 -86.75
N ASP K 121 -17.56 -9.48 -85.86
CA ASP K 121 -17.85 -9.58 -84.43
C ASP K 121 -19.03 -8.71 -84.02
N MET K 122 -19.52 -7.84 -84.93
CA MET K 122 -20.64 -6.97 -84.62
C MET K 122 -21.95 -7.72 -84.42
N MET K 123 -22.10 -8.90 -85.00
CA MET K 123 -23.38 -9.58 -85.08
C MET K 123 -23.81 -10.23 -83.77
N GLY K 124 -22.97 -10.24 -82.75
CA GLY K 124 -23.36 -10.85 -81.49
C GLY K 124 -23.40 -12.36 -81.57
N LYS K 125 -24.14 -12.97 -80.64
CA LYS K 125 -24.20 -14.41 -80.51
C LYS K 125 -25.58 -14.99 -80.81
N TYR K 126 -26.55 -14.17 -81.22
CA TYR K 126 -27.89 -14.64 -81.59
C TYR K 126 -28.13 -14.48 -83.08
N THR K 127 -27.09 -14.67 -83.88
CA THR K 127 -27.17 -14.47 -85.33
C THR K 127 -27.94 -15.62 -85.97
N TYR K 128 -28.78 -15.30 -86.97
CA TYR K 128 -29.63 -16.30 -87.62
C TYR K 128 -28.79 -17.38 -88.29
N PRO K 129 -27.80 -17.05 -89.16
CA PRO K 129 -26.82 -18.07 -89.54
C PRO K 129 -25.61 -18.02 -88.62
N VAL K 130 -25.25 -19.17 -88.04
CA VAL K 130 -24.17 -19.18 -87.05
C VAL K 130 -22.84 -18.89 -87.75
N LEU K 131 -22.09 -17.94 -87.20
CA LEU K 131 -20.77 -17.59 -87.73
C LEU K 131 -19.81 -18.69 -87.35
N LYS K 132 -19.59 -19.64 -88.27
CA LYS K 132 -18.62 -20.69 -88.03
C LYS K 132 -17.20 -20.10 -87.99
N GLU K 133 -16.31 -20.82 -87.30
CA GLU K 133 -14.96 -20.33 -87.12
C GLU K 133 -14.21 -20.17 -88.44
N ASP K 134 -14.63 -20.89 -89.49
CA ASP K 134 -14.03 -20.72 -90.80
C ASP K 134 -14.73 -19.68 -91.66
N THR K 135 -15.92 -19.24 -91.25
CA THR K 135 -16.63 -18.21 -92.02
C THR K 135 -15.87 -16.89 -92.14
N PRO K 136 -15.18 -16.37 -91.12
CA PRO K 136 -14.42 -15.12 -91.34
C PRO K 136 -13.37 -15.26 -92.44
N ARG K 137 -12.51 -16.27 -92.37
CA ARG K 137 -11.54 -16.47 -93.45
C ARG K 137 -12.22 -16.86 -94.75
N GLN K 138 -13.41 -17.45 -94.68
CA GLN K 138 -14.17 -17.75 -95.89
C GLN K 138 -14.55 -16.46 -96.63
N HIS K 139 -15.12 -15.50 -95.89
CA HIS K 139 -15.44 -14.22 -96.53
C HIS K 139 -14.18 -13.44 -96.86
N VAL K 140 -13.08 -13.68 -96.15
CA VAL K 140 -11.81 -13.08 -96.53
C VAL K 140 -11.38 -13.57 -97.91
N ASP K 141 -11.52 -14.88 -98.16
CA ASP K 141 -11.24 -15.41 -99.49
C ASP K 141 -12.24 -14.88 -100.52
N VAL K 142 -13.51 -14.70 -100.10
CA VAL K 142 -14.51 -14.15 -101.01
C VAL K 142 -14.11 -12.74 -101.46
N PHE K 143 -13.62 -11.92 -100.53
CA PHE K 143 -13.11 -10.61 -100.87
C PHE K 143 -11.83 -10.70 -101.69
N PHE K 144 -11.00 -11.73 -101.43
CA PHE K 144 -9.80 -11.95 -102.23
C PHE K 144 -10.16 -12.24 -103.68
N GLN K 145 -11.32 -12.83 -103.92
CA GLN K 145 -11.73 -13.19 -105.28
C GLN K 145 -11.69 -11.98 -106.21
N LYS K 146 -12.25 -10.86 -105.78
CA LYS K 146 -12.21 -9.65 -106.59
C LYS K 146 -10.85 -8.97 -106.56
N MET K 147 -10.03 -9.25 -105.54
CA MET K 147 -8.70 -8.67 -105.47
C MET K 147 -7.79 -9.34 -106.48
N ASP K 148 -6.76 -8.61 -106.91
CA ASP K 148 -5.87 -9.09 -107.96
C ASP K 148 -5.18 -10.39 -107.56
N LYS K 149 -5.23 -11.38 -108.44
CA LYS K 149 -4.53 -12.63 -108.19
C LYS K 149 -3.03 -12.47 -108.39
N ASN K 150 -2.63 -11.74 -109.44
CA ASN K 150 -1.22 -11.47 -109.68
C ASN K 150 -0.68 -10.49 -108.65
N LYS K 151 0.61 -10.63 -108.34
CA LYS K 151 1.25 -9.79 -107.35
C LYS K 151 2.16 -8.75 -108.01
N THR K 156 -4.49 -4.94 -104.55
CA THR K 156 -3.68 -3.74 -104.74
C THR K 156 -4.60 -2.54 -105.01
N LEU K 157 -4.10 -1.33 -104.75
CA LEU K 157 -4.94 -0.14 -104.87
C LEU K 157 -5.41 0.07 -106.31
N ASP K 158 -4.51 -0.12 -107.28
CA ASP K 158 -4.88 0.16 -108.67
C ASP K 158 -5.90 -0.83 -109.20
N GLU K 159 -5.68 -2.13 -108.94
CA GLU K 159 -6.62 -3.14 -109.41
C GLU K 159 -7.97 -3.00 -108.73
N PHE K 160 -7.98 -2.72 -107.43
CA PHE K 160 -9.24 -2.51 -106.73
C PHE K 160 -9.97 -1.29 -107.30
N LEU K 161 -9.23 -0.21 -107.57
CA LEU K 161 -9.86 0.99 -108.11
C LEU K 161 -10.44 0.73 -109.51
N GLU K 162 -9.73 -0.01 -110.34
CA GLU K 162 -10.21 -0.27 -111.70
C GLU K 162 -11.20 -1.41 -111.78
N SER K 163 -11.38 -2.18 -110.71
CA SER K 163 -12.37 -3.25 -110.69
C SER K 163 -13.60 -2.91 -109.86
N CYS K 164 -13.57 -1.82 -109.09
CA CYS K 164 -14.74 -1.43 -108.32
C CYS K 164 -15.92 -1.10 -109.23
N GLN K 165 -15.68 -0.34 -110.29
CA GLN K 165 -16.75 0.00 -111.23
C GLN K 165 -17.21 -1.21 -112.04
N GLU K 166 -16.39 -2.26 -112.10
CA GLU K 166 -16.82 -3.49 -112.77
C GLU K 166 -17.99 -4.12 -112.04
N ASP K 167 -17.98 -4.05 -110.71
CA ASP K 167 -19.07 -4.57 -109.88
C ASP K 167 -20.04 -3.41 -109.61
N ASP K 168 -21.26 -3.52 -110.16
CA ASP K 168 -22.24 -2.45 -110.02
C ASP K 168 -22.75 -2.29 -108.59
N ASN K 169 -22.59 -3.32 -107.76
CA ASN K 169 -23.08 -3.26 -106.38
C ASN K 169 -22.43 -2.11 -105.62
N ILE K 170 -21.11 -1.96 -105.76
CA ILE K 170 -20.40 -0.91 -105.04
C ILE K 170 -20.85 0.46 -105.52
N MET K 171 -20.90 0.65 -106.84
CA MET K 171 -21.27 1.94 -107.40
C MET K 171 -22.68 2.34 -106.99
N ARG K 172 -23.63 1.41 -107.04
CA ARG K 172 -24.97 1.72 -106.57
C ARG K 172 -25.05 1.83 -105.06
N SER K 173 -24.06 1.32 -104.33
CA SER K 173 -24.01 1.53 -102.88
C SER K 173 -23.51 2.91 -102.51
N LEU K 174 -22.62 3.50 -103.33
CA LEU K 174 -22.18 4.86 -103.04
C LEU K 174 -23.35 5.84 -102.99
N GLN K 175 -24.28 5.73 -103.93
CA GLN K 175 -25.42 6.64 -103.98
C GLN K 175 -26.42 6.41 -102.86
N LEU K 176 -26.22 5.38 -102.02
CA LEU K 176 -27.08 5.19 -100.86
C LEU K 176 -26.99 6.39 -99.92
N PHE K 177 -25.77 6.88 -99.67
CA PHE K 177 -25.55 8.03 -98.81
C PHE K 177 -24.92 9.21 -99.54
N GLN K 178 -24.54 9.05 -100.81
CA GLN K 178 -23.99 10.17 -101.57
C GLN K 178 -25.02 11.29 -101.73
N ASN K 179 -26.26 10.92 -102.03
CA ASN K 179 -27.31 11.93 -102.23
C ASN K 179 -28.03 12.26 -100.94
N VAL K 180 -28.24 11.27 -100.07
CA VAL K 180 -28.95 11.49 -98.83
C VAL K 180 -28.10 12.32 -97.89
N MET K 181 -28.71 13.36 -97.30
CA MET K 181 -28.04 14.26 -96.36
C MET K 181 -26.83 14.93 -97.00
N ALA L 1 -1.84 41.87 -72.78
CA ALA L 1 -3.08 41.34 -73.33
C ALA L 1 -4.08 42.47 -73.57
N ALA L 2 -5.33 42.09 -73.87
CA ALA L 2 -6.40 43.04 -74.14
C ALA L 2 -7.36 43.19 -72.97
N GLY L 3 -7.00 42.74 -71.77
CA GLY L 3 -7.92 42.73 -70.65
C GLY L 3 -8.45 44.10 -70.27
N VAL L 4 -7.75 45.16 -70.65
CA VAL L 4 -8.20 46.52 -70.38
C VAL L 4 -8.33 47.27 -71.70
N ALA L 5 -8.74 46.56 -72.76
CA ALA L 5 -8.85 47.13 -74.10
C ALA L 5 -9.76 48.34 -74.18
N ALA L 6 -10.55 48.62 -73.14
CA ALA L 6 -11.38 49.82 -73.09
C ALA L 6 -10.58 51.05 -72.67
N TRP L 7 -9.28 50.91 -72.44
CA TRP L 7 -8.42 52.00 -72.01
C TRP L 7 -7.36 52.36 -73.04
N LEU L 8 -7.54 51.93 -74.29
CA LEU L 8 -6.59 52.29 -75.34
C LEU L 8 -6.48 53.79 -75.58
N PRO L 9 -7.56 54.58 -75.65
CA PRO L 9 -7.39 56.03 -75.88
C PRO L 9 -6.52 56.68 -74.82
N PHE L 10 -6.65 56.28 -73.55
CA PHE L 10 -5.82 56.85 -72.50
C PHE L 10 -4.35 56.59 -72.77
N ALA L 11 -4.02 55.36 -73.19
CA ALA L 11 -2.64 55.05 -73.56
C ALA L 11 -2.14 55.98 -74.65
N ARG L 12 -3.03 56.42 -75.55
CA ARG L 12 -2.62 57.37 -76.57
C ARG L 12 -2.12 58.67 -75.94
N ALA L 13 -2.79 59.11 -74.88
CA ALA L 13 -2.30 60.25 -74.12
C ALA L 13 -0.90 60.00 -73.59
N ALA L 14 -0.62 58.76 -73.19
CA ALA L 14 0.73 58.40 -72.75
C ALA L 14 1.74 58.65 -73.87
N ALA L 15 1.36 58.37 -75.12
CA ALA L 15 2.24 58.64 -76.24
C ALA L 15 2.59 60.12 -76.31
N ILE L 16 1.62 60.98 -75.98
CA ILE L 16 1.84 62.42 -75.97
C ILE L 16 3.00 62.82 -75.07
N GLY L 17 3.33 61.98 -74.09
CA GLY L 17 4.46 62.29 -73.23
C GLY L 17 5.78 62.38 -73.99
N TRP L 18 5.95 61.58 -75.04
CA TRP L 18 7.28 61.33 -75.58
C TRP L 18 7.45 61.75 -77.04
N MET L 19 6.84 62.86 -77.48
CA MET L 19 7.20 63.36 -78.81
C MET L 19 8.52 64.15 -78.81
N PRO L 20 8.74 65.08 -77.88
CA PRO L 20 10.01 65.84 -77.91
C PRO L 20 11.24 64.97 -77.69
N VAL L 21 11.10 63.77 -77.12
CA VAL L 21 12.22 62.85 -76.95
C VAL L 21 12.29 61.82 -78.07
N ALA L 22 11.50 61.99 -79.12
CA ALA L 22 11.40 61.00 -80.19
C ALA L 22 12.35 61.29 -81.33
N SER L 23 12.82 60.22 -81.97
CA SER L 23 13.67 60.34 -83.17
C SER L 23 13.37 59.13 -84.06
N GLY L 24 12.48 59.31 -85.03
CA GLY L 24 12.10 58.24 -85.92
C GLY L 24 11.35 58.71 -87.15
N PRO L 25 11.17 57.80 -88.12
CA PRO L 25 10.44 58.16 -89.35
C PRO L 25 8.93 58.28 -89.17
N MET L 26 8.40 57.92 -87.99
CA MET L 26 6.99 58.03 -87.67
C MET L 26 6.13 57.31 -88.71
N PRO L 27 6.07 55.97 -88.65
CA PRO L 27 5.33 55.21 -89.68
C PRO L 27 3.82 55.40 -89.63
N ALA L 28 3.32 56.28 -88.73
CA ALA L 28 1.92 56.67 -88.62
C ALA L 28 1.06 55.51 -88.12
N PRO L 29 -0.18 55.78 -87.69
CA PRO L 29 -1.06 54.69 -87.26
C PRO L 29 -1.32 53.72 -88.39
N PRO L 30 -1.51 52.44 -88.09
CA PRO L 30 -1.68 51.44 -89.15
C PRO L 30 -3.09 51.35 -89.68
N ARG L 31 -3.92 52.34 -89.37
CA ARG L 31 -5.28 52.47 -89.88
C ARG L 31 -6.22 51.38 -89.34
N GLN L 32 -7.52 51.65 -89.38
CA GLN L 32 -8.52 50.74 -88.82
C GLN L 32 -9.86 51.04 -89.48
N GLU L 33 -10.82 50.15 -89.24
CA GLU L 33 -12.15 50.31 -89.81
C GLU L 33 -12.87 51.52 -89.22
N ARG L 34 -12.86 51.63 -87.89
CA ARG L 34 -13.52 52.74 -87.21
C ARG L 34 -12.75 53.08 -85.94
N LYS L 35 -12.58 54.37 -85.70
CA LYS L 35 -11.81 54.87 -84.57
C LYS L 35 -12.68 55.14 -83.35
N ARG L 36 -13.53 54.18 -83.00
CA ARG L 36 -14.48 54.31 -81.91
C ARG L 36 -14.84 52.93 -81.39
N THR L 37 -15.86 52.87 -80.55
CA THR L 37 -16.43 51.63 -80.05
C THR L 37 -17.91 51.55 -80.38
N GLN L 38 -18.25 51.90 -81.63
CA GLN L 38 -19.62 51.89 -82.10
C GLN L 38 -20.21 50.49 -82.19
N ASP L 39 -19.39 49.45 -81.97
CA ASP L 39 -19.89 48.07 -81.98
C ASP L 39 -20.98 47.91 -80.93
N ALA L 40 -22.21 47.75 -81.38
CA ALA L 40 -23.35 47.71 -80.48
C ALA L 40 -23.34 46.44 -79.65
N LEU L 41 -24.07 46.49 -78.52
CA LEU L 41 -24.21 45.31 -77.69
C LEU L 41 -24.84 44.18 -78.48
N ILE L 42 -24.34 42.98 -78.29
CA ILE L 42 -24.85 41.80 -78.98
C ILE L 42 -25.77 41.05 -78.03
N VAL L 43 -26.92 40.62 -78.55
CA VAL L 43 -27.83 39.77 -77.80
C VAL L 43 -27.48 38.33 -78.12
N LEU L 44 -27.20 37.54 -77.08
CA LEU L 44 -26.88 36.13 -77.23
C LEU L 44 -27.81 35.33 -76.32
N ASN L 45 -28.41 34.28 -76.88
CA ASN L 45 -29.38 33.47 -76.17
C ASN L 45 -28.74 32.18 -75.68
N VAL L 46 -29.00 31.85 -74.41
CA VAL L 46 -28.54 30.60 -73.82
C VAL L 46 -29.76 29.86 -73.30
N SER L 47 -30.24 28.88 -74.07
CA SER L 47 -31.42 28.09 -73.73
C SER L 47 -32.62 28.97 -73.44
N GLY L 48 -32.97 29.81 -74.40
CA GLY L 48 -34.15 30.65 -74.31
C GLY L 48 -34.01 31.88 -73.46
N THR L 49 -32.86 32.10 -72.85
CA THR L 49 -32.59 33.29 -72.05
C THR L 49 -31.52 34.10 -72.76
N ARG L 50 -31.85 35.35 -73.07
CA ARG L 50 -30.94 36.21 -73.83
C ARG L 50 -30.09 37.03 -72.88
N PHE L 51 -28.77 37.00 -73.11
CA PHE L 51 -27.80 37.73 -72.29
C PHE L 51 -27.15 38.78 -73.18
N GLN L 52 -27.77 39.95 -73.26
CA GLN L 52 -27.21 41.04 -74.05
C GLN L 52 -25.90 41.53 -73.43
N THR L 53 -24.92 41.82 -74.28
CA THR L 53 -23.61 42.26 -73.79
C THR L 53 -22.84 42.87 -74.95
N TRP L 54 -21.81 43.63 -74.61
CA TRP L 54 -21.01 44.34 -75.59
C TRP L 54 -20.02 43.39 -76.27
N GLN L 55 -19.87 43.56 -77.58
CA GLN L 55 -19.01 42.68 -78.37
C GLN L 55 -17.54 42.84 -77.97
N ASP L 56 -17.09 44.08 -77.75
CA ASP L 56 -15.70 44.31 -77.38
C ASP L 56 -15.32 43.55 -76.13
N THR L 57 -16.26 43.38 -75.20
CA THR L 57 -15.99 42.54 -74.03
C THR L 57 -15.71 41.10 -74.45
N LEU L 58 -16.41 40.61 -75.48
CA LEU L 58 -16.19 39.23 -75.93
C LEU L 58 -14.84 39.08 -76.61
N GLU L 59 -14.47 40.01 -77.49
CA GLU L 59 -13.16 39.91 -78.10
C GLU L 59 -12.04 40.47 -77.23
N ARG L 60 -12.36 40.87 -75.99
CA ARG L 60 -11.32 41.24 -75.04
C ARG L 60 -10.39 40.08 -74.74
N TYR L 61 -10.89 38.84 -74.79
CA TYR L 61 -10.09 37.63 -74.58
C TYR L 61 -10.38 36.65 -75.71
N PRO L 62 -9.84 36.89 -76.90
CA PRO L 62 -10.14 35.99 -78.03
C PRO L 62 -9.60 34.58 -77.87
N ASP L 63 -8.64 34.35 -76.97
CA ASP L 63 -7.99 33.06 -76.88
C ASP L 63 -8.95 31.95 -76.47
N THR L 64 -10.04 32.27 -75.80
CA THR L 64 -11.03 31.28 -75.41
C THR L 64 -11.95 30.95 -76.59
N LEU L 65 -12.87 30.00 -76.37
CA LEU L 65 -13.79 29.61 -77.43
C LEU L 65 -14.71 30.76 -77.82
N LEU L 66 -15.18 31.54 -76.83
CA LEU L 66 -16.11 32.63 -77.13
C LEU L 66 -15.45 33.71 -77.97
N GLY L 67 -14.13 33.86 -77.87
CA GLY L 67 -13.41 34.78 -78.71
C GLY L 67 -13.18 34.21 -80.10
N SER L 68 -12.40 34.96 -80.89
CA SER L 68 -12.07 34.59 -82.27
C SER L 68 -13.38 34.48 -83.06
N SER L 69 -13.49 33.55 -84.00
CA SER L 69 -14.70 33.39 -84.80
C SER L 69 -15.30 31.99 -84.67
N GLU L 70 -14.82 31.16 -83.76
CA GLU L 70 -15.35 29.83 -83.55
C GLU L 70 -16.69 29.83 -82.82
N ARG L 71 -17.24 31.01 -82.53
CA ARG L 71 -18.57 31.14 -81.96
C ARG L 71 -19.66 31.20 -83.02
N ASP L 72 -19.30 31.34 -84.29
CA ASP L 72 -20.28 31.59 -85.34
C ASP L 72 -21.06 30.34 -85.74
N PHE L 73 -20.59 29.15 -85.36
CA PHE L 73 -21.42 27.96 -85.53
C PHE L 73 -22.70 28.07 -84.72
N PHE L 74 -22.61 28.60 -83.50
CA PHE L 74 -23.78 28.77 -82.65
C PHE L 74 -24.57 30.01 -82.98
N TYR L 75 -24.07 30.87 -83.87
CA TYR L 75 -24.84 32.03 -84.30
C TYR L 75 -26.07 31.58 -85.08
N HIS L 76 -27.15 32.35 -84.98
CA HIS L 76 -28.44 32.00 -85.56
C HIS L 76 -28.87 33.19 -86.41
N PRO L 77 -28.28 33.34 -87.60
CA PRO L 77 -28.42 34.59 -88.35
C PRO L 77 -29.84 34.95 -88.76
N GLU L 78 -30.69 33.96 -89.03
CA GLU L 78 -32.03 34.26 -89.51
C GLU L 78 -32.89 35.00 -88.48
N THR L 79 -32.40 35.18 -87.25
CA THR L 79 -32.92 36.22 -86.37
C THR L 79 -31.79 37.11 -85.85
N GLN L 80 -30.55 36.88 -86.28
CA GLN L 80 -29.41 37.76 -86.01
C GLN L 80 -29.11 37.85 -84.52
N GLN L 81 -28.71 36.72 -83.95
CA GLN L 81 -28.25 36.66 -82.56
C GLN L 81 -27.60 35.31 -82.30
N TYR L 82 -26.53 35.32 -81.51
CA TYR L 82 -25.88 34.09 -81.08
C TYR L 82 -26.84 33.29 -80.19
N PHE L 83 -26.94 31.99 -80.44
CA PHE L 83 -27.73 31.11 -79.60
C PHE L 83 -26.83 30.02 -79.01
N PHE L 84 -27.07 29.69 -77.75
CA PHE L 84 -26.39 28.60 -77.08
C PHE L 84 -27.42 27.82 -76.28
N ASP L 85 -27.07 26.58 -75.93
CA ASP L 85 -27.97 25.69 -75.22
C ASP L 85 -27.36 25.21 -73.91
N ARG L 86 -26.51 26.03 -73.30
CA ARG L 86 -25.84 25.65 -72.06
C ARG L 86 -26.67 26.10 -70.85
N ASP L 87 -26.12 25.87 -69.68
CA ASP L 87 -26.80 26.24 -68.44
C ASP L 87 -26.70 27.75 -68.26
N PRO L 88 -27.83 28.48 -68.17
CA PRO L 88 -27.75 29.95 -68.12
C PRO L 88 -26.98 30.49 -66.93
N ASP L 89 -27.32 30.05 -65.71
CA ASP L 89 -26.68 30.63 -64.52
C ASP L 89 -25.21 30.26 -64.44
N ILE L 90 -24.83 29.06 -64.89
CA ILE L 90 -23.42 28.70 -64.95
C ILE L 90 -22.69 29.62 -65.92
N PHE L 91 -23.24 29.78 -67.13
CA PHE L 91 -22.63 30.68 -68.11
C PHE L 91 -22.60 32.11 -67.62
N ARG L 92 -23.48 32.45 -66.68
CA ARG L 92 -23.48 33.79 -66.10
C ARG L 92 -22.15 34.08 -65.41
N HIS L 93 -21.55 33.05 -64.82
CA HIS L 93 -20.24 33.23 -64.19
C HIS L 93 -19.15 33.51 -65.22
N ILE L 94 -19.20 32.82 -66.36
CA ILE L 94 -18.25 33.12 -67.44
C ILE L 94 -18.48 34.52 -67.98
N LEU L 95 -19.75 34.95 -68.05
CA LEU L 95 -20.06 36.30 -68.47
C LEU L 95 -19.47 37.33 -67.50
N ASN L 96 -19.58 37.07 -66.20
CA ASN L 96 -18.97 37.93 -65.20
C ASN L 96 -17.45 37.93 -65.33
N PHE L 97 -16.88 36.77 -65.66
CA PHE L 97 -15.44 36.69 -65.93
C PHE L 97 -15.06 37.61 -67.08
N TYR L 98 -15.78 37.52 -68.20
CA TYR L 98 -15.47 38.37 -69.35
C TYR L 98 -15.64 39.85 -69.01
N ARG L 99 -16.67 40.17 -68.22
CA ARG L 99 -16.87 41.55 -67.79
C ARG L 99 -15.72 42.04 -66.93
N THR L 100 -15.24 41.20 -66.00
CA THR L 100 -14.23 41.61 -65.03
C THR L 100 -12.84 41.11 -65.40
N GLY L 101 -12.67 39.79 -65.54
CA GLY L 101 -11.36 39.24 -65.83
C GLY L 101 -10.96 38.14 -64.87
N LYS L 102 -11.84 37.83 -63.92
CA LYS L 102 -11.55 36.79 -62.93
C LYS L 102 -12.84 36.04 -62.64
N LEU L 103 -12.71 34.72 -62.45
CA LEU L 103 -13.87 33.83 -62.37
C LEU L 103 -14.11 33.37 -60.94
N HIS L 104 -15.38 33.09 -60.64
CA HIS L 104 -15.81 32.63 -59.33
C HIS L 104 -16.53 31.30 -59.47
N TYR L 105 -16.60 30.56 -58.35
CA TYR L 105 -17.26 29.26 -58.31
C TYR L 105 -18.30 29.27 -57.21
N PRO L 106 -19.58 29.11 -57.53
CA PRO L 106 -20.59 28.94 -56.49
C PRO L 106 -20.42 27.62 -55.75
N ARG L 107 -20.57 27.69 -54.43
CA ARG L 107 -20.42 26.54 -53.55
C ARG L 107 -21.72 25.78 -53.32
N HIS L 108 -22.64 25.84 -54.27
CA HIS L 108 -23.92 25.14 -54.16
C HIS L 108 -24.26 24.38 -55.44
N GLU L 109 -23.29 24.16 -56.32
CA GLU L 109 -23.51 23.51 -57.59
C GLU L 109 -22.50 22.39 -57.78
N CYS L 110 -22.92 21.35 -58.52
CA CYS L 110 -22.07 20.19 -58.72
C CYS L 110 -20.75 20.58 -59.36
N ILE L 111 -19.65 20.12 -58.76
CA ILE L 111 -18.32 20.46 -59.27
C ILE L 111 -18.09 19.82 -60.64
N SER L 112 -18.64 18.62 -60.86
CA SER L 112 -18.41 17.93 -62.12
C SER L 112 -19.04 18.70 -63.29
N ALA L 113 -20.31 19.05 -63.16
CA ALA L 113 -20.98 19.82 -64.21
C ALA L 113 -20.27 21.15 -64.44
N TYR L 114 -19.85 21.80 -63.35
CA TYR L 114 -19.01 22.99 -63.48
C TYR L 114 -17.77 22.68 -64.31
N ASP L 115 -17.22 21.47 -64.17
CA ASP L 115 -16.00 21.12 -64.88
C ASP L 115 -16.25 20.97 -66.39
N GLU L 116 -17.30 20.24 -66.79
CA GLU L 116 -17.44 20.11 -68.25
C GLU L 116 -17.96 21.40 -68.87
N GLU L 117 -18.73 22.21 -68.12
CA GLU L 117 -19.11 23.51 -68.67
C GLU L 117 -17.91 24.45 -68.72
N LEU L 118 -16.96 24.30 -67.81
CA LEU L 118 -15.72 25.04 -67.87
C LEU L 118 -14.92 24.66 -69.10
N ALA L 119 -14.74 23.35 -69.33
CA ALA L 119 -13.96 22.90 -70.48
C ALA L 119 -14.68 23.20 -71.79
N PHE L 120 -16.01 23.26 -71.77
CA PHE L 120 -16.77 23.49 -73.00
C PHE L 120 -16.47 24.87 -73.57
N PHE L 121 -16.47 25.90 -72.72
CA PHE L 121 -16.30 27.27 -73.20
C PHE L 121 -14.84 27.62 -73.48
N GLY L 122 -13.95 26.63 -73.51
CA GLY L 122 -12.57 26.84 -73.88
C GLY L 122 -11.79 27.76 -72.95
N LEU L 123 -11.92 27.54 -71.64
CA LEU L 123 -11.24 28.38 -70.66
C LEU L 123 -10.54 27.51 -69.63
N ILE L 124 -9.42 28.02 -69.13
CA ILE L 124 -8.54 27.26 -68.23
C ILE L 124 -9.24 27.08 -66.89
N PRO L 125 -9.12 25.90 -66.25
CA PRO L 125 -9.78 25.72 -64.94
C PRO L 125 -9.31 26.67 -63.86
N GLU L 126 -8.04 27.08 -63.88
CA GLU L 126 -7.48 27.88 -62.79
C GLU L 126 -7.49 29.37 -63.07
N ILE L 127 -8.51 29.86 -63.79
CA ILE L 127 -8.66 31.29 -64.01
C ILE L 127 -9.44 31.91 -62.86
N ILE L 128 -9.71 31.10 -61.83
CA ILE L 128 -10.40 31.62 -60.65
C ILE L 128 -9.46 32.58 -59.91
N GLY L 129 -9.98 33.76 -59.60
CA GLY L 129 -9.18 34.79 -58.95
C GLY L 129 -9.05 34.58 -57.45
N ASP L 130 -8.65 33.38 -57.06
CA ASP L 130 -8.18 32.96 -55.73
C ASP L 130 -9.10 33.43 -54.60
N CYS L 131 -10.34 33.77 -54.93
CA CYS L 131 -11.36 34.05 -53.93
C CYS L 131 -12.33 32.89 -53.75
N CYS L 132 -12.61 32.15 -54.82
CA CYS L 132 -13.35 30.90 -54.75
C CYS L 132 -12.47 29.70 -55.06
N TYR L 133 -11.17 29.92 -55.27
CA TYR L 133 -10.28 28.83 -55.69
C TYR L 133 -10.19 27.75 -54.63
N GLU L 134 -10.14 28.13 -53.35
CA GLU L 134 -9.91 27.15 -52.30
C GLU L 134 -11.05 26.14 -52.21
N GLU L 135 -12.30 26.61 -52.13
CA GLU L 135 -13.40 25.66 -52.06
C GLU L 135 -13.63 24.96 -53.39
N TYR L 136 -13.34 25.64 -54.51
CA TYR L 136 -13.38 24.99 -55.81
C TYR L 136 -12.45 23.78 -55.83
N LYS L 137 -11.21 23.96 -55.38
CA LYS L 137 -10.23 22.89 -55.41
C LYS L 137 -10.58 21.81 -54.40
N ASP L 138 -11.14 22.18 -53.25
CA ASP L 138 -11.56 21.17 -52.28
C ASP L 138 -12.66 20.29 -52.84
N ARG L 139 -13.67 20.91 -53.46
CA ARG L 139 -14.74 20.13 -54.08
C ARG L 139 -14.22 19.29 -55.24
N ARG L 140 -13.30 19.85 -56.02
CA ARG L 140 -12.70 19.10 -57.12
C ARG L 140 -11.97 17.87 -56.62
N ARG L 141 -11.18 18.02 -55.55
CA ARG L 141 -10.47 16.89 -54.97
C ARG L 141 -11.44 15.86 -54.40
N GLU L 142 -12.50 16.34 -53.73
CA GLU L 142 -13.48 15.42 -53.14
C GLU L 142 -14.13 14.57 -54.22
N ASN L 143 -14.63 15.20 -55.29
CA ASN L 143 -15.28 14.41 -56.33
C ASN L 143 -14.27 13.63 -57.18
N ALA L 144 -13.01 14.09 -57.23
CA ALA L 144 -11.99 13.32 -57.92
C ALA L 144 -11.72 12.00 -57.20
N GLU L 145 -11.55 12.05 -55.87
CA GLU L 145 -11.38 10.80 -55.13
C GLU L 145 -12.68 10.00 -55.11
N ARG L 146 -13.83 10.67 -55.22
CA ARG L 146 -15.09 9.94 -55.36
C ARG L 146 -15.11 9.10 -56.63
N LEU L 147 -14.73 9.70 -57.75
CA LEU L 147 -14.68 8.94 -59.00
C LEU L 147 -13.55 7.92 -59.00
N GLN L 148 -12.47 8.20 -58.27
CA GLN L 148 -11.40 7.20 -58.12
C GLN L 148 -11.92 5.98 -57.37
N ASP L 149 -12.72 6.20 -56.33
CA ASP L 149 -13.40 5.09 -55.66
C ASP L 149 -14.34 4.38 -56.61
N ASP L 150 -15.05 5.15 -57.44
CA ASP L 150 -15.90 4.57 -58.47
C ASP L 150 -15.12 3.69 -59.44
N ALA L 151 -13.84 3.97 -59.63
CA ALA L 151 -13.00 3.27 -60.61
C ALA L 151 -12.10 2.22 -59.96
N ASP L 152 -12.59 1.52 -58.94
CA ASP L 152 -11.80 0.47 -58.31
C ASP L 152 -11.62 -0.73 -59.24
N THR L 153 -12.53 -0.90 -60.19
CA THR L 153 -12.50 -1.93 -61.24
C THR L 153 -11.94 -3.26 -60.75
N ASP L 154 -12.59 -3.82 -59.74
CA ASP L 154 -12.24 -5.14 -59.25
C ASP L 154 -12.68 -6.21 -60.24
N THR L 155 -11.82 -7.19 -60.46
CA THR L 155 -12.08 -8.26 -61.41
C THR L 155 -12.57 -9.50 -60.68
N ALA L 156 -12.74 -10.60 -61.42
CA ALA L 156 -13.21 -11.85 -60.83
C ALA L 156 -12.38 -13.03 -61.34
N ALA L 166 -5.06 -20.61 -65.42
CA ALA L 166 -6.20 -21.18 -64.74
C ALA L 166 -6.24 -20.77 -63.28
N ARG L 167 -5.08 -20.86 -62.62
CA ARG L 167 -4.98 -20.50 -61.21
C ARG L 167 -5.20 -19.01 -60.95
N GLN L 168 -5.14 -18.18 -61.99
CA GLN L 168 -5.28 -16.73 -61.79
C GLN L 168 -6.62 -16.38 -61.18
N ARG L 169 -7.70 -16.96 -61.71
CA ARG L 169 -9.02 -16.74 -61.11
C ARG L 169 -9.21 -17.55 -59.83
N VAL L 170 -8.52 -18.69 -59.72
CA VAL L 170 -8.68 -19.55 -58.55
C VAL L 170 -8.17 -18.85 -57.30
N TRP L 171 -6.99 -18.23 -57.38
CA TRP L 171 -6.44 -17.59 -56.19
C TRP L 171 -7.18 -16.30 -55.88
N ARG L 172 -7.79 -15.66 -56.89
CA ARG L 172 -8.66 -14.52 -56.62
C ARG L 172 -9.92 -14.98 -55.88
N ALA L 173 -10.50 -16.10 -56.30
CA ALA L 173 -11.65 -16.65 -55.58
C ALA L 173 -11.28 -16.99 -54.15
N PHE L 174 -10.06 -17.50 -53.95
CA PHE L 174 -9.56 -17.67 -52.58
C PHE L 174 -9.47 -16.33 -51.85
N GLU L 175 -9.00 -15.29 -52.56
CA GLU L 175 -8.92 -13.95 -51.97
C GLU L 175 -10.31 -13.38 -51.70
N ASN L 176 -11.31 -13.80 -52.47
CA ASN L 176 -12.68 -13.34 -52.27
C ASN L 176 -13.14 -13.75 -50.88
N PRO L 177 -13.61 -12.81 -50.05
CA PRO L 177 -14.06 -13.19 -48.70
C PRO L 177 -15.20 -14.19 -48.68
N HIS L 178 -16.10 -14.14 -49.67
CA HIS L 178 -17.30 -14.98 -49.64
C HIS L 178 -17.56 -15.55 -51.03
N THR L 179 -17.21 -16.82 -51.22
CA THR L 179 -17.59 -17.60 -52.41
C THR L 179 -18.54 -18.72 -52.01
N SER L 180 -19.37 -18.47 -51.00
CA SER L 180 -20.29 -19.45 -50.45
C SER L 180 -19.57 -20.70 -49.96
N THR L 181 -19.48 -21.72 -50.81
CA THR L 181 -18.95 -23.00 -50.37
C THR L 181 -17.47 -22.93 -50.02
N MET L 182 -16.66 -22.28 -50.87
CA MET L 182 -15.22 -22.39 -50.76
C MET L 182 -14.61 -21.40 -49.78
N ALA L 183 -14.86 -20.09 -49.99
CA ALA L 183 -14.16 -19.06 -49.22
C ALA L 183 -14.55 -19.11 -47.75
N LEU L 184 -15.81 -19.36 -47.45
CA LEU L 184 -16.25 -19.44 -46.05
C LEU L 184 -15.47 -20.52 -45.31
N VAL L 185 -15.36 -21.71 -45.92
CA VAL L 185 -14.55 -22.77 -45.33
C VAL L 185 -13.10 -22.33 -45.20
N PHE L 186 -12.54 -21.79 -46.28
CA PHE L 186 -11.13 -21.44 -46.33
C PHE L 186 -10.75 -20.46 -45.24
N TYR L 187 -11.64 -19.53 -44.91
CA TYR L 187 -11.33 -18.51 -43.91
C TYR L 187 -11.72 -18.95 -42.50
N TYR L 188 -12.86 -19.63 -42.34
CA TYR L 188 -13.26 -20.08 -41.02
C TYR L 188 -12.28 -21.10 -40.44
N VAL L 189 -11.80 -22.03 -41.26
CA VAL L 189 -10.89 -23.03 -40.74
C VAL L 189 -9.56 -22.41 -40.34
N THR L 190 -9.09 -21.43 -41.12
CA THR L 190 -7.85 -20.73 -40.78
C THR L 190 -8.02 -19.92 -39.50
N GLY L 191 -9.18 -19.27 -39.35
CA GLY L 191 -9.45 -18.56 -38.11
C GLY L 191 -9.48 -19.49 -36.91
N PHE L 192 -10.05 -20.69 -37.09
CA PHE L 192 -10.03 -21.66 -36.00
C PHE L 192 -8.61 -22.08 -35.66
N PHE L 193 -7.77 -22.29 -36.69
CA PHE L 193 -6.37 -22.63 -36.44
C PHE L 193 -5.66 -21.54 -35.66
N ILE L 194 -5.82 -20.28 -36.08
CA ILE L 194 -5.10 -19.21 -35.38
C ILE L 194 -5.62 -19.04 -33.97
N ALA L 195 -6.93 -19.21 -33.76
CA ALA L 195 -7.50 -19.09 -32.43
C ALA L 195 -6.98 -20.18 -31.50
N VAL L 196 -7.00 -21.44 -31.97
CA VAL L 196 -6.52 -22.52 -31.13
C VAL L 196 -5.02 -22.37 -30.86
N SER L 197 -4.26 -21.87 -31.86
CA SER L 197 -2.84 -21.65 -31.65
C SER L 197 -2.59 -20.61 -30.56
N VAL L 198 -3.26 -19.47 -30.63
CA VAL L 198 -3.00 -18.42 -29.66
C VAL L 198 -3.48 -18.85 -28.27
N ILE L 199 -4.64 -19.51 -28.19
CA ILE L 199 -5.11 -19.93 -26.88
C ILE L 199 -4.20 -21.01 -26.30
N ALA L 200 -3.64 -21.89 -27.15
CA ALA L 200 -2.69 -22.88 -26.65
C ALA L 200 -1.41 -22.21 -26.14
N ASN L 201 -0.91 -21.21 -26.87
CA ASN L 201 0.25 -20.47 -26.39
C ASN L 201 -0.05 -19.78 -25.07
N VAL L 202 -1.28 -19.32 -24.87
CA VAL L 202 -1.64 -18.71 -23.59
C VAL L 202 -1.67 -19.76 -22.48
N VAL L 203 -2.39 -20.86 -22.70
CA VAL L 203 -2.67 -21.81 -21.62
C VAL L 203 -1.47 -22.63 -21.20
N GLU L 204 -0.38 -22.60 -21.96
CA GLU L 204 0.82 -23.34 -21.54
C GLU L 204 1.49 -22.72 -20.32
N THR L 205 0.94 -21.63 -19.78
CA THR L 205 1.51 -20.95 -18.63
C THR L 205 0.81 -21.27 -17.32
N VAL L 206 -0.51 -21.49 -17.34
CA VAL L 206 -1.25 -21.75 -16.11
C VAL L 206 -0.68 -22.97 -15.40
N PRO L 207 -0.52 -22.94 -14.06
CA PRO L 207 0.14 -24.05 -13.36
C PRO L 207 -0.44 -25.43 -13.68
N CYS L 208 -1.76 -25.58 -13.56
CA CYS L 208 -2.38 -26.87 -13.81
C CYS L 208 -2.34 -27.27 -15.28
N GLY L 209 -2.16 -26.31 -16.19
CA GLY L 209 -2.17 -26.61 -17.60
C GLY L 209 -0.93 -27.34 -18.10
N SER L 210 0.20 -26.64 -18.18
CA SER L 210 1.46 -27.28 -18.57
C SER L 210 2.61 -26.53 -17.88
N SER L 211 2.98 -27.01 -16.69
CA SER L 211 4.09 -26.51 -15.90
C SER L 211 4.19 -27.36 -14.64
N PRO L 212 5.32 -27.30 -13.91
CA PRO L 212 5.39 -27.97 -12.60
C PRO L 212 4.69 -27.20 -11.49
N GLY L 213 3.48 -26.72 -11.77
CA GLY L 213 2.70 -26.02 -10.77
C GLY L 213 1.87 -26.90 -9.88
N HIS L 214 1.58 -28.14 -10.32
CA HIS L 214 0.84 -29.08 -9.50
C HIS L 214 1.46 -30.48 -9.57
N ILE L 215 2.64 -30.60 -10.17
CA ILE L 215 3.33 -31.88 -10.32
C ILE L 215 4.44 -32.07 -9.30
N LYS L 216 4.70 -31.04 -8.48
CA LYS L 216 5.70 -31.19 -7.42
C LYS L 216 5.29 -32.29 -6.44
N GLU L 217 4.00 -32.38 -6.12
CA GLU L 217 3.53 -33.45 -5.26
C GLU L 217 3.69 -34.82 -5.92
N LEU L 218 3.36 -34.92 -7.21
CA LEU L 218 3.47 -36.18 -7.93
C LEU L 218 4.44 -36.06 -9.10
N ARG L 223 -3.24 -32.18 -16.86
CA ARG L 223 -1.97 -32.60 -16.29
C ARG L 223 -0.81 -31.98 -17.08
N TYR L 224 0.39 -32.02 -16.51
CA TYR L 224 1.55 -31.43 -17.17
C TYR L 224 2.04 -32.37 -18.27
N ALA L 225 1.26 -32.52 -19.32
CA ALA L 225 1.66 -33.29 -20.49
C ALA L 225 2.21 -32.31 -21.53
N VAL L 226 3.47 -32.51 -21.90
CA VAL L 226 4.11 -31.61 -22.87
C VAL L 226 3.76 -32.16 -24.26
N ALA L 227 2.57 -31.80 -24.71
CA ALA L 227 2.09 -32.16 -26.04
C ALA L 227 1.56 -30.96 -26.81
N PHE L 228 1.31 -29.83 -26.13
CA PHE L 228 0.94 -28.61 -26.84
C PHE L 228 2.04 -28.14 -27.77
N PHE L 229 3.28 -28.59 -27.54
CA PHE L 229 4.35 -28.37 -28.51
C PHE L 229 4.00 -28.98 -29.86
N CYS L 230 3.42 -30.18 -29.86
CA CYS L 230 2.97 -30.79 -31.09
C CYS L 230 1.86 -29.98 -31.75
N LEU L 231 0.96 -29.42 -30.95
CA LEU L 231 -0.07 -28.55 -31.50
C LEU L 231 0.54 -27.32 -32.15
N ASP L 232 1.55 -26.73 -31.51
CA ASP L 232 2.25 -25.58 -32.09
C ASP L 232 2.91 -25.96 -33.40
N THR L 233 3.55 -27.13 -33.45
CA THR L 233 4.18 -27.59 -34.69
C THR L 233 3.14 -27.75 -35.79
N ALA L 234 2.00 -28.36 -35.48
CA ALA L 234 0.97 -28.57 -36.48
C ALA L 234 0.43 -27.24 -36.98
N CYS L 235 0.20 -26.29 -36.08
CA CYS L 235 -0.39 -25.03 -36.51
C CYS L 235 0.61 -24.18 -37.30
N VAL L 236 1.89 -24.21 -36.93
CA VAL L 236 2.87 -23.48 -37.73
C VAL L 236 3.05 -24.17 -39.08
N MET L 237 2.86 -25.49 -39.15
CA MET L 237 2.82 -26.17 -40.43
C MET L 237 1.66 -25.65 -41.29
N ILE L 238 0.48 -25.50 -40.69
CA ILE L 238 -0.65 -24.92 -41.41
C ILE L 238 -0.31 -23.52 -41.87
N PHE L 239 0.33 -22.73 -41.00
CA PHE L 239 0.70 -21.36 -41.37
C PHE L 239 1.62 -21.34 -42.57
N THR L 240 2.65 -22.20 -42.57
CA THR L 240 3.63 -22.15 -43.66
C THR L 240 3.06 -22.71 -44.95
N VAL L 241 2.20 -23.73 -44.88
CA VAL L 241 1.59 -24.22 -46.12
C VAL L 241 0.62 -23.18 -46.68
N GLU L 242 -0.10 -22.46 -45.81
CA GLU L 242 -0.96 -21.40 -46.29
C GLU L 242 -0.15 -20.24 -46.87
N TYR L 243 1.01 -19.96 -46.28
CA TYR L 243 1.88 -18.93 -46.84
C TYR L 243 2.40 -19.34 -48.21
N LEU L 244 2.73 -20.61 -48.39
CA LEU L 244 3.13 -21.09 -49.71
C LEU L 244 1.98 -20.98 -50.71
N LEU L 245 0.76 -21.28 -50.27
CA LEU L 245 -0.40 -21.09 -51.14
C LEU L 245 -0.57 -19.63 -51.52
N ARG L 246 -0.36 -18.71 -50.57
CA ARG L 246 -0.44 -17.29 -50.86
C ARG L 246 0.65 -16.86 -51.84
N LEU L 247 1.86 -17.41 -51.68
CA LEU L 247 2.93 -17.12 -52.63
C LEU L 247 2.57 -17.59 -54.02
N ALA L 248 1.97 -18.79 -54.14
CA ALA L 248 1.43 -19.23 -55.41
C ALA L 248 0.33 -18.31 -55.92
N ALA L 249 -0.40 -17.67 -55.00
CA ALA L 249 -1.44 -16.72 -55.38
C ALA L 249 -0.87 -15.41 -55.88
N ALA L 250 0.27 -14.98 -55.34
CA ALA L 250 0.82 -13.69 -55.66
C ALA L 250 1.36 -13.66 -57.09
N PRO L 251 0.87 -12.78 -57.96
CA PRO L 251 1.48 -12.67 -59.30
C PRO L 251 2.94 -12.29 -59.27
N SER L 252 3.36 -11.47 -58.31
CA SER L 252 4.76 -11.08 -58.15
C SER L 252 5.26 -11.65 -56.83
N ARG L 253 6.09 -12.68 -56.89
CA ARG L 253 6.52 -13.38 -55.68
C ARG L 253 7.24 -12.44 -54.73
N TYR L 254 8.40 -11.93 -55.16
CA TYR L 254 9.22 -11.10 -54.29
C TYR L 254 8.52 -9.80 -53.91
N ARG L 255 7.81 -9.19 -54.87
CA ARG L 255 7.15 -7.91 -54.59
C ARG L 255 6.03 -8.08 -53.56
N PHE L 256 5.23 -9.14 -53.67
CA PHE L 256 4.18 -9.38 -52.69
C PHE L 256 4.70 -10.02 -51.41
N VAL L 257 5.96 -10.47 -51.39
CA VAL L 257 6.57 -10.84 -50.11
C VAL L 257 6.64 -9.61 -49.20
N ARG L 258 6.89 -8.43 -49.78
CA ARG L 258 6.97 -7.19 -49.02
C ARG L 258 5.62 -6.73 -48.49
N SER L 259 4.55 -7.50 -48.68
CA SER L 259 3.25 -7.12 -48.15
C SER L 259 3.25 -7.15 -46.63
N VAL L 260 2.41 -6.29 -46.04
CA VAL L 260 2.32 -6.21 -44.58
C VAL L 260 1.81 -7.53 -44.00
N MET L 261 0.76 -8.08 -44.60
CA MET L 261 0.28 -9.38 -44.15
C MET L 261 1.33 -10.46 -44.38
N SER L 262 2.08 -10.35 -45.47
CA SER L 262 3.16 -11.31 -45.73
C SER L 262 4.25 -11.22 -44.68
N ILE L 263 4.64 -10.00 -44.28
CA ILE L 263 5.66 -9.89 -43.25
C ILE L 263 5.12 -10.38 -41.92
N ILE L 264 3.84 -10.17 -41.64
CA ILE L 264 3.24 -10.74 -40.43
C ILE L 264 3.35 -12.26 -40.46
N ASP L 265 3.02 -12.87 -41.59
CA ASP L 265 3.10 -14.33 -41.70
C ASP L 265 4.53 -14.81 -41.50
N VAL L 266 5.50 -14.15 -42.12
CA VAL L 266 6.88 -14.64 -42.02
C VAL L 266 7.41 -14.46 -40.61
N VAL L 267 7.12 -13.33 -39.95
CA VAL L 267 7.57 -13.14 -38.59
C VAL L 267 6.78 -13.94 -37.58
N ALA L 268 5.64 -14.51 -37.98
CA ALA L 268 4.92 -15.44 -37.13
C ALA L 268 5.39 -16.89 -37.31
N ILE L 269 5.92 -17.24 -38.48
CA ILE L 269 6.33 -18.62 -38.72
C ILE L 269 7.83 -18.82 -38.48
N LEU L 270 8.63 -17.77 -38.60
CA LEU L 270 10.07 -17.94 -38.44
C LEU L 270 10.53 -18.21 -37.00
N PRO L 271 9.86 -17.72 -35.95
CA PRO L 271 10.34 -18.06 -34.59
C PRO L 271 10.38 -19.55 -34.34
N TYR L 272 9.41 -20.31 -34.86
CA TYR L 272 9.40 -21.76 -34.69
C TYR L 272 10.64 -22.40 -35.31
N TYR L 273 10.92 -22.07 -36.57
CA TYR L 273 12.07 -22.64 -37.26
C TYR L 273 13.38 -22.24 -36.59
N ILE L 274 13.52 -20.96 -36.23
CA ILE L 274 14.78 -20.53 -35.64
C ILE L 274 14.97 -21.13 -34.25
N GLY L 275 13.89 -21.31 -33.49
CA GLY L 275 14.01 -21.98 -32.20
C GLY L 275 14.42 -23.43 -32.34
N LEU L 276 13.80 -24.15 -33.29
CA LEU L 276 14.20 -25.54 -33.50
C LEU L 276 15.62 -25.65 -34.01
N VAL L 277 16.08 -24.65 -34.78
CA VAL L 277 17.48 -24.63 -35.18
C VAL L 277 18.37 -24.36 -33.98
N MET L 278 17.91 -23.53 -33.04
CA MET L 278 18.65 -23.30 -31.81
C MET L 278 18.72 -24.56 -30.94
N THR L 279 17.72 -25.44 -31.03
CA THR L 279 17.69 -26.61 -30.18
C THR L 279 18.97 -27.44 -30.31
N ASP L 280 19.42 -27.68 -31.53
CA ASP L 280 20.67 -28.38 -31.78
C ASP L 280 21.85 -27.42 -32.00
N ASN L 281 21.63 -26.12 -31.87
CA ASN L 281 22.71 -25.15 -31.94
C ASN L 281 23.37 -25.00 -30.57
N GLU L 282 24.46 -24.24 -30.53
CA GLU L 282 25.09 -23.90 -29.26
C GLU L 282 24.21 -22.93 -28.50
N ASP L 283 23.93 -23.24 -27.23
CA ASP L 283 22.94 -22.49 -26.46
C ASP L 283 23.55 -21.23 -25.88
N VAL L 284 22.74 -20.17 -25.83
CA VAL L 284 23.13 -18.89 -25.25
C VAL L 284 22.08 -18.53 -24.20
N SER L 285 22.53 -18.06 -23.04
CA SER L 285 21.63 -17.73 -21.94
C SER L 285 20.69 -16.58 -22.32
N GLY L 286 19.45 -16.69 -21.86
CA GLY L 286 18.45 -15.65 -22.08
C GLY L 286 18.07 -15.45 -23.54
N ALA L 287 17.82 -16.56 -24.25
CA ALA L 287 17.44 -16.45 -25.66
C ALA L 287 16.13 -17.18 -25.95
N PHE L 288 15.84 -18.24 -25.18
CA PHE L 288 14.59 -18.97 -25.39
C PHE L 288 13.38 -18.13 -24.98
N VAL L 289 13.53 -17.31 -23.94
CA VAL L 289 12.41 -16.48 -23.49
C VAL L 289 11.98 -15.51 -24.58
N THR L 290 12.93 -14.98 -25.34
CA THR L 290 12.58 -14.05 -26.41
C THR L 290 11.76 -14.72 -27.50
N LEU L 291 12.13 -15.95 -27.87
CA LEU L 291 11.35 -16.68 -28.87
C LEU L 291 9.97 -17.04 -28.33
N ARG L 292 9.90 -17.42 -27.05
CA ARG L 292 8.61 -17.72 -26.46
C ARG L 292 7.73 -16.48 -26.41
N VAL L 293 8.35 -15.30 -26.27
CA VAL L 293 7.62 -14.04 -26.40
C VAL L 293 7.11 -13.88 -27.83
N PHE L 294 7.99 -14.10 -28.82
CA PHE L 294 7.61 -13.96 -30.22
C PHE L 294 6.50 -14.93 -30.61
N ARG L 295 6.32 -16.01 -29.85
CA ARG L 295 5.27 -16.98 -30.15
C ARG L 295 3.89 -16.32 -30.25
N VAL L 296 3.63 -15.26 -29.46
CA VAL L 296 2.30 -14.69 -29.39
C VAL L 296 1.93 -13.84 -30.59
N PHE L 297 2.86 -13.62 -31.53
CA PHE L 297 2.57 -12.77 -32.68
C PHE L 297 1.52 -13.36 -33.59
N ARG L 298 1.16 -14.63 -33.42
CA ARG L 298 0.13 -15.26 -34.23
C ARG L 298 -1.22 -14.57 -34.09
N ILE L 299 -1.43 -13.82 -33.01
CA ILE L 299 -2.66 -13.05 -32.85
C ILE L 299 -2.82 -12.02 -33.96
N PHE L 300 -1.72 -11.55 -34.54
CA PHE L 300 -1.78 -10.58 -35.61
C PHE L 300 -2.39 -11.14 -36.89
N LYS L 301 -2.55 -12.47 -36.98
CA LYS L 301 -3.08 -13.07 -38.20
C LYS L 301 -4.55 -12.74 -38.44
N PHE L 302 -5.25 -12.22 -37.43
CA PHE L 302 -6.65 -11.85 -37.66
C PHE L 302 -6.82 -10.64 -38.56
N SER L 303 -5.75 -10.12 -39.16
CA SER L 303 -5.90 -9.04 -40.13
C SER L 303 -6.80 -9.45 -41.28
N ARG L 304 -6.60 -10.67 -41.80
CA ARG L 304 -7.50 -11.20 -42.82
C ARG L 304 -8.89 -11.47 -42.25
N HIS L 305 -9.02 -11.60 -40.94
CA HIS L 305 -10.32 -11.87 -40.33
C HIS L 305 -11.05 -10.58 -40.00
N SER L 306 -10.37 -9.63 -39.37
CA SER L 306 -10.98 -8.39 -38.91
C SER L 306 -10.61 -7.25 -39.84
N GLN L 307 -11.63 -6.57 -40.39
CA GLN L 307 -11.39 -5.36 -41.17
C GLN L 307 -10.97 -4.20 -40.28
N GLY L 308 -11.41 -4.17 -39.03
CA GLY L 308 -11.08 -3.07 -38.15
C GLY L 308 -9.59 -2.95 -37.88
N LEU L 309 -8.88 -4.09 -37.84
CA LEU L 309 -7.43 -4.03 -37.68
C LEU L 309 -6.77 -3.35 -38.88
N ARG L 310 -7.23 -3.67 -40.09
CA ARG L 310 -6.71 -2.97 -41.27
C ARG L 310 -7.05 -1.48 -41.21
N ILE L 311 -8.26 -1.16 -40.76
CA ILE L 311 -8.65 0.25 -40.63
C ILE L 311 -7.72 0.98 -39.67
N LEU L 312 -7.44 0.36 -38.52
CA LEU L 312 -6.59 1.00 -37.52
C LEU L 312 -5.17 1.16 -38.03
N GLY L 313 -4.64 0.12 -38.68
CA GLY L 313 -3.29 0.21 -39.23
C GLY L 313 -3.17 1.29 -40.30
N TYR L 314 -4.15 1.34 -41.21
CA TYR L 314 -4.14 2.36 -42.25
C TYR L 314 -4.31 3.76 -41.66
N THR L 315 -5.11 3.88 -40.59
CA THR L 315 -5.23 5.17 -39.91
C THR L 315 -3.90 5.61 -39.33
N LEU L 316 -3.21 4.71 -38.64
CA LEU L 316 -1.91 5.04 -38.07
C LEU L 316 -0.92 5.41 -39.16
N LYS L 317 -0.92 4.68 -40.27
CA LYS L 317 -0.09 5.07 -41.40
C LYS L 317 -0.50 6.42 -41.98
N SER L 318 -1.77 6.79 -41.86
CA SER L 318 -2.22 8.08 -42.37
C SER L 318 -1.85 9.21 -41.41
N CYS L 319 -2.36 9.15 -40.19
CA CYS L 319 -2.02 10.15 -39.16
C CYS L 319 -0.82 9.66 -38.36
N ALA L 320 0.37 9.92 -38.91
CA ALA L 320 1.62 9.51 -38.29
C ALA L 320 2.44 10.68 -37.78
N SER L 321 2.44 11.81 -38.49
CA SER L 321 3.26 12.95 -38.08
C SER L 321 2.82 13.49 -36.73
N GLU L 322 1.51 13.62 -36.52
CA GLU L 322 1.04 14.14 -35.23
C GLU L 322 1.31 13.15 -34.11
N LEU L 323 1.35 11.85 -34.40
CA LEU L 323 1.76 10.88 -33.40
C LEU L 323 3.23 11.05 -33.06
N GLY L 324 4.06 11.35 -34.07
CA GLY L 324 5.45 11.67 -33.80
C GLY L 324 5.60 12.89 -32.92
N PHE L 325 4.80 13.92 -33.18
CA PHE L 325 4.82 15.09 -32.31
C PHE L 325 4.35 14.75 -30.90
N LEU L 326 3.35 13.87 -30.79
CA LEU L 326 2.91 13.40 -29.48
C LEU L 326 4.05 12.73 -28.72
N LEU L 327 4.73 11.78 -29.35
CA LEU L 327 5.80 11.07 -28.66
C LEU L 327 6.93 12.03 -28.29
N PHE L 328 7.25 12.95 -29.19
CA PHE L 328 8.32 13.90 -28.93
C PHE L 328 7.95 14.83 -27.76
N SER L 329 6.71 15.33 -27.75
CA SER L 329 6.25 16.18 -26.67
C SER L 329 6.23 15.46 -25.34
N LEU L 330 5.75 14.21 -25.32
CA LEU L 330 5.75 13.46 -24.07
C LEU L 330 7.17 13.14 -23.63
N THR L 331 8.11 13.01 -24.56
CA THR L 331 9.50 12.84 -24.14
C THR L 331 10.01 14.10 -23.44
N MET L 332 9.73 15.28 -24.00
CA MET L 332 10.11 16.49 -23.25
C MET L 332 9.45 16.50 -21.88
N ALA L 333 8.17 16.12 -21.80
CA ALA L 333 7.47 16.16 -20.53
C ALA L 333 8.10 15.22 -19.52
N ILE L 334 8.38 13.98 -19.94
CA ILE L 334 8.98 13.01 -19.02
C ILE L 334 10.33 13.50 -18.55
N ILE L 335 11.15 14.03 -19.46
CA ILE L 335 12.49 14.47 -19.07
C ILE L 335 12.40 15.62 -18.05
N ILE L 336 11.61 16.64 -18.38
CA ILE L 336 11.53 17.81 -17.52
C ILE L 336 11.01 17.42 -16.14
N PHE L 337 9.90 16.68 -16.11
CA PHE L 337 9.27 16.41 -14.82
C PHE L 337 10.05 15.38 -14.02
N ALA L 338 10.69 14.40 -14.68
CA ALA L 338 11.56 13.50 -13.95
C ALA L 338 12.72 14.25 -13.31
N THR L 339 13.32 15.19 -14.05
CA THR L 339 14.40 15.98 -13.48
C THR L 339 13.92 16.78 -12.28
N VAL L 340 12.78 17.44 -12.41
CA VAL L 340 12.33 18.32 -11.33
C VAL L 340 11.92 17.51 -10.11
N MET L 341 11.33 16.33 -10.31
CA MET L 341 11.03 15.45 -9.19
C MET L 341 12.31 14.96 -8.53
N PHE L 342 13.27 14.50 -9.33
CA PHE L 342 14.48 13.90 -8.78
C PHE L 342 15.28 14.91 -7.97
N TYR L 343 15.39 16.14 -8.46
CA TYR L 343 16.06 17.18 -7.68
C TYR L 343 15.17 17.79 -6.61
N ALA L 344 13.85 17.57 -6.70
CA ALA L 344 12.95 18.08 -5.68
C ALA L 344 12.98 17.23 -4.41
N GLU L 345 13.14 15.92 -4.57
CA GLU L 345 13.11 15.00 -3.43
C GLU L 345 14.25 13.98 -3.53
N LYS L 346 15.44 14.46 -3.88
CA LYS L 346 16.61 13.59 -3.78
C LYS L 346 16.92 13.27 -2.32
N GLY L 347 16.99 14.29 -1.48
CA GLY L 347 17.28 14.10 -0.07
C GLY L 347 16.03 14.14 0.79
N SER L 348 15.56 12.98 1.22
CA SER L 348 14.40 12.88 2.08
C SER L 348 14.50 11.58 2.86
N SER L 349 13.41 11.22 3.55
CA SER L 349 13.40 10.00 4.35
C SER L 349 13.44 8.77 3.46
N ALA L 350 12.44 8.61 2.59
CA ALA L 350 12.36 7.42 1.75
C ALA L 350 13.40 7.46 0.64
N SER L 351 13.61 8.63 0.04
CA SER L 351 14.52 8.79 -1.09
C SER L 351 14.16 7.83 -2.23
N LYS L 352 12.87 7.78 -2.55
CA LYS L 352 12.39 6.86 -3.57
C LYS L 352 12.96 7.23 -4.94
N PHE L 353 13.08 8.52 -5.24
CA PHE L 353 13.66 8.96 -6.50
C PHE L 353 15.17 8.74 -6.48
N THR L 354 15.59 7.48 -6.60
CA THR L 354 17.02 7.17 -6.56
C THR L 354 17.75 7.79 -7.74
N SER L 355 17.13 7.78 -8.92
CA SER L 355 17.80 8.28 -10.11
C SER L 355 16.75 8.79 -11.09
N ILE L 356 17.23 9.45 -12.14
CA ILE L 356 16.32 9.91 -13.20
C ILE L 356 15.58 8.75 -13.85
N PRO L 357 16.20 7.62 -14.19
CA PRO L 357 15.39 6.47 -14.63
C PRO L 357 14.36 6.05 -13.61
N ALA L 358 14.65 6.17 -12.31
CA ALA L 358 13.64 5.92 -11.30
C ALA L 358 12.52 6.95 -11.37
N ALA L 359 12.86 8.23 -11.54
CA ALA L 359 11.83 9.26 -11.66
C ALA L 359 11.01 9.10 -12.93
N PHE L 360 11.56 8.41 -13.93
CA PHE L 360 10.79 8.12 -15.14
C PHE L 360 9.51 7.38 -14.81
N TRP L 361 9.60 6.38 -13.94
CA TRP L 361 8.40 5.62 -13.58
C TRP L 361 7.39 6.49 -12.86
N TYR L 362 7.85 7.31 -11.90
CA TYR L 362 6.91 8.17 -11.17
C TYR L 362 6.22 9.14 -12.10
N THR L 363 6.97 9.75 -13.03
CA THR L 363 6.31 10.70 -13.90
C THR L 363 5.38 9.99 -14.89
N ILE L 364 5.80 8.84 -15.44
CA ILE L 364 4.98 8.16 -16.43
C ILE L 364 3.71 7.60 -15.81
N VAL L 365 3.72 7.24 -14.52
CA VAL L 365 2.48 6.81 -13.88
C VAL L 365 1.58 7.98 -13.53
N THR L 366 1.98 9.21 -13.86
CA THR L 366 1.14 10.37 -13.57
C THR L 366 0.83 11.25 -14.77
N MET L 367 1.54 11.13 -15.90
CA MET L 367 1.02 11.78 -17.10
C MET L 367 -0.30 11.16 -17.52
N THR L 368 -0.39 9.84 -17.48
CA THR L 368 -1.59 9.12 -17.88
C THR L 368 -2.64 9.09 -16.76
N THR L 369 -2.40 9.81 -15.66
CA THR L 369 -3.29 9.79 -14.50
C THR L 369 -3.54 8.36 -14.02
N LEU L 370 -2.48 7.55 -14.05
CA LEU L 370 -2.63 6.14 -13.71
C LEU L 370 -2.81 5.96 -12.21
N GLY L 371 -1.80 6.26 -11.42
CA GLY L 371 -1.96 6.33 -9.99
C GLY L 371 -1.73 5.01 -9.29
N TYR L 372 -0.64 4.88 -8.55
CA TYR L 372 -0.36 3.68 -7.78
C TYR L 372 -0.25 3.92 -6.29
N GLY L 373 0.39 5.01 -5.87
CA GLY L 373 0.81 5.15 -4.50
C GLY L 373 2.06 4.37 -4.15
N ASP L 374 2.71 3.77 -5.15
CA ASP L 374 3.95 3.05 -4.92
C ASP L 374 5.05 4.00 -4.43
N MET L 375 5.12 5.19 -5.01
CA MET L 375 6.12 6.17 -4.63
C MET L 375 5.59 7.55 -4.98
N VAL L 376 5.55 8.43 -3.98
CA VAL L 376 4.80 9.68 -4.06
C VAL L 376 5.68 10.82 -3.57
N PRO L 377 5.38 12.06 -3.97
CA PRO L 377 6.15 13.19 -3.48
C PRO L 377 5.94 13.42 -1.99
N LYS L 378 6.98 13.97 -1.34
CA LYS L 378 6.93 14.29 0.07
C LYS L 378 7.23 15.75 0.38
N THR L 379 7.97 16.45 -0.48
CA THR L 379 8.19 17.88 -0.30
C THR L 379 7.03 18.66 -0.90
N ILE L 380 6.76 19.83 -0.32
CA ILE L 380 5.61 20.64 -0.75
C ILE L 380 5.73 21.00 -2.22
N ALA L 381 6.91 21.48 -2.62
CA ALA L 381 7.17 21.71 -4.04
C ALA L 381 7.04 20.42 -4.83
N GLY L 382 7.43 19.29 -4.23
CA GLY L 382 7.26 18.01 -4.90
C GLY L 382 5.80 17.72 -5.21
N LYS L 383 4.92 17.90 -4.23
CA LYS L 383 3.50 17.66 -4.47
C LYS L 383 2.94 18.63 -5.50
N ILE L 384 3.28 19.92 -5.38
CA ILE L 384 2.75 20.91 -6.29
C ILE L 384 3.16 20.60 -7.73
N PHE L 385 4.45 20.34 -7.93
CA PHE L 385 4.94 20.11 -9.29
C PHE L 385 4.49 18.74 -9.80
N GLY L 386 4.23 17.78 -8.92
CA GLY L 386 3.66 16.52 -9.36
C GLY L 386 2.23 16.69 -9.86
N SER L 387 1.43 17.51 -9.16
CA SER L 387 0.10 17.81 -9.64
C SER L 387 0.15 18.53 -10.99
N ILE L 388 1.07 19.49 -11.11
CA ILE L 388 1.26 20.18 -12.40
C ILE L 388 1.66 19.17 -13.48
N CYS L 389 2.51 18.21 -13.12
CA CYS L 389 2.90 17.17 -14.07
C CYS L 389 1.70 16.35 -14.52
N SER L 390 0.83 15.98 -13.57
CA SER L 390 -0.35 15.20 -13.93
C SER L 390 -1.24 15.97 -14.90
N LEU L 391 -1.48 17.25 -14.60
CA LEU L 391 -2.33 18.06 -15.48
C LEU L 391 -1.70 18.22 -16.86
N SER L 392 -0.41 18.53 -16.90
CA SER L 392 0.28 18.70 -18.19
C SER L 392 0.25 17.40 -18.99
N GLY L 393 0.44 16.27 -18.32
CA GLY L 393 0.42 15.00 -19.01
C GLY L 393 -0.94 14.63 -19.55
N VAL L 394 -2.00 14.90 -18.79
CA VAL L 394 -3.33 14.61 -19.32
C VAL L 394 -3.62 15.50 -20.51
N LEU L 395 -3.17 16.76 -20.47
CA LEU L 395 -3.32 17.63 -21.63
C LEU L 395 -2.56 17.08 -22.83
N VAL L 396 -1.32 16.64 -22.61
CA VAL L 396 -0.49 16.15 -23.70
C VAL L 396 -1.12 14.91 -24.34
N ILE L 397 -1.53 13.95 -23.51
CA ILE L 397 -2.08 12.71 -24.05
C ILE L 397 -3.42 12.97 -24.74
N ALA L 398 -4.21 13.91 -24.21
CA ALA L 398 -5.48 14.23 -24.84
C ALA L 398 -5.32 15.09 -26.09
N LEU L 399 -4.14 15.66 -26.32
CA LEU L 399 -3.96 16.54 -27.48
C LEU L 399 -4.24 15.86 -28.81
N PRO L 400 -3.69 14.70 -29.13
CA PRO L 400 -3.93 14.11 -30.46
C PRO L 400 -5.00 13.02 -30.54
N VAL L 401 -5.63 12.65 -29.42
CA VAL L 401 -6.68 11.62 -29.48
C VAL L 401 -7.81 12.01 -30.43
N PRO L 402 -8.39 13.21 -30.37
CA PRO L 402 -9.52 13.50 -31.27
C PRO L 402 -9.17 13.44 -32.74
N VAL L 403 -7.97 13.86 -33.16
CA VAL L 403 -7.63 13.75 -34.57
C VAL L 403 -7.50 12.29 -34.97
N ILE L 404 -6.99 11.45 -34.06
CA ILE L 404 -6.89 10.02 -34.33
C ILE L 404 -8.28 9.43 -34.53
N VAL L 405 -9.21 9.72 -33.62
CA VAL L 405 -10.55 9.14 -33.73
C VAL L 405 -11.28 9.69 -34.95
N SER L 406 -11.05 10.97 -35.27
CA SER L 406 -11.66 11.55 -36.46
C SER L 406 -11.15 10.87 -37.72
N ASN L 407 -9.84 10.64 -37.81
CA ASN L 407 -9.29 9.93 -38.97
C ASN L 407 -9.84 8.51 -39.05
N PHE L 408 -9.94 7.83 -37.90
CA PHE L 408 -10.47 6.47 -37.90
C PHE L 408 -11.90 6.44 -38.40
N SER L 409 -12.75 7.32 -37.88
CA SER L 409 -14.15 7.37 -38.33
C SER L 409 -14.23 7.76 -39.81
N ARG L 410 -13.38 8.69 -40.25
CA ARG L 410 -13.38 9.10 -41.64
C ARG L 410 -13.07 7.92 -42.55
N ILE L 411 -12.04 7.15 -42.24
CA ILE L 411 -11.68 6.01 -43.07
C ILE L 411 -12.76 4.94 -43.00
N TYR L 412 -13.36 4.74 -41.82
CA TYR L 412 -14.43 3.77 -41.67
C TYR L 412 -15.60 4.11 -42.60
N HIS L 413 -16.07 5.35 -42.54
CA HIS L 413 -17.17 5.76 -43.41
C HIS L 413 -16.76 5.78 -44.87
N GLN L 414 -15.49 6.07 -45.16
CA GLN L 414 -15.00 6.02 -46.52
C GLN L 414 -15.16 4.62 -47.12
N ASN L 415 -14.69 3.61 -46.40
CA ASN L 415 -14.83 2.24 -46.90
C ASN L 415 -16.30 1.81 -46.94
N GLN L 416 -17.09 2.25 -45.95
CA GLN L 416 -18.52 1.91 -45.96
C GLN L 416 -19.20 2.43 -47.22
N ARG L 417 -19.03 3.73 -47.51
CA ARG L 417 -19.64 4.29 -48.70
C ARG L 417 -19.02 3.77 -49.98
N ALA L 418 -17.75 3.36 -49.95
CA ALA L 418 -17.16 2.72 -51.12
C ALA L 418 -17.87 1.40 -51.43
N ASP L 419 -18.13 0.60 -50.41
CA ASP L 419 -18.88 -0.64 -50.62
C ASP L 419 -20.29 -0.34 -51.12
N LYS L 420 -20.94 0.67 -50.52
CA LYS L 420 -22.29 1.04 -50.94
C LYS L 420 -22.31 1.45 -52.41
N ARG L 421 -21.35 2.28 -52.83
CA ARG L 421 -21.33 2.76 -54.21
C ARG L 421 -20.91 1.65 -55.17
N ARG L 422 -20.13 0.67 -54.72
CA ARG L 422 -19.84 -0.48 -55.58
C ARG L 422 -21.10 -1.28 -55.83
N ALA L 423 -21.91 -1.50 -54.78
CA ALA L 423 -23.20 -2.15 -54.98
C ALA L 423 -24.08 -1.34 -55.94
N GLN L 424 -24.10 -0.02 -55.75
CA GLN L 424 -24.91 0.85 -56.61
C GLN L 424 -24.45 0.80 -58.07
N LYS L 425 -23.13 0.75 -58.30
CA LYS L 425 -22.64 0.71 -59.67
C LYS L 425 -22.91 -0.65 -60.31
N LYS L 426 -22.89 -1.73 -59.53
CA LYS L 426 -23.34 -3.01 -60.07
C LYS L 426 -24.82 -2.94 -60.45
N ALA L 427 -25.64 -2.30 -59.63
CA ALA L 427 -27.05 -2.14 -59.95
C ALA L 427 -27.25 -1.36 -61.24
N ARG L 428 -26.52 -0.25 -61.39
CA ARG L 428 -26.70 0.56 -62.60
C ARG L 428 -26.13 -0.14 -63.83
N LEU L 429 -25.10 -0.97 -63.67
CA LEU L 429 -24.62 -1.79 -64.78
C LEU L 429 -25.67 -2.79 -65.21
N ALA L 430 -26.36 -3.39 -64.23
CA ALA L 430 -27.48 -4.28 -64.56
C ALA L 430 -28.57 -3.52 -65.31
N ARG L 431 -28.86 -2.29 -64.88
CA ARG L 431 -29.85 -1.48 -65.58
C ARG L 431 -29.41 -1.18 -67.01
N ILE L 432 -28.13 -0.89 -67.21
CA ILE L 432 -27.61 -0.62 -68.55
C ILE L 432 -27.73 -1.85 -69.43
N ARG L 433 -27.43 -3.03 -68.88
CA ARG L 433 -27.59 -4.26 -69.65
C ARG L 433 -29.06 -4.50 -70.00
N ALA L 434 -29.96 -4.19 -69.07
CA ALA L 434 -31.39 -4.30 -69.37
C ALA L 434 -31.79 -3.36 -70.49
N ALA L 435 -31.26 -2.14 -70.48
CA ALA L 435 -31.55 -1.19 -71.56
C ALA L 435 -31.01 -1.69 -72.90
N LYS L 436 -29.83 -2.30 -72.89
CA LYS L 436 -29.26 -2.88 -74.11
C LYS L 436 -30.16 -4.00 -74.64
N SER L 437 -30.63 -4.87 -73.75
CA SER L 437 -31.56 -5.93 -74.17
C SER L 437 -32.85 -5.34 -74.71
N GLY L 438 -33.35 -4.27 -74.10
CA GLY L 438 -34.54 -3.62 -74.61
C GLY L 438 -34.34 -3.03 -75.99
N SER L 439 -33.18 -2.43 -76.24
CA SER L 439 -32.87 -1.92 -77.57
C SER L 439 -32.82 -3.04 -78.59
N ALA L 440 -32.19 -4.17 -78.22
CA ALA L 440 -32.14 -5.31 -79.12
C ALA L 440 -33.54 -5.83 -79.44
N ASN L 441 -34.40 -5.91 -78.42
CA ASN L 441 -35.77 -6.37 -78.65
C ASN L 441 -36.56 -5.39 -79.49
N ALA L 442 -36.31 -4.08 -79.32
CA ALA L 442 -36.97 -3.08 -80.15
C ALA L 442 -36.57 -3.22 -81.60
N TYR L 443 -35.29 -3.46 -81.86
CA TYR L 443 -34.86 -3.69 -83.23
C TYR L 443 -35.46 -4.97 -83.80
N MET L 444 -35.55 -6.02 -82.97
CA MET L 444 -36.19 -7.25 -83.42
C MET L 444 -37.64 -7.01 -83.80
N GLN L 445 -38.38 -6.25 -82.98
CA GLN L 445 -39.76 -5.92 -83.30
C GLN L 445 -39.86 -5.11 -84.58
N SER L 446 -38.95 -4.15 -84.77
CA SER L 446 -38.94 -3.36 -85.99
C SER L 446 -38.68 -4.24 -87.21
N LYS L 447 -37.76 -5.21 -87.07
CA LYS L 447 -37.46 -6.11 -88.17
C LYS L 447 -38.66 -6.98 -88.51
N ARG L 448 -39.37 -7.50 -87.49
CA ARG L 448 -40.53 -8.34 -87.78
C ARG L 448 -41.62 -7.56 -88.50
N SER L 449 -41.88 -6.32 -88.07
CA SER L 449 -42.91 -5.50 -88.69
C SER L 449 -42.52 -4.03 -88.67
N SER L 471 -39.41 11.42 -83.93
CA SER L 471 -39.40 9.96 -83.84
C SER L 471 -38.88 9.34 -85.13
N SER L 472 -38.01 10.07 -85.82
CA SER L 472 -37.42 9.59 -87.07
C SER L 472 -36.06 8.97 -86.88
N PHE L 473 -35.42 9.17 -85.73
CA PHE L 473 -34.10 8.61 -85.48
C PHE L 473 -34.12 7.08 -85.50
N GLU L 474 -35.16 6.49 -84.90
CA GLU L 474 -35.23 5.03 -84.80
C GLU L 474 -35.38 4.38 -86.17
N THR L 475 -36.11 5.03 -87.08
CA THR L 475 -36.26 4.47 -88.42
C THR L 475 -34.92 4.45 -89.15
N GLN L 476 -34.16 5.54 -89.08
CA GLN L 476 -32.84 5.57 -89.70
C GLN L 476 -31.90 4.56 -89.05
N HIS L 477 -31.99 4.41 -87.73
CA HIS L 477 -31.17 3.42 -87.04
C HIS L 477 -31.51 2.01 -87.50
N HIS L 478 -32.80 1.71 -87.65
CA HIS L 478 -33.22 0.40 -88.14
C HIS L 478 -32.71 0.17 -89.56
N HIS L 479 -32.80 1.17 -90.41
CA HIS L 479 -32.27 1.04 -91.77
C HIS L 479 -30.77 0.80 -91.76
N LEU L 480 -30.04 1.53 -90.89
CA LEU L 480 -28.60 1.34 -90.82
C LEU L 480 -28.24 -0.06 -90.33
N LEU L 481 -28.94 -0.57 -89.34
CA LEU L 481 -28.63 -1.91 -88.85
C LEU L 481 -29.05 -2.96 -89.88
N HIS L 482 -30.09 -2.68 -90.67
CA HIS L 482 -30.39 -3.55 -91.81
C HIS L 482 -29.24 -3.56 -92.80
N CYS L 483 -28.63 -2.40 -93.04
CA CYS L 483 -27.45 -2.35 -93.92
C CYS L 483 -26.28 -3.14 -93.33
N LEU L 484 -26.10 -3.07 -92.01
CA LEU L 484 -25.08 -3.90 -91.35
C LEU L 484 -25.38 -5.38 -91.54
N GLU L 485 -26.64 -5.79 -91.44
CA GLU L 485 -26.99 -7.18 -91.73
C GLU L 485 -26.70 -7.53 -93.19
N LYS L 486 -27.01 -6.61 -94.11
CA LYS L 486 -26.82 -6.87 -95.53
C LYS L 486 -25.35 -7.05 -95.87
N THR L 487 -24.48 -6.21 -95.31
CA THR L 487 -23.06 -6.30 -95.63
C THR L 487 -22.41 -7.56 -95.06
N THR L 488 -23.08 -8.22 -94.11
CA THR L 488 -22.56 -9.47 -93.53
C THR L 488 -23.45 -10.66 -93.85
N ASN L 489 -24.45 -10.49 -94.72
CA ASN L 489 -25.41 -11.52 -95.12
C ASN L 489 -25.87 -12.38 -93.96
N HIS L 490 -26.12 -11.76 -92.81
CA HIS L 490 -26.51 -12.45 -91.59
C HIS L 490 -27.64 -11.71 -90.91
N GLU L 491 -28.52 -12.45 -90.23
CA GLU L 491 -29.66 -11.87 -89.54
C GLU L 491 -29.63 -12.31 -88.07
N PHE L 492 -30.57 -11.77 -87.30
CA PHE L 492 -30.65 -12.03 -85.87
C PHE L 492 -31.96 -12.71 -85.52
N VAL L 493 -31.91 -13.65 -84.56
CA VAL L 493 -33.07 -14.40 -84.09
C VAL L 493 -33.10 -14.33 -82.57
N ASP L 494 -34.31 -14.27 -82.02
CA ASP L 494 -34.52 -14.26 -80.58
C ASP L 494 -33.78 -15.39 -79.89
#